data_6W1Z
#
_entry.id   6W1Z
#
loop_
_entity.id
_entity.type
_entity.pdbx_description
1 polymer 'ATP-dependent Clp protease proteolytic subunit'
2 polymer 'ATP-dependent Clp protease ATP-binding subunit ClpA'
3 polymer 'RepA, green fluorescent protein fusion'
4 non-polymer "ADENOSINE-5'-TRIPHOSPHATE"
5 non-polymer "ADENOSINE-5'-DIPHOSPHATE"
#
loop_
_entity_poly.entity_id
_entity_poly.type
_entity_poly.pdbx_seq_one_letter_code
_entity_poly.pdbx_strand_id
1 'polypeptide(L)'
;MSYSGERDNFAPHMALVPMVIEQTSRGERSFDIYSRLLKERVIFLTGQVEDHMANLIVAQMLFLEAENPEKDIYLYINSP
GGVITAGMSIYDTMQFIKPDVSTICMGQAASMGAFLLTAGAKGKRFCLPNSRVMIHQPLGGYQGQATDIEIHAREILKVK
GRMNELMALHTGQSLEQIERDTERDRFLSAPEAVEYGLVDSILTHRN
;
G,H,I,J,K,L,M,N,O,P,Q,R,S,T
2 'polypeptide(L)'
;MLNQELELSLNMAFARAREHRHEFMTVEHLLLALLSNPSAREALEACSVDLVALRQELEAFIEQTTPVLPASEEERDTQP
TLSFQRVLQRAVFHVQSSGRNEVTGANVLVAIFSEQESQAAYLLRKHEVSRLDVVNFISHGTRKDEPTQSSDPGSQPNSE
EQAGGEERMENFTTNLNQLARVGGIDPLIGREKELERAIQVLCRRRKNNPLLVGESGVGKTAIAEGLAWRIVQGDVPEVM
ADCTIYSLDIGSLLAGTKYRGDFEKRFKALLKQLEQDTNSILFIDEIHTIIGAGAASGGQVDAANLIKPLLSSGKIRVIG
STTYQEFSNIFEKDRALARRFQKIDITEPSIEETVQIINGLKPKYEAHHDVRYTAKAVRAAVELAVKYINDRHLPDKAID
VIDEAGARARLMPVSKRKKTVNVADIESVVARIARIPEKSVSQSDRDTLKNLGDRLKMLVFGQDKAIEALTEAIKMARAG
LGHEHKPVGSFLFAGPTGVGKTEVTVQLSKALGIELLRFDMSEYMERHTVSRLIGAPPGYVGFDQGGLLTDAVIKHPHAV
LLLDEIEKAHPDVFNILLQVMDNGTLTDNNGRKADFRNVVLVMTTNAGVRETERKSIGLIHQDNSTDAMEEIKKIFTPEF
RNRLDNIIWFDHLSTDVIHQVVDKFIVELQVQLDQKGVSLEVSQEARNWLAEKGYDRAMGARPMARVIQDNLKKPLANEL
LFGSLVDGGQVTVALDKEKNELTYGFQSAQKHKAEAAH
;
A,B,C,D,E,F
3 'polypeptide(L)'
;(UNK)(UNK)(UNK)(UNK)(UNK)(UNK)(UNK)(UNK)(UNK)(UNK)(UNK)(UNK)(UNK)(UNK)(UNK)(UNK)
(UNK)(UNK)(UNK)(UNK)(UNK)(UNK)(UNK)(UNK)
;
X
#
# COMPACT_ATOMS: atom_id res chain seq x y z
N ALA A 15 -7.25 -4.84 20.57
CA ALA A 15 -8.49 -4.20 20.13
C ALA A 15 -8.77 -2.99 20.94
N LEU A 16 -7.79 -2.54 21.68
CA LEU A 16 -8.03 -1.39 22.51
C LEU A 16 -8.37 -0.20 21.67
N VAL A 17 -7.70 -0.08 20.53
CA VAL A 17 -7.91 1.02 19.63
C VAL A 17 -8.37 0.47 18.29
N PRO A 18 -9.54 0.86 17.77
CA PRO A 18 -10.12 0.38 16.55
C PRO A 18 -9.42 0.93 15.36
N MET A 19 -9.58 0.25 14.24
CA MET A 19 -9.08 0.67 12.97
C MET A 19 -10.18 1.34 12.20
N VAL A 20 -9.87 2.29 11.39
CA VAL A 20 -10.85 2.90 10.54
C VAL A 20 -10.36 2.86 9.12
N ILE A 21 -11.26 2.79 8.16
CA ILE A 21 -10.84 2.76 6.77
C ILE A 21 -11.34 3.90 5.98
N GLU A 22 -10.43 4.57 5.28
CA GLU A 22 -10.80 5.72 4.46
C GLU A 22 -10.28 5.58 3.03
N GLN A 23 -11.12 5.92 2.07
CA GLN A 23 -10.77 5.84 0.67
C GLN A 23 -9.94 7.04 0.35
N THR A 24 -8.93 6.85 -0.47
CA THR A 24 -8.05 7.95 -0.79
C THR A 24 -8.13 8.23 -2.28
N SER A 25 -7.31 7.55 -3.04
CA SER A 25 -7.23 7.76 -4.48
C SER A 25 -7.29 6.45 -5.20
N ARG A 26 -6.16 5.76 -5.23
CA ARG A 26 -5.99 4.50 -5.93
C ARG A 26 -6.41 3.30 -5.10
N GLY A 27 -6.81 3.56 -3.87
CA GLY A 27 -7.17 2.54 -2.92
C GLY A 27 -7.74 3.19 -1.69
N GLU A 28 -7.67 2.45 -0.61
CA GLU A 28 -8.20 2.85 0.66
C GLU A 28 -7.19 2.40 1.67
N ARG A 29 -7.14 3.06 2.82
CA ARG A 29 -6.15 2.71 3.82
C ARG A 29 -6.72 2.52 5.20
N SER A 30 -6.24 1.49 5.88
CA SER A 30 -6.68 1.18 7.22
C SER A 30 -5.78 1.85 8.22
N PHE A 31 -6.32 2.74 9.03
CA PHE A 31 -5.48 3.46 9.97
C PHE A 31 -6.00 3.46 11.40
N ASP A 32 -5.10 3.19 12.32
CA ASP A 32 -5.45 3.18 13.73
C ASP A 32 -6.23 4.47 13.88
N ILE A 33 -7.32 4.46 14.63
CA ILE A 33 -8.07 5.70 14.72
C ILE A 33 -7.25 6.88 15.21
N TYR A 34 -6.22 6.63 16.02
CA TYR A 34 -5.37 7.70 16.53
C TYR A 34 -4.47 8.31 15.44
N SER A 35 -4.19 7.54 14.40
CA SER A 35 -3.36 7.98 13.31
C SER A 35 -4.27 8.63 12.32
N ARG A 36 -5.49 8.15 12.26
CA ARG A 36 -6.43 8.73 11.36
C ARG A 36 -6.67 10.15 11.74
N LEU A 37 -6.70 10.43 13.03
CA LEU A 37 -6.90 11.79 13.47
C LEU A 37 -5.62 12.61 13.40
N LEU A 38 -4.46 12.00 13.58
CA LEU A 38 -3.25 12.80 13.41
C LEU A 38 -3.20 13.33 12.01
N LYS A 39 -3.65 12.55 11.07
CA LYS A 39 -3.69 12.94 9.68
C LYS A 39 -4.51 14.21 9.46
N GLU A 40 -5.47 14.48 10.36
CA GLU A 40 -6.33 15.65 10.23
C GLU A 40 -5.80 16.80 11.06
N ARG A 41 -4.57 16.62 11.53
CA ARG A 41 -3.88 17.55 12.34
C ARG A 41 -4.49 17.70 13.69
N VAL A 42 -4.94 16.58 14.25
CA VAL A 42 -5.47 16.55 15.58
C VAL A 42 -4.60 15.74 16.50
N ILE A 43 -4.10 16.36 17.54
CA ILE A 43 -3.25 15.70 18.50
C ILE A 43 -3.91 15.65 19.83
N PHE A 44 -3.90 14.49 20.49
CA PHE A 44 -4.54 14.35 21.79
C PHE A 44 -3.54 14.26 22.94
N LEU A 45 -3.69 15.17 23.91
CA LEU A 45 -2.83 15.18 25.06
C LEU A 45 -3.64 14.75 26.23
N THR A 46 -3.43 13.56 26.73
CA THR A 46 -4.25 13.15 27.84
C THR A 46 -3.45 12.50 28.92
N GLY A 47 -3.97 12.56 30.12
CA GLY A 47 -3.32 11.89 31.22
C GLY A 47 -2.18 12.75 31.72
N GLN A 48 -1.29 12.19 32.52
CA GLN A 48 -0.24 12.99 33.10
C GLN A 48 0.74 13.41 32.07
N VAL A 49 1.25 14.61 32.17
CA VAL A 49 2.31 15.06 31.30
C VAL A 49 3.61 14.56 31.85
N GLU A 50 4.32 13.79 31.05
CA GLU A 50 5.59 13.24 31.47
C GLU A 50 6.52 13.34 30.29
N ASP A 51 7.75 12.84 30.46
CA ASP A 51 8.68 12.91 29.36
C ASP A 51 8.39 12.10 28.15
N HIS A 52 7.88 10.90 28.28
CA HIS A 52 7.73 10.12 27.08
C HIS A 52 6.55 10.56 26.28
N MET A 53 5.47 10.89 26.94
CA MET A 53 4.32 11.38 26.25
C MET A 53 4.57 12.75 25.70
N ALA A 54 5.29 13.60 26.43
CA ALA A 54 5.54 14.91 25.90
C ALA A 54 6.38 14.80 24.68
N ASN A 55 7.38 13.93 24.75
CA ASN A 55 8.29 13.71 23.63
C ASN A 55 7.51 13.30 22.39
N LEU A 56 6.46 12.51 22.56
CA LEU A 56 5.68 12.09 21.43
C LEU A 56 4.85 13.22 20.89
N ILE A 57 4.29 14.06 21.74
CA ILE A 57 3.54 15.18 21.23
C ILE A 57 4.43 16.09 20.45
N VAL A 58 5.63 16.34 20.93
CA VAL A 58 6.51 17.18 20.19
C VAL A 58 6.78 16.57 18.85
N ALA A 59 7.03 15.28 18.77
CA ALA A 59 7.28 14.67 17.49
C ALA A 59 6.09 14.87 16.57
N GLN A 60 4.89 14.76 17.09
CA GLN A 60 3.73 14.94 16.25
C GLN A 60 3.59 16.35 15.77
N MET A 61 3.89 17.33 16.61
CA MET A 61 3.75 18.67 16.12
C MET A 61 4.77 19.00 15.08
N LEU A 62 6.00 18.51 15.22
CA LEU A 62 7.00 18.82 14.22
C LEU A 62 6.61 18.19 12.91
N PHE A 63 6.07 16.99 13.00
CA PHE A 63 5.62 16.25 11.82
C PHE A 63 4.50 16.98 11.09
N LEU A 64 3.55 17.55 11.82
CA LEU A 64 2.47 18.25 11.18
C LEU A 64 2.90 19.56 10.61
N GLU A 65 3.83 20.23 11.29
CA GLU A 65 4.34 21.52 10.83
C GLU A 65 4.95 21.36 9.44
N ALA A 66 5.69 20.27 9.23
CA ALA A 66 6.30 20.02 7.96
C ALA A 66 5.30 19.68 6.89
N GLU A 67 4.27 18.94 7.23
CA GLU A 67 3.32 18.57 6.18
C GLU A 67 2.61 19.75 5.58
N ASN A 68 2.30 20.72 6.40
CA ASN A 68 1.66 21.91 5.89
C ASN A 68 1.85 23.03 6.87
N PRO A 69 2.89 23.83 6.76
CA PRO A 69 3.26 24.87 7.66
C PRO A 69 2.24 25.96 7.74
N GLU A 70 1.33 26.00 6.79
CA GLU A 70 0.34 27.07 6.74
C GLU A 70 -1.02 26.66 7.29
N LYS A 71 -1.11 25.48 7.90
CA LYS A 71 -2.42 25.11 8.43
C LYS A 71 -2.39 24.83 9.91
N ASP A 72 -3.43 25.20 10.59
CA ASP A 72 -3.55 25.01 12.03
C ASP A 72 -3.50 23.58 12.51
N ILE A 73 -2.96 23.41 13.70
CA ILE A 73 -2.87 22.16 14.42
C ILE A 73 -3.76 22.20 15.60
N TYR A 74 -4.58 21.18 15.80
CA TYR A 74 -5.52 21.18 16.92
C TYR A 74 -5.03 20.28 18.04
N LEU A 75 -4.94 20.83 19.25
CA LEU A 75 -4.48 20.03 20.35
C LEU A 75 -5.62 19.87 21.33
N TYR A 76 -6.06 18.63 21.52
CA TYR A 76 -7.14 18.31 22.41
C TYR A 76 -6.52 17.99 23.76
N ILE A 77 -6.94 18.72 24.79
CA ILE A 77 -6.37 18.52 26.10
C ILE A 77 -7.37 18.00 27.09
N ASN A 78 -7.02 16.91 27.73
CA ASN A 78 -7.79 16.32 28.79
C ASN A 78 -6.80 15.76 29.75
N SER A 79 -6.28 16.61 30.60
CA SER A 79 -5.15 16.24 31.41
C SER A 79 -5.11 16.88 32.78
N PRO A 80 -4.84 16.11 33.83
CA PRO A 80 -4.74 16.50 35.20
C PRO A 80 -3.49 17.26 35.56
N GLY A 81 -2.54 17.35 34.67
CA GLY A 81 -1.31 18.00 35.07
C GLY A 81 -0.13 17.16 34.75
N GLY A 82 0.99 17.38 35.41
CA GLY A 82 2.17 16.61 35.14
C GLY A 82 3.43 17.36 35.45
N VAL A 83 4.51 16.88 34.88
CA VAL A 83 5.85 17.37 35.08
C VAL A 83 6.04 18.63 34.30
N ILE A 84 6.49 19.69 34.93
CA ILE A 84 6.66 20.94 34.20
C ILE A 84 7.68 20.84 33.16
N THR A 85 8.82 20.28 33.45
CA THR A 85 9.82 20.20 32.44
C THR A 85 9.29 19.54 31.20
N ALA A 86 8.62 18.43 31.32
CA ALA A 86 8.12 17.77 30.14
C ALA A 86 7.15 18.68 29.42
N GLY A 87 6.30 19.34 30.18
CA GLY A 87 5.34 20.23 29.61
C GLY A 87 5.98 21.41 28.91
N MET A 88 7.13 21.87 29.39
CA MET A 88 7.71 23.00 28.72
C MET A 88 8.22 22.60 27.37
N SER A 89 8.64 21.37 27.17
CA SER A 89 9.10 21.07 25.83
C SER A 89 7.93 21.16 24.87
N ILE A 90 6.74 20.78 25.33
CA ILE A 90 5.57 20.94 24.49
C ILE A 90 5.31 22.42 24.28
N TYR A 91 5.39 23.18 25.36
CA TYR A 91 5.14 24.62 25.30
C TYR A 91 6.03 25.35 24.31
N ASP A 92 7.32 25.02 24.31
CA ASP A 92 8.23 25.66 23.42
C ASP A 92 8.04 25.23 22.00
N THR A 93 7.77 23.97 21.75
CA THR A 93 7.50 23.59 20.39
C THR A 93 6.30 24.33 19.86
N MET A 94 5.24 24.46 20.64
CA MET A 94 4.09 25.16 20.12
C MET A 94 4.41 26.57 19.71
N GLN A 95 5.29 27.22 20.45
CA GLN A 95 5.60 28.58 20.10
C GLN A 95 6.55 28.67 18.92
N PHE A 96 7.46 27.73 18.81
CA PHE A 96 8.43 27.73 17.76
C PHE A 96 7.85 27.49 16.37
N ILE A 97 7.01 26.48 16.24
CA ILE A 97 6.53 26.09 14.92
C ILE A 97 5.64 27.13 14.29
N LYS A 98 5.71 27.21 12.98
CA LYS A 98 4.95 28.20 12.26
C LYS A 98 3.42 28.23 12.35
N PRO A 99 2.66 27.16 12.13
CA PRO A 99 1.21 27.20 12.13
C PRO A 99 0.70 27.42 13.51
N ASP A 100 -0.45 28.03 13.63
CA ASP A 100 -1.06 28.19 14.92
C ASP A 100 -1.44 26.90 15.53
N VAL A 101 -1.26 26.78 16.84
CA VAL A 101 -1.75 25.62 17.51
C VAL A 101 -2.95 26.03 18.28
N SER A 102 -4.06 25.45 17.95
CA SER A 102 -5.32 25.75 18.57
C SER A 102 -5.60 24.73 19.60
N THR A 103 -5.75 25.12 20.83
CA THR A 103 -5.95 24.18 21.90
C THR A 103 -7.39 24.14 22.30
N ILE A 104 -7.88 22.94 22.58
CA ILE A 104 -9.24 22.75 23.02
C ILE A 104 -9.30 21.98 24.31
N CYS A 105 -9.93 22.54 25.33
CA CYS A 105 -10.03 21.84 26.62
C CYS A 105 -11.32 21.04 26.78
N MET A 106 -11.17 19.72 27.00
CA MET A 106 -12.32 18.87 27.18
C MET A 106 -12.09 18.05 28.40
N GLY A 107 -13.09 17.73 29.18
CA GLY A 107 -12.72 17.02 30.37
C GLY A 107 -12.03 18.05 31.24
N GLN A 108 -10.76 17.89 31.54
CA GLN A 108 -10.12 18.88 32.36
C GLN A 108 -8.79 19.31 31.85
N ALA A 109 -8.40 20.49 32.24
CA ALA A 109 -7.08 20.98 32.00
C ALA A 109 -6.59 21.50 33.29
N ALA A 110 -5.87 20.71 34.03
CA ALA A 110 -5.44 21.17 35.31
C ALA A 110 -3.96 21.35 35.36
N SER A 111 -3.51 22.31 36.11
CA SER A 111 -2.12 22.50 36.36
C SER A 111 -1.36 22.71 35.10
N MET A 112 -0.42 21.83 34.81
CA MET A 112 0.31 22.01 33.59
C MET A 112 -0.60 21.87 32.39
N GLY A 113 -1.68 21.13 32.51
CA GLY A 113 -2.58 21.03 31.39
C GLY A 113 -3.19 22.37 31.12
N ALA A 114 -3.53 23.11 32.16
CA ALA A 114 -4.12 24.42 32.00
C ALA A 114 -3.15 25.35 31.39
N PHE A 115 -1.90 25.18 31.81
CA PHE A 115 -0.79 25.98 31.33
C PHE A 115 -0.66 25.85 29.81
N LEU A 116 -0.71 24.61 29.32
CA LEU A 116 -0.60 24.43 27.90
C LEU A 116 -1.86 24.92 27.22
N LEU A 117 -3.01 24.76 27.83
CA LEU A 117 -4.23 25.23 27.19
C LEU A 117 -4.19 26.69 26.85
N THR A 118 -3.70 27.53 27.75
CA THR A 118 -3.73 28.96 27.50
C THR A 118 -2.66 29.36 26.54
N ALA A 119 -1.78 28.44 26.19
CA ALA A 119 -0.62 28.73 25.39
C ALA A 119 -0.95 28.60 23.93
N GLY A 120 -2.18 28.27 23.62
CA GLY A 120 -2.53 28.11 22.23
C GLY A 120 -2.65 29.46 21.58
N ALA A 121 -2.86 29.45 20.29
CA ALA A 121 -2.94 30.65 19.50
C ALA A 121 -4.08 31.51 19.96
N LYS A 122 -3.83 32.79 20.08
CA LYS A 122 -4.84 33.69 20.54
C LYS A 122 -6.02 33.71 19.64
N GLY A 123 -7.20 33.55 20.21
CA GLY A 123 -8.43 33.60 19.46
C GLY A 123 -8.85 32.21 19.10
N LYS A 124 -7.98 31.26 19.31
CA LYS A 124 -8.24 29.90 18.99
C LYS A 124 -8.20 28.98 20.18
N ARG A 125 -8.23 29.51 21.39
CA ARG A 125 -8.21 28.67 22.56
C ARG A 125 -9.65 28.40 22.95
N PHE A 126 -10.09 27.16 22.78
CA PHE A 126 -11.48 26.84 23.05
C PHE A 126 -11.68 25.87 24.20
N CYS A 127 -12.86 25.92 24.82
CA CYS A 127 -13.14 25.03 25.93
C CYS A 127 -14.58 24.54 25.89
N LEU A 128 -14.79 23.23 26.03
CA LEU A 128 -16.15 22.71 25.99
C LEU A 128 -16.92 23.15 27.22
N PRO A 129 -18.26 23.25 27.19
CA PRO A 129 -19.10 23.78 28.23
C PRO A 129 -18.98 23.19 29.60
N ASN A 130 -18.68 21.90 29.76
CA ASN A 130 -18.65 21.38 31.11
C ASN A 130 -17.29 21.02 31.57
N SER A 131 -16.28 21.52 30.87
CA SER A 131 -14.89 21.24 31.22
C SER A 131 -14.42 22.16 32.33
N ARG A 132 -13.47 21.65 33.12
CA ARG A 132 -12.94 22.40 34.25
C ARG A 132 -11.46 22.65 34.08
N VAL A 133 -11.05 23.88 34.36
CA VAL A 133 -9.69 24.27 34.24
C VAL A 133 -9.20 24.62 35.60
N MET A 134 -8.02 24.14 35.99
CA MET A 134 -7.53 24.43 37.33
C MET A 134 -6.10 24.94 37.29
N ILE A 135 -5.84 26.01 38.03
CA ILE A 135 -4.50 26.53 38.04
C ILE A 135 -3.89 26.60 39.42
N HIS A 136 -2.58 26.39 39.52
CA HIS A 136 -1.93 26.43 40.82
C HIS A 136 -0.41 26.45 40.70
N GLN A 137 0.23 27.13 41.64
CA GLN A 137 1.69 27.22 41.67
C GLN A 137 2.33 25.84 41.61
N PRO A 138 3.54 25.66 41.08
CA PRO A 138 4.22 24.41 40.94
C PRO A 138 4.57 23.76 42.23
N LEU A 139 4.58 22.44 42.21
CA LEU A 139 4.92 21.61 43.33
C LEU A 139 6.29 21.02 43.15
N GLY A 140 6.92 20.61 44.21
CA GLY A 140 8.21 19.95 44.12
C GLY A 140 8.73 19.67 45.50
N GLY A 141 10.00 19.39 45.62
CA GLY A 141 10.55 19.10 46.92
C GLY A 141 11.96 18.60 46.83
N TYR A 142 12.64 18.50 47.97
CA TYR A 142 14.01 18.01 47.96
C TYR A 142 14.53 17.63 49.35
N GLN A 143 15.35 16.57 49.36
CA GLN A 143 15.97 16.07 50.59
C GLN A 143 17.45 16.19 50.48
N GLY A 144 18.14 16.63 51.50
CA GLY A 144 19.58 16.75 51.38
C GLY A 144 20.18 17.70 52.37
N GLN A 145 21.34 18.26 52.07
CA GLN A 145 21.98 19.14 53.02
C GLN A 145 21.34 20.48 52.93
N ALA A 146 21.41 21.29 53.97
CA ALA A 146 20.80 22.61 53.87
C ALA A 146 21.29 23.36 52.65
N THR A 147 22.52 23.20 52.27
CA THR A 147 23.05 23.84 51.09
C THR A 147 22.37 23.38 49.82
N ASP A 148 22.01 22.12 49.73
CA ASP A 148 21.41 21.64 48.51
C ASP A 148 19.97 22.02 48.51
N ILE A 149 19.40 22.09 49.68
CA ILE A 149 18.02 22.46 49.78
C ILE A 149 17.89 23.85 49.28
N GLU A 150 18.82 24.71 49.68
CA GLU A 150 18.82 26.10 49.27
C GLU A 150 18.87 26.23 47.75
N ILE A 151 19.69 25.41 47.11
CA ILE A 151 19.80 25.47 45.67
C ILE A 151 18.54 25.04 45.01
N HIS A 152 17.97 23.96 45.47
CA HIS A 152 16.77 23.48 44.87
C HIS A 152 15.59 24.37 45.17
N ALA A 153 15.55 24.97 46.33
CA ALA A 153 14.47 25.87 46.61
C ALA A 153 14.53 27.05 45.67
N ARG A 154 15.72 27.56 45.39
CA ARG A 154 15.75 28.67 44.48
C ARG A 154 15.34 28.28 43.12
N GLU A 155 15.68 27.10 42.68
CA GLU A 155 15.27 26.74 41.36
C GLU A 155 13.78 26.61 41.26
N ILE A 156 13.11 26.04 42.25
CA ILE A 156 11.68 25.95 42.06
C ILE A 156 11.06 27.30 42.06
N LEU A 157 11.57 28.21 42.86
CA LEU A 157 11.01 29.53 42.84
C LEU A 157 11.22 30.22 41.53
N LYS A 158 12.36 30.02 40.88
CA LYS A 158 12.53 30.63 39.59
C LYS A 158 11.55 30.07 38.61
N VAL A 159 11.28 28.77 38.70
CA VAL A 159 10.32 28.19 37.81
C VAL A 159 8.97 28.76 38.08
N LYS A 160 8.59 28.89 39.33
CA LYS A 160 7.33 29.49 39.63
C LYS A 160 7.22 30.85 39.02
N GLY A 161 8.24 31.66 39.19
CA GLY A 161 8.18 33.00 38.66
C GLY A 161 8.01 32.97 37.17
N ARG A 162 8.76 32.09 36.53
CA ARG A 162 8.71 31.94 35.08
C ARG A 162 7.32 31.50 34.58
N MET A 163 6.66 30.63 35.33
CA MET A 163 5.35 30.18 34.91
C MET A 163 4.35 31.29 35.08
N ASN A 164 4.54 32.09 36.13
CA ASN A 164 3.66 33.22 36.40
C ASN A 164 3.73 34.26 35.28
N GLU A 165 4.94 34.44 34.74
CA GLU A 165 5.18 35.39 33.67
C GLU A 165 4.50 34.94 32.38
N LEU A 166 4.53 33.64 32.12
CA LEU A 166 3.93 33.13 30.92
C LEU A 166 2.42 33.13 31.06
N MET A 167 1.88 32.85 32.24
CA MET A 167 0.44 32.96 32.39
C MET A 167 0.00 34.37 32.13
N ALA A 168 0.69 35.32 32.70
CA ALA A 168 0.26 36.69 32.51
C ALA A 168 0.34 37.05 31.05
N LEU A 169 1.37 36.60 30.36
CA LEU A 169 1.47 36.91 28.97
C LEU A 169 0.34 36.38 28.16
N HIS A 170 -0.01 35.14 28.36
CA HIS A 170 -1.04 34.52 27.57
C HIS A 170 -2.45 34.85 27.99
N THR A 171 -2.67 35.21 29.25
CA THR A 171 -4.03 35.48 29.66
C THR A 171 -4.41 36.94 29.65
N GLY A 172 -3.45 37.85 29.74
CA GLY A 172 -3.80 39.24 29.75
C GLY A 172 -4.00 39.78 31.15
N GLN A 173 -3.77 38.93 32.13
CA GLN A 173 -3.89 39.33 33.51
C GLN A 173 -2.62 39.99 33.90
N SER A 174 -2.66 40.83 34.89
CA SER A 174 -1.42 41.43 35.35
C SER A 174 -0.64 40.37 36.04
N LEU A 175 0.64 40.58 36.23
CA LEU A 175 1.40 39.56 36.90
C LEU A 175 1.00 39.41 38.34
N GLU A 176 0.68 40.53 38.98
CA GLU A 176 0.29 40.53 40.37
C GLU A 176 -0.98 39.72 40.57
N GLN A 177 -1.89 39.82 39.59
CA GLN A 177 -3.12 39.08 39.68
C GLN A 177 -2.85 37.62 39.48
N ILE A 178 -2.01 37.27 38.52
CA ILE A 178 -1.67 35.86 38.41
C ILE A 178 -1.02 35.35 39.65
N GLU A 179 -0.13 36.14 40.24
CA GLU A 179 0.57 35.73 41.45
C GLU A 179 -0.41 35.38 42.56
N ARG A 180 -1.48 36.15 42.70
CA ARG A 180 -2.47 35.88 43.73
C ARG A 180 -3.33 34.71 43.41
N ASP A 181 -3.72 34.57 42.18
CA ASP A 181 -4.63 33.52 41.81
C ASP A 181 -4.07 32.14 41.73
N THR A 182 -2.77 31.96 41.86
CA THR A 182 -2.26 30.63 41.77
C THR A 182 -1.72 30.22 43.09
N GLU A 183 -1.87 31.07 44.09
CA GLU A 183 -1.36 30.75 45.43
C GLU A 183 -1.87 29.38 45.87
N ARG A 184 -3.17 29.17 45.66
CA ARG A 184 -3.83 27.92 46.00
C ARG A 184 -4.66 27.54 44.79
N ASP A 185 -4.96 26.25 44.67
CA ASP A 185 -5.71 25.79 43.55
C ASP A 185 -6.92 26.60 43.31
N ARG A 186 -7.08 27.08 42.07
CA ARG A 186 -8.24 27.87 41.70
C ARG A 186 -8.97 27.18 40.55
N PHE A 187 -10.20 26.77 40.79
CA PHE A 187 -10.94 26.08 39.74
C PHE A 187 -11.77 27.06 38.98
N LEU A 188 -11.80 26.90 37.67
CA LEU A 188 -12.62 27.73 36.83
C LEU A 188 -13.54 26.90 35.97
N SER A 189 -14.79 27.31 35.87
CA SER A 189 -15.73 26.62 35.01
C SER A 189 -15.48 27.10 33.63
N ALA A 190 -16.04 26.47 32.60
CA ALA A 190 -15.69 26.98 31.29
C ALA A 190 -15.98 28.47 31.15
N PRO A 191 -17.14 29.04 31.55
CA PRO A 191 -17.39 30.44 31.45
C PRO A 191 -16.43 31.31 32.23
N GLU A 192 -15.84 30.75 33.27
CA GLU A 192 -14.91 31.50 34.11
C GLU A 192 -13.56 31.55 33.43
N ALA A 193 -13.26 30.53 32.65
CA ALA A 193 -12.02 30.46 31.94
C ALA A 193 -12.05 31.52 30.87
N VAL A 194 -13.22 31.72 30.30
CA VAL A 194 -13.35 32.73 29.27
C VAL A 194 -13.20 34.11 29.86
N GLU A 195 -13.85 34.38 30.97
CA GLU A 195 -13.74 35.70 31.56
C GLU A 195 -12.36 36.01 32.04
N TYR A 196 -11.71 34.99 32.60
CA TYR A 196 -10.37 35.12 33.13
C TYR A 196 -9.35 35.33 32.02
N GLY A 197 -9.61 34.75 30.86
CA GLY A 197 -8.70 34.89 29.76
C GLY A 197 -7.90 33.65 29.55
N LEU A 198 -8.32 32.51 30.08
CA LEU A 198 -7.54 31.33 29.83
C LEU A 198 -7.92 30.85 28.46
N VAL A 199 -9.18 31.02 28.08
CA VAL A 199 -9.60 30.60 26.77
C VAL A 199 -10.37 31.71 26.10
N ASP A 200 -10.53 31.65 24.80
CA ASP A 200 -11.22 32.69 24.11
C ASP A 200 -12.70 32.42 24.01
N SER A 201 -13.09 31.18 23.89
CA SER A 201 -14.51 30.91 23.78
C SER A 201 -14.92 29.51 24.11
N ILE A 202 -16.21 29.31 24.19
CA ILE A 202 -16.76 28.01 24.50
C ILE A 202 -17.48 27.45 23.32
N LEU A 203 -17.17 26.22 22.99
CA LEU A 203 -17.82 25.57 21.87
C LEU A 203 -19.08 25.01 22.45
N THR A 204 -20.17 24.99 21.73
CA THR A 204 -21.39 24.47 22.31
C THR A 204 -21.97 23.39 21.46
N HIS A 205 -22.50 23.78 20.34
CA HIS A 205 -23.04 22.84 19.39
C HIS A 205 -22.48 23.17 18.07
N ARG A 206 -22.35 22.18 17.21
CA ARG A 206 -21.81 22.40 15.87
C ARG A 206 -22.76 23.25 15.03
N ALA B 15 -1.50 1.97 19.75
CA ALA B 15 -1.62 3.37 19.35
C ALA B 15 -0.75 4.25 20.18
N LEU B 16 0.17 3.67 20.91
CA LEU B 16 1.00 4.52 21.72
C LEU B 16 1.81 5.44 20.85
N VAL B 17 2.23 4.97 19.70
CA VAL B 17 2.97 5.77 18.76
C VAL B 17 2.19 5.75 17.46
N PRO B 18 1.70 6.91 17.01
CA PRO B 18 0.90 7.01 15.80
C PRO B 18 1.70 6.81 14.52
N MET B 19 1.04 6.25 13.50
CA MET B 19 1.67 6.01 12.24
C MET B 19 1.49 7.21 11.35
N VAL B 20 2.45 7.48 10.52
CA VAL B 20 2.32 8.54 9.56
C VAL B 20 2.64 7.98 8.22
N ILE B 21 2.21 8.64 7.15
CA ILE B 21 2.49 8.15 5.80
C ILE B 21 3.15 9.25 4.97
N GLU B 22 3.95 8.87 3.97
CA GLU B 22 4.60 9.88 3.15
C GLU B 22 4.61 9.36 1.72
N GLN B 23 4.32 10.21 0.74
CA GLN B 23 4.32 9.67 -0.60
C GLN B 23 5.59 10.07 -1.27
N THR B 24 6.28 9.07 -1.80
CA THR B 24 7.56 9.31 -2.43
C THR B 24 7.58 8.94 -3.88
N SER B 25 7.86 7.68 -4.14
CA SER B 25 7.97 7.16 -5.48
C SER B 25 6.71 6.41 -5.83
N ARG B 26 6.67 5.14 -5.45
CA ARG B 26 5.50 4.35 -5.77
C ARG B 26 4.50 4.17 -4.63
N GLY B 27 4.76 4.76 -3.45
CA GLY B 27 3.77 4.60 -2.40
C GLY B 27 4.04 5.29 -1.08
N GLU B 28 3.08 5.06 -0.17
CA GLU B 28 2.91 5.64 1.16
C GLU B 28 3.90 5.24 2.25
N ARG B 29 4.27 3.98 2.30
CA ARG B 29 5.17 3.53 3.36
C ARG B 29 4.78 4.04 4.74
N SER B 30 3.83 3.46 5.42
CA SER B 30 3.60 4.05 6.72
C SER B 30 4.77 3.80 7.64
N PHE B 31 4.97 4.68 8.62
CA PHE B 31 6.05 4.48 9.56
C PHE B 31 5.73 5.05 10.94
N ASP B 32 6.21 4.40 12.01
CA ASP B 32 5.99 4.89 13.37
C ASP B 32 6.54 6.31 13.35
N ILE B 33 5.78 7.28 13.85
CA ILE B 33 6.30 8.62 13.72
C ILE B 33 7.78 8.73 14.10
N TYR B 34 8.25 7.86 15.00
CA TYR B 34 9.65 7.87 15.40
C TYR B 34 10.61 7.42 14.30
N SER B 35 10.12 6.61 13.36
CA SER B 35 10.94 6.12 12.29
C SER B 35 10.87 7.13 11.17
N ARG B 36 9.75 7.83 11.09
CA ARG B 36 9.61 8.84 10.08
C ARG B 36 10.60 9.93 10.34
N LEU B 37 10.80 10.25 11.60
CA LEU B 37 11.76 11.27 11.95
C LEU B 37 13.17 10.75 11.86
N LEU B 38 13.42 9.47 12.08
CA LEU B 38 14.78 9.00 11.92
C LEU B 38 15.22 9.25 10.49
N LYS B 39 14.33 9.12 9.53
CA LYS B 39 14.69 9.39 8.15
C LYS B 39 15.16 10.80 7.90
N GLU B 40 14.78 11.73 8.77
CA GLU B 40 15.13 13.14 8.61
C GLU B 40 16.40 13.44 9.37
N ARG B 41 17.00 12.37 9.87
CA ARG B 41 18.20 12.43 10.63
C ARG B 41 17.95 13.06 11.96
N VAL B 42 16.81 12.73 12.56
CA VAL B 42 16.46 13.19 13.88
C VAL B 42 16.38 12.06 14.87
N ILE B 43 17.16 12.15 15.92
CA ILE B 43 17.20 11.17 16.97
C ILE B 43 16.77 11.77 18.26
N PHE B 44 15.89 11.11 18.99
CA PHE B 44 15.52 11.66 20.28
C PHE B 44 16.18 10.90 21.39
N LEU B 45 16.65 11.61 22.37
CA LEU B 45 17.23 11.04 23.56
C LEU B 45 16.41 11.51 24.71
N THR B 46 15.58 10.65 25.26
CA THR B 46 14.78 11.14 26.35
C THR B 46 14.77 10.19 27.49
N GLY B 47 14.52 10.71 28.66
CA GLY B 47 14.41 9.88 29.84
C GLY B 47 15.79 9.54 30.33
N GLN B 48 15.91 8.53 31.16
CA GLN B 48 17.21 8.23 31.76
C GLN B 48 18.17 7.72 30.76
N VAL B 49 19.43 8.09 30.90
CA VAL B 49 20.43 7.52 30.05
C VAL B 49 20.85 6.23 30.68
N GLU B 50 20.63 5.12 29.98
CA GLU B 50 20.98 3.82 30.50
C GLU B 50 21.63 3.04 29.38
N ASP B 51 21.99 1.79 29.63
CA ASP B 51 22.61 1.04 28.56
C ASP B 51 21.74 0.68 27.40
N HIS B 52 20.50 0.33 27.61
CA HIS B 52 19.77 -0.10 26.43
C HIS B 52 19.39 1.07 25.60
N MET B 53 18.99 2.15 26.23
CA MET B 53 18.68 3.32 25.49
C MET B 53 19.88 3.80 24.74
N ALA B 54 21.01 3.90 25.42
CA ALA B 54 22.18 4.43 24.81
C ALA B 54 22.62 3.59 23.68
N ASN B 55 22.50 2.28 23.86
CA ASN B 55 22.87 1.32 22.82
C ASN B 55 22.05 1.55 21.56
N LEU B 56 20.79 1.95 21.72
CA LEU B 56 19.97 2.19 20.60
C LEU B 56 20.33 3.51 19.95
N ILE B 57 20.64 4.53 20.71
CA ILE B 57 21.04 5.77 20.09
C ILE B 57 22.29 5.59 19.30
N VAL B 58 23.25 4.86 19.81
CA VAL B 58 24.43 4.65 19.03
C VAL B 58 24.07 3.94 17.77
N ALA B 59 23.24 2.93 17.81
CA ALA B 59 22.90 2.27 16.58
C ALA B 59 22.30 3.24 15.60
N GLN B 60 21.48 4.17 16.07
CA GLN B 60 20.89 5.13 15.17
C GLN B 60 21.92 6.06 14.59
N MET B 61 22.89 6.49 15.37
CA MET B 61 23.86 7.37 14.80
C MET B 61 24.73 6.68 13.79
N LEU B 62 25.10 5.43 14.03
CA LEU B 62 25.96 4.77 13.08
C LEU B 62 25.20 4.60 11.79
N PHE B 63 23.92 4.29 11.93
CA PHE B 63 23.03 4.08 10.80
C PHE B 63 22.91 5.34 9.94
N LEU B 64 22.78 6.50 10.58
CA LEU B 64 22.65 7.71 9.82
C LEU B 64 23.94 8.11 9.18
N GLU B 65 25.06 7.87 9.87
CA GLU B 65 26.36 8.21 9.35
C GLU B 65 26.60 7.49 8.03
N ALA B 66 26.18 6.23 7.95
CA ALA B 66 26.34 5.47 6.75
C ALA B 66 25.43 5.92 5.65
N GLU B 67 24.20 6.31 6.00
CA GLU B 67 23.24 6.78 5.02
C GLU B 67 23.77 7.98 4.24
N ASN B 68 24.44 8.90 4.94
CA ASN B 68 24.98 10.07 4.30
C ASN B 68 25.97 10.71 5.23
N PRO B 69 27.24 10.43 5.12
CA PRO B 69 28.29 10.90 5.98
C PRO B 69 28.45 12.39 5.99
N GLU B 70 27.86 13.07 5.02
CA GLU B 70 28.03 14.50 4.89
C GLU B 70 26.87 15.34 5.44
N LYS B 71 25.91 14.71 6.09
CA LYS B 71 24.82 15.52 6.62
C LYS B 71 24.64 15.44 8.10
N ASP B 72 24.25 16.55 8.67
CA ASP B 72 24.06 16.65 10.09
C ASP B 72 23.00 15.75 10.64
N ILE B 73 23.24 15.32 11.87
CA ILE B 73 22.32 14.52 12.64
C ILE B 73 21.83 15.37 13.75
N TYR B 74 20.52 15.44 13.95
CA TYR B 74 19.95 16.27 15.00
C TYR B 74 19.58 15.41 16.19
N LEU B 75 20.14 15.74 17.36
CA LEU B 75 19.83 14.94 18.52
C LEU B 75 19.02 15.79 19.46
N TYR B 76 17.79 15.38 19.69
CA TYR B 76 16.88 16.10 20.57
C TYR B 76 17.06 15.52 21.97
N ILE B 77 17.39 16.38 22.92
CA ILE B 77 17.61 15.92 24.26
C ILE B 77 16.62 16.44 25.24
N ASN B 78 16.00 15.53 25.96
CA ASN B 78 15.08 15.86 27.03
C ASN B 78 15.29 14.80 28.06
N SER B 79 16.26 14.99 28.90
CA SER B 79 16.71 13.96 29.79
C SER B 79 17.23 14.43 31.10
N PRO B 80 16.82 13.83 32.22
CA PRO B 80 17.21 14.10 33.56
C PRO B 80 18.59 13.62 33.94
N GLY B 81 19.24 12.86 33.09
CA GLY B 81 20.52 12.34 33.48
C GLY B 81 20.56 10.86 33.31
N GLY B 82 21.49 10.19 33.96
CA GLY B 82 21.60 8.76 33.80
C GLY B 82 22.97 8.26 34.12
N VAL B 83 23.27 7.09 33.62
CA VAL B 83 24.49 6.36 33.85
C VAL B 83 25.61 6.94 33.04
N ILE B 84 26.73 7.26 33.65
CA ILE B 84 27.79 7.87 32.88
C ILE B 84 28.33 6.96 31.85
N THR B 85 28.57 5.73 32.19
CA THR B 85 29.09 4.84 31.21
C THR B 85 28.21 4.79 29.98
N ALA B 86 26.92 4.67 30.16
CA ALA B 86 26.06 4.60 29.01
C ALA B 86 26.15 5.88 28.23
N GLY B 87 26.22 7.00 28.92
CA GLY B 87 26.33 8.25 28.25
C GLY B 87 27.64 8.37 27.49
N MET B 88 28.72 7.78 27.98
CA MET B 88 29.96 7.91 27.26
C MET B 88 29.91 7.11 26.00
N SER B 89 29.11 6.07 25.96
CA SER B 89 29.01 5.34 24.73
C SER B 89 28.47 6.30 23.68
N ILE B 90 27.46 7.06 24.05
CA ILE B 90 26.90 8.03 23.13
C ILE B 90 27.91 9.11 22.82
N TYR B 91 28.57 9.60 23.86
CA TYR B 91 29.57 10.65 23.74
C TYR B 91 30.66 10.33 22.73
N ASP B 92 31.19 9.12 22.79
CA ASP B 92 32.24 8.76 21.88
C ASP B 92 31.74 8.52 20.50
N THR B 93 30.57 7.95 20.33
CA THR B 93 30.10 7.82 18.97
C THR B 93 29.92 9.17 18.35
N MET B 94 29.37 10.14 19.07
CA MET B 94 29.20 11.44 18.44
C MET B 94 30.51 12.02 18.00
N GLN B 95 31.57 11.79 18.73
CA GLN B 95 32.83 12.37 18.34
C GLN B 95 33.46 11.59 17.20
N PHE B 96 33.30 10.30 17.19
CA PHE B 96 33.88 9.45 16.16
C PHE B 96 33.29 9.65 14.77
N ILE B 97 31.99 9.65 14.68
CA ILE B 97 31.36 9.65 13.37
C ILE B 97 31.62 10.91 12.61
N LYS B 98 31.71 10.81 11.30
CA LYS B 98 32.00 11.97 10.49
C LYS B 98 31.05 13.17 10.50
N PRO B 99 29.73 13.06 10.32
CA PRO B 99 28.85 14.18 10.26
C PRO B 99 28.72 14.82 11.60
N ASP B 100 28.48 16.12 11.62
CA ASP B 100 28.24 16.80 12.85
C ASP B 100 26.97 16.38 13.53
N VAL B 101 27.00 16.31 14.83
CA VAL B 101 25.78 16.05 15.53
C VAL B 101 25.39 17.34 16.18
N SER B 102 24.23 17.81 15.86
CA SER B 102 23.71 19.05 16.38
C SER B 102 22.76 18.72 17.48
N THR B 103 23.05 19.14 18.68
CA THR B 103 22.24 18.79 19.81
C THR B 103 21.31 19.89 20.21
N ILE B 104 20.06 19.55 20.42
CA ILE B 104 19.05 20.49 20.79
C ILE B 104 18.45 20.16 22.11
N CYS B 105 18.46 21.09 23.05
CA CYS B 105 17.88 20.84 24.37
C CYS B 105 16.46 21.37 24.52
N MET B 106 15.52 20.48 24.88
CA MET B 106 14.16 20.87 25.07
C MET B 106 13.72 20.29 26.37
N GLY B 107 12.84 20.91 27.11
CA GLY B 107 12.58 20.26 28.37
C GLY B 107 13.84 20.45 29.19
N GLN B 108 14.52 19.38 29.55
CA GLN B 108 15.72 19.56 30.33
C GLN B 108 16.88 18.74 29.86
N ALA B 109 18.04 19.20 30.18
CA ALA B 109 19.24 18.44 29.96
C ALA B 109 19.97 18.47 31.25
N ALA B 110 19.79 17.47 32.07
CA ALA B 110 20.44 17.52 33.36
C ALA B 110 21.50 16.48 33.46
N SER B 111 22.54 16.79 34.18
CA SER B 111 23.56 15.84 34.50
C SER B 111 24.18 15.29 33.27
N MET B 112 24.12 13.99 33.09
CA MET B 112 24.70 13.43 31.89
C MET B 112 24.00 13.96 30.67
N GLY B 113 22.75 14.35 30.79
CA GLY B 113 22.05 14.91 29.67
C GLY B 113 22.68 16.21 29.25
N ALA B 114 23.17 16.99 30.20
CA ALA B 114 23.77 18.27 29.90
C ALA B 114 25.08 18.04 29.28
N PHE B 115 25.74 16.98 29.76
CA PHE B 115 27.05 16.59 29.28
C PHE B 115 26.98 16.28 27.80
N LEU B 116 25.96 15.52 27.39
CA LEU B 116 25.85 15.21 25.99
C LEU B 116 25.42 16.44 25.24
N LEU B 117 24.59 17.30 25.79
CA LEU B 117 24.19 18.48 25.05
C LEU B 117 25.36 19.33 24.62
N THR B 118 26.34 19.52 25.49
CA THR B 118 27.45 20.38 25.14
C THR B 118 28.41 19.73 24.20
N ALA B 119 28.23 18.45 23.96
CA ALA B 119 29.16 17.67 23.21
C ALA B 119 28.83 17.73 21.75
N GLY B 120 27.80 18.46 21.40
CA GLY B 120 27.40 18.53 20.01
C GLY B 120 28.39 19.40 19.27
N ALA B 121 28.26 19.44 17.97
CA ALA B 121 29.16 20.19 17.13
C ALA B 121 29.11 21.62 17.49
N LYS B 122 30.24 22.27 17.57
CA LYS B 122 30.24 23.64 17.99
C LYS B 122 29.57 24.53 17.00
N GLY B 123 28.70 25.39 17.48
CA GLY B 123 28.00 26.34 16.67
C GLY B 123 26.63 25.79 16.35
N LYS B 124 26.44 24.52 16.65
CA LYS B 124 25.21 23.87 16.37
C LYS B 124 24.51 23.39 17.62
N ARG B 125 25.00 23.80 18.79
CA ARG B 125 24.40 23.38 20.03
C ARG B 125 23.38 24.42 20.41
N PHE B 126 22.13 24.04 20.59
CA PHE B 126 21.14 25.06 20.91
C PHE B 126 20.01 24.51 21.74
N CYS B 127 19.28 25.39 22.40
CA CYS B 127 18.17 24.95 23.21
C CYS B 127 16.99 25.89 23.11
N LEU B 128 15.83 25.36 23.46
CA LEU B 128 14.62 26.14 23.42
C LEU B 128 14.58 27.08 24.61
N PRO B 129 13.87 28.21 24.53
CA PRO B 129 13.83 29.25 25.52
C PRO B 129 13.47 28.91 26.93
N ASN B 130 12.63 27.90 27.18
CA ASN B 130 12.28 27.64 28.56
C ASN B 130 12.88 26.40 29.08
N SER B 131 13.87 25.91 28.43
CA SER B 131 14.52 24.71 28.87
C SER B 131 15.42 24.99 30.05
N ARG B 132 15.86 23.93 30.67
CA ARG B 132 16.79 24.00 31.77
C ARG B 132 17.88 23.05 31.63
N VAL B 133 19.05 23.52 31.97
CA VAL B 133 20.20 22.69 31.90
C VAL B 133 20.79 22.61 33.27
N MET B 134 21.14 21.43 33.73
CA MET B 134 21.68 21.32 35.08
C MET B 134 22.95 20.51 35.09
N ILE B 135 23.99 21.01 35.75
CA ILE B 135 25.22 20.25 35.77
C ILE B 135 25.68 19.93 37.18
N HIS B 136 26.31 18.78 37.36
CA HIS B 136 26.83 18.44 38.67
C HIS B 136 27.90 17.36 38.56
N GLN B 137 28.74 17.26 39.56
CA GLN B 137 29.73 16.19 39.65
C GLN B 137 29.05 14.82 39.72
N PRO B 138 29.69 13.72 39.30
CA PRO B 138 29.14 12.39 39.27
C PRO B 138 28.86 11.80 40.62
N LEU B 139 27.84 10.96 40.65
CA LEU B 139 27.42 10.22 41.83
C LEU B 139 27.81 8.78 41.75
N GLY B 140 27.91 8.13 42.88
CA GLY B 140 28.20 6.71 42.88
C GLY B 140 28.36 6.19 44.29
N GLY B 141 28.91 5.01 44.45
CA GLY B 141 29.07 4.49 45.79
C GLY B 141 29.53 3.05 45.77
N TYR B 142 29.92 2.56 46.93
CA TYR B 142 30.39 1.19 47.06
C TYR B 142 30.39 0.70 48.48
N GLN B 143 30.03 -0.57 48.70
CA GLN B 143 30.16 -1.22 49.99
C GLN B 143 31.11 -2.36 49.89
N GLY B 144 31.93 -2.57 50.90
CA GLY B 144 32.89 -3.67 50.86
C GLY B 144 34.09 -3.44 51.74
N GLN B 145 35.17 -4.13 51.49
CA GLN B 145 36.33 -3.98 52.34
C GLN B 145 36.98 -2.66 52.09
N ALA B 146 37.66 -2.11 53.09
CA ALA B 146 38.31 -0.83 52.90
C ALA B 146 39.20 -0.81 51.68
N THR B 147 39.85 -1.90 51.38
CA THR B 147 40.68 -1.97 50.20
C THR B 147 39.88 -1.77 48.93
N ASP B 148 38.69 -2.34 48.85
CA ASP B 148 37.92 -2.20 47.65
C ASP B 148 37.33 -0.83 47.62
N ILE B 149 37.03 -0.29 48.77
CA ILE B 149 36.45 1.01 48.81
C ILE B 149 37.43 1.96 48.23
N GLU B 150 38.69 1.80 48.61
CA GLU B 150 39.76 2.65 48.11
C GLU B 150 39.86 2.58 46.59
N ILE B 151 39.70 1.39 46.04
CA ILE B 151 39.78 1.23 44.60
C ILE B 151 38.63 1.89 43.92
N HIS B 152 37.46 1.68 44.42
CA HIS B 152 36.31 2.25 43.78
C HIS B 152 36.24 3.74 43.98
N ALA B 153 36.66 4.25 45.12
CA ALA B 153 36.65 5.68 45.30
C ALA B 153 37.62 6.31 44.34
N ARG B 154 38.76 5.69 44.15
CA ARG B 154 39.72 6.26 43.26
C ARG B 154 39.19 6.30 41.87
N GLU B 155 38.50 5.26 41.45
CA GLU B 155 37.96 5.28 40.11
C GLU B 155 36.91 6.33 39.94
N ILE B 156 36.03 6.55 40.90
CA ILE B 156 35.05 7.57 40.62
C ILE B 156 35.71 8.91 40.53
N LEU B 157 36.74 9.15 41.30
CA LEU B 157 37.41 10.41 41.17
C LEU B 157 38.07 10.56 39.83
N LYS B 158 38.64 9.49 39.28
CA LYS B 158 39.21 9.65 37.97
C LYS B 158 38.14 10.02 36.99
N VAL B 159 36.96 9.45 37.13
CA VAL B 159 35.88 9.79 36.24
C VAL B 159 35.50 11.22 36.43
N LYS B 160 35.37 11.68 37.64
CA LYS B 160 35.05 13.06 37.82
C LYS B 160 36.03 13.93 37.11
N GLY B 161 37.31 13.64 37.25
CA GLY B 161 38.31 14.46 36.61
C GLY B 161 38.14 14.44 35.12
N ARG B 162 37.90 13.26 34.57
CA ARG B 162 37.70 13.09 33.14
C ARG B 162 36.50 13.87 32.62
N MET B 163 35.42 13.90 33.39
CA MET B 163 34.24 14.61 32.96
C MET B 163 34.49 16.09 33.02
N ASN B 164 35.24 16.52 34.03
CA ASN B 164 35.59 17.93 34.20
C ASN B 164 36.39 18.45 33.02
N GLU B 165 37.28 17.62 32.48
CA GLU B 165 38.08 18.03 31.35
C GLU B 165 37.27 18.14 30.12
N LEU B 166 36.35 17.23 29.93
CA LEU B 166 35.55 17.28 28.74
C LEU B 166 34.61 18.47 28.81
N MET B 167 34.08 18.80 29.98
CA MET B 167 33.27 20.00 30.06
C MET B 167 34.07 21.21 29.69
N ALA B 168 35.28 21.32 30.22
CA ALA B 168 36.07 22.48 29.93
C ALA B 168 36.39 22.52 28.46
N LEU B 169 36.66 21.39 27.86
CA LEU B 169 36.96 21.39 26.46
C LEU B 169 35.84 21.90 25.61
N HIS B 170 34.64 21.43 25.88
CA HIS B 170 33.51 21.80 25.07
C HIS B 170 32.93 23.14 25.39
N THR B 171 33.09 23.63 26.61
CA THR B 171 32.49 24.91 26.93
C THR B 171 33.43 26.08 26.84
N GLY B 172 34.72 25.88 26.94
CA GLY B 172 35.63 26.99 26.87
C GLY B 172 35.92 27.58 28.22
N GLN B 173 35.36 26.98 29.24
CA GLN B 173 35.59 27.42 30.59
C GLN B 173 36.92 26.88 31.00
N SER B 174 37.57 27.50 31.94
CA SER B 174 38.81 26.93 32.40
C SER B 174 38.48 25.70 33.18
N LEU B 175 39.44 24.84 33.41
CA LEU B 175 39.10 23.65 34.14
C LEU B 175 38.73 23.97 35.55
N GLU B 176 39.41 24.90 36.18
CA GLU B 176 39.11 25.24 37.55
C GLU B 176 37.73 25.81 37.64
N GLN B 177 37.31 26.56 36.64
CA GLN B 177 35.99 27.09 36.72
C GLN B 177 34.99 25.97 36.67
N ILE B 178 35.20 24.99 35.80
CA ILE B 178 34.29 23.85 35.82
C ILE B 178 34.35 23.14 37.13
N GLU B 179 35.56 22.96 37.66
CA GLU B 179 35.75 22.29 38.94
C GLU B 179 34.88 22.90 40.03
N ARG B 180 34.83 24.23 40.07
CA ARG B 180 34.02 24.89 41.08
C ARG B 180 32.55 24.83 40.78
N ASP B 181 32.19 25.03 39.54
CA ASP B 181 30.80 25.08 39.19
C ASP B 181 30.02 23.83 39.33
N THR B 182 30.65 22.68 39.25
CA THR B 182 29.91 21.44 39.35
C THR B 182 30.00 20.82 40.74
N GLU B 183 30.57 21.48 41.74
CA GLU B 183 30.58 20.78 43.02
C GLU B 183 29.19 20.51 43.51
N ARG B 184 28.29 21.47 43.33
CA ARG B 184 26.89 21.33 43.75
C ARG B 184 26.01 21.60 42.54
N ASP B 185 24.84 20.97 42.49
CA ASP B 185 23.97 21.17 41.37
C ASP B 185 23.85 22.61 40.98
N ARG B 186 24.05 22.86 39.72
CA ARG B 186 23.91 24.18 39.20
C ARG B 186 22.91 24.23 38.12
N PHE B 187 21.93 25.08 38.27
CA PHE B 187 20.91 25.18 37.25
C PHE B 187 21.13 26.38 36.40
N LEU B 188 20.95 26.22 35.12
CA LEU B 188 21.11 27.29 34.17
C LEU B 188 19.88 27.45 33.29
N SER B 189 19.40 28.66 33.14
CA SER B 189 18.26 28.90 32.28
C SER B 189 18.77 28.92 30.87
N ALA B 190 17.91 28.89 29.87
CA ALA B 190 18.49 28.84 28.54
C ALA B 190 19.49 29.98 28.30
N PRO B 191 19.22 31.25 28.60
CA PRO B 191 20.17 32.32 28.43
C PRO B 191 21.45 32.14 29.20
N GLU B 192 21.44 31.38 30.27
CA GLU B 192 22.65 31.23 31.03
C GLU B 192 23.46 30.16 30.41
N ALA B 193 22.82 29.17 29.80
CA ALA B 193 23.53 28.12 29.15
C ALA B 193 24.30 28.73 28.02
N VAL B 194 23.69 29.72 27.38
CA VAL B 194 24.37 30.38 26.29
C VAL B 194 25.57 31.14 26.78
N GLU B 195 25.43 31.89 27.85
CA GLU B 195 26.56 32.64 28.34
C GLU B 195 27.65 31.78 28.89
N TYR B 196 27.27 30.68 29.50
CA TYR B 196 28.20 29.77 30.10
C TYR B 196 28.97 29.06 29.01
N GLY B 197 28.35 28.81 27.88
CA GLY B 197 29.01 28.12 26.83
C GLY B 197 28.55 26.71 26.70
N LEU B 198 27.41 26.35 27.28
CA LEU B 198 26.99 25.00 27.11
C LEU B 198 26.33 24.91 25.78
N VAL B 199 25.68 25.97 25.36
CA VAL B 199 25.05 25.98 24.05
C VAL B 199 25.47 27.20 23.31
N ASP B 200 25.30 27.21 22.01
CA ASP B 200 25.67 28.34 21.23
C ASP B 200 24.53 29.32 21.10
N SER B 201 23.32 28.84 21.07
CA SER B 201 22.20 29.76 20.89
C SER B 201 20.88 29.25 21.39
N ILE B 202 19.90 30.12 21.36
CA ILE B 202 18.54 29.77 21.69
C ILE B 202 17.68 29.87 20.50
N LEU B 203 16.92 28.83 20.25
CA LEU B 203 16.02 28.85 19.13
C LEU B 203 14.80 29.54 19.65
N THR B 204 14.11 30.30 18.85
CA THR B 204 12.93 30.99 19.37
C THR B 204 11.74 30.69 18.54
N HIS B 205 11.71 31.25 17.36
CA HIS B 205 10.63 31.01 16.43
C HIS B 205 11.22 30.67 15.13
N ARG B 206 10.50 29.91 14.36
CA ARG B 206 10.96 29.62 13.04
C ARG B 206 10.95 30.86 12.20
N ALA C 15 7.34 1.48 19.12
CA ALA C 15 8.46 2.11 18.43
C ALA C 15 9.66 2.23 19.31
N LEU C 16 9.85 1.29 20.21
CA LEU C 16 11.04 1.40 21.03
C LEU C 16 12.25 1.29 20.16
N VAL C 17 12.18 0.45 19.16
CA VAL C 17 13.27 0.28 18.23
C VAL C 17 12.75 0.73 16.88
N PRO C 18 13.30 1.78 16.27
CA PRO C 18 12.85 2.36 15.04
C PRO C 18 13.18 1.47 13.89
N MET C 19 12.44 1.64 12.82
CA MET C 19 12.64 0.93 11.58
C MET C 19 13.46 1.77 10.66
N VAL C 20 14.23 1.13 9.83
CA VAL C 20 14.95 1.84 8.81
C VAL C 20 14.61 1.23 7.49
N ILE C 21 14.75 1.98 6.42
CA ILE C 21 14.44 1.49 5.08
C ILE C 21 15.68 1.45 4.25
N GLU C 22 15.91 0.38 3.50
CA GLU C 22 17.13 0.30 2.68
C GLU C 22 16.81 -0.03 1.23
N GLN C 23 17.43 0.69 0.29
CA GLN C 23 17.18 0.43 -1.10
C GLN C 23 18.07 -0.68 -1.54
N THR C 24 17.57 -1.53 -2.41
CA THR C 24 18.34 -2.65 -2.91
C THR C 24 18.22 -2.72 -4.41
N SER C 25 17.30 -3.57 -4.85
CA SER C 25 16.98 -3.77 -6.24
C SER C 25 15.51 -3.42 -6.37
N ARG C 26 14.75 -3.85 -5.36
CA ARG C 26 13.32 -3.56 -5.28
C ARG C 26 13.21 -2.44 -4.27
N GLY C 27 14.01 -2.55 -3.21
CA GLY C 27 14.07 -1.54 -2.15
C GLY C 27 12.87 -1.53 -1.21
N GLU C 28 12.22 -2.67 -1.07
CA GLU C 28 11.05 -2.72 -0.23
C GLU C 28 11.34 -3.05 1.22
N ARG C 29 12.54 -3.48 1.53
CA ARG C 29 12.78 -3.95 2.88
C ARG C 29 12.99 -2.92 3.94
N SER C 30 12.31 -3.16 5.06
CA SER C 30 12.44 -2.37 6.24
C SER C 30 12.99 -3.28 7.31
N PHE C 31 13.80 -2.74 8.20
CA PHE C 31 14.38 -3.61 9.23
C PHE C 31 14.62 -2.89 10.53
N ASP C 32 14.27 -3.57 11.63
CA ASP C 32 14.45 -2.98 12.95
C ASP C 32 15.88 -2.51 12.86
N ILE C 33 16.19 -1.33 13.37
CA ILE C 33 17.56 -0.92 13.20
C ILE C 33 18.56 -1.98 13.66
N TYR C 34 18.25 -2.81 14.63
CA TYR C 34 19.22 -3.81 15.02
C TYR C 34 19.37 -4.89 13.98
N SER C 35 18.34 -5.15 13.19
CA SER C 35 18.43 -6.17 12.18
C SER C 35 19.16 -5.59 11.02
N ARG C 36 19.03 -4.28 10.84
CA ARG C 36 19.70 -3.63 9.76
C ARG C 36 21.18 -3.72 9.97
N LEU C 37 21.59 -3.63 11.22
CA LEU C 37 22.99 -3.72 11.55
C LEU C 37 23.46 -5.16 11.54
N LEU C 38 22.62 -6.12 11.89
CA LEU C 38 23.07 -7.50 11.82
C LEU C 38 23.43 -7.80 10.40
N LYS C 39 22.69 -7.26 9.47
CA LYS C 39 22.96 -7.45 8.06
C LYS C 39 24.34 -6.97 7.64
N GLU C 40 24.93 -6.08 8.42
CA GLU C 40 26.25 -5.53 8.11
C GLU C 40 27.32 -6.24 8.92
N ARG C 41 26.89 -7.33 9.54
CA ARG C 41 27.70 -8.16 10.36
C ARG C 41 28.10 -7.48 11.65
N VAL C 42 27.18 -6.72 12.23
CA VAL C 42 27.36 -6.06 13.49
C VAL C 42 26.45 -6.59 14.57
N ILE C 43 27.03 -7.07 15.65
CA ILE C 43 26.32 -7.62 16.77
C ILE C 43 26.56 -6.82 18.01
N PHE C 44 25.51 -6.51 18.76
CA PHE C 44 25.66 -5.72 19.98
C PHE C 44 25.45 -6.53 21.26
N LEU C 45 26.44 -6.49 22.15
CA LEU C 45 26.36 -7.19 23.40
C LEU C 45 26.20 -6.18 24.48
N THR C 46 25.03 -6.05 25.07
CA THR C 46 24.90 -5.05 26.08
C THR C 46 24.22 -5.56 27.31
N GLY C 47 24.48 -4.91 28.41
CA GLY C 47 23.81 -5.24 29.64
C GLY C 47 24.44 -6.48 30.22
N GLN C 48 23.77 -7.15 31.13
CA GLN C 48 24.38 -8.28 31.79
C GLN C 48 24.52 -9.44 30.87
N VAL C 49 25.59 -10.19 31.04
CA VAL C 49 25.73 -11.39 30.28
C VAL C 49 25.01 -12.48 31.02
N GLU C 50 24.01 -13.06 30.36
CA GLU C 50 23.22 -14.12 30.95
C GLU C 50 23.03 -15.17 29.89
N ASP C 51 22.27 -16.22 30.19
CA ASP C 51 22.06 -17.25 29.20
C ASP C 51 21.19 -16.90 28.04
N HIS C 52 20.13 -16.15 28.23
CA HIS C 52 19.29 -15.95 27.07
C HIS C 52 19.93 -14.98 26.13
N MET C 53 20.55 -13.97 26.68
CA MET C 53 21.26 -13.03 25.85
C MET C 53 22.35 -13.73 25.13
N ALA C 54 23.15 -14.51 25.85
CA ALA C 54 24.27 -15.14 25.21
C ALA C 54 23.80 -16.06 24.16
N ASN C 55 22.75 -16.81 24.40
CA ASN C 55 22.30 -17.67 23.36
C ASN C 55 21.93 -16.90 22.12
N LEU C 56 21.40 -15.71 22.27
CA LEU C 56 21.06 -14.98 21.10
C LEU C 56 22.30 -14.50 20.39
N ILE C 57 23.31 -14.08 21.12
CA ILE C 57 24.52 -13.67 20.45
C ILE C 57 25.16 -14.82 19.75
N VAL C 58 25.17 -15.99 20.35
CA VAL C 58 25.72 -17.12 19.66
C VAL C 58 24.90 -17.39 18.43
N ALA C 59 23.59 -17.34 18.50
CA ALA C 59 22.84 -17.58 17.30
C ALA C 59 23.23 -16.59 16.22
N GLN C 60 23.46 -15.34 16.58
CA GLN C 60 23.83 -14.38 15.56
C GLN C 60 25.17 -14.69 14.99
N MET C 61 26.11 -15.11 15.80
CA MET C 61 27.39 -15.41 15.22
C MET C 61 27.34 -16.62 14.32
N LEU C 62 26.59 -17.64 14.68
CA LEU C 62 26.54 -18.83 13.84
C LEU C 62 25.90 -18.47 12.53
N PHE C 63 24.89 -17.61 12.61
CA PHE C 63 24.15 -17.15 11.45
C PHE C 63 25.05 -16.38 10.49
N LEU C 64 25.92 -15.52 11.01
CA LEU C 64 26.78 -14.76 10.15
C LEU C 64 27.86 -15.64 9.57
N GLU C 65 28.35 -16.60 10.34
CA GLU C 65 29.37 -17.51 9.87
C GLU C 65 28.86 -18.27 8.64
N ALA C 66 27.60 -18.68 8.69
CA ALA C 66 26.98 -19.38 7.60
C ALA C 66 26.76 -18.51 6.39
N GLU C 67 26.38 -17.26 6.60
CA GLU C 67 26.13 -16.34 5.50
C GLU C 67 27.38 -16.06 4.65
N ASN C 68 28.53 -15.91 5.31
CA ASN C 68 29.77 -15.63 4.62
C ASN C 68 30.93 -15.88 5.55
N PRO C 69 31.53 -17.05 5.55
CA PRO C 69 32.59 -17.45 6.42
C PRO C 69 33.85 -16.62 6.30
N GLU C 70 33.94 -15.83 5.24
CA GLU C 70 35.15 -15.05 4.98
C GLU C 70 35.11 -13.60 5.43
N LYS C 71 34.03 -13.15 6.05
CA LYS C 71 34.04 -11.76 6.46
C LYS C 71 33.96 -11.56 7.94
N ASP C 72 34.64 -10.55 8.41
CA ASP C 72 34.66 -10.26 9.81
C ASP C 72 33.32 -9.92 10.38
N ILE C 73 33.16 -10.24 11.64
CA ILE C 73 32.01 -9.96 12.44
C ILE C 73 32.40 -8.95 13.46
N TYR C 74 31.62 -7.89 13.62
CA TYR C 74 31.95 -6.84 14.58
C TYR C 74 31.10 -6.98 15.81
N LEU C 75 31.73 -7.10 16.97
CA LEU C 75 30.97 -7.24 18.19
C LEU C 75 31.16 -6.01 19.04
N TYR C 76 30.08 -5.26 19.23
CA TYR C 76 30.10 -4.05 20.02
C TYR C 76 29.78 -4.45 21.45
N ILE C 77 30.68 -4.11 22.36
CA ILE C 77 30.49 -4.48 23.75
C ILE C 77 30.29 -3.31 24.66
N ASN C 78 29.20 -3.34 25.39
CA ASN C 78 28.91 -2.35 26.41
C ASN C 78 28.24 -3.09 27.51
N SER C 79 29.02 -3.65 28.40
CA SER C 79 28.50 -4.55 29.38
C SER C 79 29.24 -4.58 30.69
N PRO C 80 28.53 -4.55 31.83
CA PRO C 80 29.03 -4.58 33.18
C PRO C 80 29.54 -5.92 33.62
N GLY C 81 29.31 -6.96 32.85
CA GLY C 81 29.72 -8.26 33.32
C GLY C 81 28.58 -9.20 33.24
N GLY C 82 28.64 -10.29 33.99
CA GLY C 82 27.57 -11.27 33.95
C GLY C 82 28.05 -12.64 34.34
N VAL C 83 27.30 -13.63 33.96
CA VAL C 83 27.52 -15.02 34.31
C VAL C 83 28.63 -15.58 33.48
N ILE C 84 29.62 -16.21 34.10
CA ILE C 84 30.72 -16.73 33.32
C ILE C 84 30.30 -17.81 32.41
N THR C 85 29.53 -18.73 32.90
CA THR C 85 29.13 -19.79 32.03
C THR C 85 28.46 -19.26 30.81
N ALA C 86 27.56 -18.31 30.93
CA ALA C 86 26.92 -17.79 29.76
C ALA C 86 27.91 -17.12 28.85
N GLY C 87 28.83 -16.37 29.42
CA GLY C 87 29.81 -15.69 28.64
C GLY C 87 30.71 -16.63 27.89
N MET C 88 31.00 -17.76 28.46
CA MET C 88 31.83 -18.73 27.81
C MET C 88 31.22 -19.31 26.58
N SER C 89 29.91 -19.26 26.42
CA SER C 89 29.36 -19.79 25.21
C SER C 89 29.64 -18.83 24.08
N ILE C 90 29.82 -17.55 24.42
CA ILE C 90 30.16 -16.57 23.43
C ILE C 90 31.62 -16.71 23.16
N TYR C 91 32.39 -16.83 24.24
CA TYR C 91 33.83 -16.98 24.17
C TYR C 91 34.21 -18.11 23.24
N ASP C 92 33.60 -19.28 23.42
CA ASP C 92 33.93 -20.38 22.56
C ASP C 92 33.36 -20.26 21.19
N THR C 93 32.19 -19.70 21.01
CA THR C 93 31.75 -19.54 19.66
C THR C 93 32.69 -18.65 18.90
N MET C 94 33.16 -17.57 19.51
CA MET C 94 34.04 -16.69 18.78
C MET C 94 35.30 -17.38 18.34
N GLN C 95 35.79 -18.33 19.11
CA GLN C 95 37.03 -18.96 18.72
C GLN C 95 36.81 -20.14 17.80
N PHE C 96 35.56 -20.48 17.53
CA PHE C 96 35.19 -21.62 16.73
C PHE C 96 34.82 -21.25 15.33
N ILE C 97 34.02 -20.23 15.18
CA ILE C 97 33.54 -19.88 13.88
C ILE C 97 34.69 -19.40 13.05
N LYS C 98 34.65 -19.72 11.77
CA LYS C 98 35.74 -19.32 10.92
C LYS C 98 36.10 -17.83 10.82
N PRO C 99 35.21 -16.86 10.56
CA PRO C 99 35.57 -15.48 10.38
C PRO C 99 36.07 -14.86 11.63
N ASP C 100 36.97 -13.91 11.53
CA ASP C 100 37.45 -13.20 12.70
C ASP C 100 36.37 -12.40 13.37
N VAL C 101 36.40 -12.36 14.69
CA VAL C 101 35.47 -11.51 15.37
C VAL C 101 36.23 -10.35 15.90
N SER C 102 35.86 -9.18 15.49
CA SER C 102 36.51 -7.97 15.92
C SER C 102 35.68 -7.35 16.98
N THR C 103 36.22 -7.20 18.15
CA THR C 103 35.47 -6.68 19.27
C THR C 103 35.80 -5.24 19.51
N ILE C 104 34.78 -4.45 19.81
CA ILE C 104 34.93 -3.04 20.08
C ILE C 104 34.34 -2.68 21.42
N CYS C 105 35.12 -2.06 22.30
CA CYS C 105 34.59 -1.68 23.61
C CYS C 105 34.12 -0.23 23.67
N MET C 106 32.86 -0.03 24.06
CA MET C 106 32.31 1.30 24.16
C MET C 106 31.58 1.39 25.45
N GLY C 107 31.50 2.53 26.07
CA GLY C 107 30.83 2.44 27.35
C GLY C 107 31.78 1.64 28.21
N GLN C 108 31.38 0.46 28.66
CA GLN C 108 32.28 -0.31 29.48
C GLN C 108 32.37 -1.75 29.09
N ALA C 109 33.46 -2.35 29.47
CA ALA C 109 33.64 -3.76 29.33
C ALA C 109 34.15 -4.24 30.65
N ALA C 110 33.26 -4.61 31.54
CA ALA C 110 33.73 -5.00 32.84
C ALA C 110 33.58 -6.46 33.06
N SER C 111 34.49 -7.04 33.80
CA SER C 111 34.40 -8.40 34.21
C SER C 111 34.33 -9.32 33.04
N MET C 112 33.25 -10.08 32.93
CA MET C 112 33.13 -10.97 31.79
C MET C 112 33.10 -10.17 30.51
N GLY C 113 32.66 -8.93 30.56
CA GLY C 113 32.65 -8.12 29.38
C GLY C 113 34.06 -7.86 28.89
N ALA C 114 35.01 -7.71 29.81
CA ALA C 114 36.38 -7.45 29.44
C ALA C 114 36.98 -8.70 28.90
N PHE C 115 36.55 -9.82 29.50
CA PHE C 115 37.02 -11.13 29.11
C PHE C 115 36.71 -11.38 27.65
N LEU C 116 35.48 -11.05 27.25
CA LEU C 116 35.12 -11.24 25.87
C LEU C 116 35.80 -10.22 25.00
N LEU C 117 35.99 -8.99 25.47
CA LEU C 117 36.63 -7.99 24.64
C LEU C 117 38.01 -8.41 24.18
N THR C 118 38.80 -8.98 25.06
CA THR C 118 40.15 -9.34 24.69
C THR C 118 40.22 -10.56 23.84
N ALA C 119 39.10 -11.22 23.66
CA ALA C 119 39.04 -12.49 23.00
C ALA C 119 38.83 -12.29 21.52
N GLY C 120 38.75 -11.05 21.11
CA GLY C 120 38.53 -10.80 19.70
C GLY C 120 39.81 -11.11 18.95
N ALA C 121 39.70 -11.08 17.65
CA ALA C 121 40.80 -11.41 16.78
C ALA C 121 41.93 -10.50 17.03
N LYS C 122 43.13 -11.04 17.05
CA LYS C 122 44.28 -10.22 17.33
C LYS C 122 44.47 -9.16 16.29
N GLY C 123 44.66 -7.93 16.74
CA GLY C 123 44.90 -6.81 15.87
C GLY C 123 43.62 -6.10 15.58
N LYS C 124 42.51 -6.70 15.96
CA LYS C 124 41.23 -6.15 15.70
C LYS C 124 40.45 -5.84 16.94
N ARG C 125 41.12 -5.77 18.09
CA ARG C 125 40.43 -5.47 19.35
C ARG C 125 40.51 -3.98 19.61
N PHE C 126 39.39 -3.29 19.45
CA PHE C 126 39.41 -1.84 19.58
C PHE C 126 38.61 -1.30 20.75
N CYS C 127 38.96 -0.10 21.19
CA CYS C 127 38.24 0.53 22.30
C CYS C 127 38.12 2.04 22.10
N LEU C 128 36.90 2.56 22.26
CA LEU C 128 36.70 4.00 22.09
C LEU C 128 37.38 4.69 23.25
N PRO C 129 37.87 5.93 23.12
CA PRO C 129 38.78 6.56 24.03
C PRO C 129 38.27 6.86 25.42
N ASN C 130 36.96 6.96 25.64
CA ASN C 130 36.54 7.28 26.98
C ASN C 130 35.90 6.13 27.68
N SER C 131 36.07 4.95 27.10
CA SER C 131 35.50 3.73 27.65
C SER C 131 36.37 3.17 28.76
N ARG C 132 35.76 2.34 29.60
CA ARG C 132 36.46 1.72 30.71
C ARG C 132 36.40 0.26 30.66
N VAL C 133 37.50 -0.36 30.99
CA VAL C 133 37.57 -1.77 31.02
C VAL C 133 37.94 -2.19 32.41
N MET C 134 37.23 -3.16 32.96
CA MET C 134 37.53 -3.57 34.34
C MET C 134 37.70 -5.07 34.43
N ILE C 135 38.75 -5.50 35.12
CA ILE C 135 38.95 -6.94 35.23
C ILE C 135 39.00 -7.40 36.67
N HIS C 136 38.55 -8.62 36.91
CA HIS C 136 38.57 -9.14 38.28
C HIS C 136 38.25 -10.63 38.35
N GLN C 137 38.86 -11.31 39.31
CA GLN C 137 38.65 -12.73 39.52
C GLN C 137 37.17 -13.05 39.63
N PRO C 138 36.70 -14.26 39.31
CA PRO C 138 35.32 -14.64 39.33
C PRO C 138 34.72 -14.67 40.68
N LEU C 139 33.44 -14.37 40.72
CA LEU C 139 32.63 -14.39 41.93
C LEU C 139 31.76 -15.60 41.93
N GLY C 140 31.33 -16.02 43.07
CA GLY C 140 30.40 -17.14 43.14
C GLY C 140 30.10 -17.46 44.58
N GLY C 141 29.53 -18.61 44.84
CA GLY C 141 29.23 -18.95 46.20
C GLY C 141 28.41 -20.20 46.29
N TYR C 142 28.27 -20.74 47.50
CA TYR C 142 27.50 -21.97 47.67
C TYR C 142 27.17 -22.29 49.11
N GLN C 143 25.96 -22.83 49.31
CA GLN C 143 25.47 -23.23 50.62
C GLN C 143 25.25 -24.71 50.62
N GLY C 144 25.64 -25.41 51.67
CA GLY C 144 25.45 -26.86 51.67
C GLY C 144 26.31 -27.56 52.68
N GLN C 145 26.57 -28.85 52.48
CA GLN C 145 27.35 -29.56 53.47
C GLN C 145 28.79 -29.26 53.28
N ALA C 146 29.62 -29.41 54.27
CA ALA C 146 31.03 -29.15 54.05
C ALA C 146 31.57 -29.91 52.87
N THR C 147 31.10 -31.12 52.63
CA THR C 147 31.55 -31.88 51.48
C THR C 147 31.16 -31.21 50.18
N ASP C 148 30.02 -30.58 50.11
CA ASP C 148 29.59 -29.99 48.87
C ASP C 148 30.27 -28.68 48.72
N ILE C 149 30.57 -28.04 49.82
CA ILE C 149 31.23 -26.79 49.75
C ILE C 149 32.55 -27.03 49.15
N GLU C 150 33.26 -28.06 49.56
CA GLU C 150 34.54 -28.33 48.95
C GLU C 150 34.44 -28.56 47.47
N ILE C 151 33.44 -29.30 47.03
CA ILE C 151 33.34 -29.54 45.61
C ILE C 151 33.13 -28.28 44.87
N HIS C 152 32.25 -27.46 45.34
CA HIS C 152 31.98 -26.24 44.64
C HIS C 152 33.12 -25.26 44.76
N ALA C 153 33.83 -25.24 45.86
CA ALA C 153 34.97 -24.36 45.96
C ALA C 153 36.02 -24.77 44.97
N ARG C 154 36.24 -26.07 44.83
CA ARG C 154 37.24 -26.56 43.87
C ARG C 154 36.85 -26.15 42.45
N GLU C 155 35.55 -26.18 42.16
CA GLU C 155 34.99 -25.82 40.88
C GLU C 155 35.22 -24.35 40.54
N ILE C 156 35.09 -23.46 41.52
CA ILE C 156 35.29 -22.06 41.18
C ILE C 156 36.75 -21.76 41.06
N LEU C 157 37.60 -22.40 41.82
CA LEU C 157 38.99 -22.14 41.64
C LEU C 157 39.48 -22.62 40.31
N LYS C 158 38.97 -23.73 39.81
CA LYS C 158 39.41 -24.15 38.50
C LYS C 158 38.98 -23.14 37.47
N VAL C 159 37.81 -22.57 37.62
CA VAL C 159 37.37 -21.58 36.67
C VAL C 159 38.26 -20.38 36.75
N LYS C 160 38.61 -19.95 37.93
CA LYS C 160 39.51 -18.84 38.06
C LYS C 160 40.80 -19.12 37.38
N GLY C 161 41.36 -20.28 37.62
CA GLY C 161 42.62 -20.60 37.01
C GLY C 161 42.50 -20.62 35.51
N ARG C 162 41.44 -21.22 34.99
CA ARG C 162 41.23 -21.29 33.55
C ARG C 162 41.06 -19.90 32.94
N MET C 163 40.38 -19.02 33.66
CA MET C 163 40.14 -17.66 33.22
C MET C 163 41.43 -16.85 33.19
N ASN C 164 42.34 -17.18 34.11
CA ASN C 164 43.62 -16.50 34.20
C ASN C 164 44.51 -16.92 33.04
N GLU C 165 44.41 -18.19 32.66
CA GLU C 165 45.19 -18.74 31.57
C GLU C 165 44.77 -18.13 30.24
N LEU C 166 43.47 -17.91 30.07
CA LEU C 166 42.98 -17.34 28.85
C LEU C 166 43.31 -15.87 28.79
N MET C 167 43.27 -15.15 29.90
CA MET C 167 43.67 -13.78 29.87
C MET C 167 45.11 -13.66 29.47
N ALA C 168 45.97 -14.48 30.03
CA ALA C 168 47.35 -14.37 29.67
C ALA C 168 47.54 -14.70 28.20
N LEU C 169 46.81 -15.66 27.70
CA LEU C 169 46.94 -16.00 26.31
C LEU C 169 46.58 -14.87 25.40
N HIS C 170 45.48 -14.22 25.68
CA HIS C 170 45.02 -13.15 24.83
C HIS C 170 45.70 -11.82 25.03
N THR C 171 46.26 -11.58 26.20
CA THR C 171 46.87 -10.28 26.42
C THR C 171 48.37 -10.27 26.28
N GLY C 172 49.03 -11.40 26.44
CA GLY C 172 50.47 -11.38 26.32
C GLY C 172 51.14 -11.13 27.64
N GLN C 173 50.35 -11.00 28.68
CA GLN C 173 50.88 -10.80 30.01
C GLN C 173 51.31 -12.13 30.50
N SER C 174 52.24 -12.18 31.42
CA SER C 174 52.59 -13.46 31.95
C SER C 174 51.45 -13.92 32.79
N LEU C 175 51.39 -15.19 33.11
CA LEU C 175 50.29 -15.63 33.92
C LEU C 175 50.34 -15.07 35.30
N GLU C 176 51.55 -14.99 35.85
CA GLU C 176 51.77 -14.47 37.19
C GLU C 176 51.28 -13.04 37.27
N GLN C 177 51.47 -12.28 36.20
CA GLN C 177 51.03 -10.92 36.20
C GLN C 177 49.53 -10.86 36.13
N ILE C 178 48.91 -11.69 35.30
CA ILE C 178 47.47 -11.69 35.32
C ILE C 178 46.94 -12.08 36.65
N GLU C 179 47.57 -13.08 37.27
CA GLU C 179 47.14 -13.56 38.58
C GLU C 179 47.09 -12.44 39.62
N ARG C 180 48.08 -11.55 39.58
CA ARG C 180 48.13 -10.47 40.52
C ARG C 180 47.16 -9.38 40.20
N ASP C 181 47.04 -9.08 38.94
CA ASP C 181 46.21 -7.97 38.55
C ASP C 181 44.74 -8.15 38.63
N THR C 182 44.25 -9.35 38.84
CA THR C 182 42.81 -9.54 38.91
C THR C 182 42.41 -9.87 40.31
N GLU C 183 43.36 -9.82 41.24
CA GLU C 183 43.05 -10.12 42.64
C GLU C 183 41.93 -9.25 43.19
N ARG C 184 41.96 -7.98 42.79
CA ARG C 184 41.00 -6.97 43.19
C ARG C 184 40.56 -6.28 41.94
N ASP C 185 39.40 -5.71 41.92
CA ASP C 185 38.95 -5.02 40.74
C ASP C 185 39.99 -4.06 40.23
N ARG C 186 40.30 -4.14 38.96
CA ARG C 186 41.23 -3.23 38.37
C ARG C 186 40.63 -2.51 37.25
N PHE C 187 40.67 -1.20 37.30
CA PHE C 187 40.09 -0.40 36.25
C PHE C 187 41.14 0.14 35.34
N LEU C 188 40.90 0.04 34.05
CA LEU C 188 41.81 0.52 33.03
C LEU C 188 41.12 1.50 32.09
N SER C 189 41.75 2.62 31.83
CA SER C 189 41.20 3.58 30.89
C SER C 189 41.51 3.10 29.51
N ALA C 190 40.92 3.66 28.47
CA ALA C 190 41.22 3.09 27.18
C ALA C 190 42.72 3.03 26.88
N PRO C 191 43.56 4.05 27.12
CA PRO C 191 44.97 3.98 26.90
C PRO C 191 45.68 2.95 27.71
N GLU C 192 45.10 2.59 28.86
CA GLU C 192 45.70 1.61 29.75
C GLU C 192 45.40 0.22 29.22
N ALA C 193 44.22 0.09 28.62
CA ALA C 193 43.82 -1.17 28.06
C ALA C 193 44.74 -1.48 26.91
N VAL C 194 45.13 -0.44 26.16
CA VAL C 194 46.03 -0.66 25.05
C VAL C 194 47.38 -1.05 25.55
N GLU C 195 47.93 -0.31 26.52
CA GLU C 195 49.25 -0.63 27.04
C GLU C 195 49.36 -2.00 27.70
N TYR C 196 48.26 -2.40 28.36
CA TYR C 196 48.18 -3.66 29.06
C TYR C 196 48.06 -4.82 28.08
N GLY C 197 47.40 -4.57 26.95
CA GLY C 197 47.25 -5.62 25.99
C GLY C 197 45.86 -6.14 25.95
N LEU C 198 44.90 -5.44 26.51
CA LEU C 198 43.56 -5.97 26.42
C LEU C 198 43.02 -5.61 25.06
N VAL C 199 43.43 -4.48 24.53
CA VAL C 199 42.98 -4.10 23.21
C VAL C 199 44.16 -3.72 22.40
N ASP C 200 44.02 -3.68 21.10
CA ASP C 200 45.13 -3.31 20.28
C ASP C 200 45.22 -1.83 20.04
N SER C 201 44.09 -1.17 19.94
CA SER C 201 44.16 0.26 19.68
C SER C 201 42.89 1.00 20.01
N ILE C 202 42.98 2.30 19.94
CA ILE C 202 41.85 3.15 20.20
C ILE C 202 41.34 3.79 18.95
N LEU C 203 40.05 3.68 18.74
CA LEU C 203 39.44 4.30 17.59
C LEU C 203 39.16 5.69 18.05
N THR C 204 39.42 6.68 17.24
CA THR C 204 39.22 8.05 17.67
C THR C 204 38.24 8.75 16.80
N HIS C 205 38.64 9.03 15.59
CA HIS C 205 37.75 9.67 14.66
C HIS C 205 37.79 8.92 13.38
N ARG C 206 36.68 8.92 12.65
CA ARG C 206 36.60 8.23 11.37
C ARG C 206 37.71 8.66 10.43
N ALA D 15 12.40 -5.94 18.81
CA ALA D 15 13.66 -6.31 18.19
C ALA D 15 14.54 -7.08 19.14
N LEU D 16 13.94 -7.77 20.09
CA LEU D 16 14.79 -8.53 20.99
C LEU D 16 15.50 -9.59 20.21
N VAL D 17 14.82 -10.19 19.26
CA VAL D 17 15.38 -11.20 18.43
C VAL D 17 15.42 -10.64 17.03
N PRO D 18 16.57 -10.43 16.41
CA PRO D 18 16.72 -9.80 15.14
C PRO D 18 16.19 -10.65 14.05
N MET D 19 15.79 -10.00 12.99
CA MET D 19 15.30 -10.61 11.78
C MET D 19 16.42 -10.75 10.83
N VAL D 20 16.38 -11.78 10.02
CA VAL D 20 17.34 -11.96 8.98
C VAL D 20 16.64 -12.20 7.68
N ILE D 21 17.30 -11.87 6.60
CA ILE D 21 16.76 -12.04 5.27
C ILE D 21 17.53 -13.05 4.52
N GLU D 22 16.85 -13.99 3.87
CA GLU D 22 17.53 -15.02 3.10
C GLU D 22 17.00 -15.03 1.69
N GLN D 23 17.88 -15.14 0.69
CA GLN D 23 17.38 -15.14 -0.66
C GLN D 23 16.95 -16.53 -1.02
N THR D 24 15.98 -16.60 -1.91
CA THR D 24 15.50 -17.87 -2.39
C THR D 24 15.46 -17.79 -3.90
N SER D 25 14.30 -17.41 -4.38
CA SER D 25 13.98 -17.16 -5.76
C SER D 25 13.55 -15.72 -5.75
N ARG D 26 12.36 -15.49 -5.21
CA ARG D 26 11.83 -14.16 -5.00
C ARG D 26 12.61 -13.42 -3.90
N GLY D 27 13.05 -14.16 -2.87
CA GLY D 27 13.83 -13.60 -1.76
C GLY D 27 12.98 -12.96 -0.69
N GLU D 28 11.68 -13.19 -0.77
CA GLU D 28 10.74 -12.62 0.16
C GLU D 28 10.65 -13.44 1.43
N ARG D 29 11.76 -13.47 2.14
CA ARG D 29 11.85 -14.23 3.36
C ARG D 29 12.51 -13.45 4.43
N SER D 30 11.78 -13.28 5.52
CA SER D 30 12.25 -12.60 6.70
C SER D 30 11.92 -13.45 7.88
N PHE D 31 12.93 -13.97 8.55
CA PHE D 31 12.66 -14.86 9.66
C PHE D 31 13.49 -14.45 10.85
N ASP D 32 12.92 -14.60 12.04
CA ASP D 32 13.62 -14.27 13.26
C ASP D 32 14.83 -15.18 13.21
N ILE D 33 15.97 -14.74 13.73
CA ILE D 33 17.11 -15.59 13.64
C ILE D 33 16.93 -17.01 14.14
N TYR D 34 16.01 -17.24 15.06
CA TYR D 34 15.81 -18.57 15.63
C TYR D 34 15.21 -19.52 14.59
N SER D 35 14.31 -18.98 13.79
CA SER D 35 13.65 -19.71 12.74
C SER D 35 14.62 -19.92 11.62
N ARG D 36 15.46 -18.93 11.36
CA ARG D 36 16.42 -19.06 10.30
C ARG D 36 17.37 -20.19 10.57
N LEU D 37 17.81 -20.35 11.80
CA LEU D 37 18.71 -21.44 12.11
C LEU D 37 17.98 -22.77 12.18
N LEU D 38 16.70 -22.79 12.52
CA LEU D 38 15.99 -24.05 12.52
C LEU D 38 16.04 -24.61 11.12
N LYS D 39 15.94 -23.77 10.15
CA LYS D 39 16.01 -24.17 8.77
C LYS D 39 17.34 -24.86 8.42
N GLU D 40 18.38 -24.63 9.22
CA GLU D 40 19.70 -25.22 8.97
C GLU D 40 19.88 -26.45 9.83
N ARG D 41 18.77 -26.85 10.44
CA ARG D 41 18.65 -27.97 11.31
C ARG D 41 19.38 -27.77 12.61
N VAL D 42 19.32 -26.55 13.13
CA VAL D 42 19.91 -26.23 14.41
C VAL D 42 18.87 -25.84 15.44
N ILE D 43 18.86 -26.55 16.54
CA ILE D 43 17.94 -26.32 17.64
C ILE D 43 18.69 -25.91 18.87
N PHE D 44 18.26 -24.88 19.55
CA PHE D 44 18.95 -24.51 20.76
C PHE D 44 18.14 -24.88 21.97
N LEU D 45 18.77 -25.56 22.90
CA LEU D 45 18.19 -25.91 24.18
C LEU D 45 18.87 -25.14 25.26
N THR D 46 18.24 -24.09 25.77
CA THR D 46 18.93 -23.35 26.78
C THR D 46 18.08 -23.01 27.94
N GLY D 47 18.70 -22.76 29.06
CA GLY D 47 18.01 -22.34 30.26
C GLY D 47 17.43 -23.56 30.95
N GLN D 48 16.53 -23.35 31.89
CA GLN D 48 16.00 -24.47 32.64
C GLN D 48 15.19 -25.35 31.77
N VAL D 49 15.27 -26.65 31.99
CA VAL D 49 14.44 -27.57 31.24
C VAL D 49 13.12 -27.71 31.95
N GLU D 50 12.07 -27.29 31.27
CA GLU D 50 10.74 -27.36 31.85
C GLU D 50 9.80 -27.93 30.80
N ASP D 51 8.52 -27.99 31.14
CA ASP D 51 7.54 -28.52 30.20
C ASP D 51 7.22 -27.72 28.98
N HIS D 52 7.14 -26.42 29.06
CA HIS D 52 6.74 -25.71 27.86
C HIS D 52 7.87 -25.58 26.91
N MET D 53 9.04 -25.40 27.43
CA MET D 53 10.19 -25.34 26.60
C MET D 53 10.54 -26.68 26.03
N ALA D 54 10.49 -27.74 26.82
CA ALA D 54 10.82 -29.05 26.34
C ALA D 54 9.63 -29.69 25.71
N ASN D 55 8.97 -28.91 24.88
CA ASN D 55 7.78 -29.34 24.18
C ASN D 55 7.93 -28.62 22.87
N LEU D 56 8.85 -27.65 22.85
CA LEU D 56 9.08 -26.93 21.68
C LEU D 56 10.27 -27.55 21.05
N ILE D 57 11.17 -28.06 21.87
CA ILE D 57 12.34 -28.74 21.39
C ILE D 57 11.84 -29.97 20.69
N VAL D 58 10.85 -30.61 21.27
CA VAL D 58 10.29 -31.78 20.66
C VAL D 58 9.58 -31.41 19.38
N ALA D 59 8.77 -30.37 19.37
CA ALA D 59 8.12 -30.04 18.13
C ALA D 59 9.12 -29.78 17.05
N GLN D 60 10.22 -29.14 17.37
CA GLN D 60 11.21 -28.86 16.37
C GLN D 60 11.89 -30.11 15.90
N MET D 61 12.18 -31.05 16.78
CA MET D 61 12.81 -32.25 16.30
C MET D 61 11.89 -33.08 15.45
N LEU D 62 10.61 -33.14 15.77
CA LEU D 62 9.72 -33.93 14.94
C LEU D 62 9.63 -33.30 13.58
N PHE D 63 9.60 -31.97 13.57
CA PHE D 63 9.50 -31.20 12.34
C PHE D 63 10.72 -31.41 11.45
N LEU D 64 11.91 -31.44 12.04
CA LEU D 64 13.08 -31.63 11.23
C LEU D 64 13.18 -33.04 10.72
N GLU D 65 12.75 -34.01 11.51
CA GLU D 65 12.78 -35.41 11.10
C GLU D 65 11.98 -35.59 9.81
N ALA D 66 10.83 -34.94 9.73
CA ALA D 66 9.99 -35.04 8.57
C ALA D 66 10.57 -34.34 7.37
N GLU D 67 11.22 -33.20 7.60
CA GLU D 67 11.82 -32.42 6.53
C GLU D 67 12.85 -33.23 5.76
N ASN D 68 13.66 -34.00 6.48
CA ASN D 68 14.67 -34.80 5.85
C ASN D 68 15.17 -35.81 6.84
N PRO D 69 14.66 -37.01 6.87
CA PRO D 69 14.98 -38.03 7.82
C PRO D 69 16.41 -38.47 7.79
N GLU D 70 17.12 -38.12 6.73
CA GLU D 70 18.49 -38.56 6.56
C GLU D 70 19.54 -37.55 6.95
N LYS D 71 19.13 -36.44 7.56
CA LYS D 71 20.16 -35.48 7.93
C LYS D 71 20.21 -35.15 9.39
N ASP D 72 21.40 -34.94 9.86
CA ASP D 72 21.61 -34.64 11.25
C ASP D 72 20.96 -33.39 11.72
N ILE D 73 20.59 -33.43 12.97
CA ILE D 73 20.03 -32.31 13.68
C ILE D 73 21.04 -31.89 14.69
N TYR D 74 21.35 -30.59 14.75
CA TYR D 74 22.35 -30.10 15.70
C TYR D 74 21.65 -29.48 16.89
N LEU D 75 21.90 -30.01 18.07
CA LEU D 75 21.25 -29.48 19.23
C LEU D 75 22.28 -28.82 20.09
N TYR D 76 22.15 -27.51 20.28
CA TYR D 76 23.09 -26.75 21.09
C TYR D 76 22.56 -26.73 22.51
N ILE D 77 23.37 -27.17 23.46
CA ILE D 77 22.93 -27.19 24.83
C ILE D 77 23.67 -26.24 25.69
N ASN D 78 22.94 -25.41 26.39
CA ASN D 78 23.50 -24.48 27.35
C ASN D 78 22.49 -24.39 28.43
N SER D 79 22.55 -25.29 29.37
CA SER D 79 21.50 -25.42 30.33
C SER D 79 21.95 -25.92 31.66
N PRO D 80 21.53 -25.30 32.77
CA PRO D 80 21.82 -25.63 34.12
C PRO D 80 21.10 -26.84 34.65
N GLY D 81 20.14 -27.36 33.90
CA GLY D 81 19.40 -28.47 34.46
C GLY D 81 17.93 -28.23 34.31
N GLY D 82 17.12 -28.92 35.09
CA GLY D 82 15.69 -28.77 34.97
C GLY D 82 14.94 -29.97 35.48
N VAL D 83 13.71 -30.07 35.06
CA VAL D 83 12.76 -31.08 35.46
C VAL D 83 13.06 -32.36 34.74
N ILE D 84 13.18 -33.48 35.44
CA ILE D 84 13.52 -34.71 34.74
C ILE D 84 12.45 -35.07 33.78
N THR D 85 11.22 -34.98 34.20
CA THR D 85 10.15 -35.34 33.32
C THR D 85 10.20 -34.57 32.02
N ALA D 86 10.38 -33.28 32.07
CA ALA D 86 10.42 -32.53 30.84
C ALA D 86 11.58 -32.97 30.01
N GLY D 87 12.70 -33.21 30.64
CA GLY D 87 13.86 -33.64 29.92
C GLY D 87 13.64 -34.97 29.27
N MET D 88 12.86 -35.83 29.85
CA MET D 88 12.62 -37.12 29.24
C MET D 88 11.79 -37.03 27.99
N SER D 89 10.92 -36.05 27.83
CA SER D 89 10.22 -36.08 26.56
C SER D 89 11.23 -35.77 25.48
N ILE D 90 12.19 -34.89 25.79
CA ILE D 90 13.26 -34.64 24.83
C ILE D 90 14.12 -35.86 24.64
N TYR D 91 14.48 -36.49 25.74
CA TYR D 91 15.33 -37.69 25.71
C TYR D 91 14.75 -38.79 24.82
N ASP D 92 13.45 -39.04 24.96
CA ASP D 92 12.83 -40.07 24.16
C ASP D 92 12.63 -39.65 22.75
N THR D 93 12.34 -38.40 22.49
CA THR D 93 12.16 -38.02 21.12
C THR D 93 13.48 -38.20 20.41
N MET D 94 14.58 -37.82 21.02
CA MET D 94 15.84 -37.96 20.32
C MET D 94 16.14 -39.39 19.98
N GLN D 95 15.80 -40.30 20.86
CA GLN D 95 16.08 -41.68 20.59
C GLN D 95 15.13 -42.27 19.58
N PHE D 96 13.89 -41.84 19.60
CA PHE D 96 12.89 -42.36 18.70
C PHE D 96 13.10 -41.98 17.26
N ILE D 97 13.34 -40.71 16.98
CA ILE D 97 13.37 -40.28 15.60
C ILE D 97 14.54 -40.84 14.85
N LYS D 98 14.44 -40.87 13.53
CA LYS D 98 15.47 -41.43 12.68
C LYS D 98 16.83 -40.73 12.54
N PRO D 99 16.95 -39.44 12.22
CA PRO D 99 18.21 -38.81 11.98
C PRO D 99 18.96 -38.72 13.23
N ASP D 100 20.26 -38.71 13.16
CA ASP D 100 21.06 -38.54 14.34
C ASP D 100 20.91 -37.17 14.92
N VAL D 101 20.86 -37.09 16.22
CA VAL D 101 20.88 -35.80 16.84
C VAL D 101 22.24 -35.64 17.41
N SER D 102 22.93 -34.62 16.98
CA SER D 102 24.26 -34.35 17.43
C SER D 102 24.19 -33.28 18.45
N THR D 103 24.64 -33.54 19.66
CA THR D 103 24.53 -32.59 20.72
C THR D 103 25.83 -31.90 20.98
N ILE D 104 25.77 -30.58 21.06
CA ILE D 104 26.94 -29.75 21.26
C ILE D 104 26.83 -28.99 22.54
N CYS D 105 27.81 -29.12 23.41
CA CYS D 105 27.77 -28.42 24.69
C CYS D 105 28.53 -27.09 24.68
N MET D 106 27.83 -26.00 24.98
CA MET D 106 28.45 -24.70 25.01
C MET D 106 28.07 -24.08 26.31
N GLY D 107 28.92 -23.31 26.94
CA GLY D 107 28.45 -22.83 28.22
C GLY D 107 28.44 -24.03 29.13
N GLN D 108 27.28 -24.45 29.61
CA GLN D 108 27.27 -25.61 30.48
C GLN D 108 26.20 -26.58 30.15
N ALA D 109 26.43 -27.80 30.53
CA ALA D 109 25.41 -28.82 30.48
C ALA D 109 25.38 -29.43 31.83
N ALA D 110 24.48 -28.98 32.68
CA ALA D 110 24.49 -29.52 34.02
C ALA D 110 23.26 -30.30 34.29
N SER D 111 23.40 -31.33 35.08
CA SER D 111 22.27 -32.10 35.56
C SER D 111 21.52 -32.69 34.42
N MET D 112 20.24 -32.37 34.32
CA MET D 112 19.43 -32.84 33.21
C MET D 112 20.04 -32.42 31.87
N GLY D 113 20.77 -31.29 31.86
CA GLY D 113 21.38 -30.83 30.65
C GLY D 113 22.49 -31.77 30.23
N ALA D 114 23.23 -32.33 31.19
CA ALA D 114 24.32 -33.22 30.88
C ALA D 114 23.76 -34.51 30.40
N PHE D 115 22.63 -34.88 31.00
CA PHE D 115 21.93 -36.10 30.66
C PHE D 115 21.56 -36.08 29.19
N LEU D 116 21.01 -34.96 28.74
CA LEU D 116 20.65 -34.89 27.35
C LEU D 116 21.89 -34.79 26.49
N LEU D 117 22.93 -34.13 26.93
CA LEU D 117 24.13 -34.05 26.11
C LEU D 117 24.67 -35.41 25.74
N THR D 118 24.72 -36.34 26.68
CA THR D 118 25.31 -37.64 26.40
C THR D 118 24.41 -38.49 25.59
N ALA D 119 23.18 -38.08 25.42
CA ALA D 119 22.18 -38.87 24.76
C ALA D 119 22.18 -38.64 23.29
N GLY D 120 23.08 -37.81 22.80
CA GLY D 120 23.12 -37.55 21.39
C GLY D 120 23.70 -38.77 20.70
N ALA D 121 23.71 -38.76 19.40
CA ALA D 121 24.16 -39.87 18.60
C ALA D 121 25.57 -40.20 18.90
N LYS D 122 25.87 -41.47 18.98
CA LYS D 122 27.22 -41.86 19.27
C LYS D 122 28.16 -41.39 18.21
N GLY D 123 29.24 -40.74 18.62
CA GLY D 123 30.26 -40.29 17.72
C GLY D 123 30.05 -38.85 17.33
N LYS D 124 28.90 -38.31 17.68
CA LYS D 124 28.57 -36.97 17.35
C LYS D 124 28.34 -36.08 18.54
N ARG D 125 28.72 -36.54 19.72
CA ARG D 125 28.54 -35.75 20.92
C ARG D 125 29.79 -34.96 21.20
N PHE D 126 29.70 -33.64 21.31
CA PHE D 126 30.93 -32.89 21.55
C PHE D 126 30.74 -31.59 22.31
N CYS D 127 31.79 -31.16 22.99
CA CYS D 127 31.73 -29.90 23.75
C CYS D 127 32.81 -28.91 23.35
N LEU D 128 32.44 -27.64 23.32
CA LEU D 128 33.38 -26.61 22.98
C LEU D 128 34.37 -26.68 24.14
N PRO D 129 35.64 -26.34 23.99
CA PRO D 129 36.67 -26.53 24.95
C PRO D 129 36.60 -25.85 26.29
N ASN D 130 35.85 -24.77 26.47
CA ASN D 130 35.84 -24.17 27.79
C ASN D 130 34.55 -24.38 28.48
N SER D 131 33.77 -25.32 27.98
CA SER D 131 32.50 -25.62 28.56
C SER D 131 32.63 -26.49 29.80
N ARG D 132 31.51 -26.64 30.51
CA ARG D 132 31.51 -27.41 31.74
C ARG D 132 30.30 -28.32 31.80
N VAL D 133 30.54 -29.58 32.12
CA VAL D 133 29.49 -30.54 32.20
C VAL D 133 29.40 -30.99 33.63
N MET D 134 28.20 -31.00 34.21
CA MET D 134 28.09 -31.39 35.60
C MET D 134 27.04 -32.47 35.79
N ILE D 135 27.36 -33.50 36.53
CA ILE D 135 26.38 -34.55 36.74
C ILE D 135 26.09 -34.80 38.19
N HIS D 136 24.86 -35.22 38.49
CA HIS D 136 24.48 -35.50 39.87
C HIS D 136 23.11 -36.16 39.99
N GLN D 137 22.97 -37.02 40.99
CA GLN D 137 21.70 -37.72 41.22
C GLN D 137 20.55 -36.73 41.27
N PRO D 138 19.31 -37.10 40.94
CA PRO D 138 18.17 -36.23 40.90
C PRO D 138 17.74 -35.73 42.24
N LEU D 139 17.18 -34.54 42.23
CA LEU D 139 16.65 -33.88 43.39
C LEU D 139 15.16 -33.93 43.38
N GLY D 140 14.56 -33.81 44.53
CA GLY D 140 13.11 -33.75 44.62
C GLY D 140 12.71 -33.65 46.05
N GLY D 141 11.47 -33.92 46.35
CA GLY D 141 11.05 -33.82 47.73
C GLY D 141 9.57 -33.98 47.84
N TYR D 142 9.05 -34.10 49.06
CA TYR D 142 7.61 -34.26 49.21
C TYR D 142 7.16 -34.23 50.66
N GLN D 143 6.10 -33.49 50.93
CA GLN D 143 5.58 -33.40 52.28
C GLN D 143 4.22 -34.02 52.33
N GLY D 144 3.87 -34.66 53.43
CA GLY D 144 2.59 -35.33 53.53
C GLY D 144 2.62 -36.40 54.58
N GLN D 145 1.79 -37.41 54.45
CA GLN D 145 1.75 -38.41 55.50
C GLN D 145 2.88 -39.37 55.33
N ALA D 146 3.30 -40.04 56.37
CA ALA D 146 4.40 -40.99 56.21
C ALA D 146 4.11 -41.97 55.10
N THR D 147 2.89 -42.36 54.90
CA THR D 147 2.55 -43.26 53.83
C THR D 147 2.80 -42.66 52.46
N ASP D 148 2.57 -41.37 52.30
CA ASP D 148 2.72 -40.77 51.01
C ASP D 148 4.17 -40.51 50.81
N ILE D 149 4.87 -40.25 51.87
CA ILE D 149 6.27 -40.00 51.77
C ILE D 149 6.91 -41.24 51.26
N GLU D 150 6.55 -42.40 51.76
CA GLU D 150 7.15 -43.59 51.23
C GLU D 150 6.88 -43.75 49.75
N ILE D 151 5.67 -43.47 49.30
CA ILE D 151 5.41 -43.63 47.89
C ILE D 151 6.25 -42.72 47.06
N HIS D 152 6.35 -41.48 47.46
CA HIS D 152 7.13 -40.56 46.68
C HIS D 152 8.59 -40.83 46.80
N ALA D 153 9.07 -41.29 47.95
CA ALA D 153 10.46 -41.62 48.04
C ALA D 153 10.78 -42.76 47.11
N ARG D 154 9.91 -43.75 47.06
CA ARG D 154 10.13 -44.90 46.17
C ARG D 154 10.18 -44.44 44.71
N GLU D 155 9.35 -43.47 44.37
CA GLU D 155 9.25 -42.91 43.04
C GLU D 155 10.53 -42.18 42.64
N ILE D 156 11.16 -41.46 43.56
CA ILE D 156 12.37 -40.77 43.15
C ILE D 156 13.51 -41.74 43.07
N LEU D 157 13.55 -42.74 43.90
CA LEU D 157 14.62 -43.70 43.77
C LEU D 157 14.52 -44.49 42.50
N LYS D 158 13.33 -44.81 42.03
CA LYS D 158 13.24 -45.51 40.78
C LYS D 158 13.77 -44.63 39.69
N VAL D 159 13.50 -43.34 39.75
CA VAL D 159 14.03 -42.47 38.75
C VAL D 159 15.52 -42.43 38.87
N LYS D 160 16.06 -42.29 40.04
CA LYS D 160 17.50 -42.28 40.14
C LYS D 160 18.07 -43.50 39.51
N GLY D 161 17.51 -44.67 39.78
CA GLY D 161 18.03 -45.88 39.23
C GLY D 161 17.95 -45.85 37.73
N ARG D 162 16.83 -45.41 37.18
CA ARG D 162 16.65 -45.33 35.74
C ARG D 162 17.63 -44.35 35.09
N MET D 163 17.91 -43.24 35.79
CA MET D 163 18.82 -42.23 35.29
C MET D 163 20.23 -42.77 35.21
N ASN D 164 20.57 -43.62 36.18
CA ASN D 164 21.87 -44.23 36.26
C ASN D 164 22.07 -45.27 35.18
N GLU D 165 21.00 -46.01 34.85
CA GLU D 165 21.15 -47.01 33.81
C GLU D 165 21.36 -46.36 32.49
N LEU D 166 20.66 -45.28 32.23
CA LEU D 166 20.81 -44.63 30.96
C LEU D 166 22.17 -43.94 30.87
N MET D 167 22.67 -43.37 31.95
CA MET D 167 23.99 -42.79 31.87
C MET D 167 25.00 -43.87 31.57
N ALA D 168 24.90 -45.01 32.23
CA ALA D 168 25.86 -46.05 31.95
C ALA D 168 25.74 -46.51 30.52
N LEU D 169 24.54 -46.58 30.01
CA LEU D 169 24.38 -47.02 28.65
C LEU D 169 25.06 -46.11 27.66
N HIS D 170 24.86 -44.83 27.83
CA HIS D 170 25.41 -43.87 26.90
C HIS D 170 26.87 -43.54 27.11
N THR D 171 27.38 -43.68 28.32
CA THR D 171 28.78 -43.36 28.51
C THR D 171 29.71 -44.54 28.43
N GLY D 172 29.24 -45.74 28.67
CA GLY D 172 30.14 -46.86 28.62
C GLY D 172 30.75 -47.14 29.97
N GLN D 173 30.35 -46.39 30.97
CA GLN D 173 30.85 -46.59 32.30
C GLN D 173 30.06 -47.74 32.85
N SER D 174 30.60 -48.46 33.80
CA SER D 174 29.81 -49.51 34.38
C SER D 174 28.74 -48.87 35.21
N LEU D 175 27.72 -49.62 35.55
CA LEU D 175 26.68 -49.00 36.34
C LEU D 175 27.18 -48.65 37.71
N GLU D 176 28.00 -49.53 38.28
CA GLU D 176 28.55 -49.32 39.60
C GLU D 176 29.37 -48.04 39.65
N GLN D 177 30.11 -47.76 38.57
CA GLN D 177 30.91 -46.58 38.52
C GLN D 177 30.07 -45.37 38.30
N ILE D 178 29.04 -45.45 37.47
CA ILE D 178 28.31 -44.25 37.23
C ILE D 178 27.55 -43.90 38.48
N GLU D 179 27.17 -44.92 39.23
CA GLU D 179 26.42 -44.74 40.48
C GLU D 179 27.25 -44.00 41.52
N ARG D 180 28.54 -44.32 41.60
CA ARG D 180 29.39 -43.66 42.56
C ARG D 180 29.64 -42.24 42.19
N ASP D 181 29.83 -42.00 40.93
CA ASP D 181 30.17 -40.69 40.48
C ASP D 181 29.10 -39.66 40.48
N THR D 182 27.86 -40.02 40.76
CA THR D 182 26.81 -39.03 40.76
C THR D 182 26.27 -38.82 42.16
N GLU D 183 26.88 -39.41 43.17
CA GLU D 183 26.29 -39.17 44.49
C GLU D 183 26.36 -37.71 44.86
N ARG D 184 27.46 -37.07 44.49
CA ARG D 184 27.66 -35.66 44.76
C ARG D 184 28.03 -34.96 43.46
N ASP D 185 27.64 -33.70 43.32
CA ASP D 185 27.93 -32.99 42.10
C ASP D 185 29.32 -33.23 41.63
N ARG D 186 29.46 -33.65 40.38
CA ARG D 186 30.76 -33.91 39.80
C ARG D 186 30.96 -33.01 38.59
N PHE D 187 31.96 -32.15 38.62
CA PHE D 187 32.18 -31.27 37.51
C PHE D 187 33.25 -31.81 36.61
N LEU D 188 33.01 -31.75 35.33
CA LEU D 188 33.93 -32.21 34.32
C LEU D 188 34.26 -31.13 33.31
N SER D 189 35.52 -30.96 33.04
CA SER D 189 35.94 -29.98 32.05
C SER D 189 35.76 -30.60 30.69
N ALA D 190 35.83 -29.86 29.61
CA ALA D 190 35.56 -30.52 28.35
C ALA D 190 36.46 -31.75 28.12
N PRO D 191 37.78 -31.75 28.37
CA PRO D 191 38.61 -32.91 28.22
C PRO D 191 38.24 -34.06 29.11
N GLU D 192 37.61 -33.75 30.23
CA GLU D 192 37.21 -34.77 31.20
C GLU D 192 35.94 -35.44 30.73
N ALA D 193 35.08 -34.65 30.09
CA ALA D 193 33.84 -35.18 29.60
C ALA D 193 34.18 -36.17 28.51
N VAL D 194 35.22 -35.87 27.74
CA VAL D 194 35.64 -36.78 26.68
C VAL D 194 36.24 -38.04 27.24
N GLU D 195 37.14 -37.92 28.20
CA GLU D 195 37.73 -39.10 28.78
C GLU D 195 36.73 -40.00 29.45
N TYR D 196 35.79 -39.37 30.16
CA TYR D 196 34.76 -40.09 30.90
C TYR D 196 33.81 -40.78 29.94
N GLY D 197 33.52 -40.13 28.83
CA GLY D 197 32.62 -40.70 27.87
C GLY D 197 31.31 -39.98 27.78
N LEU D 198 31.19 -38.80 28.36
CA LEU D 198 29.94 -38.11 28.23
C LEU D 198 29.85 -37.61 26.83
N VAL D 199 30.99 -37.22 26.27
CA VAL D 199 31.02 -36.75 24.91
C VAL D 199 32.09 -37.48 24.18
N ASP D 200 32.08 -37.43 22.87
CA ASP D 200 33.08 -38.09 22.10
C ASP D 200 34.29 -37.24 21.82
N SER D 201 34.10 -35.96 21.69
CA SER D 201 35.22 -35.10 21.33
C SER D 201 35.02 -33.66 21.69
N ILE D 202 36.01 -32.86 21.41
CA ILE D 202 35.93 -31.45 21.61
C ILE D 202 35.99 -30.77 20.28
N LEU D 203 35.04 -29.93 19.98
CA LEU D 203 35.14 -29.15 18.78
C LEU D 203 36.06 -28.07 19.12
N THR D 204 36.96 -27.74 18.27
CA THR D 204 37.89 -26.70 18.58
C THR D 204 37.66 -25.58 17.64
N HIS D 205 38.15 -25.74 16.46
CA HIS D 205 37.90 -24.79 15.41
C HIS D 205 36.99 -25.49 14.44
N ARG D 206 36.15 -24.73 13.77
CA ARG D 206 35.34 -25.29 12.72
C ARG D 206 36.16 -26.16 11.79
N ALA E 15 9.98 -14.47 19.13
CA ALA E 15 10.53 -15.67 18.49
C ALA E 15 10.54 -16.81 19.45
N LEU E 16 9.65 -16.80 20.42
CA LEU E 16 9.63 -17.93 21.33
C LEU E 16 9.27 -19.18 20.59
N VAL E 17 8.36 -19.06 19.65
CA VAL E 17 7.93 -20.16 18.86
C VAL E 17 8.41 -19.91 17.45
N PRO E 18 9.22 -20.76 16.84
CA PRO E 18 9.79 -20.58 15.53
C PRO E 18 8.77 -20.75 14.46
N MET E 19 9.04 -20.13 13.32
CA MET E 19 8.24 -20.26 12.12
C MET E 19 8.85 -21.29 11.23
N VAL E 20 8.03 -21.99 10.49
CA VAL E 20 8.53 -22.92 9.53
C VAL E 20 7.92 -22.61 8.19
N ILE E 21 8.66 -22.85 7.13
CA ILE E 21 8.17 -22.56 5.79
C ILE E 21 7.91 -23.83 5.06
N GLU E 22 6.76 -23.92 4.40
CA GLU E 22 6.42 -25.14 3.66
C GLU E 22 6.05 -24.79 2.23
N GLN E 23 6.45 -25.63 1.29
CA GLN E 23 6.12 -25.35 -0.10
C GLN E 23 4.81 -25.96 -0.46
N THR E 24 4.13 -25.34 -1.42
CA THR E 24 2.84 -25.84 -1.89
C THR E 24 2.82 -25.89 -3.41
N SER E 25 2.27 -24.84 -3.96
CA SER E 25 2.13 -24.58 -5.37
C SER E 25 2.93 -23.32 -5.55
N ARG E 26 2.38 -22.22 -5.04
CA ARG E 26 3.08 -20.94 -5.04
C ARG E 26 4.21 -20.91 -3.97
N GLY E 27 4.03 -21.65 -2.85
CA GLY E 27 5.05 -21.72 -1.79
C GLY E 27 4.96 -20.68 -0.69
N GLU E 28 3.94 -19.86 -0.74
CA GLU E 28 3.80 -18.82 0.25
C GLU E 28 3.12 -19.26 1.53
N ARG E 29 3.82 -20.09 2.31
CA ARG E 29 3.27 -20.59 3.56
C ARG E 29 4.28 -20.50 4.71
N SER E 30 4.00 -19.62 5.67
CA SER E 30 4.87 -19.44 6.81
C SER E 30 4.01 -19.66 8.04
N PHE E 31 4.15 -20.83 8.66
CA PHE E 31 3.33 -21.14 9.83
C PHE E 31 4.06 -21.47 11.13
N ASP E 32 3.56 -20.85 12.20
CA ASP E 32 4.09 -21.05 13.52
C ASP E 32 4.25 -22.54 13.59
N ILE E 33 5.33 -23.03 14.19
CA ILE E 33 5.50 -24.46 14.21
C ILE E 33 4.35 -25.21 14.85
N TYR E 34 3.61 -24.64 15.79
CA TYR E 34 2.53 -25.43 16.34
C TYR E 34 1.38 -25.51 15.39
N SER E 35 1.23 -24.56 14.51
CA SER E 35 0.15 -24.60 13.56
C SER E 35 0.58 -25.53 12.48
N ARG E 36 1.86 -25.58 12.22
CA ARG E 36 2.34 -26.49 11.22
C ARG E 36 2.01 -27.89 11.62
N LEU E 37 2.10 -28.18 12.90
CA LEU E 37 1.76 -29.49 13.40
C LEU E 37 0.26 -29.68 13.49
N LEU E 38 -0.52 -28.66 13.78
CA LEU E 38 -1.96 -28.86 13.78
C LEU E 38 -2.40 -29.31 12.42
N LYS E 39 -1.79 -28.80 11.40
CA LYS E 39 -2.09 -29.16 10.03
C LYS E 39 -1.90 -30.65 9.77
N GLU E 40 -1.09 -31.31 10.59
CA GLU E 40 -0.79 -32.73 10.40
C GLU E 40 -1.64 -33.57 11.35
N ARG E 41 -2.61 -32.91 11.96
CA ARG E 41 -3.52 -33.57 12.89
C ARG E 41 -2.87 -33.85 14.24
N VAL E 42 -1.92 -33.01 14.63
CA VAL E 42 -1.26 -33.19 15.90
C VAL E 42 -1.55 -32.07 16.86
N ILE E 43 -2.09 -32.42 18.02
CA ILE E 43 -2.44 -31.48 19.06
C ILE E 43 -1.63 -31.74 20.29
N PHE E 44 -1.09 -30.69 20.90
CA PHE E 44 -0.28 -30.86 22.11
C PHE E 44 -0.95 -30.37 23.38
N LEU E 45 -1.06 -31.25 24.37
CA LEU E 45 -1.64 -30.91 25.63
C LEU E 45 -0.56 -30.87 26.62
N THR E 46 -0.13 -29.70 27.04
CA THR E 46 0.95 -29.70 27.99
C THR E 46 0.68 -28.77 29.12
N GLY E 47 1.30 -29.04 30.23
CA GLY E 47 1.19 -28.16 31.38
C GLY E 47 -0.10 -28.46 32.10
N GLN E 48 -0.57 -27.55 32.93
CA GLN E 48 -1.76 -27.81 33.71
C GLN E 48 -2.98 -27.83 32.87
N VAL E 49 -3.92 -28.68 33.21
CA VAL E 49 -5.18 -28.67 32.52
C VAL E 49 -6.04 -27.62 33.18
N GLU E 50 -6.46 -26.63 32.41
CA GLU E 50 -7.27 -25.56 32.93
C GLU E 50 -8.36 -25.26 31.92
N ASP E 51 -9.16 -24.24 32.17
CA ASP E 51 -10.22 -23.92 31.22
C ASP E 51 -9.79 -23.30 29.93
N HIS E 52 -8.81 -22.44 29.92
CA HIS E 52 -8.51 -21.83 28.65
C HIS E 52 -7.75 -22.78 27.79
N MET E 53 -6.85 -23.53 28.37
CA MET E 53 -6.15 -24.53 27.62
C MET E 53 -7.14 -25.53 27.07
N ALA E 54 -8.00 -26.05 27.93
CA ALA E 54 -8.92 -27.06 27.50
C ALA E 54 -9.79 -26.57 26.43
N ASN E 55 -10.22 -25.31 26.56
CA ASN E 55 -11.07 -24.67 25.58
C ASN E 55 -10.41 -24.61 24.22
N LEU E 56 -9.08 -24.47 24.20
CA LEU E 56 -8.39 -24.40 22.96
C LEU E 56 -8.23 -25.79 22.38
N ILE E 57 -7.95 -26.79 23.21
CA ILE E 57 -7.85 -28.13 22.67
C ILE E 57 -9.15 -28.58 22.10
N VAL E 58 -10.25 -28.31 22.76
CA VAL E 58 -11.50 -28.71 22.19
C VAL E 58 -11.70 -28.05 20.87
N ALA E 59 -11.42 -26.76 20.77
CA ALA E 59 -11.61 -26.10 19.51
C ALA E 59 -10.76 -26.74 18.43
N GLN E 60 -9.54 -27.12 18.75
CA GLN E 60 -8.70 -27.73 17.74
C GLN E 60 -9.22 -29.07 17.33
N MET E 61 -9.74 -29.86 18.25
CA MET E 61 -10.25 -31.14 17.84
C MET E 61 -11.47 -31.01 16.98
N LEU E 62 -12.35 -30.07 17.26
CA LEU E 62 -13.52 -29.94 16.44
C LEU E 62 -13.12 -29.53 15.06
N PHE E 63 -12.11 -28.66 15.00
CA PHE E 63 -11.58 -28.17 13.75
C PHE E 63 -11.01 -29.31 12.90
N LEU E 64 -10.29 -30.23 13.54
CA LEU E 64 -9.74 -31.33 12.80
C LEU E 64 -10.78 -32.32 12.40
N GLU E 65 -11.80 -32.50 13.24
CA GLU E 65 -12.88 -33.44 12.95
C GLU E 65 -13.57 -33.03 11.66
N ALA E 66 -13.79 -31.73 11.50
CA ALA E 66 -14.44 -31.22 10.33
C ALA E 66 -13.54 -31.29 9.12
N GLU E 67 -12.27 -31.03 9.31
CA GLU E 67 -11.36 -31.05 8.19
C GLU E 67 -11.39 -32.37 7.47
N ASN E 68 -11.36 -33.45 8.23
CA ASN E 68 -11.39 -34.78 7.67
C ASN E 68 -11.85 -35.76 8.72
N PRO E 69 -13.11 -36.11 8.78
CA PRO E 69 -13.72 -36.95 9.76
C PRO E 69 -13.18 -38.35 9.82
N GLU E 70 -12.38 -38.73 8.83
CA GLU E 70 -11.80 -40.06 8.76
C GLU E 70 -10.28 -40.03 8.74
N LYS E 71 -9.69 -39.39 9.73
CA LYS E 71 -8.24 -39.27 9.85
C LYS E 71 -7.89 -39.06 11.32
N ASP E 72 -7.21 -40.04 11.91
CA ASP E 72 -6.85 -39.93 13.31
C ASP E 72 -6.30 -38.61 13.70
N ILE E 73 -6.53 -38.25 14.94
CA ILE E 73 -6.00 -37.07 15.57
C ILE E 73 -5.03 -37.51 16.60
N TYR E 74 -3.83 -36.94 16.61
CA TYR E 74 -2.82 -37.36 17.57
C TYR E 74 -2.73 -36.35 18.70
N LEU E 75 -2.92 -36.82 19.93
CA LEU E 75 -2.84 -35.91 21.05
C LEU E 75 -1.63 -36.25 21.85
N TYR E 76 -0.70 -35.30 21.92
CA TYR E 76 0.54 -35.47 22.65
C TYR E 76 0.32 -34.95 24.05
N ILE E 77 0.52 -35.81 25.04
CA ILE E 77 0.30 -35.40 26.39
C ILE E 77 1.54 -35.34 27.21
N ASN E 78 1.78 -34.21 27.83
CA ASN E 78 2.88 -34.01 28.73
C ASN E 78 2.34 -33.12 29.80
N SER E 79 1.74 -33.69 30.80
CA SER E 79 1.01 -32.89 31.75
C SER E 79 0.92 -33.46 33.13
N PRO E 80 1.16 -32.65 34.17
CA PRO E 80 1.10 -32.98 35.56
C PRO E 80 -0.29 -33.12 36.11
N GLY E 81 -1.30 -32.77 35.35
CA GLY E 81 -2.63 -32.83 35.92
C GLY E 81 -3.34 -31.54 35.74
N GLY E 82 -4.35 -31.29 36.54
CA GLY E 82 -5.11 -30.06 36.40
C GLY E 82 -6.52 -30.21 36.90
N VAL E 83 -7.36 -29.32 36.46
CA VAL E 83 -8.74 -29.22 36.89
C VAL E 83 -9.57 -30.28 36.22
N ILE E 84 -10.30 -31.07 36.98
CA ILE E 84 -11.09 -32.11 36.36
C ILE E 84 -12.15 -31.55 35.49
N THR E 85 -12.85 -30.57 35.97
CA THR E 85 -13.87 -30.03 35.13
C THR E 85 -13.35 -29.61 33.79
N ALA E 86 -12.24 -28.91 33.74
CA ALA E 86 -11.74 -28.50 32.45
C ALA E 86 -11.37 -29.68 31.63
N GLY E 87 -10.75 -30.65 32.24
CA GLY E 87 -10.32 -31.84 31.54
C GLY E 87 -11.47 -32.64 30.99
N MET E 88 -12.61 -32.62 31.64
CA MET E 88 -13.73 -33.39 31.15
C MET E 88 -14.30 -32.83 29.87
N SER E 89 -13.99 -31.60 29.52
CA SER E 89 -14.50 -31.10 28.27
C SER E 89 -13.65 -31.63 27.14
N ILE E 90 -12.44 -32.09 27.46
CA ILE E 90 -11.57 -32.62 26.46
C ILE E 90 -12.02 -34.02 26.34
N TYR E 91 -12.23 -34.66 27.49
CA TYR E 91 -12.68 -36.04 27.57
C TYR E 91 -13.95 -36.26 26.76
N ASP E 92 -14.95 -35.41 26.97
CA ASP E 92 -16.16 -35.58 26.23
C ASP E 92 -16.02 -35.27 24.79
N THR E 93 -15.23 -34.28 24.42
CA THR E 93 -15.09 -34.02 23.02
C THR E 93 -14.43 -35.20 22.37
N MET E 94 -13.41 -35.78 22.99
CA MET E 94 -12.76 -36.90 22.35
C MET E 94 -13.70 -38.04 22.11
N GLN E 95 -14.67 -38.26 22.97
CA GLN E 95 -15.53 -39.40 22.74
C GLN E 95 -16.60 -39.06 21.72
N PHE E 96 -17.01 -37.81 21.70
CA PHE E 96 -18.04 -37.36 20.80
C PHE E 96 -17.65 -37.39 19.35
N ILE E 97 -16.50 -36.85 19.06
CA ILE E 97 -16.09 -36.68 17.67
C ILE E 97 -15.85 -37.99 17.00
N LYS E 98 -16.15 -38.04 15.71
CA LYS E 98 -16.01 -39.25 14.94
C LYS E 98 -14.63 -39.90 14.79
N PRO E 99 -13.54 -39.23 14.40
CA PRO E 99 -12.25 -39.84 14.21
C PRO E 99 -11.65 -40.26 15.50
N ASP E 100 -10.85 -41.29 15.48
CA ASP E 100 -10.15 -41.70 16.67
C ASP E 100 -9.15 -40.71 17.15
N VAL E 101 -9.04 -40.58 18.46
CA VAL E 101 -7.99 -39.77 19.00
C VAL E 101 -6.98 -40.68 19.59
N SER E 102 -5.78 -40.60 19.11
CA SER E 102 -4.71 -41.44 19.58
C SER E 102 -3.85 -40.65 20.51
N THR E 103 -3.75 -41.07 21.74
CA THR E 103 -3.03 -40.32 22.72
C THR E 103 -1.66 -40.89 22.97
N ILE E 104 -0.68 -40.01 23.00
CA ILE E 104 0.69 -40.41 23.22
C ILE E 104 1.23 -39.75 24.45
N CYS E 105 1.75 -40.53 25.39
CA CYS E 105 2.28 -39.97 26.62
C CYS E 105 3.78 -39.78 26.58
N MET E 106 4.23 -38.54 26.74
CA MET E 106 5.64 -38.26 26.71
C MET E 106 5.97 -37.48 27.95
N GLY E 107 7.07 -37.75 28.58
CA GLY E 107 7.32 -36.99 29.78
C GLY E 107 6.44 -37.59 30.86
N GLN E 108 5.24 -37.07 30.99
CA GLN E 108 4.34 -37.61 31.98
C GLN E 108 2.91 -37.40 31.68
N ALA E 109 2.11 -38.20 32.30
CA ALA E 109 0.69 -38.02 32.30
C ALA E 109 0.23 -38.26 33.68
N ALA E 110 0.10 -37.23 34.48
CA ALA E 110 -0.27 -37.47 35.85
C ALA E 110 -1.65 -36.98 36.11
N SER E 111 -2.36 -37.65 36.97
CA SER E 111 -3.65 -37.22 37.42
C SER E 111 -4.60 -37.08 36.29
N MET E 112 -5.10 -35.89 36.07
CA MET E 112 -6.01 -35.72 34.96
C MET E 112 -5.31 -36.00 33.66
N GLY E 113 -4.01 -35.82 33.59
CA GLY E 113 -3.33 -36.11 32.36
C GLY E 113 -3.43 -37.59 32.08
N ALA E 114 -3.29 -38.42 33.10
CA ALA E 114 -3.37 -39.86 32.92
C ALA E 114 -4.73 -40.24 32.52
N PHE E 115 -5.71 -39.54 33.09
CA PHE E 115 -7.11 -39.78 32.80
C PHE E 115 -7.39 -39.59 31.32
N LEU E 116 -6.88 -38.50 30.76
CA LEU E 116 -7.10 -38.28 29.36
C LEU E 116 -6.28 -39.24 28.55
N LEU E 117 -5.09 -39.61 28.99
CA LEU E 117 -4.31 -40.56 28.21
C LEU E 117 -5.03 -41.85 27.97
N THR E 118 -5.69 -42.39 28.99
CA THR E 118 -6.34 -43.67 28.83
C THR E 118 -7.62 -43.56 28.05
N ALA E 119 -8.06 -42.36 27.74
CA ALA E 119 -9.33 -42.13 27.14
C ALA E 119 -9.21 -42.14 25.64
N GLY E 120 -8.01 -42.35 25.15
CA GLY E 120 -7.82 -42.35 23.73
C GLY E 120 -8.41 -43.61 23.12
N ALA E 121 -8.40 -43.69 21.82
CA ALA E 121 -8.98 -44.80 21.11
C ALA E 121 -8.32 -46.08 21.47
N LYS E 122 -9.08 -47.12 21.63
CA LYS E 122 -8.53 -48.40 21.99
C LYS E 122 -7.57 -48.89 20.96
N GLY E 123 -6.38 -49.29 21.38
CA GLY E 123 -5.39 -49.83 20.48
C GLY E 123 -4.45 -48.76 20.02
N LYS E 124 -4.79 -47.53 20.30
CA LYS E 124 -3.99 -46.42 19.88
C LYS E 124 -3.41 -45.61 21.00
N ARG E 125 -3.45 -46.14 22.22
CA ARG E 125 -2.93 -45.39 23.36
C ARG E 125 -1.53 -45.87 23.65
N PHE E 126 -0.55 -44.96 23.69
CA PHE E 126 0.81 -45.42 23.94
C PHE E 126 1.73 -44.40 24.59
N CYS E 127 2.76 -44.90 25.27
CA CYS E 127 3.73 -44.03 25.93
C CYS E 127 5.18 -44.33 25.54
N LEU E 128 5.95 -43.27 25.37
CA LEU E 128 7.35 -43.37 25.03
C LEU E 128 7.99 -44.16 26.16
N PRO E 129 9.11 -44.84 26.00
CA PRO E 129 9.72 -45.68 26.98
C PRO E 129 10.01 -45.10 28.34
N ASN E 130 10.26 -43.81 28.47
CA ASN E 130 10.56 -43.31 29.79
C ASN E 130 9.49 -42.45 30.38
N SER E 131 8.30 -42.51 29.86
CA SER E 131 7.24 -41.71 30.43
C SER E 131 6.80 -42.25 31.74
N ARG E 132 6.28 -41.38 32.58
CA ARG E 132 5.63 -41.81 33.81
C ARG E 132 4.20 -41.45 33.80
N VAL E 133 3.40 -42.34 34.30
CA VAL E 133 2.00 -42.10 34.37
C VAL E 133 1.60 -42.19 35.80
N MET E 134 0.82 -41.24 36.30
CA MET E 134 0.47 -41.29 37.71
C MET E 134 -1.02 -41.12 37.91
N ILE E 135 -1.61 -41.97 38.73
CA ILE E 135 -3.04 -41.83 38.95
C ILE E 135 -3.39 -41.65 40.41
N HIS E 136 -4.47 -40.93 40.68
CA HIS E 136 -4.87 -40.70 42.07
C HIS E 136 -6.25 -40.07 42.18
N GLN E 137 -6.95 -40.40 43.26
CA GLN E 137 -8.28 -39.85 43.48
C GLN E 137 -8.30 -38.32 43.47
N PRO E 138 -9.41 -37.66 43.12
CA PRO E 138 -9.56 -36.22 43.04
C PRO E 138 -9.27 -35.49 44.30
N LEU E 139 -8.71 -34.32 44.16
CA LEU E 139 -8.42 -33.43 45.27
C LEU E 139 -9.39 -32.29 45.23
N GLY E 140 -9.63 -31.68 46.36
CA GLY E 140 -10.50 -30.52 46.37
C GLY E 140 -10.65 -30.04 47.78
N GLY E 141 -11.64 -29.21 48.04
CA GLY E 141 -11.82 -28.72 49.38
C GLY E 141 -12.87 -27.65 49.44
N TYR E 142 -13.27 -27.27 50.65
CA TYR E 142 -14.28 -26.24 50.80
C TYR E 142 -14.53 -25.78 52.22
N GLN E 143 -14.57 -24.45 52.40
CA GLN E 143 -14.82 -23.81 53.68
C GLN E 143 -16.20 -23.23 53.69
N GLY E 144 -16.90 -23.34 54.81
CA GLY E 144 -18.26 -22.81 54.86
C GLY E 144 -19.04 -23.41 56.00
N GLN E 145 -20.36 -23.40 55.91
CA GLN E 145 -21.15 -23.91 57.01
C GLN E 145 -21.22 -25.39 56.90
N ALA E 146 -21.48 -26.09 57.97
CA ALA E 146 -21.57 -27.54 57.85
C ALA E 146 -22.55 -27.96 56.79
N THR E 147 -23.65 -27.25 56.60
CA THR E 147 -24.57 -27.60 55.53
C THR E 147 -23.91 -27.50 54.16
N ASP E 148 -23.02 -26.54 53.95
CA ASP E 148 -22.44 -26.36 52.65
C ASP E 148 -21.32 -27.33 52.49
N ILE E 149 -20.68 -27.67 53.56
CA ILE E 149 -19.60 -28.60 53.51
C ILE E 149 -20.15 -29.90 53.05
N GLU E 150 -21.31 -30.26 53.60
CA GLU E 150 -21.98 -31.50 53.23
C GLU E 150 -22.34 -31.53 51.74
N ILE E 151 -22.78 -30.41 51.19
CA ILE E 151 -23.12 -30.40 49.80
C ILE E 151 -21.91 -30.59 48.94
N HIS E 152 -20.86 -29.87 49.27
CA HIS E 152 -19.66 -29.96 48.49
C HIS E 152 -18.95 -31.27 48.68
N ALA E 153 -19.00 -31.84 49.86
CA ALA E 153 -18.36 -33.11 50.05
C ALA E 153 -19.07 -34.15 49.23
N ARG E 154 -20.39 -34.11 49.15
CA ARG E 154 -21.03 -35.13 48.36
C ARG E 154 -20.66 -34.98 46.91
N GLU E 155 -20.56 -33.73 46.48
CA GLU E 155 -20.22 -33.39 45.11
C GLU E 155 -18.87 -33.94 44.70
N ILE E 156 -17.87 -33.89 45.59
CA ILE E 156 -16.58 -34.41 45.19
C ILE E 156 -16.59 -35.90 45.21
N LEU E 157 -17.33 -36.51 46.11
CA LEU E 157 -17.38 -37.94 46.08
C LEU E 157 -18.08 -38.45 44.86
N LYS E 158 -19.09 -37.76 44.37
CA LYS E 158 -19.69 -38.24 43.15
C LYS E 158 -18.70 -38.16 42.03
N VAL E 159 -17.90 -37.11 42.00
CA VAL E 159 -16.93 -37.02 40.95
C VAL E 159 -15.95 -38.14 41.08
N LYS E 160 -15.47 -38.41 42.27
CA LYS E 160 -14.57 -39.51 42.40
C LYS E 160 -15.17 -40.77 41.88
N GLY E 161 -16.40 -41.04 42.22
CA GLY E 161 -17.02 -42.26 41.75
C GLY E 161 -17.08 -42.29 40.24
N ARG E 162 -17.47 -41.16 39.65
CA ARG E 162 -17.56 -41.04 38.21
C ARG E 162 -16.21 -41.24 37.51
N MET E 163 -15.13 -40.75 38.11
CA MET E 163 -13.83 -40.90 37.50
C MET E 163 -13.41 -42.33 37.59
N ASN E 164 -13.76 -42.98 38.70
CA ASN E 164 -13.42 -44.38 38.91
C ASN E 164 -14.10 -45.28 37.88
N GLU E 165 -15.34 -44.94 37.50
CA GLU E 165 -16.03 -45.74 36.53
C GLU E 165 -15.40 -45.60 35.18
N LEU E 166 -15.00 -44.39 34.83
CA LEU E 166 -14.43 -44.18 33.54
C LEU E 166 -13.05 -44.82 33.48
N MET E 167 -12.27 -44.77 34.54
CA MET E 167 -11.00 -45.46 34.46
C MET E 167 -11.22 -46.93 34.25
N ALA E 168 -12.16 -47.51 34.96
CA ALA E 168 -12.38 -48.92 34.79
C ALA E 168 -12.87 -49.22 33.40
N LEU E 169 -13.70 -48.38 32.85
CA LEU E 169 -14.19 -48.63 31.53
C LEU E 169 -13.10 -48.66 30.51
N HIS E 170 -12.21 -47.69 30.57
CA HIS E 170 -11.17 -47.61 29.61
C HIS E 170 -10.02 -48.54 29.81
N THR E 171 -9.68 -48.86 31.05
CA THR E 171 -8.52 -49.72 31.26
C THR E 171 -8.86 -51.18 31.30
N GLY E 172 -10.07 -51.55 31.61
CA GLY E 172 -10.41 -52.95 31.67
C GLY E 172 -10.21 -53.52 33.06
N GLN E 173 -9.84 -52.67 33.99
CA GLN E 173 -9.66 -53.10 35.35
C GLN E 173 -11.03 -53.17 35.96
N SER E 174 -11.22 -53.98 36.97
CA SER E 174 -12.51 -54.00 37.60
C SER E 174 -12.67 -52.72 38.34
N LEU E 175 -13.88 -52.36 38.69
CA LEU E 175 -14.05 -51.13 39.41
C LEU E 175 -13.44 -51.22 40.77
N GLU E 176 -13.55 -52.34 41.42
CA GLU E 176 -13.01 -52.42 42.74
C GLU E 176 -11.52 -52.29 42.71
N GLN E 177 -10.90 -52.87 41.71
CA GLN E 177 -9.47 -52.75 41.61
C GLN E 177 -9.07 -51.35 41.30
N ILE E 178 -9.81 -50.67 40.44
CA ILE E 178 -9.35 -49.35 40.11
C ILE E 178 -9.53 -48.46 41.31
N GLU E 179 -10.56 -48.70 42.12
CA GLU E 179 -10.73 -47.88 43.29
C GLU E 179 -9.61 -48.08 44.26
N ARG E 180 -9.18 -49.30 44.48
CA ARG E 180 -8.10 -49.48 45.42
C ARG E 180 -6.83 -48.82 44.97
N ASP E 181 -6.57 -48.88 43.70
CA ASP E 181 -5.34 -48.35 43.20
C ASP E 181 -5.19 -46.87 43.14
N THR E 182 -6.25 -46.10 43.37
CA THR E 182 -6.13 -44.67 43.28
C THR E 182 -6.26 -44.06 44.65
N GLU E 183 -6.33 -44.90 45.67
CA GLU E 183 -6.46 -44.40 47.04
C GLU E 183 -5.29 -43.45 47.38
N ARG E 184 -4.12 -43.81 46.90
CA ARG E 184 -2.90 -43.06 47.10
C ARG E 184 -2.25 -42.90 45.77
N ASP E 185 -1.42 -41.90 45.60
CA ASP E 185 -0.74 -41.72 44.34
C ASP E 185 -0.07 -42.97 43.91
N ARG E 186 -0.34 -43.40 42.67
CA ARG E 186 0.26 -44.61 42.14
C ARG E 186 1.05 -44.30 40.88
N PHE E 187 2.36 -44.54 40.90
CA PHE E 187 3.16 -44.25 39.75
C PHE E 187 3.36 -45.50 38.94
N LEU E 188 3.28 -45.37 37.64
CA LEU E 188 3.50 -46.48 36.76
C LEU E 188 4.54 -46.13 35.71
N SER E 189 5.45 -47.03 35.44
CA SER E 189 6.45 -46.81 34.42
C SER E 189 5.83 -47.13 33.09
N ALA E 190 6.46 -46.78 31.99
CA ALA E 190 5.81 -47.09 30.74
C ALA E 190 5.37 -48.56 30.61
N PRO E 191 6.17 -49.61 30.89
CA PRO E 191 5.71 -50.97 30.80
C PRO E 191 4.66 -51.34 31.80
N GLU E 192 4.57 -50.60 32.89
CA GLU E 192 3.60 -50.88 33.95
C GLU E 192 2.26 -50.37 33.50
N ALA E 193 2.28 -49.27 32.76
CA ALA E 193 1.09 -48.67 32.25
C ALA E 193 0.50 -49.59 31.23
N VAL E 194 1.37 -50.28 30.47
CA VAL E 194 0.90 -51.22 29.48
C VAL E 194 0.26 -52.41 30.13
N GLU E 195 0.89 -52.97 31.15
CA GLU E 195 0.31 -54.12 31.81
C GLU E 195 -0.98 -53.80 32.50
N TYR E 196 -1.03 -52.61 33.11
CA TYR E 196 -2.20 -52.17 33.84
C TYR E 196 -3.35 -51.92 32.89
N GLY E 197 -3.02 -51.44 31.70
CA GLY E 197 -4.01 -51.17 30.71
C GLY E 197 -4.23 -49.71 30.50
N LEU E 198 -3.40 -48.85 31.07
CA LEU E 198 -3.58 -47.44 30.88
C LEU E 198 -3.27 -47.15 29.45
N VAL E 199 -2.30 -47.85 28.91
CA VAL E 199 -1.97 -47.69 27.51
C VAL E 199 -1.88 -49.03 26.85
N ASP E 200 -1.91 -49.08 25.55
CA ASP E 200 -1.80 -50.31 24.82
C ASP E 200 -0.38 -50.72 24.51
N SER E 201 0.49 -49.76 24.30
CA SER E 201 1.84 -50.12 23.90
C SER E 201 2.87 -49.07 24.18
N ILE E 202 4.10 -49.37 23.85
CA ILE E 202 5.21 -48.46 23.99
C ILE E 202 5.85 -48.22 22.66
N LEU E 203 6.08 -46.98 22.31
CA LEU E 203 6.75 -46.70 21.06
C LEU E 203 8.21 -46.79 21.37
N THR E 204 9.01 -47.25 20.46
CA THR E 204 10.44 -47.38 20.74
C THR E 204 11.28 -46.59 19.80
N HIS E 205 11.42 -47.08 18.59
CA HIS E 205 12.18 -46.37 17.58
C HIS E 205 11.43 -46.36 16.30
N ARG E 206 11.69 -45.34 15.52
CA ARG E 206 11.12 -45.22 14.21
C ARG E 206 11.28 -46.50 13.42
N ALA F 15 2.36 -19.54 19.11
CA ALA F 15 1.08 -20.20 19.07
C ALA F 15 0.38 -20.19 20.37
N LEU F 16 -0.04 -19.02 20.81
CA LEU F 16 -0.90 -19.11 21.95
C LEU F 16 -2.16 -19.74 21.40
N VAL F 17 -2.56 -19.27 20.21
CA VAL F 17 -3.72 -19.74 19.50
C VAL F 17 -3.25 -20.12 18.09
N PRO F 18 -3.43 -21.36 17.60
CA PRO F 18 -3.05 -21.86 16.31
C PRO F 18 -3.73 -21.19 15.17
N MET F 19 -3.08 -21.16 14.03
CA MET F 19 -3.67 -20.65 12.83
C MET F 19 -4.14 -21.78 11.96
N VAL F 20 -5.20 -21.57 11.25
CA VAL F 20 -5.69 -22.51 10.28
C VAL F 20 -5.90 -21.80 8.98
N ILE F 21 -5.96 -22.52 7.88
CA ILE F 21 -6.17 -21.89 6.59
C ILE F 21 -7.33 -22.51 5.89
N GLU F 22 -8.12 -21.77 5.11
CA GLU F 22 -9.28 -22.42 4.50
C GLU F 22 -9.42 -22.35 3.00
N GLN F 23 -9.80 -23.47 2.39
CA GLN F 23 -10.00 -23.49 0.97
C GLN F 23 -11.38 -23.01 0.65
N THR F 24 -11.49 -21.88 -0.04
CA THR F 24 -12.80 -21.36 -0.36
C THR F 24 -12.92 -21.06 -1.84
N SER F 25 -12.46 -19.89 -2.23
CA SER F 25 -12.51 -19.47 -3.61
C SER F 25 -11.25 -18.72 -3.93
N ARG F 26 -11.20 -17.48 -3.49
CA ARG F 26 -10.10 -16.58 -3.77
C ARG F 26 -8.77 -16.99 -3.13
N GLY F 27 -8.79 -17.57 -1.95
CA GLY F 27 -7.54 -17.93 -1.31
C GLY F 27 -7.74 -18.38 0.11
N GLU F 28 -6.69 -18.94 0.70
CA GLU F 28 -6.74 -19.48 2.06
C GLU F 28 -6.79 -18.50 3.23
N ARG F 29 -6.23 -17.31 3.09
CA ARG F 29 -6.24 -16.40 4.21
C ARG F 29 -5.81 -17.20 5.42
N SER F 30 -6.11 -16.74 6.60
CA SER F 30 -5.88 -17.58 7.73
C SER F 30 -6.74 -17.09 8.83
N PHE F 31 -7.04 -18.01 9.74
CA PHE F 31 -7.89 -17.74 10.88
C PHE F 31 -7.24 -18.36 12.11
N ASP F 32 -7.41 -17.69 13.24
CA ASP F 32 -6.85 -18.14 14.47
C ASP F 32 -7.73 -19.03 15.30
N ILE F 33 -8.41 -19.98 14.69
CA ILE F 33 -9.32 -20.91 15.39
C ILE F 33 -10.55 -20.25 15.92
N TYR F 34 -10.44 -19.27 16.75
CA TYR F 34 -11.62 -18.69 17.26
C TYR F 34 -12.27 -17.86 16.19
N SER F 35 -11.50 -17.24 15.30
CA SER F 35 -12.16 -16.49 14.26
C SER F 35 -12.72 -17.50 13.29
N ARG F 36 -12.02 -18.62 13.16
CA ARG F 36 -12.42 -19.68 12.25
C ARG F 36 -13.77 -20.26 12.66
N LEU F 37 -13.97 -20.40 13.96
CA LEU F 37 -15.20 -20.93 14.47
C LEU F 37 -16.27 -19.87 14.53
N LEU F 38 -15.91 -18.60 14.68
CA LEU F 38 -16.94 -17.59 14.65
C LEU F 38 -17.62 -17.65 13.29
N LYS F 39 -16.88 -17.93 12.24
CA LYS F 39 -17.49 -18.06 10.93
C LYS F 39 -18.52 -19.17 10.84
N GLU F 40 -18.46 -20.14 11.75
CA GLU F 40 -19.38 -21.28 11.73
C GLU F 40 -20.50 -21.04 12.72
N ARG F 41 -20.54 -19.82 13.20
CA ARG F 41 -21.51 -19.36 14.14
C ARG F 41 -21.35 -20.01 15.48
N VAL F 42 -20.10 -20.24 15.91
CA VAL F 42 -19.82 -20.80 17.21
C VAL F 42 -19.09 -19.82 18.08
N ILE F 43 -19.64 -19.52 19.22
CA ILE F 43 -19.08 -18.58 20.17
C ILE F 43 -18.73 -19.29 21.44
N PHE F 44 -17.55 -19.04 21.99
CA PHE F 44 -17.14 -19.73 23.22
C PHE F 44 -17.17 -18.83 24.46
N LEU F 45 -17.90 -19.27 25.49
CA LEU F 45 -17.97 -18.51 26.71
C LEU F 45 -17.24 -19.26 27.75
N THR F 46 -16.08 -18.80 28.15
CA THR F 46 -15.36 -19.55 29.15
C THR F 46 -14.83 -18.70 30.23
N GLY F 47 -14.62 -19.29 31.38
CA GLY F 47 -14.00 -18.58 32.47
C GLY F 47 -15.02 -17.69 33.14
N GLN F 48 -14.57 -16.74 33.93
CA GLN F 48 -15.51 -15.92 34.66
C GLN F 48 -16.24 -15.01 33.75
N VAL F 49 -17.51 -14.78 34.01
CA VAL F 49 -18.26 -13.80 33.25
C VAL F 49 -18.02 -12.45 33.85
N GLU F 50 -17.51 -11.53 33.04
CA GLU F 50 -17.21 -10.19 33.51
C GLU F 50 -17.61 -9.22 32.43
N ASP F 51 -17.38 -7.93 32.65
CA ASP F 51 -17.74 -6.97 31.63
C ASP F 51 -17.05 -7.07 30.31
N HIS F 52 -15.77 -7.34 30.29
CA HIS F 52 -15.13 -7.28 28.99
C HIS F 52 -15.41 -8.50 28.18
N MET F 53 -15.40 -9.63 28.80
CA MET F 53 -15.72 -10.82 28.08
C MET F 53 -17.16 -10.84 27.68
N ALA F 54 -18.06 -10.38 28.54
CA ALA F 54 -19.44 -10.40 28.17
C ALA F 54 -19.67 -9.48 27.02
N ASN F 55 -19.01 -8.34 27.06
CA ASN F 55 -19.12 -7.34 26.01
C ASN F 55 -18.67 -7.91 24.66
N LEU F 56 -17.67 -8.77 24.69
CA LEU F 56 -17.20 -9.36 23.47
C LEU F 56 -18.19 -10.37 22.95
N ILE F 57 -18.79 -11.16 23.82
CA ILE F 57 -19.78 -12.10 23.35
C ILE F 57 -20.95 -11.38 22.76
N VAL F 58 -21.42 -10.33 23.39
CA VAL F 58 -22.51 -9.62 22.80
C VAL F 58 -22.15 -9.13 21.44
N ALA F 59 -20.95 -8.58 21.26
CA ALA F 59 -20.59 -8.12 19.94
C ALA F 59 -20.62 -9.26 18.94
N GLN F 60 -20.18 -10.44 19.33
CA GLN F 60 -20.20 -11.55 18.41
C GLN F 60 -21.59 -11.98 18.07
N MET F 61 -22.50 -11.98 19.02
CA MET F 61 -23.84 -12.38 18.67
C MET F 61 -24.50 -11.38 17.77
N LEU F 62 -24.27 -10.08 17.98
CA LEU F 62 -24.91 -9.12 17.12
C LEU F 62 -24.40 -9.27 15.73
N PHE F 63 -23.09 -9.53 15.63
CA PHE F 63 -22.43 -9.74 14.35
C PHE F 63 -23.00 -10.93 13.61
N LEU F 64 -23.25 -12.03 14.31
CA LEU F 64 -23.78 -13.18 13.64
C LEU F 64 -25.21 -13.02 13.26
N GLU F 65 -25.98 -12.32 14.10
CA GLU F 65 -27.39 -12.08 13.81
C GLU F 65 -27.53 -11.35 12.48
N ALA F 66 -26.63 -10.40 12.24
CA ALA F 66 -26.65 -9.65 11.02
C ALA F 66 -26.21 -10.45 9.83
N GLU F 67 -25.20 -11.30 10.00
CA GLU F 67 -24.75 -12.08 8.85
C GLU F 67 -25.82 -12.97 8.31
N ASN F 68 -26.59 -13.58 9.17
CA ASN F 68 -27.66 -14.42 8.70
C ASN F 68 -28.68 -14.61 9.78
N PRO F 69 -29.73 -13.83 9.84
CA PRO F 69 -30.74 -13.82 10.85
C PRO F 69 -31.48 -15.11 10.99
N GLU F 70 -31.39 -15.97 9.99
CA GLU F 70 -32.14 -17.21 9.99
C GLU F 70 -31.35 -18.44 10.43
N LYS F 71 -30.13 -18.25 10.91
CA LYS F 71 -29.39 -19.41 11.34
C LYS F 71 -28.99 -19.39 12.79
N ASP F 72 -29.04 -20.55 13.40
CA ASP F 72 -28.72 -20.67 14.80
C ASP F 72 -27.30 -20.31 15.11
N ILE F 73 -27.13 -19.80 16.31
CA ILE F 73 -25.84 -19.45 16.86
C ILE F 73 -25.55 -20.41 17.96
N TYR F 74 -24.35 -20.97 18.01
CA TYR F 74 -24.03 -21.93 19.06
C TYR F 74 -23.13 -21.32 20.12
N LEU F 75 -23.57 -21.39 21.38
CA LEU F 75 -22.76 -20.83 22.43
C LEU F 75 -22.24 -21.98 23.26
N TYR F 76 -20.93 -22.15 23.24
CA TYR F 76 -20.27 -23.21 23.99
C TYR F 76 -19.97 -22.63 25.36
N ILE F 77 -20.49 -23.27 26.40
CA ILE F 77 -20.26 -22.76 27.72
C ILE F 77 -19.46 -23.64 28.59
N ASN F 78 -18.40 -23.10 29.15
CA ASN F 78 -17.56 -23.77 30.11
C ASN F 78 -17.15 -22.73 31.08
N SER F 79 -17.97 -22.47 32.06
CA SER F 79 -17.78 -21.34 32.92
C SER F 79 -18.24 -21.53 34.34
N PRO F 80 -17.43 -21.15 35.33
CA PRO F 80 -17.67 -21.22 36.74
C PRO F 80 -18.64 -20.20 37.28
N GLY F 81 -19.02 -19.23 36.49
CA GLY F 81 -19.88 -18.22 37.04
C GLY F 81 -19.37 -16.85 36.71
N GLY F 82 -19.79 -15.86 37.46
CA GLY F 82 -19.36 -14.52 37.15
C GLY F 82 -20.31 -13.47 37.65
N VAL F 83 -20.14 -12.29 37.13
CA VAL F 83 -20.88 -11.13 37.50
C VAL F 83 -22.24 -11.18 36.87
N ILE F 84 -23.29 -11.02 37.65
CA ILE F 84 -24.62 -11.10 37.08
C ILE F 84 -24.85 -10.01 36.11
N THR F 85 -24.51 -8.81 36.43
CA THR F 85 -24.75 -7.75 35.50
C THR F 85 -24.15 -8.06 34.16
N ALA F 86 -22.92 -8.48 34.10
CA ALA F 86 -22.30 -8.75 32.84
C ALA F 86 -23.04 -9.84 32.12
N GLY F 87 -23.42 -10.85 32.88
CA GLY F 87 -24.15 -11.96 32.32
C GLY F 87 -25.50 -11.56 31.81
N MET F 88 -26.08 -10.55 32.46
CA MET F 88 -27.38 -10.03 32.10
C MET F 88 -27.37 -9.41 30.72
N SER F 89 -26.23 -8.86 30.31
CA SER F 89 -26.20 -8.26 28.99
C SER F 89 -26.17 -9.36 27.95
N ILE F 90 -25.56 -10.50 28.29
CA ILE F 90 -25.53 -11.62 27.36
C ILE F 90 -26.91 -12.18 27.27
N TYR F 91 -27.54 -12.36 28.43
CA TYR F 91 -28.88 -12.91 28.53
C TYR F 91 -29.88 -12.14 27.69
N ASP F 92 -29.85 -10.81 27.77
CA ASP F 92 -30.77 -10.03 27.01
C ASP F 92 -30.45 -10.05 25.56
N THR F 93 -29.20 -10.05 25.18
CA THR F 93 -28.93 -10.09 23.78
C THR F 93 -29.45 -11.38 23.22
N MET F 94 -29.27 -12.49 23.93
CA MET F 94 -29.75 -13.74 23.38
C MET F 94 -31.24 -13.74 23.19
N GLN F 95 -31.99 -13.09 24.04
CA GLN F 95 -33.42 -13.14 23.86
C GLN F 95 -33.85 -12.18 22.79
N PHE F 96 -33.14 -11.08 22.66
CA PHE F 96 -33.50 -10.07 21.70
C PHE F 96 -33.31 -10.49 20.25
N ILE F 97 -32.15 -11.04 19.94
CA ILE F 97 -31.81 -11.33 18.56
C ILE F 97 -32.67 -12.40 17.96
N LYS F 98 -32.95 -12.27 16.68
CA LYS F 98 -33.80 -13.20 15.98
C LYS F 98 -33.42 -14.70 15.91
N PRO F 99 -32.22 -15.13 15.53
CA PRO F 99 -31.89 -16.52 15.42
C PRO F 99 -31.85 -17.16 16.75
N ASP F 100 -32.20 -18.41 16.82
CA ASP F 100 -32.09 -19.11 18.07
C ASP F 100 -30.68 -19.22 18.53
N VAL F 101 -30.47 -19.09 19.82
CA VAL F 101 -29.16 -19.34 20.34
C VAL F 101 -29.23 -20.67 21.01
N SER F 102 -28.42 -21.57 20.55
CA SER F 102 -28.36 -22.91 21.09
C SER F 102 -27.18 -22.94 22.00
N THR F 103 -27.35 -23.44 23.18
CA THR F 103 -26.27 -23.45 24.12
C THR F 103 -25.82 -24.85 24.41
N ILE F 104 -24.52 -25.04 24.58
CA ILE F 104 -24.01 -26.35 24.92
C ILE F 104 -23.12 -26.30 26.13
N CYS F 105 -23.44 -27.08 27.16
CA CYS F 105 -22.63 -27.08 28.38
C CYS F 105 -21.56 -28.18 28.39
N MET F 106 -20.30 -27.77 28.52
CA MET F 106 -19.20 -28.71 28.56
C MET F 106 -18.32 -28.36 29.70
N GLY F 107 -17.66 -29.29 30.33
CA GLY F 107 -16.93 -28.82 31.47
C GLY F 107 -18.01 -28.44 32.46
N GLN F 108 -18.13 -27.18 32.79
CA GLN F 108 -19.17 -26.81 33.72
C GLN F 108 -19.94 -25.60 33.33
N ALA F 109 -21.13 -25.53 33.86
CA ALA F 109 -21.92 -24.33 33.75
C ALA F 109 -22.37 -24.02 35.13
N ALA F 110 -21.66 -23.18 35.83
CA ALA F 110 -22.05 -22.93 37.21
C ALA F 110 -22.52 -21.55 37.40
N SER F 111 -23.46 -21.38 38.29
CA SER F 111 -23.92 -20.07 38.68
C SER F 111 -24.44 -19.32 37.52
N MET F 112 -23.85 -18.19 37.21
CA MET F 112 -24.31 -17.45 36.07
C MET F 112 -24.13 -18.24 34.80
N GLY F 113 -23.16 -19.13 34.76
CA GLY F 113 -22.97 -19.91 33.57
C GLY F 113 -24.18 -20.80 33.37
N ALA F 114 -24.71 -21.37 34.44
CA ALA F 114 -25.87 -22.23 34.35
C ALA F 114 -27.04 -21.45 33.92
N PHE F 115 -27.12 -20.22 34.42
CA PHE F 115 -28.19 -19.31 34.12
C PHE F 115 -28.26 -19.06 32.61
N LEU F 116 -27.12 -18.80 32.00
CA LEU F 116 -27.10 -18.57 30.59
C LEU F 116 -27.35 -19.86 29.86
N LEU F 117 -26.86 -20.97 30.35
CA LEU F 117 -27.09 -22.23 29.66
C LEU F 117 -28.55 -22.51 29.43
N THR F 118 -29.39 -22.29 30.43
CA THR F 118 -30.79 -22.63 30.28
C THR F 118 -31.52 -21.64 29.46
N ALA F 119 -30.89 -20.54 29.11
CA ALA F 119 -31.55 -19.43 28.48
C ALA F 119 -31.53 -19.61 26.99
N GLY F 120 -30.95 -20.70 26.53
CA GLY F 120 -30.89 -20.93 25.11
C GLY F 120 -32.27 -21.31 24.60
N ALA F 121 -32.41 -21.40 23.31
CA ALA F 121 -33.70 -21.69 22.72
C ALA F 121 -34.20 -23.02 23.17
N LYS F 122 -35.47 -23.13 23.46
CA LYS F 122 -35.98 -24.39 23.94
C LYS F 122 -35.87 -25.44 22.89
N GLY F 123 -35.38 -26.59 23.28
CA GLY F 123 -35.21 -27.72 22.42
C GLY F 123 -33.79 -27.75 21.94
N LYS F 124 -33.06 -26.68 22.18
CA LYS F 124 -31.71 -26.58 21.76
C LYS F 124 -30.70 -26.42 22.86
N ARG F 125 -31.06 -26.73 24.09
CA ARG F 125 -30.12 -26.64 25.21
C ARG F 125 -29.48 -28.00 25.36
N PHE F 126 -28.19 -28.11 25.04
CA PHE F 126 -27.55 -29.41 25.14
C PHE F 126 -26.43 -29.47 26.16
N CYS F 127 -26.20 -30.64 26.75
CA CYS F 127 -25.14 -30.77 27.75
C CYS F 127 -24.34 -32.04 27.45
N LEU F 128 -23.01 -31.95 27.50
CA LEU F 128 -22.23 -33.14 27.21
C LEU F 128 -22.34 -34.07 28.41
N PRO F 129 -22.18 -35.40 28.26
CA PRO F 129 -22.39 -36.39 29.27
C PRO F 129 -21.67 -36.29 30.59
N ASN F 130 -20.47 -35.71 30.65
CA ASN F 130 -19.81 -35.67 31.93
C ASN F 130 -19.69 -34.32 32.52
N SER F 131 -20.49 -33.39 31.99
CA SER F 131 -20.47 -32.01 32.45
C SER F 131 -21.37 -31.81 33.67
N ARG F 132 -21.01 -30.81 34.47
CA ARG F 132 -21.74 -30.51 35.69
C ARG F 132 -22.33 -29.10 35.63
N VAL F 133 -23.57 -28.98 36.07
CA VAL F 133 -24.25 -27.73 36.08
C VAL F 133 -24.54 -27.38 37.51
N MET F 134 -24.26 -26.16 37.92
CA MET F 134 -24.49 -25.82 39.31
C MET F 134 -25.29 -24.55 39.45
N ILE F 135 -26.31 -24.57 40.30
CA ILE F 135 -27.10 -23.36 40.45
C ILE F 135 -27.17 -22.88 41.88
N HIS F 136 -27.22 -21.58 42.09
CA HIS F 136 -27.33 -21.04 43.44
C HIS F 136 -27.85 -19.63 43.41
N GLN F 137 -28.40 -19.17 44.53
CA GLN F 137 -28.80 -17.77 44.69
C GLN F 137 -27.60 -16.85 44.58
N PRO F 138 -27.75 -15.59 44.15
CA PRO F 138 -26.68 -14.64 43.96
C PRO F 138 -25.98 -14.23 45.20
N LEU F 139 -24.71 -13.94 45.05
CA LEU F 139 -23.85 -13.46 46.12
C LEU F 139 -23.61 -12.00 45.97
N GLY F 140 -23.26 -11.35 47.05
CA GLY F 140 -22.91 -9.94 46.99
C GLY F 140 -22.57 -9.46 48.36
N GLY F 141 -22.55 -8.15 48.55
CA GLY F 141 -22.23 -7.63 49.85
C GLY F 141 -22.08 -6.15 49.81
N TYR F 142 -21.98 -5.53 50.98
CA TYR F 142 -21.85 -4.08 51.05
C TYR F 142 -21.45 -3.57 52.43
N GLN F 143 -20.62 -2.54 52.43
CA GLN F 143 -20.14 -1.90 53.64
C GLN F 143 -20.58 -0.46 53.65
N GLY F 144 -21.05 0.05 54.77
CA GLY F 144 -21.51 1.43 54.77
C GLY F 144 -22.46 1.75 55.89
N GLN F 145 -23.29 2.76 55.72
CA GLN F 145 -24.16 3.15 56.81
C GLN F 145 -25.33 2.23 56.84
N ALA F 146 -25.99 2.08 57.97
CA ALA F 146 -27.12 1.19 58.00
C ALA F 146 -28.13 1.52 56.92
N THR F 147 -28.34 2.77 56.61
CA THR F 147 -29.26 3.08 55.53
C THR F 147 -28.74 2.69 54.15
N ASP F 148 -27.42 2.66 53.98
CA ASP F 148 -26.82 2.32 52.70
C ASP F 148 -26.86 0.81 52.53
N ILE F 149 -26.83 0.12 53.66
CA ILE F 149 -26.87 -1.31 53.67
C ILE F 149 -28.23 -1.71 53.29
N GLU F 150 -29.23 -1.01 53.84
CA GLU F 150 -30.62 -1.28 53.55
C GLU F 150 -30.91 -1.16 52.06
N ILE F 151 -30.35 -0.15 51.41
CA ILE F 151 -30.60 0.01 49.99
C ILE F 151 -29.98 -1.08 49.20
N HIS F 152 -28.76 -1.42 49.51
CA HIS F 152 -28.12 -2.45 48.76
C HIS F 152 -28.70 -3.79 49.04
N ALA F 153 -29.16 -4.05 50.25
CA ALA F 153 -29.77 -5.31 50.52
C ALA F 153 -31.03 -5.44 49.70
N ARG F 154 -31.80 -4.39 49.57
CA ARG F 154 -32.99 -4.54 48.76
C ARG F 154 -32.66 -4.79 47.34
N GLU F 155 -31.62 -4.17 46.82
CA GLU F 155 -31.33 -4.43 45.46
C GLU F 155 -30.88 -5.85 45.23
N ILE F 156 -30.08 -6.42 46.11
CA ILE F 156 -29.68 -7.77 45.79
C ILE F 156 -30.86 -8.68 45.88
N LEU F 157 -31.77 -8.44 46.79
CA LEU F 157 -32.94 -9.27 46.86
C LEU F 157 -33.80 -9.12 45.64
N LYS F 158 -33.91 -7.94 45.07
CA LYS F 158 -34.69 -7.85 43.87
C LYS F 158 -34.05 -8.65 42.78
N VAL F 159 -32.73 -8.65 42.71
CA VAL F 159 -32.07 -9.45 41.71
C VAL F 159 -32.34 -10.89 41.97
N LYS F 160 -32.21 -11.35 43.20
CA LYS F 160 -32.49 -12.73 43.44
C LYS F 160 -33.86 -13.09 42.96
N GLY F 161 -34.85 -12.28 43.26
CA GLY F 161 -36.18 -12.59 42.85
C GLY F 161 -36.29 -12.66 41.34
N ARG F 162 -35.67 -11.69 40.67
CA ARG F 162 -35.66 -11.62 39.21
C ARG F 162 -35.00 -12.83 38.57
N MET F 163 -33.92 -13.32 39.18
CA MET F 163 -33.22 -14.45 38.63
C MET F 163 -34.04 -15.70 38.82
N ASN F 164 -34.75 -15.80 39.93
CA ASN F 164 -35.56 -16.97 40.14
C ASN F 164 -36.70 -17.02 39.17
N GLU F 165 -37.24 -15.86 38.85
CA GLU F 165 -38.35 -15.76 37.90
C GLU F 165 -37.93 -16.24 36.51
N LEU F 166 -36.69 -15.93 36.12
CA LEU F 166 -36.20 -16.33 34.84
C LEU F 166 -35.84 -17.80 34.86
N MET F 167 -35.30 -18.31 35.95
CA MET F 167 -35.05 -19.73 35.99
C MET F 167 -36.33 -20.49 35.82
N ALA F 168 -37.37 -20.07 36.51
CA ALA F 168 -38.62 -20.78 36.39
C ALA F 168 -39.15 -20.68 34.98
N LEU F 169 -39.01 -19.52 34.36
CA LEU F 169 -39.51 -19.38 33.03
C LEU F 169 -38.86 -20.31 32.06
N HIS F 170 -37.56 -20.42 32.14
CA HIS F 170 -36.85 -21.26 31.22
C HIS F 170 -36.86 -22.72 31.55
N THR F 171 -36.92 -23.09 32.82
CA THR F 171 -36.88 -24.50 33.12
C THR F 171 -38.24 -25.15 33.22
N GLY F 172 -39.28 -24.41 33.49
CA GLY F 172 -40.57 -25.04 33.61
C GLY F 172 -40.87 -25.46 35.03
N GLN F 173 -39.94 -25.21 35.93
CA GLN F 173 -40.14 -25.53 37.30
C GLN F 173 -41.02 -24.47 37.87
N SER F 174 -41.75 -24.76 38.90
CA SER F 174 -42.54 -23.70 39.47
C SER F 174 -41.61 -22.74 40.13
N LEU F 175 -42.08 -21.54 40.41
CA LEU F 175 -41.20 -20.60 41.05
C LEU F 175 -40.85 -21.04 42.43
N GLU F 176 -41.81 -21.62 43.12
CA GLU F 176 -41.62 -22.08 44.49
C GLU F 176 -40.53 -23.13 44.54
N GLN F 177 -40.48 -23.96 43.50
CA GLN F 177 -39.48 -24.99 43.46
C GLN F 177 -38.14 -24.39 43.18
N ILE F 178 -38.06 -23.40 42.29
CA ILE F 178 -36.78 -22.78 42.05
C ILE F 178 -36.29 -22.11 43.26
N GLU F 179 -37.13 -21.43 43.99
CA GLU F 179 -36.60 -20.79 45.16
C GLU F 179 -36.03 -21.79 46.12
N ARG F 180 -36.70 -22.89 46.36
CA ARG F 180 -36.15 -23.80 47.32
C ARG F 180 -34.84 -24.40 46.87
N ASP F 181 -34.76 -24.71 45.61
CA ASP F 181 -33.60 -25.38 45.10
C ASP F 181 -32.36 -24.58 44.95
N THR F 182 -32.41 -23.27 45.11
CA THR F 182 -31.22 -22.50 44.92
C THR F 182 -30.77 -21.89 46.23
N GLU F 183 -31.37 -22.24 47.34
CA GLU F 183 -30.90 -21.60 48.54
C GLU F 183 -29.46 -21.99 48.84
N ARG F 184 -29.12 -23.22 48.54
CA ARG F 184 -27.79 -23.72 48.74
C ARG F 184 -27.34 -24.24 47.41
N ASP F 185 -26.06 -24.26 47.19
CA ASP F 185 -25.54 -24.74 45.92
C ASP F 185 -26.11 -26.08 45.55
N ARG F 186 -26.57 -26.19 44.35
CA ARG F 186 -27.09 -27.45 43.88
C ARG F 186 -26.36 -27.92 42.68
N PHE F 187 -25.82 -29.11 42.75
CA PHE F 187 -25.10 -29.62 41.61
C PHE F 187 -25.95 -30.60 40.88
N LEU F 188 -25.92 -30.54 39.57
CA LEU F 188 -26.66 -31.47 38.76
C LEU F 188 -25.76 -32.11 37.73
N SER F 189 -25.88 -33.40 37.55
CA SER F 189 -25.10 -34.06 36.52
C SER F 189 -25.82 -33.88 35.23
N ALA F 190 -25.20 -34.17 34.11
CA ALA F 190 -25.92 -33.97 32.86
C ALA F 190 -27.32 -34.59 32.84
N PRO F 191 -27.58 -35.86 33.21
CA PRO F 191 -28.92 -36.39 33.21
C PRO F 191 -29.85 -35.75 34.20
N GLU F 192 -29.31 -35.14 35.25
CA GLU F 192 -30.12 -34.50 36.28
C GLU F 192 -30.58 -33.15 35.76
N ALA F 193 -29.73 -32.54 34.93
CA ALA F 193 -30.02 -31.27 34.34
C ALA F 193 -31.13 -31.47 33.34
N VAL F 194 -31.13 -32.60 32.67
CA VAL F 194 -32.19 -32.87 31.71
C VAL F 194 -33.51 -33.06 32.42
N GLU F 195 -33.53 -33.83 33.49
CA GLU F 195 -34.78 -34.03 34.19
C GLU F 195 -35.30 -32.77 34.83
N TYR F 196 -34.38 -31.98 35.35
CA TYR F 196 -34.73 -30.74 36.02
C TYR F 196 -35.30 -29.76 35.01
N GLY F 197 -34.74 -29.81 33.80
CA GLY F 197 -35.19 -28.94 32.75
C GLY F 197 -34.23 -27.85 32.45
N LEU F 198 -32.99 -27.96 32.93
CA LEU F 198 -32.04 -26.93 32.63
C LEU F 198 -31.62 -27.11 31.20
N VAL F 199 -31.55 -28.35 30.75
CA VAL F 199 -31.18 -28.60 29.38
C VAL F 199 -32.17 -29.54 28.76
N ASP F 200 -32.20 -29.64 27.46
CA ASP F 200 -33.13 -30.53 26.83
C ASP F 200 -32.58 -31.91 26.59
N SER F 201 -31.32 -32.00 26.29
CA SER F 201 -30.78 -33.32 26.01
C SER F 201 -29.29 -33.41 26.15
N ILE F 202 -28.79 -34.61 26.10
CA ILE F 202 -27.39 -34.88 26.21
C ILE F 202 -26.83 -35.34 24.90
N LEU F 203 -25.75 -34.72 24.47
CA LEU F 203 -25.13 -35.14 23.24
C LEU F 203 -24.25 -36.27 23.65
N THR F 204 -24.05 -37.28 22.83
CA THR F 204 -23.21 -38.39 23.24
C THR F 204 -22.13 -38.64 22.24
N HIS F 205 -22.50 -39.17 21.12
CA HIS F 205 -21.58 -39.41 20.03
C HIS F 205 -22.18 -38.84 18.81
N ARG F 206 -21.34 -38.44 17.89
CA ARG F 206 -21.85 -37.96 16.65
C ARG F 206 -22.54 -39.08 15.91
N ALA G 15 -5.80 -14.10 19.75
CA ALA G 15 -7.19 -14.22 19.31
C ALA G 15 -8.10 -13.83 20.42
N LEU G 16 -7.70 -12.87 21.21
CA LEU G 16 -8.57 -12.45 22.29
C LEU G 16 -9.84 -11.89 21.71
N VAL G 17 -9.69 -11.12 20.66
CA VAL G 17 -10.78 -10.50 19.96
C VAL G 17 -10.77 -11.06 18.57
N PRO G 18 -11.81 -11.74 18.11
CA PRO G 18 -11.87 -12.42 16.85
C PRO G 18 -11.93 -11.46 15.72
N MET G 19 -11.49 -11.90 14.57
CA MET G 19 -11.54 -11.16 13.34
C MET G 19 -12.77 -11.56 12.60
N VAL G 20 -13.33 -10.66 11.85
CA VAL G 20 -14.43 -10.98 11.00
C VAL G 20 -14.12 -10.52 9.61
N ILE G 21 -14.71 -11.13 8.62
CA ILE G 21 -14.45 -10.76 7.24
C ILE G 21 -15.66 -10.37 6.48
N GLU G 22 -15.60 -9.25 5.76
CA GLU G 22 -16.74 -8.79 4.95
C GLU G 22 -16.35 -8.37 3.53
N GLN G 23 -17.18 -8.72 2.55
CA GLN G 23 -16.94 -8.39 1.16
C GLN G 23 -17.54 -7.07 0.83
N THR G 24 -16.77 -6.21 0.19
CA THR G 24 -17.29 -4.90 -0.16
C THR G 24 -17.24 -4.64 -1.64
N SER G 25 -16.14 -4.08 -2.11
CA SER G 25 -15.99 -3.67 -3.50
C SER G 25 -15.01 -4.55 -4.22
N ARG G 26 -13.73 -4.20 -4.09
CA ARG G 26 -12.66 -4.94 -4.74
C ARG G 26 -12.47 -6.32 -4.15
N GLY G 27 -12.80 -6.51 -2.89
CA GLY G 27 -12.59 -7.79 -2.25
C GLY G 27 -12.94 -7.70 -0.79
N GLU G 28 -12.55 -8.72 -0.05
CA GLU G 28 -12.86 -8.82 1.37
C GLU G 28 -11.84 -8.18 2.28
N ARG G 29 -12.34 -7.55 3.33
CA ARG G 29 -11.53 -6.90 4.32
C ARG G 29 -11.71 -7.58 5.65
N SER G 30 -10.59 -7.84 6.32
CA SER G 30 -10.60 -8.48 7.62
C SER G 30 -10.51 -7.39 8.69
N PHE G 31 -11.49 -7.33 9.58
CA PHE G 31 -11.48 -6.30 10.61
C PHE G 31 -11.84 -6.80 12.01
N ASP G 32 -11.00 -6.46 12.98
CA ASP G 32 -11.22 -6.82 14.36
C ASP G 32 -12.70 -6.64 14.53
N ILE G 33 -13.36 -7.54 15.26
CA ILE G 33 -14.79 -7.36 15.39
C ILE G 33 -15.20 -6.00 15.93
N TYR G 34 -14.36 -5.39 16.75
CA TYR G 34 -14.65 -4.08 17.31
C TYR G 34 -14.61 -2.95 16.27
N SER G 35 -13.84 -3.16 15.20
CA SER G 35 -13.71 -2.18 14.16
C SER G 35 -14.83 -2.42 13.20
N ARG G 36 -15.22 -3.67 13.09
CA ARG G 36 -16.30 -4.00 12.21
C ARG G 36 -17.57 -3.33 12.68
N LEU G 37 -17.74 -3.24 13.98
CA LEU G 37 -18.92 -2.58 14.51
C LEU G 37 -18.76 -1.08 14.51
N LEU G 38 -17.56 -0.56 14.63
CA LEU G 38 -17.44 0.89 14.53
C LEU G 38 -17.95 1.34 13.18
N LYS G 39 -17.72 0.57 12.15
CA LYS G 39 -18.23 0.93 10.83
C LYS G 39 -19.74 1.04 10.77
N GLU G 40 -20.42 0.41 11.71
CA GLU G 40 -21.89 0.40 11.72
C GLU G 40 -22.39 1.51 12.62
N ARG G 41 -21.43 2.34 13.04
CA ARG G 41 -21.69 3.44 13.90
C ARG G 41 -22.09 2.97 15.26
N VAL G 42 -21.44 1.91 15.72
CA VAL G 42 -21.64 1.37 17.04
C VAL G 42 -20.42 1.50 17.90
N ILE G 43 -20.56 2.18 19.02
CA ILE G 43 -19.48 2.39 19.95
C ILE G 43 -19.78 1.74 21.26
N PHE G 44 -18.83 1.01 21.83
CA PHE G 44 -19.10 0.42 23.12
C PHE G 44 -18.38 1.14 24.24
N LEU G 45 -19.11 1.45 25.27
CA LEU G 45 -18.62 2.02 26.48
C LEU G 45 -18.75 1.05 27.59
N THR G 46 -17.71 0.32 27.91
CA THR G 46 -17.88 -0.63 28.99
C THR G 46 -16.78 -0.51 29.99
N GLY G 47 -17.07 -0.90 31.20
CA GLY G 47 -16.06 -0.86 32.24
C GLY G 47 -15.98 0.55 32.79
N GLN G 48 -14.93 0.86 33.54
CA GLN G 48 -14.85 2.16 34.19
C GLN G 48 -14.66 3.26 33.23
N VAL G 49 -15.27 4.40 33.49
CA VAL G 49 -15.03 5.56 32.66
C VAL G 49 -13.81 6.25 33.19
N GLU G 50 -12.79 6.36 32.35
CA GLU G 50 -11.55 6.98 32.77
C GLU G 50 -11.07 7.86 31.64
N ASP G 51 -9.91 8.46 31.82
CA ASP G 51 -9.38 9.31 30.77
C ASP G 51 -9.01 8.65 29.48
N HIS G 52 -8.41 7.48 29.51
CA HIS G 52 -7.99 6.94 28.23
C HIS G 52 -9.15 6.41 27.49
N MET G 53 -10.08 5.80 28.22
CA MET G 53 -11.30 5.27 27.63
C MET G 53 -12.17 6.37 27.03
N ALA G 54 -12.23 7.53 27.71
CA ALA G 54 -13.02 8.59 27.19
C ALA G 54 -12.37 9.18 26.01
N ASN G 55 -11.05 9.38 26.10
CA ASN G 55 -10.29 9.90 24.99
C ASN G 55 -10.54 9.11 23.70
N LEU G 56 -10.75 7.80 23.83
CA LEU G 56 -10.99 6.98 22.69
C LEU G 56 -12.43 7.07 22.23
N ILE G 57 -13.37 7.10 23.13
CA ILE G 57 -14.75 7.22 22.71
C ILE G 57 -14.96 8.52 22.02
N VAL G 58 -14.39 9.59 22.52
CA VAL G 58 -14.54 10.84 21.85
C VAL G 58 -13.94 10.73 20.48
N ALA G 59 -12.76 10.15 20.34
CA ALA G 59 -12.21 10.05 19.02
C ALA G 59 -13.14 9.29 18.10
N GLN G 60 -13.78 8.24 18.58
CA GLN G 60 -14.67 7.51 17.72
C GLN G 60 -15.89 8.30 17.36
N MET G 61 -16.44 9.07 18.27
CA MET G 61 -17.60 9.84 17.89
C MET G 61 -17.25 10.93 16.91
N LEU G 62 -16.09 11.55 17.05
CA LEU G 62 -15.76 12.60 16.11
C LEU G 62 -15.58 12.01 14.74
N PHE G 63 -14.99 10.82 14.71
CA PHE G 63 -14.75 10.09 13.47
C PHE G 63 -16.05 9.72 12.77
N LEU G 64 -17.05 9.26 13.53
CA LEU G 64 -18.29 8.90 12.90
C LEU G 64 -19.07 10.09 12.44
N GLU G 65 -18.99 11.19 13.18
CA GLU G 65 -19.69 12.42 12.83
C GLU G 65 -19.23 12.88 11.46
N ALA G 66 -17.94 12.77 11.20
CA ALA G 66 -17.39 13.17 9.94
C ALA G 66 -17.77 12.24 8.82
N GLU G 67 -17.80 10.93 9.09
CA GLU G 67 -18.18 9.95 8.07
C GLU G 67 -19.54 10.24 7.46
N ASN G 68 -20.51 10.60 8.29
CA ASN G 68 -21.85 10.89 7.85
C ASN G 68 -22.59 11.61 8.93
N PRO G 69 -22.63 12.92 8.92
CA PRO G 69 -23.22 13.77 9.92
C PRO G 69 -24.69 13.58 10.15
N GLU G 70 -25.36 12.90 9.23
CA GLU G 70 -26.81 12.74 9.33
C GLU G 70 -27.28 11.40 9.87
N LYS G 71 -26.37 10.56 10.32
CA LYS G 71 -26.83 9.28 10.83
C LYS G 71 -26.55 9.14 12.28
N ASP G 72 -27.41 8.41 12.95
CA ASP G 72 -27.27 8.17 14.35
C ASP G 72 -26.06 7.36 14.70
N ILE G 73 -25.54 7.63 15.87
CA ILE G 73 -24.46 6.89 16.44
C ILE G 73 -24.99 6.14 17.60
N TYR G 74 -24.71 4.83 17.68
CA TYR G 74 -25.24 4.03 18.76
C TYR G 74 -24.19 3.78 19.82
N LEU G 75 -24.48 4.18 21.06
CA LEU G 75 -23.53 3.98 22.12
C LEU G 75 -24.07 2.94 23.05
N TYR G 76 -23.36 1.81 23.12
CA TYR G 76 -23.75 0.69 23.98
C TYR G 76 -23.09 0.94 25.31
N ILE G 77 -23.87 0.97 26.37
CA ILE G 77 -23.32 1.23 27.67
C ILE G 77 -23.48 0.09 28.62
N ASN G 78 -22.38 -0.33 29.19
CA ASN G 78 -22.35 -1.37 30.21
C ASN G 78 -21.25 -0.98 31.15
N SER G 79 -21.53 -0.08 32.04
CA SER G 79 -20.49 0.59 32.78
C SER G 79 -20.91 0.91 34.19
N PRO G 80 -20.10 0.58 35.20
CA PRO G 80 -20.30 0.79 36.60
C PRO G 80 -20.10 2.20 37.05
N GLY G 81 -19.58 3.06 36.20
CA GLY G 81 -19.29 4.39 36.68
C GLY G 81 -17.90 4.78 36.30
N GLY G 82 -17.35 5.78 36.96
CA GLY G 82 -16.03 6.24 36.62
C GLY G 82 -15.81 7.66 37.03
N VAL G 83 -14.82 8.27 36.42
CA VAL G 83 -14.38 9.61 36.71
C VAL G 83 -15.30 10.62 36.07
N ILE G 84 -15.80 11.59 36.83
CA ILE G 84 -16.72 12.54 36.24
C ILE G 84 -16.06 13.31 35.16
N THR G 85 -14.86 13.78 35.39
CA THR G 85 -14.20 14.54 34.37
C THR G 85 -14.14 13.81 33.06
N ALA G 86 -13.70 12.57 33.07
CA ALA G 86 -13.58 11.88 31.82
C ALA G 86 -14.93 11.73 31.18
N GLY G 87 -15.93 11.44 31.98
CA GLY G 87 -17.26 11.28 31.47
C GLY G 87 -17.79 12.56 30.88
N MET G 88 -17.40 13.71 31.40
CA MET G 88 -17.93 14.92 30.82
C MET G 88 -17.35 15.17 29.47
N SER G 89 -16.16 14.70 29.18
CA SER G 89 -15.70 14.96 27.83
C SER G 89 -16.55 14.18 26.86
N ILE G 90 -17.05 13.02 27.29
CA ILE G 90 -17.91 12.23 26.43
C ILE G 90 -19.22 12.95 26.32
N TYR G 91 -19.72 13.41 27.46
CA TYR G 91 -21.00 14.11 27.53
C TYR G 91 -21.04 15.32 26.62
N ASP G 92 -19.97 16.12 26.63
CA ASP G 92 -19.94 17.28 25.79
C ASP G 92 -19.78 16.95 24.36
N THR G 93 -19.01 15.94 24.01
CA THR G 93 -18.89 15.62 22.62
C THR G 93 -20.23 15.18 22.11
N MET G 94 -20.96 14.38 22.87
CA MET G 94 -22.25 13.95 22.37
C MET G 94 -23.19 15.10 22.12
N GLN G 95 -23.13 16.15 22.91
CA GLN G 95 -24.07 17.22 22.68
C GLN G 95 -23.59 18.09 21.54
N PHE G 96 -22.29 18.22 21.40
CA PHE G 96 -21.73 19.04 20.36
C PHE G 96 -21.94 18.53 18.95
N ILE G 97 -21.66 17.25 18.73
CA ILE G 97 -21.69 16.72 17.38
C ILE G 97 -23.08 16.70 16.83
N LYS G 98 -23.19 16.94 15.55
CA LYS G 98 -24.47 17.00 14.90
C LYS G 98 -25.41 15.78 14.94
N PRO G 99 -25.03 14.55 14.64
CA PRO G 99 -25.92 13.43 14.62
C PRO G 99 -26.37 13.08 15.98
N ASP G 100 -27.55 12.52 16.10
CA ASP G 100 -28.01 12.06 17.38
C ASP G 100 -27.21 10.93 17.89
N VAL G 101 -26.96 10.92 19.18
CA VAL G 101 -26.32 9.77 19.76
C VAL G 101 -27.37 9.04 20.52
N SER G 102 -27.59 7.82 20.14
CA SER G 102 -28.60 7.00 20.77
C SER G 102 -27.93 6.07 21.70
N THR G 103 -28.26 6.15 22.96
CA THR G 103 -27.61 5.35 23.95
C THR G 103 -28.46 4.18 24.33
N ILE G 104 -27.84 3.02 24.50
CA ILE G 104 -28.53 1.82 24.89
C ILE G 104 -27.91 1.22 26.12
N CYS G 105 -28.69 1.01 27.17
CA CYS G 105 -28.15 0.43 28.40
C CYS G 105 -28.33 -1.09 28.48
N MET G 106 -27.22 -1.81 28.62
CA MET G 106 -27.27 -3.24 28.73
C MET G 106 -26.44 -3.62 29.90
N GLY G 107 -26.75 -4.66 30.62
CA GLY G 107 -25.90 -4.85 31.77
C GLY G 107 -26.23 -3.71 32.72
N GLN G 108 -25.30 -2.84 33.01
CA GLN G 108 -25.64 -1.76 33.91
C GLN G 108 -25.17 -0.42 33.44
N ALA G 109 -25.86 0.59 33.91
CA ALA G 109 -25.43 1.93 33.71
C ALA G 109 -25.45 2.56 35.06
N ALA G 110 -24.34 2.57 35.74
CA ALA G 110 -24.37 3.10 37.07
C ALA G 110 -23.57 4.35 37.17
N SER G 111 -24.01 5.25 38.00
CA SER G 111 -23.26 6.45 38.31
C SER G 111 -23.03 7.24 37.07
N MET G 112 -21.77 7.50 36.77
CA MET G 112 -21.41 8.22 35.55
C MET G 112 -21.98 7.51 34.32
N GLY G 113 -22.14 6.18 34.38
CA GLY G 113 -22.66 5.45 33.27
C GLY G 113 -24.12 5.82 33.06
N ALA G 114 -24.87 6.06 34.13
CA ALA G 114 -26.26 6.39 34.03
C ALA G 114 -26.39 7.76 33.51
N PHE G 115 -25.46 8.60 33.94
CA PHE G 115 -25.43 9.99 33.53
C PHE G 115 -25.30 10.09 32.03
N LEU G 116 -24.40 9.29 31.45
CA LEU G 116 -24.24 9.33 30.02
C LEU G 116 -25.43 8.67 29.35
N LEU G 117 -26.00 7.64 29.93
CA LEU G 117 -27.15 7.03 29.29
C LEU G 117 -28.27 8.01 29.05
N THR G 118 -28.58 8.86 30.01
CA THR G 118 -29.71 9.76 29.83
C THR G 118 -29.40 10.90 28.93
N ALA G 119 -28.15 11.04 28.54
CA ALA G 119 -27.69 12.18 27.78
C ALA G 119 -27.88 11.94 26.31
N GLY G 120 -28.38 10.77 25.97
CA GLY G 120 -28.57 10.46 24.58
C GLY G 120 -29.70 11.27 24.02
N ALA G 121 -29.87 11.21 22.72
CA ALA G 121 -30.87 11.98 22.05
C ALA G 121 -32.23 11.64 22.55
N LYS G 122 -33.06 12.62 22.75
CA LYS G 122 -34.37 12.35 23.25
C LYS G 122 -35.14 11.48 22.31
N GLY G 123 -35.73 10.42 22.83
CA GLY G 123 -36.58 9.54 22.07
C GLY G 123 -35.77 8.34 21.66
N LYS G 124 -34.48 8.44 21.86
CA LYS G 124 -33.59 7.40 21.50
C LYS G 124 -32.80 6.79 22.63
N ARG G 125 -33.24 6.98 23.87
CA ARG G 125 -32.56 6.39 25.01
C ARG G 125 -33.21 5.04 25.25
N PHE G 126 -32.49 3.95 24.99
CA PHE G 126 -33.10 2.64 25.17
C PHE G 126 -32.44 1.80 26.24
N CYS G 127 -33.16 0.86 26.81
CA CYS G 127 -32.60 0.01 27.85
C CYS G 127 -33.15 -1.42 27.78
N LEU G 128 -32.25 -2.40 27.80
CA LEU G 128 -32.69 -3.79 27.74
C LEU G 128 -33.38 -4.12 29.05
N PRO G 129 -34.37 -5.02 29.07
CA PRO G 129 -35.22 -5.31 30.19
C PRO G 129 -34.61 -5.82 31.45
N ASN G 130 -33.43 -6.45 31.43
CA ASN G 130 -32.95 -6.92 32.70
C ASN G 130 -31.80 -6.12 33.19
N SER G 131 -31.59 -4.97 32.55
CA SER G 131 -30.49 -4.08 32.92
C SER G 131 -30.88 -3.19 34.09
N ARG G 132 -29.87 -2.69 34.79
CA ARG G 132 -30.05 -1.83 35.93
C ARG G 132 -29.39 -0.53 35.75
N VAL G 133 -30.07 0.49 36.19
CA VAL G 133 -29.54 1.81 36.11
C VAL G 133 -29.43 2.32 37.50
N MET G 134 -28.30 2.91 37.86
CA MET G 134 -28.15 3.39 39.23
C MET G 134 -27.64 4.82 39.26
N ILE G 135 -28.27 5.66 40.07
CA ILE G 135 -27.80 7.03 40.13
C ILE G 135 -27.43 7.47 41.54
N HIS G 136 -26.44 8.34 41.66
CA HIS G 136 -26.05 8.86 42.96
C HIS G 136 -25.26 10.14 42.83
N GLN G 137 -25.22 10.93 43.88
CA GLN G 137 -24.39 12.13 43.94
C GLN G 137 -22.92 11.74 43.80
N PRO G 138 -22.04 12.59 43.25
CA PRO G 138 -20.65 12.30 43.04
C PRO G 138 -19.88 12.14 44.29
N LEU G 139 -18.86 11.32 44.20
CA LEU G 139 -17.93 11.03 45.28
C LEU G 139 -16.63 11.74 45.06
N GLY G 140 -15.89 11.94 46.10
CA GLY G 140 -14.58 12.54 45.97
C GLY G 140 -13.94 12.68 47.31
N GLY G 141 -12.92 13.48 47.43
CA GLY G 141 -12.28 13.64 48.72
C GLY G 141 -11.03 14.45 48.62
N TYR G 142 -10.46 14.83 49.76
CA TYR G 142 -9.24 15.62 49.76
C TYR G 142 -8.57 15.71 51.13
N GLN G 143 -7.24 15.68 51.10
CA GLN G 143 -6.41 15.79 52.30
C GLN G 143 -5.56 17.02 52.21
N GLY G 144 -5.46 17.79 53.27
CA GLY G 144 -4.65 19.01 53.18
C GLY G 144 -4.99 20.01 54.26
N GLN G 145 -4.72 21.28 54.01
CA GLN G 145 -4.95 22.28 55.02
C GLN G 145 -6.39 22.65 55.03
N ALA G 146 -6.92 23.15 56.12
CA ALA G 146 -8.32 23.53 56.12
C ALA G 146 -8.64 24.45 54.97
N THR G 147 -7.76 25.35 54.61
CA THR G 147 -8.02 26.21 53.46
C THR G 147 -8.16 25.43 52.17
N ASP G 148 -7.41 24.37 51.99
CA ASP G 148 -7.47 23.66 50.73
C ASP G 148 -8.67 22.80 50.76
N ILE G 149 -9.03 22.32 51.91
CA ILE G 149 -10.16 21.48 52.02
C ILE G 149 -11.34 22.27 51.59
N GLU G 150 -11.47 23.50 52.03
CA GLU G 150 -12.57 24.31 51.59
C GLU G 150 -12.60 24.46 50.10
N ILE G 151 -11.47 24.71 49.48
CA ILE G 151 -11.48 24.91 48.05
C ILE G 151 -11.98 23.70 47.35
N HIS G 152 -11.48 22.55 47.74
CA HIS G 152 -11.89 21.35 47.08
C HIS G 152 -13.31 20.98 47.41
N ALA G 153 -13.76 21.25 48.64
CA ALA G 153 -15.12 20.94 48.96
C ALA G 153 -16.04 21.78 48.10
N ARG G 154 -15.66 23.04 47.93
CA ARG G 154 -16.44 23.97 47.11
C ARG G 154 -16.57 23.48 45.67
N GLU G 155 -15.51 22.87 45.14
CA GLU G 155 -15.56 22.40 43.79
C GLU G 155 -16.39 21.16 43.68
N ILE G 156 -16.32 20.22 44.61
CA ILE G 156 -17.15 19.06 44.39
C ILE G 156 -18.59 19.42 44.51
N LEU G 157 -18.94 20.35 45.37
CA LEU G 157 -20.31 20.74 45.45
C LEU G 157 -20.77 21.42 44.19
N LYS G 158 -19.93 22.20 43.56
CA LYS G 158 -20.33 22.81 42.31
C LYS G 158 -20.59 21.74 41.30
N VAL G 159 -19.78 20.71 41.28
CA VAL G 159 -20.02 19.63 40.35
C VAL G 159 -21.29 18.95 40.69
N LYS G 160 -21.55 18.65 41.95
CA LYS G 160 -22.80 18.03 42.24
C LYS G 160 -23.93 18.85 41.73
N GLY G 161 -23.90 20.15 41.95
CA GLY G 161 -24.97 20.98 41.49
C GLY G 161 -25.10 20.91 40.00
N ARG G 162 -23.97 20.97 39.30
CA ARG G 162 -23.95 20.91 37.85
C ARG G 162 -24.50 19.59 37.30
N MET G 163 -24.21 18.47 37.96
CA MET G 163 -24.70 17.21 37.49
C MET G 163 -26.17 17.13 37.72
N ASN G 164 -26.62 17.68 38.84
CA ASN G 164 -28.03 17.69 39.18
C ASN G 164 -28.85 18.46 38.15
N GLU G 165 -28.29 19.54 37.61
CA GLU G 165 -28.99 20.31 36.63
C GLU G 165 -29.09 19.57 35.34
N LEU G 166 -28.04 18.88 34.96
CA LEU G 166 -28.07 18.15 33.73
C LEU G 166 -29.01 16.96 33.85
N MET G 167 -29.06 16.31 35.00
CA MET G 167 -30.01 15.24 35.14
C MET G 167 -31.41 15.75 34.99
N ALA G 168 -31.72 16.87 35.61
CA ALA G 168 -33.05 17.38 35.51
C ALA G 168 -33.34 17.77 34.08
N LEU G 169 -32.37 18.32 33.41
CA LEU G 169 -32.60 18.70 32.04
C LEU G 169 -32.94 17.55 31.16
N HIS G 170 -32.19 16.47 31.28
CA HIS G 170 -32.42 15.35 30.43
C HIS G 170 -33.57 14.47 30.81
N THR G 171 -33.89 14.37 32.10
CA THR G 171 -34.96 13.49 32.49
C THR G 171 -36.31 14.14 32.57
N GLY G 172 -36.38 15.43 32.76
CA GLY G 172 -37.68 16.06 32.85
C GLY G 172 -38.17 16.13 34.29
N GLN G 173 -37.38 15.64 35.20
CA GLN G 173 -37.73 15.69 36.59
C GLN G 173 -37.43 17.07 37.05
N SER G 174 -38.08 17.53 38.08
CA SER G 174 -37.73 18.86 38.55
C SER G 174 -36.38 18.77 39.18
N LEU G 175 -35.73 19.89 39.36
CA LEU G 175 -34.43 19.82 39.97
C LEU G 175 -34.50 19.37 41.39
N GLU G 176 -35.51 19.77 42.10
CA GLU G 176 -35.61 19.40 43.48
C GLU G 176 -35.80 17.91 43.60
N GLN G 177 -36.56 17.33 42.68
CA GLN G 177 -36.73 15.92 42.73
C GLN G 177 -35.43 15.22 42.45
N ILE G 178 -34.67 15.67 41.46
CA ILE G 178 -33.39 15.06 41.24
C ILE G 178 -32.51 15.20 42.43
N GLU G 179 -32.54 16.37 43.07
CA GLU G 179 -31.72 16.63 44.24
C GLU G 179 -31.99 15.61 45.35
N ARG G 180 -33.25 15.24 45.53
CA ARG G 180 -33.60 14.29 46.56
C ARG G 180 -33.26 12.87 46.18
N ASP G 181 -33.47 12.54 44.94
CA ASP G 181 -33.27 11.18 44.52
C ASP G 181 -31.88 10.72 44.35
N THR G 182 -30.89 11.59 44.45
CA THR G 182 -29.54 11.14 44.26
C THR G 182 -28.78 11.21 45.56
N GLU G 183 -29.49 11.54 46.64
CA GLU G 183 -28.84 11.61 47.94
C GLU G 183 -28.10 10.32 48.27
N ARG G 184 -28.77 9.21 47.99
CA ARG G 184 -28.22 7.88 48.22
C ARG G 184 -28.47 7.10 46.95
N ASP G 185 -27.68 6.06 46.73
CA ASP G 185 -27.81 5.28 45.55
C ASP G 185 -29.21 4.85 45.31
N ARG G 186 -29.68 5.10 44.11
CA ARG G 186 -30.98 4.67 43.75
C ARG G 186 -30.91 3.75 42.60
N PHE G 187 -31.49 2.60 42.76
CA PHE G 187 -31.46 1.63 41.69
C PHE G 187 -32.76 1.64 40.99
N LEU G 188 -32.73 1.55 39.68
CA LEU G 188 -33.93 1.50 38.90
C LEU G 188 -33.90 0.31 37.96
N SER G 189 -34.99 -0.40 37.85
CA SER G 189 -35.08 -1.50 36.93
C SER G 189 -35.37 -0.92 35.59
N ALA G 190 -35.26 -1.65 34.50
CA ALA G 190 -35.50 -0.98 33.24
C ALA G 190 -36.87 -0.29 33.20
N PRO G 191 -38.00 -0.88 33.63
CA PRO G 191 -39.27 -0.20 33.64
C PRO G 191 -39.31 1.02 34.50
N GLU G 192 -38.46 1.07 35.52
CA GLU G 192 -38.42 2.21 36.43
C GLU G 192 -37.67 3.36 35.79
N ALA G 193 -36.68 3.01 34.98
CA ALA G 193 -35.89 3.98 34.29
C ALA G 193 -36.78 4.68 33.30
N VAL G 194 -37.69 3.91 32.71
CA VAL G 194 -38.61 4.49 31.74
C VAL G 194 -39.57 5.44 32.42
N GLU G 195 -40.15 5.04 33.53
CA GLU G 195 -41.08 5.91 34.21
C GLU G 195 -40.44 7.16 34.73
N TYR G 196 -39.23 7.00 35.24
CA TYR G 196 -38.47 8.10 35.81
C TYR G 196 -38.08 9.08 34.72
N GLY G 197 -37.78 8.54 33.55
CA GLY G 197 -37.40 9.37 32.44
C GLY G 197 -35.95 9.28 32.13
N LEU G 198 -35.25 8.28 32.67
CA LEU G 198 -33.86 8.17 32.34
C LEU G 198 -33.77 7.64 30.94
N VAL G 199 -34.69 6.78 30.57
CA VAL G 199 -34.68 6.26 29.22
C VAL G 199 -36.04 6.40 28.62
N ASP G 200 -36.15 6.29 27.33
CA ASP G 200 -37.43 6.42 26.71
C ASP G 200 -38.16 5.11 26.58
N SER G 201 -37.46 4.04 26.27
CA SER G 201 -38.15 2.77 26.13
C SER G 201 -37.27 1.56 26.32
N ILE G 202 -37.92 0.42 26.39
CA ILE G 202 -37.25 -0.85 26.55
C ILE G 202 -37.27 -1.65 25.29
N LEU G 203 -36.13 -2.14 24.88
CA LEU G 203 -36.06 -2.96 23.70
C LEU G 203 -36.35 -4.34 24.20
N THR G 204 -37.13 -5.12 23.52
CA THR G 204 -37.48 -6.44 24.04
C THR G 204 -37.04 -7.53 23.12
N HIS G 205 -37.73 -7.67 22.02
CA HIS G 205 -37.36 -8.64 21.01
C HIS G 205 -37.33 -7.92 19.72
N ARG G 206 -36.53 -8.39 18.81
CA ARG G 206 -36.53 -7.76 17.52
C ARG G 206 -37.88 -7.95 16.84
N ALA H 15 19.62 -11.14 82.65
CA ALA H 15 19.52 -9.73 82.86
C ALA H 15 19.97 -9.00 81.64
N LEU H 16 19.05 -8.37 80.92
CA LEU H 16 19.52 -7.62 79.79
C LEU H 16 20.42 -6.53 80.30
N VAL H 17 20.00 -5.92 81.40
CA VAL H 17 20.73 -4.89 82.05
C VAL H 17 20.94 -5.43 83.45
N PRO H 18 22.15 -5.66 83.93
CA PRO H 18 22.44 -6.26 85.20
C PRO H 18 22.10 -5.36 86.34
N MET H 19 21.81 -5.97 87.46
CA MET H 19 21.57 -5.28 88.71
C MET H 19 22.84 -5.24 89.48
N VAL H 20 23.06 -4.20 90.24
CA VAL H 20 24.20 -4.12 91.10
C VAL H 20 23.74 -3.75 92.49
N ILE H 21 24.54 -4.04 93.49
CA ILE H 21 24.12 -3.67 94.83
C ILE H 21 25.17 -2.83 95.49
N GLU H 22 24.78 -2.05 96.49
CA GLU H 22 25.74 -1.19 97.19
C GLU H 22 25.34 -1.00 98.64
N GLN H 23 26.33 -0.78 99.51
CA GLN H 23 26.03 -0.60 100.91
C GLN H 23 25.95 0.86 101.27
N THR H 24 24.90 1.22 101.98
CA THR H 24 24.70 2.58 102.42
C THR H 24 24.57 2.57 103.93
N SER H 25 23.35 2.39 104.39
CA SER H 25 23.02 2.31 105.80
C SER H 25 22.73 0.86 106.07
N ARG H 26 21.49 0.44 105.84
CA ARG H 26 21.17 -0.96 105.96
C ARG H 26 21.66 -1.82 104.77
N GLY H 27 21.94 -1.20 103.62
CA GLY H 27 22.49 -1.95 102.48
C GLY H 27 21.49 -2.59 101.55
N GLU H 28 20.22 -2.33 101.77
CA GLU H 28 19.18 -2.89 100.92
C GLU H 28 18.99 -2.02 99.71
N ARG H 29 20.04 -1.94 98.90
CA ARG H 29 20.03 -1.13 97.72
C ARG H 29 20.43 -1.96 96.56
N SER H 30 19.48 -2.18 95.64
CA SER H 30 19.73 -2.96 94.44
C SER H 30 19.22 -2.14 93.26
N PHE H 31 20.14 -1.50 92.54
CA PHE H 31 19.76 -0.66 91.42
C PHE H 31 20.35 -1.05 90.06
N ASP H 32 19.47 -1.03 89.06
CA ASP H 32 19.85 -1.35 87.71
C ASP H 32 21.17 -0.66 87.53
N ILE H 33 22.07 -1.25 86.76
CA ILE H 33 23.36 -0.59 86.63
C ILE H 33 23.27 0.83 86.10
N TYR H 34 22.26 1.12 85.29
CA TYR H 34 22.08 2.46 84.73
C TYR H 34 21.64 3.49 85.78
N SER H 35 21.02 3.01 86.87
CA SER H 35 20.56 3.87 87.91
C SER H 35 21.69 4.01 88.89
N ARG H 36 22.52 2.99 88.98
CA ARG H 36 23.65 3.05 89.86
C ARG H 36 24.58 4.11 89.38
N LEU H 37 24.74 4.21 88.07
CA LEU H 37 25.60 5.23 87.53
C LEU H 37 24.93 6.57 87.55
N LEU H 38 23.62 6.64 87.45
CA LEU H 38 23.00 7.94 87.56
C LEU H 38 23.34 8.53 88.90
N LYS H 39 23.42 7.73 89.94
CA LYS H 39 23.80 8.25 91.25
C LYS H 39 25.17 8.87 91.30
N GLU H 40 26.03 8.53 90.35
CA GLU H 40 27.41 9.04 90.32
C GLU H 40 27.47 10.25 89.41
N ARG H 41 26.27 10.68 89.04
CA ARG H 41 26.04 11.80 88.19
C ARG H 41 26.56 11.54 86.82
N VAL H 42 26.35 10.32 86.33
CA VAL H 42 26.72 9.92 85.00
C VAL H 42 25.53 9.62 84.14
N ILE H 43 25.42 10.32 83.04
CA ILE H 43 24.35 10.15 82.08
C ILE H 43 24.89 9.67 80.78
N PHE H 44 24.29 8.67 80.18
CA PHE H 44 24.76 8.23 78.88
C PHE H 44 23.83 8.69 77.78
N LEU H 45 24.39 9.25 76.75
CA LEU H 45 23.68 9.69 75.58
C LEU H 45 24.13 8.86 74.46
N THR H 46 23.41 7.83 74.11
CA THR H 46 23.93 7.04 73.02
C THR H 46 22.88 6.68 72.03
N GLY H 47 23.31 6.33 70.85
CA GLY H 47 22.38 5.98 69.81
C GLY H 47 21.98 7.31 69.24
N GLN H 48 20.94 7.39 68.44
CA GLN H 48 20.61 8.68 67.84
C GLN H 48 19.84 9.56 68.75
N VAL H 49 19.96 10.86 68.58
CA VAL H 49 19.21 11.77 69.40
C VAL H 49 17.90 12.11 68.78
N GLU H 50 16.84 11.60 69.38
CA GLU H 50 15.48 11.88 68.95
C GLU H 50 14.79 12.53 70.13
N ASP H 51 13.46 12.60 70.09
CA ASP H 51 12.72 13.19 71.18
C ASP H 51 12.60 12.43 72.46
N HIS H 52 12.46 11.12 72.40
CA HIS H 52 12.23 10.44 73.66
C HIS H 52 13.46 10.29 74.45
N MET H 53 14.58 10.01 73.78
CA MET H 53 15.86 9.91 74.44
C MET H 53 16.29 11.29 74.95
N ALA H 54 15.83 12.35 74.29
CA ALA H 54 16.18 13.67 74.71
C ALA H 54 15.42 14.03 75.94
N ASN H 55 14.14 13.67 75.96
CA ASN H 55 13.30 13.93 77.11
C ASN H 55 13.82 13.23 78.36
N LEU H 56 14.47 12.08 78.17
CA LEU H 56 14.99 11.39 79.29
C LEU H 56 16.30 12.00 79.74
N ILE H 57 17.14 12.42 78.84
CA ILE H 57 18.36 13.07 79.27
C ILE H 57 18.04 14.34 79.97
N VAL H 58 17.09 15.10 79.46
CA VAL H 58 16.74 16.32 80.13
C VAL H 58 16.22 16.01 81.51
N ALA H 59 15.38 15.00 81.66
CA ALA H 59 14.90 14.68 82.97
C ALA H 59 16.03 14.31 83.89
N GLN H 60 17.01 13.58 83.40
CA GLN H 60 18.11 13.20 84.25
C GLN H 60 18.92 14.40 84.65
N MET H 61 19.14 15.32 83.73
CA MET H 61 19.88 16.50 84.10
C MET H 61 19.15 17.34 85.10
N LEU H 62 17.85 17.50 84.96
CA LEU H 62 17.14 18.34 85.90
C LEU H 62 17.20 17.68 87.26
N PHE H 63 17.08 16.36 87.26
CA PHE H 63 17.13 15.58 88.49
C PHE H 63 18.48 15.70 89.21
N LEU H 64 19.58 15.67 88.47
CA LEU H 64 20.87 15.78 89.08
C LEU H 64 21.14 17.18 89.55
N GLU H 65 20.66 18.17 88.81
CA GLU H 65 20.85 19.55 89.18
C GLU H 65 20.21 19.82 90.55
N ALA H 66 19.04 19.24 90.77
CA ALA H 66 18.34 19.40 92.01
C ALA H 66 19.04 18.71 93.16
N GLU H 67 19.56 17.52 92.90
CA GLU H 67 20.27 16.76 93.93
C GLU H 67 21.47 17.50 94.51
N ASN H 68 22.23 18.18 93.67
CA ASN H 68 23.39 18.91 94.10
C ASN H 68 23.79 19.88 93.04
N PRO H 69 23.34 21.10 93.08
CA PRO H 69 23.59 22.11 92.10
C PRO H 69 25.03 22.46 91.97
N GLU H 70 25.85 22.10 92.93
CA GLU H 70 27.22 22.49 92.91
C GLU H 70 28.14 21.44 92.35
N LYS H 71 27.62 20.29 91.96
CA LYS H 71 28.53 19.24 91.51
C LYS H 71 28.34 18.86 90.06
N ASP H 72 29.44 18.59 89.40
CA ASP H 72 29.45 18.27 87.99
C ASP H 72 28.67 17.04 87.58
N ILE H 73 28.15 17.10 86.37
CA ILE H 73 27.42 16.02 85.73
C ILE H 73 28.23 15.52 84.58
N TYR H 74 28.41 14.22 84.47
CA TYR H 74 29.21 13.67 83.38
C TYR H 74 28.30 13.10 82.30
N LEU H 75 28.48 13.54 81.06
CA LEU H 75 27.64 13.03 80.02
C LEU H 75 28.50 12.25 79.06
N TYR H 76 28.20 10.97 78.91
CA TYR H 76 28.96 10.11 78.01
C TYR H 76 28.27 10.13 76.67
N ILE H 77 29.00 10.47 75.61
CA ILE H 77 28.40 10.53 74.31
C ILE H 77 28.94 9.51 73.39
N ASN H 78 28.05 8.77 72.79
CA ASN H 78 28.39 7.81 71.76
C ASN H 78 27.23 7.81 70.83
N SER H 79 27.24 8.68 69.88
CA SER H 79 26.08 8.92 69.09
C SER H 79 26.37 9.32 67.68
N PRO H 80 25.76 8.68 66.68
CA PRO H 80 25.88 8.93 65.29
C PRO H 80 25.11 10.09 64.78
N GLY H 81 24.32 10.76 65.60
CA GLY H 81 23.52 11.82 65.03
C GLY H 81 22.23 12.04 65.74
N GLY H 82 21.33 12.76 65.10
CA GLY H 82 20.08 13.09 65.74
C GLY H 82 19.22 13.98 64.90
N VAL H 83 18.17 14.51 65.50
CA VAL H 83 17.21 15.33 64.77
C VAL H 83 17.30 16.82 65.02
N ILE H 84 18.29 17.23 65.76
CA ILE H 84 18.54 18.64 66.11
C ILE H 84 17.54 19.18 67.05
N THR H 85 16.28 19.18 66.70
CA THR H 85 15.33 19.73 67.62
C THR H 85 15.44 19.04 68.94
N ALA H 86 15.44 17.74 68.94
CA ALA H 86 15.57 17.04 70.18
C ALA H 86 16.87 17.40 70.83
N GLY H 87 17.87 17.53 70.00
CA GLY H 87 19.20 17.89 70.41
C GLY H 87 19.27 19.23 71.08
N MET H 88 18.42 20.17 70.69
CA MET H 88 18.42 21.47 71.32
C MET H 88 17.80 21.42 72.66
N SER H 89 16.91 20.48 72.95
CA SER H 89 16.40 20.51 74.29
C SER H 89 17.50 20.09 75.23
N ILE H 90 18.39 19.22 74.74
CA ILE H 90 19.49 18.79 75.57
C ILE H 90 20.46 19.93 75.68
N TYR H 91 20.75 20.56 74.53
CA TYR H 91 21.68 21.67 74.47
C TYR H 91 21.29 22.79 75.42
N ASP H 92 20.02 23.18 75.41
CA ASP H 92 19.58 24.24 76.27
C ASP H 92 19.54 23.84 77.71
N THR H 93 19.24 22.60 78.01
CA THR H 93 19.24 22.20 79.39
C THR H 93 20.66 22.27 79.91
N MET H 94 21.63 21.79 79.15
CA MET H 94 23.00 21.82 79.62
C MET H 94 23.46 23.20 79.92
N GLN H 95 23.01 24.16 79.12
CA GLN H 95 23.39 25.56 79.29
C GLN H 95 22.51 26.33 80.27
N PHE H 96 21.55 25.65 80.89
CA PHE H 96 20.68 26.29 81.83
C PHE H 96 21.00 25.88 83.24
N ILE H 97 21.13 24.60 83.44
CA ILE H 97 21.29 24.09 84.79
C ILE H 97 22.57 24.59 85.37
N LYS H 98 22.56 24.90 86.65
CA LYS H 98 23.75 25.44 87.28
C LYS H 98 25.07 24.67 87.20
N PRO H 99 25.17 23.36 87.51
CA PRO H 99 26.43 22.65 87.54
C PRO H 99 26.98 22.45 86.18
N ASP H 100 28.29 22.40 86.07
CA ASP H 100 28.90 22.13 84.80
C ASP H 100 28.57 20.77 84.28
N VAL H 101 28.32 20.66 83.00
CA VAL H 101 28.14 19.36 82.43
C VAL H 101 29.38 19.08 81.66
N SER H 102 30.06 18.05 82.04
CA SER H 102 31.30 17.64 81.43
C SER H 102 31.02 16.53 80.47
N THR H 103 31.29 16.74 79.22
CA THR H 103 30.99 15.76 78.22
C THR H 103 32.19 14.96 77.85
N ILE H 104 32.01 13.67 77.69
CA ILE H 104 33.07 12.76 77.30
C ILE H 104 32.70 12.01 76.05
N CYS H 105 33.53 12.07 75.02
CA CYS H 105 33.23 11.36 73.78
C CYS H 105 33.89 9.97 73.71
N MET H 106 33.08 8.92 73.54
CA MET H 106 33.61 7.59 73.45
C MET H 106 33.01 6.98 72.22
N GLY H 107 33.68 6.10 71.54
CA GLY H 107 32.99 5.66 70.35
C GLY H 107 32.97 6.85 69.42
N GLN H 108 31.81 7.37 69.06
CA GLN H 108 31.82 8.51 68.18
C GLN H 108 30.88 9.59 68.59
N ALA H 109 31.19 10.78 68.18
CA ALA H 109 30.28 11.87 68.34
C ALA H 109 30.08 12.49 67.00
N ALA H 110 28.97 12.22 66.35
CA ALA H 110 28.82 12.79 65.02
C ALA H 110 27.60 13.64 64.89
N SER H 111 27.71 14.71 64.15
CA SER H 111 26.57 15.57 63.87
C SER H 111 26.07 16.09 65.20
N MET H 112 24.86 15.72 65.58
CA MET H 112 24.30 16.13 66.85
C MET H 112 25.15 15.67 68.04
N GLY H 113 25.89 14.56 67.90
CA GLY H 113 26.68 14.10 68.99
C GLY H 113 27.84 15.04 69.13
N ALA H 114 28.43 15.45 68.03
CA ALA H 114 29.56 16.34 68.09
C ALA H 114 29.14 17.67 68.61
N PHE H 115 27.97 18.12 68.23
CA PHE H 115 27.53 19.40 68.70
C PHE H 115 27.38 19.40 70.18
N LEU H 116 26.74 18.39 70.72
CA LEU H 116 26.58 18.37 72.16
C LEU H 116 27.90 18.16 72.83
N LEU H 117 28.82 17.42 72.25
CA LEU H 117 30.11 17.23 72.88
C LEU H 117 30.82 18.53 73.12
N THR H 118 30.79 19.43 72.15
CA THR H 118 31.48 20.69 72.29
C THR H 118 30.78 21.62 73.21
N ALA H 119 29.55 21.30 73.58
CA ALA H 119 28.73 22.14 74.39
C ALA H 119 28.98 21.92 75.84
N GLY H 120 29.88 21.03 76.16
CA GLY H 120 30.14 20.77 77.55
C GLY H 120 30.84 21.96 78.13
N ALA H 121 30.98 21.97 79.43
CA ALA H 121 31.58 23.07 80.12
C ALA H 121 32.99 23.26 79.66
N LYS H 122 33.39 24.48 79.47
CA LYS H 122 34.72 24.73 78.97
C LYS H 122 35.74 24.20 79.90
N GLY H 123 36.70 23.44 79.39
CA GLY H 123 37.79 22.91 80.17
C GLY H 123 37.48 21.50 80.59
N LYS H 124 36.25 21.09 80.41
CA LYS H 124 35.81 19.79 80.81
C LYS H 124 35.30 18.94 79.68
N ARG H 125 35.62 19.30 78.44
CA ARG H 125 35.17 18.51 77.31
C ARG H 125 36.25 17.53 76.96
N PHE H 126 36.01 16.25 77.23
CA PHE H 126 37.04 15.26 77.00
C PHE H 126 36.71 14.24 75.93
N CYS H 127 37.74 13.64 75.34
CA CYS H 127 37.53 12.64 74.30
C CYS H 127 38.51 11.48 74.44
N LEU H 128 37.99 10.25 74.43
CA LEU H 128 38.87 9.10 74.56
C LEU H 128 39.70 9.02 73.30
N PRO H 129 40.94 8.51 73.34
CA PRO H 129 41.87 8.53 72.27
C PRO H 129 41.54 7.84 70.98
N ASN H 130 40.68 6.85 70.95
CA ASN H 130 40.41 6.24 69.67
C ASN H 130 39.05 6.60 69.22
N SER H 131 38.46 7.58 69.88
CA SER H 131 37.12 8.05 69.57
C SER H 131 37.20 8.94 68.34
N ARG H 132 36.10 9.04 67.61
CA ARG H 132 36.07 9.86 66.39
C ARG H 132 34.96 10.90 66.47
N VAL H 133 35.25 12.10 65.97
CA VAL H 133 34.26 13.15 66.01
C VAL H 133 33.95 13.64 64.60
N MET H 134 32.68 13.82 64.27
CA MET H 134 32.38 14.26 62.91
C MET H 134 31.39 15.43 62.88
N ILE H 135 31.66 16.42 62.05
CA ILE H 135 30.76 17.55 61.98
C ILE H 135 30.25 17.82 60.57
N HIS H 136 29.04 18.34 60.46
CA HIS H 136 28.49 18.62 59.14
C HIS H 136 27.20 19.45 59.21
N GLN H 137 26.99 20.28 58.19
CA GLN H 137 25.80 21.12 58.13
C GLN H 137 24.56 20.26 58.28
N PRO H 138 23.42 20.76 58.79
CA PRO H 138 22.21 20.03 58.99
C PRO H 138 21.57 19.59 57.73
N LEU H 139 20.89 18.45 57.83
CA LEU H 139 20.13 17.85 56.76
C LEU H 139 18.67 18.08 56.97
N GLY H 140 17.90 17.99 55.91
CA GLY H 140 16.47 18.11 56.04
C GLY H 140 15.83 18.02 54.70
N GLY H 141 14.59 18.42 54.58
CA GLY H 141 13.95 18.33 53.29
C GLY H 141 12.48 18.67 53.39
N TYR H 142 11.83 18.81 52.25
CA TYR H 142 10.41 19.15 52.25
C TYR H 142 9.74 19.02 50.89
N GLN H 143 8.51 18.55 50.90
CA GLN H 143 7.70 18.38 49.70
C GLN H 143 6.47 19.24 49.80
N GLY H 144 6.08 19.89 48.73
CA GLY H 144 4.90 20.74 48.81
C GLY H 144 4.86 21.81 47.76
N GLN H 145 4.17 22.90 48.01
CA GLN H 145 4.06 23.91 46.99
C GLN H 145 5.29 24.74 46.99
N ALA H 146 5.63 25.38 45.89
CA ALA H 146 6.82 26.21 45.89
C ALA H 146 6.81 27.20 47.04
N THR H 147 5.66 27.71 47.40
CA THR H 147 5.58 28.63 48.53
C THR H 147 5.98 27.98 49.83
N ASP H 148 5.66 26.71 50.02
CA ASP H 148 5.98 26.08 51.27
C ASP H 148 7.39 25.67 51.23
N ILE H 149 7.88 25.35 50.06
CA ILE H 149 9.25 24.95 49.95
C ILE H 149 10.08 26.10 50.39
N GLU H 150 9.74 27.30 49.95
CA GLU H 150 10.48 28.45 50.41
C GLU H 150 10.45 28.61 51.89
N ILE H 151 9.31 28.42 52.53
CA ILE H 151 9.26 28.60 53.96
C ILE H 151 10.14 27.64 54.65
N HIS H 152 10.08 26.39 54.24
CA HIS H 152 10.87 25.39 54.88
C HIS H 152 12.33 25.52 54.55
N ALA H 153 12.67 25.99 53.35
CA ALA H 153 14.06 26.19 53.05
C ALA H 153 14.61 27.29 53.92
N ARG H 154 13.81 28.35 54.08
CA ARG H 154 14.19 29.49 54.92
C ARG H 154 14.47 29.07 56.36
N GLU H 155 13.70 28.12 56.88
CA GLU H 155 13.91 27.69 58.23
C GLU H 155 15.12 26.81 58.35
N ILE H 156 15.39 25.92 57.41
CA ILE H 156 16.57 25.12 57.63
C ILE H 156 17.80 25.97 57.56
N LEU H 157 17.81 26.97 56.73
CA LEU H 157 18.97 27.81 56.66
C LEU H 157 19.16 28.60 57.91
N LYS H 158 18.08 29.04 58.55
CA LYS H 158 18.27 29.73 59.80
C LYS H 158 18.86 28.81 60.82
N VAL H 159 18.43 27.56 60.82
CA VAL H 159 18.97 26.59 61.76
C VAL H 159 20.42 26.37 61.50
N LYS H 160 20.79 26.24 60.25
CA LYS H 160 22.18 26.08 59.93
C LYS H 160 22.97 27.23 60.45
N GLY H 161 22.50 28.44 60.22
CA GLY H 161 23.22 29.58 60.66
C GLY H 161 23.33 29.59 62.16
N ARG H 162 22.24 29.28 62.85
CA ARG H 162 22.25 29.24 64.31
C ARG H 162 23.23 28.20 64.85
N MET H 163 23.32 27.07 64.16
CA MET H 163 24.20 25.98 64.54
C MET H 163 25.66 26.34 64.33
N ASN H 164 25.91 27.15 63.30
CA ASN H 164 27.25 27.59 62.97
C ASN H 164 27.75 28.59 64.00
N GLU H 165 26.84 29.43 64.50
CA GLU H 165 27.23 30.39 65.49
C GLU H 165 27.56 29.71 66.78
N LEU H 166 26.80 28.72 67.15
CA LEU H 166 27.07 28.04 68.39
C LEU H 166 28.34 27.24 68.28
N MET H 167 28.63 26.64 67.15
CA MET H 167 29.89 25.94 67.03
C MET H 167 31.03 26.89 67.20
N ALA H 168 30.96 28.03 66.53
CA ALA H 168 32.03 28.98 66.66
C ALA H 168 32.15 29.46 68.10
N LEU H 169 31.03 29.66 68.75
CA LEU H 169 31.09 30.11 70.12
C LEU H 169 31.79 29.12 71.01
N HIS H 170 31.45 27.86 70.88
CA HIS H 170 32.02 26.88 71.75
C HIS H 170 33.41 26.43 71.39
N THR H 171 33.76 26.42 70.12
CA THR H 171 35.07 25.95 69.74
C THR H 171 36.11 27.02 69.67
N GLY H 172 35.75 28.27 69.48
CA GLY H 172 36.74 29.30 69.40
C GLY H 172 37.19 29.56 67.98
N GLN H 173 36.60 28.85 67.05
CA GLN H 173 36.92 29.02 65.67
C GLN H 173 36.17 30.23 65.21
N SER H 174 36.62 30.88 64.18
CA SER H 174 35.85 32.00 63.69
C SER H 174 34.62 31.45 63.05
N LEU H 175 33.62 32.27 62.85
CA LEU H 175 32.44 31.76 62.22
C LEU H 175 32.68 31.34 60.81
N GLU H 176 33.47 32.08 60.10
CA GLU H 176 33.72 31.75 58.72
C GLU H 176 34.43 30.43 58.63
N GLN H 177 35.32 30.16 59.56
CA GLN H 177 36.00 28.89 59.51
C GLN H 177 35.03 27.78 59.77
N ILE H 178 34.10 27.96 60.69
CA ILE H 178 33.13 26.92 60.92
C ILE H 178 32.29 26.73 59.72
N GLU H 179 31.87 27.79 59.07
CA GLU H 179 31.04 27.56 57.92
C GLU H 179 31.76 26.75 56.89
N ARG H 180 33.03 27.04 56.64
CA ARG H 180 33.71 26.25 55.64
C ARG H 180 33.86 24.80 56.03
N ASP H 181 34.13 24.55 57.27
CA ASP H 181 34.38 23.20 57.70
C ASP H 181 33.18 22.32 57.86
N THR H 182 31.98 22.84 57.72
CA THR H 182 30.84 21.98 57.89
C THR H 182 30.17 21.81 56.56
N GLU H 183 30.75 22.37 55.50
CA GLU H 183 30.16 22.24 54.17
C GLU H 183 30.00 20.77 53.74
N ARG H 184 30.97 19.96 54.11
CA ARG H 184 31.02 18.55 53.81
C ARG H 184 31.38 17.83 55.07
N ASP H 185 31.01 16.59 55.20
CA ASP H 185 31.36 15.87 56.40
C ASP H 185 32.81 15.99 56.71
N ARG H 186 33.13 16.36 57.92
CA ARG H 186 34.51 16.46 58.29
C ARG H 186 34.79 15.59 59.45
N PHE H 187 35.72 14.68 59.29
CA PHE H 187 36.03 13.79 60.38
C PHE H 187 37.26 14.24 61.08
N LEU H 188 37.27 14.15 62.38
CA LEU H 188 38.42 14.52 63.17
C LEU H 188 38.82 13.38 64.08
N SER H 189 40.09 13.09 64.19
CA SER H 189 40.51 12.07 65.15
C SER H 189 40.54 12.70 66.50
N ALA H 190 40.68 11.95 67.56
CA ALA H 190 40.64 12.61 68.86
C ALA H 190 41.65 13.76 68.98
N PRO H 191 42.94 13.66 68.57
CA PRO H 191 43.88 14.73 68.63
C PRO H 191 43.52 15.93 67.79
N GLU H 192 42.71 15.71 66.76
CA GLU H 192 42.31 16.78 65.85
C GLU H 192 41.19 17.56 66.51
N ALA H 193 40.37 16.86 67.27
CA ALA H 193 39.28 17.48 67.95
C ALA H 193 39.86 18.40 68.99
N VAL H 194 40.97 17.98 69.59
CA VAL H 194 41.58 18.82 70.60
C VAL H 194 42.16 20.08 70.04
N GLU H 195 42.91 20.00 68.95
CA GLU H 195 43.45 21.27 68.48
C GLU H 195 42.42 22.13 67.80
N TYR H 196 41.39 21.49 67.24
CA TYR H 196 40.32 22.20 66.56
C TYR H 196 39.53 22.99 67.58
N GLY H 197 39.38 22.41 68.76
CA GLY H 197 38.66 23.06 69.83
C GLY H 197 37.33 22.43 70.07
N LEU H 198 37.11 21.23 69.56
CA LEU H 198 35.84 20.63 69.85
C LEU H 198 35.91 20.12 71.25
N VAL H 199 37.08 19.65 71.66
CA VAL H 199 37.23 19.16 73.02
C VAL H 199 38.45 19.80 73.61
N ASP H 200 38.59 19.76 74.91
CA ASP H 200 39.73 20.34 75.53
C ASP H 200 40.89 19.39 75.65
N SER H 201 40.62 18.13 75.85
CA SER H 201 41.73 17.20 76.01
C SER H 201 41.34 15.76 75.81
N ILE H 202 42.36 14.92 75.76
CA ILE H 202 42.19 13.49 75.64
C ILE H 202 42.47 12.80 76.93
N LEU H 203 41.57 11.92 77.32
CA LEU H 203 41.76 11.16 78.55
C LEU H 203 42.66 10.03 78.18
N THR H 204 43.49 9.58 79.07
CA THR H 204 44.39 8.50 78.73
C THR H 204 44.20 7.33 79.63
N HIS H 205 44.72 7.44 80.83
CA HIS H 205 44.61 6.42 81.85
C HIS H 205 44.32 7.06 83.16
N ARG H 206 43.69 6.32 84.07
CA ARG H 206 43.36 6.86 85.39
C ARG H 206 44.54 7.57 86.02
N ALA I 15 10.15 -16.29 82.90
CA ALA I 15 11.54 -15.86 82.91
C ALA I 15 12.37 -16.67 81.92
N LEU I 16 13.42 -16.05 81.40
CA LEU I 16 14.31 -16.71 80.44
C LEU I 16 15.74 -16.76 80.96
N VAL I 17 15.98 -16.12 82.09
CA VAL I 17 17.27 -16.08 82.68
C VAL I 17 17.10 -16.49 84.13
N PRO I 18 17.65 -17.58 84.61
CA PRO I 18 17.48 -18.10 85.94
C PRO I 18 17.95 -17.17 87.00
N MET I 19 17.31 -17.24 88.16
CA MET I 19 17.70 -16.51 89.35
C MET I 19 18.57 -17.42 90.18
N VAL I 20 19.52 -16.88 90.86
CA VAL I 20 20.34 -17.68 91.74
C VAL I 20 20.37 -17.10 93.12
N ILE I 21 20.48 -17.95 94.12
CA ILE I 21 20.49 -17.51 95.50
C ILE I 21 21.87 -17.61 96.05
N GLU I 22 22.34 -16.55 96.71
CA GLU I 22 23.69 -16.57 97.28
C GLU I 22 23.64 -16.23 98.75
N GLN I 23 24.46 -16.91 99.56
CA GLN I 23 24.45 -16.61 100.98
C GLN I 23 25.46 -15.56 101.31
N THR I 24 25.07 -14.64 102.17
CA THR I 24 25.94 -13.57 102.61
C THR I 24 25.89 -13.46 104.13
N SER I 25 25.03 -12.56 104.58
CA SER I 25 24.76 -12.30 105.97
C SER I 25 23.41 -12.93 106.24
N ARG I 26 22.35 -12.24 105.83
CA ARG I 26 21.01 -12.78 105.97
C ARG I 26 20.68 -13.82 104.90
N GLY I 27 21.35 -13.74 103.73
CA GLY I 27 21.12 -14.69 102.64
C GLY I 27 19.97 -14.31 101.73
N GLU I 28 19.40 -13.15 101.97
CA GLU I 28 18.27 -12.68 101.20
C GLU I 28 18.73 -11.99 99.93
N ARG I 29 19.43 -12.74 99.11
CA ARG I 29 19.95 -12.26 97.86
C ARG I 29 19.59 -13.20 96.75
N SER I 30 18.77 -12.72 95.83
CA SER I 30 18.34 -13.51 94.68
C SER I 30 18.63 -12.70 93.42
N PHE I 31 19.83 -12.88 92.87
CA PHE I 31 20.25 -12.13 91.69
C PHE I 31 20.21 -12.92 90.38
N ASP I 32 19.69 -12.25 89.35
CA ASP I 32 19.59 -12.84 88.03
C ASP I 32 20.97 -13.43 87.83
N ILE I 33 21.06 -14.56 87.15
CA ILE I 33 22.39 -15.13 87.01
C ILE I 33 23.38 -14.22 86.32
N TYR I 34 22.95 -13.32 85.44
CA TYR I 34 23.98 -12.48 84.86
C TYR I 34 24.46 -11.44 85.82
N SER I 35 23.64 -11.06 86.77
CA SER I 35 24.05 -10.07 87.72
C SER I 35 24.93 -10.76 88.73
N ARG I 36 24.63 -12.03 88.96
CA ARG I 36 25.42 -12.78 89.90
C ARG I 36 26.83 -12.88 89.40
N LEU I 37 26.99 -13.08 88.10
CA LEU I 37 28.33 -13.13 87.56
C LEU I 37 28.97 -11.76 87.50
N LEU I 38 28.22 -10.70 87.27
CA LEU I 38 28.86 -9.39 87.30
C LEU I 38 29.48 -9.18 88.65
N LYS I 39 28.81 -9.67 89.68
CA LYS I 39 29.32 -9.54 91.05
C LYS I 39 30.69 -10.20 91.25
N GLU I 40 31.05 -11.10 90.34
CA GLU I 40 32.34 -11.82 90.44
C GLU I 40 33.36 -11.20 89.49
N ARG I 41 32.97 -10.05 88.97
CA ARG I 41 33.73 -9.27 88.05
C ARG I 41 33.84 -9.92 86.73
N VAL I 42 32.75 -10.54 86.28
CA VAL I 42 32.68 -11.13 84.97
C VAL I 42 31.72 -10.42 84.07
N ILE I 43 32.26 -9.83 83.01
CA ILE I 43 31.45 -9.10 82.02
C ILE I 43 31.35 -9.93 80.74
N PHE I 44 30.18 -10.50 80.51
CA PHE I 44 29.96 -11.34 79.33
C PHE I 44 29.62 -10.51 78.09
N LEU I 45 30.53 -10.55 77.11
CA LEU I 45 30.33 -9.83 75.84
C LEU I 45 29.91 -10.77 74.77
N THR I 46 28.74 -10.58 74.23
CA THR I 46 28.32 -11.53 73.25
C THR I 46 27.43 -11.02 72.17
N GLY I 47 27.47 -11.68 71.04
CA GLY I 47 26.62 -11.32 69.93
C GLY I 47 27.35 -10.22 69.22
N GLN I 48 26.69 -9.48 68.36
CA GLN I 48 27.42 -8.46 67.62
C GLN I 48 27.65 -7.26 68.46
N VAL I 49 28.75 -6.56 68.20
CA VAL I 49 29.03 -5.34 68.89
C VAL I 49 28.33 -4.18 68.23
N GLU I 50 27.53 -3.48 69.01
CA GLU I 50 26.80 -2.33 68.53
C GLU I 50 26.83 -1.29 69.63
N ASP I 51 26.12 -0.20 69.44
CA ASP I 51 26.10 0.85 70.45
C ASP I 51 25.44 0.51 71.76
N HIS I 52 24.36 -0.22 71.74
CA HIS I 52 23.68 -0.43 73.00
C HIS I 52 24.37 -1.45 73.84
N MET I 53 24.86 -2.50 73.21
CA MET I 53 25.60 -3.53 73.91
C MET I 53 26.96 -2.98 74.36
N ALA I 54 27.44 -1.91 73.72
CA ALA I 54 28.70 -1.36 74.11
C ALA I 54 28.49 -0.55 75.35
N ASN I 55 27.37 0.16 75.40
CA ASN I 55 27.02 0.94 76.57
C ASN I 55 26.99 0.06 77.84
N LEU I 56 26.54 -1.20 77.71
CA LEU I 56 26.50 -2.05 78.88
C LEU I 56 27.86 -2.58 79.21
N ILE I 57 28.66 -2.90 78.23
CA ILE I 57 29.96 -3.41 78.57
C ILE I 57 30.71 -2.31 79.25
N VAL I 58 30.61 -1.10 78.73
CA VAL I 58 31.29 0.01 79.32
C VAL I 58 30.78 0.34 80.69
N ALA I 59 29.48 0.37 80.88
CA ALA I 59 28.95 0.68 82.18
C ALA I 59 29.40 -0.35 83.18
N GLN I 60 29.45 -1.60 82.78
CA GLN I 60 29.87 -2.62 83.69
C GLN I 60 31.32 -2.45 84.02
N MET I 61 32.13 -2.10 83.03
CA MET I 61 33.55 -1.87 83.25
C MET I 61 33.81 -0.71 84.22
N LEU I 62 33.02 0.36 84.11
CA LEU I 62 33.20 1.50 84.99
C LEU I 62 32.76 1.14 86.38
N PHE I 63 31.65 0.39 86.46
CA PHE I 63 31.10 -0.05 87.73
C PHE I 63 32.05 -0.96 88.49
N LEU I 64 32.70 -1.89 87.79
CA LEU I 64 33.61 -2.77 88.47
C LEU I 64 34.86 -2.08 88.89
N GLU I 65 35.33 -1.13 88.08
CA GLU I 65 36.53 -0.38 88.40
C GLU I 65 36.33 0.38 89.71
N ALA I 66 35.12 0.90 89.91
CA ALA I 66 34.82 1.63 91.11
C ALA I 66 34.77 0.72 92.32
N GLU I 67 34.19 -0.46 92.15
CA GLU I 67 34.09 -1.43 93.25
C GLU I 67 35.45 -1.84 93.82
N ASN I 68 36.44 -2.04 92.97
CA ASN I 68 37.74 -2.45 93.42
C ASN I 68 38.73 -2.20 92.34
N PRO I 69 39.38 -1.06 92.31
CA PRO I 69 40.30 -0.67 91.29
C PRO I 69 41.49 -1.58 91.17
N GLU I 70 41.73 -2.41 92.15
CA GLU I 70 42.90 -3.24 92.13
C GLU I 70 42.66 -4.65 91.63
N LYS I 71 41.42 -5.02 91.37
CA LYS I 71 41.16 -6.41 91.04
C LYS I 71 40.72 -6.64 89.61
N ASP I 72 41.23 -7.69 89.00
CA ASP I 72 40.97 -8.00 87.60
C ASP I 72 39.53 -8.19 87.23
N ILE I 73 39.22 -7.81 86.00
CA ILE I 73 37.92 -7.96 85.39
C ILE I 73 38.00 -8.96 84.30
N TYR I 74 37.08 -9.91 84.28
CA TYR I 74 37.12 -10.95 83.26
C TYR I 74 36.08 -10.69 82.19
N LEU I 75 36.51 -10.59 80.94
CA LEU I 75 35.56 -10.34 79.88
C LEU I 75 35.47 -11.56 79.01
N TYR I 76 34.29 -12.15 78.93
CA TYR I 76 34.09 -13.34 78.12
C TYR I 76 33.64 -12.88 76.75
N ILE I 77 34.34 -13.30 75.70
CA ILE I 77 33.98 -12.89 74.38
C ILE I 77 33.53 -14.02 73.53
N ASN I 78 32.36 -13.87 72.97
CA ASN I 78 31.79 -14.82 72.05
C ASN I 78 31.04 -13.97 71.07
N SER I 79 31.71 -13.51 70.04
CA SER I 79 31.15 -12.52 69.16
C SER I 79 31.67 -12.57 67.76
N PRO I 80 30.81 -12.50 66.74
CA PRO I 80 31.11 -12.51 65.35
C PRO I 80 31.64 -11.21 64.80
N GLY I 81 31.68 -10.16 65.60
CA GLY I 81 32.10 -8.89 65.03
C GLY I 81 31.17 -7.80 65.39
N GLY I 82 31.16 -6.72 64.63
CA GLY I 82 30.30 -5.62 64.95
C GLY I 82 30.81 -4.31 64.41
N VAL I 83 30.24 -3.24 64.92
CA VAL I 83 30.52 -1.89 64.54
C VAL I 83 31.81 -1.46 65.17
N ILE I 84 32.75 -1.00 64.34
CA ILE I 84 34.05 -0.55 64.81
C ILE I 84 33.94 0.54 65.88
N THR I 85 33.10 1.53 65.64
CA THR I 85 32.94 2.59 66.57
C THR I 85 32.47 2.09 67.91
N ALA I 86 31.46 1.26 67.93
CA ALA I 86 30.98 0.81 69.21
C ALA I 86 32.04 0.05 69.92
N GLY I 87 32.75 -0.78 69.19
CA GLY I 87 33.82 -1.57 69.75
C GLY I 87 34.92 -0.70 70.29
N MET I 88 35.17 0.44 69.70
CA MET I 88 36.22 1.29 70.22
C MET I 88 35.85 1.88 71.54
N SER I 89 34.58 2.11 71.82
CA SER I 89 34.32 2.64 73.13
C SER I 89 34.68 1.61 74.17
N ILE I 90 34.47 0.35 73.84
CA ILE I 90 34.90 -0.72 74.73
C ILE I 90 36.40 -0.78 74.77
N TYR I 91 37.03 -0.70 73.60
CA TYR I 91 38.48 -0.76 73.49
C TYR I 91 39.16 0.26 74.40
N ASP I 92 38.66 1.49 74.39
CA ASP I 92 39.24 2.53 75.20
C ASP I 92 38.90 2.41 76.64
N THR I 93 37.70 1.98 76.98
CA THR I 93 37.38 1.85 78.38
C THR I 93 38.35 0.91 79.02
N MET I 94 38.67 -0.17 78.35
CA MET I 94 39.59 -1.15 78.88
C MET I 94 40.98 -0.63 79.09
N GLN I 95 41.38 0.44 78.42
CA GLN I 95 42.75 0.86 78.60
C GLN I 95 42.79 1.90 79.67
N PHE I 96 41.72 2.67 79.75
CA PHE I 96 41.62 3.73 80.70
C PHE I 96 41.52 3.27 82.13
N ILE I 97 40.65 2.31 82.39
CA ILE I 97 40.41 1.87 83.76
C ILE I 97 41.61 1.15 84.31
N LYS I 98 41.84 1.33 85.60
CA LYS I 98 42.98 0.73 86.25
C LYS I 98 43.09 -0.79 86.29
N PRO I 99 42.05 -1.58 86.63
CA PRO I 99 42.14 -3.00 86.75
C PRO I 99 42.53 -3.63 85.46
N ASP I 100 43.32 -4.67 85.48
CA ASP I 100 43.58 -5.35 84.24
C ASP I 100 42.33 -5.98 83.73
N VAL I 101 42.10 -5.94 82.43
CA VAL I 101 40.97 -6.67 81.92
C VAL I 101 41.49 -7.89 81.27
N SER I 102 41.09 -9.02 81.73
CA SER I 102 41.50 -10.29 81.21
C SER I 102 40.46 -10.71 80.24
N THR I 103 40.84 -11.24 79.12
CA THR I 103 39.85 -11.57 78.11
C THR I 103 39.89 -13.01 77.75
N ILE I 104 38.73 -13.61 77.68
CA ILE I 104 38.63 -15.01 77.37
C ILE I 104 37.80 -15.25 76.15
N CYS I 105 38.37 -15.93 75.16
CA CYS I 105 37.64 -16.19 73.92
C CYS I 105 37.00 -17.57 73.92
N MET I 106 35.67 -17.61 73.77
CA MET I 106 34.98 -18.87 73.76
C MET I 106 34.06 -18.86 72.58
N GLY I 107 33.81 -19.98 71.96
CA GLY I 107 32.99 -19.81 70.79
C GLY I 107 33.89 -19.08 69.84
N GLN I 108 33.55 -17.88 69.43
CA GLN I 108 34.45 -17.20 68.51
C GLN I 108 34.70 -15.78 68.83
N ALA I 109 35.82 -15.31 68.38
CA ALA I 109 36.12 -13.91 68.43
C ALA I 109 36.45 -13.49 67.04
N ALA I 110 35.51 -12.93 66.33
CA ALA I 110 35.82 -12.58 64.96
C ALA I 110 35.76 -11.11 64.76
N SER I 111 36.58 -10.63 63.87
CA SER I 111 36.54 -9.26 63.45
C SER I 111 36.74 -8.35 64.60
N MET I 112 35.80 -7.45 64.84
CA MET I 112 35.88 -6.55 65.97
C MET I 112 36.01 -7.34 67.28
N GLY I 113 35.47 -8.55 67.34
CA GLY I 113 35.54 -9.36 68.51
C GLY I 113 36.97 -9.79 68.75
N ALA I 114 37.70 -10.10 67.68
CA ALA I 114 39.08 -10.51 67.80
C ALA I 114 39.89 -9.36 68.22
N PHE I 115 39.55 -8.19 67.74
CA PHE I 115 40.28 -7.01 68.10
C PHE I 115 40.19 -6.78 69.58
N LEU I 116 38.99 -6.86 70.12
CA LEU I 116 38.88 -6.65 71.55
C LEU I 116 39.56 -7.77 72.28
N LEU I 117 39.52 -9.00 71.80
CA LEU I 117 40.19 -10.07 72.52
C LEU I 117 41.65 -9.80 72.74
N THR I 118 42.33 -9.30 71.73
CA THR I 118 43.76 -9.11 71.84
C THR I 118 44.10 -7.94 72.68
N ALA I 119 43.12 -7.14 73.04
CA ALA I 119 43.30 -5.86 73.68
C ALA I 119 43.30 -6.01 75.17
N GLY I 120 43.18 -7.23 75.63
CA GLY I 120 43.16 -7.47 77.07
C GLY I 120 44.54 -7.31 77.63
N ALA I 121 44.65 -7.37 78.93
CA ALA I 121 45.92 -7.16 79.59
C ALA I 121 46.90 -8.18 79.13
N LYS I 122 48.11 -7.78 78.87
CA LYS I 122 49.05 -8.75 78.38
C LYS I 122 49.34 -9.79 79.40
N GLY I 123 49.30 -11.04 79.00
CA GLY I 123 49.58 -12.15 79.87
C GLY I 123 48.29 -12.75 80.39
N LYS I 124 47.20 -12.04 80.17
CA LYS I 124 45.91 -12.46 80.62
C LYS I 124 44.92 -12.66 79.52
N ARG I 125 45.40 -12.78 78.29
CA ARG I 125 44.50 -12.99 77.17
C ARG I 125 44.49 -14.47 76.85
N PHE I 126 43.35 -15.13 76.81
CA PHE I 126 43.37 -16.57 76.50
C PHE I 126 42.10 -17.12 75.84
N CYS I 127 42.23 -18.25 75.16
CA CYS I 127 41.08 -18.86 74.51
C CYS I 127 40.87 -20.32 74.87
N LEU I 128 39.62 -20.74 74.97
CA LEU I 128 39.30 -22.10 75.29
C LEU I 128 39.78 -22.88 74.06
N PRO I 129 40.16 -24.16 74.17
CA PRO I 129 40.74 -24.96 73.13
C PRO I 129 40.08 -25.07 71.78
N ASN I 130 38.77 -25.00 71.69
CA ASN I 130 38.17 -25.14 70.38
C ASN I 130 37.63 -23.86 69.89
N SER I 131 38.03 -22.78 70.55
CA SER I 131 37.58 -21.44 70.20
C SER I 131 38.26 -21.02 68.90
N ARG I 132 37.57 -20.22 68.10
CA ARG I 132 38.12 -19.78 66.86
C ARG I 132 38.28 -18.30 66.82
N VAL I 133 39.36 -17.82 66.25
CA VAL I 133 39.56 -16.39 66.18
C VAL I 133 39.74 -15.96 64.75
N MET I 134 39.08 -14.89 64.34
CA MET I 134 39.20 -14.47 62.95
C MET I 134 39.47 -12.99 62.83
N ILE I 135 40.42 -12.62 61.97
CA ILE I 135 40.72 -11.21 61.82
C ILE I 135 40.65 -10.73 60.37
N HIS I 136 40.23 -9.49 60.17
CA HIS I 136 40.13 -8.94 58.81
C HIS I 136 39.96 -7.43 58.78
N GLN I 137 40.48 -6.81 57.71
CA GLN I 137 40.38 -5.36 57.54
C GLN I 137 38.93 -4.90 57.65
N PRO I 138 38.64 -3.67 58.05
CA PRO I 138 37.33 -3.13 58.24
C PRO I 138 36.53 -3.00 56.99
N LEU I 139 35.22 -3.17 57.14
CA LEU I 139 34.27 -3.01 56.07
C LEU I 139 33.52 -1.73 56.23
N GLY I 140 32.96 -1.23 55.15
CA GLY I 140 32.14 -0.03 55.23
C GLY I 140 31.66 0.32 53.85
N GLY I 141 31.20 1.54 53.66
CA GLY I 141 30.75 1.92 52.34
C GLY I 141 30.09 3.26 52.36
N TYR I 142 29.81 3.79 51.17
CA TYR I 142 29.17 5.10 51.07
C TYR I 142 28.62 5.43 49.69
N GLN I 143 27.46 6.08 49.70
CA GLN I 143 26.77 6.51 48.49
C GLN I 143 26.69 8.01 48.47
N GLY I 144 26.94 8.64 47.34
CA GLY I 144 26.88 10.10 47.33
C GLY I 144 27.65 10.72 46.19
N GLN I 145 28.06 11.97 46.35
CA GLN I 145 28.76 12.63 45.26
C GLN I 145 30.19 12.23 45.28
N ALA I 146 30.89 12.29 44.18
CA ALA I 146 32.29 11.90 44.21
C ALA I 146 33.05 12.66 45.28
N THR I 147 32.74 13.91 45.54
CA THR I 147 33.41 14.62 46.62
C THR I 147 33.19 13.94 47.96
N ASP I 148 32.01 13.41 48.21
CA ASP I 148 31.72 12.84 49.50
C ASP I 148 32.30 11.46 49.55
N ILE I 149 32.34 10.80 48.42
CA ILE I 149 32.87 9.48 48.39
C ILE I 149 34.29 9.56 48.79
N GLU I 150 35.02 10.52 48.28
CA GLU I 150 36.39 10.66 48.68
C GLU I 150 36.53 10.88 50.15
N ILE I 151 35.70 11.71 50.75
CA ILE I 151 35.84 11.94 52.15
C ILE I 151 35.64 10.71 52.94
N HIS I 152 34.61 9.96 52.62
CA HIS I 152 34.34 8.78 53.36
C HIS I 152 35.37 7.71 53.10
N ALA I 153 35.88 7.61 51.89
CA ALA I 153 36.91 6.63 51.64
C ALA I 153 38.13 6.96 52.45
N ARG I 154 38.47 8.25 52.51
CA ARG I 154 39.61 8.71 53.28
C ARG I 154 39.49 8.34 54.75
N GLU I 155 38.27 8.40 55.30
CA GLU I 155 38.09 8.06 56.68
C GLU I 155 38.17 6.59 56.92
N ILE I 156 37.61 5.75 56.05
CA ILE I 156 37.73 4.34 56.38
C ILE I 156 39.16 3.90 56.32
N LEU I 157 39.93 4.46 55.43
CA LEU I 157 41.31 4.07 55.37
C LEU I 157 42.06 4.52 56.59
N LYS I 158 41.73 5.66 57.15
CA LYS I 158 42.39 6.05 58.38
C LYS I 158 42.04 5.07 59.47
N VAL I 159 40.81 4.61 59.50
CA VAL I 159 40.42 3.65 60.52
C VAL I 159 41.18 2.39 60.33
N LYS I 160 41.28 1.92 59.10
CA LYS I 160 42.04 0.73 58.84
C LYS I 160 43.44 0.88 59.31
N GLY I 161 44.07 1.98 58.99
CA GLY I 161 45.42 2.16 59.39
C GLY I 161 45.54 2.15 60.90
N ARG I 162 44.62 2.85 61.56
CA ARG I 162 44.63 2.91 63.02
C ARG I 162 44.45 1.53 63.66
N MET I 163 43.61 0.71 63.05
CA MET I 163 43.31 -0.63 63.54
C MET I 163 44.52 -1.57 63.36
N ASN I 164 45.27 -1.32 62.30
CA ASN I 164 46.45 -2.11 61.99
C ASN I 164 47.56 -1.79 62.99
N GLU I 165 47.65 -0.53 63.39
CA GLU I 165 48.65 -0.15 64.34
C GLU I 165 48.34 -0.73 65.68
N LEU I 166 47.08 -0.73 66.07
CA LEU I 166 46.73 -1.26 67.35
C LEU I 166 46.91 -2.77 67.40
N MET I 167 46.60 -3.50 66.36
CA MET I 167 46.89 -4.90 66.53
C MET I 167 48.36 -5.16 66.51
N ALA I 168 49.13 -4.43 65.74
CA ALA I 168 50.54 -4.67 65.82
C ALA I 168 51.02 -4.40 67.23
N LEU I 169 50.48 -3.36 67.85
CA LEU I 169 50.88 -3.07 69.19
C LEU I 169 50.58 -4.18 70.16
N HIS I 170 49.38 -4.71 70.10
CA HIS I 170 48.99 -5.74 71.04
C HIS I 170 49.50 -7.12 70.72
N THR I 171 49.69 -7.45 69.47
CA THR I 171 50.14 -8.79 69.15
C THR I 171 51.63 -8.93 69.09
N GLY I 172 52.37 -7.88 68.83
CA GLY I 172 53.80 -8.01 68.75
C GLY I 172 54.25 -8.29 67.34
N GLN I 173 53.33 -8.34 66.42
CA GLN I 173 53.65 -8.56 65.03
C GLN I 173 54.12 -7.26 64.49
N SER I 174 54.90 -7.26 63.45
CA SER I 174 55.27 -6.00 62.87
C SER I 174 54.06 -5.43 62.23
N LEU I 175 54.08 -4.15 61.94
CA LEU I 175 52.93 -3.58 61.29
C LEU I 175 52.74 -4.12 59.92
N GLU I 176 53.86 -4.34 59.22
CA GLU I 176 53.84 -4.85 57.85
C GLU I 176 53.19 -6.22 57.82
N GLN I 177 53.40 -7.00 58.88
CA GLN I 177 52.82 -8.30 58.93
C GLN I 177 51.35 -8.23 59.21
N ILE I 178 50.90 -7.31 60.05
CA ILE I 178 49.48 -7.21 60.27
C ILE I 178 48.80 -6.81 58.99
N GLU I 179 49.36 -5.86 58.27
CA GLU I 179 48.71 -5.45 57.05
C GLU I 179 48.62 -6.58 56.07
N ARG I 180 49.64 -7.40 55.98
CA ARG I 180 49.52 -8.52 55.09
C ARG I 180 48.46 -9.50 55.54
N ASP I 181 48.43 -9.82 56.81
CA ASP I 181 47.51 -10.83 57.27
C ASP I 181 46.07 -10.48 57.30
N THR I 182 45.72 -9.24 57.54
CA THR I 182 44.31 -8.90 57.61
C THR I 182 43.76 -8.50 56.26
N GLU I 183 44.58 -8.63 55.23
CA GLU I 183 44.14 -8.30 53.88
C GLU I 183 42.80 -8.98 53.57
N ARG I 184 42.74 -10.26 53.89
CA ARG I 184 41.56 -11.07 53.68
C ARG I 184 41.36 -11.82 54.98
N ASP I 185 40.15 -12.31 55.22
CA ASP I 185 39.90 -13.00 56.45
C ASP I 185 40.90 -14.06 56.77
N ARG I 186 41.49 -13.97 57.95
CA ARG I 186 42.47 -14.95 58.40
C ARG I 186 41.94 -15.68 59.63
N PHE I 187 41.69 -16.98 59.49
CA PHE I 187 41.17 -17.74 60.60
C PHE I 187 42.30 -18.35 61.35
N LEU I 188 42.22 -18.35 62.66
CA LEU I 188 43.23 -18.96 63.49
C LEU I 188 42.58 -19.93 64.46
N SER I 189 43.17 -21.09 64.62
CA SER I 189 42.65 -22.02 65.58
C SER I 189 43.12 -21.53 66.90
N ALA I 190 42.61 -22.03 68.01
CA ALA I 190 43.09 -21.43 69.23
C ALA I 190 44.64 -21.50 69.36
N PRO I 191 45.34 -22.61 69.10
CA PRO I 191 46.77 -22.67 69.16
C PRO I 191 47.48 -21.74 68.21
N GLU I 192 46.81 -21.34 67.15
CA GLU I 192 47.41 -20.45 66.15
C GLU I 192 47.35 -19.03 66.66
N ALA I 193 46.32 -18.75 67.46
CA ALA I 193 46.15 -17.45 68.03
C ALA I 193 47.25 -17.24 69.02
N VAL I 194 47.64 -18.32 69.69
CA VAL I 194 48.71 -18.21 70.66
C VAL I 194 50.04 -17.96 69.99
N GLU I 195 50.35 -18.68 68.93
CA GLU I 195 51.63 -18.40 68.29
C GLU I 195 51.68 -17.05 67.65
N TYR I 196 50.56 -16.64 67.07
CA TYR I 196 50.46 -15.35 66.40
C TYR I 196 50.64 -14.23 67.41
N GLY I 197 50.08 -14.42 68.60
CA GLY I 197 50.18 -13.42 69.63
C GLY I 197 48.89 -12.72 69.90
N LEU I 198 47.78 -13.24 69.35
CA LEU I 198 46.52 -12.63 69.61
C LEU I 198 46.19 -12.91 71.06
N VAL I 199 46.55 -14.09 71.52
CA VAL I 199 46.31 -14.44 72.91
C VAL I 199 47.55 -15.00 73.51
N ASP I 200 47.61 -15.07 74.81
CA ASP I 200 48.77 -15.58 75.49
C ASP I 200 48.74 -17.08 75.74
N SER I 201 47.56 -17.65 75.93
CA SER I 201 47.50 -19.06 76.24
C SER I 201 46.17 -19.73 75.94
N ILE I 202 46.13 -21.03 76.16
CA ILE I 202 44.93 -21.82 75.97
C ILE I 202 44.53 -22.31 77.33
N LEU I 203 43.28 -22.14 77.73
CA LEU I 203 42.86 -22.68 79.01
C LEU I 203 42.50 -24.08 78.73
N THR I 204 42.78 -25.00 79.62
CA THR I 204 42.47 -26.39 79.36
C THR I 204 41.45 -26.94 80.32
N HIS I 205 41.89 -27.20 81.54
CA HIS I 205 41.01 -27.70 82.56
C HIS I 205 41.25 -26.95 83.83
N ARG I 206 40.22 -26.85 84.67
CA ARG I 206 40.34 -26.15 85.94
C ARG I 206 41.43 -26.75 86.81
N ALA J 15 1.24 -17.50 83.86
CA ALA J 15 2.43 -18.30 84.05
C ALA J 15 3.00 -18.78 82.76
N LEU J 16 3.91 -18.03 82.18
CA LEU J 16 4.58 -18.65 81.07
C LEU J 16 5.43 -19.72 81.68
N VAL J 17 6.00 -19.43 82.83
CA VAL J 17 6.80 -20.37 83.58
C VAL J 17 6.25 -20.31 85.00
N PRO J 18 5.62 -21.35 85.53
CA PRO J 18 5.03 -21.39 86.84
C PRO J 18 6.01 -21.22 87.94
N MET J 19 5.52 -20.71 89.06
CA MET J 19 6.30 -20.54 90.28
C MET J 19 6.18 -21.78 91.12
N VAL J 20 7.22 -22.14 91.82
CA VAL J 20 7.19 -23.25 92.74
C VAL J 20 7.74 -22.82 94.07
N ILE J 21 7.31 -23.46 95.14
CA ILE J 21 7.75 -23.09 96.48
C ILE J 21 8.60 -24.14 97.11
N GLU J 22 9.70 -23.75 97.73
CA GLU J 22 10.48 -24.73 98.46
C GLU J 22 10.51 -24.36 99.91
N GLN J 23 10.66 -25.34 100.79
CA GLN J 23 10.79 -25.01 102.20
C GLN J 23 12.25 -25.02 102.54
N THR J 24 12.68 -24.08 103.38
CA THR J 24 14.09 -24.03 103.73
C THR J 24 14.29 -23.86 105.22
N SER J 25 14.51 -22.62 105.58
CA SER J 25 14.64 -22.12 106.93
C SER J 25 13.29 -21.49 107.19
N ARG J 26 13.09 -20.33 106.57
CA ARG J 26 11.80 -19.69 106.60
C ARG J 26 10.81 -20.22 105.55
N GLY J 27 11.30 -20.71 104.40
CA GLY J 27 10.40 -21.19 103.36
C GLY J 27 9.94 -20.07 102.44
N GLU J 28 10.49 -18.90 102.61
CA GLU J 28 10.15 -17.76 101.80
C GLU J 28 10.99 -17.75 100.54
N ARG J 29 10.80 -18.79 99.76
CA ARG J 29 11.48 -18.95 98.51
C ARG J 29 10.52 -19.41 97.48
N SER J 30 10.44 -18.62 96.45
CA SER J 30 9.55 -18.85 95.34
C SER J 30 10.32 -18.64 94.08
N PHE J 31 10.41 -19.66 93.24
CA PHE J 31 11.17 -19.46 92.00
C PHE J 31 10.52 -20.04 90.75
N ASP J 32 10.73 -19.37 89.62
CA ASP J 32 10.19 -19.86 88.36
C ASP J 32 10.76 -21.26 88.27
N ILE J 33 9.92 -22.24 87.95
CA ILE J 33 10.43 -23.58 87.91
C ILE J 33 11.81 -23.75 87.29
N TYR J 34 12.20 -22.88 86.37
CA TYR J 34 13.51 -23.00 85.72
C TYR J 34 14.65 -22.77 86.70
N SER J 35 14.47 -21.78 87.57
CA SER J 35 15.44 -21.42 88.57
C SER J 35 15.43 -22.50 89.63
N ARG J 36 14.26 -23.05 89.92
CA ARG J 36 14.21 -24.08 90.93
C ARG J 36 15.04 -25.26 90.53
N LEU J 37 14.95 -25.67 89.28
CA LEU J 37 15.72 -26.81 88.83
C LEU J 37 17.18 -26.47 88.72
N LEU J 38 17.52 -25.23 88.46
CA LEU J 38 18.93 -24.89 88.44
C LEU J 38 19.54 -25.21 89.78
N LYS J 39 18.80 -25.03 90.85
CA LYS J 39 19.36 -25.34 92.16
C LYS J 39 19.67 -26.81 92.34
N GLU J 40 19.07 -27.66 91.51
CA GLU J 40 19.27 -29.11 91.62
C GLU J 40 20.35 -29.53 90.65
N ARG J 41 21.01 -28.52 90.11
CA ARG J 41 22.08 -28.67 89.18
C ARG J 41 21.59 -29.24 87.90
N VAL J 42 20.42 -28.81 87.47
CA VAL J 42 19.86 -29.21 86.22
C VAL J 42 19.74 -28.06 85.26
N ILE J 43 20.35 -28.20 84.11
CA ILE J 43 20.33 -27.20 83.07
C ILE J 43 19.64 -27.75 81.86
N PHE J 44 18.72 -27.01 81.27
CA PHE J 44 18.09 -27.52 80.07
C PHE J 44 18.62 -26.82 78.86
N LEU J 45 18.87 -27.57 77.83
CA LEU J 45 19.33 -27.06 76.57
C LEU J 45 18.30 -27.41 75.57
N THR J 46 17.48 -26.47 75.17
CA THR J 46 16.46 -26.85 74.24
C THR J 46 16.34 -25.90 73.11
N GLY J 47 15.80 -26.37 72.02
CA GLY J 47 15.61 -25.52 70.88
C GLY J 47 16.95 -25.44 70.21
N GLN J 48 17.17 -24.48 69.33
CA GLN J 48 18.44 -24.45 68.62
C GLN J 48 19.51 -23.78 69.39
N VAL J 49 20.73 -24.20 69.14
CA VAL J 49 21.90 -23.63 69.74
C VAL J 49 22.32 -22.39 69.00
N GLU J 50 22.40 -21.29 69.72
CA GLU J 50 22.79 -20.02 69.14
C GLU J 50 23.67 -19.34 70.16
N ASP J 51 24.12 -18.14 69.86
CA ASP J 51 24.97 -17.44 70.81
C ASP J 51 24.34 -17.05 72.11
N HIS J 52 23.10 -16.64 72.12
CA HIS J 52 22.58 -16.17 73.38
C HIS J 52 22.24 -17.28 74.33
N MET J 53 21.65 -18.34 73.80
CA MET J 53 21.32 -19.51 74.59
C MET J 53 22.58 -20.26 75.03
N ALA J 54 23.69 -20.07 74.31
CA ALA J 54 24.90 -20.74 74.69
C ALA J 54 25.52 -20.01 75.81
N ASN J 55 25.49 -18.69 75.73
CA ASN J 55 26.05 -17.84 76.75
C ASN J 55 25.32 -18.02 78.08
N LEU J 56 24.03 -18.37 78.01
CA LEU J 56 23.28 -18.55 79.20
C LEU J 56 23.61 -19.90 79.81
N ILE J 57 23.79 -20.93 78.99
CA ILE J 57 24.19 -22.22 79.52
C ILE J 57 25.55 -22.15 80.11
N VAL J 58 26.46 -21.47 79.47
CA VAL J 58 27.76 -21.36 80.04
C VAL J 58 27.67 -20.66 81.36
N ALA J 59 26.90 -19.61 81.47
CA ALA J 59 26.79 -18.94 82.74
C ALA J 59 26.29 -19.89 83.80
N GLN J 60 25.33 -20.73 83.46
CA GLN J 60 24.81 -21.66 84.44
C GLN J 60 25.84 -22.68 84.83
N MET J 61 26.61 -23.17 83.90
CA MET J 61 27.62 -24.12 84.26
C MET J 61 28.68 -23.52 85.13
N LEU J 62 29.08 -22.29 84.86
CA LEU J 62 30.11 -21.68 85.69
C LEU J 62 29.57 -21.45 87.08
N PHE J 63 28.30 -21.06 87.15
CA PHE J 63 27.63 -20.82 88.42
C PHE J 63 27.53 -22.08 89.27
N LEU J 64 27.23 -23.22 88.65
CA LEU J 64 27.11 -24.44 89.37
C LEU J 64 28.46 -24.98 89.79
N GLU J 65 29.46 -24.78 88.94
CA GLU J 65 30.81 -25.23 89.26
C GLU J 65 31.30 -24.55 90.53
N ALA J 66 30.98 -23.26 90.67
CA ALA J 66 31.37 -22.51 91.83
C ALA J 66 30.63 -22.93 93.08
N GLU J 67 29.34 -23.20 92.94
CA GLU J 67 28.52 -23.63 94.08
C GLU J 67 29.05 -24.89 94.77
N ASN J 68 29.48 -25.87 93.98
CA ASN J 68 29.99 -27.10 94.50
C ASN J 68 30.78 -27.78 93.45
N PRO J 69 32.07 -27.58 93.37
CA PRO J 69 32.92 -28.11 92.35
C PRO J 69 32.95 -29.61 92.29
N GLU J 70 32.50 -30.28 93.33
CA GLU J 70 32.58 -31.72 93.32
C GLU J 70 31.31 -32.42 92.93
N LYS J 71 30.24 -31.69 92.65
CA LYS J 71 29.00 -32.36 92.38
C LYS J 71 28.56 -32.24 90.94
N ASP J 72 28.04 -33.31 90.39
CA ASP J 72 27.64 -33.38 88.99
C ASP J 72 26.58 -32.41 88.57
N ILE J 73 26.66 -32.02 87.32
CA ILE J 73 25.71 -31.14 86.66
C ILE J 73 24.96 -31.92 85.63
N TYR J 74 23.64 -31.80 85.61
CA TYR J 74 22.85 -32.55 84.64
C TYR J 74 22.39 -31.65 83.52
N LEU J 75 22.68 -32.03 82.28
CA LEU J 75 22.27 -31.20 81.18
C LEU J 75 21.26 -31.96 80.38
N TYR J 76 20.05 -31.41 80.28
CA TYR J 76 18.98 -32.06 79.54
C TYR J 76 19.01 -31.49 78.12
N ILE J 77 19.12 -32.38 77.13
CA ILE J 77 19.18 -31.91 75.77
C ILE J 77 18.02 -32.32 74.94
N ASN J 78 17.38 -31.36 74.33
CA ASN J 78 16.29 -31.58 73.41
C ASN J 78 16.47 -30.53 72.36
N SER J 79 17.28 -30.81 71.37
CA SER J 79 17.71 -29.80 70.45
C SER J 79 18.01 -30.31 69.09
N PRO J 80 17.51 -29.70 68.02
CA PRO J 80 17.70 -30.05 66.66
C PRO J 80 19.02 -29.63 66.09
N GLY J 81 19.84 -28.92 66.84
CA GLY J 81 21.07 -28.47 66.23
C GLY J 81 21.30 -27.02 66.48
N GLY J 82 22.10 -26.40 65.65
CA GLY J 82 22.41 -24.99 65.84
C GLY J 82 23.76 -24.63 65.33
N VAL J 83 24.22 -23.49 65.77
CA VAL J 83 25.47 -22.90 65.36
C VAL J 83 26.60 -23.62 66.02
N ILE J 84 27.58 -24.06 65.27
CA ILE J 84 28.67 -24.79 65.87
C ILE J 84 29.44 -23.94 66.78
N THR J 85 29.75 -22.75 66.36
CA THR J 85 30.52 -21.91 67.22
C THR J 85 29.88 -21.77 68.56
N ALA J 86 28.60 -21.50 68.62
CA ALA J 86 27.97 -21.36 69.91
C ALA J 86 28.02 -22.64 70.68
N GLY J 87 27.78 -23.75 70.01
CA GLY J 87 27.80 -25.03 70.67
C GLY J 87 29.17 -25.34 71.23
N MET J 88 30.21 -24.83 70.61
CA MET J 88 31.54 -25.04 71.10
C MET J 88 31.86 -24.31 72.38
N SER J 89 31.10 -23.26 72.69
CA SER J 89 31.33 -22.48 73.90
C SER J 89 30.86 -23.37 75.03
N ILE J 90 29.77 -24.09 74.76
CA ILE J 90 29.20 -25.02 75.70
C ILE J 90 30.12 -26.20 75.81
N TYR J 91 30.53 -26.71 74.66
CA TYR J 91 31.43 -27.86 74.58
C TYR J 91 32.69 -27.66 75.42
N ASP J 92 33.34 -26.52 75.29
CA ASP J 92 34.53 -26.30 76.06
C ASP J 92 34.27 -26.06 77.51
N THR J 93 33.19 -25.39 77.88
CA THR J 93 32.94 -25.16 79.28
C THR J 93 32.79 -26.48 79.98
N MET J 94 32.11 -27.41 79.35
CA MET J 94 31.90 -28.72 79.91
C MET J 94 33.18 -29.49 80.17
N GLN J 95 34.25 -29.17 79.47
CA GLN J 95 35.44 -29.95 79.68
C GLN J 95 36.29 -29.22 80.67
N PHE J 96 36.20 -27.91 80.67
CA PHE J 96 37.00 -27.10 81.54
C PHE J 96 36.62 -27.22 82.99
N ILE J 97 35.34 -27.11 83.30
CA ILE J 97 34.95 -27.06 84.70
C ILE J 97 35.20 -28.36 85.40
N LYS J 98 35.37 -28.28 86.71
CA LYS J 98 35.68 -29.45 87.50
C LYS J 98 34.64 -30.57 87.64
N PRO J 99 33.35 -30.35 87.95
CA PRO J 99 32.40 -31.41 88.13
C PRO J 99 32.06 -32.03 86.82
N ASP J 100 31.72 -33.29 86.82
CA ASP J 100 31.27 -33.94 85.61
C ASP J 100 29.98 -33.39 85.13
N VAL J 101 29.84 -33.27 83.83
CA VAL J 101 28.57 -32.88 83.30
C VAL J 101 27.97 -34.09 82.70
N SER J 102 26.85 -34.47 83.19
CA SER J 102 26.13 -35.63 82.74
C SER J 102 25.06 -35.18 81.83
N THR J 103 25.04 -35.66 80.64
CA THR J 103 24.09 -35.24 79.67
C THR J 103 23.02 -36.26 79.49
N ILE J 104 21.80 -35.81 79.35
CA ILE J 104 20.65 -36.67 79.14
C ILE J 104 19.91 -36.26 77.91
N CYS J 105 19.74 -37.17 76.96
CA CYS J 105 19.03 -36.83 75.72
C CYS J 105 17.54 -37.18 75.79
N MET J 106 16.67 -36.20 75.55
CA MET J 106 15.25 -36.45 75.59
C MET J 106 14.64 -35.83 74.37
N GLY J 107 13.58 -36.36 73.84
CA GLY J 107 13.17 -35.68 72.63
C GLY J 107 14.25 -35.99 71.62
N GLN J 108 14.95 -35.01 71.10
CA GLN J 108 15.98 -35.34 70.16
C GLN J 108 17.24 -34.62 70.41
N ALA J 109 18.30 -35.17 69.93
CA ALA J 109 19.52 -34.46 69.92
C ALA J 109 20.11 -34.61 68.57
N ALA J 110 20.20 -33.54 67.84
CA ALA J 110 20.72 -33.67 66.50
C ALA J 110 21.76 -32.67 66.19
N SER J 111 22.70 -33.05 65.38
CA SER J 111 23.74 -32.15 64.93
C SER J 111 24.48 -31.68 66.14
N MET J 112 24.44 -30.38 66.42
CA MET J 112 25.09 -29.83 67.60
C MET J 112 24.55 -30.44 68.90
N GLY J 113 23.28 -30.87 68.92
CA GLY J 113 22.75 -31.44 70.12
C GLY J 113 23.39 -32.79 70.31
N ALA J 114 23.53 -33.55 69.24
CA ALA J 114 24.11 -34.85 69.35
C ALA J 114 25.54 -34.75 69.74
N PHE J 115 26.23 -33.77 69.21
CA PHE J 115 27.61 -33.62 69.55
C PHE J 115 27.77 -33.37 71.01
N LEU J 116 27.00 -32.44 71.54
CA LEU J 116 27.13 -32.14 72.93
C LEU J 116 26.70 -33.26 73.83
N LEU J 117 25.71 -34.05 73.49
CA LEU J 117 25.39 -35.06 74.50
C LEU J 117 26.52 -36.05 74.61
N THR J 118 27.26 -36.29 73.53
CA THR J 118 28.32 -37.27 73.60
C THR J 118 29.47 -36.75 74.36
N ALA J 119 29.47 -35.46 74.67
CA ALA J 119 30.59 -34.78 75.27
C ALA J 119 30.48 -34.86 76.76
N GLY J 120 29.43 -35.49 77.25
CA GLY J 120 29.22 -35.57 78.66
C GLY J 120 30.22 -36.51 79.28
N ALA J 121 30.25 -36.53 80.57
CA ALA J 121 31.21 -37.33 81.29
C ALA J 121 31.05 -38.76 80.94
N LYS J 122 32.16 -39.44 80.76
CA LYS J 122 32.06 -40.83 80.41
C LYS J 122 31.38 -41.60 81.47
N GLY J 123 30.39 -42.39 81.10
CA GLY J 123 29.68 -43.24 82.02
C GLY J 123 28.41 -42.58 82.48
N LYS J 124 28.27 -41.32 82.16
CA LYS J 124 27.12 -40.55 82.56
C LYS J 124 26.33 -40.01 81.41
N ARG J 125 26.54 -40.52 80.22
CA ARG J 125 25.79 -40.03 79.08
C ARG J 125 24.57 -40.90 78.91
N PHE J 126 23.40 -40.37 79.22
CA PHE J 126 22.19 -41.17 79.15
C PHE J 126 21.20 -40.70 78.10
N CYS J 127 20.36 -41.61 77.64
CA CYS J 127 19.36 -41.27 76.63
C CYS J 127 18.03 -41.93 76.96
N LEU J 128 16.95 -41.16 76.93
CA LEU J 128 15.64 -41.74 77.24
C LEU J 128 15.30 -42.67 76.10
N PRO J 129 14.50 -43.73 76.29
CA PRO J 129 14.24 -44.76 75.34
C PRO J 129 13.56 -44.42 74.05
N ASN J 130 12.80 -43.35 73.96
CA ASN J 130 12.20 -43.10 72.69
C ASN J 130 12.80 -41.89 72.07
N SER J 131 13.92 -41.46 72.64
CA SER J 131 14.63 -40.29 72.15
C SER J 131 15.37 -40.65 70.89
N ARG J 132 15.62 -39.67 70.04
CA ARG J 132 16.32 -39.91 68.80
C ARG J 132 17.57 -39.09 68.70
N VAL J 133 18.63 -39.68 68.20
CA VAL J 133 19.87 -38.94 68.07
C VAL J 133 20.30 -38.89 66.63
N MET J 134 20.72 -37.73 66.14
CA MET J 134 21.11 -37.66 64.74
C MET J 134 22.44 -36.96 64.53
N ILE J 135 23.29 -37.54 63.70
CA ILE J 135 24.59 -36.92 63.46
C ILE J 135 24.86 -36.64 62.00
N HIS J 136 25.57 -35.56 61.72
CA HIS J 136 25.93 -35.24 60.35
C HIS J 136 27.08 -34.26 60.31
N GLN J 137 27.78 -34.20 59.18
CA GLN J 137 28.85 -33.22 58.92
C GLN J 137 28.30 -31.80 58.95
N PRO J 138 29.09 -30.79 59.28
CA PRO J 138 28.68 -29.42 59.39
C PRO J 138 28.25 -28.81 58.10
N LEU J 139 27.30 -27.89 58.20
CA LEU J 139 26.78 -27.13 57.09
C LEU J 139 27.32 -25.74 57.11
N GLY J 140 27.31 -25.08 55.98
CA GLY J 140 27.74 -23.69 55.94
C GLY J 140 27.69 -23.18 54.53
N GLY J 141 28.33 -22.06 54.26
CA GLY J 141 28.32 -21.55 52.91
C GLY J 141 28.95 -20.19 52.83
N TYR J 142 29.16 -19.69 51.62
CA TYR J 142 29.78 -18.38 51.45
C TYR J 142 29.69 -17.82 50.05
N GLN J 143 29.50 -16.51 49.97
CA GLN J 143 29.42 -15.78 48.70
C GLN J 143 30.55 -14.80 48.62
N GLY J 144 31.19 -14.68 47.48
CA GLY J 144 32.31 -13.74 47.41
C GLY J 144 33.24 -14.02 46.27
N GLN J 145 34.47 -13.56 46.37
CA GLN J 145 35.40 -13.76 45.28
C GLN J 145 35.96 -15.13 45.38
N ALA J 146 36.43 -15.70 44.30
CA ALA J 146 37.00 -17.04 44.40
C ALA J 146 38.08 -17.11 45.46
N THR J 147 38.87 -16.07 45.64
CA THR J 147 39.86 -16.11 46.71
C THR J 147 39.22 -16.24 48.08
N ASP J 148 38.07 -15.63 48.30
CA ASP J 148 37.47 -15.68 49.62
C ASP J 148 36.77 -17.00 49.77
N ILE J 149 36.26 -17.51 48.68
CA ILE J 149 35.58 -18.76 48.75
C ILE J 149 36.56 -19.77 49.22
N GLU J 150 37.77 -19.70 48.69
CA GLU J 150 38.85 -20.60 49.06
C GLU J 150 39.18 -20.47 50.55
N ILE J 151 39.16 -19.26 51.10
CA ILE J 151 39.46 -19.11 52.51
C ILE J 151 38.40 -19.73 53.36
N HIS J 152 37.16 -19.48 53.03
CA HIS J 152 36.08 -19.99 53.82
C HIS J 152 35.89 -21.47 53.63
N ALA J 153 36.11 -21.99 52.45
CA ALA J 153 35.97 -23.41 52.29
C ALA J 153 37.01 -24.11 53.12
N ARG J 154 38.23 -23.60 53.19
CA ARG J 154 39.18 -24.33 53.98
C ARG J 154 38.78 -24.31 55.41
N GLU J 155 38.25 -23.22 55.89
CA GLU J 155 37.88 -23.20 57.28
C GLU J 155 36.76 -24.14 57.59
N ILE J 156 35.75 -24.28 56.74
CA ILE J 156 34.73 -25.21 57.15
C ILE J 156 35.26 -26.59 57.17
N LEU J 157 36.15 -26.92 56.26
CA LEU J 157 36.70 -28.24 56.27
C LEU J 157 37.52 -28.47 57.50
N LYS J 158 38.22 -27.47 58.00
CA LYS J 158 38.94 -27.67 59.23
C LYS J 158 37.99 -27.93 60.37
N VAL J 159 36.86 -27.25 60.39
CA VAL J 159 35.91 -27.50 61.46
C VAL J 159 35.39 -28.88 61.35
N LYS J 160 35.06 -29.32 60.15
CA LYS J 160 34.62 -30.67 59.99
C LYS J 160 35.63 -31.64 60.48
N GLY J 161 36.87 -31.44 60.13
CA GLY J 161 37.89 -32.35 60.58
C GLY J 161 37.98 -32.35 62.06
N ARG J 162 37.96 -31.17 62.68
CA ARG J 162 38.04 -31.06 64.13
C ARG J 162 36.87 -31.73 64.83
N MET J 163 35.68 -31.62 64.23
CA MET J 163 34.47 -32.21 64.79
C MET J 163 34.48 -33.73 64.69
N ASN J 164 35.14 -34.27 63.68
CA ASN J 164 35.18 -35.69 63.55
C ASN J 164 36.18 -36.24 64.54
N GLU J 165 37.25 -35.52 64.81
CA GLU J 165 38.18 -35.99 65.79
C GLU J 165 37.56 -36.02 67.15
N LEU J 166 36.78 -35.02 67.47
CA LEU J 166 36.20 -35.01 68.78
C LEU J 166 35.15 -36.10 68.90
N MET J 167 34.35 -36.38 67.89
CA MET J 167 33.46 -37.49 68.13
C MET J 167 34.19 -38.78 68.20
N ALA J 168 35.21 -38.98 67.42
CA ALA J 168 35.90 -40.22 67.57
C ALA J 168 36.45 -40.31 68.98
N LEU J 169 36.94 -39.21 69.51
CA LEU J 169 37.45 -39.27 70.85
C LEU J 169 36.41 -39.65 71.87
N HIS J 170 35.24 -39.04 71.79
CA HIS J 170 34.22 -39.29 72.77
C HIS J 170 33.44 -40.57 72.58
N THR J 171 33.27 -41.02 71.35
CA THR J 171 32.49 -42.21 71.13
C THR J 171 33.29 -43.48 71.12
N GLY J 172 34.58 -43.44 70.84
CA GLY J 172 35.34 -44.66 70.82
C GLY J 172 35.40 -45.29 69.44
N GLN J 173 34.81 -44.63 68.48
CA GLN J 173 34.81 -45.09 67.12
C GLN J 173 36.13 -44.69 66.54
N SER J 174 36.58 -45.35 65.52
CA SER J 174 37.78 -44.91 64.87
C SER J 174 37.47 -43.65 64.12
N LEU J 175 38.47 -42.90 63.74
CA LEU J 175 38.16 -41.69 63.02
C LEU J 175 37.58 -41.95 61.67
N GLU J 176 38.06 -42.96 60.99
CA GLU J 176 37.53 -43.23 59.67
C GLU J 176 36.09 -43.64 59.77
N GLN J 177 35.73 -44.37 60.81
CA GLN J 177 34.36 -44.74 60.93
C GLN J 177 33.50 -43.53 61.19
N ILE J 178 33.97 -42.58 61.99
CA ILE J 178 33.16 -41.39 62.17
C ILE J 178 33.00 -40.68 60.89
N GLU J 179 34.06 -40.56 60.10
CA GLU J 179 33.87 -39.85 58.86
C GLU J 179 32.86 -40.53 57.97
N ARG J 180 32.89 -41.85 57.90
CA ARG J 180 31.93 -42.54 57.07
C ARG J 180 30.52 -42.31 57.52
N ASP J 181 30.32 -42.25 58.81
CA ASP J 181 29.01 -42.11 59.35
C ASP J 181 28.45 -40.72 59.40
N THR J 182 29.18 -39.70 59.04
CA THR J 182 28.58 -38.40 59.14
C THR J 182 28.43 -37.78 57.79
N GLU J 183 28.80 -38.50 56.74
CA GLU J 183 28.69 -37.87 55.46
C GLU J 183 27.26 -37.46 55.19
N ARG J 184 26.33 -38.31 55.54
CA ARG J 184 24.94 -38.01 55.40
C ARG J 184 24.29 -38.30 56.70
N ASP J 185 23.17 -37.69 56.94
CA ASP J 185 22.49 -37.86 58.19
C ASP J 185 22.31 -39.28 58.63
N ARG J 186 22.68 -39.55 59.86
CA ARG J 186 22.47 -40.84 60.46
C ARG J 186 21.60 -40.72 61.61
N PHE J 187 20.51 -41.42 61.59
CA PHE J 187 19.61 -41.38 62.72
C PHE J 187 19.90 -42.58 63.55
N LEU J 188 19.89 -42.43 64.84
CA LEU J 188 20.09 -43.55 65.72
C LEU J 188 18.96 -43.59 66.74
N SER J 189 18.42 -44.74 66.99
CA SER J 189 17.39 -44.87 68.00
C SER J 189 18.11 -44.90 69.30
N ALA J 190 17.42 -44.77 70.42
CA ALA J 190 18.21 -44.76 71.65
C ALA J 190 19.12 -45.99 71.78
N PRO J 191 18.70 -47.24 71.54
CA PRO J 191 19.57 -48.39 71.61
C PRO J 191 20.73 -48.36 70.65
N GLU J 192 20.58 -47.64 69.55
CA GLU J 192 21.62 -47.55 68.54
C GLU J 192 22.69 -46.58 69.02
N ALA J 193 22.25 -45.56 69.73
CA ALA J 193 23.17 -44.58 70.26
C ALA J 193 24.05 -45.26 71.27
N VAL J 194 23.47 -46.20 72.02
CA VAL J 194 24.24 -46.92 73.00
C VAL J 194 25.25 -47.83 72.34
N GLU J 195 24.84 -48.57 71.32
CA GLU J 195 25.78 -49.46 70.67
C GLU J 195 26.89 -48.72 69.99
N TYR J 196 26.54 -47.60 69.36
CA TYR J 196 27.49 -46.78 68.63
C TYR J 196 28.48 -46.16 69.58
N GLY J 197 28.00 -45.77 70.76
CA GLY J 197 28.87 -45.18 71.73
C GLY J 197 28.59 -43.72 71.95
N LEU J 198 27.48 -43.21 71.44
CA LEU J 198 27.19 -41.82 71.64
C LEU J 198 26.78 -41.68 73.09
N VAL J 199 26.10 -42.68 73.62
CA VAL J 199 25.64 -42.64 75.00
C VAL J 199 26.02 -43.92 75.70
N ASP J 200 26.11 -43.87 77.02
CA ASP J 200 26.47 -45.04 77.76
C ASP J 200 25.29 -45.93 78.06
N SER J 201 24.12 -45.36 78.32
CA SER J 201 22.99 -46.21 78.63
C SER J 201 21.66 -45.51 78.51
N ILE J 202 20.61 -46.32 78.52
CA ILE J 202 19.25 -45.84 78.43
C ILE J 202 18.58 -45.83 79.76
N LEU J 203 17.97 -44.72 80.10
CA LEU J 203 17.25 -44.65 81.36
C LEU J 203 15.94 -45.28 81.08
N THR J 204 15.34 -45.93 82.03
CA THR J 204 14.08 -46.60 81.77
C THR J 204 13.02 -46.09 82.68
N HIS J 205 13.05 -46.52 83.91
CA HIS J 205 12.11 -46.10 84.91
C HIS J 205 12.84 -45.78 86.17
N ARG J 206 12.29 -44.89 86.95
CA ARG J 206 12.85 -44.60 88.24
C ARG J 206 13.09 -45.88 89.00
N ALA K 15 -2.51 -8.64 83.36
CA ALA K 15 -3.55 -9.44 83.99
C ALA K 15 -4.03 -10.51 83.09
N LEU K 16 -3.19 -10.99 82.21
CA LEU K 16 -3.70 -12.04 81.36
C LEU K 16 -4.04 -13.23 82.19
N VAL K 17 -3.25 -13.49 83.21
CA VAL K 17 -3.49 -14.61 84.08
C VAL K 17 -3.74 -14.09 85.49
N PRO K 18 -4.90 -14.31 86.09
CA PRO K 18 -5.28 -13.86 87.41
C PRO K 18 -4.43 -14.43 88.48
N MET K 19 -4.30 -13.68 89.56
CA MET K 19 -3.64 -14.11 90.77
C MET K 19 -4.68 -14.64 91.71
N VAL K 20 -4.34 -15.63 92.49
CA VAL K 20 -5.23 -16.13 93.49
C VAL K 20 -4.49 -16.18 94.80
N ILE K 21 -5.18 -16.21 95.92
CA ILE K 21 -4.45 -16.29 97.18
C ILE K 21 -4.89 -17.48 97.98
N GLU K 22 -4.07 -17.93 98.91
CA GLU K 22 -4.42 -19.08 99.73
C GLU K 22 -3.73 -18.97 101.07
N GLN K 23 -4.31 -19.56 102.11
CA GLN K 23 -3.66 -19.45 103.39
C GLN K 23 -3.06 -20.75 103.84
N THR K 24 -1.86 -20.62 104.38
CA THR K 24 -1.07 -21.70 104.91
C THR K 24 -0.72 -21.44 106.37
N SER K 25 0.37 -20.72 106.57
CA SER K 25 0.88 -20.38 107.88
C SER K 25 0.46 -18.97 108.20
N ARG K 26 1.23 -17.98 107.73
CA ARG K 26 0.87 -16.59 107.97
C ARG K 26 -0.21 -16.10 107.00
N GLY K 27 -0.43 -16.85 105.92
CA GLY K 27 -1.43 -16.50 104.91
C GLY K 27 -0.90 -15.63 103.77
N GLU K 28 0.37 -15.32 103.81
CA GLU K 28 0.97 -14.47 102.81
C GLU K 28 1.37 -15.22 101.55
N ARG K 29 0.39 -15.74 100.84
CA ARG K 29 0.64 -16.47 99.61
C ARG K 29 -0.29 -16.05 98.51
N SER K 30 0.32 -15.61 97.41
CA SER K 30 -0.35 -15.10 96.24
C SER K 30 0.29 -15.68 95.03
N PHE K 31 -0.45 -16.37 94.16
CA PHE K 31 0.23 -16.93 92.99
C PHE K 31 -0.56 -16.94 91.69
N ASP K 32 0.17 -16.94 90.58
CA ASP K 32 -0.46 -16.98 89.27
C ASP K 32 -1.31 -18.22 89.33
N ILE K 33 -2.57 -18.12 88.93
CA ILE K 33 -3.45 -19.27 89.02
C ILE K 33 -2.82 -20.55 88.50
N TYR K 34 -1.92 -20.44 87.54
CA TYR K 34 -1.25 -21.62 86.97
C TYR K 34 -0.27 -22.27 87.94
N SER K 35 0.25 -21.48 88.89
CA SER K 35 1.19 -21.98 89.85
C SER K 35 0.37 -22.52 91.00
N ARG K 36 -0.80 -21.93 91.19
CA ARG K 36 -1.66 -22.41 92.23
C ARG K 36 -2.07 -23.82 91.89
N LEU K 37 -2.30 -24.09 90.61
CA LEU K 37 -2.65 -25.43 90.18
C LEU K 37 -1.46 -26.40 90.24
N LEU K 38 -0.22 -25.98 90.04
CA LEU K 38 0.84 -26.98 90.26
C LEU K 38 0.81 -27.45 91.67
N LYS K 39 0.45 -26.61 92.60
CA LYS K 39 0.42 -27.08 93.96
C LYS K 39 -0.58 -28.21 94.20
N GLU K 40 -1.52 -28.37 93.27
CA GLU K 40 -2.54 -29.41 93.39
C GLU K 40 -2.17 -30.57 92.47
N ARG K 41 -0.93 -30.50 92.00
CA ARG K 41 -0.32 -31.44 91.11
C ARG K 41 -1.02 -31.53 89.79
N VAL K 42 -1.40 -30.39 89.26
CA VAL K 42 -2.03 -30.30 87.98
C VAL K 42 -1.17 -29.61 86.96
N ILE K 43 -0.90 -30.30 85.87
CA ILE K 43 -0.13 -29.81 84.75
C ILE K 43 -1.11 -29.59 83.65
N PHE K 44 -0.98 -28.48 82.95
CA PHE K 44 -1.87 -28.15 81.85
C PHE K 44 -1.10 -28.07 80.53
N LEU K 45 -1.27 -29.08 79.69
CA LEU K 45 -0.60 -29.13 78.39
C LEU K 45 -1.55 -28.75 77.26
N THR K 46 -1.41 -27.52 76.77
CA THR K 46 -2.23 -27.04 75.70
C THR K 46 -1.52 -26.44 74.53
N GLY K 47 -2.27 -26.10 73.52
CA GLY K 47 -1.68 -25.57 72.33
C GLY K 47 -1.04 -26.73 71.65
N GLN K 48 -0.11 -26.49 70.74
CA GLN K 48 0.51 -27.58 70.00
C GLN K 48 1.76 -28.02 70.73
N VAL K 49 2.08 -29.32 70.68
CA VAL K 49 3.24 -29.74 71.38
C VAL K 49 4.45 -29.45 70.57
N GLU K 50 5.26 -28.51 71.04
CA GLU K 50 6.50 -28.14 70.39
C GLU K 50 7.61 -28.31 71.42
N ASP K 51 8.81 -27.85 71.10
CA ASP K 51 9.91 -27.97 72.03
C ASP K 51 9.86 -27.16 73.29
N HIS K 52 9.38 -25.94 73.24
CA HIS K 52 9.45 -25.16 74.45
C HIS K 52 8.41 -25.50 75.46
N MET K 53 7.21 -25.78 74.99
CA MET K 53 6.11 -26.18 75.85
C MET K 53 6.34 -27.60 76.37
N ALA K 54 7.13 -28.41 75.66
CA ALA K 54 7.35 -29.73 76.10
C ALA K 54 8.37 -29.68 77.16
N ASN K 55 9.37 -28.83 76.95
CA ASN K 55 10.44 -28.65 77.92
C ASN K 55 9.90 -28.16 79.26
N LEU K 56 8.85 -27.34 79.21
CA LEU K 56 8.28 -26.84 80.43
C LEU K 56 7.46 -27.90 81.12
N ILE K 57 6.71 -28.70 80.38
CA ILE K 57 5.96 -29.79 80.98
C ILE K 57 6.88 -30.77 81.61
N VAL K 58 7.96 -31.10 80.96
CA VAL K 58 8.87 -32.00 81.56
C VAL K 58 9.39 -31.42 82.84
N ALA K 59 9.74 -30.15 82.87
CA ALA K 59 10.21 -29.58 84.11
C ALA K 59 9.16 -29.69 85.20
N GLN K 60 7.90 -29.49 84.87
CA GLN K 60 6.87 -29.60 85.88
C GLN K 60 6.71 -31.00 86.37
N MET K 61 6.79 -31.98 85.50
CA MET K 61 6.67 -33.33 85.96
C MET K 61 7.83 -33.71 86.83
N LEU K 62 9.03 -33.26 86.52
CA LEU K 62 10.15 -33.61 87.36
C LEU K 62 10.00 -32.97 88.72
N PHE K 63 9.51 -31.74 88.71
CA PHE K 63 9.27 -30.99 89.93
C PHE K 63 8.22 -31.62 90.84
N LEU K 64 7.13 -32.13 90.26
CA LEU K 64 6.11 -32.73 91.07
C LEU K 64 6.56 -34.07 91.59
N GLU K 65 7.34 -34.80 90.80
CA GLU K 65 7.85 -36.09 91.21
C GLU K 65 8.71 -35.93 92.46
N ALA K 66 9.51 -34.87 92.50
CA ALA K 66 10.37 -34.63 93.64
C ALA K 66 9.58 -34.24 94.87
N GLU K 67 8.53 -33.44 94.69
CA GLU K 67 7.70 -33.01 95.81
C GLU K 67 7.06 -34.18 96.56
N ASN K 68 6.58 -35.18 95.83
CA ASN K 68 5.95 -36.32 96.44
C ASN K 68 5.91 -37.44 95.46
N PRO K 69 6.88 -38.33 95.46
CA PRO K 69 7.00 -39.40 94.54
C PRO K 69 5.85 -40.36 94.57
N GLU K 70 5.07 -40.35 95.63
CA GLU K 70 4.00 -41.30 95.76
C GLU K 70 2.64 -40.77 95.36
N LYS K 71 2.56 -39.53 94.93
CA LYS K 71 1.24 -39.00 94.64
C LYS K 71 1.03 -38.66 93.17
N ASP K 72 -0.15 -38.94 92.68
CA ASP K 72 -0.49 -38.75 91.28
C ASP K 72 -0.39 -37.35 90.76
N ILE K 73 -0.08 -37.26 89.49
CA ILE K 73 0.01 -36.02 88.73
C ILE K 73 -1.10 -35.98 87.73
N TYR K 74 -1.84 -34.89 87.66
CA TYR K 74 -2.94 -34.79 86.72
C TYR K 74 -2.53 -33.96 85.52
N LEU K 75 -2.69 -34.51 84.31
CA LEU K 75 -2.31 -33.76 83.15
C LEU K 75 -3.54 -33.47 82.33
N TYR K 76 -3.88 -32.20 82.17
CA TYR K 76 -5.05 -31.82 81.40
C TYR K 76 -4.60 -31.63 79.95
N ILE K 77 -5.19 -32.37 79.03
CA ILE K 77 -4.79 -32.24 77.65
C ILE K 77 -5.83 -31.63 76.80
N ASN K 78 -5.47 -30.57 76.15
CA ASN K 78 -6.32 -29.88 75.22
C ASN K 78 -5.42 -29.41 74.12
N SER K 79 -5.21 -30.24 73.13
CA SER K 79 -4.20 -29.99 72.14
C SER K 79 -4.48 -30.57 70.79
N PRO K 80 -4.35 -29.81 69.70
CA PRO K 80 -4.54 -30.20 68.34
C PRO K 80 -3.42 -30.97 67.73
N GLY K 81 -2.31 -31.17 68.42
CA GLY K 81 -1.24 -31.85 67.73
C GLY K 81 0.11 -31.42 68.19
N GLY K 82 1.13 -31.72 67.41
CA GLY K 82 2.47 -31.41 67.85
C GLY K 82 3.53 -31.90 66.91
N VAL K 83 4.77 -31.86 67.35
CA VAL K 83 5.90 -32.22 66.51
C VAL K 83 6.50 -33.57 66.76
N ILE K 84 5.89 -34.34 67.60
CA ILE K 84 6.31 -35.69 67.97
C ILE K 84 7.54 -35.70 68.78
N THR K 85 8.63 -35.21 68.28
CA THR K 85 9.82 -35.27 69.07
C THR K 85 9.61 -34.61 70.39
N ALA K 86 9.03 -33.45 70.40
CA ALA K 86 8.82 -32.77 71.65
C ALA K 86 7.91 -33.57 72.52
N GLY K 87 6.90 -34.16 71.91
CA GLY K 87 5.96 -34.93 72.66
C GLY K 87 6.56 -36.21 73.18
N MET K 88 7.58 -36.72 72.54
CA MET K 88 8.17 -37.91 73.08
C MET K 88 8.94 -37.57 74.31
N SER K 89 9.45 -36.35 74.45
CA SER K 89 10.16 -36.10 75.69
C SER K 89 9.15 -36.09 76.83
N ILE K 90 7.95 -35.60 76.56
CA ILE K 90 6.91 -35.67 77.57
C ILE K 90 6.55 -37.10 77.81
N TYR K 91 6.36 -37.85 76.73
CA TYR K 91 6.00 -39.25 76.81
C TYR K 91 6.96 -40.05 77.67
N ASP K 92 8.26 -39.86 77.48
CA ASP K 92 9.21 -40.58 78.26
C ASP K 92 9.26 -40.13 79.67
N THR K 93 9.07 -38.85 79.93
CA THR K 93 9.08 -38.41 81.30
C THR K 93 7.94 -39.06 82.03
N MET K 94 6.77 -39.11 81.41
CA MET K 94 5.65 -39.72 82.06
C MET K 94 5.93 -41.15 82.42
N GLN K 95 6.64 -41.87 81.58
CA GLN K 95 6.87 -43.25 81.91
C GLN K 95 7.99 -43.40 82.92
N PHE K 96 8.96 -42.51 82.88
CA PHE K 96 10.09 -42.59 83.77
C PHE K 96 9.79 -42.26 85.22
N ILE K 97 9.10 -41.17 85.47
CA ILE K 97 8.89 -40.72 86.84
C ILE K 97 8.04 -41.69 87.60
N LYS K 98 8.29 -41.85 88.88
CA LYS K 98 7.52 -42.81 89.65
C LYS K 98 6.01 -42.61 89.79
N PRO K 99 5.44 -41.45 90.13
CA PRO K 99 4.03 -41.31 90.34
C PRO K 99 3.26 -41.47 89.08
N ASP K 100 2.07 -42.01 89.17
CA ASP K 100 1.22 -42.15 88.01
C ASP K 100 0.83 -40.84 87.45
N VAL K 101 0.80 -40.74 86.14
CA VAL K 101 0.30 -39.55 85.53
C VAL K 101 -1.05 -39.85 84.99
N SER K 102 -2.03 -39.15 85.45
CA SER K 102 -3.40 -39.34 85.02
C SER K 102 -3.73 -38.29 84.03
N THR K 103 -4.05 -38.67 82.84
CA THR K 103 -4.31 -37.71 81.80
C THR K 103 -5.78 -37.56 81.55
N ILE K 104 -6.24 -36.34 81.43
CA ILE K 104 -7.63 -36.02 81.19
C ILE K 104 -7.83 -35.27 79.91
N CYS K 105 -8.66 -35.81 79.02
CA CYS K 105 -8.90 -35.19 77.73
C CYS K 105 -10.19 -34.36 77.65
N MET K 106 -10.00 -33.05 77.51
CA MET K 106 -11.11 -32.10 77.40
C MET K 106 -10.85 -31.37 76.09
N GLY K 107 -11.83 -30.65 75.56
CA GLY K 107 -11.58 -29.97 74.31
C GLY K 107 -11.17 -31.07 73.36
N GLN K 108 -9.93 -31.08 72.92
CA GLN K 108 -9.51 -32.14 72.01
C GLN K 108 -8.18 -32.70 72.32
N ALA K 109 -7.97 -33.90 71.89
CA ALA K 109 -6.68 -34.52 71.94
C ALA K 109 -6.41 -35.10 70.60
N ALA K 110 -5.70 -34.39 69.74
CA ALA K 110 -5.46 -34.92 68.41
C ALA K 110 -4.00 -35.26 68.22
N SER K 111 -3.69 -36.27 67.45
CA SER K 111 -2.31 -36.58 67.12
C SER K 111 -1.50 -36.79 68.37
N MET K 112 -0.53 -35.92 68.61
CA MET K 112 0.31 -36.02 69.79
C MET K 112 -0.51 -35.91 71.08
N GLY K 113 -1.64 -35.21 71.00
CA GLY K 113 -2.47 -35.06 72.16
C GLY K 113 -3.02 -36.41 72.48
N ALA K 114 -3.59 -37.07 71.49
CA ALA K 114 -4.16 -38.38 71.67
C ALA K 114 -3.14 -39.37 72.10
N PHE K 115 -1.95 -39.25 71.56
CA PHE K 115 -0.92 -40.17 71.94
C PHE K 115 -0.62 -40.00 73.39
N LEU K 116 -0.47 -38.79 73.85
CA LEU K 116 -0.19 -38.63 75.24
C LEU K 116 -1.38 -39.08 76.09
N LEU K 117 -2.60 -38.86 75.63
CA LEU K 117 -3.77 -39.32 76.36
C LEU K 117 -3.77 -40.84 76.66
N THR K 118 -3.22 -41.66 75.76
CA THR K 118 -3.20 -43.07 75.96
C THR K 118 -2.04 -43.47 76.81
N ALA K 119 -1.08 -42.59 76.98
CA ALA K 119 0.12 -42.86 77.71
C ALA K 119 -0.05 -42.68 79.19
N GLY K 120 -1.21 -42.24 79.61
CA GLY K 120 -1.43 -42.01 81.01
C GLY K 120 -1.49 -43.32 81.72
N ALA K 121 -1.46 -43.27 83.03
CA ALA K 121 -1.45 -44.45 83.83
C ALA K 121 -2.68 -45.23 83.56
N LYS K 122 -2.53 -46.53 83.45
CA LYS K 122 -3.67 -47.34 83.12
C LYS K 122 -4.70 -47.24 84.18
N GLY K 123 -5.94 -47.00 83.81
CA GLY K 123 -7.04 -46.93 84.74
C GLY K 123 -7.32 -45.50 85.13
N LYS K 124 -6.42 -44.62 84.77
CA LYS K 124 -6.55 -43.24 85.09
C LYS K 124 -6.64 -42.33 83.89
N ARG K 125 -6.90 -42.88 82.73
CA ARG K 125 -7.00 -42.06 81.53
C ARG K 125 -8.44 -41.67 81.36
N PHE K 126 -8.76 -40.41 81.59
CA PHE K 126 -10.15 -39.99 81.50
C PHE K 126 -10.43 -38.99 80.41
N CYS K 127 -11.68 -38.94 79.95
CA CYS K 127 -12.05 -38.00 78.90
C CYS K 127 -13.40 -37.36 79.17
N LEU K 128 -13.48 -36.04 79.10
CA LEU K 128 -14.75 -35.38 79.35
C LEU K 128 -15.69 -35.74 78.22
N PRO K 129 -17.00 -35.80 78.44
CA PRO K 129 -17.97 -36.29 77.51
C PRO K 129 -18.13 -35.62 76.18
N ASN K 130 -17.78 -34.37 76.02
CA ASN K 130 -17.96 -33.82 74.71
C ASN K 130 -16.63 -33.59 74.05
N SER K 131 -15.58 -34.15 74.64
CA SER K 131 -14.23 -33.96 74.10
C SER K 131 -13.98 -34.96 72.98
N ARG K 132 -13.18 -34.56 72.01
CA ARG K 132 -12.90 -35.45 70.90
C ARG K 132 -11.47 -35.83 70.79
N VAL K 133 -11.23 -37.02 70.30
CA VAL K 133 -9.91 -37.52 70.17
C VAL K 133 -9.65 -37.90 68.74
N MET K 134 -8.49 -37.55 68.20
CA MET K 134 -8.21 -37.86 66.81
C MET K 134 -6.85 -38.48 66.64
N ILE K 135 -6.78 -39.59 65.91
CA ILE K 135 -5.48 -40.22 65.73
C ILE K 135 -5.10 -40.37 64.29
N HIS K 136 -3.82 -40.25 63.98
CA HIS K 136 -3.37 -40.43 62.60
C HIS K 136 -1.90 -40.73 62.52
N GLN K 137 -1.47 -41.32 61.43
CA GLN K 137 -0.06 -41.54 61.15
C GLN K 137 0.68 -40.21 61.09
N PRO K 138 1.98 -40.16 61.41
CA PRO K 138 2.78 -38.96 61.45
C PRO K 138 2.98 -38.34 60.12
N LEU K 139 3.11 -37.02 60.14
CA LEU K 139 3.36 -36.21 58.97
C LEU K 139 4.78 -35.76 58.94
N GLY K 140 5.28 -35.44 57.79
CA GLY K 140 6.64 -34.94 57.69
C GLY K 140 7.01 -34.73 56.26
N GLY K 141 8.29 -34.62 55.98
CA GLY K 141 8.69 -34.42 54.61
C GLY K 141 10.13 -34.03 54.49
N TYR K 142 10.61 -33.99 53.25
CA TYR K 142 12.00 -33.65 52.99
C TYR K 142 12.24 -33.15 51.59
N GLN K 143 13.21 -32.27 51.43
CA GLN K 143 13.64 -31.80 50.13
C GLN K 143 15.11 -32.03 49.98
N GLY K 144 15.56 -32.52 48.85
CA GLY K 144 16.99 -32.74 48.70
C GLY K 144 17.32 -33.82 47.72
N GLN K 145 18.50 -34.38 47.82
CA GLN K 145 18.93 -35.38 46.87
C GLN K 145 18.24 -36.68 47.10
N ALA K 146 18.06 -37.49 46.07
CA ALA K 146 17.39 -38.77 46.26
C ALA K 146 18.05 -39.60 47.35
N THR K 147 19.35 -39.56 47.52
CA THR K 147 19.95 -40.29 48.63
C THR K 147 19.43 -39.80 49.98
N ASP K 148 19.20 -38.51 50.14
CA ASP K 148 18.78 -38.01 51.41
C ASP K 148 17.32 -38.22 51.56
N ILE K 149 16.61 -38.22 50.48
CA ILE K 149 15.20 -38.46 50.57
C ILE K 149 15.01 -39.83 51.14
N GLU K 150 15.84 -40.76 50.68
CA GLU K 150 15.79 -42.13 51.16
C GLU K 150 16.10 -42.22 52.65
N ILE K 151 17.04 -41.42 53.13
CA ILE K 151 17.36 -41.49 54.55
C ILE K 151 16.23 -40.96 55.37
N HIS K 152 15.67 -39.85 54.98
CA HIS K 152 14.62 -39.26 55.72
C HIS K 152 13.33 -40.02 55.60
N ALA K 153 13.04 -40.62 54.45
CA ALA K 153 11.83 -41.41 54.35
C ALA K 153 11.93 -42.60 55.27
N ARG K 154 13.10 -43.21 55.33
CA ARG K 154 13.33 -44.36 56.19
C ARG K 154 13.09 -44.01 57.66
N GLU K 155 13.44 -42.80 58.06
CA GLU K 155 13.26 -42.39 59.41
C GLU K 155 11.84 -42.10 59.72
N ILE K 156 11.09 -41.47 58.83
CA ILE K 156 9.73 -41.24 59.24
C ILE K 156 8.99 -42.54 59.36
N LEU K 157 9.31 -43.50 58.53
CA LEU K 157 8.61 -44.75 58.64
C LEU K 157 8.99 -45.45 59.91
N LYS K 158 10.21 -45.34 60.37
CA LYS K 158 10.54 -45.94 61.65
C LYS K 158 9.75 -45.30 62.76
N VAL K 159 9.55 -44.00 62.70
CA VAL K 159 8.77 -43.33 63.72
C VAL K 159 7.35 -43.80 63.64
N LYS K 160 6.80 -43.90 62.45
CA LYS K 160 5.46 -44.37 62.32
C LYS K 160 5.34 -45.72 62.96
N GLY K 161 6.27 -46.59 62.68
CA GLY K 161 6.23 -47.92 63.24
C GLY K 161 6.32 -47.88 64.73
N ARG K 162 7.26 -47.09 65.26
CA ARG K 162 7.43 -46.99 66.71
C ARG K 162 6.18 -46.47 67.40
N MET K 163 5.51 -45.52 66.76
CA MET K 163 4.30 -44.91 67.30
C MET K 163 3.13 -45.89 67.30
N ASN K 164 3.12 -46.76 66.30
CA ASN K 164 2.08 -47.76 66.16
C ASN K 164 2.23 -48.82 67.25
N GLU K 165 3.47 -49.15 67.56
CA GLU K 165 3.72 -50.13 68.59
C GLU K 165 3.31 -49.61 69.93
N LEU K 166 3.62 -48.35 70.19
CA LEU K 166 3.26 -47.81 71.47
C LEU K 166 1.77 -47.65 71.60
N MET K 167 1.05 -47.26 70.56
CA MET K 167 -0.37 -47.24 70.82
C MET K 167 -0.92 -48.59 71.00
N ALA K 168 -0.44 -49.58 70.28
CA ALA K 168 -0.99 -50.88 70.53
C ALA K 168 -0.71 -51.27 71.97
N LEU K 169 0.46 -50.94 72.48
CA LEU K 169 0.76 -51.27 73.84
C LEU K 169 -0.19 -50.65 74.83
N HIS K 170 -0.44 -49.37 74.65
CA HIS K 170 -1.29 -48.65 75.57
C HIS K 170 -2.77 -48.83 75.37
N THR K 171 -3.21 -49.16 74.17
CA THR K 171 -4.65 -49.28 73.98
C THR K 171 -5.14 -50.70 74.06
N GLY K 172 -4.31 -51.70 73.83
CA GLY K 172 -4.80 -53.05 73.88
C GLY K 172 -5.26 -53.54 72.52
N GLN K 173 -5.14 -52.70 71.53
CA GLN K 173 -5.51 -53.05 70.20
C GLN K 173 -4.38 -53.84 69.62
N SER K 174 -4.65 -54.67 68.65
CA SER K 174 -3.55 -55.37 68.04
C SER K 174 -2.75 -54.38 67.25
N LEU K 175 -1.55 -54.72 66.88
CA LEU K 175 -0.77 -53.79 66.11
C LEU K 175 -1.37 -53.58 64.76
N GLU K 176 -1.86 -54.68 64.18
CA GLU K 176 -2.46 -54.66 62.87
C GLU K 176 -3.67 -53.73 62.85
N GLN K 177 -4.39 -53.68 63.95
CA GLN K 177 -5.55 -52.83 64.01
C GLN K 177 -5.15 -51.39 64.15
N ILE K 178 -4.10 -51.08 64.90
CA ILE K 178 -3.69 -49.70 64.98
C ILE K 178 -3.25 -49.24 63.62
N GLU K 179 -2.50 -50.06 62.90
CA GLU K 179 -2.07 -49.64 61.60
C GLU K 179 -3.22 -49.40 60.67
N ARG K 180 -4.26 -50.21 60.73
CA ARG K 180 -5.38 -49.90 59.88
C ARG K 180 -6.06 -48.61 60.29
N ASP K 181 -6.24 -48.40 61.56
CA ASP K 181 -6.98 -47.23 62.00
C ASP K 181 -6.32 -45.90 61.81
N THR K 182 -5.02 -45.82 61.93
CA THR K 182 -4.37 -44.54 61.83
C THR K 182 -4.00 -44.20 60.42
N GLU K 183 -4.41 -45.05 59.48
CA GLU K 183 -4.12 -44.80 58.06
C GLU K 183 -4.54 -43.39 57.65
N ARG K 184 -5.73 -43.00 58.07
CA ARG K 184 -6.28 -41.69 57.76
C ARG K 184 -6.83 -41.15 59.08
N ASP K 185 -7.05 -39.84 59.15
CA ASP K 185 -7.56 -39.30 60.38
C ASP K 185 -8.75 -40.05 60.89
N ARG K 186 -8.66 -40.51 62.09
CA ARG K 186 -9.72 -41.23 62.71
C ARG K 186 -10.23 -40.46 63.87
N PHE K 187 -11.49 -40.08 63.84
CA PHE K 187 -12.04 -39.30 64.94
C PHE K 187 -12.83 -40.19 65.84
N LEU K 188 -12.70 -39.97 67.12
CA LEU K 188 -13.44 -40.72 68.09
C LEU K 188 -14.16 -39.78 69.05
N SER K 189 -15.41 -40.05 69.35
CA SER K 189 -16.13 -39.26 70.31
C SER K 189 -15.72 -39.75 71.66
N ALA K 190 -16.05 -39.06 72.74
CA ALA K 190 -15.56 -39.56 74.01
C ALA K 190 -15.95 -41.03 74.27
N PRO K 191 -17.18 -41.51 74.06
CA PRO K 191 -17.53 -42.89 74.24
C PRO K 191 -16.81 -43.85 73.34
N GLU K 192 -16.36 -43.35 72.19
CA GLU K 192 -15.67 -44.19 71.22
C GLU K 192 -14.23 -44.40 71.68
N ALA K 193 -13.69 -43.37 72.32
CA ALA K 193 -12.34 -43.44 72.81
C ALA K 193 -12.31 -44.47 73.91
N VAL K 194 -13.39 -44.54 74.68
CA VAL K 194 -13.45 -45.51 75.74
C VAL K 194 -13.55 -46.91 75.19
N GLU K 195 -14.40 -47.13 74.22
CA GLU K 195 -14.51 -48.47 73.66
C GLU K 195 -13.26 -48.93 72.96
N TYR K 196 -12.64 -48.00 72.25
CA TYR K 196 -11.43 -48.28 71.49
C TYR K 196 -10.31 -48.63 72.46
N GLY K 197 -10.28 -47.94 73.58
CA GLY K 197 -9.27 -48.19 74.56
C GLY K 197 -8.29 -47.07 74.67
N LEU K 198 -8.58 -45.91 74.11
CA LEU K 198 -7.64 -44.84 74.24
C LEU K 198 -7.71 -44.33 75.65
N VAL K 199 -8.90 -44.32 76.22
CA VAL K 199 -9.07 -43.85 77.59
C VAL K 199 -9.83 -44.88 78.35
N ASP K 200 -9.82 -44.82 79.66
CA ASP K 200 -10.52 -45.78 80.45
C ASP K 200 -11.96 -45.39 80.74
N SER K 201 -12.22 -44.11 80.95
CA SER K 201 -13.59 -43.74 81.25
C SER K 201 -13.89 -42.27 81.08
N ILE K 202 -15.18 -41.97 81.06
CA ILE K 202 -15.67 -40.62 80.92
C ILE K 202 -16.05 -40.02 82.24
N LEU K 203 -15.59 -38.83 82.50
CA LEU K 203 -15.92 -38.16 83.74
C LEU K 203 -17.25 -37.51 83.52
N THR K 204 -18.07 -37.42 84.54
CA THR K 204 -19.40 -36.83 84.37
C THR K 204 -19.60 -35.65 85.24
N HIS K 205 -19.82 -35.89 86.51
CA HIS K 205 -19.99 -34.83 87.47
C HIS K 205 -19.22 -35.18 88.71
N ARG K 206 -18.76 -34.18 89.44
CA ARG K 206 -18.16 -34.51 90.71
C ARG K 206 -19.19 -35.22 91.55
N ALA L 15 -0.18 0.17 83.35
CA ALA L 15 -1.48 0.40 83.96
C ALA L 15 -2.57 0.03 83.02
N LEU L 16 -2.31 -0.95 82.20
CA LEU L 16 -3.33 -1.37 81.29
C LEU L 16 -4.56 -1.82 82.05
N VAL L 17 -4.33 -2.55 83.14
CA VAL L 17 -5.37 -3.04 83.99
C VAL L 17 -5.08 -2.47 85.38
N PRO L 18 -5.98 -1.70 86.00
CA PRO L 18 -5.77 -1.02 87.25
C PRO L 18 -5.73 -1.96 88.41
N MET L 19 -5.06 -1.54 89.47
CA MET L 19 -4.98 -2.25 90.73
C MET L 19 -6.05 -1.72 91.64
N VAL L 20 -6.57 -2.56 92.50
CA VAL L 20 -7.52 -2.14 93.49
C VAL L 20 -7.07 -2.56 94.87
N ILE L 21 -7.45 -1.81 95.88
CA ILE L 21 -7.05 -2.10 97.24
C ILE L 21 -8.20 -2.58 98.07
N GLU L 22 -8.00 -3.62 98.86
CA GLU L 22 -9.07 -4.16 99.69
C GLU L 22 -8.55 -4.48 101.08
N GLN L 23 -9.40 -4.37 102.09
CA GLN L 23 -8.94 -4.66 103.44
C GLN L 23 -9.48 -5.99 103.90
N THR L 24 -8.68 -6.65 104.73
CA THR L 24 -9.01 -7.96 105.26
C THR L 24 -8.87 -7.97 106.77
N SER L 25 -7.70 -8.40 107.19
CA SER L 25 -7.25 -8.49 108.56
C SER L 25 -6.15 -7.47 108.61
N ARG L 26 -5.00 -7.84 108.09
CA ARG L 26 -3.88 -6.93 107.95
C ARG L 26 -4.20 -5.85 106.89
N GLY L 27 -4.90 -6.21 105.82
CA GLY L 27 -5.29 -5.23 104.80
C GLY L 27 -4.25 -4.90 103.74
N GLU L 28 -3.14 -5.59 103.76
CA GLU L 28 -2.10 -5.29 102.79
C GLU L 28 -2.35 -6.10 101.53
N ARG L 29 -3.43 -5.75 100.84
CA ARG L 29 -3.82 -6.45 99.64
C ARG L 29 -4.14 -5.54 98.51
N SER L 30 -3.43 -5.77 97.43
CA SER L 30 -3.55 -5.02 96.20
C SER L 30 -3.67 -5.98 95.07
N PHE L 31 -4.79 -5.98 94.36
CA PHE L 31 -4.90 -6.95 93.27
C PHE L 31 -5.34 -6.37 91.93
N ASP L 32 -4.87 -7.01 90.84
CA ASP L 32 -5.25 -6.59 89.51
C ASP L 32 -6.75 -6.71 89.55
N ILE L 33 -7.47 -5.68 89.12
CA ILE L 33 -8.91 -5.74 89.19
C ILE L 33 -9.49 -7.07 88.72
N TYR L 34 -8.86 -7.79 87.81
CA TYR L 34 -9.48 -9.04 87.43
C TYR L 34 -9.29 -10.09 88.50
N SER L 35 -8.25 -9.98 89.30
CA SER L 35 -8.01 -10.94 90.34
C SER L 35 -8.93 -10.62 91.48
N ARG L 36 -9.25 -9.35 91.61
CA ARG L 36 -10.17 -8.92 92.62
C ARG L 36 -11.52 -9.49 92.33
N LEU L 37 -11.86 -9.56 91.06
CA LEU L 37 -13.13 -10.13 90.72
C LEU L 37 -13.12 -11.66 90.84
N LEU L 38 -12.01 -12.38 90.62
CA LEU L 38 -12.12 -13.82 90.96
C LEU L 38 -12.44 -14.01 92.39
N LYS L 39 -11.94 -13.16 93.23
CA LYS L 39 -12.23 -13.31 94.63
C LYS L 39 -13.74 -13.27 94.91
N GLU L 40 -14.51 -12.66 94.00
CA GLU L 40 -15.96 -12.53 94.18
C GLU L 40 -16.69 -13.59 93.36
N ARG L 41 -15.88 -14.49 92.83
CA ARG L 41 -16.32 -15.60 92.00
C ARG L 41 -16.87 -15.16 90.68
N VAL L 42 -16.23 -14.17 90.08
CA VAL L 42 -16.59 -13.67 88.77
C VAL L 42 -15.52 -13.91 87.73
N ILE L 43 -15.90 -14.56 86.65
CA ILE L 43 -15.03 -14.87 85.54
C ILE L 43 -15.51 -14.21 84.30
N PHE L 44 -14.65 -13.53 83.56
CA PHE L 44 -15.10 -12.94 82.32
C PHE L 44 -14.64 -13.73 81.15
N LEU L 45 -15.51 -13.90 80.19
CA LEU L 45 -15.20 -14.57 78.95
C LEU L 45 -15.37 -13.59 77.84
N THR L 46 -14.30 -13.11 77.27
CA THR L 46 -14.49 -12.14 76.22
C THR L 46 -13.66 -12.41 75.02
N GLY L 47 -14.13 -11.95 73.89
CA GLY L 47 -13.37 -12.05 72.66
C GLY L 47 -13.53 -13.44 72.09
N GLN L 48 -12.69 -13.82 71.17
CA GLN L 48 -12.86 -15.11 70.52
C GLN L 48 -12.57 -16.21 71.45
N VAL L 49 -13.30 -17.30 71.37
CA VAL L 49 -12.96 -18.45 72.18
C VAL L 49 -11.93 -19.24 71.43
N GLU L 50 -10.80 -19.46 72.10
CA GLU L 50 -9.70 -20.20 71.50
C GLU L 50 -9.24 -21.14 72.59
N ASP L 51 -8.08 -21.75 72.41
CA ASP L 51 -7.63 -22.64 73.46
C ASP L 51 -6.95 -21.99 74.61
N HIS L 52 -6.22 -20.92 74.43
CA HIS L 52 -5.54 -20.43 75.58
C HIS L 52 -6.49 -19.76 76.52
N MET L 53 -7.46 -19.00 76.03
CA MET L 53 -8.35 -18.45 77.01
C MET L 53 -9.25 -19.51 77.54
N ALA L 54 -9.56 -20.54 76.76
CA ALA L 54 -10.45 -21.53 77.29
C ALA L 54 -9.79 -22.20 78.43
N ASN L 55 -8.52 -22.51 78.31
CA ASN L 55 -7.91 -23.14 79.44
C ASN L 55 -7.82 -22.22 80.60
N LEU L 56 -7.70 -20.94 80.37
CA LEU L 56 -7.63 -20.08 81.50
C LEU L 56 -8.98 -20.05 82.20
N ILE L 57 -10.07 -20.07 81.45
CA ILE L 57 -11.38 -20.11 82.07
C ILE L 57 -11.54 -21.39 82.82
N VAL L 58 -11.11 -22.48 82.25
CA VAL L 58 -11.23 -23.71 82.97
C VAL L 58 -10.42 -23.65 84.23
N ALA L 59 -9.20 -23.11 84.19
CA ALA L 59 -8.44 -23.05 85.40
C ALA L 59 -9.16 -22.23 86.45
N GLN L 60 -9.80 -21.15 86.06
CA GLN L 60 -10.52 -20.33 87.01
C GLN L 60 -11.70 -21.06 87.56
N MET L 61 -12.43 -21.79 86.75
CA MET L 61 -13.54 -22.53 87.28
C MET L 61 -13.12 -23.60 88.23
N LEU L 62 -12.04 -24.30 87.94
CA LEU L 62 -11.63 -25.36 88.84
C LEU L 62 -11.19 -24.74 90.15
N PHE L 63 -10.50 -23.61 90.04
CA PHE L 63 -10.02 -22.89 91.22
C PHE L 63 -11.14 -22.40 92.12
N LEU L 64 -12.24 -21.90 91.54
CA LEU L 64 -13.32 -21.44 92.35
C LEU L 64 -14.08 -22.58 92.96
N GLU L 65 -14.22 -23.68 92.23
CA GLU L 65 -14.92 -24.85 92.72
C GLU L 65 -14.25 -25.37 94.00
N ALA L 66 -12.92 -25.36 94.00
CA ALA L 66 -12.17 -25.81 95.14
C ALA L 66 -12.32 -24.87 96.31
N GLU L 67 -12.35 -23.58 96.06
CA GLU L 67 -12.49 -22.58 97.12
C GLU L 67 -13.79 -22.75 97.91
N ASN L 68 -14.89 -23.02 97.22
CA ASN L 68 -16.16 -23.19 97.86
C ASN L 68 -17.09 -23.92 96.95
N PRO L 69 -17.18 -25.22 97.01
CA PRO L 69 -17.96 -26.05 96.15
C PRO L 69 -19.43 -25.78 96.17
N GLU L 70 -19.90 -25.09 97.19
CA GLU L 70 -21.31 -24.86 97.33
C GLU L 70 -21.75 -23.50 96.85
N LYS L 71 -20.83 -22.70 96.35
CA LYS L 71 -21.24 -21.34 96.02
C LYS L 71 -21.07 -21.03 94.54
N ASP L 72 -22.02 -20.30 94.01
CA ASP L 72 -22.09 -19.99 92.60
C ASP L 72 -20.94 -19.25 92.02
N ILE L 73 -20.71 -19.50 90.74
CA ILE L 73 -19.71 -18.86 89.93
C ILE L 73 -20.40 -18.07 88.89
N TYR L 74 -20.00 -16.82 88.68
CA TYR L 74 -20.66 -15.99 87.68
C TYR L 74 -19.77 -15.82 86.45
N LEU L 75 -20.28 -16.22 85.28
CA LEU L 75 -19.49 -16.09 84.09
C LEU L 75 -20.10 -15.01 83.24
N TYR L 76 -19.33 -13.97 82.99
CA TYR L 76 -19.79 -12.85 82.17
C TYR L 76 -19.34 -13.13 80.75
N ILE L 77 -20.29 -13.13 79.82
CA ILE L 77 -19.96 -13.41 78.45
C ILE L 77 -20.16 -12.28 77.54
N ASN L 78 -19.13 -11.94 76.81
CA ASN L 78 -19.18 -10.91 75.80
C ASN L 78 -18.30 -11.41 74.71
N SER L 79 -18.84 -12.16 73.80
CA SER L 79 -18.02 -12.86 72.86
C SER L 79 -18.68 -13.15 71.54
N PRO L 80 -17.98 -12.89 70.42
CA PRO L 80 -18.40 -13.12 69.07
C PRO L 80 -18.41 -14.57 68.66
N GLY L 81 -17.86 -15.45 69.47
CA GLY L 81 -17.81 -16.82 69.01
C GLY L 81 -16.44 -17.38 69.18
N GLY L 82 -16.10 -18.41 68.45
CA GLY L 82 -14.80 -19.01 68.60
C GLY L 82 -14.77 -20.44 68.13
N VAL L 83 -13.73 -21.12 68.52
CA VAL L 83 -13.45 -22.48 68.16
C VAL L 83 -14.33 -23.39 68.97
N ILE L 84 -15.05 -24.29 68.34
CA ILE L 84 -15.94 -25.14 69.09
C ILE L 84 -15.18 -26.01 70.02
N THR L 85 -14.14 -26.61 69.53
CA THR L 85 -13.40 -27.47 70.40
C THR L 85 -12.95 -26.77 71.64
N ALA L 86 -12.39 -25.58 71.53
CA ALA L 86 -11.93 -24.91 72.71
C ALA L 86 -13.07 -24.61 73.63
N GLY L 87 -14.19 -24.18 73.08
CA GLY L 87 -15.33 -23.84 73.88
C GLY L 87 -15.94 -25.03 74.57
N MET L 88 -15.82 -26.21 74.01
CA MET L 88 -16.39 -27.37 74.64
C MET L 88 -15.66 -27.75 75.90
N SER L 89 -14.46 -27.25 76.12
CA SER L 89 -13.78 -27.59 77.34
C SER L 89 -14.35 -26.73 78.47
N ILE L 90 -15.03 -25.65 78.12
CA ILE L 90 -15.59 -24.78 79.11
C ILE L 90 -16.92 -25.40 79.35
N TYR L 91 -17.60 -25.73 78.25
CA TYR L 91 -18.90 -26.37 78.31
C TYR L 91 -18.88 -27.56 79.27
N ASP L 92 -17.89 -28.44 79.15
CA ASP L 92 -17.82 -29.56 80.03
C ASP L 92 -17.38 -29.22 81.41
N THR L 93 -16.47 -28.30 81.59
CA THR L 93 -16.08 -27.97 82.95
C THR L 93 -17.27 -27.45 83.70
N MET L 94 -18.07 -26.63 83.07
CA MET L 94 -19.24 -26.09 83.72
C MET L 94 -20.20 -27.15 84.17
N GLN L 95 -20.34 -28.23 83.41
CA GLN L 95 -21.30 -29.23 83.82
C GLN L 95 -20.71 -30.14 84.87
N PHE L 96 -19.41 -30.37 84.80
CA PHE L 96 -18.71 -31.22 85.72
C PHE L 96 -18.58 -30.68 87.14
N ILE L 97 -18.20 -29.42 87.28
CA ILE L 97 -17.96 -28.88 88.61
C ILE L 97 -19.25 -28.75 89.37
N LYS L 98 -19.21 -28.95 90.67
CA LYS L 98 -20.39 -28.89 91.50
C LYS L 98 -21.19 -27.59 91.59
N PRO L 99 -20.63 -26.39 91.85
CA PRO L 99 -21.41 -25.20 92.03
C PRO L 99 -22.05 -24.79 90.75
N ASP L 100 -23.21 -24.18 90.81
CA ASP L 100 -23.83 -23.69 89.61
C ASP L 100 -23.02 -22.63 88.97
N VAL L 101 -22.95 -22.65 87.66
CA VAL L 101 -22.31 -21.55 87.00
C VAL L 101 -23.38 -20.75 86.38
N SER L 102 -23.51 -19.54 86.81
CA SER L 102 -24.51 -18.63 86.33
C SER L 102 -23.90 -17.90 85.20
N THR L 103 -24.64 -17.62 84.16
CA THR L 103 -24.06 -16.94 83.04
C THR L 103 -24.78 -15.68 82.74
N ILE L 104 -24.04 -14.64 82.44
CA ILE L 104 -24.64 -13.37 82.11
C ILE L 104 -24.17 -12.87 80.78
N CYS L 105 -25.11 -12.59 79.88
CA CYS L 105 -24.74 -12.09 78.55
C CYS L 105 -24.75 -10.57 78.47
N MET L 106 -23.61 -9.97 78.14
CA MET L 106 -23.52 -8.53 78.04
C MET L 106 -22.90 -8.23 76.72
N GLY L 107 -23.25 -7.17 76.05
CA GLY L 107 -22.61 -7.05 74.75
C GLY L 107 -23.24 -8.14 73.91
N GLN L 108 -22.46 -9.11 73.46
CA GLN L 108 -23.05 -10.15 72.66
C GLN L 108 -22.63 -11.52 73.06
N ALA L 109 -23.46 -12.46 72.73
CA ALA L 109 -23.12 -13.85 72.88
C ALA L 109 -23.40 -14.49 71.56
N ALA L 110 -22.42 -14.64 70.73
CA ALA L 110 -22.68 -15.19 69.43
C ALA L 110 -22.02 -16.52 69.26
N SER L 111 -22.66 -17.41 68.54
CA SER L 111 -22.07 -18.68 68.20
C SER L 111 -21.69 -19.44 69.44
N MET L 112 -20.40 -19.76 69.57
CA MET L 112 -19.93 -20.44 70.77
C MET L 112 -20.28 -19.63 72.04
N GLY L 113 -20.37 -18.30 71.93
CA GLY L 113 -20.68 -17.50 73.06
C GLY L 113 -22.11 -17.78 73.48
N ALA L 114 -23.00 -17.99 72.51
CA ALA L 114 -24.39 -18.24 72.81
C ALA L 114 -24.55 -19.59 73.37
N PHE L 115 -23.75 -20.51 72.82
CA PHE L 115 -23.76 -21.91 73.23
C PHE L 115 -23.43 -22.00 74.70
N LEU L 116 -22.40 -21.27 75.13
CA LEU L 116 -22.05 -21.30 76.53
C LEU L 116 -23.05 -20.53 77.34
N LEU L 117 -23.62 -19.46 76.84
CA LEU L 117 -24.59 -18.75 77.64
C LEU L 117 -25.73 -19.62 78.08
N THR L 118 -26.24 -20.46 77.19
CA THR L 118 -27.37 -21.29 77.52
C THR L 118 -27.00 -22.45 78.39
N ALA L 119 -25.72 -22.69 78.56
CA ALA L 119 -25.20 -23.82 79.29
C ALA L 119 -25.11 -23.54 80.75
N GLY L 120 -25.50 -22.34 81.15
CA GLY L 120 -25.42 -21.97 82.53
C GLY L 120 -26.48 -22.69 83.30
N ALA L 121 -26.40 -22.58 84.60
CA ALA L 121 -27.32 -23.29 85.45
C ALA L 121 -28.71 -22.87 85.17
N LYS L 122 -29.62 -23.80 85.16
CA LYS L 122 -30.99 -23.44 84.88
C LYS L 122 -31.52 -22.51 85.91
N GLY L 123 -32.13 -21.42 85.47
CA GLY L 123 -32.72 -20.44 86.35
C GLY L 123 -31.75 -19.32 86.61
N LYS L 124 -30.52 -19.50 86.19
CA LYS L 124 -29.50 -18.54 86.40
C LYS L 124 -28.85 -18.04 85.13
N ARG L 125 -29.53 -18.17 84.00
CA ARG L 125 -28.99 -17.68 82.75
C ARG L 125 -29.58 -16.32 82.48
N PHE L 126 -28.80 -15.27 82.62
CA PHE L 126 -29.34 -13.92 82.45
C PHE L 126 -28.76 -13.15 81.29
N CYS L 127 -29.52 -12.21 80.76
CA CYS L 127 -29.05 -11.40 79.64
C CYS L 127 -29.42 -9.94 79.86
N LEU L 128 -28.44 -9.04 79.68
CA LEU L 128 -28.73 -7.62 79.88
C LEU L 128 -29.60 -7.17 78.72
N PRO L 129 -30.48 -6.18 78.90
CA PRO L 129 -31.47 -5.76 77.96
C PRO L 129 -31.05 -5.27 76.59
N ASN L 130 -29.85 -4.76 76.38
CA ASN L 130 -29.56 -4.29 75.05
C ASN L 130 -28.60 -5.19 74.36
N SER L 131 -28.39 -6.36 74.93
CA SER L 131 -27.46 -7.34 74.38
C SER L 131 -28.09 -8.16 73.26
N ARG L 132 -27.23 -8.78 72.45
CA ARG L 132 -27.68 -9.58 71.33
C ARG L 132 -27.08 -10.98 71.39
N VAL L 133 -27.91 -11.97 71.05
CA VAL L 133 -27.49 -13.33 71.05
C VAL L 133 -27.64 -13.91 69.67
N MET L 134 -26.63 -14.61 69.18
CA MET L 134 -26.74 -15.15 67.83
C MET L 134 -26.42 -16.63 67.78
N ILE L 135 -27.31 -17.42 67.16
CA ILE L 135 -27.02 -18.84 67.09
C ILE L 135 -26.90 -19.28 65.65
N HIS L 136 -26.01 -20.23 65.39
CA HIS L 136 -25.84 -20.70 64.03
C HIS L 136 -25.01 -21.97 63.96
N GLN L 137 -25.29 -22.78 62.95
CA GLN L 137 -24.57 -24.04 62.75
C GLN L 137 -23.05 -23.85 62.63
N PRO L 138 -22.22 -24.85 62.97
CA PRO L 138 -20.77 -24.81 62.90
C PRO L 138 -20.20 -24.54 61.56
N LEU L 139 -19.10 -23.84 61.56
CA LEU L 139 -18.34 -23.55 60.37
C LEU L 139 -17.10 -24.37 60.36
N GLY L 140 -16.54 -24.62 59.21
CA GLY L 140 -15.30 -25.36 59.15
C GLY L 140 -14.92 -25.59 57.72
N GLY L 141 -14.00 -26.51 57.49
CA GLY L 141 -13.62 -26.78 56.12
C GLY L 141 -12.41 -27.65 56.03
N TYR L 142 -12.09 -28.09 54.82
CA TYR L 142 -10.94 -28.96 54.63
C TYR L 142 -10.49 -29.09 53.18
N GLN L 143 -9.17 -29.17 53.01
CA GLN L 143 -8.55 -29.31 51.70
C GLN L 143 -7.80 -30.63 51.67
N GLY L 144 -7.93 -31.41 50.61
CA GLY L 144 -7.24 -32.70 50.60
C GLY L 144 -7.83 -33.67 49.61
N GLN L 145 -7.64 -34.96 49.84
CA GLN L 145 -8.13 -35.94 48.89
C GLN L 145 -9.59 -36.15 49.10
N ALA L 146 -10.33 -36.57 48.11
CA ALA L 146 -11.75 -36.80 48.32
C ALA L 146 -12.00 -37.71 49.51
N THR L 147 -11.14 -38.68 49.74
CA THR L 147 -11.29 -39.53 50.89
C THR L 147 -11.15 -38.79 52.20
N ASP L 148 -10.28 -37.80 52.27
CA ASP L 148 -10.09 -37.11 53.52
C ASP L 148 -11.19 -36.12 53.65
N ILE L 149 -11.66 -35.62 52.55
CA ILE L 149 -12.72 -34.66 52.60
C ILE L 149 -13.89 -35.33 53.20
N GLU L 150 -14.15 -36.56 52.79
CA GLU L 150 -15.26 -37.34 53.32
C GLU L 150 -15.16 -37.53 54.83
N ILE L 151 -13.96 -37.75 55.35
CA ILE L 151 -13.80 -37.94 56.77
C ILE L 151 -14.04 -36.68 57.52
N HIS L 152 -13.49 -35.59 57.04
CA HIS L 152 -13.68 -34.35 57.72
C HIS L 152 -15.08 -33.85 57.59
N ALA L 153 -15.73 -34.07 56.46
CA ALA L 153 -17.10 -33.65 56.35
C ALA L 153 -17.96 -34.41 57.31
N ARG L 154 -17.72 -35.70 57.50
CA ARG L 154 -18.55 -36.39 58.45
C ARG L 154 -18.34 -35.87 59.82
N GLU L 155 -17.08 -35.56 60.12
CA GLU L 155 -16.67 -35.04 61.41
C GLU L 155 -17.37 -33.74 61.77
N ILE L 156 -17.58 -32.85 60.80
CA ILE L 156 -18.23 -31.62 61.16
C ILE L 156 -19.70 -31.84 61.31
N LEU L 157 -20.29 -32.73 60.53
CA LEU L 157 -21.69 -32.98 60.70
C LEU L 157 -21.98 -33.64 62.02
N LYS L 158 -21.10 -34.49 62.51
CA LYS L 158 -21.37 -35.05 63.81
C LYS L 158 -21.36 -33.98 64.84
N VAL L 159 -20.46 -33.03 64.71
CA VAL L 159 -20.43 -31.95 65.66
C VAL L 159 -21.68 -31.16 65.50
N LYS L 160 -22.10 -30.84 64.31
CA LYS L 160 -23.33 -30.10 64.18
C LYS L 160 -24.45 -30.79 64.88
N GLY L 161 -24.58 -32.09 64.70
CA GLY L 161 -25.65 -32.79 65.34
C GLY L 161 -25.52 -32.71 66.83
N ARG L 162 -24.31 -32.90 67.33
CA ARG L 162 -24.05 -32.85 68.77
C ARG L 162 -24.37 -31.49 69.39
N MET L 163 -24.09 -30.40 68.67
CA MET L 163 -24.35 -29.09 69.19
C MET L 163 -25.84 -28.84 69.21
N ASN L 164 -26.53 -29.33 68.18
CA ASN L 164 -27.97 -29.19 68.09
C ASN L 164 -28.67 -29.91 69.24
N GLU L 165 -28.15 -31.07 69.64
CA GLU L 165 -28.77 -31.80 70.72
C GLU L 165 -28.58 -31.08 72.00
N LEU L 166 -27.40 -30.51 72.20
CA LEU L 166 -27.20 -29.84 73.45
C LEU L 166 -28.02 -28.58 73.51
N MET L 167 -28.20 -27.86 72.43
CA MET L 167 -29.07 -26.73 72.63
C MET L 167 -30.48 -27.13 72.86
N ALA L 168 -30.96 -28.18 72.23
CA ALA L 168 -32.32 -28.54 72.49
C ALA L 168 -32.45 -28.91 73.96
N LEU L 169 -31.43 -29.57 74.50
CA LEU L 169 -31.48 -29.93 75.89
C LEU L 169 -31.56 -28.73 76.80
N HIS L 170 -30.74 -27.74 76.55
CA HIS L 170 -30.69 -26.58 77.41
C HIS L 170 -31.76 -25.55 77.16
N THR L 171 -32.30 -25.49 75.95
CA THR L 171 -33.32 -24.48 75.72
C THR L 171 -34.74 -24.98 75.86
N GLY L 172 -34.98 -26.26 75.70
CA GLY L 172 -36.34 -26.74 75.81
C GLY L 172 -37.04 -26.75 74.47
N GLN L 173 -36.35 -26.36 73.43
CA GLN L 173 -36.90 -26.37 72.12
C GLN L 173 -36.82 -27.76 71.63
N SER L 174 -37.66 -28.16 70.72
CA SER L 174 -37.51 -29.50 70.21
C SER L 174 -36.26 -29.54 69.40
N LEU L 175 -35.73 -30.70 69.14
CA LEU L 175 -34.52 -30.75 68.36
C LEU L 175 -34.76 -30.29 66.95
N GLU L 176 -35.90 -30.67 66.41
CA GLU L 176 -36.27 -30.29 65.05
C GLU L 176 -36.33 -28.77 64.92
N GLN L 177 -36.79 -28.11 65.98
CA GLN L 177 -36.87 -26.67 65.94
C GLN L 177 -35.49 -26.08 66.01
N ILE L 178 -34.60 -26.64 66.82
CA ILE L 178 -33.27 -26.10 66.87
C ILE L 178 -32.61 -26.28 65.55
N GLU L 179 -32.78 -27.40 64.91
CA GLU L 179 -32.13 -27.55 63.65
C GLU L 179 -32.60 -26.53 62.67
N ARG L 180 -33.88 -26.25 62.59
CA ARG L 180 -34.31 -25.27 61.63
C ARG L 180 -33.77 -23.90 61.92
N ASP L 181 -33.71 -23.55 63.17
CA ASP L 181 -33.31 -22.23 63.53
C ASP L 181 -31.85 -21.94 63.51
N THR L 182 -31.01 -22.92 63.21
CA THR L 182 -29.60 -22.60 63.17
C THR L 182 -29.08 -22.74 61.77
N GLU L 183 -29.94 -22.96 60.79
CA GLU L 183 -29.39 -23.11 59.46
C GLU L 183 -28.74 -21.83 58.97
N ARG L 184 -29.31 -20.70 59.34
CA ARG L 184 -28.81 -19.40 58.97
C ARG L 184 -28.63 -18.62 60.23
N ASP L 185 -27.76 -17.65 60.24
CA ASP L 185 -27.59 -16.90 61.46
C ASP L 185 -28.90 -16.40 61.99
N ARG L 186 -29.18 -16.69 63.22
CA ARG L 186 -30.40 -16.25 63.83
C ARG L 186 -30.09 -15.28 64.92
N PHE L 187 -30.58 -14.05 64.79
CA PHE L 187 -30.31 -13.04 65.82
C PHE L 187 -31.50 -12.83 66.77
N LEU L 188 -31.22 -12.87 68.06
CA LEU L 188 -32.26 -12.68 69.05
C LEU L 188 -31.96 -11.49 69.95
N SER L 189 -32.95 -10.67 70.23
CA SER L 189 -32.76 -9.56 71.14
C SER L 189 -32.88 -10.12 72.52
N ALA L 190 -32.53 -9.38 73.56
CA ALA L 190 -32.61 -10.03 74.86
C ALA L 190 -33.99 -10.60 75.16
N PRO L 191 -35.13 -9.94 74.93
CA PRO L 191 -36.43 -10.49 75.14
C PRO L 191 -36.73 -11.71 74.32
N GLU L 192 -36.06 -11.84 73.18
CA GLU L 192 -36.28 -12.96 72.29
C GLU L 192 -35.54 -14.17 72.83
N ALA L 193 -34.38 -13.91 73.42
CA ALA L 193 -33.58 -14.95 73.99
C ALA L 193 -34.36 -15.54 75.15
N VAL L 194 -35.10 -14.69 75.86
CA VAL L 194 -35.88 -15.18 76.97
C VAL L 194 -37.04 -16.03 76.49
N GLU L 195 -37.76 -15.60 75.47
CA GLU L 195 -38.87 -16.39 75.01
C GLU L 195 -38.45 -17.67 74.36
N TYR L 196 -37.32 -17.60 73.64
CA TYR L 196 -36.78 -18.75 72.95
C TYR L 196 -36.33 -19.78 73.97
N GLY L 197 -35.78 -19.29 75.08
CA GLY L 197 -35.33 -20.17 76.12
C GLY L 197 -33.84 -20.24 76.21
N LEU L 198 -33.13 -19.32 75.57
CA LEU L 198 -31.70 -19.35 75.67
C LEU L 198 -31.33 -18.87 77.05
N VAL L 199 -32.09 -17.92 77.57
CA VAL L 199 -31.81 -17.42 78.90
C VAL L 199 -33.07 -17.44 79.69
N ASP L 200 -32.96 -17.34 80.99
CA ASP L 200 -34.12 -17.35 81.82
C ASP L 200 -34.71 -15.98 82.02
N SER L 201 -33.89 -14.97 82.10
CA SER L 201 -34.46 -13.64 82.33
C SER L 201 -33.54 -12.51 81.98
N ILE L 202 -34.07 -11.30 82.02
CA ILE L 202 -33.33 -10.09 81.78
C ILE L 202 -33.08 -9.32 83.04
N LEU L 203 -31.85 -8.91 83.24
CA LEU L 203 -31.53 -8.11 84.40
C LEU L 203 -31.76 -6.67 84.05
N THR L 204 -32.29 -5.90 84.94
CA THR L 204 -32.60 -4.52 84.62
C THR L 204 -31.85 -3.57 85.48
N HIS L 205 -32.23 -3.47 86.73
CA HIS L 205 -31.53 -2.61 87.66
C HIS L 205 -31.37 -3.36 88.95
N ARG L 206 -30.33 -3.05 89.71
CA ARG L 206 -30.24 -3.65 91.03
C ARG L 206 -31.58 -3.54 91.74
N ALA M 15 8.70 5.25 83.07
CA ALA M 15 7.30 5.44 83.38
C ALA M 15 6.48 5.62 82.15
N LEU M 16 5.94 4.54 81.62
CA LEU M 16 5.00 4.78 80.57
C LEU M 16 3.85 5.48 81.25
N VAL M 17 3.51 4.99 82.43
CA VAL M 17 2.49 5.53 83.28
C VAL M 17 3.18 5.82 84.61
N PRO M 18 3.18 7.08 85.04
CA PRO M 18 3.85 7.47 86.29
C PRO M 18 3.15 7.01 87.56
N MET M 19 3.97 6.71 88.57
CA MET M 19 3.48 6.27 89.86
C MET M 19 3.22 7.48 90.71
N VAL M 20 2.22 7.39 91.54
CA VAL M 20 1.95 8.43 92.49
C VAL M 20 1.84 7.81 93.85
N ILE M 21 2.01 8.58 94.89
CA ILE M 21 1.88 7.99 96.22
C ILE M 21 0.89 8.75 97.04
N GLU M 22 0.36 8.14 98.08
CA GLU M 22 -0.62 8.83 98.93
C GLU M 22 -0.47 8.44 100.39
N GLN M 23 -0.75 9.38 101.29
CA GLN M 23 -0.63 9.07 102.69
C GLN M 23 -1.91 8.44 103.16
N THR M 24 -1.82 7.50 104.09
CA THR M 24 -3.01 6.86 104.62
C THR M 24 -2.93 6.77 106.14
N SER M 25 -2.52 5.60 106.58
CA SER M 25 -2.25 5.24 107.94
C SER M 25 -0.74 5.16 107.97
N ARG M 26 -0.20 4.08 107.43
CA ARG M 26 1.23 3.95 107.30
C ARG M 26 1.79 4.77 106.10
N GLY M 27 0.99 5.00 105.04
CA GLY M 27 1.46 5.79 103.88
C GLY M 27 2.25 5.02 102.83
N GLU M 28 2.33 3.72 102.97
CA GLU M 28 3.07 2.88 102.04
C GLU M 28 2.18 2.48 100.89
N ARG M 29 1.83 3.46 100.10
CA ARG M 29 0.95 3.27 98.97
C ARG M 29 1.47 3.96 97.76
N SER M 30 1.61 3.18 96.70
CA SER M 30 2.11 3.62 95.43
C SER M 30 1.28 3.02 94.33
N PHE M 31 0.67 3.87 93.52
CA PHE M 31 -0.20 3.34 92.50
C PHE M 31 -0.07 4.02 91.18
N ASP M 32 -0.28 3.24 90.14
CA ASP M 32 -0.20 3.76 88.80
C ASP M 32 -1.09 4.95 88.86
N ILE M 33 -0.80 6.01 88.18
CA ILE M 33 -1.74 7.11 88.27
C ILE M 33 -3.16 6.69 87.90
N TYR M 34 -3.37 5.72 87.03
CA TYR M 34 -4.73 5.36 86.73
C TYR M 34 -5.39 4.61 87.87
N SER M 35 -4.65 3.92 88.70
CA SER M 35 -5.25 3.20 89.80
C SER M 35 -5.52 4.20 90.89
N ARG M 36 -4.71 5.23 90.93
CA ARG M 36 -4.90 6.24 91.92
C ARG M 36 -6.19 6.94 91.66
N LEU M 37 -6.50 7.14 90.40
CA LEU M 37 -7.73 7.79 90.05
C LEU M 37 -8.90 6.84 90.14
N LEU M 38 -8.71 5.55 89.93
CA LEU M 38 -9.83 4.65 90.10
C LEU M 38 -10.33 4.77 91.52
N LYS M 39 -9.45 4.94 92.46
CA LYS M 39 -9.88 5.09 93.84
C LYS M 39 -10.76 6.29 94.08
N GLU M 40 -10.71 7.28 93.19
CA GLU M 40 -11.49 8.50 93.35
C GLU M 40 -12.79 8.36 92.57
N ARG M 41 -13.01 7.14 92.13
CA ARG M 41 -14.15 6.74 91.37
C ARG M 41 -14.15 7.38 90.03
N VAL M 42 -12.97 7.47 89.43
CA VAL M 42 -12.81 8.01 88.11
C VAL M 42 -12.33 6.98 87.12
N ILE M 43 -13.10 6.79 86.08
CA ILE M 43 -12.80 5.84 85.03
C ILE M 43 -12.60 6.56 83.73
N PHE M 44 -11.56 6.25 83.00
CA PHE M 44 -11.40 6.91 81.71
C PHE M 44 -11.73 5.97 80.60
N LEU M 45 -12.43 6.45 79.61
CA LEU M 45 -12.76 5.70 78.42
C LEU M 45 -12.15 6.39 77.28
N THR M 46 -11.10 5.85 76.70
CA THR M 46 -10.51 6.57 75.59
C THR M 46 -10.20 5.71 74.43
N GLY M 47 -10.14 6.30 73.29
CA GLY M 47 -9.75 5.55 72.12
C GLY M 47 -10.93 4.75 71.65
N GLN M 48 -10.71 3.74 70.86
CA GLN M 48 -11.82 3.00 70.29
C GLN M 48 -12.54 2.19 71.30
N VAL M 49 -13.84 2.08 71.15
CA VAL M 49 -14.58 1.19 72.00
C VAL M 49 -14.51 -0.18 71.38
N GLU M 50 -13.95 -1.12 72.12
CA GLU M 50 -13.82 -2.48 71.62
C GLU M 50 -14.18 -3.42 72.74
N ASP M 51 -14.04 -4.72 72.50
CA ASP M 51 -14.38 -5.67 73.55
C ASP M 51 -13.48 -5.69 74.73
N HIS M 52 -12.19 -5.58 74.56
CA HIS M 52 -11.37 -5.69 75.75
C HIS M 52 -11.41 -4.44 76.56
N MET M 53 -11.39 -3.32 75.89
CA MET M 53 -11.50 -2.09 76.59
C MET M 53 -12.78 -2.05 77.34
N ALA M 54 -13.89 -2.36 76.67
CA ALA M 54 -15.16 -2.27 77.29
C ALA M 54 -15.25 -3.17 78.45
N ASN M 55 -14.71 -4.37 78.29
CA ASN M 55 -14.69 -5.35 79.36
C ASN M 55 -13.98 -4.83 80.61
N LEU M 56 -12.99 -3.97 80.42
CA LEU M 56 -12.29 -3.45 81.54
C LEU M 56 -13.08 -2.35 82.19
N ILE M 57 -13.75 -1.53 81.42
CA ILE M 57 -14.59 -0.51 82.03
C ILE M 57 -15.69 -1.14 82.81
N VAL M 58 -16.29 -2.18 82.28
CA VAL M 58 -17.32 -2.81 83.04
C VAL M 58 -16.78 -3.35 84.31
N ALA M 59 -15.61 -3.97 84.30
CA ALA M 59 -15.08 -4.46 85.55
C ALA M 59 -14.87 -3.33 86.53
N GLN M 60 -14.42 -2.18 86.05
CA GLN M 60 -14.20 -1.08 86.96
C GLN M 60 -15.48 -0.56 87.52
N MET M 61 -16.51 -0.51 86.68
CA MET M 61 -17.82 -0.03 87.11
C MET M 61 -18.44 -0.95 88.17
N LEU M 62 -18.22 -2.26 88.05
CA LEU M 62 -18.77 -3.18 89.02
C LEU M 62 -18.00 -3.06 90.30
N PHE M 63 -16.68 -2.89 90.17
CA PHE M 63 -15.80 -2.76 91.31
C PHE M 63 -16.13 -1.53 92.15
N LEU M 64 -16.42 -0.40 91.50
CA LEU M 64 -16.74 0.79 92.24
C LEU M 64 -18.10 0.70 92.87
N GLU M 65 -19.04 0.05 92.19
CA GLU M 65 -20.39 -0.11 92.72
C GLU M 65 -20.33 -0.85 94.04
N ALA M 66 -19.47 -1.87 94.10
CA ALA M 66 -19.33 -2.65 95.31
C ALA M 66 -18.69 -1.87 96.42
N GLU M 67 -17.69 -1.05 96.09
CA GLU M 67 -17.00 -0.24 97.08
C GLU M 67 -17.94 0.71 97.84
N ASN M 68 -18.85 1.34 97.11
CA ASN M 68 -19.77 2.26 97.72
C ASN M 68 -20.93 2.47 96.81
N PRO M 69 -22.00 1.72 96.94
CA PRO M 69 -23.14 1.76 96.09
C PRO M 69 -23.84 3.09 96.06
N GLU M 70 -23.57 3.92 97.06
CA GLU M 70 -24.25 5.20 97.17
C GLU M 70 -23.42 6.38 96.71
N LYS M 71 -22.31 6.13 96.02
CA LYS M 71 -21.53 7.27 95.59
C LYS M 71 -21.25 7.28 94.09
N ASP M 72 -21.30 8.45 93.51
CA ASP M 72 -21.14 8.62 92.06
C ASP M 72 -19.84 8.15 91.49
N ILE M 73 -19.92 7.71 90.24
CA ILE M 73 -18.79 7.28 89.44
C ILE M 73 -18.62 8.23 88.31
N TYR M 74 -17.41 8.70 88.06
CA TYR M 74 -17.19 9.65 86.98
C TYR M 74 -16.53 8.97 85.79
N LEU M 75 -17.14 9.12 84.61
CA LEU M 75 -16.57 8.49 83.44
C LEU M 75 -16.12 9.57 82.50
N TYR M 76 -14.81 9.62 82.26
CA TYR M 76 -14.23 10.60 81.37
C TYR M 76 -14.19 9.98 79.98
N ILE M 77 -14.81 10.64 79.02
CA ILE M 77 -14.86 10.12 77.69
C ILE M 77 -14.09 10.92 76.72
N ASN M 78 -13.20 10.28 76.00
CA ASN M 78 -12.45 10.89 74.93
C ASN M 78 -12.31 9.83 73.89
N SER M 79 -13.29 9.69 73.04
CA SER M 79 -13.35 8.57 72.17
C SER M 79 -14.01 8.80 70.85
N PRO M 80 -13.43 8.35 69.74
CA PRO M 80 -13.90 8.45 68.39
C PRO M 80 -15.02 7.52 68.06
N GLY M 81 -15.37 6.61 68.94
CA GLY M 81 -16.40 5.66 68.58
C GLY M 81 -15.90 4.27 68.74
N GLY M 82 -16.52 3.33 68.09
CA GLY M 82 -16.12 1.96 68.24
C GLY M 82 -17.24 1.01 67.92
N VAL M 83 -17.11 -0.20 68.43
CA VAL M 83 -18.01 -1.28 68.19
C VAL M 83 -19.26 -1.10 69.02
N ILE M 84 -20.43 -1.16 68.41
CA ILE M 84 -21.64 -0.95 69.17
C ILE M 84 -21.82 -2.02 70.18
N THR M 85 -21.64 -3.24 69.78
CA THR M 85 -21.81 -4.29 70.71
C THR M 85 -20.96 -4.10 71.92
N ALA M 86 -19.70 -3.78 71.77
CA ALA M 86 -18.88 -3.61 72.94
C ALA M 86 -19.35 -2.47 73.79
N GLY M 87 -19.74 -1.38 73.16
CA GLY M 87 -20.20 -0.22 73.88
C GLY M 87 -21.47 -0.49 74.64
N MET M 88 -22.30 -1.37 74.14
CA MET M 88 -23.52 -1.71 74.83
C MET M 88 -23.29 -2.42 76.13
N SER M 89 -22.14 -3.03 76.36
CA SER M 89 -21.95 -3.65 77.64
C SER M 89 -21.63 -2.58 78.66
N ILE M 90 -21.19 -1.41 78.20
CA ILE M 90 -20.87 -0.34 79.10
C ILE M 90 -22.18 0.31 79.35
N TYR M 91 -22.94 0.50 78.27
CA TYR M 91 -24.25 1.13 78.34
C TYR M 91 -25.14 0.43 79.35
N ASP M 92 -25.21 -0.90 79.27
CA ASP M 92 -26.05 -1.60 80.21
C ASP M 92 -25.48 -1.65 81.58
N THR M 93 -24.18 -1.72 81.76
CA THR M 93 -23.67 -1.71 83.10
C THR M 93 -24.01 -0.41 83.76
N MET M 94 -23.85 0.69 83.05
CA MET M 94 -24.15 1.99 83.63
C MET M 94 -25.57 2.08 84.09
N GLN M 95 -26.48 1.51 83.34
CA GLN M 95 -27.87 1.59 83.72
C GLN M 95 -28.23 0.64 84.86
N PHE M 96 -27.66 -0.54 84.84
CA PHE M 96 -27.91 -1.51 85.87
C PHE M 96 -27.41 -1.13 87.26
N ILE M 97 -26.18 -0.67 87.35
CA ILE M 97 -25.62 -0.43 88.67
C ILE M 97 -26.30 0.72 89.36
N LYS M 98 -26.33 0.63 90.66
CA LYS M 98 -26.97 1.61 91.52
C LYS M 98 -26.45 3.05 91.55
N PRO M 99 -25.16 3.36 91.73
CA PRO M 99 -24.70 4.72 91.80
C PRO M 99 -24.82 5.36 90.47
N ASP M 100 -25.05 6.65 90.44
CA ASP M 100 -25.08 7.35 89.18
C ASP M 100 -23.76 7.38 88.49
N VAL M 101 -23.76 7.22 87.19
CA VAL M 101 -22.53 7.40 86.48
C VAL M 101 -22.61 8.70 85.79
N SER M 102 -21.72 9.59 86.11
CA SER M 102 -21.67 10.91 85.57
C SER M 102 -20.64 10.95 84.49
N THR M 103 -21.04 11.26 83.29
CA THR M 103 -20.13 11.25 82.18
C THR M 103 -19.65 12.63 81.83
N ILE M 104 -18.37 12.75 81.55
CA ILE M 104 -17.77 14.01 81.16
C ILE M 104 -17.08 13.89 79.83
N CYS M 105 -17.44 14.73 78.86
CA CYS M 105 -16.81 14.66 77.54
C CYS M 105 -15.62 15.62 77.38
N MET M 106 -14.44 15.07 77.09
CA MET M 106 -13.26 15.88 76.89
C MET M 106 -12.65 15.48 75.58
N GLY M 107 -12.08 16.37 74.83
CA GLY M 107 -11.60 15.87 73.56
C GLY M 107 -12.85 15.62 72.75
N GLN M 108 -13.16 14.38 72.42
CA GLN M 108 -14.36 14.17 71.65
C GLN M 108 -15.16 13.00 72.12
N ALA M 109 -16.42 13.05 71.80
CA ALA M 109 -17.29 11.93 72.00
C ALA M 109 -17.98 11.68 70.72
N ALA M 110 -17.51 10.74 69.93
CA ALA M 110 -18.17 10.54 68.65
C ALA M 110 -18.77 9.17 68.54
N SER M 111 -19.90 9.08 67.89
CA SER M 111 -20.52 7.79 67.63
C SER M 111 -20.81 7.12 68.94
N MET M 112 -20.23 5.94 69.17
CA MET M 112 -20.41 5.24 70.42
C MET M 112 -19.97 6.11 71.62
N GLY M 113 -19.02 7.03 71.43
CA GLY M 113 -18.59 7.84 72.52
C GLY M 113 -19.73 8.77 72.87
N ALA M 114 -20.40 9.32 71.88
CA ALA M 114 -21.49 10.24 72.12
C ALA M 114 -22.64 9.53 72.73
N PHE M 115 -22.85 8.30 72.26
CA PHE M 115 -23.94 7.46 72.75
C PHE M 115 -23.78 7.25 74.25
N LEU M 116 -22.57 6.90 74.68
CA LEU M 116 -22.35 6.70 76.08
C LEU M 116 -22.37 8.01 76.80
N LEU M 117 -21.91 9.09 76.21
CA LEU M 117 -21.93 10.34 76.92
C LEU M 117 -23.32 10.72 77.36
N THR M 118 -24.31 10.54 76.51
CA THR M 118 -25.66 10.96 76.85
C THR M 118 -26.29 10.01 77.80
N ALA M 119 -25.67 8.88 78.05
CA ALA M 119 -26.22 7.83 78.86
C ALA M 119 -25.90 8.03 80.30
N GLY M 120 -25.19 9.09 80.62
CA GLY M 120 -24.84 9.30 81.99
C GLY M 120 -26.08 9.72 82.73
N ALA M 121 -25.97 9.79 84.03
CA ALA M 121 -27.09 10.13 84.87
C ALA M 121 -27.63 11.46 84.51
N LYS M 122 -28.93 11.58 84.45
CA LYS M 122 -29.51 12.85 84.09
C LYS M 122 -29.13 13.92 85.05
N GLY M 123 -28.66 15.05 84.54
CA GLY M 123 -28.31 16.18 85.36
C GLY M 123 -26.84 16.18 85.64
N LYS M 124 -26.17 15.09 85.32
CA LYS M 124 -24.77 14.93 85.57
C LYS M 124 -23.97 14.69 84.32
N ARG M 125 -24.51 14.99 83.15
CA ARG M 125 -23.77 14.79 81.91
C ARG M 125 -23.09 16.09 81.54
N PHE M 126 -21.77 16.12 81.65
CA PHE M 126 -21.05 17.36 81.39
C PHE M 126 -20.10 17.31 80.21
N CYS M 127 -19.84 18.46 79.62
CA CYS M 127 -18.93 18.54 78.48
C CYS M 127 -18.02 19.75 78.59
N LEU M 128 -16.71 19.53 78.44
CA LEU M 128 -15.78 20.64 78.54
C LEU M 128 -16.07 21.55 77.38
N PRO M 129 -15.78 22.85 77.44
CA PRO M 129 -16.14 23.82 76.44
C PRO M 129 -15.58 23.67 75.06
N ASN M 130 -14.47 22.99 74.85
CA ASN M 130 -14.01 22.88 73.50
C ASN M 130 -14.15 21.48 73.02
N SER M 131 -14.90 20.69 73.75
CA SER M 131 -15.12 19.33 73.36
C SER M 131 -16.01 19.28 72.20
N ARG M 132 -15.90 18.25 71.42
CA ARG M 132 -16.75 18.09 70.28
C ARG M 132 -17.53 16.82 70.39
N VAL M 133 -18.79 16.85 70.03
CA VAL M 133 -19.59 15.65 70.10
C VAL M 133 -20.14 15.33 68.73
N MET M 134 -20.08 14.09 68.31
CA MET M 134 -20.58 13.77 66.98
C MET M 134 -21.50 12.57 66.98
N ILE M 135 -22.64 12.68 66.31
CA ILE M 135 -23.53 11.54 66.28
C ILE M 135 -23.84 11.08 64.87
N HIS M 136 -24.06 9.78 64.72
CA HIS M 136 -24.35 9.24 63.39
C HIS M 136 -24.84 7.80 63.46
N GLN M 137 -25.71 7.45 62.52
CA GLN M 137 -26.26 6.09 62.46
C GLN M 137 -25.17 5.02 62.38
N PRO M 138 -25.42 3.76 62.82
CA PRO M 138 -24.50 2.66 62.81
C PRO M 138 -23.95 2.32 61.47
N LEU M 139 -22.71 1.89 61.45
CA LEU M 139 -22.04 1.43 60.26
C LEU M 139 -21.89 -0.05 60.35
N GLY M 140 -21.77 -0.71 59.24
CA GLY M 140 -21.54 -2.15 59.27
C GLY M 140 -21.50 -2.69 57.87
N GLY M 141 -21.62 -3.99 57.72
CA GLY M 141 -21.59 -4.54 56.39
C GLY M 141 -21.55 -6.04 56.41
N TYR M 142 -21.72 -6.65 55.25
CA TYR M 142 -21.71 -8.11 55.17
C TYR M 142 -21.59 -8.64 53.75
N GLN M 143 -20.83 -9.73 53.62
CA GLN M 143 -20.61 -10.40 52.35
C GLN M 143 -21.18 -11.78 52.43
N GLY M 144 -21.88 -12.24 51.40
CA GLY M 144 -22.45 -13.59 51.49
C GLY M 144 -23.58 -13.80 50.53
N GLN M 145 -24.47 -14.74 50.82
CA GLN M 145 -25.54 -15.04 49.89
C GLN M 145 -26.63 -14.04 50.05
N ALA M 146 -27.44 -13.81 49.05
CA ALA M 146 -28.53 -12.86 49.23
C ALA M 146 -29.35 -13.19 50.46
N THR M 147 -29.59 -14.45 50.76
CA THR M 147 -30.30 -14.79 51.98
C THR M 147 -29.60 -14.30 53.23
N ASP M 148 -28.28 -14.34 53.27
CA ASP M 148 -27.59 -13.98 54.48
C ASP M 148 -27.50 -12.49 54.54
N ILE M 149 -27.43 -11.87 53.39
CA ILE M 149 -27.36 -10.45 53.37
C ILE M 149 -28.62 -9.92 53.97
N GLU M 150 -29.76 -10.47 53.60
CA GLU M 150 -30.97 -10.03 54.22
C GLU M 150 -30.96 -10.16 55.71
N ILE M 151 -30.48 -11.26 56.23
CA ILE M 151 -30.47 -11.41 57.67
C ILE M 151 -29.64 -10.36 58.32
N HIS M 152 -28.46 -10.14 57.80
CA HIS M 152 -27.60 -9.18 58.39
C HIS M 152 -28.09 -7.77 58.19
N ALA M 153 -28.73 -7.47 57.08
CA ALA M 153 -29.26 -6.15 56.90
C ALA M 153 -30.35 -5.90 57.90
N ARG M 154 -31.19 -6.92 58.11
CA ARG M 154 -32.29 -6.83 59.06
C ARG M 154 -31.79 -6.55 60.48
N GLU M 155 -30.65 -7.13 60.85
CA GLU M 155 -30.12 -6.90 62.16
C GLU M 155 -29.52 -5.55 62.30
N ILE M 156 -28.82 -5.03 61.31
CA ILE M 156 -28.26 -3.73 61.55
C ILE M 156 -29.35 -2.70 61.65
N LEU M 157 -30.41 -2.86 60.89
CA LEU M 157 -31.48 -1.91 61.00
C LEU M 157 -32.15 -1.98 62.33
N LYS M 158 -32.28 -3.16 62.92
CA LYS M 158 -32.86 -3.19 64.24
C LYS M 158 -31.98 -2.46 65.19
N VAL M 159 -30.67 -2.58 65.05
CA VAL M 159 -29.79 -1.87 65.94
C VAL M 159 -29.92 -0.40 65.74
N LYS M 160 -30.00 0.05 64.52
CA LYS M 160 -30.19 1.46 64.31
C LYS M 160 -31.44 1.91 64.99
N GLY M 161 -32.52 1.20 64.82
CA GLY M 161 -33.75 1.60 65.41
C GLY M 161 -33.63 1.62 66.91
N ARG M 162 -33.02 0.59 67.48
CA ARG M 162 -32.86 0.51 68.93
C ARG M 162 -32.00 1.66 69.47
N MET M 163 -30.98 2.05 68.72
CA MET M 163 -30.07 3.12 69.09
C MET M 163 -30.77 4.48 69.04
N ASN M 164 -31.70 4.60 68.09
CA ASN M 164 -32.45 5.83 67.91
C ASN M 164 -33.42 6.01 69.06
N GLU M 165 -33.99 4.90 69.50
CA GLU M 165 -34.94 4.89 70.60
C GLU M 165 -34.25 5.26 71.91
N LEU M 166 -33.03 4.78 72.10
CA LEU M 166 -32.31 5.09 73.30
C LEU M 166 -31.84 6.51 73.29
N MET M 167 -31.40 7.06 72.16
CA MET M 167 -31.05 8.44 72.29
C MET M 167 -32.26 9.29 72.51
N ALA M 168 -33.37 9.00 71.88
CA ALA M 168 -34.48 9.87 72.13
C ALA M 168 -34.83 9.82 73.60
N LEU M 169 -34.71 8.66 74.20
CA LEU M 169 -34.99 8.58 75.62
C LEU M 169 -34.08 9.46 76.43
N HIS M 170 -32.80 9.44 76.15
CA HIS M 170 -31.84 10.19 76.91
C HIS M 170 -31.72 11.66 76.56
N THR M 171 -32.06 12.06 75.36
CA THR M 171 -31.89 13.47 75.06
C THR M 171 -33.16 14.26 75.17
N GLY M 172 -34.32 13.63 75.07
CA GLY M 172 -35.54 14.38 75.15
C GLY M 172 -36.02 14.83 73.80
N GLN M 173 -35.33 14.41 72.77
CA GLN M 173 -35.71 14.73 71.43
C GLN M 173 -36.78 13.78 71.04
N SER M 174 -37.60 14.13 70.09
CA SER M 174 -38.56 13.17 69.65
C SER M 174 -37.82 12.12 68.89
N LEU M 175 -38.43 10.98 68.68
CA LEU M 175 -37.73 9.97 67.93
C LEU M 175 -37.52 10.37 66.51
N GLU M 176 -38.53 11.05 65.96
CA GLU M 176 -38.50 11.51 64.58
C GLU M 176 -37.33 12.45 64.37
N GLN M 177 -37.04 13.27 65.38
CA GLN M 177 -35.95 14.19 65.26
C GLN M 177 -34.63 13.46 65.38
N ILE M 178 -34.53 12.48 66.25
CA ILE M 178 -33.28 11.77 66.30
C ILE M 178 -33.03 11.09 64.99
N GLU M 179 -34.09 10.54 64.40
CA GLU M 179 -33.97 9.87 63.11
C GLU M 179 -33.43 10.80 62.02
N ARG M 180 -33.90 12.04 62.02
CA ARG M 180 -33.48 13.02 61.05
C ARG M 180 -32.05 13.46 61.25
N ASP M 181 -31.65 13.57 62.49
CA ASP M 181 -30.34 14.03 62.81
C ASP M 181 -29.23 13.03 62.80
N THR M 182 -29.47 11.76 62.54
CA THR M 182 -28.35 10.86 62.55
C THR M 182 -28.12 10.26 61.20
N GLU M 183 -28.89 10.71 60.21
CA GLU M 183 -28.74 10.21 58.85
C GLU M 183 -27.30 10.39 58.38
N ARG M 184 -26.75 11.56 58.68
CA ARG M 184 -25.39 11.91 58.30
C ARG M 184 -24.75 12.48 59.56
N ASP M 185 -23.44 12.42 59.61
CA ASP M 185 -22.72 12.92 60.75
C ASP M 185 -23.13 14.31 61.17
N ARG M 186 -23.43 14.45 62.43
CA ARG M 186 -23.74 15.74 62.98
C ARG M 186 -22.76 16.12 63.99
N PHE M 187 -22.10 17.22 63.79
CA PHE M 187 -21.13 17.64 64.75
C PHE M 187 -21.74 18.69 65.60
N LEU M 188 -21.56 18.60 66.89
CA LEU M 188 -22.09 19.57 67.81
C LEU M 188 -20.97 20.15 68.65
N SER M 189 -20.98 21.44 68.86
CA SER M 189 -19.99 22.05 69.71
C SER M 189 -20.46 21.86 71.11
N ALA M 190 -19.64 22.12 72.11
CA ALA M 190 -20.16 21.87 73.44
C ALA M 190 -21.48 22.61 73.71
N PRO M 191 -21.67 23.89 73.38
CA PRO M 191 -22.92 24.58 73.56
C PRO M 191 -24.08 23.99 72.80
N GLU M 192 -23.80 23.31 71.69
CA GLU M 192 -24.83 22.71 70.87
C GLU M 192 -25.29 21.42 71.50
N ALA M 193 -24.36 20.74 72.16
CA ALA M 193 -24.67 19.51 72.81
C ALA M 193 -25.61 19.81 73.94
N VAL M 194 -25.41 20.95 74.59
CA VAL M 194 -26.28 21.32 75.67
C VAL M 194 -27.67 21.65 75.16
N GLU M 195 -27.77 22.42 74.10
CA GLU M 195 -29.09 22.75 73.59
C GLU M 195 -29.85 21.55 73.11
N TYR M 196 -29.12 20.65 72.45
CA TYR M 196 -29.72 19.45 71.88
C TYR M 196 -30.18 18.50 72.96
N GLY M 197 -29.44 18.47 74.07
CA GLY M 197 -29.79 17.60 75.16
C GLY M 197 -28.86 16.44 75.26
N LEU M 198 -27.70 16.49 74.62
CA LEU M 198 -26.81 15.38 74.76
C LEU M 198 -26.15 15.50 76.10
N VAL M 199 -25.91 16.71 76.54
CA VAL M 199 -25.31 16.90 77.84
C VAL M 199 -26.13 17.90 78.59
N ASP M 200 -25.98 17.98 79.87
CA ASP M 200 -26.71 18.93 80.63
C ASP M 200 -26.01 20.26 80.74
N SER M 201 -24.71 20.25 80.82
CA SER M 201 -24.02 21.52 80.97
C SER M 201 -22.57 21.49 80.60
N ILE M 202 -21.97 22.66 80.56
CA ILE M 202 -20.56 22.82 80.27
C ILE M 202 -19.80 23.19 81.49
N LEU M 203 -18.70 22.52 81.73
CA LEU M 203 -17.87 22.84 82.87
C LEU M 203 -16.95 23.94 82.45
N THR M 204 -16.59 24.83 83.34
CA THR M 204 -15.74 25.94 82.95
C THR M 204 -14.47 25.96 83.75
N HIS M 205 -14.59 26.34 85.00
CA HIS M 205 -13.46 26.37 85.91
C HIS M 205 -13.91 25.80 87.23
N ARG M 206 -13.00 25.22 87.99
CA ARG M 206 -13.39 24.82 89.34
C ARG M 206 -14.10 25.98 90.03
N ALA N 15 15.74 -0.90 81.79
CA ALA N 15 16.42 0.31 82.24
C ALA N 15 16.27 1.41 81.27
N LEU N 16 15.16 1.41 80.56
CA LEU N 16 14.99 2.50 79.65
C LEU N 16 14.87 3.77 80.43
N VAL N 17 14.21 3.70 81.57
CA VAL N 17 14.03 4.84 82.40
C VAL N 17 14.66 4.50 83.74
N PRO N 18 15.67 5.22 84.23
CA PRO N 18 16.38 4.97 85.45
C PRO N 18 15.53 5.28 86.64
N MET N 19 15.87 4.66 87.76
CA MET N 19 15.27 4.86 89.05
C MET N 19 16.05 5.85 89.85
N VAL N 20 15.39 6.60 90.69
CA VAL N 20 16.10 7.50 91.55
C VAL N 20 15.69 7.29 92.98
N ILE N 21 16.60 7.55 93.90
CA ILE N 21 16.32 7.38 95.33
C ILE N 21 16.24 8.70 96.02
N GLU N 22 15.22 8.90 96.84
CA GLU N 22 15.04 10.16 97.54
C GLU N 22 14.83 9.89 99.02
N GLN N 23 15.35 10.75 99.88
CA GLN N 23 15.16 10.52 101.30
C GLN N 23 13.99 11.29 101.82
N THR N 24 13.17 10.62 102.61
CA THR N 24 12.00 11.22 103.22
C THR N 24 12.00 10.97 104.72
N SER N 25 11.32 9.89 105.10
CA SER N 25 11.15 9.46 106.47
C SER N 25 12.10 8.32 106.73
N ARG N 26 11.70 7.12 106.29
CA ARG N 26 12.56 5.95 106.48
C ARG N 26 13.52 5.75 105.29
N GLY N 27 13.38 6.61 104.27
CA GLY N 27 14.23 6.64 103.08
C GLY N 27 13.87 5.64 101.99
N GLU N 28 12.80 4.90 102.20
CA GLU N 28 12.43 3.87 101.23
C GLU N 28 11.57 4.41 100.11
N ARG N 29 12.17 5.25 99.30
CA ARG N 29 11.47 5.78 98.17
C ARG N 29 12.38 5.68 96.99
N SER N 30 11.93 4.92 96.00
CA SER N 30 12.67 4.73 94.75
C SER N 30 11.66 4.86 93.63
N PHE N 31 11.57 6.05 93.05
CA PHE N 31 10.60 6.29 91.99
C PHE N 31 11.16 6.61 90.59
N ASP N 32 10.67 5.82 89.64
CA ASP N 32 11.08 5.97 88.25
C ASP N 32 11.36 7.44 88.13
N ILE N 33 12.39 7.82 87.38
CA ILE N 33 12.67 9.24 87.31
C ILE N 33 11.49 10.08 86.82
N TYR N 34 10.62 9.51 85.99
CA TYR N 34 9.47 10.25 85.48
C TYR N 34 8.41 10.50 86.56
N SER N 35 8.42 9.67 87.60
CA SER N 35 7.50 9.80 88.68
C SER N 35 8.14 10.72 89.68
N ARG N 36 9.45 10.67 89.74
CA ARG N 36 10.15 11.54 90.65
C ARG N 36 9.88 12.97 90.27
N LEU N 37 9.81 13.24 88.97
CA LEU N 37 9.52 14.59 88.54
C LEU N 37 8.06 14.91 88.67
N LEU N 38 7.16 13.95 88.50
CA LEU N 38 5.76 14.27 88.69
C LEU N 38 5.56 14.76 90.10
N LYS N 39 6.28 14.18 91.02
CA LYS N 39 6.20 14.56 92.41
C LYS N 39 6.59 16.02 92.64
N GLU N 40 7.33 16.61 91.70
CA GLU N 40 7.77 18.00 91.84
C GLU N 40 6.85 18.93 91.05
N ARG N 41 5.75 18.33 90.61
CA ARG N 41 4.72 18.97 89.84
C ARG N 41 5.17 19.31 88.46
N VAL N 42 5.94 18.41 87.88
CA VAL N 42 6.38 18.55 86.51
C VAL N 42 5.79 17.49 85.62
N ILE N 43 5.00 17.92 84.64
CA ILE N 43 4.38 17.02 83.68
C ILE N 43 5.03 17.20 82.31
N PHE N 44 5.80 16.20 81.89
CA PHE N 44 6.49 16.25 80.61
C PHE N 44 5.63 15.82 79.43
N LEU N 45 5.38 16.76 78.53
CA LEU N 45 4.57 16.48 77.31
C LEU N 45 5.47 16.29 76.14
N THR N 46 5.38 15.16 75.48
CA THR N 46 6.29 15.00 74.38
C THR N 46 5.86 14.10 73.26
N GLY N 47 6.36 14.41 72.08
CA GLY N 47 6.09 13.58 70.93
C GLY N 47 4.76 13.96 70.37
N GLN N 48 4.19 13.14 69.51
CA GLN N 48 2.94 13.50 68.88
C GLN N 48 1.83 13.54 69.87
N VAL N 49 0.94 14.49 69.77
CA VAL N 49 -0.20 14.50 70.65
C VAL N 49 -1.27 13.62 70.08
N GLU N 50 -1.69 12.64 70.88
CA GLU N 50 -2.72 11.70 70.45
C GLU N 50 -3.62 11.44 71.64
N ASP N 51 -4.58 10.54 71.48
CA ASP N 51 -5.46 10.26 72.61
C ASP N 51 -4.85 9.66 73.83
N HIS N 52 -3.91 8.76 73.69
CA HIS N 52 -3.44 8.11 74.88
C HIS N 52 -2.49 8.96 75.68
N MET N 53 -1.62 9.68 74.98
CA MET N 53 -0.69 10.58 75.64
C MET N 53 -1.43 11.80 76.18
N ALA N 54 -2.61 12.12 75.64
CA ALA N 54 -3.35 13.23 76.11
C ALA N 54 -4.05 12.83 77.34
N ASN N 55 -4.60 11.62 77.30
CA ASN N 55 -5.32 11.07 78.43
C ASN N 55 -4.45 10.96 79.66
N LEU N 56 -3.16 10.67 79.46
CA LEU N 56 -2.28 10.55 80.57
C LEU N 56 -1.91 11.92 81.12
N ILE N 57 -1.70 12.90 80.26
CA ILE N 57 -1.43 14.23 80.74
C ILE N 57 -2.58 14.76 81.50
N VAL N 58 -3.78 14.54 81.03
CA VAL N 58 -4.92 15.01 81.77
C VAL N 58 -4.96 14.34 83.11
N ALA N 59 -4.72 13.04 83.19
CA ALA N 59 -4.73 12.40 84.48
C ALA N 59 -3.70 13.01 85.38
N GLN N 60 -2.52 13.33 84.87
CA GLN N 60 -1.50 13.91 85.71
C GLN N 60 -1.89 15.28 86.18
N MET N 61 -2.52 16.05 85.29
CA MET N 61 -2.97 17.39 85.63
C MET N 61 -4.05 17.38 86.72
N LEU N 62 -4.95 16.39 86.68
CA LEU N 62 -6.00 16.32 87.68
C LEU N 62 -5.41 15.87 88.98
N PHE N 63 -4.47 14.94 88.88
CA PHE N 63 -3.77 14.42 90.05
C PHE N 63 -3.01 15.49 90.81
N LEU N 64 -2.30 16.38 90.09
CA LEU N 64 -1.56 17.39 90.77
C LEU N 64 -2.46 18.43 91.35
N GLU N 65 -3.56 18.72 90.67
CA GLU N 65 -4.52 19.70 91.15
C GLU N 65 -5.07 19.26 92.50
N ALA N 66 -5.33 17.95 92.64
CA ALA N 66 -5.84 17.43 93.86
C ALA N 66 -4.82 17.47 94.97
N GLU N 67 -3.56 17.18 94.65
CA GLU N 67 -2.49 17.20 95.63
C GLU N 67 -2.31 18.55 96.33
N ASN N 68 -2.39 19.63 95.55
CA ASN N 68 -2.24 20.95 96.09
C ASN N 68 -2.75 21.95 95.10
N PRO N 69 -3.98 22.38 95.20
CA PRO N 69 -4.63 23.28 94.29
C PRO N 69 -3.98 24.63 94.17
N GLU N 70 -3.11 24.97 95.12
CA GLU N 70 -2.49 26.28 95.14
C GLU N 70 -1.09 26.35 94.56
N LYS N 71 -0.62 25.26 93.95
CA LYS N 71 0.72 25.33 93.40
C LYS N 71 0.80 25.07 91.93
N ASP N 72 1.68 25.79 91.29
CA ASP N 72 1.86 25.68 89.87
C ASP N 72 2.31 24.33 89.41
N ILE N 73 1.88 24.02 88.22
CA ILE N 73 2.23 22.82 87.51
C ILE N 73 3.09 23.21 86.37
N TYR N 74 4.23 22.56 86.19
CA TYR N 74 5.13 22.92 85.11
C TYR N 74 4.96 21.93 83.98
N LEU N 75 4.65 22.40 82.77
CA LEU N 75 4.46 21.48 81.69
C LEU N 75 5.56 21.69 80.70
N TYR N 76 6.43 20.69 80.54
CA TYR N 76 7.53 20.79 79.60
C TYR N 76 7.03 20.31 78.24
N ILE N 77 7.16 21.15 77.22
CA ILE N 77 6.69 20.76 75.92
C ILE N 77 7.77 20.60 74.92
N ASN N 78 7.82 19.45 74.32
CA ASN N 78 8.72 19.17 73.23
C ASN N 78 7.96 18.32 72.29
N SER N 79 7.29 18.93 71.34
CA SER N 79 6.35 18.22 70.53
C SER N 79 6.14 18.77 69.16
N PRO N 80 6.15 17.94 68.11
CA PRO N 80 5.92 18.27 66.75
C PRO N 80 4.51 18.56 66.39
N GLY N 81 3.57 18.33 67.28
CA GLY N 81 2.19 18.55 66.88
C GLY N 81 1.36 17.36 67.22
N GLY N 82 0.24 17.19 66.56
CA GLY N 82 -0.62 16.08 66.87
C GLY N 82 -2.06 16.33 66.52
N VAL N 83 -2.92 15.51 67.07
CA VAL N 83 -4.34 15.53 66.83
C VAL N 83 -4.97 16.63 67.61
N ILE N 84 -5.72 17.50 66.96
CA ILE N 84 -6.31 18.60 67.68
C ILE N 84 -7.25 18.14 68.72
N THR N 85 -8.11 17.22 68.39
CA THR N 85 -9.03 16.78 69.37
C THR N 85 -8.35 16.30 70.61
N ALA N 86 -7.33 15.49 70.49
CA ALA N 86 -6.69 15.02 71.68
C ALA N 86 -6.07 16.17 72.43
N GLY N 87 -5.47 17.09 71.71
CA GLY N 87 -4.85 18.23 72.35
C GLY N 87 -5.82 19.11 73.07
N MET N 88 -7.05 19.21 72.60
CA MET N 88 -8.00 20.07 73.26
C MET N 88 -8.41 19.53 74.62
N SER N 89 -8.16 18.27 74.91
CA SER N 89 -8.52 17.79 76.22
C SER N 89 -7.47 18.24 77.21
N ILE N 90 -6.29 18.60 76.71
CA ILE N 90 -5.24 19.06 77.57
C ILE N 90 -5.53 20.51 77.75
N TYR N 91 -5.88 21.16 76.64
CA TYR N 91 -6.21 22.58 76.63
C TYR N 91 -7.30 22.90 77.64
N ASP N 92 -8.38 22.12 77.64
CA ASP N 92 -9.43 22.38 78.56
C ASP N 92 -9.09 22.01 79.96
N THR N 93 -8.32 20.97 80.18
CA THR N 93 -7.95 20.65 81.55
C THR N 93 -7.14 21.78 82.11
N MET N 94 -6.18 22.29 81.35
CA MET N 94 -5.34 23.36 81.85
C MET N 94 -6.15 24.56 82.26
N GLN N 95 -7.19 24.88 81.51
CA GLN N 95 -7.96 26.03 81.85
C GLN N 95 -8.91 25.79 83.01
N PHE N 96 -9.42 24.59 83.12
CA PHE N 96 -10.36 24.20 84.16
C PHE N 96 -9.76 24.11 85.55
N ILE N 97 -8.62 23.45 85.67
CA ILE N 97 -8.05 23.21 86.99
C ILE N 97 -7.57 24.49 87.62
N LYS N 98 -7.72 24.59 88.92
CA LYS N 98 -7.31 25.79 89.62
C LYS N 98 -5.86 26.28 89.56
N PRO N 99 -4.81 25.49 89.80
CA PRO N 99 -3.46 25.98 89.80
C PRO N 99 -3.03 26.38 88.43
N ASP N 100 -2.18 27.38 88.34
CA ASP N 100 -1.66 27.77 87.05
C ASP N 100 -0.81 26.73 86.41
N VAL N 101 -0.94 26.57 85.11
CA VAL N 101 -0.06 25.67 84.44
C VAL N 101 0.92 26.51 83.71
N SER N 102 2.17 26.35 84.02
CA SER N 102 3.22 27.10 83.40
C SER N 102 3.86 26.25 82.38
N THR N 103 3.81 26.64 81.14
CA THR N 103 4.32 25.85 80.07
C THR N 103 5.67 26.31 79.66
N ILE N 104 6.57 25.37 79.42
CA ILE N 104 7.91 25.66 79.00
C ILE N 104 8.23 24.98 77.72
N CYS N 105 8.63 25.72 76.70
CA CYS N 105 8.95 25.11 75.41
C CYS N 105 10.44 24.80 75.24
N MET N 106 10.76 23.54 74.95
CA MET N 106 12.13 23.13 74.76
C MET N 106 12.17 22.33 73.51
N GLY N 107 13.26 22.33 72.77
CA GLY N 107 13.12 21.54 71.56
C GLY N 107 12.14 22.31 70.71
N GLN N 108 10.99 21.74 70.43
CA GLN N 108 10.04 22.48 69.63
C GLN N 108 8.66 22.44 70.16
N ALA N 109 7.90 23.42 69.80
CA ALA N 109 6.49 23.41 70.06
C ALA N 109 5.84 23.71 68.76
N ALA N 110 5.50 22.69 68.02
CA ALA N 110 4.95 22.96 66.72
C ALA N 110 3.50 22.62 66.67
N SER N 111 2.76 23.36 65.91
CA SER N 111 1.38 23.06 65.65
C SER N 111 0.60 23.00 66.91
N MET N 112 -0.01 21.86 67.20
CA MET N 112 -0.78 21.76 68.42
C MET N 112 0.12 21.96 69.62
N GLY N 113 1.39 21.66 69.49
CA GLY N 113 2.29 21.86 70.57
C GLY N 113 2.41 23.34 70.87
N ALA N 114 2.36 24.18 69.85
CA ALA N 114 2.48 25.61 70.03
C ALA N 114 1.23 26.11 70.62
N PHE N 115 0.12 25.51 70.19
CA PHE N 115 -1.20 25.87 70.68
C PHE N 115 -1.24 25.69 72.18
N LEU N 116 -0.75 24.56 72.67
CA LEU N 116 -0.76 24.34 74.08
C LEU N 116 0.28 25.20 74.76
N LEU N 117 1.41 25.47 74.14
CA LEU N 117 2.38 26.32 74.80
C LEU N 117 1.83 27.68 75.16
N THR N 118 1.09 28.29 74.26
CA THR N 118 0.58 29.63 74.52
C THR N 118 -0.55 29.61 75.49
N ALA N 119 -1.04 28.44 75.84
CA ALA N 119 -2.22 28.30 76.63
C ALA N 119 -1.86 28.27 78.08
N GLY N 120 -0.60 28.38 78.38
CA GLY N 120 -0.21 28.35 79.76
C GLY N 120 -0.64 29.62 80.43
N ALA N 121 -0.48 29.66 81.72
CA ALA N 121 -0.91 30.80 82.50
C ALA N 121 -0.18 32.01 82.05
N LYS N 122 -0.88 33.11 81.97
CA LYS N 122 -0.26 34.32 81.53
C LYS N 122 0.84 34.74 82.45
N GLY N 123 2.01 35.01 81.88
CA GLY N 123 3.15 35.50 82.62
C GLY N 123 4.07 34.35 82.95
N LYS N 124 3.59 33.15 82.72
CA LYS N 124 4.34 31.98 83.00
C LYS N 124 4.64 31.11 81.81
N ARG N 125 4.49 31.64 80.60
CA ARG N 125 4.77 30.86 79.41
C ARG N 125 6.21 31.12 79.00
N PHE N 126 7.07 30.12 79.18
CA PHE N 126 8.48 30.33 78.89
C PHE N 126 9.02 29.50 77.76
N CYS N 127 10.12 29.93 77.17
CA CYS N 127 10.72 29.20 76.06
C CYS N 127 12.24 29.27 76.11
N LEU N 128 12.89 28.11 76.04
CA LEU N 128 14.34 28.08 76.07
C LEU N 128 14.84 28.74 74.80
N PRO N 129 16.00 29.38 74.80
CA PRO N 129 16.50 30.15 73.71
C PRO N 129 16.77 29.52 72.37
N ASN N 130 17.01 28.21 72.26
CA ASN N 130 17.28 27.72 70.94
C ASN N 130 16.14 26.92 70.41
N SER N 131 15.01 27.00 71.11
CA SER N 131 13.82 26.28 70.72
C SER N 131 13.05 27.01 69.63
N ARG N 132 12.21 26.26 68.92
CA ARG N 132 11.41 26.77 67.84
C ARG N 132 9.97 26.55 68.07
N VAL N 133 9.20 27.53 67.74
CA VAL N 133 7.79 27.43 67.88
C VAL N 133 7.22 27.57 66.51
N MET N 134 6.31 26.69 66.13
CA MET N 134 5.78 26.75 64.79
C MET N 134 4.28 26.72 64.79
N ILE N 135 3.66 27.62 64.04
CA ILE N 135 2.21 27.61 64.01
C ILE N 135 1.64 27.50 62.63
N HIS N 136 0.48 26.88 62.51
CA HIS N 136 -0.18 26.76 61.23
C HIS N 136 -1.64 26.40 61.41
N GLN N 137 -2.45 26.64 60.40
CA GLN N 137 -3.83 26.21 60.39
C GLN N 137 -3.99 24.69 60.42
N PRO N 138 -5.11 24.12 60.90
CA PRO N 138 -5.38 22.69 60.99
C PRO N 138 -5.34 21.95 59.70
N LEU N 139 -4.91 20.70 59.80
CA LEU N 139 -4.89 19.79 58.67
C LEU N 139 -5.96 18.77 58.85
N GLY N 140 -6.41 18.20 57.77
CA GLY N 140 -7.41 17.14 57.87
C GLY N 140 -7.83 16.69 56.51
N GLY N 141 -8.92 15.96 56.41
CA GLY N 141 -9.34 15.51 55.11
C GLY N 141 -10.49 14.55 55.21
N TYR N 142 -11.09 14.22 54.08
CA TYR N 142 -12.22 13.29 54.08
C TYR N 142 -12.58 12.77 52.69
N GLN N 143 -12.98 11.51 52.66
CA GLN N 143 -13.37 10.83 51.43
C GLN N 143 -14.82 10.43 51.55
N GLY N 144 -15.61 10.60 50.52
CA GLY N 144 -17.01 10.22 50.65
C GLY N 144 -17.92 10.91 49.68
N GLN N 145 -19.20 11.02 49.99
CA GLN N 145 -20.11 11.62 49.04
C GLN N 145 -19.99 13.09 49.10
N ALA N 146 -20.33 13.81 48.05
CA ALA N 146 -20.23 15.26 48.13
C ALA N 146 -20.93 15.80 49.34
N THR N 147 -22.05 15.23 49.75
CA THR N 147 -22.74 15.67 50.95
C THR N 147 -21.92 15.48 52.20
N ASP N 148 -21.14 14.41 52.29
CA ASP N 148 -20.41 14.17 53.50
C ASP N 148 -19.20 15.03 53.46
N ILE N 149 -18.71 15.30 52.28
CA ILE N 149 -17.55 16.12 52.19
C ILE N 149 -17.91 17.46 52.70
N GLU N 150 -19.09 17.95 52.33
CA GLU N 150 -19.57 19.24 52.77
C GLU N 150 -19.67 19.33 54.30
N ILE N 151 -20.13 18.25 54.93
CA ILE N 151 -20.25 18.27 56.37
C ILE N 151 -18.92 18.31 57.04
N HIS N 152 -18.02 17.49 56.57
CA HIS N 152 -16.71 17.45 57.16
C HIS N 152 -15.92 18.68 56.85
N ALA N 153 -16.08 19.26 55.68
CA ALA N 153 -15.39 20.49 55.39
C ALA N 153 -15.88 21.59 56.29
N ARG N 154 -17.17 21.66 56.56
CA ARG N 154 -17.59 22.71 57.44
C ARG N 154 -17.03 22.53 58.80
N GLU N 155 -16.96 21.30 59.26
CA GLU N 155 -16.43 21.11 60.57
C GLU N 155 -14.97 21.48 60.66
N ILE N 156 -14.16 21.16 59.67
CA ILE N 156 -12.79 21.56 59.87
C ILE N 156 -12.67 23.06 59.86
N LEU N 157 -13.48 23.74 59.07
CA LEU N 157 -13.40 25.17 59.09
C LEU N 157 -13.84 25.73 60.41
N LYS N 158 -14.84 25.14 61.05
CA LYS N 158 -15.19 25.65 62.36
C LYS N 158 -14.06 25.46 63.33
N VAL N 159 -13.34 24.35 63.23
CA VAL N 159 -12.23 24.16 64.12
C VAL N 159 -11.17 25.18 63.84
N LYS N 160 -10.88 25.43 62.58
CA LYS N 160 -9.90 26.44 62.27
C LYS N 160 -10.29 27.72 62.90
N GLY N 161 -11.54 28.12 62.73
CA GLY N 161 -11.97 29.37 63.26
C GLY N 161 -11.84 29.39 64.76
N ARG N 162 -12.27 28.32 65.42
CA ARG N 162 -12.19 28.24 66.88
C ARG N 162 -10.76 28.32 67.39
N MET N 163 -9.84 27.70 66.64
CA MET N 163 -8.43 27.68 67.01
C MET N 163 -7.79 29.05 66.86
N ASN N 164 -8.30 29.82 65.90
CA ASN N 164 -7.82 31.16 65.64
C ASN N 164 -8.27 32.10 66.74
N GLU N 165 -9.48 31.89 67.24
CA GLU N 165 -9.98 32.72 68.30
C GLU N 165 -9.21 32.49 69.55
N LEU N 166 -8.90 31.24 69.83
CA LEU N 166 -8.18 30.97 71.03
C LEU N 166 -6.77 31.47 70.96
N MET N 167 -6.08 31.40 69.83
CA MET N 167 -4.78 32.02 69.89
C MET N 167 -4.87 33.51 69.97
N ALA N 168 -5.84 34.14 69.35
CA ALA N 168 -5.89 35.55 69.47
C ALA N 168 -6.10 35.89 70.94
N LEU N 169 -6.90 35.12 71.62
CA LEU N 169 -7.11 35.38 73.02
C LEU N 169 -5.85 35.24 73.85
N HIS N 170 -5.11 34.19 73.62
CA HIS N 170 -3.93 33.95 74.41
C HIS N 170 -2.72 34.76 74.02
N THR N 171 -2.62 35.19 72.79
CA THR N 171 -1.45 35.93 72.40
C THR N 171 -1.62 37.42 72.40
N GLY N 172 -2.83 37.93 72.28
CA GLY N 172 -3.01 39.35 72.27
C GLY N 172 -2.99 39.91 70.86
N GLN N 173 -2.86 39.05 69.90
CA GLN N 173 -2.86 39.45 68.51
C GLN N 173 -4.28 39.64 68.11
N SER N 174 -4.53 40.44 67.12
CA SER N 174 -5.90 40.56 66.69
C SER N 174 -6.27 39.29 66.01
N LEU N 175 -7.54 39.05 65.84
CA LEU N 175 -7.91 37.83 65.18
C LEU N 175 -7.50 37.82 63.74
N GLU N 176 -7.61 38.94 63.08
CA GLU N 176 -7.24 39.00 61.69
C GLU N 176 -5.78 38.74 61.53
N GLN N 177 -4.99 39.21 62.48
CA GLN N 177 -3.57 38.95 62.39
C GLN N 177 -3.30 37.49 62.55
N ILE N 178 -3.94 36.82 63.49
CA ILE N 178 -3.75 35.38 63.58
C ILE N 178 -4.17 34.69 62.32
N GLU N 179 -5.31 35.12 61.77
CA GLU N 179 -5.84 34.55 60.55
C GLU N 179 -4.80 34.59 59.43
N ARG N 180 -4.10 35.71 59.29
CA ARG N 180 -3.11 35.82 58.26
C ARG N 180 -1.87 35.01 58.58
N ASP N 181 -1.43 35.04 59.81
CA ASP N 181 -0.21 34.37 60.13
C ASP N 181 -0.22 32.88 60.06
N THR N 182 -1.32 32.25 60.37
CA THR N 182 -1.34 30.80 60.37
C THR N 182 -1.75 30.24 59.03
N GLU N 183 -1.96 31.12 58.06
CA GLU N 183 -2.36 30.67 56.72
C GLU N 183 -1.41 29.57 56.23
N ARG N 184 -0.12 29.84 56.42
CA ARG N 184 0.94 28.94 56.03
C ARG N 184 1.88 28.85 57.22
N ASP N 185 2.69 27.80 57.25
CA ASP N 185 3.60 27.60 58.32
C ASP N 185 4.46 28.78 58.69
N ARG N 186 4.49 29.10 59.97
CA ARG N 186 5.32 30.15 60.47
C ARG N 186 6.20 29.68 61.52
N PHE N 187 7.47 29.92 61.38
CA PHE N 187 8.39 29.51 62.39
C PHE N 187 8.80 30.69 63.16
N LEU N 188 8.93 30.55 64.45
CA LEU N 188 9.37 31.64 65.27
C LEU N 188 10.51 31.19 66.14
N SER N 189 11.54 31.99 66.22
CA SER N 189 12.66 31.66 67.08
C SER N 189 12.22 32.04 68.47
N ALA N 190 12.93 31.63 69.50
CA ALA N 190 12.42 31.98 70.80
C ALA N 190 12.18 33.48 70.96
N PRO N 191 13.06 34.42 70.55
CA PRO N 191 12.80 35.82 70.63
C PRO N 191 11.63 36.30 69.85
N GLU N 192 11.27 35.57 68.79
CA GLU N 192 10.15 35.94 67.95
C GLU N 192 8.85 35.54 68.62
N ALA N 193 8.91 34.43 69.36
CA ALA N 193 7.75 33.95 70.06
C ALA N 193 7.43 34.94 71.15
N VAL N 194 8.47 35.52 71.75
CA VAL N 194 8.23 36.49 72.79
C VAL N 194 7.62 37.75 72.23
N GLU N 195 8.15 38.25 71.12
CA GLU N 195 7.62 39.48 70.51
C GLU N 195 6.20 39.31 69.97
N TYR N 196 5.91 38.10 69.50
CA TYR N 196 4.61 37.79 68.94
C TYR N 196 3.58 37.63 70.06
N GLY N 197 4.03 37.09 71.19
CA GLY N 197 3.14 36.90 72.30
C GLY N 197 2.79 35.46 72.50
N LEU N 198 3.52 34.55 71.90
CA LEU N 198 3.21 33.17 72.12
C LEU N 198 3.72 32.82 73.49
N VAL N 199 4.83 33.41 73.89
CA VAL N 199 5.38 33.15 75.20
C VAL N 199 5.66 34.45 75.86
N ASP N 200 5.84 34.45 77.16
CA ASP N 200 6.13 35.66 77.85
C ASP N 200 7.60 35.96 77.92
N SER N 201 8.42 34.95 78.12
CA SER N 201 9.85 35.24 78.16
C SER N 201 10.72 34.05 77.87
N ILE N 202 12.00 34.30 77.78
CA ILE N 202 13.01 33.30 77.54
C ILE N 202 13.78 33.00 78.77
N LEU N 203 13.93 31.74 79.10
CA LEU N 203 14.69 31.38 80.26
C LEU N 203 16.11 31.38 79.81
N THR N 204 17.05 31.73 80.67
CA THR N 204 18.42 31.77 80.24
C THR N 204 19.28 30.85 81.03
N HIS N 205 19.56 31.23 82.25
CA HIS N 205 20.37 30.39 83.12
C HIS N 205 19.74 30.37 84.47
N ARG N 206 19.96 29.30 85.21
CA ARG N 206 19.47 29.23 86.56
C ARG N 206 19.95 30.44 87.34
N MET O 169 -21.46 -2.16 -74.23
CA MET O 169 -21.58 -3.57 -73.91
C MET O 169 -20.69 -4.48 -74.72
N GLU O 170 -20.31 -4.05 -75.91
CA GLU O 170 -19.58 -4.92 -76.83
C GLU O 170 -18.30 -5.47 -76.23
N ASN O 171 -17.61 -4.68 -75.43
CA ASN O 171 -16.41 -5.10 -74.78
C ASN O 171 -16.51 -5.00 -73.28
N PHE O 172 -17.74 -5.01 -72.76
CA PHE O 172 -17.94 -4.90 -71.33
C PHE O 172 -18.78 -6.00 -70.74
N THR O 173 -19.75 -6.53 -71.50
CA THR O 173 -20.63 -7.50 -70.90
C THR O 173 -20.65 -8.83 -71.61
N THR O 174 -20.66 -9.89 -70.83
CA THR O 174 -20.77 -11.22 -71.39
C THR O 174 -22.20 -11.69 -71.31
N ASN O 175 -22.74 -12.11 -72.43
CA ASN O 175 -24.10 -12.61 -72.43
C ASN O 175 -24.04 -14.01 -71.90
N LEU O 176 -24.54 -14.20 -70.68
CA LEU O 176 -24.41 -15.48 -70.04
C LEU O 176 -25.40 -16.47 -70.59
N ASN O 177 -26.43 -15.99 -71.29
CA ASN O 177 -27.35 -16.96 -71.81
C ASN O 177 -26.70 -17.54 -73.00
N GLN O 178 -25.99 -16.70 -73.74
CA GLN O 178 -25.31 -17.20 -74.89
C GLN O 178 -24.22 -18.10 -74.44
N LEU O 179 -23.59 -17.77 -73.33
CA LEU O 179 -22.57 -18.63 -72.85
C LEU O 179 -23.19 -19.95 -72.46
N ALA O 180 -24.32 -19.93 -71.72
CA ALA O 180 -24.96 -21.17 -71.30
C ALA O 180 -25.39 -22.02 -72.49
N ARG O 181 -25.85 -21.38 -73.56
CA ARG O 181 -26.23 -22.10 -74.76
C ARG O 181 -25.04 -22.83 -75.37
N VAL O 182 -23.88 -22.20 -75.32
CA VAL O 182 -22.64 -22.76 -75.81
C VAL O 182 -22.09 -23.85 -74.89
N GLY O 183 -22.14 -23.58 -73.60
CA GLY O 183 -21.61 -24.43 -72.56
C GLY O 183 -21.21 -23.50 -71.44
N GLY O 184 -19.99 -23.64 -70.92
CA GLY O 184 -19.48 -22.66 -69.96
C GLY O 184 -19.98 -22.73 -68.53
N ILE O 185 -21.29 -22.57 -68.38
CA ILE O 185 -21.98 -22.52 -67.13
C ILE O 185 -22.57 -23.85 -66.70
N ASP O 186 -22.17 -24.24 -65.52
CA ASP O 186 -22.62 -25.46 -64.91
C ASP O 186 -24.06 -25.41 -64.45
N PRO O 187 -24.78 -26.53 -64.45
CA PRO O 187 -26.07 -26.67 -63.87
C PRO O 187 -25.83 -26.60 -62.40
N LEU O 188 -26.77 -26.12 -61.62
CA LEU O 188 -26.49 -26.21 -60.21
C LEU O 188 -27.22 -27.34 -59.59
N ILE O 189 -26.54 -27.93 -58.66
CA ILE O 189 -26.99 -29.09 -57.99
C ILE O 189 -27.34 -28.76 -56.56
N GLY O 190 -28.58 -29.03 -56.19
CA GLY O 190 -28.99 -28.78 -54.81
C GLY O 190 -29.25 -27.32 -54.46
N ARG O 191 -29.44 -26.47 -55.46
CA ARG O 191 -29.69 -25.07 -55.20
C ARG O 191 -31.10 -24.75 -55.62
N GLU O 192 -32.03 -24.75 -54.67
CA GLU O 192 -33.39 -24.47 -55.04
C GLU O 192 -33.89 -23.17 -54.46
N LYS O 193 -33.52 -22.91 -53.22
CA LYS O 193 -33.93 -21.68 -52.54
C LYS O 193 -33.16 -20.47 -53.07
N GLU O 194 -31.84 -20.56 -53.05
CA GLU O 194 -30.99 -19.47 -53.53
C GLU O 194 -31.50 -18.91 -54.85
N LEU O 195 -31.96 -19.80 -55.72
CA LEU O 195 -32.46 -19.42 -57.01
C LEU O 195 -33.89 -19.02 -56.91
N GLU O 196 -34.70 -19.69 -56.09
CA GLU O 196 -36.08 -19.28 -55.98
C GLU O 196 -36.12 -17.85 -55.54
N ARG O 197 -35.29 -17.48 -54.57
CA ARG O 197 -35.28 -16.12 -54.15
C ARG O 197 -34.74 -15.20 -55.21
N ALA O 198 -33.71 -15.59 -55.94
CA ALA O 198 -33.24 -14.67 -56.96
C ALA O 198 -34.38 -14.37 -57.91
N ILE O 199 -35.19 -15.37 -58.23
CA ILE O 199 -36.32 -15.14 -59.09
C ILE O 199 -37.31 -14.24 -58.40
N GLN O 200 -37.58 -14.52 -57.14
CA GLN O 200 -38.58 -13.78 -56.44
C GLN O 200 -38.25 -12.30 -56.39
N VAL O 201 -36.98 -11.97 -56.23
CA VAL O 201 -36.54 -10.59 -56.19
C VAL O 201 -36.61 -9.96 -57.57
N LEU O 202 -36.14 -10.65 -58.58
CA LEU O 202 -36.14 -10.11 -59.92
C LEU O 202 -37.56 -9.80 -60.39
N CYS O 203 -38.53 -10.55 -59.86
CA CYS O 203 -39.93 -10.38 -60.18
C CYS O 203 -40.62 -9.20 -59.48
N ARG O 204 -39.91 -8.49 -58.61
CA ARG O 204 -40.52 -7.34 -57.90
C ARG O 204 -40.67 -6.08 -58.76
N ARG O 205 -41.61 -5.21 -58.38
CA ARG O 205 -41.82 -3.96 -59.12
C ARG O 205 -40.64 -3.05 -58.93
N ARG O 206 -40.12 -3.03 -57.71
CA ARG O 206 -39.02 -2.17 -57.34
C ARG O 206 -37.94 -2.90 -56.60
N LYS O 207 -36.73 -2.40 -56.71
CA LYS O 207 -35.59 -2.97 -56.03
C LYS O 207 -35.46 -4.41 -56.39
N ASN O 208 -35.69 -4.74 -57.63
CA ASN O 208 -35.61 -6.09 -58.08
C ASN O 208 -34.18 -6.38 -58.47
N ASN O 209 -33.35 -6.29 -57.45
CA ASN O 209 -31.93 -6.36 -57.57
C ASN O 209 -31.37 -7.24 -56.45
N PRO O 210 -31.31 -8.57 -56.58
CA PRO O 210 -30.89 -9.43 -55.52
C PRO O 210 -29.42 -9.27 -55.30
N LEU O 211 -28.99 -9.48 -54.08
CA LEU O 211 -27.58 -9.47 -53.73
C LEU O 211 -27.21 -10.75 -53.05
N LEU O 212 -26.27 -11.46 -53.60
CA LEU O 212 -25.86 -12.72 -53.05
C LEU O 212 -24.68 -12.47 -52.17
N VAL O 213 -24.83 -12.80 -50.90
CA VAL O 213 -23.77 -12.55 -49.95
C VAL O 213 -23.28 -13.87 -49.42
N GLY O 214 -21.98 -14.10 -49.54
CA GLY O 214 -21.45 -15.39 -49.09
C GLY O 214 -20.03 -15.39 -48.54
N GLU O 215 -19.40 -16.54 -48.68
CA GLU O 215 -18.07 -16.85 -48.20
C GLU O 215 -17.34 -17.52 -49.32
N SER O 216 -16.04 -17.59 -49.26
CA SER O 216 -15.30 -18.15 -50.37
C SER O 216 -15.61 -19.59 -50.71
N GLY O 217 -15.91 -19.84 -51.99
CA GLY O 217 -16.20 -21.17 -52.46
C GLY O 217 -17.57 -21.72 -52.08
N VAL O 218 -18.58 -20.89 -51.87
CA VAL O 218 -19.87 -21.46 -51.47
C VAL O 218 -20.87 -21.52 -52.59
N GLY O 219 -20.47 -21.22 -53.81
CA GLY O 219 -21.40 -21.25 -54.94
C GLY O 219 -22.02 -19.89 -55.16
N LYS O 220 -21.47 -18.93 -54.49
CA LYS O 220 -21.91 -17.55 -54.55
C LYS O 220 -22.04 -16.97 -55.94
N THR O 221 -21.11 -17.28 -56.84
CA THR O 221 -21.17 -16.73 -58.18
C THR O 221 -21.71 -17.78 -59.09
N ALA O 222 -21.57 -19.04 -58.65
CA ALA O 222 -22.07 -20.15 -59.40
C ALA O 222 -23.58 -19.99 -59.55
N ILE O 223 -24.24 -19.47 -58.51
CA ILE O 223 -25.67 -19.26 -58.49
C ILE O 223 -26.11 -18.22 -59.49
N ALA O 224 -25.45 -17.09 -59.56
CA ALA O 224 -25.90 -16.13 -60.54
C ALA O 224 -25.75 -16.70 -61.95
N GLU O 225 -24.67 -17.44 -62.20
CA GLU O 225 -24.52 -18.01 -63.53
C GLU O 225 -25.53 -19.13 -63.74
N GLY O 226 -25.80 -19.88 -62.68
CA GLY O 226 -26.72 -20.98 -62.71
C GLY O 226 -28.08 -20.47 -63.12
N LEU O 227 -28.43 -19.25 -62.73
CA LEU O 227 -29.70 -18.73 -63.16
C LEU O 227 -29.67 -18.53 -64.65
N ALA O 228 -28.58 -17.99 -65.20
CA ALA O 228 -28.59 -17.81 -66.66
C ALA O 228 -28.78 -19.15 -67.34
N TRP O 229 -28.16 -20.18 -66.78
CA TRP O 229 -28.28 -21.50 -67.34
C TRP O 229 -29.73 -21.93 -67.29
N ARG O 230 -30.32 -21.78 -66.11
CA ARG O 230 -31.72 -22.14 -65.89
C ARG O 230 -32.68 -21.40 -66.82
N ILE O 231 -32.37 -20.15 -67.19
CA ILE O 231 -33.26 -19.43 -68.07
C ILE O 231 -33.19 -20.08 -69.42
N VAL O 232 -31.97 -20.35 -69.87
CA VAL O 232 -31.71 -20.96 -71.16
C VAL O 232 -32.33 -22.33 -71.30
N GLN O 233 -32.31 -23.09 -70.24
CA GLN O 233 -32.85 -24.43 -70.25
C GLN O 233 -34.35 -24.47 -70.01
N GLY O 234 -35.02 -23.33 -69.78
CA GLY O 234 -36.44 -23.35 -69.51
C GLY O 234 -36.80 -23.81 -68.09
N ASP O 235 -35.90 -23.60 -67.14
CA ASP O 235 -36.04 -24.00 -65.74
C ASP O 235 -36.44 -22.82 -64.84
N VAL O 236 -37.05 -21.82 -65.47
CA VAL O 236 -37.52 -20.64 -64.79
C VAL O 236 -38.98 -20.38 -65.18
N PRO O 237 -39.76 -19.60 -64.41
CA PRO O 237 -41.11 -19.16 -64.73
C PRO O 237 -41.06 -18.33 -65.97
N GLU O 238 -42.18 -18.22 -66.71
CA GLU O 238 -42.27 -17.46 -67.96
C GLU O 238 -42.04 -15.98 -67.75
N VAL O 239 -42.08 -15.56 -66.52
CA VAL O 239 -41.84 -14.20 -66.15
C VAL O 239 -40.43 -13.85 -66.59
N MET O 240 -39.53 -14.83 -66.49
CA MET O 240 -38.12 -14.73 -66.85
C MET O 240 -37.87 -15.06 -68.31
N ALA O 241 -38.92 -15.33 -69.07
CA ALA O 241 -38.71 -15.75 -70.43
C ALA O 241 -37.97 -14.69 -71.15
N ASP O 242 -37.03 -15.14 -71.97
CA ASP O 242 -36.21 -14.31 -72.82
C ASP O 242 -35.31 -13.35 -72.06
N CYS O 243 -35.18 -13.54 -70.77
CA CYS O 243 -34.33 -12.66 -70.03
C CYS O 243 -32.90 -13.05 -70.16
N THR O 244 -32.06 -12.04 -70.25
CA THR O 244 -30.64 -12.26 -70.35
C THR O 244 -29.87 -11.65 -69.25
N ILE O 245 -29.04 -12.48 -68.66
CA ILE O 245 -28.18 -12.01 -67.62
C ILE O 245 -26.83 -11.74 -68.26
N TYR O 246 -26.38 -10.52 -68.09
CA TYR O 246 -25.11 -10.14 -68.62
C TYR O 246 -24.11 -10.07 -67.49
N SER O 247 -22.90 -10.54 -67.70
CA SER O 247 -21.89 -10.43 -66.65
C SER O 247 -20.99 -9.24 -66.93
N LEU O 248 -20.87 -8.34 -65.97
CA LEU O 248 -20.14 -7.12 -66.22
C LEU O 248 -18.65 -7.19 -65.88
N ASP O 249 -17.83 -6.90 -66.87
CA ASP O 249 -16.39 -6.91 -66.71
C ASP O 249 -15.94 -5.55 -66.23
N ILE O 250 -15.67 -5.47 -64.93
CA ILE O 250 -15.30 -4.22 -64.29
C ILE O 250 -13.96 -3.77 -64.81
N GLY O 251 -13.07 -4.72 -65.01
CA GLY O 251 -11.75 -4.42 -65.50
C GLY O 251 -11.84 -3.69 -66.82
N SER O 252 -12.50 -4.26 -67.82
CA SER O 252 -12.52 -3.58 -69.12
C SER O 252 -13.31 -2.28 -69.06
N LEU O 253 -14.27 -2.20 -68.16
CA LEU O 253 -15.06 -0.99 -68.05
C LEU O 253 -14.23 0.15 -67.49
N LEU O 254 -13.32 -0.13 -66.56
CA LEU O 254 -12.54 0.92 -65.92
C LEU O 254 -11.17 1.16 -66.54
N ALA O 255 -10.64 0.19 -67.26
CA ALA O 255 -9.35 0.31 -67.90
C ALA O 255 -9.40 1.28 -69.06
N GLY O 256 -8.29 1.94 -69.36
CA GLY O 256 -8.28 2.76 -70.55
C GLY O 256 -9.02 4.10 -70.44
N THR O 257 -9.04 4.69 -69.26
CA THR O 257 -9.72 5.96 -69.03
C THR O 257 -8.70 7.09 -68.82
N LYS O 258 -8.60 7.57 -67.59
CA LYS O 258 -7.74 8.68 -67.15
C LYS O 258 -8.13 10.11 -67.60
N TYR O 259 -9.36 10.28 -68.09
CA TYR O 259 -9.85 11.60 -68.50
C TYR O 259 -10.96 12.05 -67.54
N ARG O 260 -11.34 13.33 -67.60
CA ARG O 260 -12.37 13.88 -66.74
C ARG O 260 -13.80 13.40 -67.02
N GLY O 261 -14.05 12.83 -68.20
CA GLY O 261 -15.41 12.37 -68.51
C GLY O 261 -15.47 11.07 -69.33
N ASP O 262 -14.47 10.22 -69.25
CA ASP O 262 -14.49 9.00 -70.05
C ASP O 262 -15.32 7.87 -69.45
N PHE O 263 -15.12 7.60 -68.17
CA PHE O 263 -15.84 6.50 -67.56
C PHE O 263 -17.33 6.66 -67.66
N GLU O 264 -17.82 7.83 -67.28
CA GLU O 264 -19.25 8.13 -67.34
C GLU O 264 -19.84 7.93 -68.74
N LYS O 265 -19.04 8.17 -69.78
CA LYS O 265 -19.55 8.01 -71.14
C LYS O 265 -19.71 6.57 -71.50
N ARG O 266 -18.69 5.76 -71.22
CA ARG O 266 -18.82 4.36 -71.61
C ARG O 266 -19.81 3.66 -70.72
N PHE O 267 -19.88 4.10 -69.47
CA PHE O 267 -20.80 3.55 -68.49
C PHE O 267 -22.23 3.84 -68.90
N LYS O 268 -22.52 5.07 -69.31
CA LYS O 268 -23.86 5.38 -69.72
C LYS O 268 -24.20 4.69 -71.01
N ALA O 269 -23.25 4.61 -71.96
CA ALA O 269 -23.57 3.88 -73.17
C ALA O 269 -23.89 2.43 -72.87
N LEU O 270 -23.15 1.84 -71.93
CA LEU O 270 -23.38 0.46 -71.56
C LEU O 270 -24.79 0.36 -71.04
N LEU O 271 -25.16 1.26 -70.14
CA LEU O 271 -26.47 1.16 -69.58
C LEU O 271 -27.52 1.37 -70.63
N LYS O 272 -27.34 2.30 -71.57
CA LYS O 272 -28.40 2.53 -72.55
C LYS O 272 -28.71 1.27 -73.33
N GLN O 273 -27.66 0.53 -73.66
CA GLN O 273 -27.82 -0.68 -74.41
C GLN O 273 -28.56 -1.75 -73.60
N LEU O 274 -28.42 -1.70 -72.27
CA LEU O 274 -29.20 -2.62 -71.44
C LEU O 274 -30.62 -2.10 -71.20
N GLU O 275 -30.77 -0.78 -71.04
CA GLU O 275 -32.03 -0.09 -70.73
C GLU O 275 -33.06 -0.22 -71.81
N GLN O 276 -32.61 -0.29 -73.05
CA GLN O 276 -33.54 -0.42 -74.17
C GLN O 276 -34.35 -1.73 -74.08
N ASP O 277 -33.85 -2.71 -73.34
CA ASP O 277 -34.53 -3.99 -73.22
C ASP O 277 -35.51 -3.90 -72.05
N THR O 278 -36.25 -4.96 -71.78
CA THR O 278 -37.15 -4.99 -70.65
C THR O 278 -36.79 -6.25 -69.90
N ASN O 279 -36.11 -7.10 -70.62
CA ASN O 279 -35.73 -8.42 -70.19
C ASN O 279 -34.24 -8.51 -69.85
N SER O 280 -33.60 -7.37 -69.69
CA SER O 280 -32.18 -7.35 -69.37
C SER O 280 -31.88 -7.32 -67.89
N ILE O 281 -31.01 -8.22 -67.49
CA ILE O 281 -30.53 -8.36 -66.15
C ILE O 281 -29.02 -8.21 -66.17
N LEU O 282 -28.48 -7.40 -65.32
CA LEU O 282 -27.04 -7.27 -65.28
C LEU O 282 -26.51 -7.90 -64.01
N PHE O 283 -25.45 -8.67 -64.11
CA PHE O 283 -24.81 -9.27 -62.97
C PHE O 283 -23.47 -8.66 -62.68
N ILE O 284 -23.35 -8.12 -61.50
CA ILE O 284 -22.12 -7.52 -61.10
C ILE O 284 -21.49 -8.32 -60.02
N ASP O 285 -20.43 -9.01 -60.35
CA ASP O 285 -19.83 -9.77 -59.31
C ASP O 285 -18.96 -8.79 -58.64
N GLU O 286 -18.30 -9.18 -57.59
CA GLU O 286 -17.39 -8.26 -56.95
C GLU O 286 -18.04 -6.88 -56.79
N ILE O 287 -19.28 -6.85 -56.30
CA ILE O 287 -20.02 -5.59 -56.24
C ILE O 287 -19.38 -4.61 -55.29
N HIS O 288 -18.49 -5.07 -54.44
CA HIS O 288 -17.81 -4.20 -53.54
C HIS O 288 -16.84 -3.28 -54.28
N THR O 289 -16.65 -3.52 -55.58
CA THR O 289 -15.78 -2.67 -56.36
C THR O 289 -16.60 -1.53 -57.00
N ILE O 290 -17.91 -1.53 -56.75
CA ILE O 290 -18.79 -0.46 -57.21
C ILE O 290 -18.90 0.57 -56.14
N ILE O 291 -19.13 0.11 -54.93
CA ILE O 291 -19.35 1.01 -53.81
C ILE O 291 -18.05 1.57 -53.34
N GLY O 292 -17.98 2.88 -53.21
CA GLY O 292 -16.76 3.54 -52.75
C GLY O 292 -16.10 4.34 -53.85
N ALA O 293 -16.89 4.75 -54.84
CA ALA O 293 -16.38 5.54 -55.95
C ALA O 293 -15.65 4.65 -56.96
N GLY O 294 -15.27 3.46 -56.50
CA GLY O 294 -14.56 2.52 -57.36
C GLY O 294 -13.46 3.18 -58.17
N ALA O 295 -13.78 3.50 -59.42
CA ALA O 295 -12.81 4.16 -60.30
C ALA O 295 -12.78 5.63 -59.97
N ALA O 296 -13.96 6.23 -59.85
CA ALA O 296 -14.08 7.64 -59.51
C ALA O 296 -12.83 8.23 -58.93
N SER O 297 -12.73 9.54 -59.08
CA SER O 297 -11.67 10.34 -58.50
C SER O 297 -12.23 11.73 -58.24
N GLY O 298 -11.67 12.45 -57.27
CA GLY O 298 -12.07 13.83 -57.02
C GLY O 298 -13.22 14.00 -56.02
N GLY O 299 -13.83 12.90 -55.62
CA GLY O 299 -14.95 12.91 -54.69
C GLY O 299 -16.29 12.59 -55.36
N GLN O 300 -17.05 11.71 -54.74
CA GLN O 300 -18.36 11.25 -55.21
C GLN O 300 -18.37 10.88 -56.68
N VAL O 301 -19.44 11.29 -57.39
CA VAL O 301 -19.71 11.02 -58.80
C VAL O 301 -19.16 9.66 -59.20
N ASP O 302 -19.49 8.65 -58.40
CA ASP O 302 -18.92 7.34 -58.59
C ASP O 302 -19.86 6.32 -59.16
N ALA O 303 -19.37 5.08 -59.25
CA ALA O 303 -20.19 4.03 -59.81
C ALA O 303 -21.47 3.83 -59.02
N ALA O 304 -21.38 3.97 -57.70
CA ALA O 304 -22.56 3.80 -56.86
C ALA O 304 -23.57 4.89 -57.12
N ASN O 305 -23.09 6.11 -57.32
CA ASN O 305 -23.98 7.25 -57.50
C ASN O 305 -24.65 7.13 -58.84
N LEU O 306 -23.93 6.62 -59.80
CA LEU O 306 -24.47 6.49 -61.11
C LEU O 306 -25.56 5.45 -61.20
N ILE O 307 -25.45 4.35 -60.44
CA ILE O 307 -26.48 3.33 -60.51
C ILE O 307 -27.70 3.61 -59.64
N LYS O 308 -27.55 4.28 -58.49
CA LYS O 308 -28.72 4.49 -57.62
C LYS O 308 -30.00 4.93 -58.35
N PRO O 309 -30.02 5.96 -59.21
CA PRO O 309 -31.21 6.42 -59.89
C PRO O 309 -31.82 5.35 -60.79
N LEU O 310 -31.04 4.35 -61.16
CA LEU O 310 -31.52 3.32 -62.04
C LEU O 310 -32.07 2.18 -61.23
N LEU O 311 -31.38 1.86 -60.13
CA LEU O 311 -31.76 0.75 -59.29
C LEU O 311 -33.12 1.04 -58.70
N SER O 312 -33.40 2.36 -58.54
CA SER O 312 -34.62 2.90 -57.99
C SER O 312 -35.86 2.57 -58.78
N SER O 313 -35.74 2.32 -60.09
CA SER O 313 -36.93 1.98 -60.84
C SER O 313 -36.78 0.58 -61.37
N GLY O 314 -35.56 0.03 -61.33
CA GLY O 314 -35.32 -1.29 -61.85
C GLY O 314 -35.24 -1.24 -63.37
N LYS O 315 -34.67 -0.15 -63.93
CA LYS O 315 -34.64 -0.08 -65.39
C LYS O 315 -33.97 -1.32 -65.93
N ILE O 316 -32.90 -1.73 -65.25
CA ILE O 316 -32.12 -2.90 -65.55
C ILE O 316 -32.14 -3.68 -64.27
N ARG O 317 -32.47 -4.94 -64.30
CA ARG O 317 -32.46 -5.63 -63.04
C ARG O 317 -31.02 -5.88 -62.70
N VAL O 318 -30.57 -5.60 -61.48
CA VAL O 318 -29.18 -5.88 -61.20
C VAL O 318 -28.97 -6.89 -60.10
N ILE O 319 -28.24 -7.93 -60.44
CA ILE O 319 -27.89 -8.98 -59.50
C ILE O 319 -26.51 -8.66 -59.03
N GLY O 320 -26.32 -8.55 -57.74
CA GLY O 320 -24.97 -8.27 -57.29
C GLY O 320 -24.45 -9.44 -56.49
N SER O 321 -23.15 -9.49 -56.31
CA SER O 321 -22.54 -10.52 -55.44
C SER O 321 -21.33 -10.07 -54.64
N THR O 322 -21.33 -10.40 -53.34
CA THR O 322 -20.20 -10.08 -52.48
C THR O 322 -20.07 -11.04 -51.31
N THR O 323 -19.12 -10.78 -50.43
CA THR O 323 -18.92 -11.63 -49.27
C THR O 323 -19.53 -10.99 -48.06
N TYR O 324 -19.64 -11.71 -46.98
CA TYR O 324 -20.19 -11.14 -45.77
C TYR O 324 -19.35 -10.06 -45.15
N GLN O 325 -18.05 -10.16 -45.30
CA GLN O 325 -17.18 -9.18 -44.69
C GLN O 325 -17.21 -7.92 -45.52
N GLU O 326 -17.22 -8.09 -46.84
CA GLU O 326 -17.27 -6.91 -47.67
C GLU O 326 -18.61 -6.28 -47.50
N PHE O 327 -19.62 -7.11 -47.37
CA PHE O 327 -20.94 -6.61 -47.28
C PHE O 327 -21.10 -5.70 -46.13
N SER O 328 -20.77 -6.15 -44.91
CA SER O 328 -21.02 -5.26 -43.80
C SER O 328 -20.07 -4.06 -43.78
N ASN O 329 -18.91 -4.16 -44.42
CA ASN O 329 -18.01 -3.03 -44.48
C ASN O 329 -18.38 -1.94 -45.48
N ILE O 330 -19.05 -2.28 -46.58
CA ILE O 330 -19.38 -1.26 -47.59
C ILE O 330 -20.87 -0.91 -47.60
N PHE O 331 -21.72 -1.92 -47.45
CA PHE O 331 -23.13 -1.75 -47.48
C PHE O 331 -23.51 -1.47 -46.07
N GLU O 332 -24.66 -0.89 -45.89
CA GLU O 332 -25.15 -0.51 -44.57
C GLU O 332 -24.29 0.64 -44.03
N LYS O 333 -23.58 1.27 -44.95
CA LYS O 333 -22.75 2.44 -44.78
C LYS O 333 -23.34 3.34 -45.82
N ASP O 334 -23.22 2.92 -47.08
CA ASP O 334 -23.87 3.70 -48.11
C ASP O 334 -25.27 3.11 -48.15
N ARG O 335 -26.07 3.54 -47.18
CA ARG O 335 -27.38 2.99 -46.90
C ARG O 335 -28.26 3.06 -48.09
N ALA O 336 -28.13 4.10 -48.87
CA ALA O 336 -28.96 4.24 -50.03
C ALA O 336 -28.77 3.09 -51.00
N LEU O 337 -27.58 2.48 -51.12
CA LEU O 337 -27.54 1.33 -52.01
C LEU O 337 -27.93 0.12 -51.28
N ALA O 338 -27.60 0.05 -50.03
CA ALA O 338 -27.88 -1.18 -49.33
C ALA O 338 -29.35 -1.47 -49.36
N ARG O 339 -30.19 -0.46 -49.30
CA ARG O 339 -31.60 -0.76 -49.26
C ARG O 339 -32.16 -1.02 -50.64
N ARG O 340 -31.33 -0.86 -51.66
CA ARG O 340 -31.77 -1.06 -53.03
C ARG O 340 -31.50 -2.48 -53.49
N PHE O 341 -30.84 -3.26 -52.65
CA PHE O 341 -30.52 -4.63 -52.99
C PHE O 341 -31.19 -5.58 -52.05
N GLN O 342 -31.54 -6.74 -52.54
CA GLN O 342 -32.19 -7.71 -51.69
C GLN O 342 -31.27 -8.84 -51.34
N LYS O 343 -30.73 -8.80 -50.14
CA LYS O 343 -29.76 -9.79 -49.71
C LYS O 343 -30.30 -11.21 -49.60
N ILE O 344 -29.53 -12.13 -50.17
CA ILE O 344 -29.73 -13.57 -50.12
C ILE O 344 -28.51 -14.22 -49.49
N ASP O 345 -28.71 -15.03 -48.45
CA ASP O 345 -27.60 -15.69 -47.77
C ASP O 345 -27.18 -16.97 -48.47
N ILE O 346 -25.96 -17.02 -48.97
CA ILE O 346 -25.51 -18.21 -49.67
C ILE O 346 -24.57 -18.96 -48.77
N THR O 347 -24.95 -20.14 -48.34
CA THR O 347 -24.13 -20.89 -47.42
C THR O 347 -23.48 -22.10 -48.07
N GLU O 348 -22.53 -22.69 -47.38
CA GLU O 348 -21.87 -23.90 -47.85
C GLU O 348 -22.77 -25.13 -47.67
N PRO O 349 -22.86 -25.94 -48.72
CA PRO O 349 -23.65 -27.16 -48.77
C PRO O 349 -23.12 -28.24 -47.82
N SER O 350 -23.94 -29.25 -47.58
CA SER O 350 -23.59 -30.40 -46.75
C SER O 350 -22.61 -31.32 -47.46
N ILE O 351 -22.10 -32.31 -46.74
CA ILE O 351 -21.16 -33.26 -47.31
C ILE O 351 -21.84 -34.02 -48.41
N GLU O 352 -23.10 -34.44 -48.18
CA GLU O 352 -23.79 -35.17 -49.22
C GLU O 352 -24.05 -34.28 -50.40
N GLU O 353 -24.40 -33.03 -50.13
CA GLU O 353 -24.65 -32.12 -51.21
C GLU O 353 -23.38 -31.90 -51.99
N THR O 354 -22.24 -31.83 -51.32
CA THR O 354 -20.98 -31.63 -52.00
C THR O 354 -20.72 -32.83 -52.90
N VAL O 355 -21.00 -34.03 -52.41
CA VAL O 355 -20.83 -35.22 -53.21
C VAL O 355 -21.73 -35.16 -54.42
N GLN O 356 -22.98 -34.73 -54.24
CA GLN O 356 -23.90 -34.60 -55.34
C GLN O 356 -23.39 -33.58 -56.34
N ILE O 357 -22.79 -32.50 -55.86
CA ILE O 357 -22.25 -31.48 -56.73
C ILE O 357 -21.15 -32.09 -57.54
N ILE O 358 -20.27 -32.84 -56.90
CA ILE O 358 -19.20 -33.42 -57.67
C ILE O 358 -19.78 -34.37 -58.66
N ASN O 359 -20.68 -35.23 -58.26
CA ASN O 359 -21.19 -36.22 -59.18
C ASN O 359 -21.98 -35.65 -60.35
N GLY O 360 -22.70 -34.55 -60.15
CA GLY O 360 -23.40 -34.01 -61.29
C GLY O 360 -22.44 -33.24 -62.22
N LEU O 361 -21.31 -32.74 -61.69
CA LEU O 361 -20.38 -32.02 -62.53
C LEU O 361 -19.31 -32.95 -63.05
N LYS O 362 -19.06 -34.02 -62.31
CA LYS O 362 -18.08 -35.05 -62.56
C LYS O 362 -17.85 -35.41 -64.01
N PRO O 363 -18.86 -35.63 -64.87
CA PRO O 363 -18.62 -36.00 -66.22
C PRO O 363 -17.66 -35.05 -66.95
N LYS O 364 -17.58 -33.75 -66.58
CA LYS O 364 -16.66 -32.89 -67.32
C LYS O 364 -15.24 -33.02 -66.80
N TYR O 365 -15.09 -33.59 -65.62
CA TYR O 365 -13.78 -33.79 -65.05
C TYR O 365 -13.30 -35.04 -65.69
N GLU O 366 -14.19 -36.00 -65.79
CA GLU O 366 -13.81 -37.25 -66.39
C GLU O 366 -13.50 -37.04 -67.86
N ALA O 367 -14.33 -36.25 -68.54
CA ALA O 367 -14.16 -35.97 -69.95
C ALA O 367 -12.90 -35.17 -70.24
N HIS O 368 -12.60 -34.17 -69.41
CA HIS O 368 -11.43 -33.36 -69.61
C HIS O 368 -10.19 -34.17 -69.38
N HIS O 369 -10.20 -34.91 -68.30
CA HIS O 369 -9.05 -35.64 -67.89
C HIS O 369 -8.87 -37.01 -68.53
N ASP O 370 -9.95 -37.62 -69.02
CA ASP O 370 -9.91 -38.99 -69.52
C ASP O 370 -9.57 -39.91 -68.35
N VAL O 371 -10.30 -39.68 -67.26
CA VAL O 371 -10.18 -40.44 -66.02
C VAL O 371 -11.57 -40.83 -65.61
N ARG O 372 -11.70 -41.74 -64.67
CA ARG O 372 -13.04 -42.05 -64.14
C ARG O 372 -12.98 -42.03 -62.63
N TYR O 373 -13.99 -41.48 -61.95
CA TYR O 373 -13.93 -41.45 -60.49
C TYR O 373 -14.87 -42.43 -59.81
N THR O 374 -14.37 -43.20 -58.83
CA THR O 374 -15.25 -44.13 -58.14
C THR O 374 -16.19 -43.37 -57.24
N ALA O 375 -17.27 -44.02 -56.79
CA ALA O 375 -18.19 -43.39 -55.87
C ALA O 375 -17.51 -43.07 -54.55
N LYS O 376 -16.60 -43.96 -54.17
CA LYS O 376 -15.87 -43.81 -52.95
C LYS O 376 -14.87 -42.70 -53.09
N ALA O 377 -14.27 -42.56 -54.27
CA ALA O 377 -13.30 -41.50 -54.47
C ALA O 377 -13.94 -40.16 -54.27
N VAL O 378 -15.17 -40.03 -54.76
CA VAL O 378 -15.84 -38.76 -54.63
C VAL O 378 -16.22 -38.48 -53.20
N ARG O 379 -16.80 -39.46 -52.52
CA ARG O 379 -17.18 -39.18 -51.16
C ARG O 379 -15.97 -38.91 -50.31
N ALA O 380 -14.91 -39.67 -50.52
CA ALA O 380 -13.71 -39.46 -49.74
C ALA O 380 -13.17 -38.08 -50.00
N ALA O 381 -13.21 -37.59 -51.24
CA ALA O 381 -12.66 -36.27 -51.48
C ALA O 381 -13.34 -35.24 -50.63
N VAL O 382 -14.65 -35.38 -50.49
CA VAL O 382 -15.38 -34.42 -49.69
C VAL O 382 -15.08 -34.57 -48.21
N GLU O 383 -15.13 -35.79 -47.70
CA GLU O 383 -14.92 -36.00 -46.27
C GLU O 383 -13.51 -35.66 -45.83
N LEU O 384 -12.54 -36.01 -46.67
CA LEU O 384 -11.15 -35.76 -46.40
C LEU O 384 -10.89 -34.28 -46.48
N ALA O 385 -11.51 -33.59 -47.44
CA ALA O 385 -11.30 -32.16 -47.51
C ALA O 385 -11.84 -31.48 -46.26
N VAL O 386 -12.97 -31.96 -45.72
CA VAL O 386 -13.47 -31.31 -44.51
C VAL O 386 -12.48 -31.45 -43.38
N LYS O 387 -11.95 -32.65 -43.21
CA LYS O 387 -11.01 -32.89 -42.14
C LYS O 387 -9.67 -32.19 -42.27
N TYR O 388 -9.10 -32.15 -43.47
CA TYR O 388 -7.77 -31.59 -43.59
C TYR O 388 -7.59 -30.24 -44.30
N ILE O 389 -8.54 -29.82 -45.12
CA ILE O 389 -8.41 -28.57 -45.87
C ILE O 389 -9.42 -27.59 -45.30
N ASN O 390 -8.95 -26.57 -44.60
CA ASN O 390 -9.86 -25.69 -43.90
C ASN O 390 -9.80 -24.18 -44.22
N ASP O 391 -9.38 -23.78 -45.41
CA ASP O 391 -9.30 -22.36 -45.74
C ASP O 391 -10.40 -21.86 -46.68
N ARG O 392 -11.39 -22.69 -46.96
CA ARG O 392 -12.46 -22.35 -47.87
C ARG O 392 -13.59 -23.34 -47.69
N HIS O 393 -14.72 -23.09 -48.34
CA HIS O 393 -15.86 -23.97 -48.29
C HIS O 393 -15.82 -25.09 -49.34
N LEU O 394 -16.55 -26.17 -49.07
CA LEU O 394 -16.58 -27.40 -49.86
C LEU O 394 -16.80 -27.33 -51.35
N PRO O 395 -17.71 -26.57 -51.92
CA PRO O 395 -17.87 -26.54 -53.34
C PRO O 395 -16.55 -26.24 -54.01
N ASP O 396 -15.64 -25.48 -53.37
CA ASP O 396 -14.39 -25.22 -54.03
C ASP O 396 -13.38 -26.29 -53.64
N LYS O 397 -13.21 -26.55 -52.35
CA LYS O 397 -12.13 -27.48 -51.99
C LYS O 397 -12.37 -28.94 -52.34
N ALA O 398 -13.61 -29.41 -52.33
CA ALA O 398 -13.78 -30.81 -52.68
C ALA O 398 -13.52 -30.95 -54.18
N ILE O 399 -13.92 -29.93 -54.93
CA ILE O 399 -13.71 -29.90 -56.36
C ILE O 399 -12.25 -29.84 -56.65
N ASP O 400 -11.53 -29.05 -55.89
CA ASP O 400 -10.09 -28.93 -56.08
C ASP O 400 -9.43 -30.28 -55.90
N VAL O 401 -9.92 -31.09 -54.97
CA VAL O 401 -9.38 -32.44 -54.77
C VAL O 401 -9.66 -33.31 -55.98
N ILE O 402 -10.89 -33.27 -56.47
CA ILE O 402 -11.29 -34.06 -57.62
C ILE O 402 -10.52 -33.67 -58.85
N ASP O 403 -10.36 -32.38 -59.09
CA ASP O 403 -9.66 -31.92 -60.25
C ASP O 403 -8.18 -32.23 -60.14
N GLU O 404 -7.63 -32.08 -58.95
CA GLU O 404 -6.24 -32.39 -58.70
C GLU O 404 -5.97 -33.88 -58.92
N ALA O 405 -6.88 -34.73 -58.46
CA ALA O 405 -6.73 -36.16 -58.64
C ALA O 405 -6.87 -36.54 -60.09
N GLY O 406 -7.79 -35.90 -60.80
CA GLY O 406 -7.98 -36.17 -62.22
C GLY O 406 -6.74 -35.76 -63.00
N ALA O 407 -6.16 -34.62 -62.60
CA ALA O 407 -4.97 -34.08 -63.23
C ALA O 407 -3.81 -35.05 -63.09
N ARG O 408 -3.72 -35.72 -61.96
CA ARG O 408 -2.66 -36.69 -61.81
C ARG O 408 -3.04 -37.98 -62.52
N ALA O 409 -4.29 -38.41 -62.39
CA ALA O 409 -4.69 -39.65 -62.99
C ALA O 409 -4.56 -39.61 -64.51
N ARG O 410 -4.68 -38.43 -65.11
CA ARG O 410 -4.55 -38.29 -66.56
C ARG O 410 -3.08 -38.16 -66.99
N LEU O 411 -2.20 -38.07 -66.00
CA LEU O 411 -0.77 -37.94 -66.18
C LEU O 411 -0.11 -39.29 -66.06
N MET O 412 -0.52 -40.06 -65.05
CA MET O 412 0.04 -41.39 -64.82
C MET O 412 -0.02 -42.25 -66.08
N PRO O 413 -0.85 -41.86 -67.03
CA PRO O 413 -0.96 -42.62 -68.28
C PRO O 413 0.41 -42.81 -68.91
N VAL O 414 1.39 -42.03 -68.45
CA VAL O 414 2.76 -42.10 -68.95
C VAL O 414 3.50 -43.29 -68.35
N SER O 415 2.81 -44.02 -67.47
CA SER O 415 3.40 -45.18 -66.81
C SER O 415 2.39 -46.35 -66.83
N LYS O 416 1.42 -46.28 -67.75
CA LYS O 416 0.33 -47.23 -67.97
C LYS O 416 -0.71 -47.38 -66.85
N ARG O 417 -0.99 -46.32 -66.11
CA ARG O 417 -2.04 -46.39 -65.11
C ARG O 417 -3.41 -46.39 -65.81
N LYS O 418 -4.39 -47.07 -65.21
CA LYS O 418 -5.76 -47.10 -65.72
C LYS O 418 -6.47 -45.80 -65.40
N LYS O 419 -7.53 -45.50 -66.15
CA LYS O 419 -8.29 -44.26 -66.02
C LYS O 419 -8.98 -44.02 -64.67
N THR O 420 -9.46 -45.07 -64.03
CA THR O 420 -10.19 -44.91 -62.77
C THR O 420 -9.38 -44.33 -61.61
N VAL O 421 -9.96 -43.35 -60.93
CA VAL O 421 -9.43 -42.66 -59.77
C VAL O 421 -10.13 -43.17 -58.55
N ASN O 422 -9.39 -43.75 -57.62
CA ASN O 422 -10.05 -44.32 -56.47
C ASN O 422 -9.74 -43.48 -55.23
N VAL O 423 -10.27 -43.89 -54.11
CA VAL O 423 -10.04 -43.20 -52.85
C VAL O 423 -8.57 -43.08 -52.60
N ALA O 424 -7.82 -44.10 -52.90
CA ALA O 424 -6.40 -44.02 -52.63
C ALA O 424 -5.73 -42.83 -53.33
N ASP O 425 -6.19 -42.45 -54.52
CA ASP O 425 -5.56 -41.37 -55.26
C ASP O 425 -6.02 -40.04 -54.70
N ILE O 426 -7.28 -40.03 -54.25
CA ILE O 426 -7.87 -38.90 -53.58
C ILE O 426 -7.16 -38.60 -52.28
N GLU O 427 -6.83 -39.64 -51.54
CA GLU O 427 -6.13 -39.49 -50.27
C GLU O 427 -4.77 -38.89 -50.49
N SER O 428 -4.07 -39.29 -51.55
CA SER O 428 -2.77 -38.68 -51.83
C SER O 428 -2.95 -37.21 -52.12
N VAL O 429 -3.99 -36.88 -52.86
CA VAL O 429 -4.27 -35.49 -53.18
C VAL O 429 -4.66 -34.64 -52.00
N VAL O 430 -5.55 -35.12 -51.13
CA VAL O 430 -5.91 -34.30 -50.00
C VAL O 430 -4.72 -34.13 -49.11
N ALA O 431 -3.99 -35.21 -48.89
CA ALA O 431 -2.85 -35.10 -48.04
C ALA O 431 -1.86 -34.11 -48.58
N ARG O 432 -1.68 -34.09 -49.89
CA ARG O 432 -0.74 -33.16 -50.44
C ARG O 432 -1.21 -31.73 -50.28
N ILE O 433 -2.49 -31.46 -50.55
CA ILE O 433 -3.02 -30.11 -50.50
C ILE O 433 -2.97 -29.57 -49.09
N ALA O 434 -3.33 -30.40 -48.14
CA ALA O 434 -3.39 -30.07 -46.73
C ALA O 434 -2.03 -30.18 -46.02
N ARG O 435 -0.97 -30.54 -46.75
CA ARG O 435 0.37 -30.72 -46.20
C ARG O 435 0.44 -31.73 -45.02
N ILE O 436 -0.16 -32.89 -45.27
CA ILE O 436 -0.25 -34.07 -44.40
C ILE O 436 0.71 -35.14 -44.98
N PRO O 437 1.56 -35.83 -44.19
CA PRO O 437 2.47 -36.86 -44.69
C PRO O 437 1.69 -37.88 -45.50
N GLU O 438 2.29 -38.33 -46.58
CA GLU O 438 1.64 -39.22 -47.54
C GLU O 438 1.01 -40.45 -46.88
N LYS O 439 -0.28 -40.63 -47.18
CA LYS O 439 -1.18 -41.69 -46.70
C LYS O 439 -1.43 -41.72 -45.19
N SER O 440 -0.93 -40.71 -44.43
CA SER O 440 -1.15 -40.63 -42.97
C SER O 440 -2.53 -40.06 -42.74
N VAL O 441 -3.06 -39.61 -43.84
CA VAL O 441 -4.35 -39.03 -44.02
C VAL O 441 -5.42 -40.10 -43.79
N SER O 442 -5.05 -41.40 -43.99
CA SER O 442 -5.97 -42.51 -43.86
C SER O 442 -5.40 -43.80 -43.26
N GLN O 443 -4.73 -44.58 -44.10
CA GLN O 443 -4.34 -45.95 -43.75
C GLN O 443 -2.91 -46.26 -43.33
N SER O 444 -1.92 -45.43 -43.70
CA SER O 444 -0.54 -45.87 -43.46
C SER O 444 -0.16 -45.98 -42.02
N ASP O 445 -0.83 -45.22 -41.17
CA ASP O 445 -0.55 -45.19 -39.76
C ASP O 445 -0.89 -46.52 -39.14
N ARG O 446 -1.73 -47.34 -39.75
CA ARG O 446 -2.07 -48.57 -39.05
C ARG O 446 -0.81 -49.36 -38.74
N ASP O 447 0.22 -49.22 -39.57
CA ASP O 447 1.44 -49.97 -39.36
C ASP O 447 2.50 -49.24 -38.58
N THR O 448 2.18 -48.07 -38.05
CA THR O 448 3.17 -47.38 -37.24
C THR O 448 2.58 -47.29 -35.85
N LEU O 449 1.26 -47.27 -35.79
CA LEU O 449 0.56 -47.16 -34.52
C LEU O 449 0.80 -48.38 -33.70
N LYS O 450 0.88 -49.51 -34.35
CA LYS O 450 1.05 -50.80 -33.72
C LYS O 450 2.37 -50.92 -32.98
N ASN O 451 3.34 -50.08 -33.30
CA ASN O 451 4.61 -50.15 -32.65
C ASN O 451 4.98 -48.82 -32.06
N LEU O 452 3.99 -47.94 -31.91
CA LEU O 452 4.24 -46.61 -31.39
C LEU O 452 4.76 -46.70 -29.99
N GLY O 453 4.17 -47.59 -29.21
CA GLY O 453 4.59 -47.72 -27.84
C GLY O 453 6.03 -48.18 -27.76
N ASP O 454 6.49 -48.97 -28.70
CA ASP O 454 7.84 -49.48 -28.59
C ASP O 454 8.82 -48.48 -29.10
N ARG O 455 8.42 -47.72 -30.11
CA ARG O 455 9.29 -46.69 -30.61
C ARG O 455 9.53 -45.67 -29.52
N LEU O 456 8.54 -45.46 -28.66
CA LEU O 456 8.75 -44.55 -27.57
C LEU O 456 9.46 -45.23 -26.39
N LYS O 457 9.17 -46.51 -26.10
CA LYS O 457 9.83 -47.17 -24.97
C LYS O 457 11.33 -47.27 -25.17
N MET O 458 11.78 -47.40 -26.40
CA MET O 458 13.21 -47.47 -26.65
C MET O 458 13.89 -46.12 -26.43
N LEU O 459 13.12 -45.02 -26.38
CA LEU O 459 13.69 -43.69 -26.20
C LEU O 459 13.54 -43.19 -24.76
N VAL O 460 12.44 -43.54 -24.10
CA VAL O 460 12.22 -43.15 -22.72
C VAL O 460 12.10 -44.39 -21.90
N PHE O 461 13.03 -44.58 -20.97
CA PHE O 461 13.04 -45.78 -20.13
C PHE O 461 12.26 -45.62 -18.85
N GLY O 462 11.46 -46.62 -18.53
CA GLY O 462 10.68 -46.55 -17.32
C GLY O 462 9.43 -45.83 -17.74
N GLN O 463 8.50 -45.61 -16.84
CA GLN O 463 7.29 -44.92 -17.23
C GLN O 463 6.62 -45.58 -18.42
N ASP O 464 6.67 -46.91 -18.47
CA ASP O 464 6.08 -47.62 -19.59
C ASP O 464 4.62 -47.34 -19.64
N LYS O 465 4.03 -47.23 -18.48
CA LYS O 465 2.64 -46.98 -18.32
C LYS O 465 2.22 -45.63 -18.88
N ALA O 466 3.14 -44.65 -18.89
CA ALA O 466 2.80 -43.35 -19.42
C ALA O 466 2.77 -43.43 -20.92
N ILE O 467 3.72 -44.21 -21.43
CA ILE O 467 3.85 -44.35 -22.85
C ILE O 467 2.63 -45.10 -23.35
N GLU O 468 2.26 -46.13 -22.63
CA GLU O 468 1.10 -46.88 -23.02
C GLU O 468 -0.14 -46.03 -22.96
N ALA O 469 -0.30 -45.20 -21.94
CA ALA O 469 -1.50 -44.39 -21.90
C ALA O 469 -1.61 -43.49 -23.11
N LEU O 470 -0.50 -42.91 -23.53
CA LEU O 470 -0.54 -42.06 -24.71
C LEU O 470 -0.86 -42.83 -25.93
N THR O 471 -0.26 -43.99 -26.02
CA THR O 471 -0.38 -44.81 -27.17
C THR O 471 -1.83 -45.25 -27.32
N GLU O 472 -2.46 -45.64 -26.23
CA GLU O 472 -3.82 -46.09 -26.33
C GLU O 472 -4.75 -44.94 -26.69
N ALA O 473 -4.50 -43.76 -26.13
CA ALA O 473 -5.35 -42.63 -26.44
C ALA O 473 -5.28 -42.29 -27.91
N ILE O 474 -4.10 -42.37 -28.48
CA ILE O 474 -3.94 -42.05 -29.87
C ILE O 474 -4.62 -43.07 -30.73
N LYS O 475 -4.43 -44.35 -30.41
CA LYS O 475 -5.06 -45.37 -31.19
C LYS O 475 -6.57 -45.26 -31.18
N MET O 476 -7.17 -44.97 -30.02
CA MET O 476 -8.61 -44.91 -30.10
C MET O 476 -9.03 -43.67 -30.84
N ALA O 477 -8.23 -42.61 -30.80
CA ALA O 477 -8.59 -41.47 -31.58
C ALA O 477 -8.55 -41.84 -33.07
N ARG O 478 -7.49 -42.53 -33.48
CA ARG O 478 -7.38 -42.95 -34.88
C ARG O 478 -8.51 -43.92 -35.28
N ALA O 479 -8.94 -44.76 -34.34
CA ALA O 479 -9.98 -45.73 -34.58
C ALA O 479 -11.35 -45.05 -34.70
N GLY O 480 -11.43 -43.75 -34.47
CA GLY O 480 -12.69 -43.05 -34.56
C GLY O 480 -13.52 -43.14 -33.31
N LEU O 481 -12.90 -43.40 -32.18
CA LEU O 481 -13.63 -43.54 -30.94
C LEU O 481 -13.49 -42.31 -30.04
N GLY O 482 -12.94 -41.23 -30.58
CA GLY O 482 -12.71 -40.01 -29.83
C GLY O 482 -13.92 -39.09 -29.99
N HIS O 483 -13.74 -37.79 -29.78
CA HIS O 483 -14.89 -36.92 -29.86
C HIS O 483 -14.75 -35.86 -30.93
N GLU O 484 -15.84 -35.61 -31.62
CA GLU O 484 -15.86 -34.59 -32.65
C GLU O 484 -15.65 -33.18 -32.08
N HIS O 485 -15.80 -33.01 -30.76
CA HIS O 485 -15.60 -31.71 -30.18
C HIS O 485 -14.51 -31.70 -29.14
N LYS O 486 -13.53 -32.58 -29.21
CA LYS O 486 -12.49 -32.49 -28.20
C LYS O 486 -11.14 -32.66 -28.86
N PRO O 487 -10.03 -32.33 -28.20
CA PRO O 487 -8.67 -32.56 -28.63
C PRO O 487 -8.49 -34.04 -28.78
N VAL O 488 -7.38 -34.46 -29.35
CA VAL O 488 -7.10 -35.88 -29.56
C VAL O 488 -7.17 -36.56 -28.22
N GLY O 489 -6.63 -35.90 -27.25
CA GLY O 489 -6.67 -36.34 -25.88
C GLY O 489 -6.19 -35.19 -25.06
N SER O 490 -6.54 -35.19 -23.77
CA SER O 490 -6.13 -34.13 -22.86
C SER O 490 -5.71 -34.76 -21.54
N PHE O 491 -4.41 -34.82 -21.30
CA PHE O 491 -3.91 -35.44 -20.08
C PHE O 491 -2.77 -34.72 -19.39
N LEU O 492 -2.85 -34.70 -18.06
CA LEU O 492 -1.88 -34.13 -17.20
C LEU O 492 -0.81 -35.12 -16.87
N PHE O 493 0.44 -34.75 -17.01
CA PHE O 493 1.54 -35.61 -16.64
C PHE O 493 2.06 -35.17 -15.33
N ALA O 494 1.80 -35.96 -14.31
CA ALA O 494 2.15 -35.60 -12.98
C ALA O 494 3.34 -36.39 -12.51
N GLY O 495 4.38 -35.71 -12.10
CA GLY O 495 5.50 -36.47 -11.63
C GLY O 495 6.69 -35.60 -11.35
N PRO O 496 7.77 -36.16 -10.82
CA PRO O 496 8.96 -35.48 -10.40
C PRO O 496 9.59 -34.84 -11.58
N THR O 497 10.43 -33.87 -11.31
CA THR O 497 11.21 -33.19 -12.34
C THR O 497 12.23 -34.13 -12.97
N GLY O 498 12.41 -34.03 -14.28
CA GLY O 498 13.48 -34.80 -14.91
C GLY O 498 13.25 -36.27 -15.07
N VAL O 499 12.04 -36.67 -15.34
CA VAL O 499 11.74 -38.07 -15.46
C VAL O 499 11.18 -38.41 -16.83
N GLY O 500 11.36 -37.51 -17.77
CA GLY O 500 10.88 -37.70 -19.13
C GLY O 500 9.47 -37.18 -19.41
N LYS O 501 8.91 -36.30 -18.62
CA LYS O 501 7.58 -35.84 -18.98
C LYS O 501 7.68 -35.10 -20.32
N THR O 502 8.64 -34.17 -20.40
CA THR O 502 8.90 -33.43 -21.62
C THR O 502 9.48 -34.38 -22.63
N GLU O 503 10.44 -35.20 -22.24
CA GLU O 503 11.04 -36.07 -23.24
C GLU O 503 10.02 -36.97 -23.91
N VAL O 504 9.06 -37.52 -23.18
CA VAL O 504 8.08 -38.36 -23.85
C VAL O 504 7.29 -37.53 -24.82
N THR O 505 6.87 -36.36 -24.38
CA THR O 505 6.07 -35.48 -25.21
C THR O 505 6.78 -35.14 -26.51
N VAL O 506 8.06 -34.82 -26.40
CA VAL O 506 8.82 -34.46 -27.57
C VAL O 506 8.96 -35.62 -28.49
N GLN O 507 9.27 -36.79 -27.95
CA GLN O 507 9.44 -37.92 -28.81
C GLN O 507 8.14 -38.33 -29.44
N LEU O 508 7.03 -38.11 -28.75
CA LEU O 508 5.76 -38.42 -29.36
C LEU O 508 5.48 -37.58 -30.57
N SER O 509 5.74 -36.27 -30.51
CA SER O 509 5.44 -35.49 -31.69
C SER O 509 6.29 -35.97 -32.84
N LYS O 510 7.51 -36.44 -32.54
CA LYS O 510 8.32 -36.92 -33.62
C LYS O 510 7.77 -38.22 -34.15
N ALA O 511 7.36 -39.11 -33.25
CA ALA O 511 6.85 -40.41 -33.61
C ALA O 511 5.63 -40.32 -34.50
N LEU O 512 4.81 -39.30 -34.26
CA LEU O 512 3.60 -39.10 -35.02
C LEU O 512 3.78 -38.24 -36.26
N GLY O 513 4.97 -37.68 -36.48
CA GLY O 513 5.21 -36.81 -37.62
C GLY O 513 4.53 -35.44 -37.54
N ILE O 514 4.33 -34.88 -36.35
CA ILE O 514 3.63 -33.59 -36.21
C ILE O 514 4.47 -32.60 -35.43
N GLU O 515 4.12 -31.32 -35.46
CA GLU O 515 4.93 -30.36 -34.73
C GLU O 515 4.67 -30.36 -33.25
N LEU O 516 5.43 -29.53 -32.56
CA LEU O 516 5.29 -29.37 -31.14
C LEU O 516 5.11 -27.92 -30.85
N LEU O 517 4.02 -27.59 -30.15
CA LEU O 517 3.72 -26.22 -29.77
C LEU O 517 3.93 -26.13 -28.28
N ARG O 518 5.08 -25.59 -27.86
CA ARG O 518 5.40 -25.51 -26.45
C ARG O 518 5.34 -24.12 -25.81
N PHE O 519 4.57 -24.03 -24.73
CA PHE O 519 4.42 -22.83 -23.95
C PHE O 519 4.89 -23.08 -22.55
N ASP O 520 5.50 -22.09 -21.95
CA ASP O 520 5.96 -22.23 -20.59
C ASP O 520 5.02 -21.50 -19.67
N MET O 521 4.27 -22.19 -18.84
CA MET O 521 3.27 -21.54 -18.05
C MET O 521 3.84 -20.59 -17.04
N SER O 522 5.12 -20.68 -16.75
CA SER O 522 5.72 -19.76 -15.81
C SER O 522 5.78 -18.35 -16.41
N GLU O 523 5.55 -18.23 -17.73
CA GLU O 523 5.52 -16.92 -18.35
C GLU O 523 4.13 -16.32 -18.28
N TYR O 524 3.16 -17.08 -17.76
CA TYR O 524 1.79 -16.64 -17.68
C TYR O 524 1.29 -16.79 -16.26
N MET O 525 1.98 -16.20 -15.32
CA MET O 525 1.61 -16.29 -13.92
C MET O 525 0.87 -15.06 -13.42
N GLU O 526 0.61 -14.12 -14.32
CA GLU O 526 0.02 -12.86 -13.92
C GLU O 526 -1.31 -12.65 -14.59
N ARG O 527 -2.16 -11.82 -13.99
CA ARG O 527 -3.48 -11.67 -14.56
C ARG O 527 -3.51 -11.00 -15.91
N HIS O 528 -2.51 -10.23 -16.25
CA HIS O 528 -2.60 -9.57 -17.53
C HIS O 528 -1.84 -10.26 -18.61
N THR O 529 -1.42 -11.49 -18.39
CA THR O 529 -0.72 -12.20 -19.43
C THR O 529 -1.60 -13.08 -20.28
N VAL O 530 -2.83 -13.37 -19.87
CA VAL O 530 -3.66 -14.25 -20.66
C VAL O 530 -3.93 -13.68 -22.02
N SER O 531 -4.09 -12.39 -22.11
CA SER O 531 -4.38 -11.77 -23.38
C SER O 531 -3.25 -12.00 -24.37
N ARG O 532 -2.08 -12.42 -23.93
CA ARG O 532 -1.01 -12.71 -24.86
C ARG O 532 -1.36 -13.96 -25.64
N LEU O 533 -2.13 -14.85 -25.03
CA LEU O 533 -2.47 -16.12 -25.61
C LEU O 533 -3.61 -15.98 -26.58
N ILE O 534 -4.50 -15.04 -26.30
CA ILE O 534 -5.71 -14.76 -27.11
C ILE O 534 -5.58 -13.59 -28.10
N GLY O 535 -4.97 -12.50 -27.64
CA GLY O 535 -4.81 -11.24 -28.36
C GLY O 535 -5.53 -10.17 -27.58
N ALA O 536 -5.04 -8.92 -27.59
CA ALA O 536 -5.72 -7.90 -26.81
C ALA O 536 -7.07 -7.56 -27.44
N PRO O 537 -8.05 -7.07 -26.73
CA PRO O 537 -9.31 -6.64 -27.27
C PRO O 537 -9.12 -5.51 -28.24
N PRO O 538 -10.04 -5.25 -29.15
CA PRO O 538 -10.00 -4.16 -30.07
C PRO O 538 -9.81 -2.88 -29.30
N GLY O 539 -8.96 -2.04 -29.84
CA GLY O 539 -8.62 -0.78 -29.25
C GLY O 539 -7.42 -0.82 -28.34
N TYR O 540 -6.93 -2.00 -27.98
CA TYR O 540 -5.81 -2.04 -27.04
C TYR O 540 -4.44 -2.47 -27.58
N VAL O 541 -3.39 -1.94 -26.97
CA VAL O 541 -2.05 -2.29 -27.36
C VAL O 541 -1.90 -3.77 -27.20
N GLY O 542 -1.43 -4.43 -28.25
CA GLY O 542 -1.30 -5.87 -28.26
C GLY O 542 -2.43 -6.48 -29.08
N PHE O 543 -3.27 -5.63 -29.65
CA PHE O 543 -4.36 -6.09 -30.48
C PHE O 543 -3.89 -6.91 -31.64
N ASP O 544 -2.82 -6.48 -32.26
CA ASP O 544 -2.33 -7.18 -33.43
C ASP O 544 -1.69 -8.55 -33.18
N GLN O 545 -1.65 -9.04 -31.95
CA GLN O 545 -1.30 -10.43 -31.75
C GLN O 545 -2.54 -11.27 -31.95
N GLY O 546 -2.48 -12.27 -32.81
CA GLY O 546 -3.63 -13.13 -33.07
C GLY O 546 -3.87 -14.13 -31.94
N GLY O 547 -2.97 -14.08 -30.99
CA GLY O 547 -2.88 -14.84 -29.78
C GLY O 547 -1.76 -15.81 -29.91
N LEU O 548 -0.87 -15.87 -28.97
CA LEU O 548 0.22 -16.79 -29.18
C LEU O 548 -0.28 -18.21 -29.30
N LEU O 549 -1.29 -18.55 -28.51
CA LEU O 549 -1.78 -19.89 -28.51
C LEU O 549 -2.68 -20.11 -29.67
N THR O 550 -3.51 -19.13 -29.93
CA THR O 550 -4.45 -19.28 -31.00
C THR O 550 -3.80 -19.16 -32.37
N ASP O 551 -2.63 -18.55 -32.47
CA ASP O 551 -1.98 -18.56 -33.77
C ASP O 551 -1.26 -19.90 -33.91
N ALA O 552 -0.65 -20.38 -32.85
CA ALA O 552 0.08 -21.62 -32.94
C ALA O 552 -0.78 -22.77 -33.39
N VAL O 553 -2.02 -22.81 -32.94
CA VAL O 553 -2.86 -23.94 -33.30
C VAL O 553 -3.66 -23.72 -34.55
N ILE O 554 -3.45 -22.60 -35.21
CA ILE O 554 -4.07 -22.36 -36.49
C ILE O 554 -3.06 -22.74 -37.54
N LYS O 555 -1.80 -22.34 -37.33
CA LYS O 555 -0.75 -22.72 -38.26
C LYS O 555 -0.52 -24.21 -38.26
N HIS O 556 -0.63 -24.84 -37.09
CA HIS O 556 -0.39 -26.26 -36.99
C HIS O 556 -1.53 -26.99 -36.32
N PRO O 557 -2.66 -27.22 -36.99
CA PRO O 557 -3.85 -27.82 -36.45
C PRO O 557 -3.60 -29.22 -35.91
N HIS O 558 -2.53 -29.86 -36.36
CA HIS O 558 -2.16 -31.19 -35.97
C HIS O 558 -0.82 -31.09 -35.33
N ALA O 559 -0.78 -31.07 -34.01
CA ALA O 559 0.44 -30.87 -33.29
C ALA O 559 0.30 -31.35 -31.88
N VAL O 560 1.42 -31.59 -31.23
CA VAL O 560 1.36 -31.88 -29.83
C VAL O 560 1.51 -30.57 -29.15
N LEU O 561 0.61 -30.26 -28.25
CA LEU O 561 0.63 -29.02 -27.51
C LEU O 561 1.06 -29.24 -26.09
N LEU O 562 2.19 -28.67 -25.73
CA LEU O 562 2.76 -28.86 -24.43
C LEU O 562 2.75 -27.64 -23.57
N LEU O 563 2.11 -27.72 -22.42
CA LEU O 563 2.09 -26.58 -21.52
C LEU O 563 2.90 -26.96 -20.30
N ASP O 564 4.07 -26.37 -20.13
CA ASP O 564 4.93 -26.75 -19.03
C ASP O 564 4.56 -26.14 -17.73
N GLU O 565 4.66 -26.93 -16.68
CA GLU O 565 4.42 -26.44 -15.33
C GLU O 565 3.11 -25.73 -15.20
N ILE O 566 2.06 -26.42 -15.56
CA ILE O 566 0.73 -25.88 -15.56
C ILE O 566 0.25 -25.42 -14.21
N GLU O 567 0.77 -26.00 -13.14
CA GLU O 567 0.36 -25.59 -11.79
C GLU O 567 0.74 -24.14 -11.45
N LYS O 568 1.56 -23.51 -12.29
CA LYS O 568 1.99 -22.15 -12.07
C LYS O 568 1.13 -21.19 -12.83
N ALA O 569 0.34 -21.67 -13.73
CA ALA O 569 -0.42 -20.77 -14.54
C ALA O 569 -1.38 -19.99 -13.71
N HIS O 570 -1.60 -18.77 -14.11
CA HIS O 570 -2.58 -17.94 -13.47
C HIS O 570 -3.95 -18.57 -13.66
N PRO O 571 -4.86 -18.53 -12.69
CA PRO O 571 -6.22 -19.04 -12.83
C PRO O 571 -6.91 -18.58 -14.10
N ASP O 572 -6.63 -17.40 -14.61
CA ASP O 572 -7.30 -17.00 -15.80
C ASP O 572 -6.90 -17.84 -16.99
N VAL O 573 -5.74 -18.48 -16.95
CA VAL O 573 -5.27 -19.37 -18.01
C VAL O 573 -6.07 -20.61 -17.91
N PHE O 574 -6.23 -21.09 -16.70
CA PHE O 574 -6.97 -22.32 -16.50
C PHE O 574 -8.38 -22.19 -17.01
N ASN O 575 -8.96 -21.04 -16.81
CA ASN O 575 -10.31 -20.82 -17.24
C ASN O 575 -10.45 -20.87 -18.75
N ILE O 576 -9.36 -20.68 -19.48
CA ILE O 576 -9.38 -20.75 -20.92
C ILE O 576 -9.28 -22.19 -21.28
N LEU O 577 -8.40 -22.90 -20.59
CA LEU O 577 -8.21 -24.30 -20.89
C LEU O 577 -9.49 -25.07 -20.70
N LEU O 578 -10.36 -24.63 -19.83
CA LEU O 578 -11.56 -25.40 -19.71
C LEU O 578 -12.27 -25.47 -21.05
N GLN O 579 -12.26 -24.41 -21.81
CA GLN O 579 -12.91 -24.42 -23.09
C GLN O 579 -12.14 -25.22 -24.10
N VAL O 580 -10.83 -25.21 -24.00
CA VAL O 580 -10.10 -25.92 -25.00
C VAL O 580 -10.33 -27.39 -24.81
N MET O 581 -10.37 -27.82 -23.55
CA MET O 581 -10.53 -29.20 -23.23
C MET O 581 -11.91 -29.70 -23.51
N ASP O 582 -12.91 -28.85 -23.34
CA ASP O 582 -14.27 -29.28 -23.55
C ASP O 582 -14.75 -29.24 -24.98
N ASN O 583 -14.42 -28.19 -25.75
CA ASN O 583 -14.95 -28.12 -27.10
C ASN O 583 -13.96 -28.03 -28.25
N GLY O 584 -12.67 -28.12 -27.98
CA GLY O 584 -11.72 -28.11 -29.08
C GLY O 584 -11.48 -26.75 -29.67
N THR O 585 -11.99 -25.71 -29.03
CA THR O 585 -11.78 -24.44 -29.67
C THR O 585 -11.76 -23.22 -28.79
N LEU O 586 -11.02 -22.22 -29.27
CA LEU O 586 -10.95 -20.87 -28.71
C LEU O 586 -11.23 -19.84 -29.75
N THR O 587 -11.76 -18.70 -29.35
CA THR O 587 -11.94 -17.66 -30.34
C THR O 587 -10.86 -16.64 -30.10
N ASP O 588 -10.15 -16.22 -31.14
CA ASP O 588 -9.10 -15.25 -30.87
C ASP O 588 -9.70 -13.86 -30.84
N ASN O 589 -8.86 -12.84 -30.71
CA ASN O 589 -9.43 -11.52 -30.59
C ASN O 589 -9.90 -10.93 -31.91
N ASN O 590 -9.82 -11.66 -33.00
CA ASN O 590 -10.32 -11.18 -34.27
C ASN O 590 -11.51 -11.99 -34.66
N GLY O 591 -11.99 -12.85 -33.75
CA GLY O 591 -13.13 -13.68 -34.05
C GLY O 591 -12.83 -14.96 -34.82
N ARG O 592 -11.56 -15.34 -34.93
CA ARG O 592 -11.21 -16.54 -35.70
C ARG O 592 -11.24 -17.77 -34.79
N LYS O 593 -11.76 -18.89 -35.29
CA LYS O 593 -11.78 -20.05 -34.43
C LYS O 593 -10.50 -20.81 -34.51
N ALA O 594 -9.94 -21.04 -33.36
CA ALA O 594 -8.77 -21.83 -33.21
C ALA O 594 -9.27 -23.20 -32.97
N ASP O 595 -9.23 -24.04 -33.99
CA ASP O 595 -9.76 -25.40 -33.92
C ASP O 595 -8.66 -26.38 -33.70
N PHE O 596 -8.62 -26.97 -32.50
CA PHE O 596 -7.53 -27.89 -32.17
C PHE O 596 -8.00 -29.28 -31.83
N ARG O 597 -9.09 -29.71 -32.46
CA ARG O 597 -9.63 -31.04 -32.23
C ARG O 597 -8.62 -32.11 -32.64
N ASN O 598 -7.59 -31.68 -33.37
CA ASN O 598 -6.56 -32.57 -33.84
C ASN O 598 -5.25 -32.40 -33.08
N VAL O 599 -5.25 -31.79 -31.91
CA VAL O 599 -3.97 -31.68 -31.24
C VAL O 599 -3.97 -32.51 -29.99
N VAL O 600 -2.80 -32.81 -29.52
CA VAL O 600 -2.69 -33.59 -28.30
C VAL O 600 -2.36 -32.63 -27.19
N LEU O 601 -3.19 -32.54 -26.16
CA LEU O 601 -2.87 -31.58 -25.13
C LEU O 601 -2.22 -32.23 -23.95
N VAL O 602 -0.98 -31.86 -23.74
CA VAL O 602 -0.18 -32.42 -22.70
C VAL O 602 0.18 -31.33 -21.75
N MET O 603 -0.18 -31.49 -20.52
CA MET O 603 0.14 -30.48 -19.55
C MET O 603 1.03 -31.13 -18.55
N THR O 604 2.07 -30.48 -18.10
CA THR O 604 2.89 -31.20 -17.13
C THR O 604 2.90 -30.53 -15.80
N THR O 605 3.11 -31.32 -14.77
CA THR O 605 3.13 -30.82 -13.42
C THR O 605 3.85 -31.71 -12.44
N ASN O 606 4.35 -31.10 -11.36
CA ASN O 606 5.01 -31.81 -10.29
C ASN O 606 4.27 -31.41 -9.03
N ALA O 607 2.97 -31.21 -9.20
CA ALA O 607 2.07 -30.77 -8.14
C ALA O 607 1.81 -31.78 -7.04
N GLY O 608 1.47 -33.02 -7.38
CA GLY O 608 1.19 -33.96 -6.31
C GLY O 608 2.43 -34.70 -5.86
N VAL O 609 3.58 -34.27 -6.34
CA VAL O 609 4.81 -34.99 -6.10
C VAL O 609 5.44 -34.73 -4.80
N ARG O 610 5.54 -33.48 -4.42
CA ARG O 610 6.25 -33.18 -3.21
C ARG O 610 5.60 -33.87 -2.04
N GLU O 611 4.28 -33.91 -2.07
CA GLU O 611 3.47 -34.49 -1.00
C GLU O 611 3.75 -35.95 -0.63
N THR O 612 4.23 -36.75 -1.56
CA THR O 612 4.48 -38.13 -1.20
C THR O 612 5.94 -38.45 -1.04
N GLU O 613 6.77 -37.41 -1.08
CA GLU O 613 8.18 -37.58 -0.85
C GLU O 613 8.40 -37.34 0.63
N ARG O 614 7.33 -37.00 1.32
CA ARG O 614 7.38 -36.65 2.70
C ARG O 614 6.52 -37.55 3.52
N LYS O 615 6.90 -37.73 4.75
CA LYS O 615 6.09 -38.47 5.67
C LYS O 615 5.50 -37.44 6.59
N SER O 616 4.45 -37.80 7.29
CA SER O 616 3.84 -36.86 8.19
C SER O 616 4.77 -36.55 9.34
N ILE O 617 4.49 -35.48 10.04
CA ILE O 617 5.34 -35.07 11.13
C ILE O 617 4.80 -35.66 12.39
N GLY O 618 5.57 -36.44 13.10
CA GLY O 618 5.02 -37.01 14.30
C GLY O 618 5.64 -38.33 14.59
N LEU O 619 5.22 -38.94 15.67
CA LEU O 619 5.78 -40.20 16.06
C LEU O 619 5.11 -41.34 15.31
N ILE O 620 3.89 -41.16 14.89
CA ILE O 620 3.16 -42.20 14.22
C ILE O 620 2.96 -41.83 12.79
N HIS O 621 3.38 -42.66 11.86
CA HIS O 621 3.14 -42.26 10.50
C HIS O 621 1.73 -42.51 10.08
N GLN O 622 1.24 -41.60 9.28
CA GLN O 622 -0.08 -41.62 8.71
C GLN O 622 0.03 -42.03 7.27
N ASP O 623 -1.05 -42.49 6.66
CA ASP O 623 -0.98 -42.74 5.23
C ASP O 623 -0.62 -41.48 4.49
N ASN O 624 0.35 -41.60 3.59
CA ASN O 624 0.76 -40.51 2.74
C ASN O 624 0.74 -40.95 1.29
N SER O 625 -0.14 -41.87 0.91
CA SER O 625 -0.16 -42.31 -0.48
C SER O 625 -1.27 -41.64 -1.24
N THR O 626 -2.29 -41.17 -0.53
CA THR O 626 -3.45 -40.58 -1.21
C THR O 626 -3.23 -39.11 -1.48
N ASP O 627 -2.10 -38.64 -1.03
CA ASP O 627 -1.72 -37.26 -1.16
C ASP O 627 -1.30 -36.96 -2.60
N ALA O 628 -0.81 -37.98 -3.33
CA ALA O 628 -0.44 -37.76 -4.74
C ALA O 628 -1.67 -37.94 -5.57
N MET O 629 -2.64 -37.11 -5.28
CA MET O 629 -3.93 -37.03 -5.86
C MET O 629 -4.69 -35.95 -5.14
N GLU O 630 -4.73 -36.02 -3.81
CA GLU O 630 -5.45 -34.99 -3.08
C GLU O 630 -4.87 -33.61 -3.33
N GLU O 631 -3.55 -33.50 -3.43
CA GLU O 631 -3.01 -32.18 -3.67
C GLU O 631 -3.46 -31.71 -5.04
N ILE O 632 -3.56 -32.62 -6.00
CA ILE O 632 -4.00 -32.25 -7.33
C ILE O 632 -5.43 -31.78 -7.23
N LYS O 633 -6.25 -32.48 -6.47
CA LYS O 633 -7.64 -32.09 -6.31
C LYS O 633 -7.80 -30.69 -5.78
N LYS O 634 -6.87 -30.23 -4.95
CA LYS O 634 -6.92 -28.88 -4.41
C LYS O 634 -6.29 -27.82 -5.30
N ILE O 635 -5.68 -28.24 -6.40
CA ILE O 635 -5.02 -27.31 -7.30
C ILE O 635 -5.85 -27.12 -8.52
N PHE O 636 -6.37 -28.20 -9.02
CA PHE O 636 -7.11 -28.17 -10.23
C PHE O 636 -8.57 -28.21 -9.91
N THR O 637 -9.24 -27.14 -10.21
CA THR O 637 -10.63 -26.94 -9.92
C THR O 637 -11.40 -28.11 -10.50
N PRO O 638 -12.39 -28.70 -9.82
CA PRO O 638 -13.15 -29.83 -10.31
C PRO O 638 -13.61 -29.68 -11.75
N GLU O 639 -14.06 -28.50 -12.15
CA GLU O 639 -14.46 -28.29 -13.54
C GLU O 639 -13.31 -28.55 -14.54
N PHE O 640 -12.06 -28.38 -14.08
CA PHE O 640 -10.88 -28.57 -14.89
C PHE O 640 -10.60 -30.02 -14.92
N ARG O 641 -10.53 -30.61 -13.74
CA ARG O 641 -10.22 -32.03 -13.58
C ARG O 641 -11.20 -32.94 -14.32
N ASN O 642 -12.47 -32.54 -14.32
CA ASN O 642 -13.52 -33.31 -14.97
C ASN O 642 -13.42 -33.30 -16.50
N ARG O 643 -12.53 -32.48 -17.05
CA ARG O 643 -12.40 -32.42 -18.48
C ARG O 643 -11.16 -33.13 -18.98
N LEU O 644 -10.38 -33.72 -18.09
CA LEU O 644 -9.19 -34.43 -18.50
C LEU O 644 -9.55 -35.84 -18.89
N ASP O 645 -8.80 -36.44 -19.79
CA ASP O 645 -9.05 -37.83 -20.04
C ASP O 645 -8.35 -38.58 -18.94
N ASN O 646 -7.17 -38.12 -18.57
CA ASN O 646 -6.51 -38.74 -17.44
C ASN O 646 -5.37 -37.95 -16.81
N ILE O 647 -4.85 -38.53 -15.75
CA ILE O 647 -3.66 -38.06 -15.08
C ILE O 647 -2.68 -39.19 -15.18
N ILE O 648 -1.53 -38.92 -15.72
CA ILE O 648 -0.53 -39.93 -15.89
C ILE O 648 0.58 -39.71 -14.94
N TRP O 649 0.89 -40.70 -14.17
CA TRP O 649 1.96 -40.51 -13.23
C TRP O 649 3.28 -40.93 -13.77
N PHE O 650 4.28 -40.13 -13.51
CA PHE O 650 5.65 -40.44 -13.87
C PHE O 650 6.42 -40.71 -12.61
N ASP O 651 7.23 -41.73 -12.64
CA ASP O 651 8.03 -42.13 -11.49
C ASP O 651 9.40 -41.52 -11.48
N HIS O 652 10.15 -41.84 -10.45
CA HIS O 652 11.53 -41.42 -10.30
C HIS O 652 12.31 -42.33 -11.17
N LEU O 653 13.50 -41.95 -11.58
CA LEU O 653 14.20 -42.90 -12.40
C LEU O 653 14.93 -43.87 -11.51
N SER O 654 14.92 -45.12 -11.91
CA SER O 654 15.61 -46.20 -11.23
C SER O 654 17.05 -46.21 -11.60
N THR O 655 17.85 -46.97 -10.87
CA THR O 655 19.27 -47.05 -11.16
C THR O 655 19.49 -47.52 -12.59
N ASP O 656 18.73 -48.52 -13.03
CA ASP O 656 18.92 -49.04 -14.36
C ASP O 656 18.62 -47.98 -15.38
N VAL O 657 17.56 -47.22 -15.14
CA VAL O 657 17.20 -46.18 -16.06
C VAL O 657 18.23 -45.12 -16.10
N ILE O 658 18.76 -44.76 -14.94
CA ILE O 658 19.79 -43.74 -14.85
C ILE O 658 20.95 -44.09 -15.77
N HIS O 659 21.33 -45.37 -15.74
CA HIS O 659 22.41 -45.81 -16.58
C HIS O 659 21.96 -45.83 -18.04
N GLN O 660 20.73 -46.23 -18.32
CA GLN O 660 20.26 -46.24 -19.70
C GLN O 660 20.25 -44.83 -20.27
N VAL O 661 19.94 -43.85 -19.44
CA VAL O 661 19.96 -42.46 -19.86
C VAL O 661 21.39 -42.06 -20.18
N VAL O 662 22.33 -42.44 -19.34
CA VAL O 662 23.72 -42.10 -19.62
C VAL O 662 24.14 -42.76 -20.90
N ASP O 663 23.72 -44.01 -21.11
CA ASP O 663 24.08 -44.68 -22.34
C ASP O 663 23.54 -43.91 -23.51
N LYS O 664 22.30 -43.41 -23.44
CA LYS O 664 21.83 -42.67 -24.61
C LYS O 664 22.72 -41.49 -24.92
N PHE O 665 23.16 -40.79 -23.89
CA PHE O 665 24.01 -39.65 -24.15
C PHE O 665 25.34 -40.06 -24.74
N ILE O 666 25.92 -41.13 -24.24
CA ILE O 666 27.17 -41.60 -24.78
C ILE O 666 27.01 -42.07 -26.20
N VAL O 667 25.96 -42.81 -26.48
CA VAL O 667 25.76 -43.30 -27.81
C VAL O 667 25.64 -42.17 -28.76
N GLU O 668 24.88 -41.16 -28.40
CA GLU O 668 24.74 -40.04 -29.31
C GLU O 668 26.08 -39.37 -29.53
N LEU O 669 26.87 -39.24 -28.48
CA LEU O 669 28.15 -38.60 -28.66
C LEU O 669 29.01 -39.45 -29.57
N GLN O 670 28.95 -40.77 -29.40
CA GLN O 670 29.75 -41.62 -30.27
C GLN O 670 29.32 -41.47 -31.70
N VAL O 671 28.03 -41.36 -31.95
CA VAL O 671 27.66 -41.19 -33.33
C VAL O 671 28.24 -39.91 -33.87
N GLN O 672 28.17 -38.84 -33.09
CA GLN O 672 28.70 -37.60 -33.59
C GLN O 672 30.19 -37.65 -33.83
N LEU O 673 30.96 -38.30 -32.97
CA LEU O 673 32.40 -38.36 -33.21
C LEU O 673 32.77 -39.29 -34.37
N ASP O 674 32.06 -40.41 -34.49
CA ASP O 674 32.37 -41.39 -35.51
C ASP O 674 32.18 -40.76 -36.88
N GLN O 675 31.15 -39.92 -37.00
CA GLN O 675 30.80 -39.27 -38.24
C GLN O 675 31.74 -38.14 -38.61
N LYS O 676 32.61 -37.75 -37.68
CA LYS O 676 33.56 -36.69 -37.88
C LYS O 676 34.91 -37.30 -38.20
N GLY O 677 34.93 -38.64 -38.30
CA GLY O 677 36.14 -39.34 -38.62
C GLY O 677 36.96 -39.82 -37.42
N VAL O 678 36.44 -39.67 -36.20
CA VAL O 678 37.17 -40.11 -35.02
C VAL O 678 36.38 -41.13 -34.25
N SER O 679 36.81 -42.37 -34.22
CA SER O 679 35.96 -43.34 -33.56
C SER O 679 35.94 -43.11 -32.05
N LEU O 680 34.76 -43.17 -31.43
CA LEU O 680 34.71 -42.95 -29.98
C LEU O 680 34.30 -44.17 -29.18
N GLU O 681 35.01 -44.41 -28.09
CA GLU O 681 34.62 -45.40 -27.10
C GLU O 681 34.69 -44.83 -25.70
N VAL O 682 33.77 -45.27 -24.86
CA VAL O 682 33.69 -44.84 -23.47
C VAL O 682 33.60 -46.09 -22.57
N SER O 683 34.41 -46.13 -21.52
CA SER O 683 34.43 -47.28 -20.62
C SER O 683 33.20 -47.40 -19.72
N GLN O 684 33.05 -48.57 -19.09
CA GLN O 684 31.96 -48.79 -18.14
C GLN O 684 32.15 -47.95 -16.91
N GLU O 685 33.38 -47.76 -16.51
CA GLU O 685 33.61 -46.98 -15.32
C GLU O 685 33.22 -45.54 -15.59
N ALA O 686 33.51 -45.07 -16.81
CA ALA O 686 33.15 -43.71 -17.17
C ALA O 686 31.64 -43.57 -17.07
N ARG O 687 30.90 -44.61 -17.47
CA ARG O 687 29.46 -44.54 -17.39
C ARG O 687 28.96 -44.54 -15.98
N ASN O 688 29.57 -45.33 -15.12
CA ASN O 688 29.05 -45.40 -13.78
C ASN O 688 29.17 -44.04 -13.12
N TRP O 689 30.31 -43.41 -13.30
CA TRP O 689 30.55 -42.10 -12.73
C TRP O 689 29.65 -41.02 -13.29
N LEU O 690 29.45 -41.01 -14.61
CA LEU O 690 28.61 -39.99 -15.19
C LEU O 690 27.19 -40.14 -14.62
N ALA O 691 26.73 -41.38 -14.45
CA ALA O 691 25.40 -41.59 -13.89
C ALA O 691 25.29 -41.00 -12.49
N GLU O 692 26.35 -41.16 -11.70
CA GLU O 692 26.40 -40.64 -10.35
C GLU O 692 26.41 -39.11 -10.33
N LYS O 693 27.13 -38.50 -11.28
CA LYS O 693 27.22 -37.04 -11.39
C LYS O 693 25.95 -36.39 -11.91
N GLY O 694 25.31 -37.05 -12.85
CA GLY O 694 24.11 -36.56 -13.49
C GLY O 694 22.88 -36.62 -12.62
N TYR O 695 22.53 -37.83 -12.20
CA TYR O 695 21.37 -38.03 -11.34
C TYR O 695 21.12 -36.82 -10.44
N ASP O 696 20.10 -36.93 -9.62
CA ASP O 696 19.69 -35.89 -8.68
C ASP O 696 18.23 -36.15 -8.39
N ARG O 697 17.87 -36.29 -7.12
CA ARG O 697 16.49 -36.57 -6.79
C ARG O 697 15.73 -35.29 -7.02
N ALA O 698 16.47 -34.18 -6.96
CA ALA O 698 15.92 -32.86 -7.15
C ALA O 698 15.43 -32.64 -8.57
N MET O 699 16.21 -33.10 -9.50
CA MET O 699 15.88 -32.79 -10.86
C MET O 699 16.04 -33.92 -11.79
N GLY O 700 16.39 -35.06 -11.29
CA GLY O 700 16.53 -36.18 -12.16
C GLY O 700 17.52 -35.98 -13.27
N ALA O 701 17.00 -36.23 -14.45
CA ALA O 701 17.61 -36.17 -15.76
C ALA O 701 17.98 -34.77 -16.28
N ARG O 702 17.34 -33.71 -15.82
CA ARG O 702 17.63 -32.38 -16.34
C ARG O 702 19.13 -32.01 -16.41
N PRO O 703 19.95 -32.13 -15.31
CA PRO O 703 21.38 -31.86 -15.30
C PRO O 703 22.25 -32.84 -16.05
N MET O 704 21.70 -33.96 -16.50
CA MET O 704 22.51 -34.97 -17.13
C MET O 704 23.19 -34.44 -18.37
N ALA O 705 22.51 -33.61 -19.14
CA ALA O 705 23.08 -33.10 -20.37
C ALA O 705 24.33 -32.30 -20.12
N ARG O 706 24.36 -31.58 -19.01
CA ARG O 706 25.48 -30.73 -18.64
C ARG O 706 26.65 -31.61 -18.21
N VAL O 707 26.34 -32.65 -17.45
CA VAL O 707 27.38 -33.54 -17.01
C VAL O 707 28.05 -34.19 -18.18
N ILE O 708 27.26 -34.62 -19.14
CA ILE O 708 27.84 -35.22 -20.30
C ILE O 708 28.67 -34.19 -21.05
N GLN O 709 28.19 -32.98 -21.26
CA GLN O 709 29.05 -32.06 -21.98
C GLN O 709 30.38 -31.76 -21.28
N ASP O 710 30.35 -31.52 -20.00
CA ASP O 710 31.58 -31.13 -19.33
C ASP O 710 32.56 -32.25 -19.22
N ASN O 711 32.06 -33.47 -19.08
CA ASN O 711 32.94 -34.59 -18.93
C ASN O 711 33.31 -35.30 -20.22
N LEU O 712 32.39 -35.42 -21.18
CA LEU O 712 32.70 -36.12 -22.42
C LEU O 712 32.89 -35.27 -23.66
N LYS O 713 32.52 -33.98 -23.65
CA LYS O 713 32.66 -33.23 -24.90
C LYS O 713 33.74 -32.19 -24.79
N LYS O 714 33.73 -31.42 -23.71
CA LYS O 714 34.72 -30.36 -23.59
C LYS O 714 36.17 -30.83 -23.64
N PRO O 715 36.55 -31.93 -22.97
CA PRO O 715 37.90 -32.47 -22.95
C PRO O 715 38.38 -32.92 -24.33
N LEU O 716 37.48 -33.06 -25.29
CA LEU O 716 37.83 -33.50 -26.61
C LEU O 716 37.99 -32.34 -27.56
N ALA O 717 37.58 -31.13 -27.15
CA ALA O 717 37.52 -30.06 -28.13
C ALA O 717 38.85 -29.65 -28.73
N ASN O 718 39.93 -29.60 -27.97
CA ASN O 718 41.16 -29.15 -28.57
C ASN O 718 41.83 -30.23 -29.36
N GLU O 719 41.70 -31.45 -28.90
CA GLU O 719 42.32 -32.56 -29.60
C GLU O 719 41.62 -32.74 -30.94
N LEU O 720 40.30 -32.53 -30.96
CA LEU O 720 39.58 -32.67 -32.20
C LEU O 720 39.85 -31.47 -33.11
N LEU O 721 39.79 -30.27 -32.56
CA LEU O 721 39.95 -29.05 -33.32
C LEU O 721 41.31 -28.89 -33.95
N PHE O 722 42.35 -29.28 -33.24
CA PHE O 722 43.67 -29.06 -33.78
C PHE O 722 44.30 -30.28 -34.42
N GLY O 723 43.51 -31.32 -34.67
CA GLY O 723 44.00 -32.49 -35.36
C GLY O 723 44.78 -33.52 -34.57
N SER O 724 44.64 -33.61 -33.25
CA SER O 724 45.37 -34.68 -32.57
C SER O 724 44.56 -35.91 -32.94
N LEU O 725 43.26 -35.66 -33.05
CA LEU O 725 42.27 -36.60 -33.48
C LEU O 725 42.05 -36.17 -34.90
N VAL O 726 42.31 -37.08 -35.79
CA VAL O 726 42.28 -36.79 -37.20
C VAL O 726 41.32 -37.68 -37.86
N ASP O 727 40.97 -37.38 -39.10
CA ASP O 727 40.09 -38.28 -39.81
C ASP O 727 40.80 -39.61 -39.75
N GLY O 728 40.11 -40.66 -39.34
CA GLY O 728 40.80 -41.94 -39.17
C GLY O 728 41.46 -41.95 -37.79
N GLY O 729 40.86 -41.20 -36.85
CA GLY O 729 41.33 -41.04 -35.49
C GLY O 729 40.60 -41.98 -34.54
N GLN O 730 40.70 -41.70 -33.24
CA GLN O 730 40.08 -42.54 -32.24
C GLN O 730 40.30 -41.99 -30.85
N VAL O 731 39.22 -41.98 -30.10
CA VAL O 731 39.19 -41.57 -28.72
C VAL O 731 38.64 -42.65 -27.84
N THR O 732 39.47 -43.22 -26.99
CA THR O 732 38.91 -44.12 -25.99
C THR O 732 38.97 -43.42 -24.67
N VAL O 733 37.81 -43.25 -24.05
CA VAL O 733 37.68 -42.51 -22.84
C VAL O 733 37.46 -43.38 -21.63
N ALA O 734 38.28 -43.18 -20.64
CA ALA O 734 38.10 -43.94 -19.42
C ALA O 734 38.52 -43.14 -18.22
N LEU O 735 37.94 -43.45 -17.07
CA LEU O 735 38.32 -42.74 -15.88
C LEU O 735 39.56 -43.20 -15.18
N ASP O 736 40.32 -42.21 -14.76
CA ASP O 736 41.42 -42.38 -13.86
C ASP O 736 40.81 -42.28 -12.50
N LYS O 737 40.73 -43.42 -11.82
CA LYS O 737 40.01 -43.64 -10.58
C LYS O 737 40.44 -42.74 -9.45
N GLU O 738 41.67 -42.29 -9.52
CA GLU O 738 42.20 -41.45 -8.46
C GLU O 738 41.48 -40.11 -8.42
N LYS O 739 41.15 -39.59 -9.60
CA LYS O 739 40.54 -38.27 -9.72
C LYS O 739 39.18 -38.31 -10.40
N ASN O 740 38.87 -39.45 -11.01
CA ASN O 740 37.75 -39.64 -11.91
C ASN O 740 37.88 -38.68 -13.08
N GLU O 741 39.09 -38.64 -13.59
CA GLU O 741 39.41 -37.84 -14.76
C GLU O 741 39.25 -38.68 -16.00
N LEU O 742 38.48 -38.20 -16.94
CA LEU O 742 38.28 -38.94 -18.18
C LEU O 742 39.39 -38.63 -19.15
N THR O 743 40.11 -39.66 -19.56
CA THR O 743 41.24 -39.44 -20.43
C THR O 743 41.18 -40.31 -21.66
N TYR O 744 41.88 -39.86 -22.69
CA TYR O 744 42.02 -40.52 -23.98
C TYR O 744 43.25 -39.93 -24.66
N GLY O 745 43.69 -40.55 -25.75
CA GLY O 745 44.76 -39.97 -26.56
C GLY O 745 44.82 -40.71 -27.88
N PHE O 746 45.72 -40.28 -28.75
CA PHE O 746 45.85 -40.86 -30.08
C PHE O 746 47.19 -40.46 -30.64
N MET P 169 -29.64 20.83 -71.66
CA MET P 169 -30.75 20.43 -70.82
C MET P 169 -31.52 19.34 -71.52
N GLU P 170 -31.71 19.50 -72.82
CA GLU P 170 -32.49 18.55 -73.59
C GLU P 170 -31.94 17.14 -73.56
N ASN P 171 -30.66 17.01 -73.26
CA ASN P 171 -29.98 15.75 -73.16
C ASN P 171 -29.34 15.52 -71.80
N PHE P 172 -29.68 16.35 -70.81
CA PHE P 172 -29.08 16.22 -69.49
C PHE P 172 -30.10 16.05 -68.40
N THR P 173 -31.31 16.58 -68.60
CA THR P 173 -32.29 16.51 -67.57
C THR P 173 -33.58 15.93 -68.08
N THR P 174 -34.37 15.40 -67.19
CA THR P 174 -35.68 14.89 -67.51
C THR P 174 -36.75 15.84 -67.07
N ASN P 175 -37.66 16.14 -67.97
CA ASN P 175 -38.75 17.01 -67.60
C ASN P 175 -39.72 16.14 -66.86
N LEU P 176 -39.84 16.33 -65.56
CA LEU P 176 -40.61 15.43 -64.74
C LEU P 176 -42.08 15.58 -64.99
N ASN P 177 -42.48 16.66 -65.64
CA ASN P 177 -43.89 16.82 -65.90
C ASN P 177 -44.29 15.86 -67.01
N GLN P 178 -43.30 15.31 -67.72
CA GLN P 178 -43.58 14.40 -68.80
C GLN P 178 -43.75 13.03 -68.25
N LEU P 179 -43.38 12.84 -66.99
CA LEU P 179 -43.56 11.55 -66.40
C LEU P 179 -44.83 11.65 -65.64
N ALA P 180 -45.07 12.81 -65.04
CA ALA P 180 -46.26 12.95 -64.25
C ALA P 180 -47.50 12.71 -65.06
N ARG P 181 -47.51 13.24 -66.28
CA ARG P 181 -48.66 13.14 -67.15
C ARG P 181 -48.90 11.75 -67.71
N VAL P 182 -47.93 10.86 -67.60
CA VAL P 182 -48.11 9.52 -68.14
C VAL P 182 -48.10 8.49 -67.03
N GLY P 183 -48.03 8.96 -65.78
CA GLY P 183 -47.96 8.04 -64.65
C GLY P 183 -46.60 7.37 -64.48
N GLY P 184 -45.52 8.02 -64.95
CA GLY P 184 -44.18 7.45 -64.87
C GLY P 184 -43.59 7.57 -63.48
N ILE P 185 -44.20 8.39 -62.66
CA ILE P 185 -43.78 8.60 -61.30
C ILE P 185 -44.95 8.31 -60.39
N ASP P 186 -44.66 7.71 -59.26
CA ASP P 186 -45.69 7.35 -58.30
C ASP P 186 -46.33 8.60 -57.71
N PRO P 187 -47.61 8.54 -57.32
CA PRO P 187 -48.34 9.63 -56.71
C PRO P 187 -47.78 9.90 -55.35
N LEU P 188 -47.86 11.13 -54.87
CA LEU P 188 -47.41 11.42 -53.53
C LEU P 188 -48.60 11.53 -52.61
N ILE P 189 -48.60 10.74 -51.56
CA ILE P 189 -49.69 10.74 -50.64
C ILE P 189 -49.35 11.48 -49.37
N GLY P 190 -50.15 12.45 -48.99
CA GLY P 190 -49.83 13.19 -47.78
C GLY P 190 -48.64 14.12 -48.00
N ARG P 191 -47.82 14.28 -46.96
CA ARG P 191 -46.68 15.20 -46.96
C ARG P 191 -47.08 16.63 -47.28
N GLU P 192 -48.20 17.06 -46.72
CA GLU P 192 -48.70 18.39 -46.94
C GLU P 192 -47.82 19.48 -46.38
N LYS P 193 -47.25 19.25 -45.21
CA LYS P 193 -46.47 20.29 -44.57
C LYS P 193 -45.09 20.33 -45.17
N GLU P 194 -44.62 19.20 -45.62
CA GLU P 194 -43.32 19.12 -46.22
C GLU P 194 -43.39 19.92 -47.51
N LEU P 195 -44.48 19.78 -48.26
CA LEU P 195 -44.60 20.60 -49.45
C LEU P 195 -44.92 22.02 -49.09
N GLU P 196 -45.74 22.30 -48.10
CA GLU P 196 -45.94 23.70 -47.80
C GLU P 196 -44.61 24.39 -47.59
N ARG P 197 -43.69 23.78 -46.85
CA ARG P 197 -42.45 24.47 -46.67
C ARG P 197 -41.70 24.50 -47.99
N ALA P 198 -41.69 23.43 -48.77
CA ALA P 198 -40.92 23.49 -50.00
C ALA P 198 -41.39 24.63 -50.89
N ILE P 199 -42.69 24.83 -50.95
CA ILE P 199 -43.20 25.89 -51.77
C ILE P 199 -42.79 27.22 -51.19
N GLN P 200 -42.89 27.39 -49.88
CA GLN P 200 -42.50 28.65 -49.28
C GLN P 200 -41.04 28.93 -49.52
N VAL P 201 -40.20 27.93 -49.55
CA VAL P 201 -38.82 28.18 -49.89
C VAL P 201 -38.69 28.59 -51.35
N LEU P 202 -39.35 27.90 -52.26
CA LEU P 202 -39.26 28.23 -53.68
C LEU P 202 -39.80 29.63 -53.94
N CYS P 203 -40.74 30.04 -53.13
CA CYS P 203 -41.34 31.36 -53.24
C CYS P 203 -40.48 32.51 -52.68
N ARG P 204 -39.35 32.21 -52.05
CA ARG P 204 -38.49 33.25 -51.47
C ARG P 204 -37.85 34.13 -52.53
N ARG P 205 -37.43 35.34 -52.15
CA ARG P 205 -36.79 36.23 -53.11
C ARG P 205 -35.40 35.77 -53.48
N ARG P 206 -34.62 35.28 -52.52
CA ARG P 206 -33.25 34.84 -52.80
C ARG P 206 -32.93 33.52 -52.15
N LYS P 207 -32.05 32.71 -52.75
CA LYS P 207 -31.66 31.45 -52.16
C LYS P 207 -32.88 30.59 -51.94
N ASN P 208 -33.79 30.63 -52.90
CA ASN P 208 -35.04 29.91 -52.88
C ASN P 208 -34.89 28.53 -53.42
N ASN P 209 -34.08 27.77 -52.71
CA ASN P 209 -33.68 26.44 -53.10
C ASN P 209 -33.82 25.47 -51.95
N PRO P 210 -34.93 24.75 -51.79
CA PRO P 210 -35.11 23.87 -50.69
C PRO P 210 -34.19 22.70 -50.88
N LEU P 211 -33.74 22.14 -49.80
CA LEU P 211 -32.95 20.94 -49.82
C LEU P 211 -33.63 19.91 -48.99
N LEU P 212 -33.95 18.78 -49.55
CA LEU P 212 -34.68 17.80 -48.79
C LEU P 212 -33.72 16.86 -48.10
N VAL P 213 -33.70 16.89 -46.78
CA VAL P 213 -32.75 16.08 -46.04
C VAL P 213 -33.45 15.16 -45.09
N GLY P 214 -33.01 13.91 -45.09
CA GLY P 214 -33.64 12.93 -44.22
C GLY P 214 -32.93 11.59 -44.20
N GLU P 215 -33.53 10.60 -43.58
CA GLU P 215 -32.96 9.27 -43.53
C GLU P 215 -33.22 8.65 -44.85
N SER P 216 -32.54 7.59 -45.18
CA SER P 216 -32.83 7.00 -46.46
C SER P 216 -34.17 6.35 -46.49
N GLY P 217 -34.80 6.27 -47.66
CA GLY P 217 -36.04 5.54 -47.73
C GLY P 217 -37.21 6.21 -47.01
N VAL P 218 -37.25 7.54 -46.91
CA VAL P 218 -38.35 8.16 -46.19
C VAL P 218 -39.24 8.97 -47.13
N GLY P 219 -38.96 8.92 -48.41
CA GLY P 219 -39.75 9.68 -49.34
C GLY P 219 -39.17 11.01 -49.80
N LYS P 220 -37.90 11.29 -49.58
CA LYS P 220 -37.35 12.57 -50.02
C LYS P 220 -37.51 12.80 -51.50
N THR P 221 -37.20 11.79 -52.29
CA THR P 221 -37.27 11.98 -53.71
C THR P 221 -38.70 11.72 -54.10
N ALA P 222 -39.42 10.95 -53.28
CA ALA P 222 -40.81 10.75 -53.58
C ALA P 222 -41.50 12.10 -53.56
N ILE P 223 -41.11 12.96 -52.62
CA ILE P 223 -41.67 14.29 -52.51
C ILE P 223 -41.25 15.17 -53.66
N ALA P 224 -39.98 15.19 -54.01
CA ALA P 224 -39.60 16.06 -55.10
C ALA P 224 -40.30 15.66 -56.40
N GLU P 225 -40.42 14.37 -56.67
CA GLU P 225 -41.10 13.95 -57.87
C GLU P 225 -42.57 14.18 -57.67
N GLY P 226 -43.01 14.01 -56.43
CA GLY P 226 -44.37 14.18 -56.05
C GLY P 226 -44.82 15.58 -56.39
N LEU P 227 -43.95 16.56 -56.26
CA LEU P 227 -44.37 17.89 -56.63
C LEU P 227 -44.58 17.93 -58.12
N ALA P 228 -43.68 17.35 -58.92
CA ALA P 228 -43.94 17.41 -60.37
C ALA P 228 -45.29 16.77 -60.69
N TRP P 229 -45.59 15.71 -59.97
CA TRP P 229 -46.84 15.02 -60.14
C TRP P 229 -47.98 15.96 -59.79
N ARG P 230 -47.90 16.61 -58.64
CA ARG P 230 -48.95 17.52 -58.21
C ARG P 230 -49.10 18.70 -59.14
N ILE P 231 -48.02 19.19 -59.73
CA ILE P 231 -48.17 20.32 -60.61
C ILE P 231 -49.02 19.91 -61.79
N VAL P 232 -48.69 18.76 -62.36
CA VAL P 232 -49.42 18.25 -63.49
C VAL P 232 -50.86 17.93 -63.17
N GLN P 233 -51.11 17.42 -61.99
CA GLN P 233 -52.45 17.07 -61.60
C GLN P 233 -53.25 18.27 -61.09
N GLY P 234 -52.65 19.46 -60.99
CA GLY P 234 -53.38 20.61 -60.45
C GLY P 234 -53.57 20.56 -58.94
N ASP P 235 -52.68 19.88 -58.24
CA ASP P 235 -52.75 19.68 -56.80
C ASP P 235 -51.78 20.59 -56.05
N VAL P 236 -51.50 21.75 -56.65
CA VAL P 236 -50.60 22.72 -56.06
C VAL P 236 -51.08 24.15 -56.27
N PRO P 237 -50.62 25.07 -55.42
CA PRO P 237 -50.96 26.47 -55.48
C PRO P 237 -50.65 26.98 -56.87
N GLU P 238 -51.43 27.93 -57.37
CA GLU P 238 -51.20 28.48 -58.71
C GLU P 238 -49.77 29.00 -58.92
N VAL P 239 -49.10 29.34 -57.83
CA VAL P 239 -47.77 29.84 -57.86
C VAL P 239 -46.84 28.81 -58.50
N MET P 240 -47.07 27.53 -58.18
CA MET P 240 -46.29 26.41 -58.72
C MET P 240 -46.90 25.93 -59.98
N ALA P 241 -48.18 26.14 -60.12
CA ALA P 241 -48.86 25.69 -61.29
C ALA P 241 -48.15 26.23 -62.50
N ASP P 242 -48.08 25.39 -63.51
CA ASP P 242 -47.48 25.67 -64.80
C ASP P 242 -45.96 25.80 -64.79
N CYS P 243 -45.29 25.50 -63.69
CA CYS P 243 -43.83 25.54 -63.65
C CYS P 243 -43.26 24.15 -63.93
N THR P 244 -42.08 24.07 -64.56
CA THR P 244 -41.47 22.78 -64.88
C THR P 244 -40.35 22.35 -63.98
N ILE P 245 -40.44 21.13 -63.48
CA ILE P 245 -39.36 20.62 -62.67
C ILE P 245 -38.55 19.65 -63.52
N TYR P 246 -37.27 19.91 -63.65
CA TYR P 246 -36.41 19.04 -64.45
C TYR P 246 -35.49 18.26 -63.52
N SER P 247 -35.24 16.99 -63.78
CA SER P 247 -34.34 16.20 -62.94
C SER P 247 -33.01 15.98 -63.61
N LEU P 248 -31.94 16.36 -62.94
CA LEU P 248 -30.62 16.29 -63.57
C LEU P 248 -29.82 15.03 -63.40
N ASP P 249 -29.32 14.52 -64.53
CA ASP P 249 -28.45 13.38 -64.57
C ASP P 249 -27.00 13.87 -64.52
N ILE P 250 -26.39 13.80 -63.34
CA ILE P 250 -25.03 14.34 -63.21
C ILE P 250 -24.09 13.56 -64.09
N GLY P 251 -24.29 12.27 -64.17
CA GLY P 251 -23.42 11.43 -64.96
C GLY P 251 -23.45 11.82 -66.42
N SER P 252 -24.62 12.10 -66.99
CA SER P 252 -24.64 12.47 -68.40
C SER P 252 -24.11 13.85 -68.61
N LEU P 253 -24.18 14.70 -67.58
CA LEU P 253 -23.66 16.04 -67.72
C LEU P 253 -22.15 15.98 -67.80
N LEU P 254 -21.53 15.10 -67.00
CA LEU P 254 -20.08 14.91 -67.01
C LEU P 254 -19.59 13.97 -68.11
N ALA P 255 -20.43 13.06 -68.54
CA ALA P 255 -19.99 12.10 -69.53
C ALA P 255 -19.57 12.75 -70.81
N GLY P 256 -18.41 12.37 -71.28
CA GLY P 256 -17.87 12.85 -72.54
C GLY P 256 -17.19 14.20 -72.47
N THR P 257 -17.11 14.80 -71.28
CA THR P 257 -16.50 16.13 -71.19
C THR P 257 -15.00 16.10 -71.23
N LYS P 258 -14.46 15.69 -72.34
CA LYS P 258 -13.02 15.62 -72.56
C LYS P 258 -12.61 17.00 -73.01
N TYR P 259 -11.33 17.33 -72.94
CA TYR P 259 -10.78 18.61 -73.35
C TYR P 259 -10.97 19.60 -72.24
N ARG P 260 -10.35 20.75 -72.39
CA ARG P 260 -10.42 21.74 -71.35
C ARG P 260 -11.49 22.72 -71.72
N GLY P 261 -12.57 22.77 -70.95
CA GLY P 261 -13.70 23.63 -71.26
C GLY P 261 -15.02 22.94 -71.67
N ASP P 262 -15.04 21.63 -71.99
CA ASP P 262 -16.34 21.10 -72.41
C ASP P 262 -17.32 21.03 -71.25
N PHE P 263 -16.86 20.62 -70.08
CA PHE P 263 -17.77 20.55 -68.95
C PHE P 263 -18.35 21.88 -68.62
N GLU P 264 -17.47 22.87 -68.53
CA GLU P 264 -17.84 24.23 -68.18
C GLU P 264 -18.86 24.74 -69.16
N LYS P 265 -18.67 24.40 -70.42
CA LYS P 265 -19.61 24.85 -71.43
C LYS P 265 -20.95 24.19 -71.26
N ARG P 266 -20.97 22.89 -71.01
CA ARG P 266 -22.24 22.21 -70.86
C ARG P 266 -22.96 22.69 -69.65
N PHE P 267 -22.20 22.86 -68.57
CA PHE P 267 -22.74 23.30 -67.29
C PHE P 267 -23.38 24.67 -67.45
N LYS P 268 -22.65 25.59 -68.08
CA LYS P 268 -23.21 26.91 -68.27
C LYS P 268 -24.38 26.88 -69.21
N ALA P 269 -24.34 26.05 -70.25
CA ALA P 269 -25.46 26.01 -71.17
C ALA P 269 -26.70 25.57 -70.44
N LEU P 270 -26.56 24.61 -69.55
CA LEU P 270 -27.72 24.16 -68.79
C LEU P 270 -28.26 25.28 -67.97
N LEU P 271 -27.39 25.98 -67.29
CA LEU P 271 -27.89 27.01 -66.43
C LEU P 271 -28.53 28.11 -67.21
N LYS P 272 -27.98 28.44 -68.36
CA LYS P 272 -28.55 29.47 -69.18
C LYS P 272 -29.93 29.06 -69.60
N GLN P 273 -30.10 27.81 -69.99
CA GLN P 273 -31.41 27.35 -70.42
C GLN P 273 -32.41 27.46 -69.31
N LEU P 274 -31.97 27.20 -68.08
CA LEU P 274 -32.89 27.31 -66.96
C LEU P 274 -33.23 28.77 -66.69
N GLU P 275 -32.23 29.64 -66.72
CA GLU P 275 -32.45 31.06 -66.50
C GLU P 275 -33.40 31.67 -67.54
N GLN P 276 -33.38 31.15 -68.76
CA GLN P 276 -34.21 31.63 -69.83
C GLN P 276 -35.57 30.99 -69.84
N ASP P 277 -35.79 30.02 -68.97
CA ASP P 277 -37.09 29.38 -68.87
C ASP P 277 -37.91 30.33 -68.03
N THR P 278 -37.27 30.73 -66.92
CA THR P 278 -37.78 31.63 -65.88
C THR P 278 -38.86 31.00 -65.00
N ASN P 279 -39.41 29.86 -65.39
CA ASN P 279 -40.45 29.26 -64.60
C ASN P 279 -40.19 27.79 -64.47
N SER P 280 -39.01 27.49 -63.97
CA SER P 280 -38.60 26.12 -63.83
C SER P 280 -37.78 25.95 -62.61
N ILE P 281 -37.73 24.71 -62.19
CA ILE P 281 -37.00 24.26 -61.04
C ILE P 281 -36.12 23.11 -61.44
N LEU P 282 -34.89 23.11 -61.02
CA LEU P 282 -34.06 21.98 -61.32
C LEU P 282 -34.04 21.11 -60.09
N PHE P 283 -34.14 19.81 -60.24
CA PHE P 283 -34.07 18.92 -59.11
C PHE P 283 -32.87 18.01 -59.17
N ILE P 284 -32.13 17.97 -58.08
CA ILE P 284 -30.97 17.13 -58.08
C ILE P 284 -31.02 16.06 -57.02
N ASP P 285 -30.93 14.83 -57.44
CA ASP P 285 -30.87 13.71 -56.50
C ASP P 285 -29.47 13.68 -56.02
N GLU P 286 -29.25 13.21 -54.80
CA GLU P 286 -27.89 13.12 -54.25
C GLU P 286 -27.10 14.36 -54.64
N ILE P 287 -27.67 15.51 -54.28
CA ILE P 287 -27.11 16.80 -54.55
C ILE P 287 -25.74 16.99 -53.99
N HIS P 288 -25.34 16.22 -53.00
CA HIS P 288 -24.02 16.36 -52.47
C HIS P 288 -22.97 15.97 -53.48
N THR P 289 -23.36 15.27 -54.52
CA THR P 289 -22.40 14.87 -55.51
C THR P 289 -22.05 16.03 -56.42
N ILE P 290 -22.79 17.14 -56.41
CA ILE P 290 -22.40 18.18 -57.35
C ILE P 290 -21.08 18.75 -56.91
N ILE P 291 -20.78 18.66 -55.63
CA ILE P 291 -19.58 19.18 -55.04
C ILE P 291 -18.35 18.47 -55.58
N GLY P 292 -18.54 17.25 -56.07
CA GLY P 292 -17.48 16.42 -56.61
C GLY P 292 -17.44 16.50 -58.14
N ALA P 293 -18.19 17.43 -58.73
CA ALA P 293 -18.21 17.47 -60.16
C ALA P 293 -16.80 17.67 -60.63
N GLY P 294 -16.51 17.10 -61.77
CA GLY P 294 -15.16 17.09 -62.25
C GLY P 294 -14.55 18.40 -62.61
N ALA P 295 -13.85 19.01 -61.67
CA ALA P 295 -12.90 20.03 -62.00
C ALA P 295 -11.86 19.27 -62.81
N ALA P 296 -11.32 19.85 -63.86
CA ALA P 296 -10.41 19.06 -64.69
C ALA P 296 -9.15 18.56 -64.03
N SER P 297 -8.54 19.36 -63.18
CA SER P 297 -7.24 18.95 -62.66
C SER P 297 -7.06 19.29 -61.21
N GLY P 298 -6.18 20.24 -60.93
CA GLY P 298 -5.90 20.67 -59.57
C GLY P 298 -6.70 21.90 -59.18
N GLY P 299 -7.56 22.34 -60.09
CA GLY P 299 -8.34 23.54 -59.92
C GLY P 299 -9.63 23.31 -59.17
N GLN P 300 -10.31 24.41 -58.91
CA GLN P 300 -11.57 24.38 -58.19
C GLN P 300 -12.78 24.76 -58.99
N VAL P 301 -12.70 24.75 -60.30
CA VAL P 301 -13.91 25.10 -61.02
C VAL P 301 -14.68 23.85 -61.32
N ASP P 302 -15.84 23.74 -60.72
CA ASP P 302 -16.70 22.59 -60.80
C ASP P 302 -18.15 23.03 -60.67
N ALA P 303 -19.06 22.10 -60.68
CA ALA P 303 -20.47 22.41 -60.61
C ALA P 303 -20.86 23.20 -59.38
N ALA P 304 -20.21 23.01 -58.24
CA ALA P 304 -20.69 23.77 -57.10
C ALA P 304 -20.21 25.20 -57.25
N ASN P 305 -18.99 25.37 -57.66
CA ASN P 305 -18.50 26.73 -57.76
C ASN P 305 -19.17 27.51 -58.86
N LEU P 306 -19.62 26.82 -59.88
CA LEU P 306 -20.35 27.43 -60.96
C LEU P 306 -21.84 27.65 -60.65
N ILE P 307 -22.36 27.11 -59.56
CA ILE P 307 -23.79 27.25 -59.31
C ILE P 307 -24.01 28.36 -58.33
N LYS P 308 -23.14 28.48 -57.34
CA LYS P 308 -23.29 29.42 -56.26
C LYS P 308 -23.88 30.80 -56.56
N PRO P 309 -23.37 31.60 -57.49
CA PRO P 309 -23.90 32.92 -57.74
C PRO P 309 -25.32 32.93 -58.27
N LEU P 310 -25.79 31.82 -58.81
CA LEU P 310 -27.13 31.86 -59.35
C LEU P 310 -28.13 31.48 -58.32
N LEU P 311 -27.66 31.09 -57.17
CA LEU P 311 -28.60 30.72 -56.17
C LEU P 311 -28.77 31.94 -55.31
N SER P 312 -27.65 32.63 -55.07
CA SER P 312 -27.68 33.79 -54.21
C SER P 312 -28.54 34.86 -54.80
N SER P 313 -28.47 34.99 -56.10
CA SER P 313 -29.18 35.98 -56.85
C SER P 313 -30.66 35.73 -57.03
N GLY P 314 -31.12 34.51 -56.79
CA GLY P 314 -32.51 34.18 -57.04
C GLY P 314 -32.78 33.85 -58.51
N LYS P 315 -31.74 33.83 -59.35
CA LYS P 315 -31.96 33.57 -60.76
C LYS P 315 -32.53 32.21 -61.10
N ILE P 316 -32.09 31.17 -60.43
CA ILE P 316 -32.64 29.85 -60.73
C ILE P 316 -33.13 29.20 -59.46
N ARG P 317 -33.98 28.20 -59.58
CA ARG P 317 -34.45 27.50 -58.40
C ARG P 317 -34.05 26.05 -58.45
N VAL P 318 -33.43 25.59 -57.40
CA VAL P 318 -32.98 24.22 -57.33
C VAL P 318 -33.54 23.49 -56.12
N ILE P 319 -34.09 22.32 -56.32
CA ILE P 319 -34.55 21.51 -55.21
C ILE P 319 -33.50 20.45 -55.04
N GLY P 320 -32.90 20.36 -53.88
CA GLY P 320 -31.89 19.35 -53.69
C GLY P 320 -32.46 18.18 -52.91
N SER P 321 -31.67 17.16 -52.75
CA SER P 321 -32.03 16.01 -51.96
C SER P 321 -30.80 15.26 -51.52
N THR P 322 -30.70 14.97 -50.23
CA THR P 322 -29.55 14.25 -49.71
C THR P 322 -29.88 13.62 -48.38
N THR P 323 -29.13 12.61 -47.96
CA THR P 323 -29.41 12.02 -46.67
C THR P 323 -28.80 12.84 -45.58
N TYR P 324 -29.21 12.58 -44.35
CA TYR P 324 -28.66 13.29 -43.20
C TYR P 324 -27.15 13.06 -43.04
N GLN P 325 -26.66 11.91 -43.49
CA GLN P 325 -25.25 11.61 -43.37
C GLN P 325 -24.45 12.25 -44.47
N GLU P 326 -24.97 12.27 -45.68
CA GLU P 326 -24.26 12.89 -46.78
C GLU P 326 -24.36 14.39 -46.63
N PHE P 327 -25.45 14.84 -46.02
CA PHE P 327 -25.66 16.26 -45.79
C PHE P 327 -24.67 16.76 -44.75
N SER P 328 -24.38 15.91 -43.75
CA SER P 328 -23.46 16.25 -42.70
C SER P 328 -22.02 16.18 -43.12
N ASN P 329 -21.64 15.18 -43.88
CA ASN P 329 -20.25 15.10 -44.26
C ASN P 329 -19.89 15.80 -45.55
N ILE P 330 -20.83 16.45 -46.21
CA ILE P 330 -20.50 17.06 -47.48
C ILE P 330 -21.07 18.47 -47.56
N PHE P 331 -22.39 18.56 -47.44
CA PHE P 331 -23.09 19.84 -47.57
C PHE P 331 -22.78 20.76 -46.41
N GLU P 332 -22.67 20.18 -45.23
CA GLU P 332 -22.39 20.94 -44.02
C GLU P 332 -20.99 21.55 -44.10
N LYS P 333 -20.07 20.85 -44.76
CA LYS P 333 -18.73 21.37 -44.88
C LYS P 333 -18.62 22.53 -45.87
N ASP P 334 -19.29 22.48 -47.01
CA ASP P 334 -19.17 23.64 -47.88
C ASP P 334 -20.16 24.69 -47.43
N ARG P 335 -19.71 25.57 -46.56
CA ARG P 335 -20.58 26.52 -45.93
C ARG P 335 -21.21 27.48 -46.91
N ALA P 336 -20.46 27.90 -47.91
CA ALA P 336 -21.01 28.85 -48.85
C ALA P 336 -22.08 28.19 -49.66
N LEU P 337 -21.91 26.95 -50.01
CA LEU P 337 -22.97 26.35 -50.79
C LEU P 337 -24.15 26.08 -49.89
N ALA P 338 -23.88 25.63 -48.69
CA ALA P 338 -24.94 25.26 -47.80
C ALA P 338 -25.85 26.44 -47.51
N ARG P 339 -25.29 27.63 -47.42
CA ARG P 339 -26.08 28.82 -47.17
C ARG P 339 -27.06 29.19 -48.30
N ARG P 340 -26.97 28.50 -49.44
CA ARG P 340 -27.84 28.79 -50.54
C ARG P 340 -28.98 27.82 -50.59
N PHE P 341 -29.02 26.90 -49.65
CA PHE P 341 -30.11 25.97 -49.56
C PHE P 341 -30.86 26.07 -48.26
N GLN P 342 -32.14 25.80 -48.33
CA GLN P 342 -32.95 25.81 -47.14
C GLN P 342 -33.31 24.40 -46.79
N LYS P 343 -32.76 23.90 -45.70
CA LYS P 343 -32.98 22.52 -45.37
C LYS P 343 -34.35 22.24 -44.83
N ILE P 344 -35.00 21.26 -45.44
CA ILE P 344 -36.30 20.79 -45.05
C ILE P 344 -36.12 19.44 -44.44
N ASP P 345 -36.58 19.34 -43.23
CA ASP P 345 -36.38 18.16 -42.42
C ASP P 345 -37.48 17.14 -42.67
N ILE P 346 -37.17 16.05 -43.36
CA ILE P 346 -38.18 15.08 -43.71
C ILE P 346 -38.08 13.87 -42.83
N THR P 347 -39.06 13.72 -41.97
CA THR P 347 -39.04 12.67 -41.00
C THR P 347 -39.80 11.48 -41.50
N GLU P 348 -39.66 10.36 -40.80
CA GLU P 348 -40.41 9.15 -41.15
C GLU P 348 -41.87 9.31 -40.73
N PRO P 349 -42.77 8.86 -41.59
CA PRO P 349 -44.21 8.93 -41.39
C PRO P 349 -44.67 8.00 -40.31
N SER P 350 -45.87 8.23 -39.82
CA SER P 350 -46.52 7.41 -38.80
C SER P 350 -47.09 6.14 -39.40
N ILE P 351 -47.62 5.28 -38.53
CA ILE P 351 -48.23 4.04 -38.98
C ILE P 351 -49.41 4.31 -39.86
N GLU P 352 -50.27 5.23 -39.41
CA GLU P 352 -51.46 5.60 -40.15
C GLU P 352 -51.11 6.21 -41.49
N GLU P 353 -50.03 7.00 -41.52
CA GLU P 353 -49.61 7.62 -42.74
C GLU P 353 -49.06 6.58 -43.69
N THR P 354 -48.35 5.60 -43.15
CA THR P 354 -47.77 4.59 -44.00
C THR P 354 -48.86 3.78 -44.65
N VAL P 355 -49.90 3.45 -43.89
CA VAL P 355 -50.99 2.68 -44.46
C VAL P 355 -51.62 3.46 -45.59
N GLN P 356 -51.81 4.75 -45.38
CA GLN P 356 -52.40 5.58 -46.38
C GLN P 356 -51.54 5.68 -47.63
N ILE P 357 -50.20 5.72 -47.50
CA ILE P 357 -49.44 5.81 -48.75
C ILE P 357 -49.56 4.49 -49.45
N ILE P 358 -49.66 3.38 -48.71
CA ILE P 358 -49.85 2.13 -49.39
C ILE P 358 -51.17 2.13 -50.08
N ASN P 359 -52.23 2.59 -49.43
CA ASN P 359 -53.48 2.54 -50.15
C ASN P 359 -53.40 3.31 -51.46
N GLY P 360 -52.70 4.43 -51.47
CA GLY P 360 -52.52 5.21 -52.69
C GLY P 360 -51.63 4.52 -53.74
N LEU P 361 -50.55 3.89 -53.30
CA LEU P 361 -49.58 3.23 -54.17
C LEU P 361 -50.02 1.87 -54.65
N LYS P 362 -50.76 1.19 -53.79
CA LYS P 362 -51.25 -0.15 -53.96
C LYS P 362 -51.70 -0.50 -55.35
N PRO P 363 -52.54 0.27 -56.05
CA PRO P 363 -53.04 -0.08 -57.35
C PRO P 363 -51.94 -0.37 -58.35
N LYS P 364 -50.74 0.19 -58.14
CA LYS P 364 -49.70 -0.05 -59.11
C LYS P 364 -48.98 -1.34 -58.81
N TYR P 365 -49.04 -1.80 -57.56
CA TYR P 365 -48.44 -3.07 -57.21
C TYR P 365 -49.42 -4.09 -57.67
N GLU P 366 -50.70 -3.77 -57.51
CA GLU P 366 -51.71 -4.70 -57.90
C GLU P 366 -51.66 -4.89 -59.38
N ALA P 367 -51.48 -3.80 -60.12
CA ALA P 367 -51.37 -3.96 -61.54
C ALA P 367 -50.10 -4.68 -61.92
N HIS P 368 -48.97 -4.32 -61.34
CA HIS P 368 -47.71 -4.90 -61.74
C HIS P 368 -47.66 -6.39 -61.54
N HIS P 369 -48.15 -6.83 -60.40
CA HIS P 369 -48.06 -8.23 -60.03
C HIS P 369 -49.30 -9.02 -60.35
N ASP P 370 -50.29 -8.42 -60.98
CA ASP P 370 -51.55 -9.10 -61.22
C ASP P 370 -52.14 -9.67 -59.91
N VAL P 371 -52.15 -8.86 -58.85
CA VAL P 371 -52.63 -9.26 -57.53
C VAL P 371 -53.60 -8.25 -56.97
N ARG P 372 -54.26 -8.61 -55.90
CA ARG P 372 -55.07 -7.68 -55.16
C ARG P 372 -54.70 -7.86 -53.71
N TYR P 373 -54.68 -6.78 -52.93
CA TYR P 373 -54.31 -6.90 -51.52
C TYR P 373 -55.49 -6.61 -50.62
N THR P 374 -55.67 -7.43 -49.58
CA THR P 374 -56.78 -7.22 -48.67
C THR P 374 -56.49 -6.05 -47.77
N ALA P 375 -57.51 -5.54 -47.09
CA ALA P 375 -57.28 -4.45 -46.15
C ALA P 375 -56.39 -4.89 -45.01
N LYS P 376 -56.54 -6.13 -44.58
CA LYS P 376 -55.75 -6.63 -43.48
C LYS P 376 -54.33 -6.79 -43.94
N ALA P 377 -54.13 -7.20 -45.19
CA ALA P 377 -52.80 -7.36 -45.69
C ALA P 377 -52.04 -6.05 -45.63
N VAL P 378 -52.71 -4.96 -45.99
CA VAL P 378 -52.02 -3.69 -45.97
C VAL P 378 -51.77 -3.19 -44.57
N ARG P 379 -52.77 -3.27 -43.71
CA ARG P 379 -52.56 -2.78 -42.38
C ARG P 379 -51.46 -3.58 -41.72
N ALA P 380 -51.48 -4.89 -41.92
CA ALA P 380 -50.48 -5.73 -41.33
C ALA P 380 -49.11 -5.46 -41.88
N ALA P 381 -48.96 -5.18 -43.17
CA ALA P 381 -47.61 -4.95 -43.63
C ALA P 381 -46.99 -3.82 -42.85
N VAL P 382 -47.77 -2.79 -42.56
CA VAL P 382 -47.19 -1.70 -41.82
C VAL P 382 -46.91 -2.09 -40.37
N GLU P 383 -47.87 -2.71 -39.70
CA GLU P 383 -47.70 -3.02 -38.29
C GLU P 383 -46.62 -4.06 -38.04
N LEU P 384 -46.54 -5.05 -38.91
CA LEU P 384 -45.56 -6.09 -38.79
C LEU P 384 -44.20 -5.59 -39.13
N ALA P 385 -44.08 -4.75 -40.15
CA ALA P 385 -42.78 -4.27 -40.50
C ALA P 385 -42.21 -3.48 -39.35
N VAL P 386 -43.08 -2.68 -38.72
CA VAL P 386 -42.68 -1.89 -37.56
C VAL P 386 -42.18 -2.76 -36.41
N LYS P 387 -42.87 -3.86 -36.12
CA LYS P 387 -42.48 -4.72 -35.06
C LYS P 387 -41.23 -5.53 -35.38
N TYR P 388 -41.10 -5.99 -36.62
CA TYR P 388 -40.02 -6.88 -36.96
C TYR P 388 -38.88 -6.49 -37.89
N ILE P 389 -39.00 -5.49 -38.73
CA ILE P 389 -37.93 -5.22 -39.68
C ILE P 389 -37.09 -4.03 -39.29
N ASN P 390 -35.81 -4.27 -39.06
CA ASN P 390 -34.92 -3.20 -38.63
C ASN P 390 -34.13 -2.60 -39.79
N ASP P 391 -33.34 -1.57 -39.47
CA ASP P 391 -32.46 -0.91 -40.42
C ASP P 391 -33.12 -0.44 -41.72
N ARG P 392 -34.32 0.07 -41.59
CA ARG P 392 -35.10 0.61 -42.68
C ARG P 392 -36.10 1.58 -42.07
N HIS P 393 -36.71 2.43 -42.89
CA HIS P 393 -37.71 3.35 -42.40
C HIS P 393 -39.08 3.03 -43.04
N LEU P 394 -40.18 3.29 -42.31
CA LEU P 394 -41.51 2.85 -42.70
C LEU P 394 -42.04 2.93 -44.09
N PRO P 395 -41.99 4.10 -44.71
CA PRO P 395 -42.47 4.29 -46.07
C PRO P 395 -41.86 3.25 -47.01
N ASP P 396 -40.66 2.78 -46.70
CA ASP P 396 -40.02 1.81 -47.51
C ASP P 396 -40.29 0.43 -46.96
N LYS P 397 -40.16 0.29 -45.65
CA LYS P 397 -40.32 -1.00 -44.96
C LYS P 397 -41.65 -1.72 -45.23
N ALA P 398 -42.74 -0.97 -45.24
CA ALA P 398 -44.04 -1.57 -45.45
C ALA P 398 -44.24 -1.89 -46.91
N ILE P 399 -43.73 -1.02 -47.74
CA ILE P 399 -43.85 -1.10 -49.18
C ILE P 399 -43.09 -2.29 -49.66
N ASP P 400 -41.91 -2.50 -49.12
CA ASP P 400 -41.09 -3.62 -49.50
C ASP P 400 -41.84 -4.92 -49.24
N VAL P 401 -42.56 -4.99 -48.13
CA VAL P 401 -43.35 -6.19 -47.83
C VAL P 401 -44.49 -6.35 -48.83
N ILE P 402 -45.18 -5.26 -49.15
CA ILE P 402 -46.27 -5.30 -50.10
C ILE P 402 -45.79 -5.74 -51.46
N ASP P 403 -44.65 -5.22 -51.89
CA ASP P 403 -44.11 -5.55 -53.19
C ASP P 403 -43.69 -6.99 -53.22
N GLU P 404 -42.99 -7.46 -52.21
CA GLU P 404 -42.60 -8.85 -52.27
C GLU P 404 -43.81 -9.76 -52.17
N ALA P 405 -44.76 -9.48 -51.30
CA ALA P 405 -45.91 -10.36 -51.20
C ALA P 405 -46.65 -10.39 -52.52
N GLY P 406 -46.72 -9.25 -53.20
CA GLY P 406 -47.36 -9.20 -54.49
C GLY P 406 -46.59 -10.10 -55.43
N ALA P 407 -45.28 -9.97 -55.40
CA ALA P 407 -44.35 -10.73 -56.21
C ALA P 407 -44.45 -12.21 -55.91
N ARG P 408 -44.78 -12.57 -54.67
CA ARG P 408 -44.92 -13.97 -54.38
C ARG P 408 -46.17 -14.48 -55.02
N ALA P 409 -47.25 -13.73 -54.89
CA ALA P 409 -48.51 -14.11 -55.47
C ALA P 409 -48.39 -14.12 -56.99
N ARG P 410 -47.55 -13.25 -57.57
CA ARG P 410 -47.33 -13.19 -59.00
C ARG P 410 -46.80 -14.50 -59.58
N LEU P 411 -46.16 -15.31 -58.74
CA LEU P 411 -45.59 -16.55 -59.20
C LEU P 411 -46.49 -17.72 -58.87
N MET P 412 -47.68 -17.43 -58.37
CA MET P 412 -48.63 -18.47 -58.09
C MET P 412 -49.42 -18.82 -59.38
N PRO P 413 -50.04 -17.86 -60.13
CA PRO P 413 -50.80 -18.14 -61.32
C PRO P 413 -49.92 -18.37 -62.53
N VAL P 414 -49.01 -19.33 -62.38
CA VAL P 414 -48.09 -19.80 -63.39
C VAL P 414 -48.50 -21.26 -63.51
N SER P 415 -49.10 -21.71 -62.41
CA SER P 415 -49.66 -23.05 -62.21
C SER P 415 -51.16 -22.85 -61.99
N LYS P 416 -51.56 -21.62 -62.31
CA LYS P 416 -52.87 -21.02 -62.19
C LYS P 416 -53.39 -21.03 -60.77
N ARG P 417 -52.50 -20.85 -59.80
CA ARG P 417 -52.88 -20.75 -58.41
C ARG P 417 -53.18 -19.29 -58.18
N LYS P 418 -54.24 -18.82 -58.80
CA LYS P 418 -54.57 -17.42 -58.71
C LYS P 418 -55.11 -17.12 -57.34
N LYS P 419 -54.59 -16.06 -56.74
CA LYS P 419 -55.05 -15.67 -55.43
C LYS P 419 -54.73 -14.21 -55.17
N THR P 420 -55.39 -13.68 -54.16
CA THR P 420 -55.14 -12.35 -53.64
C THR P 420 -54.07 -12.46 -52.57
N VAL P 421 -53.56 -11.33 -52.08
CA VAL P 421 -52.57 -11.34 -51.03
C VAL P 421 -53.26 -11.02 -49.71
N ASN P 422 -53.33 -12.01 -48.84
CA ASN P 422 -54.01 -11.81 -47.59
C ASN P 422 -53.01 -11.54 -46.49
N VAL P 423 -53.53 -11.32 -45.30
CA VAL P 423 -52.69 -11.06 -44.17
C VAL P 423 -51.71 -12.20 -43.93
N ALA P 424 -52.11 -13.43 -44.23
CA ALA P 424 -51.25 -14.58 -44.07
C ALA P 424 -50.03 -14.52 -44.99
N ASP P 425 -50.15 -13.89 -46.16
CA ASP P 425 -49.06 -13.86 -47.10
C ASP P 425 -48.11 -12.76 -46.71
N ILE P 426 -48.67 -11.71 -46.17
CA ILE P 426 -47.88 -10.59 -45.69
C ILE P 426 -47.08 -11.06 -44.53
N GLU P 427 -47.72 -11.80 -43.65
CA GLU P 427 -47.08 -12.34 -42.46
C GLU P 427 -45.94 -13.26 -42.86
N SER P 428 -46.15 -14.06 -43.90
CA SER P 428 -45.11 -14.96 -44.35
C SER P 428 -43.91 -14.19 -44.85
N VAL P 429 -44.14 -13.13 -45.62
CA VAL P 429 -43.05 -12.32 -46.12
C VAL P 429 -42.29 -11.62 -45.01
N VAL P 430 -42.98 -11.05 -44.05
CA VAL P 430 -42.26 -10.42 -42.97
C VAL P 430 -41.49 -11.47 -42.22
N ALA P 431 -42.12 -12.60 -41.98
CA ALA P 431 -41.51 -13.69 -41.25
C ALA P 431 -40.22 -14.14 -41.93
N ARG P 432 -40.16 -14.08 -43.25
CA ARG P 432 -38.95 -14.47 -43.94
C ARG P 432 -37.74 -13.69 -43.41
N ILE P 433 -37.96 -12.45 -43.03
CA ILE P 433 -36.94 -11.54 -42.55
C ILE P 433 -36.81 -11.65 -41.02
N ALA P 434 -37.96 -11.68 -40.34
CA ALA P 434 -38.08 -11.76 -38.88
C ALA P 434 -37.56 -13.08 -38.29
N ARG P 435 -37.70 -14.14 -39.07
CA ARG P 435 -37.33 -15.53 -38.83
C ARG P 435 -38.24 -16.35 -37.91
N ILE P 436 -39.29 -15.77 -37.35
CA ILE P 436 -40.24 -16.56 -36.59
C ILE P 436 -41.65 -16.21 -36.97
N PRO P 437 -42.31 -16.93 -37.88
CA PRO P 437 -43.66 -16.63 -38.30
C PRO P 437 -44.64 -16.74 -37.15
N GLU P 438 -45.65 -15.90 -37.17
CA GLU P 438 -46.73 -15.93 -36.20
C GLU P 438 -47.89 -16.80 -36.65
N LYS P 439 -47.95 -17.13 -37.94
CA LYS P 439 -49.09 -17.89 -38.39
C LYS P 439 -48.77 -19.37 -38.56
N SER P 440 -47.54 -19.72 -38.94
CA SER P 440 -47.17 -21.11 -39.22
C SER P 440 -47.10 -21.89 -37.92
N VAL P 441 -47.13 -21.18 -36.81
CA VAL P 441 -47.11 -21.75 -35.49
C VAL P 441 -48.33 -22.62 -35.33
N SER P 442 -49.38 -22.34 -36.11
CA SER P 442 -50.63 -23.06 -36.06
C SER P 442 -50.63 -24.40 -36.78
N GLN P 443 -49.57 -24.69 -37.53
CA GLN P 443 -49.48 -25.88 -38.36
C GLN P 443 -48.73 -27.01 -37.67
N SER P 444 -47.89 -27.74 -38.41
CA SER P 444 -47.13 -28.90 -37.90
C SER P 444 -46.13 -28.47 -36.86
N ASP P 445 -45.86 -27.19 -36.89
CA ASP P 445 -44.97 -26.53 -35.98
C ASP P 445 -45.54 -26.66 -34.57
N ARG P 446 -46.88 -26.80 -34.42
CA ARG P 446 -47.47 -26.94 -33.09
C ARG P 446 -46.94 -28.20 -32.44
N ASP P 447 -46.74 -29.27 -33.22
CA ASP P 447 -46.32 -30.53 -32.66
C ASP P 447 -44.82 -30.55 -32.55
N THR P 448 -44.15 -29.85 -33.43
CA THR P 448 -42.72 -29.82 -33.32
C THR P 448 -42.41 -29.21 -31.98
N LEU P 449 -43.12 -28.14 -31.66
CA LEU P 449 -42.98 -27.45 -30.40
C LEU P 449 -43.52 -28.28 -29.24
N LYS P 450 -44.69 -28.90 -29.38
CA LYS P 450 -45.29 -29.67 -28.31
C LYS P 450 -44.39 -30.76 -27.77
N ASN P 451 -43.67 -31.41 -28.66
CA ASN P 451 -42.84 -32.54 -28.30
C ASN P 451 -41.44 -32.16 -27.93
N LEU P 452 -41.16 -30.87 -27.86
CA LEU P 452 -39.84 -30.38 -27.55
C LEU P 452 -39.41 -30.84 -26.18
N GLY P 453 -40.32 -30.80 -25.22
CA GLY P 453 -39.95 -31.19 -23.88
C GLY P 453 -39.49 -32.63 -23.82
N ASP P 454 -40.06 -33.50 -24.64
CA ASP P 454 -39.68 -34.88 -24.53
C ASP P 454 -38.44 -35.18 -25.31
N ARG P 455 -38.25 -34.49 -26.43
CA ARG P 455 -37.04 -34.73 -27.17
C ARG P 455 -35.87 -34.35 -26.29
N LEU P 456 -36.03 -33.32 -25.47
CA LEU P 456 -34.97 -32.96 -24.59
C LEU P 456 -34.87 -33.90 -23.38
N LYS P 457 -35.98 -34.36 -22.81
CA LYS P 457 -35.89 -35.25 -21.65
C LYS P 457 -35.19 -36.56 -21.97
N MET P 458 -35.31 -37.03 -23.19
CA MET P 458 -34.62 -38.26 -23.53
C MET P 458 -33.10 -38.05 -23.69
N LEU P 459 -32.66 -36.80 -23.81
CA LEU P 459 -31.25 -36.51 -24.00
C LEU P 459 -30.60 -36.01 -22.73
N VAL P 460 -31.36 -35.32 -21.90
CA VAL P 460 -30.88 -34.78 -20.62
C VAL P 460 -31.69 -35.37 -19.51
N PHE P 461 -31.05 -36.03 -18.56
CA PHE P 461 -31.79 -36.71 -17.54
C PHE P 461 -31.73 -36.01 -16.22
N GLY P 462 -32.86 -35.92 -15.55
CA GLY P 462 -32.90 -35.24 -14.28
C GLY P 462 -33.01 -33.82 -14.72
N GLN P 463 -33.05 -32.84 -13.83
CA GLN P 463 -33.13 -31.50 -14.38
C GLN P 463 -34.34 -31.25 -15.29
N ASP P 464 -35.48 -31.89 -15.01
CA ASP P 464 -36.64 -31.69 -15.84
C ASP P 464 -37.07 -30.26 -15.76
N LYS P 465 -36.81 -29.63 -14.63
CA LYS P 465 -37.17 -28.24 -14.44
C LYS P 465 -36.45 -27.33 -15.43
N ALA P 466 -35.24 -27.69 -15.89
CA ALA P 466 -34.54 -26.82 -16.81
C ALA P 466 -35.20 -26.95 -18.13
N ILE P 467 -35.60 -28.16 -18.45
CA ILE P 467 -36.23 -28.40 -19.70
C ILE P 467 -37.54 -27.66 -19.74
N GLU P 468 -38.29 -27.73 -18.65
CA GLU P 468 -39.54 -27.02 -18.60
C GLU P 468 -39.30 -25.53 -18.72
N ALA P 469 -38.29 -24.99 -18.05
CA ALA P 469 -38.13 -23.56 -18.14
C ALA P 469 -37.91 -23.10 -19.57
N LEU P 470 -37.09 -23.83 -20.30
CA LEU P 470 -36.80 -23.46 -21.66
C LEU P 470 -37.96 -23.70 -22.56
N THR P 471 -38.62 -24.81 -22.36
CA THR P 471 -39.71 -25.20 -23.21
C THR P 471 -40.85 -24.23 -23.06
N GLU P 472 -41.14 -23.83 -21.83
CA GLU P 472 -42.24 -22.92 -21.62
C GLU P 472 -41.92 -21.56 -22.20
N ALA P 473 -40.68 -21.09 -22.04
CA ALA P 473 -40.35 -19.77 -22.57
C ALA P 473 -40.58 -19.72 -24.05
N ILE P 474 -40.23 -20.79 -24.73
CA ILE P 474 -40.39 -20.79 -26.14
C ILE P 474 -41.84 -20.86 -26.46
N LYS P 475 -42.58 -21.74 -25.80
CA LYS P 475 -43.98 -21.81 -26.13
C LYS P 475 -44.69 -20.48 -25.96
N MET P 476 -44.44 -19.77 -24.89
CA MET P 476 -45.12 -18.50 -24.73
C MET P 476 -44.76 -17.56 -25.85
N ALA P 477 -43.49 -17.50 -26.18
CA ALA P 477 -43.07 -16.66 -27.27
C ALA P 477 -43.70 -17.03 -28.59
N ARG P 478 -43.95 -18.30 -28.83
CA ARG P 478 -44.53 -18.67 -30.10
C ARG P 478 -46.03 -18.50 -30.07
N ALA P 479 -46.60 -18.66 -28.88
CA ALA P 479 -48.03 -18.50 -28.66
C ALA P 479 -48.40 -17.08 -28.98
N GLY P 480 -47.48 -16.17 -28.69
CA GLY P 480 -47.66 -14.76 -28.91
C GLY P 480 -47.64 -14.05 -27.58
N LEU P 481 -47.51 -14.80 -26.51
CA LEU P 481 -47.47 -14.21 -25.20
C LEU P 481 -46.03 -13.93 -24.88
N GLY P 482 -45.46 -13.03 -25.64
CA GLY P 482 -44.06 -12.69 -25.53
C GLY P 482 -43.86 -11.50 -24.64
N HIS P 483 -42.71 -10.86 -24.77
CA HIS P 483 -42.37 -9.73 -23.93
C HIS P 483 -42.26 -8.44 -24.70
N GLU P 484 -42.75 -8.44 -25.92
CA GLU P 484 -42.77 -7.29 -26.84
C GLU P 484 -41.39 -6.82 -27.30
N HIS P 485 -40.54 -6.44 -26.34
CA HIS P 485 -39.19 -6.02 -26.63
C HIS P 485 -38.10 -6.87 -25.98
N LYS P 486 -38.40 -7.74 -25.05
CA LYS P 486 -37.32 -8.49 -24.39
C LYS P 486 -36.99 -9.76 -25.19
N PRO P 487 -35.89 -10.50 -24.91
CA PRO P 487 -35.50 -11.77 -25.48
C PRO P 487 -36.53 -12.81 -25.18
N VAL P 488 -36.47 -13.95 -25.86
CA VAL P 488 -37.46 -15.02 -25.68
C VAL P 488 -37.49 -15.41 -24.22
N GLY P 489 -36.33 -15.49 -23.64
CA GLY P 489 -36.21 -15.76 -22.25
C GLY P 489 -34.77 -15.64 -21.87
N SER P 490 -34.51 -15.50 -20.58
CA SER P 490 -33.15 -15.38 -20.07
C SER P 490 -33.06 -16.19 -18.79
N PHE P 491 -32.37 -17.32 -18.83
CA PHE P 491 -32.24 -18.17 -17.66
C PHE P 491 -30.81 -18.57 -17.27
N LEU P 492 -30.49 -18.33 -16.01
CA LEU P 492 -29.22 -18.67 -15.45
C LEU P 492 -29.30 -20.10 -14.98
N PHE P 493 -28.44 -20.95 -15.49
CA PHE P 493 -28.43 -22.34 -15.09
C PHE P 493 -27.28 -22.57 -14.21
N ALA P 494 -27.56 -22.81 -12.95
CA ALA P 494 -26.52 -22.92 -11.97
C ALA P 494 -26.48 -24.28 -11.37
N GLY P 495 -25.29 -24.80 -11.08
CA GLY P 495 -25.21 -26.12 -10.48
C GLY P 495 -23.87 -26.84 -10.46
N PRO P 496 -23.89 -27.99 -9.79
CA PRO P 496 -22.75 -28.88 -9.63
C PRO P 496 -22.24 -29.24 -10.97
N THR P 497 -21.01 -29.71 -11.08
CA THR P 497 -20.54 -30.02 -12.41
C THR P 497 -21.05 -31.31 -12.97
N GLY P 498 -20.98 -31.43 -14.30
CA GLY P 498 -21.34 -32.62 -15.01
C GLY P 498 -22.84 -32.88 -14.94
N VAL P 499 -23.65 -31.86 -14.85
CA VAL P 499 -25.07 -32.10 -14.68
C VAL P 499 -25.90 -31.70 -15.87
N GLY P 500 -25.24 -31.45 -16.98
CA GLY P 500 -25.95 -31.09 -18.20
C GLY P 500 -26.30 -29.62 -18.39
N LYS P 501 -25.59 -28.67 -17.75
CA LYS P 501 -25.98 -27.27 -17.91
C LYS P 501 -25.75 -26.74 -19.29
N THR P 502 -24.67 -27.13 -19.94
CA THR P 502 -24.51 -26.59 -21.26
C THR P 502 -25.03 -27.61 -22.21
N GLU P 503 -25.13 -28.85 -21.79
CA GLU P 503 -25.61 -29.82 -22.74
C GLU P 503 -27.06 -29.58 -23.06
N VAL P 504 -27.86 -29.20 -22.07
CA VAL P 504 -29.25 -28.99 -22.39
C VAL P 504 -29.46 -27.84 -23.35
N THR P 505 -28.63 -26.80 -23.28
CA THR P 505 -28.79 -25.66 -24.15
C THR P 505 -28.34 -26.00 -25.53
N VAL P 506 -27.32 -26.83 -25.63
CA VAL P 506 -26.87 -27.25 -26.92
C VAL P 506 -27.97 -28.08 -27.53
N GLN P 507 -28.56 -28.96 -26.74
CA GLN P 507 -29.59 -29.77 -27.28
C GLN P 507 -30.80 -28.96 -27.64
N LEU P 508 -31.07 -27.89 -26.90
CA LEU P 508 -32.17 -27.05 -27.30
C LEU P 508 -31.97 -26.47 -28.68
N SER P 509 -30.79 -25.93 -28.96
CA SER P 509 -30.65 -25.32 -30.27
C SER P 509 -30.80 -26.38 -31.34
N LYS P 510 -30.36 -27.60 -31.03
CA LYS P 510 -30.50 -28.65 -32.03
C LYS P 510 -31.94 -29.03 -32.22
N ALA P 511 -32.67 -29.17 -31.13
CA ALA P 511 -34.06 -29.59 -31.17
C ALA P 511 -34.91 -28.60 -31.94
N LEU P 512 -34.58 -27.33 -31.82
CA LEU P 512 -35.33 -26.29 -32.48
C LEU P 512 -34.91 -26.01 -33.90
N GLY P 513 -33.82 -26.61 -34.35
CA GLY P 513 -33.33 -26.32 -35.68
C GLY P 513 -32.75 -24.92 -35.83
N ILE P 514 -32.16 -24.34 -34.77
CA ILE P 514 -31.65 -22.97 -34.89
C ILE P 514 -30.20 -22.86 -34.51
N GLU P 515 -29.60 -21.75 -34.87
CA GLU P 515 -28.19 -21.51 -34.64
C GLU P 515 -27.83 -21.36 -33.19
N LEU P 516 -26.73 -21.97 -32.78
CA LEU P 516 -26.24 -21.76 -31.44
C LEU P 516 -25.12 -20.77 -31.50
N LEU P 517 -25.26 -19.68 -30.79
CA LEU P 517 -24.23 -18.66 -30.76
C LEU P 517 -23.54 -18.92 -29.46
N ARG P 518 -22.25 -19.24 -29.52
CA ARG P 518 -21.48 -19.52 -28.31
C ARG P 518 -20.49 -18.41 -27.98
N PHE P 519 -20.42 -18.07 -26.69
CA PHE P 519 -19.51 -17.04 -26.19
C PHE P 519 -18.90 -17.53 -24.89
N ASP P 520 -17.62 -17.91 -24.94
CA ASP P 520 -16.95 -18.42 -23.79
C ASP P 520 -16.65 -17.33 -22.82
N MET P 521 -17.32 -17.28 -21.71
CA MET P 521 -17.13 -16.15 -20.86
C MET P 521 -15.78 -16.08 -20.23
N SER P 522 -15.03 -17.16 -20.22
CA SER P 522 -13.73 -17.09 -19.61
C SER P 522 -12.77 -16.29 -20.43
N GLU P 523 -13.13 -15.99 -21.67
CA GLU P 523 -12.26 -15.23 -22.52
C GLU P 523 -12.46 -13.75 -22.31
N TYR P 524 -13.47 -13.40 -21.52
CA TYR P 524 -13.78 -12.01 -21.21
C TYR P 524 -13.54 -11.97 -19.72
N MET P 525 -12.27 -12.07 -19.36
CA MET P 525 -11.89 -12.14 -17.97
C MET P 525 -11.54 -10.80 -17.39
N GLU P 526 -11.50 -9.78 -18.21
CA GLU P 526 -11.15 -8.44 -17.77
C GLU P 526 -12.08 -7.39 -18.24
N ARG P 527 -12.11 -6.30 -17.53
CA ARG P 527 -13.06 -5.25 -17.84
C ARG P 527 -13.02 -4.76 -19.27
N HIS P 528 -11.84 -4.61 -19.82
CA HIS P 528 -11.72 -4.04 -21.12
C HIS P 528 -12.02 -4.97 -22.24
N THR P 529 -12.28 -6.22 -21.92
CA THR P 529 -12.52 -7.23 -22.92
C THR P 529 -13.85 -7.03 -23.55
N VAL P 530 -14.63 -6.13 -22.99
CA VAL P 530 -15.92 -5.81 -23.54
C VAL P 530 -15.79 -5.33 -24.94
N SER P 531 -14.73 -4.64 -25.30
CA SER P 531 -14.68 -4.17 -26.66
C SER P 531 -14.69 -5.34 -27.66
N ARG P 532 -14.41 -6.56 -27.24
CA ARG P 532 -14.49 -7.64 -28.19
C ARG P 532 -15.92 -7.90 -28.56
N LEU P 533 -16.85 -7.62 -27.66
CA LEU P 533 -18.23 -7.93 -27.90
C LEU P 533 -18.91 -6.88 -28.73
N ILE P 534 -18.56 -5.62 -28.50
CA ILE P 534 -19.21 -4.51 -29.20
C ILE P 534 -18.35 -3.63 -30.12
N GLY P 535 -17.03 -3.77 -30.10
CA GLY P 535 -16.13 -3.04 -30.96
C GLY P 535 -15.39 -1.90 -30.28
N ALA P 536 -14.26 -1.51 -30.87
CA ALA P 536 -13.46 -0.43 -30.33
C ALA P 536 -14.14 0.90 -30.63
N PRO P 537 -14.01 1.94 -29.81
CA PRO P 537 -14.52 3.23 -30.11
C PRO P 537 -13.84 3.76 -31.35
N PRO P 538 -14.52 4.68 -32.03
CA PRO P 538 -14.01 5.31 -33.25
C PRO P 538 -12.66 5.96 -33.00
N GLY P 539 -11.70 5.68 -33.88
CA GLY P 539 -10.38 6.22 -33.77
C GLY P 539 -9.37 5.23 -33.26
N TYR P 540 -9.82 4.13 -32.65
CA TYR P 540 -8.90 3.14 -32.10
C TYR P 540 -8.63 1.95 -33.01
N VAL P 541 -7.48 1.32 -32.80
CA VAL P 541 -7.09 0.16 -33.58
C VAL P 541 -8.11 -0.92 -33.44
N GLY P 542 -8.52 -1.48 -34.54
CA GLY P 542 -9.52 -2.50 -34.46
C GLY P 542 -10.92 -1.92 -34.58
N PHE P 543 -11.04 -0.62 -34.79
CA PHE P 543 -12.34 0.00 -34.93
C PHE P 543 -13.21 -0.67 -35.95
N ASP P 544 -12.68 -1.01 -37.08
CA ASP P 544 -13.50 -1.58 -38.11
C ASP P 544 -13.50 -3.09 -38.09
N GLN P 545 -13.07 -3.68 -36.99
CA GLN P 545 -13.05 -5.11 -36.87
C GLN P 545 -14.43 -5.67 -36.61
N GLY P 546 -15.33 -4.89 -36.01
CA GLY P 546 -16.63 -5.43 -35.71
C GLY P 546 -16.86 -5.45 -34.23
N GLY P 547 -17.64 -6.43 -33.80
CA GLY P 547 -18.06 -6.62 -32.42
C GLY P 547 -18.69 -7.98 -32.43
N LEU P 548 -18.10 -8.90 -31.70
CA LEU P 548 -18.47 -10.28 -31.89
C LEU P 548 -19.89 -10.59 -31.55
N LEU P 549 -20.41 -9.96 -30.52
CA LEU P 549 -21.73 -10.28 -30.08
C LEU P 549 -22.72 -9.63 -30.94
N THR P 550 -22.48 -8.39 -31.28
CA THR P 550 -23.46 -7.76 -32.10
C THR P 550 -23.50 -8.37 -33.48
N ASP P 551 -22.37 -8.78 -34.05
CA ASP P 551 -22.49 -9.43 -35.34
C ASP P 551 -23.13 -10.79 -35.26
N ALA P 552 -22.86 -11.55 -34.21
CA ALA P 552 -23.47 -12.85 -34.13
C ALA P 552 -24.98 -12.75 -34.11
N VAL P 553 -25.48 -11.79 -33.36
CA VAL P 553 -26.90 -11.62 -33.24
C VAL P 553 -27.50 -11.04 -34.47
N ILE P 554 -26.84 -10.08 -35.09
CA ILE P 554 -27.37 -9.52 -36.31
C ILE P 554 -27.44 -10.57 -37.42
N LYS P 555 -26.41 -11.41 -37.59
CA LYS P 555 -26.49 -12.43 -38.61
C LYS P 555 -27.54 -13.49 -38.34
N HIS P 556 -27.77 -13.80 -37.07
CA HIS P 556 -28.72 -14.84 -36.71
C HIS P 556 -29.78 -14.38 -35.74
N PRO P 557 -30.76 -13.59 -36.17
CA PRO P 557 -31.79 -13.03 -35.34
C PRO P 557 -32.48 -14.07 -34.49
N HIS P 558 -32.64 -15.29 -35.00
CA HIS P 558 -33.31 -16.34 -34.28
C HIS P 558 -32.24 -17.33 -33.91
N ALA P 559 -31.97 -17.41 -32.62
CA ALA P 559 -30.85 -18.21 -32.17
C ALA P 559 -30.89 -18.51 -30.69
N VAL P 560 -30.08 -19.45 -30.28
CA VAL P 560 -29.88 -19.68 -28.85
C VAL P 560 -28.55 -19.10 -28.54
N LEU P 561 -28.51 -18.20 -27.59
CA LEU P 561 -27.28 -17.57 -27.20
C LEU P 561 -26.81 -18.14 -25.90
N LEU P 562 -25.68 -18.78 -25.94
CA LEU P 562 -25.15 -19.43 -24.77
C LEU P 562 -23.91 -18.77 -24.28
N LEU P 563 -23.94 -18.33 -23.04
CA LEU P 563 -22.76 -17.72 -22.50
C LEU P 563 -22.22 -18.69 -21.48
N ASP P 564 -21.18 -19.43 -21.86
CA ASP P 564 -20.58 -20.43 -20.98
C ASP P 564 -19.83 -19.85 -19.79
N GLU P 565 -20.01 -20.48 -18.62
CA GLU P 565 -19.37 -20.07 -17.39
C GLU P 565 -19.40 -18.54 -17.24
N ILE P 566 -20.60 -17.99 -17.11
CA ILE P 566 -20.75 -16.55 -16.98
C ILE P 566 -20.02 -15.96 -15.82
N GLU P 567 -19.87 -16.72 -14.73
CA GLU P 567 -19.15 -16.24 -13.56
C GLU P 567 -17.65 -16.08 -13.79
N LYS P 568 -17.16 -16.45 -14.97
CA LYS P 568 -15.76 -16.31 -15.25
C LYS P 568 -15.48 -15.06 -16.05
N ALA P 569 -16.51 -14.35 -16.49
CA ALA P 569 -16.29 -13.09 -17.18
C ALA P 569 -16.01 -12.09 -16.11
N HIS P 570 -15.31 -11.05 -16.42
CA HIS P 570 -15.15 -10.03 -15.41
C HIS P 570 -16.54 -9.54 -15.08
N PRO P 571 -16.92 -9.29 -13.83
CA PRO P 571 -18.22 -8.82 -13.44
C PRO P 571 -18.72 -7.61 -14.18
N ASP P 572 -17.86 -6.76 -14.66
CA ASP P 572 -18.38 -5.60 -15.34
C ASP P 572 -18.92 -5.97 -16.70
N VAL P 573 -18.59 -7.13 -17.19
CA VAL P 573 -19.02 -7.52 -18.50
C VAL P 573 -20.51 -7.79 -18.44
N PHE P 574 -21.03 -8.05 -17.25
CA PHE P 574 -22.42 -8.39 -17.08
C PHE P 574 -23.27 -7.19 -17.36
N ASN P 575 -22.69 -6.02 -17.26
CA ASN P 575 -23.43 -4.81 -17.42
C ASN P 575 -23.95 -4.70 -18.82
N ILE P 576 -23.33 -5.37 -19.77
CA ILE P 576 -23.77 -5.35 -21.15
C ILE P 576 -25.10 -6.05 -21.26
N LEU P 577 -25.27 -7.09 -20.48
CA LEU P 577 -26.46 -7.85 -20.57
C LEU P 577 -27.59 -7.14 -19.93
N LEU P 578 -27.35 -6.18 -19.06
CA LEU P 578 -28.51 -5.56 -18.47
C LEU P 578 -29.40 -4.95 -19.54
N GLN P 579 -28.83 -4.28 -20.54
CA GLN P 579 -29.74 -3.76 -21.54
C GLN P 579 -30.16 -4.83 -22.51
N VAL P 580 -29.41 -5.89 -22.64
CA VAL P 580 -29.90 -6.88 -23.56
C VAL P 580 -31.10 -7.58 -22.99
N MET P 581 -30.98 -8.01 -21.76
CA MET P 581 -32.04 -8.76 -21.14
C MET P 581 -33.29 -7.95 -21.03
N ASP P 582 -33.16 -6.69 -20.67
CA ASP P 582 -34.32 -5.86 -20.47
C ASP P 582 -34.83 -5.09 -21.67
N ASN P 583 -33.98 -4.69 -22.59
CA ASN P 583 -34.50 -3.93 -23.71
C ASN P 583 -34.51 -4.71 -24.99
N GLY P 584 -33.81 -5.83 -25.06
CA GLY P 584 -33.75 -6.58 -26.28
C GLY P 584 -32.71 -6.04 -27.23
N THR P 585 -31.93 -5.05 -26.82
CA THR P 585 -30.96 -4.51 -27.75
C THR P 585 -29.60 -4.29 -27.18
N LEU P 586 -28.62 -4.30 -28.07
CA LEU P 586 -27.25 -3.90 -27.82
C LEU P 586 -26.73 -3.07 -28.99
N THR P 587 -26.09 -1.94 -28.73
CA THR P 587 -25.64 -1.12 -29.87
C THR P 587 -24.15 -1.30 -30.12
N ASP P 588 -23.74 -1.50 -31.36
CA ASP P 588 -22.30 -1.68 -31.58
C ASP P 588 -21.59 -0.35 -31.75
N ASN P 589 -20.29 -0.41 -32.03
CA ASN P 589 -19.52 0.82 -32.15
C ASN P 589 -19.78 1.59 -33.43
N ASN P 590 -20.70 1.14 -34.26
CA ASN P 590 -21.10 1.90 -35.40
C ASN P 590 -22.51 2.40 -35.28
N GLY P 591 -23.12 2.20 -34.13
CA GLY P 591 -24.47 2.63 -33.95
C GLY P 591 -25.51 1.64 -34.49
N ARG P 592 -25.11 0.42 -34.81
CA ARG P 592 -26.06 -0.56 -35.34
C ARG P 592 -26.66 -1.32 -34.18
N LYS P 593 -27.94 -1.69 -34.26
CA LYS P 593 -28.46 -2.40 -33.12
C LYS P 593 -28.70 -3.87 -33.34
N ALA P 594 -28.25 -4.65 -32.38
CA ALA P 594 -28.46 -6.06 -32.35
C ALA P 594 -29.74 -6.28 -31.63
N ASP P 595 -30.69 -6.92 -32.32
CA ASP P 595 -32.03 -7.21 -31.85
C ASP P 595 -32.11 -8.62 -31.31
N PHE P 596 -32.30 -8.76 -30.03
CA PHE P 596 -32.26 -10.05 -29.35
C PHE P 596 -33.63 -10.60 -29.07
N ARG P 597 -34.65 -9.98 -29.63
CA ARG P 597 -36.03 -10.41 -29.42
C ARG P 597 -36.33 -11.87 -29.79
N ASN P 598 -35.54 -12.45 -30.68
CA ASN P 598 -35.74 -13.82 -31.11
C ASN P 598 -34.62 -14.71 -30.60
N VAL P 599 -33.89 -14.22 -29.63
CA VAL P 599 -32.81 -14.97 -29.04
C VAL P 599 -33.16 -15.54 -27.70
N VAL P 600 -32.79 -16.79 -27.47
CA VAL P 600 -33.00 -17.40 -26.17
C VAL P 600 -31.68 -17.25 -25.44
N LEU P 601 -31.65 -16.59 -24.32
CA LEU P 601 -30.38 -16.40 -23.63
C LEU P 601 -30.19 -17.31 -22.46
N VAL P 602 -29.15 -18.11 -22.49
CA VAL P 602 -28.87 -18.95 -21.36
C VAL P 602 -27.47 -18.73 -20.92
N MET P 603 -27.30 -18.50 -19.65
CA MET P 603 -26.01 -18.31 -19.08
C MET P 603 -25.80 -19.43 -18.14
N THR P 604 -24.60 -19.99 -18.10
CA THR P 604 -24.43 -21.10 -17.16
C THR P 604 -23.42 -20.78 -16.10
N THR P 605 -23.52 -21.42 -14.95
CA THR P 605 -22.61 -21.17 -13.84
C THR P 605 -22.47 -22.25 -12.80
N ASN P 606 -21.38 -22.29 -12.09
CA ASN P 606 -21.37 -23.15 -10.91
C ASN P 606 -20.98 -22.34 -9.71
N ALA P 607 -21.31 -21.06 -9.74
CA ALA P 607 -20.87 -20.17 -8.69
C ALA P 607 -21.28 -20.58 -7.29
N GLY P 608 -22.46 -21.13 -7.12
CA GLY P 608 -22.90 -21.44 -5.76
C GLY P 608 -22.55 -22.84 -5.29
N VAL P 609 -21.82 -23.57 -6.09
CA VAL P 609 -21.53 -24.94 -5.75
C VAL P 609 -20.54 -25.15 -4.65
N ARG P 610 -19.45 -24.42 -4.64
CA ARG P 610 -18.42 -24.68 -3.65
C ARG P 610 -18.96 -24.47 -2.25
N GLU P 611 -19.84 -23.52 -2.10
CA GLU P 611 -20.38 -23.18 -0.81
C GLU P 611 -21.19 -24.28 -0.16
N THR P 612 -21.78 -25.19 -0.92
CA THR P 612 -22.61 -26.20 -0.29
C THR P 612 -21.84 -27.49 -0.12
N GLU P 613 -20.56 -27.49 -0.50
CA GLU P 613 -19.70 -28.65 -0.35
C GLU P 613 -18.94 -28.53 0.96
N ARG P 614 -19.10 -27.38 1.58
CA ARG P 614 -18.42 -26.99 2.78
C ARG P 614 -18.87 -27.80 3.98
N LYS P 615 -17.92 -28.30 4.75
CA LYS P 615 -18.22 -29.02 5.97
C LYS P 615 -18.28 -28.04 7.11
N SER P 616 -19.22 -28.21 8.03
CA SER P 616 -19.31 -27.32 9.18
C SER P 616 -18.47 -27.81 10.33
N ILE P 617 -18.17 -26.93 11.27
CA ILE P 617 -17.37 -27.33 12.41
C ILE P 617 -18.16 -27.15 13.67
N GLY P 618 -18.29 -28.16 14.48
CA GLY P 618 -19.00 -27.98 15.72
C GLY P 618 -19.60 -29.27 16.17
N LEU P 619 -20.21 -29.27 17.34
CA LEU P 619 -20.83 -30.45 17.88
C LEU P 619 -22.17 -30.71 17.21
N ILE P 620 -22.84 -29.66 16.81
CA ILE P 620 -24.13 -29.77 16.17
C ILE P 620 -24.01 -29.30 14.77
N HIS P 621 -24.40 -30.11 13.80
CA HIS P 621 -24.30 -29.66 12.43
C HIS P 621 -25.46 -28.82 12.00
N GLN P 622 -25.18 -27.89 11.13
CA GLN P 622 -26.20 -27.10 10.50
C GLN P 622 -26.23 -27.50 9.08
N ASP P 623 -27.35 -27.33 8.44
CA ASP P 623 -27.43 -27.60 7.04
C ASP P 623 -26.97 -26.43 6.23
N ASN P 624 -26.36 -26.73 5.12
CA ASN P 624 -26.04 -25.71 4.16
C ASN P 624 -27.03 -26.02 3.08
N SER P 625 -27.10 -25.19 2.04
CA SER P 625 -28.02 -25.40 0.89
C SER P 625 -28.48 -24.09 0.37
N THR P 626 -28.89 -23.24 1.30
CA THR P 626 -29.37 -21.90 0.99
C THR P 626 -28.22 -21.02 0.55
N ASP P 627 -27.04 -21.53 0.72
CA ASP P 627 -25.80 -20.89 0.43
C ASP P 627 -25.62 -20.90 -1.07
N ALA P 628 -26.21 -21.87 -1.77
CA ALA P 628 -26.04 -21.83 -3.20
C ALA P 628 -26.65 -20.55 -3.73
N MET P 629 -27.77 -20.15 -3.15
CA MET P 629 -28.43 -18.97 -3.63
C MET P 629 -27.80 -17.76 -3.06
N GLU P 630 -27.26 -17.84 -1.86
CA GLU P 630 -26.66 -16.64 -1.33
C GLU P 630 -25.46 -16.30 -2.16
N GLU P 631 -24.73 -17.31 -2.61
CA GLU P 631 -23.58 -16.97 -3.40
C GLU P 631 -24.01 -16.41 -4.72
N ILE P 632 -25.03 -16.95 -5.35
CA ILE P 632 -25.43 -16.37 -6.62
C ILE P 632 -25.81 -14.93 -6.42
N LYS P 633 -26.53 -14.64 -5.35
CA LYS P 633 -26.93 -13.29 -5.09
C LYS P 633 -25.75 -12.34 -4.91
N LYS P 634 -24.58 -12.83 -4.52
CA LYS P 634 -23.41 -11.99 -4.38
C LYS P 634 -22.60 -11.87 -5.65
N ILE P 635 -22.97 -12.58 -6.70
CA ILE P 635 -22.25 -12.53 -7.96
C ILE P 635 -22.98 -11.60 -8.89
N PHE P 636 -24.28 -11.77 -8.95
CA PHE P 636 -25.06 -10.98 -9.86
C PHE P 636 -25.79 -9.95 -9.03
N THR P 637 -25.80 -8.72 -9.48
CA THR P 637 -26.45 -7.69 -8.70
C THR P 637 -27.95 -7.78 -8.81
N PRO P 638 -28.73 -7.18 -7.89
CA PRO P 638 -30.17 -7.16 -7.93
C PRO P 638 -30.76 -6.74 -9.23
N GLU P 639 -30.13 -5.78 -9.91
CA GLU P 639 -30.67 -5.32 -11.18
C GLU P 639 -30.37 -6.29 -12.28
N PHE P 640 -29.47 -7.22 -12.05
CA PHE P 640 -29.13 -8.18 -13.05
C PHE P 640 -30.10 -9.29 -12.88
N ARG P 641 -30.16 -9.77 -11.64
CA ARG P 641 -31.01 -10.91 -11.28
C ARG P 641 -32.48 -10.72 -11.60
N ASN P 642 -32.97 -9.49 -11.40
CA ASN P 642 -34.37 -9.18 -11.67
C ASN P 642 -34.71 -9.01 -13.15
N ARG P 643 -33.72 -9.28 -14.01
CA ARG P 643 -33.91 -9.16 -15.45
C ARG P 643 -33.92 -10.55 -16.05
N LEU P 644 -33.84 -11.55 -15.18
CA LEU P 644 -33.83 -12.96 -15.57
C LEU P 644 -35.21 -13.52 -15.48
N ASP P 645 -35.51 -14.52 -16.30
CA ASP P 645 -36.77 -15.18 -16.14
C ASP P 645 -36.63 -16.15 -15.03
N ASN P 646 -35.49 -16.82 -14.97
CA ASN P 646 -35.29 -17.61 -13.79
C ASN P 646 -33.85 -17.96 -13.51
N ILE P 647 -33.67 -18.63 -12.39
CA ILE P 647 -32.43 -19.25 -11.98
C ILE P 647 -32.78 -20.68 -11.76
N ILE P 648 -32.18 -21.55 -12.49
CA ILE P 648 -32.50 -22.93 -12.37
C ILE P 648 -31.38 -23.64 -11.67
N TRP P 649 -31.61 -24.13 -10.48
CA TRP P 649 -30.53 -24.82 -9.82
C TRP P 649 -30.58 -26.29 -10.23
N PHE P 650 -29.50 -26.77 -10.81
CA PHE P 650 -29.37 -28.14 -11.29
C PHE P 650 -28.90 -29.00 -10.15
N ASP P 651 -29.39 -30.22 -10.07
CA ASP P 651 -28.97 -31.07 -8.97
C ASP P 651 -27.81 -31.93 -9.32
N HIS P 652 -27.35 -32.70 -8.34
CA HIS P 652 -26.33 -33.67 -8.58
C HIS P 652 -27.04 -34.82 -9.20
N LEU P 653 -26.35 -35.63 -9.95
CA LEU P 653 -27.08 -36.72 -10.53
C LEU P 653 -27.10 -37.92 -9.63
N SER P 654 -28.23 -38.60 -9.66
CA SER P 654 -28.52 -39.83 -8.97
C SER P 654 -28.04 -41.03 -9.74
N THR P 655 -28.08 -42.19 -9.10
CA THR P 655 -27.66 -43.40 -9.75
C THR P 655 -28.63 -43.83 -10.82
N ASP P 656 -29.88 -43.42 -10.71
CA ASP P 656 -30.87 -43.77 -11.71
C ASP P 656 -30.50 -43.08 -13.00
N VAL P 657 -30.12 -41.81 -12.83
CA VAL P 657 -29.63 -41.06 -13.94
C VAL P 657 -28.41 -41.67 -14.52
N ILE P 658 -27.49 -42.14 -13.72
CA ILE P 658 -26.33 -42.71 -14.33
C ILE P 658 -26.72 -43.86 -15.21
N HIS P 659 -27.63 -44.69 -14.79
CA HIS P 659 -27.96 -45.78 -15.69
C HIS P 659 -28.43 -45.21 -17.02
N GLN P 660 -29.22 -44.15 -16.99
CA GLN P 660 -29.66 -43.54 -18.23
C GLN P 660 -28.48 -42.95 -19.01
N VAL P 661 -27.51 -42.39 -18.30
CA VAL P 661 -26.32 -41.81 -18.93
C VAL P 661 -25.50 -42.86 -19.62
N VAL P 662 -25.31 -43.99 -18.98
CA VAL P 662 -24.54 -45.03 -19.60
C VAL P 662 -25.26 -45.50 -20.83
N ASP P 663 -26.56 -45.67 -20.76
CA ASP P 663 -27.24 -46.10 -21.96
C ASP P 663 -27.01 -45.11 -23.10
N LYS P 664 -27.05 -43.80 -22.85
CA LYS P 664 -26.83 -42.94 -24.00
C LYS P 664 -25.36 -42.95 -24.43
N PHE P 665 -24.42 -43.14 -23.52
CA PHE P 665 -23.03 -43.15 -23.97
C PHE P 665 -22.73 -44.37 -24.79
N ILE P 666 -23.35 -45.49 -24.44
CA ILE P 666 -23.13 -46.68 -25.22
C ILE P 666 -23.71 -46.43 -26.59
N VAL P 667 -24.87 -45.81 -26.67
CA VAL P 667 -25.42 -45.53 -27.99
C VAL P 667 -24.48 -44.68 -28.80
N GLU P 668 -23.86 -43.66 -28.20
CA GLU P 668 -22.92 -42.84 -28.97
C GLU P 668 -21.79 -43.73 -29.49
N LEU P 669 -21.34 -44.67 -28.67
CA LEU P 669 -20.31 -45.59 -29.10
C LEU P 669 -20.81 -46.46 -30.22
N GLN P 670 -22.03 -46.94 -30.12
CA GLN P 670 -22.52 -47.79 -31.17
C GLN P 670 -22.49 -47.03 -32.46
N VAL P 671 -22.84 -45.75 -32.45
CA VAL P 671 -22.80 -44.99 -33.69
C VAL P 671 -21.37 -44.91 -34.22
N GLN P 672 -20.41 -44.68 -33.33
CA GLN P 672 -19.02 -44.60 -33.75
C GLN P 672 -18.52 -45.91 -34.30
N LEU P 673 -19.08 -47.02 -33.89
CA LEU P 673 -18.66 -48.28 -34.46
C LEU P 673 -19.43 -48.58 -35.73
N ASP P 674 -20.69 -48.17 -35.80
CA ASP P 674 -21.52 -48.45 -36.96
C ASP P 674 -20.92 -47.82 -38.19
N GLN P 675 -20.29 -46.66 -38.04
CA GLN P 675 -19.69 -45.96 -39.17
C GLN P 675 -18.53 -46.76 -39.75
N LYS P 676 -18.00 -47.72 -38.98
CA LYS P 676 -16.88 -48.55 -39.41
C LYS P 676 -17.39 -49.92 -39.86
N GLY P 677 -18.70 -50.09 -39.89
CA GLY P 677 -19.30 -51.33 -40.28
C GLY P 677 -19.29 -52.35 -39.16
N VAL P 678 -19.14 -51.92 -37.92
CA VAL P 678 -19.09 -52.88 -36.83
C VAL P 678 -20.16 -52.61 -35.83
N SER P 679 -20.99 -53.60 -35.58
CA SER P 679 -22.03 -53.37 -34.58
C SER P 679 -21.51 -53.80 -33.23
N LEU P 680 -22.10 -53.28 -32.16
CA LEU P 680 -21.71 -53.67 -30.80
C LEU P 680 -22.86 -54.03 -29.90
N GLU P 681 -22.77 -55.21 -29.32
CA GLU P 681 -23.72 -55.62 -28.32
C GLU P 681 -23.14 -55.64 -26.93
N VAL P 682 -23.75 -54.89 -26.06
CA VAL P 682 -23.32 -54.85 -24.67
C VAL P 682 -24.44 -55.47 -23.87
N SER P 683 -24.09 -56.40 -23.00
CA SER P 683 -25.09 -57.05 -22.18
C SER P 683 -25.58 -56.12 -21.09
N GLN P 684 -26.70 -56.47 -20.48
CA GLN P 684 -27.21 -55.63 -19.41
C GLN P 684 -26.31 -55.68 -18.19
N GLU P 685 -25.70 -56.81 -17.95
CA GLU P 685 -24.85 -56.93 -16.80
C GLU P 685 -23.64 -56.06 -16.96
N ALA P 686 -23.11 -56.00 -18.18
CA ALA P 686 -21.97 -55.17 -18.43
C ALA P 686 -22.34 -53.72 -18.16
N ARG P 687 -23.56 -53.34 -18.52
CA ARG P 687 -23.97 -51.98 -18.27
C ARG P 687 -24.17 -51.68 -16.83
N ASN P 688 -24.73 -52.60 -16.08
CA ASN P 688 -24.99 -52.31 -14.70
C ASN P 688 -23.69 -52.18 -13.95
N TRP P 689 -22.74 -53.02 -14.31
CA TRP P 689 -21.44 -53.01 -13.73
C TRP P 689 -20.72 -51.74 -14.01
N LEU P 690 -20.76 -51.36 -15.27
CA LEU P 690 -20.06 -50.22 -15.75
C LEU P 690 -20.64 -48.96 -15.16
N ALA P 691 -21.97 -48.89 -15.05
CA ALA P 691 -22.62 -47.75 -14.46
C ALA P 691 -22.26 -47.60 -13.00
N GLU P 692 -22.20 -48.71 -12.28
CA GLU P 692 -21.87 -48.64 -10.89
C GLU P 692 -20.44 -48.22 -10.72
N LYS P 693 -19.57 -48.74 -11.57
CA LYS P 693 -18.17 -48.45 -11.48
C LYS P 693 -17.85 -46.99 -11.68
N GLY P 694 -18.44 -46.38 -12.70
CA GLY P 694 -18.14 -44.98 -12.98
C GLY P 694 -18.83 -43.93 -12.14
N TYR P 695 -19.92 -44.25 -11.47
CA TYR P 695 -20.60 -43.19 -10.74
C TYR P 695 -19.81 -42.55 -9.62
N ASP P 696 -19.88 -41.22 -9.65
CA ASP P 696 -19.36 -40.36 -8.62
C ASP P 696 -20.26 -39.17 -8.56
N ARG P 697 -20.99 -39.03 -7.49
CA ARG P 697 -21.94 -37.95 -7.36
C ARG P 697 -21.27 -36.63 -7.58
N ALA P 698 -20.05 -36.49 -7.06
CA ALA P 698 -19.35 -35.22 -7.14
C ALA P 698 -19.10 -34.72 -8.53
N MET P 699 -18.95 -35.59 -9.53
CA MET P 699 -18.59 -35.08 -10.82
C MET P 699 -19.70 -35.25 -11.83
N GLY P 700 -20.89 -35.55 -11.35
CA GLY P 700 -22.00 -35.68 -12.25
C GLY P 700 -21.77 -36.82 -13.22
N ALA P 701 -22.25 -36.63 -14.44
CA ALA P 701 -22.20 -37.62 -15.50
C ALA P 701 -20.96 -37.58 -16.30
N ARG P 702 -20.13 -36.55 -16.11
CA ARG P 702 -18.92 -36.40 -16.92
C ARG P 702 -17.97 -37.61 -17.00
N PRO P 703 -17.76 -38.26 -15.85
CA PRO P 703 -16.88 -39.38 -15.69
C PRO P 703 -17.36 -40.66 -16.30
N MET P 704 -18.62 -40.74 -16.63
CA MET P 704 -19.09 -41.97 -17.17
C MET P 704 -18.47 -42.13 -18.53
N ALA P 705 -18.05 -41.04 -19.14
CA ALA P 705 -17.44 -41.13 -20.42
C ALA P 705 -16.10 -41.80 -20.31
N ARG P 706 -15.50 -41.70 -19.12
CA ARG P 706 -14.20 -42.25 -18.84
C ARG P 706 -14.26 -43.76 -18.74
N VAL P 707 -15.34 -44.27 -18.14
CA VAL P 707 -15.42 -45.71 -18.03
C VAL P 707 -15.74 -46.25 -19.40
N ILE P 708 -16.49 -45.53 -20.20
CA ILE P 708 -16.73 -46.03 -21.53
C ILE P 708 -15.39 -46.04 -22.27
N GLN P 709 -14.56 -45.01 -22.15
CA GLN P 709 -13.30 -45.08 -22.88
C GLN P 709 -12.44 -46.27 -22.47
N ASP P 710 -12.37 -46.56 -21.18
CA ASP P 710 -11.49 -47.64 -20.76
C ASP P 710 -12.06 -49.03 -20.86
N ASN P 711 -13.35 -49.18 -20.66
CA ASN P 711 -13.90 -50.51 -20.67
C ASN P 711 -14.42 -50.91 -22.02
N LEU P 712 -14.84 -49.97 -22.86
CA LEU P 712 -15.33 -50.41 -24.12
C LEU P 712 -14.46 -49.94 -25.25
N LYS P 713 -14.13 -48.66 -25.26
CA LYS P 713 -13.45 -48.14 -26.44
C LYS P 713 -12.02 -48.56 -26.64
N LYS P 714 -11.20 -48.58 -25.61
CA LYS P 714 -9.83 -48.97 -25.85
C LYS P 714 -9.73 -50.41 -26.38
N PRO P 715 -10.36 -51.43 -25.76
CA PRO P 715 -10.37 -52.76 -26.28
C PRO P 715 -10.75 -52.77 -27.75
N LEU P 716 -11.81 -52.02 -28.09
CA LEU P 716 -12.26 -51.98 -29.46
C LEU P 716 -11.27 -51.32 -30.35
N ALA P 717 -10.59 -50.30 -29.88
CA ALA P 717 -9.65 -49.62 -30.73
C ALA P 717 -8.63 -50.56 -31.26
N ASN P 718 -8.16 -51.49 -30.43
CA ASN P 718 -7.13 -52.34 -30.93
C ASN P 718 -7.67 -53.36 -31.90
N GLU P 719 -8.84 -53.91 -31.59
CA GLU P 719 -9.47 -54.88 -32.49
C GLU P 719 -9.82 -54.29 -33.85
N LEU P 720 -10.22 -53.02 -33.87
CA LEU P 720 -10.58 -52.33 -35.09
C LEU P 720 -9.39 -51.80 -35.83
N LEU P 721 -8.47 -51.20 -35.12
CA LEU P 721 -7.36 -50.55 -35.73
C LEU P 721 -6.45 -51.49 -36.44
N PHE P 722 -6.24 -52.67 -35.88
CA PHE P 722 -5.31 -53.57 -36.53
C PHE P 722 -6.00 -54.66 -37.33
N GLY P 723 -7.31 -54.47 -37.57
CA GLY P 723 -8.09 -55.34 -38.42
C GLY P 723 -8.58 -56.71 -37.91
N SER P 724 -8.64 -56.95 -36.59
CA SER P 724 -9.13 -58.27 -36.21
C SER P 724 -10.64 -58.21 -36.26
N LEU P 725 -11.15 -57.01 -36.06
CA LEU P 725 -12.55 -56.70 -36.12
C LEU P 725 -12.71 -55.68 -37.22
N VAL P 726 -13.41 -56.05 -38.28
CA VAL P 726 -13.53 -55.18 -39.43
C VAL P 726 -14.95 -55.04 -39.88
N ASP P 727 -15.14 -54.14 -40.83
CA ASP P 727 -16.42 -53.86 -41.44
C ASP P 727 -17.08 -55.16 -41.86
N GLY P 728 -18.28 -55.40 -41.35
CA GLY P 728 -19.06 -56.60 -41.59
C GLY P 728 -19.08 -57.46 -40.32
N GLY P 729 -18.22 -57.10 -39.37
CA GLY P 729 -18.10 -57.78 -38.10
C GLY P 729 -19.04 -57.27 -37.02
N GLN P 730 -19.04 -58.02 -35.92
CA GLN P 730 -19.85 -57.75 -34.76
C GLN P 730 -18.96 -57.95 -33.58
N VAL P 731 -19.15 -57.17 -32.57
CA VAL P 731 -18.42 -57.35 -31.34
C VAL P 731 -19.37 -57.38 -30.18
N THR P 732 -19.05 -58.19 -29.21
CA THR P 732 -19.88 -58.35 -28.06
C THR P 732 -19.11 -58.20 -26.77
N VAL P 733 -19.76 -57.55 -25.80
CA VAL P 733 -19.21 -57.36 -24.48
C VAL P 733 -20.17 -57.83 -23.40
N ALA P 734 -19.64 -58.55 -22.44
CA ALA P 734 -20.51 -59.02 -21.37
C ALA P 734 -19.80 -59.11 -20.06
N LEU P 735 -20.54 -59.08 -18.97
CA LEU P 735 -19.89 -59.20 -17.70
C LEU P 735 -19.75 -60.64 -17.31
N ASP P 736 -18.56 -60.97 -16.87
CA ASP P 736 -18.29 -62.25 -16.27
C ASP P 736 -18.51 -62.04 -14.79
N LYS P 737 -19.62 -62.54 -14.30
CA LYS P 737 -20.05 -62.29 -12.93
C LYS P 737 -19.07 -62.81 -11.89
N GLU P 738 -18.42 -63.93 -12.20
CA GLU P 738 -17.49 -64.52 -11.26
C GLU P 738 -16.22 -63.71 -11.20
N LYS P 739 -15.75 -63.26 -12.37
CA LYS P 739 -14.54 -62.47 -12.42
C LYS P 739 -14.79 -61.01 -12.07
N ASN P 740 -16.04 -60.54 -12.26
CA ASN P 740 -16.41 -59.16 -12.08
C ASN P 740 -15.51 -58.35 -12.99
N GLU P 741 -15.48 -58.84 -14.22
CA GLU P 741 -14.68 -58.32 -15.32
C GLU P 741 -15.47 -58.45 -16.60
N LEU P 742 -15.15 -57.67 -17.59
CA LEU P 742 -15.86 -57.79 -18.84
C LEU P 742 -15.17 -58.73 -19.79
N THR P 743 -15.94 -59.36 -20.64
CA THR P 743 -15.44 -60.24 -21.64
C THR P 743 -15.65 -59.57 -22.95
N TYR P 744 -14.84 -59.94 -23.94
CA TYR P 744 -14.97 -59.36 -25.26
C TYR P 744 -14.89 -60.46 -26.30
N GLY P 745 -15.63 -60.33 -27.38
CA GLY P 745 -15.47 -61.30 -28.47
C GLY P 745 -16.05 -60.82 -29.77
N PHE P 746 -15.80 -61.59 -30.83
CA PHE P 746 -16.18 -61.20 -32.19
C PHE P 746 -15.76 -62.27 -33.18
N MET Q 169 -14.16 40.54 -72.94
CA MET Q 169 -14.83 41.02 -71.73
C MET Q 169 -16.32 41.15 -71.91
N GLU Q 170 -16.73 41.40 -73.13
CA GLU Q 170 -18.11 41.74 -73.42
C GLU Q 170 -19.11 40.73 -72.92
N ASN Q 171 -18.77 39.45 -73.00
CA ASN Q 171 -19.64 38.41 -72.51
C ASN Q 171 -19.00 37.58 -71.42
N PHE Q 172 -18.02 38.14 -70.73
CA PHE Q 172 -17.38 37.40 -69.65
C PHE Q 172 -17.57 38.06 -68.32
N THR Q 173 -17.80 39.36 -68.32
CA THR Q 173 -17.96 40.05 -67.08
C THR Q 173 -19.27 40.79 -67.04
N THR Q 174 -19.68 41.16 -65.85
CA THR Q 174 -20.86 41.96 -65.65
C THR Q 174 -20.49 43.35 -65.24
N ASN Q 175 -21.04 44.33 -65.91
CA ASN Q 175 -20.77 45.68 -65.51
C ASN Q 175 -21.65 45.95 -64.33
N LEU Q 176 -21.05 46.10 -63.18
CA LEU Q 176 -21.83 46.23 -61.98
C LEU Q 176 -22.36 47.62 -61.82
N ASN Q 177 -21.77 48.61 -62.48
CA ASN Q 177 -22.37 49.91 -62.31
C ASN Q 177 -23.61 49.89 -63.13
N GLN Q 178 -23.54 49.19 -64.25
CA GLN Q 178 -24.69 49.17 -65.09
C GLN Q 178 -25.80 48.43 -64.41
N LEU Q 179 -25.46 47.35 -63.72
CA LEU Q 179 -26.47 46.61 -63.04
C LEU Q 179 -27.02 47.36 -61.85
N ALA Q 180 -26.11 47.91 -61.03
CA ALA Q 180 -26.48 48.62 -59.83
C ALA Q 180 -27.30 49.83 -60.13
N ARG Q 181 -27.00 50.48 -61.25
CA ARG Q 181 -27.72 51.65 -61.64
C ARG Q 181 -29.10 51.35 -62.14
N VAL Q 182 -29.24 50.32 -62.99
CA VAL Q 182 -30.52 50.06 -63.60
C VAL Q 182 -31.43 49.09 -62.87
N GLY Q 183 -30.95 47.92 -62.51
CA GLY Q 183 -31.82 46.96 -61.85
C GLY Q 183 -31.72 47.12 -60.35
N GLY Q 184 -30.51 47.38 -59.91
CA GLY Q 184 -30.21 47.51 -58.52
C GLY Q 184 -29.63 46.19 -58.05
N ILE Q 185 -28.78 46.30 -57.05
CA ILE Q 185 -28.14 45.14 -56.46
C ILE Q 185 -28.40 45.13 -54.99
N ASP Q 186 -29.43 45.86 -54.60
CA ASP Q 186 -29.85 46.07 -53.23
C ASP Q 186 -28.83 46.98 -52.56
N PRO Q 187 -29.25 47.91 -51.73
CA PRO Q 187 -28.39 48.89 -51.10
C PRO Q 187 -27.47 48.27 -50.10
N LEU Q 188 -26.31 48.86 -49.93
CA LEU Q 188 -25.40 48.44 -48.89
C LEU Q 188 -25.63 49.34 -47.71
N ILE Q 189 -25.89 48.77 -46.56
CA ILE Q 189 -26.13 49.57 -45.39
C ILE Q 189 -24.94 49.59 -44.47
N GLY Q 190 -24.52 50.77 -44.07
CA GLY Q 190 -23.38 50.89 -43.19
C GLY Q 190 -22.09 50.40 -43.81
N ARG Q 191 -21.34 49.59 -43.07
CA ARG Q 191 -20.07 49.05 -43.56
C ARG Q 191 -19.14 50.19 -43.98
N GLU Q 192 -19.06 51.22 -43.14
CA GLU Q 192 -18.22 52.35 -43.42
C GLU Q 192 -16.76 52.05 -43.34
N LYS Q 193 -16.37 51.22 -42.38
CA LYS Q 193 -14.96 50.97 -42.18
C LYS Q 193 -14.45 49.99 -43.19
N GLU Q 194 -15.33 49.07 -43.59
CA GLU Q 194 -15.00 48.06 -44.58
C GLU Q 194 -14.69 48.76 -45.90
N LEU Q 195 -15.53 49.73 -46.27
CA LEU Q 195 -15.31 50.45 -47.50
C LEU Q 195 -14.13 51.37 -47.36
N GLU Q 196 -13.96 51.99 -46.20
CA GLU Q 196 -12.84 52.88 -46.08
C GLU Q 196 -11.57 52.13 -46.40
N ARG Q 197 -11.41 50.90 -45.89
CA ARG Q 197 -10.21 50.23 -46.27
C ARG Q 197 -10.23 49.82 -47.71
N ALA Q 198 -11.35 49.34 -48.24
CA ALA Q 198 -11.29 48.89 -49.61
C ALA Q 198 -10.84 50.00 -50.53
N ILE Q 199 -11.29 51.20 -50.26
CA ILE Q 199 -10.91 52.31 -51.09
C ILE Q 199 -9.46 52.65 -50.85
N GLN Q 200 -9.02 52.69 -49.60
CA GLN Q 200 -7.63 53.00 -49.35
C GLN Q 200 -6.72 51.99 -50.03
N VAL Q 201 -7.13 50.74 -50.09
CA VAL Q 201 -6.32 49.74 -50.76
C VAL Q 201 -6.33 49.99 -52.26
N LEU Q 202 -7.49 50.26 -52.84
CA LEU Q 202 -7.60 50.53 -54.26
C LEU Q 202 -6.83 51.79 -54.66
N CYS Q 203 -6.64 52.69 -53.72
CA CYS Q 203 -5.89 53.90 -53.96
C CYS Q 203 -4.38 53.75 -53.78
N ARG Q 204 -3.90 52.56 -53.44
CA ARG Q 204 -2.47 52.34 -53.24
C ARG Q 204 -1.69 52.34 -54.56
N ARG Q 205 -0.39 52.65 -54.50
CA ARG Q 205 0.43 52.68 -55.68
C ARG Q 205 0.60 51.29 -56.26
N ARG Q 206 0.83 50.28 -55.42
CA ARG Q 206 1.02 48.93 -55.96
C ARG Q 206 0.26 47.89 -55.17
N LYS Q 207 -0.19 46.84 -55.86
CA LYS Q 207 -0.93 45.76 -55.23
C LYS Q 207 -2.17 46.34 -54.60
N ASN Q 208 -2.80 47.23 -55.32
CA ASN Q 208 -3.99 47.92 -54.88
C ASN Q 208 -5.21 47.12 -55.20
N ASN Q 209 -5.24 45.96 -54.56
CA ASN Q 209 -6.23 44.94 -54.77
C ASN Q 209 -6.74 44.44 -53.43
N PRO Q 210 -7.88 44.86 -52.90
CA PRO Q 210 -8.36 44.38 -51.63
C PRO Q 210 -8.92 42.99 -51.80
N LEU Q 211 -8.85 42.18 -50.77
CA LEU Q 211 -9.54 40.89 -50.76
C LEU Q 211 -10.44 40.83 -49.57
N LEU Q 212 -11.72 40.60 -49.80
CA LEU Q 212 -12.62 40.57 -48.69
C LEU Q 212 -12.72 39.14 -48.20
N VAL Q 213 -12.33 38.92 -46.96
CA VAL Q 213 -12.27 37.58 -46.42
C VAL Q 213 -13.13 37.51 -45.19
N GLY Q 214 -13.94 36.47 -45.07
CA GLY Q 214 -14.79 36.38 -43.88
C GLY Q 214 -15.67 35.15 -43.82
N GLU Q 215 -16.53 35.08 -42.81
CA GLU Q 215 -17.42 33.93 -42.66
C GLU Q 215 -18.48 34.03 -43.74
N SER Q 216 -18.94 32.90 -44.26
CA SER Q 216 -19.95 33.03 -45.29
C SER Q 216 -21.16 33.70 -44.74
N GLY Q 217 -21.83 34.50 -45.54
CA GLY Q 217 -23.06 35.17 -45.14
C GLY Q 217 -22.86 36.40 -44.27
N VAL Q 218 -21.78 37.15 -44.49
CA VAL Q 218 -21.53 38.33 -43.69
C VAL Q 218 -21.63 39.59 -44.51
N GLY Q 219 -21.72 39.47 -45.82
CA GLY Q 219 -21.81 40.65 -46.65
C GLY Q 219 -20.57 40.89 -47.48
N LYS Q 220 -19.78 39.87 -47.74
CA LYS Q 220 -18.59 40.11 -48.53
C LYS Q 220 -18.94 40.51 -49.94
N THR Q 221 -19.91 39.84 -50.55
CA THR Q 221 -20.27 40.22 -51.89
C THR Q 221 -21.13 41.44 -51.79
N ALA Q 222 -21.87 41.57 -50.69
CA ALA Q 222 -22.72 42.73 -50.57
C ALA Q 222 -21.87 43.97 -50.62
N ILE Q 223 -20.71 43.95 -49.97
CA ILE Q 223 -19.80 45.09 -50.02
C ILE Q 223 -19.14 45.23 -51.35
N ALA Q 224 -18.59 44.16 -51.88
CA ALA Q 224 -17.88 44.29 -53.13
C ALA Q 224 -18.77 44.83 -54.20
N GLU Q 225 -19.99 44.36 -54.29
CA GLU Q 225 -20.90 44.91 -55.27
C GLU Q 225 -21.51 46.20 -54.75
N GLY Q 226 -21.64 46.34 -53.44
CA GLY Q 226 -22.19 47.51 -52.80
C GLY Q 226 -21.41 48.73 -53.18
N LEU Q 227 -20.12 48.57 -53.39
CA LEU Q 227 -19.30 49.68 -53.83
C LEU Q 227 -19.78 50.18 -55.17
N ALA Q 228 -20.19 49.29 -56.09
CA ALA Q 228 -20.65 49.74 -57.40
C ALA Q 228 -21.91 50.54 -57.21
N TRP Q 229 -22.71 50.10 -56.26
CA TRP Q 229 -23.94 50.81 -55.96
C TRP Q 229 -23.61 52.21 -55.46
N ARG Q 230 -22.69 52.33 -54.54
CA ARG Q 230 -22.36 53.66 -54.05
C ARG Q 230 -21.82 54.52 -55.15
N ILE Q 231 -21.06 53.95 -56.09
CA ILE Q 231 -20.53 54.76 -57.16
C ILE Q 231 -21.68 55.26 -58.02
N VAL Q 232 -22.62 54.40 -58.39
CA VAL Q 232 -23.70 54.87 -59.25
C VAL Q 232 -24.63 55.84 -58.53
N GLN Q 233 -24.70 55.76 -57.22
CA GLN Q 233 -25.49 56.68 -56.44
C GLN Q 233 -24.70 57.95 -56.12
N GLY Q 234 -23.41 57.96 -56.48
CA GLY Q 234 -22.52 59.09 -56.25
C GLY Q 234 -22.00 59.18 -54.82
N ASP Q 235 -22.26 58.19 -53.99
CA ASP Q 235 -21.88 58.27 -52.60
C ASP Q 235 -20.48 57.70 -52.39
N VAL Q 236 -19.52 58.26 -53.08
CA VAL Q 236 -18.15 57.82 -53.01
C VAL Q 236 -17.19 58.99 -52.97
N PRO Q 237 -15.94 58.80 -52.54
CA PRO Q 237 -14.88 59.77 -52.70
C PRO Q 237 -14.76 59.99 -54.19
N GLU Q 238 -14.55 61.23 -54.62
CA GLU Q 238 -14.43 61.51 -56.05
C GLU Q 238 -13.37 60.64 -56.76
N VAL Q 239 -12.39 60.16 -55.99
CA VAL Q 239 -11.34 59.34 -56.49
C VAL Q 239 -11.94 58.09 -57.12
N MET Q 240 -12.96 57.56 -56.47
CA MET Q 240 -13.66 56.36 -56.89
C MET Q 240 -14.73 56.67 -57.90
N ALA Q 241 -15.23 57.89 -57.82
CA ALA Q 241 -16.28 58.28 -58.69
C ALA Q 241 -15.85 58.07 -60.11
N ASP Q 242 -16.80 57.66 -60.91
CA ASP Q 242 -16.65 57.39 -62.34
C ASP Q 242 -15.81 56.20 -62.72
N CYS Q 243 -15.40 55.37 -61.76
CA CYS Q 243 -14.65 54.16 -62.07
C CYS Q 243 -15.67 53.02 -62.23
N THR Q 244 -15.40 52.04 -63.10
CA THR Q 244 -16.33 50.95 -63.31
C THR Q 244 -15.89 49.64 -62.73
N ILE Q 245 -16.76 49.00 -61.99
CA ILE Q 245 -16.42 47.72 -61.43
C ILE Q 245 -17.09 46.64 -62.26
N TYR Q 246 -16.32 45.67 -62.71
CA TYR Q 246 -16.84 44.58 -63.52
C TYR Q 246 -16.64 43.27 -62.78
N SER Q 247 -17.67 42.44 -62.77
CA SER Q 247 -17.58 41.16 -62.08
C SER Q 247 -17.31 40.03 -63.03
N LEU Q 248 -16.29 39.23 -62.75
CA LEU Q 248 -15.89 38.20 -63.70
C LEU Q 248 -16.41 36.82 -63.42
N ASP Q 249 -17.08 36.24 -64.41
CA ASP Q 249 -17.52 34.87 -64.28
C ASP Q 249 -16.49 33.99 -64.94
N ILE Q 250 -15.64 33.36 -64.14
CA ILE Q 250 -14.53 32.61 -64.73
C ILE Q 250 -15.03 31.37 -65.45
N GLY Q 251 -16.26 30.96 -65.17
CA GLY Q 251 -16.79 29.79 -65.82
C GLY Q 251 -16.87 30.02 -67.32
N SER Q 252 -17.12 31.28 -67.70
CA SER Q 252 -17.30 31.61 -69.08
C SER Q 252 -15.98 31.70 -69.80
N LEU Q 253 -14.88 31.70 -69.07
CA LEU Q 253 -13.61 31.80 -69.74
C LEU Q 253 -13.12 30.42 -70.08
N LEU Q 254 -13.80 29.39 -69.57
CA LEU Q 254 -13.41 28.02 -69.84
C LEU Q 254 -14.41 27.43 -70.80
N ALA Q 255 -15.65 27.88 -70.70
CA ALA Q 255 -16.70 27.41 -71.59
C ALA Q 255 -16.34 27.64 -73.06
N GLY Q 256 -15.62 28.72 -73.32
CA GLY Q 256 -15.24 29.07 -74.66
C GLY Q 256 -13.90 28.46 -75.14
N THR Q 257 -13.35 27.49 -74.41
CA THR Q 257 -12.06 26.89 -74.78
C THR Q 257 -12.20 25.42 -75.14
N LYS Q 258 -11.12 24.87 -75.71
CA LYS Q 258 -11.09 23.46 -76.11
C LYS Q 258 -9.66 22.93 -76.28
N TYR Q 259 -8.87 23.57 -77.14
CA TYR Q 259 -7.49 23.13 -77.39
C TYR Q 259 -6.45 23.95 -76.64
N ARG Q 260 -5.18 23.75 -76.97
CA ARG Q 260 -4.11 24.48 -76.33
C ARG Q 260 -4.00 25.93 -76.79
N GLY Q 261 -3.87 26.84 -75.83
CA GLY Q 261 -3.68 28.27 -76.08
C GLY Q 261 -4.91 29.15 -76.18
N ASP Q 262 -6.11 28.59 -76.30
CA ASP Q 262 -7.24 29.50 -76.46
C ASP Q 262 -7.63 30.21 -75.17
N PHE Q 263 -7.45 29.52 -74.06
CA PHE Q 263 -7.73 30.10 -72.77
C PHE Q 263 -6.88 31.31 -72.54
N GLU Q 264 -5.59 31.17 -72.76
CA GLU Q 264 -4.70 32.26 -72.50
C GLU Q 264 -4.98 33.42 -73.42
N LYS Q 265 -5.28 33.17 -74.69
CA LYS Q 265 -5.58 34.31 -75.54
C LYS Q 265 -6.78 35.06 -75.01
N ARG Q 266 -7.84 34.35 -74.65
CA ARG Q 266 -9.05 34.99 -74.15
C ARG Q 266 -8.82 35.69 -72.81
N PHE Q 267 -8.10 35.04 -71.91
CA PHE Q 267 -7.79 35.58 -70.60
C PHE Q 267 -6.98 36.86 -70.68
N LYS Q 268 -5.98 36.87 -71.56
CA LYS Q 268 -5.16 38.03 -71.71
C LYS Q 268 -5.91 39.12 -72.43
N ALA Q 269 -6.79 38.76 -73.36
CA ALA Q 269 -7.56 39.80 -74.01
C ALA Q 269 -8.36 40.57 -72.98
N LEU Q 270 -8.88 39.91 -71.95
CA LEU Q 270 -9.65 40.65 -70.96
C LEU Q 270 -8.72 41.56 -70.19
N LEU Q 271 -7.52 41.08 -69.90
CA LEU Q 271 -6.63 41.92 -69.15
C LEU Q 271 -6.29 43.16 -69.94
N LYS Q 272 -6.11 42.99 -71.25
CA LYS Q 272 -5.79 44.13 -72.08
C LYS Q 272 -6.93 45.10 -72.03
N GLN Q 273 -8.16 44.60 -72.06
CA GLN Q 273 -9.29 45.50 -72.02
C GLN Q 273 -9.33 46.25 -70.70
N LEU Q 274 -8.99 45.60 -69.59
CA LEU Q 274 -8.99 46.34 -68.32
C LEU Q 274 -7.93 47.41 -68.33
N GLU Q 275 -6.76 47.10 -68.88
CA GLU Q 275 -5.70 48.07 -68.90
C GLU Q 275 -6.06 49.25 -69.77
N GLN Q 276 -6.74 48.98 -70.88
CA GLN Q 276 -7.18 50.03 -71.79
C GLN Q 276 -8.23 50.90 -71.14
N ASP Q 277 -9.13 50.33 -70.34
CA ASP Q 277 -10.11 51.21 -69.72
C ASP Q 277 -9.44 52.14 -68.73
N THR Q 278 -8.45 51.63 -68.00
CA THR Q 278 -7.59 52.33 -67.01
C THR Q 278 -8.29 52.77 -65.74
N ASN Q 279 -9.61 52.79 -65.76
CA ASN Q 279 -10.38 53.27 -64.65
C ASN Q 279 -11.44 52.27 -64.32
N SER Q 280 -11.00 51.06 -64.14
CA SER Q 280 -11.91 50.00 -63.86
C SER Q 280 -11.29 49.06 -62.90
N ILE Q 281 -12.16 48.37 -62.22
CA ILE Q 281 -11.84 47.40 -61.22
C ILE Q 281 -12.47 46.09 -61.57
N LEU Q 282 -11.73 45.02 -61.49
CA LEU Q 282 -12.36 43.76 -61.74
C LEU Q 282 -12.71 43.15 -60.40
N PHE Q 283 -13.87 42.56 -60.28
CA PHE Q 283 -14.26 41.88 -59.09
C PHE Q 283 -14.32 40.40 -59.30
N ILE Q 284 -13.56 39.67 -58.53
CA ILE Q 284 -13.59 38.25 -58.70
C ILE Q 284 -14.11 37.62 -57.45
N ASP Q 285 -15.30 37.08 -57.52
CA ASP Q 285 -15.81 36.48 -56.32
C ASP Q 285 -15.21 35.13 -56.30
N GLU Q 286 -15.44 34.37 -55.24
CA GLU Q 286 -14.87 33.03 -55.15
C GLU Q 286 -13.50 33.11 -55.78
N ILE Q 287 -12.63 33.89 -55.16
CA ILE Q 287 -11.29 34.11 -55.65
C ILE Q 287 -10.47 32.87 -55.65
N HIS Q 288 -10.81 31.94 -54.77
CA HIS Q 288 -10.07 30.67 -54.68
C HIS Q 288 -10.36 29.73 -55.85
N THR Q 289 -11.17 30.17 -56.81
CA THR Q 289 -11.48 29.34 -57.94
C THR Q 289 -10.75 29.81 -59.15
N ILE Q 290 -10.00 30.90 -59.04
CA ILE Q 290 -9.23 31.33 -60.18
C ILE Q 290 -8.09 30.35 -60.40
N ILE Q 291 -7.78 29.51 -59.43
CA ILE Q 291 -6.74 28.53 -59.59
C ILE Q 291 -7.31 27.41 -60.45
N GLY Q 292 -6.69 27.18 -61.62
CA GLY Q 292 -7.26 26.23 -62.55
C GLY Q 292 -6.86 26.57 -63.99
N ALA Q 293 -7.74 26.23 -64.94
CA ALA Q 293 -7.53 26.41 -66.40
C ALA Q 293 -6.51 25.44 -66.96
N GLY Q 294 -5.30 25.42 -66.41
CA GLY Q 294 -4.32 24.46 -66.88
C GLY Q 294 -4.74 23.05 -66.46
N ALA Q 295 -4.58 22.12 -67.39
CA ALA Q 295 -4.89 20.72 -67.17
C ALA Q 295 -4.12 19.92 -68.20
N ALA Q 296 -3.89 18.64 -67.91
CA ALA Q 296 -3.21 17.69 -68.82
C ALA Q 296 -1.72 17.97 -68.84
N SER Q 297 -1.37 19.18 -69.21
CA SER Q 297 -0.03 19.70 -69.13
C SER Q 297 -0.02 20.45 -67.81
N GLY Q 298 -0.52 21.67 -67.83
CA GLY Q 298 -0.61 22.45 -66.62
C GLY Q 298 0.70 23.15 -66.32
N GLY Q 299 0.85 23.64 -65.10
CA GLY Q 299 2.01 24.42 -64.68
C GLY Q 299 1.68 25.90 -64.81
N GLN Q 300 0.67 26.16 -65.62
CA GLN Q 300 0.12 27.45 -65.91
C GLN Q 300 -1.17 27.46 -65.18
N VAL Q 301 -1.13 28.12 -64.05
CA VAL Q 301 -2.20 28.08 -63.09
C VAL Q 301 -3.30 29.08 -63.34
N ASP Q 302 -3.08 30.01 -64.28
CA ASP Q 302 -4.01 31.11 -64.55
C ASP Q 302 -4.00 32.15 -63.47
N ALA Q 303 -4.42 31.71 -62.32
CA ALA Q 303 -4.61 32.53 -61.17
C ALA Q 303 -3.44 33.32 -60.86
N ALA Q 304 -2.30 32.72 -61.03
CA ALA Q 304 -1.13 33.44 -60.74
C ALA Q 304 -0.37 33.69 -62.03
N ASN Q 305 -0.34 32.70 -62.88
CA ASN Q 305 0.55 32.86 -64.00
C ASN Q 305 0.13 33.91 -65.00
N LEU Q 306 -1.14 34.22 -65.11
CA LEU Q 306 -1.50 35.22 -66.07
C LEU Q 306 -1.70 36.58 -65.40
N ILE Q 307 -1.67 36.64 -64.07
CA ILE Q 307 -1.92 37.93 -63.44
C ILE Q 307 -0.93 38.40 -62.40
N LYS Q 308 -0.01 37.57 -61.92
CA LYS Q 308 0.91 38.10 -60.92
C LYS Q 308 1.46 39.48 -61.26
N PRO Q 309 2.06 39.74 -62.46
CA PRO Q 309 2.62 41.02 -62.83
C PRO Q 309 1.60 42.10 -63.04
N LEU Q 310 0.35 41.73 -63.25
CA LEU Q 310 -0.67 42.72 -63.50
C LEU Q 310 -1.06 43.33 -62.21
N LEU Q 311 -0.98 42.51 -61.18
CA LEU Q 311 -1.36 42.95 -59.87
C LEU Q 311 -0.20 43.67 -59.23
N SER Q 312 1.00 43.11 -59.33
CA SER Q 312 2.11 43.75 -58.64
C SER Q 312 2.54 45.04 -59.28
N SER Q 313 2.28 45.21 -60.59
CA SER Q 313 2.64 46.41 -61.32
C SER Q 313 1.68 47.55 -61.17
N GLY Q 314 0.52 47.30 -60.61
CA GLY Q 314 -0.48 48.35 -60.48
C GLY Q 314 -1.28 48.56 -61.77
N LYS Q 315 -1.03 47.76 -62.81
CA LYS Q 315 -1.75 47.96 -64.05
C LYS Q 315 -3.25 47.79 -63.94
N ILE Q 316 -3.70 46.82 -63.16
CA ILE Q 316 -5.14 46.65 -62.99
C ILE Q 316 -5.49 46.58 -61.53
N ARG Q 317 -6.74 46.84 -61.22
CA ARG Q 317 -7.18 46.73 -59.85
C ARG Q 317 -8.20 45.64 -59.75
N VAL Q 318 -7.99 44.74 -58.80
CA VAL Q 318 -8.89 43.63 -58.61
C VAL Q 318 -9.39 43.54 -57.18
N ILE Q 319 -10.68 43.43 -57.01
CA ILE Q 319 -11.27 43.22 -55.69
C ILE Q 319 -11.60 41.76 -55.65
N GLY Q 320 -11.13 41.05 -54.66
CA GLY Q 320 -11.52 39.66 -54.64
C GLY Q 320 -12.43 39.42 -53.46
N SER Q 321 -12.98 38.23 -53.37
CA SER Q 321 -13.80 37.84 -52.22
C SER Q 321 -13.72 36.34 -51.93
N THR Q 322 -13.61 35.99 -50.65
CA THR Q 322 -13.56 34.59 -50.27
C THR Q 322 -13.97 34.23 -48.86
N THR Q 323 -14.41 33.01 -48.71
CA THR Q 323 -14.76 32.47 -47.43
C THR Q 323 -13.48 32.29 -46.70
N TYR Q 324 -13.48 32.65 -45.42
CA TYR Q 324 -12.29 32.51 -44.58
C TYR Q 324 -11.65 31.12 -44.65
N GLN Q 325 -12.44 30.06 -44.68
CA GLN Q 325 -11.87 28.72 -44.75
C GLN Q 325 -11.20 28.41 -46.06
N GLU Q 326 -11.80 28.83 -47.15
CA GLU Q 326 -11.27 28.57 -48.48
C GLU Q 326 -10.01 29.36 -48.66
N PHE Q 327 -10.03 30.55 -48.07
CA PHE Q 327 -8.89 31.45 -48.09
C PHE Q 327 -7.66 30.79 -47.47
N SER Q 328 -7.82 30.14 -46.31
CA SER Q 328 -6.66 29.51 -45.72
C SER Q 328 -6.32 28.15 -46.31
N ASN Q 329 -7.30 27.41 -46.82
CA ASN Q 329 -7.01 26.09 -47.38
C ASN Q 329 -6.60 26.04 -48.83
N ILE Q 330 -7.02 27.01 -49.61
CA ILE Q 330 -6.69 27.07 -51.03
C ILE Q 330 -6.10 28.43 -51.42
N PHE Q 331 -6.88 29.48 -51.19
CA PHE Q 331 -6.44 30.83 -51.51
C PHE Q 331 -5.18 31.21 -50.74
N GLU Q 332 -4.62 30.25 -50.02
CA GLU Q 332 -3.41 30.48 -49.24
C GLU Q 332 -2.45 29.30 -49.36
N LYS Q 333 -1.71 29.26 -50.45
CA LYS Q 333 -0.77 28.21 -50.67
C LYS Q 333 0.15 28.86 -51.63
N ASP Q 334 -0.47 29.74 -52.40
CA ASP Q 334 0.22 30.47 -53.41
C ASP Q 334 0.67 31.75 -52.78
N ARG Q 335 1.90 31.76 -52.30
CA ARG Q 335 2.39 32.89 -51.58
C ARG Q 335 2.46 34.09 -52.47
N ALA Q 336 2.77 33.87 -53.74
CA ALA Q 336 2.87 34.99 -54.64
C ALA Q 336 1.53 35.68 -54.74
N LEU Q 337 0.43 34.93 -54.77
CA LEU Q 337 -0.83 35.63 -54.79
C LEU Q 337 -1.14 36.18 -53.45
N ALA Q 338 -0.81 35.48 -52.37
CA ALA Q 338 -1.13 35.93 -51.04
C ALA Q 338 -0.53 37.31 -50.80
N ARG Q 339 0.63 37.54 -51.37
CA ARG Q 339 1.35 38.77 -51.23
C ARG Q 339 0.80 39.92 -52.09
N ARG Q 340 -0.05 39.63 -53.09
CA ARG Q 340 -0.46 40.65 -54.06
C ARG Q 340 -1.75 41.37 -53.86
N PHE Q 341 -2.39 41.13 -52.74
CA PHE Q 341 -3.66 41.77 -52.43
C PHE Q 341 -3.69 42.03 -50.94
N GLN Q 342 -4.40 43.07 -50.53
CA GLN Q 342 -4.44 43.39 -49.13
C GLN Q 342 -5.71 42.78 -48.53
N LYS Q 343 -5.57 41.98 -47.49
CA LYS Q 343 -6.76 41.39 -46.89
C LYS Q 343 -7.52 42.32 -45.97
N ILE Q 344 -8.84 42.33 -46.15
CA ILE Q 344 -9.77 43.04 -45.29
C ILE Q 344 -10.73 42.02 -44.67
N ASP Q 345 -10.83 42.02 -43.36
CA ASP Q 345 -11.69 41.08 -42.68
C ASP Q 345 -13.08 41.60 -42.51
N ILE Q 346 -14.03 40.88 -43.05
CA ILE Q 346 -15.41 41.29 -42.95
C ILE Q 346 -16.05 40.50 -41.86
N THR Q 347 -16.40 41.13 -40.77
CA THR Q 347 -16.98 40.41 -39.67
C THR Q 347 -18.46 40.59 -39.74
N GLU Q 348 -19.21 39.79 -38.99
CA GLU Q 348 -20.67 39.96 -38.94
C GLU Q 348 -21.13 41.08 -37.99
N PRO Q 349 -22.08 41.88 -38.45
CA PRO Q 349 -22.67 42.98 -37.73
C PRO Q 349 -23.23 42.54 -36.43
N SER Q 350 -23.56 43.46 -35.55
CA SER Q 350 -24.22 43.08 -34.32
C SER Q 350 -25.72 43.23 -34.49
N ILE Q 351 -26.44 43.22 -33.39
CA ILE Q 351 -27.87 43.25 -33.47
C ILE Q 351 -28.38 44.52 -34.09
N GLU Q 352 -27.85 45.65 -33.69
CA GLU Q 352 -28.38 46.87 -34.22
C GLU Q 352 -28.06 47.02 -35.67
N GLU Q 353 -26.82 46.78 -36.06
CA GLU Q 353 -26.44 46.85 -37.46
C GLU Q 353 -27.31 45.92 -38.33
N THR Q 354 -27.71 44.78 -37.78
CA THR Q 354 -28.53 43.85 -38.52
C THR Q 354 -29.90 44.45 -38.70
N VAL Q 355 -30.43 45.08 -37.66
CA VAL Q 355 -31.73 45.69 -37.78
C VAL Q 355 -31.70 46.80 -38.82
N GLN Q 356 -30.66 47.64 -38.84
CA GLN Q 356 -30.65 48.68 -39.85
C GLN Q 356 -30.47 48.11 -41.23
N ILE Q 357 -29.72 47.02 -41.35
CA ILE Q 357 -29.53 46.40 -42.65
C ILE Q 357 -30.88 45.92 -43.11
N ILE Q 358 -31.64 45.30 -42.23
CA ILE Q 358 -32.94 44.87 -42.65
C ILE Q 358 -33.76 46.06 -43.01
N ASN Q 359 -33.77 47.12 -42.22
CA ASN Q 359 -34.64 48.20 -42.60
C ASN Q 359 -34.30 48.76 -43.97
N GLY Q 360 -33.02 48.80 -44.31
CA GLY Q 360 -32.61 49.28 -45.62
C GLY Q 360 -32.99 48.32 -46.74
N LEU Q 361 -32.99 47.03 -46.48
CA LEU Q 361 -33.31 46.04 -47.49
C LEU Q 361 -34.78 45.77 -47.57
N LYS Q 362 -35.47 45.94 -46.47
CA LYS Q 362 -36.86 45.67 -46.30
C LYS Q 362 -37.72 46.05 -47.47
N PRO Q 363 -37.64 47.25 -48.06
CA PRO Q 363 -38.48 47.65 -49.16
C PRO Q 363 -38.43 46.67 -50.32
N LYS Q 364 -37.34 45.92 -50.47
CA LYS Q 364 -37.24 44.98 -51.57
C LYS Q 364 -38.03 43.72 -51.27
N TYR Q 365 -38.16 43.38 -50.00
CA TYR Q 365 -38.90 42.20 -49.63
C TYR Q 365 -40.34 42.58 -49.63
N GLU Q 366 -40.62 43.79 -49.19
CA GLU Q 366 -41.99 44.18 -49.16
C GLU Q 366 -42.47 44.25 -50.59
N ALA Q 367 -41.65 44.83 -51.47
CA ALA Q 367 -42.02 44.93 -52.85
C ALA Q 367 -42.11 43.59 -53.53
N HIS Q 368 -41.19 42.68 -53.22
CA HIS Q 368 -41.19 41.39 -53.87
C HIS Q 368 -42.36 40.55 -53.43
N HIS Q 369 -42.61 40.52 -52.14
CA HIS Q 369 -43.65 39.66 -51.65
C HIS Q 369 -45.00 40.33 -51.49
N ASP Q 370 -45.10 41.63 -51.71
CA ASP Q 370 -46.37 42.34 -51.54
C ASP Q 370 -46.86 42.17 -50.11
N VAL Q 371 -45.92 42.37 -49.20
CA VAL Q 371 -46.17 42.28 -47.78
C VAL Q 371 -45.60 43.52 -47.16
N ARG Q 372 -45.96 43.76 -45.94
CA ARG Q 372 -45.36 44.83 -45.18
C ARG Q 372 -44.88 44.23 -43.87
N TYR Q 373 -43.79 44.74 -43.30
CA TYR Q 373 -43.37 44.19 -42.02
C TYR Q 373 -43.56 45.20 -40.91
N THR Q 374 -43.93 44.73 -39.75
CA THR Q 374 -44.06 45.62 -38.61
C THR Q 374 -42.70 45.86 -37.99
N ALA Q 375 -42.61 46.85 -37.13
CA ALA Q 375 -41.37 47.15 -36.44
C ALA Q 375 -40.92 45.99 -35.57
N LYS Q 376 -41.89 45.30 -34.98
CA LYS Q 376 -41.56 44.21 -34.12
C LYS Q 376 -41.19 43.01 -34.96
N ALA Q 377 -41.77 42.87 -36.13
CA ALA Q 377 -41.41 41.73 -36.94
C ALA Q 377 -39.92 41.80 -37.26
N VAL Q 378 -39.44 42.99 -37.55
CA VAL Q 378 -38.03 43.11 -37.85
C VAL Q 378 -37.17 42.97 -36.65
N ARG Q 379 -37.53 43.64 -35.56
CA ARG Q 379 -36.76 43.58 -34.32
C ARG Q 379 -36.64 42.15 -33.81
N ALA Q 380 -37.73 41.40 -33.94
CA ALA Q 380 -37.78 40.03 -33.51
C ALA Q 380 -37.02 39.14 -34.43
N ALA Q 381 -37.10 39.33 -35.75
CA ALA Q 381 -36.37 38.41 -36.59
C ALA Q 381 -34.91 38.45 -36.23
N VAL Q 382 -34.39 39.61 -35.91
CA VAL Q 382 -33.00 39.62 -35.57
C VAL Q 382 -32.75 38.97 -34.22
N GLU Q 383 -33.51 39.33 -33.20
CA GLU Q 383 -33.17 38.76 -31.90
C GLU Q 383 -33.45 37.26 -31.82
N LEU Q 384 -34.51 36.82 -32.45
CA LEU Q 384 -34.88 35.42 -32.42
C LEU Q 384 -33.97 34.60 -33.25
N ALA Q 385 -33.57 35.09 -34.40
CA ALA Q 385 -32.70 34.28 -35.21
C ALA Q 385 -31.39 34.13 -34.50
N VAL Q 386 -30.93 35.15 -33.81
CA VAL Q 386 -29.68 35.01 -33.11
C VAL Q 386 -29.78 33.98 -32.02
N LYS Q 387 -30.85 34.00 -31.27
CA LYS Q 387 -31.03 33.05 -30.21
C LYS Q 387 -31.28 31.61 -30.70
N TYR Q 388 -32.04 31.43 -31.77
CA TYR Q 388 -32.38 30.09 -32.18
C TYR Q 388 -31.75 29.48 -33.42
N ILE Q 389 -31.22 30.25 -34.33
CA ILE Q 389 -30.63 29.67 -35.51
C ILE Q 389 -29.14 29.90 -35.36
N ASN Q 390 -28.35 28.85 -35.23
CA ASN Q 390 -26.95 29.09 -34.92
C ASN Q 390 -25.88 28.56 -35.87
N ASP Q 391 -26.22 28.34 -37.12
CA ASP Q 391 -25.25 27.89 -38.10
C ASP Q 391 -25.04 28.88 -39.25
N ARG Q 392 -25.55 30.09 -39.05
CA ARG Q 392 -25.43 31.18 -40.00
C ARG Q 392 -25.08 32.46 -39.24
N HIS Q 393 -24.58 33.46 -39.95
CA HIS Q 393 -24.19 34.72 -39.34
C HIS Q 393 -25.28 35.76 -39.47
N LEU Q 394 -25.29 36.74 -38.57
CA LEU Q 394 -26.43 37.66 -38.47
C LEU Q 394 -27.02 38.35 -39.70
N PRO Q 395 -26.27 38.90 -40.64
CA PRO Q 395 -26.83 39.67 -41.70
C PRO Q 395 -27.56 38.89 -42.73
N ASP Q 396 -27.46 37.58 -42.76
CA ASP Q 396 -28.12 36.80 -43.80
C ASP Q 396 -29.01 35.80 -43.12
N LYS Q 397 -28.84 35.73 -41.81
CA LYS Q 397 -29.62 34.83 -41.01
C LYS Q 397 -30.95 35.44 -40.68
N ALA Q 398 -30.93 36.72 -40.31
CA ALA Q 398 -32.15 37.40 -39.99
C ALA Q 398 -32.93 37.67 -41.24
N ILE Q 399 -32.25 37.66 -42.37
CA ILE Q 399 -32.88 37.93 -43.63
C ILE Q 399 -33.64 36.70 -44.00
N ASP Q 400 -33.05 35.53 -43.83
CA ASP Q 400 -33.82 34.36 -44.16
C ASP Q 400 -35.13 34.36 -43.42
N VAL Q 401 -35.13 34.82 -42.19
CA VAL Q 401 -36.37 34.83 -41.48
C VAL Q 401 -37.35 35.82 -42.12
N ILE Q 402 -36.89 37.01 -42.45
CA ILE Q 402 -37.74 38.01 -43.08
C ILE Q 402 -38.25 37.58 -44.45
N ASP Q 403 -37.40 37.00 -45.26
CA ASP Q 403 -37.71 36.58 -46.60
C ASP Q 403 -38.65 35.42 -46.55
N GLU Q 404 -38.38 34.49 -45.64
CA GLU Q 404 -39.20 33.31 -45.45
C GLU Q 404 -40.58 33.71 -44.96
N ALA Q 405 -40.63 34.63 -43.99
CA ALA Q 405 -41.92 35.07 -43.48
C ALA Q 405 -42.69 35.77 -44.58
N GLY Q 406 -41.98 36.50 -45.42
CA GLY Q 406 -42.60 37.16 -46.55
C GLY Q 406 -43.19 36.12 -47.48
N ALA Q 407 -42.39 35.13 -47.88
CA ALA Q 407 -42.84 34.11 -48.81
C ALA Q 407 -44.03 33.36 -48.26
N ARG Q 408 -44.04 33.12 -46.97
CA ARG Q 408 -45.13 32.46 -46.31
C ARG Q 408 -46.36 33.33 -46.32
N ALA Q 409 -46.20 34.59 -45.94
CA ALA Q 409 -47.32 35.52 -45.90
C ALA Q 409 -47.90 35.71 -47.28
N ARG Q 410 -47.08 35.65 -48.30
CA ARG Q 410 -47.52 35.78 -49.68
C ARG Q 410 -48.42 34.65 -50.14
N LEU Q 411 -48.47 33.57 -49.36
CA LEU Q 411 -49.28 32.42 -49.70
C LEU Q 411 -50.64 32.44 -48.99
N MET Q 412 -50.98 33.59 -48.42
CA MET Q 412 -52.25 33.75 -47.71
C MET Q 412 -53.30 34.40 -48.61
N PRO Q 413 -52.89 35.46 -49.29
CA PRO Q 413 -53.80 36.19 -50.19
C PRO Q 413 -54.47 35.27 -51.19
N VAL Q 414 -53.98 34.05 -51.30
CA VAL Q 414 -54.52 33.05 -52.21
C VAL Q 414 -55.96 32.70 -51.78
N SER Q 415 -56.25 32.93 -50.49
CA SER Q 415 -57.54 32.73 -49.86
C SER Q 415 -58.01 34.09 -49.34
N LYS Q 416 -57.45 35.14 -49.93
CA LYS Q 416 -57.64 36.55 -49.61
C LYS Q 416 -57.16 36.96 -48.23
N ARG Q 417 -56.26 36.20 -47.62
CA ARG Q 417 -55.75 36.58 -46.31
C ARG Q 417 -54.58 37.53 -46.46
N LYS Q 418 -54.89 38.73 -46.90
CA LYS Q 418 -53.88 39.75 -47.07
C LYS Q 418 -53.49 40.23 -45.69
N LYS Q 419 -52.21 40.37 -45.43
CA LYS Q 419 -51.86 40.84 -44.11
C LYS Q 419 -50.46 41.42 -44.02
N THR Q 420 -50.23 42.14 -42.96
CA THR Q 420 -48.92 42.63 -42.61
C THR Q 420 -48.25 41.48 -41.85
N VAL Q 421 -46.94 41.31 -42.07
CA VAL Q 421 -46.18 40.29 -41.36
C VAL Q 421 -45.86 40.84 -40.00
N ASN Q 422 -46.31 40.15 -38.97
CA ASN Q 422 -46.12 40.65 -37.62
C ASN Q 422 -45.16 39.75 -36.88
N VAL Q 423 -44.89 40.09 -35.63
CA VAL Q 423 -44.00 39.28 -34.82
C VAL Q 423 -44.48 37.87 -34.72
N ALA Q 424 -45.78 37.64 -34.74
CA ALA Q 424 -46.29 36.30 -34.65
C ALA Q 424 -45.88 35.44 -35.83
N ASP Q 425 -45.73 36.02 -37.02
CA ASP Q 425 -45.38 35.26 -38.19
C ASP Q 425 -43.91 35.00 -38.16
N ILE Q 426 -43.17 35.96 -37.64
CA ILE Q 426 -41.75 35.77 -37.49
C ILE Q 426 -41.49 34.66 -36.52
N GLU Q 427 -42.17 34.66 -35.37
CA GLU Q 427 -41.91 33.58 -34.44
C GLU Q 427 -42.29 32.25 -35.02
N SER Q 428 -43.36 32.17 -35.80
CA SER Q 428 -43.68 30.90 -36.39
C SER Q 428 -42.57 30.44 -37.32
N VAL Q 429 -42.05 31.34 -38.13
CA VAL Q 429 -40.97 31.00 -39.05
C VAL Q 429 -39.69 30.63 -38.35
N VAL Q 430 -39.29 31.38 -37.33
CA VAL Q 430 -38.07 31.02 -36.66
C VAL Q 430 -38.24 29.67 -36.03
N ALA Q 431 -39.38 29.45 -35.39
CA ALA Q 431 -39.65 28.19 -34.75
C ALA Q 431 -39.59 27.06 -35.75
N ARG Q 432 -40.11 27.27 -36.95
CA ARG Q 432 -40.04 26.19 -37.90
C ARG Q 432 -38.63 25.95 -38.38
N ILE Q 433 -37.87 27.01 -38.67
CA ILE Q 433 -36.54 26.84 -39.21
C ILE Q 433 -35.64 26.15 -38.22
N ALA Q 434 -35.72 26.55 -36.98
CA ALA Q 434 -34.89 26.00 -35.93
C ALA Q 434 -35.44 24.70 -35.37
N ARG Q 435 -36.62 24.30 -35.83
CA ARG Q 435 -37.33 23.14 -35.33
C ARG Q 435 -37.58 23.19 -33.82
N ILE Q 436 -37.97 24.36 -33.33
CA ILE Q 436 -38.29 24.59 -31.93
C ILE Q 436 -39.68 25.15 -31.82
N PRO Q 437 -40.69 24.43 -31.36
CA PRO Q 437 -42.09 24.87 -31.40
C PRO Q 437 -42.32 26.08 -30.49
N GLU Q 438 -43.15 27.03 -30.95
CA GLU Q 438 -43.44 28.23 -30.17
C GLU Q 438 -44.89 28.77 -30.03
N LYS Q 439 -45.72 28.70 -31.07
CA LYS Q 439 -47.07 29.26 -30.95
C LYS Q 439 -48.18 28.31 -30.59
N SER Q 440 -47.99 27.01 -30.77
CA SER Q 440 -49.02 26.01 -30.50
C SER Q 440 -49.33 25.96 -29.01
N VAL Q 441 -48.45 26.55 -28.22
CA VAL Q 441 -48.58 26.61 -26.79
C VAL Q 441 -49.84 27.34 -26.44
N SER Q 442 -50.32 28.20 -27.35
CA SER Q 442 -51.52 28.95 -27.10
C SER Q 442 -52.78 28.24 -27.54
N GLN Q 443 -52.62 27.08 -28.17
CA GLN Q 443 -53.70 26.30 -28.74
C GLN Q 443 -54.00 25.06 -27.91
N SER Q 444 -54.30 23.95 -28.58
CA SER Q 444 -54.69 22.68 -27.97
C SER Q 444 -53.56 22.05 -27.20
N ASP Q 445 -52.36 22.52 -27.44
CA ASP Q 445 -51.20 22.01 -26.75
C ASP Q 445 -51.33 22.40 -25.28
N ARG Q 446 -52.14 23.41 -24.96
CA ARG Q 446 -52.30 23.74 -23.57
C ARG Q 446 -52.88 22.56 -22.84
N ASP Q 447 -53.77 21.79 -23.48
CA ASP Q 447 -54.39 20.70 -22.79
C ASP Q 447 -53.52 19.49 -22.88
N THR Q 448 -52.80 19.35 -23.99
CA THR Q 448 -51.92 18.20 -24.08
C THR Q 448 -50.95 18.28 -22.94
N LEU Q 449 -50.42 19.47 -22.72
CA LEU Q 449 -49.49 19.71 -21.65
C LEU Q 449 -50.17 19.66 -20.29
N LYS Q 450 -51.33 20.27 -20.13
CA LYS Q 450 -52.02 20.29 -18.85
C LYS Q 450 -52.25 18.91 -18.29
N ASN Q 451 -52.62 18.00 -19.17
CA ASN Q 451 -52.96 16.66 -18.81
C ASN Q 451 -51.77 15.72 -18.78
N LEU Q 452 -50.57 16.21 -19.05
CA LEU Q 452 -49.42 15.36 -19.11
C LEU Q 452 -49.19 14.70 -17.81
N GLY Q 453 -49.28 15.50 -16.76
CA GLY Q 453 -49.00 14.99 -15.45
C GLY Q 453 -49.92 13.84 -15.09
N ASP Q 454 -51.15 13.85 -15.55
CA ASP Q 454 -52.03 12.77 -15.18
C ASP Q 454 -51.91 11.58 -16.10
N ARG Q 455 -51.64 11.78 -17.38
CA ARG Q 455 -51.55 10.62 -18.22
C ARG Q 455 -50.43 9.72 -17.75
N LEU Q 456 -49.38 10.31 -17.26
CA LEU Q 456 -48.26 9.52 -16.83
C LEU Q 456 -48.53 8.79 -15.52
N LYS Q 457 -49.55 9.19 -14.77
CA LYS Q 457 -49.80 8.56 -13.49
C LYS Q 457 -50.62 7.33 -13.69
N MET Q 458 -51.05 7.11 -14.93
CA MET Q 458 -51.82 5.96 -15.23
C MET Q 458 -50.90 4.88 -15.74
N LEU Q 459 -49.63 5.23 -15.92
CA LEU Q 459 -48.66 4.32 -16.45
C LEU Q 459 -47.66 3.98 -15.39
N VAL Q 460 -47.26 4.97 -14.62
CA VAL Q 460 -46.36 4.74 -13.54
C VAL Q 460 -47.09 5.07 -12.28
N PHE Q 461 -47.17 4.11 -11.40
CA PHE Q 461 -47.93 4.28 -10.20
C PHE Q 461 -47.01 4.57 -9.06
N GLY Q 462 -47.38 5.48 -8.19
CA GLY Q 462 -46.48 5.80 -7.11
C GLY Q 462 -45.51 6.72 -7.80
N GLN Q 463 -44.45 7.20 -7.15
CA GLN Q 463 -43.59 8.06 -7.94
C GLN Q 463 -44.24 9.30 -8.55
N ASP Q 464 -45.26 9.85 -7.92
CA ASP Q 464 -45.92 11.00 -8.50
C ASP Q 464 -44.97 12.16 -8.55
N LYS Q 465 -44.08 12.25 -7.58
CA LYS Q 465 -43.16 13.36 -7.57
C LYS Q 465 -42.21 13.35 -8.76
N ALA Q 466 -41.89 12.17 -9.32
CA ALA Q 466 -41.01 12.18 -10.45
C ALA Q 466 -41.77 12.70 -11.63
N ILE Q 467 -43.04 12.32 -11.68
CA ILE Q 467 -43.87 12.75 -12.78
C ILE Q 467 -44.02 14.23 -12.72
N GLU Q 468 -44.25 14.75 -11.53
CA GLU Q 468 -44.38 16.16 -11.40
C GLU Q 468 -43.10 16.87 -11.78
N ALA Q 469 -41.94 16.38 -11.37
CA ALA Q 469 -40.73 17.09 -11.74
C ALA Q 469 -40.57 17.18 -13.23
N LEU Q 470 -40.87 16.12 -13.94
CA LEU Q 470 -40.71 16.15 -15.38
C LEU Q 470 -41.74 17.06 -15.98
N THR Q 471 -42.95 17.00 -15.48
CA THR Q 471 -44.03 17.76 -16.03
C THR Q 471 -43.75 19.23 -15.84
N GLU Q 472 -43.26 19.58 -14.65
CA GLU Q 472 -42.96 20.96 -14.31
C GLU Q 472 -41.84 21.53 -15.18
N ALA Q 473 -40.81 20.73 -15.47
CA ALA Q 473 -39.72 21.24 -16.27
C ALA Q 473 -40.21 21.57 -17.66
N ILE Q 474 -41.10 20.75 -18.17
CA ILE Q 474 -41.63 20.97 -19.47
C ILE Q 474 -42.52 22.17 -19.47
N LYS Q 475 -43.40 22.28 -18.48
CA LYS Q 475 -44.28 23.43 -18.46
C LYS Q 475 -43.52 24.72 -18.38
N MET Q 476 -42.49 24.79 -17.58
CA MET Q 476 -41.78 26.05 -17.53
C MET Q 476 -41.18 26.37 -18.87
N ALA Q 477 -40.57 25.39 -19.51
CA ALA Q 477 -40.03 25.66 -20.82
C ALA Q 477 -41.10 26.08 -21.82
N ARG Q 478 -42.27 25.49 -21.77
CA ARG Q 478 -43.29 25.88 -22.72
C ARG Q 478 -43.86 27.24 -22.37
N ALA Q 479 -43.94 27.54 -21.08
CA ALA Q 479 -44.42 28.81 -20.59
C ALA Q 479 -43.54 29.92 -21.09
N GLY Q 480 -42.26 29.62 -21.23
CA GLY Q 480 -41.27 30.56 -21.69
C GLY Q 480 -40.32 30.83 -20.58
N LEU Q 481 -40.68 30.42 -19.40
CA LEU Q 481 -39.82 30.62 -18.26
C LEU Q 481 -38.87 29.44 -18.11
N GLY Q 482 -38.08 29.20 -19.12
CA GLY Q 482 -37.13 28.12 -19.10
C GLY Q 482 -35.81 28.76 -18.79
N HIS Q 483 -34.70 28.15 -19.17
CA HIS Q 483 -33.48 28.86 -18.89
C HIS Q 483 -33.08 29.41 -20.23
N GLU Q 484 -32.00 30.14 -20.28
CA GLU Q 484 -31.56 30.72 -21.52
C GLU Q 484 -30.73 29.76 -22.33
N HIS Q 485 -30.03 28.90 -21.65
CA HIS Q 485 -29.16 27.97 -22.33
C HIS Q 485 -28.87 26.71 -21.57
N LYS Q 486 -29.89 25.97 -21.27
CA LYS Q 486 -29.75 24.74 -20.54
C LYS Q 486 -30.74 23.81 -21.16
N PRO Q 487 -30.67 22.52 -20.94
CA PRO Q 487 -31.64 21.56 -21.36
C PRO Q 487 -32.93 21.92 -20.69
N VAL Q 488 -34.03 21.33 -21.13
CA VAL Q 488 -35.34 21.62 -20.57
C VAL Q 488 -35.29 21.38 -19.10
N GLY Q 489 -34.61 20.32 -18.74
CA GLY Q 489 -34.38 20.00 -17.36
C GLY Q 489 -33.39 18.88 -17.37
N SER Q 490 -32.72 18.67 -16.23
CA SER Q 490 -31.73 17.61 -16.11
C SER Q 490 -31.63 17.11 -14.67
N PHE Q 491 -32.31 16.00 -14.39
CA PHE Q 491 -32.29 15.42 -13.04
C PHE Q 491 -31.99 13.93 -13.09
N LEU Q 492 -31.35 13.42 -12.05
CA LEU Q 492 -31.01 12.01 -11.96
C LEU Q 492 -32.07 11.23 -11.20
N PHE Q 493 -32.52 10.12 -11.78
CA PHE Q 493 -33.53 9.29 -11.16
C PHE Q 493 -32.91 8.12 -10.47
N ALA Q 494 -32.92 8.14 -9.17
CA ALA Q 494 -32.28 7.12 -8.38
C ALA Q 494 -33.31 6.32 -7.65
N GLY Q 495 -32.98 5.06 -7.35
CA GLY Q 495 -33.91 4.22 -6.63
C GLY Q 495 -33.71 2.73 -6.81
N PRO Q 496 -34.51 1.96 -6.09
CA PRO Q 496 -34.48 0.52 -6.12
C PRO Q 496 -34.83 0.05 -7.48
N THR Q 497 -34.44 -1.14 -7.84
CA THR Q 497 -34.78 -1.68 -9.15
C THR Q 497 -36.26 -1.93 -9.38
N GLY Q 498 -36.71 -1.72 -10.61
CA GLY Q 498 -38.08 -2.06 -10.98
C GLY Q 498 -39.12 -1.11 -10.40
N VAL Q 499 -38.82 0.17 -10.34
CA VAL Q 499 -39.75 1.11 -9.74
C VAL Q 499 -40.20 2.18 -10.72
N GLY Q 500 -39.99 1.98 -12.02
CA GLY Q 500 -40.40 2.93 -13.02
C GLY Q 500 -39.38 4.01 -13.38
N LYS Q 501 -38.10 3.82 -13.04
CA LYS Q 501 -37.12 4.87 -13.35
C LYS Q 501 -36.95 5.07 -14.83
N THR Q 502 -36.96 4.02 -15.63
CA THR Q 502 -36.74 4.24 -17.05
C THR Q 502 -38.07 4.26 -17.70
N GLU Q 503 -39.02 3.55 -17.09
CA GLU Q 503 -40.38 3.48 -17.57
C GLU Q 503 -41.06 4.85 -17.62
N VAL Q 504 -40.84 5.70 -16.61
CA VAL Q 504 -41.50 6.98 -16.67
C VAL Q 504 -40.92 7.80 -17.80
N THR Q 505 -39.63 7.65 -18.06
CA THR Q 505 -39.00 8.40 -19.11
C THR Q 505 -39.46 7.92 -20.45
N VAL Q 506 -39.57 6.62 -20.61
CA VAL Q 506 -40.00 6.15 -21.88
C VAL Q 506 -41.39 6.66 -22.14
N GLN Q 507 -42.24 6.57 -21.12
CA GLN Q 507 -43.59 7.02 -21.28
C GLN Q 507 -43.68 8.50 -21.47
N LEU Q 508 -42.76 9.27 -20.89
CA LEU Q 508 -42.79 10.69 -21.10
C LEU Q 508 -42.63 10.99 -22.55
N SER Q 509 -41.65 10.38 -23.18
CA SER Q 509 -41.45 10.69 -24.58
C SER Q 509 -42.65 10.28 -25.40
N LYS Q 510 -43.35 9.23 -24.99
CA LYS Q 510 -44.52 8.85 -25.75
C LYS Q 510 -45.64 9.83 -25.53
N ALA Q 511 -45.84 10.24 -24.28
CA ALA Q 511 -46.91 11.14 -23.92
C ALA Q 511 -46.77 12.47 -24.63
N LEU Q 512 -45.55 12.92 -24.80
CA LEU Q 512 -45.27 14.17 -25.45
C LEU Q 512 -45.24 14.08 -26.95
N GLY Q 513 -45.26 12.89 -27.51
CA GLY Q 513 -45.15 12.77 -28.94
C GLY Q 513 -43.77 13.10 -29.49
N ILE Q 514 -42.69 12.89 -28.72
CA ILE Q 514 -41.37 13.27 -29.24
C ILE Q 514 -40.39 12.13 -29.21
N GLU Q 515 -39.35 12.26 -29.99
CA GLU Q 515 -38.36 11.22 -30.11
C GLU Q 515 -37.65 10.89 -28.82
N LEU Q 516 -37.49 9.61 -28.54
CA LEU Q 516 -36.72 9.20 -27.38
C LEU Q 516 -35.35 8.79 -27.87
N LEU Q 517 -34.33 9.47 -27.37
CA LEU Q 517 -32.95 9.17 -27.72
C LEU Q 517 -32.35 8.39 -26.56
N ARG Q 518 -32.46 7.07 -26.62
CA ARG Q 518 -31.96 6.21 -25.54
C ARG Q 518 -30.58 5.60 -25.74
N PHE Q 519 -29.69 5.93 -24.81
CA PHE Q 519 -28.35 5.42 -24.78
C PHE Q 519 -28.20 4.57 -23.57
N ASP Q 520 -27.51 3.46 -23.71
CA ASP Q 520 -27.27 2.55 -22.62
C ASP Q 520 -25.91 2.82 -22.07
N MET Q 521 -25.80 3.30 -20.86
CA MET Q 521 -24.49 3.71 -20.45
C MET Q 521 -23.60 2.61 -20.07
N SER Q 522 -24.10 1.40 -20.05
CA SER Q 522 -23.32 0.25 -19.74
C SER Q 522 -22.34 0.01 -20.85
N GLU Q 523 -22.55 0.61 -21.99
CA GLU Q 523 -21.67 0.35 -23.09
C GLU Q 523 -20.48 1.28 -23.10
N TYR Q 524 -20.47 2.24 -22.19
CA TYR Q 524 -19.39 3.21 -22.14
C TYR Q 524 -18.60 2.97 -20.86
N MET Q 525 -17.97 1.81 -20.78
CA MET Q 525 -17.22 1.50 -19.60
C MET Q 525 -15.77 1.88 -19.58
N GLU Q 526 -15.19 2.19 -20.75
CA GLU Q 526 -13.78 2.57 -20.81
C GLU Q 526 -13.69 4.07 -21.07
N ARG Q 527 -12.63 4.72 -20.60
CA ARG Q 527 -12.54 6.14 -20.84
C ARG Q 527 -12.66 6.51 -22.29
N HIS Q 528 -11.98 5.73 -23.14
CA HIS Q 528 -11.93 5.98 -24.58
C HIS Q 528 -13.23 5.74 -25.34
N THR Q 529 -14.29 5.35 -24.63
CA THR Q 529 -15.56 5.11 -25.26
C THR Q 529 -16.23 6.40 -25.54
N VAL Q 530 -15.70 7.48 -24.99
CA VAL Q 530 -16.19 8.80 -25.26
C VAL Q 530 -16.13 9.08 -26.72
N SER Q 531 -15.17 8.53 -27.42
CA SER Q 531 -15.12 8.79 -28.84
C SER Q 531 -16.38 8.34 -29.52
N ARG Q 532 -17.16 7.42 -28.96
CA ARG Q 532 -18.38 7.02 -29.60
C ARG Q 532 -19.43 8.08 -29.50
N LEU Q 533 -19.29 8.99 -28.56
CA LEU Q 533 -20.29 10.02 -28.35
C LEU Q 533 -19.96 11.23 -29.19
N ILE Q 534 -18.67 11.50 -29.30
CA ILE Q 534 -18.10 12.65 -29.99
C ILE Q 534 -17.61 12.42 -31.43
N GLY Q 535 -16.92 11.31 -31.66
CA GLY Q 535 -16.31 10.99 -32.94
C GLY Q 535 -14.81 10.99 -32.78
N ALA Q 536 -14.08 10.34 -33.67
CA ALA Q 536 -12.64 10.34 -33.50
C ALA Q 536 -12.08 11.73 -33.83
N PRO Q 537 -10.97 12.18 -33.27
CA PRO Q 537 -10.31 13.40 -33.63
C PRO Q 537 -9.89 13.32 -35.07
N PRO Q 538 -9.78 14.44 -35.75
CA PRO Q 538 -9.45 14.38 -37.14
C PRO Q 538 -8.17 13.66 -37.27
N GLY Q 539 -7.96 13.00 -38.41
CA GLY Q 539 -6.74 12.26 -38.64
C GLY Q 539 -6.82 10.81 -38.20
N TYR Q 540 -7.89 10.46 -37.49
CA TYR Q 540 -8.06 9.10 -37.03
C TYR Q 540 -9.11 8.31 -37.78
N VAL Q 541 -9.01 6.99 -37.63
CA VAL Q 541 -9.89 6.05 -38.31
C VAL Q 541 -11.35 6.48 -38.32
N GLY Q 542 -11.98 6.45 -37.15
CA GLY Q 542 -13.38 6.82 -37.03
C GLY Q 542 -13.72 8.29 -37.13
N PHE Q 543 -12.97 9.04 -37.93
CA PHE Q 543 -13.29 10.44 -38.06
C PHE Q 543 -14.58 10.77 -38.78
N ASP Q 544 -14.83 10.21 -39.94
CA ASP Q 544 -16.01 10.62 -40.68
C ASP Q 544 -17.30 10.09 -40.11
N GLN Q 545 -17.20 9.18 -39.16
CA GLN Q 545 -18.38 8.65 -38.54
C GLN Q 545 -19.12 9.71 -37.76
N GLY Q 546 -18.40 10.64 -37.16
CA GLY Q 546 -19.04 11.63 -36.29
C GLY Q 546 -19.30 10.97 -34.96
N GLY Q 547 -20.11 11.59 -34.12
CA GLY Q 547 -20.36 11.06 -32.78
C GLY Q 547 -21.76 10.53 -32.72
N LEU Q 548 -22.05 9.60 -31.83
CA LEU Q 548 -23.41 9.11 -31.77
C LEU Q 548 -24.30 10.00 -30.97
N LEU Q 549 -23.77 10.69 -29.98
CA LEU Q 549 -24.59 11.51 -29.13
C LEU Q 549 -24.80 12.82 -29.76
N THR Q 550 -23.73 13.38 -30.29
CA THR Q 550 -23.90 14.66 -30.88
C THR Q 550 -24.77 14.51 -32.08
N ASP Q 551 -24.66 13.42 -32.80
CA ASP Q 551 -25.52 13.32 -33.94
C ASP Q 551 -26.96 13.10 -33.54
N ALA Q 552 -27.22 12.32 -32.50
CA ALA Q 552 -28.60 12.06 -32.14
C ALA Q 552 -29.35 13.32 -31.82
N VAL Q 553 -28.73 14.25 -31.09
CA VAL Q 553 -29.39 15.50 -30.73
C VAL Q 553 -29.49 16.53 -31.87
N ILE Q 554 -28.80 16.27 -32.97
CA ILE Q 554 -28.80 17.16 -34.09
C ILE Q 554 -29.93 16.76 -34.99
N LYS Q 555 -30.12 15.46 -35.16
CA LYS Q 555 -31.28 15.08 -35.93
C LYS Q 555 -32.57 15.29 -35.17
N HIS Q 556 -32.55 15.15 -33.87
CA HIS Q 556 -33.76 15.27 -33.09
C HIS Q 556 -33.61 16.28 -31.97
N PRO Q 557 -33.56 17.58 -32.24
CA PRO Q 557 -33.31 18.61 -31.28
C PRO Q 557 -34.37 18.73 -30.22
N HIS Q 558 -35.56 18.23 -30.51
CA HIS Q 558 -36.64 18.27 -29.54
C HIS Q 558 -36.84 16.83 -29.21
N ALA Q 559 -36.44 16.45 -28.02
CA ALA Q 559 -36.40 15.05 -27.67
C ALA Q 559 -36.25 14.81 -26.21
N VAL Q 560 -36.46 13.57 -25.82
CA VAL Q 560 -36.14 13.17 -24.47
C VAL Q 560 -34.90 12.35 -24.57
N LEU Q 561 -33.87 12.72 -23.87
CA LEU Q 561 -32.62 12.01 -23.90
C LEU Q 561 -32.45 11.21 -22.65
N LEU Q 562 -32.40 9.91 -22.79
CA LEU Q 562 -32.30 9.02 -21.68
C LEU Q 562 -31.00 8.31 -21.61
N LEU Q 563 -30.29 8.48 -20.53
CA LEU Q 563 -29.03 7.79 -20.39
C LEU Q 563 -29.25 6.75 -19.30
N ASP Q 564 -29.45 5.50 -19.70
CA ASP Q 564 -29.72 4.41 -18.77
C ASP Q 564 -28.51 3.96 -17.94
N GLU Q 565 -28.77 3.67 -16.66
CA GLU Q 565 -27.73 3.23 -15.73
C GLU Q 565 -26.46 4.04 -15.92
N ILE Q 566 -26.55 5.35 -15.72
CA ILE Q 566 -25.42 6.20 -15.91
C ILE Q 566 -24.23 5.88 -15.05
N GLU Q 567 -24.47 5.32 -13.87
CA GLU Q 567 -23.37 4.94 -12.98
C GLU Q 567 -22.52 3.78 -13.50
N LYS Q 568 -22.86 3.23 -14.65
CA LYS Q 568 -22.11 2.13 -15.20
C LYS Q 568 -21.09 2.64 -16.20
N ALA Q 569 -21.22 3.89 -16.63
CA ALA Q 569 -20.27 4.44 -17.58
C ALA Q 569 -19.01 4.77 -16.85
N HIS Q 570 -17.91 4.78 -17.53
CA HIS Q 570 -16.70 5.18 -16.88
C HIS Q 570 -16.97 6.57 -16.38
N PRO Q 571 -16.60 6.97 -15.17
CA PRO Q 571 -16.89 8.28 -14.65
C PRO Q 571 -16.36 9.42 -15.47
N ASP Q 572 -15.35 9.24 -16.29
CA ASP Q 572 -14.91 10.37 -17.05
C ASP Q 572 -15.89 10.71 -18.13
N VAL Q 573 -16.79 9.81 -18.44
CA VAL Q 573 -17.76 10.04 -19.47
C VAL Q 573 -18.75 11.06 -18.98
N PHE Q 574 -18.84 11.24 -17.68
CA PHE Q 574 -19.81 12.14 -17.11
C PHE Q 574 -19.36 13.54 -17.40
N ASN Q 575 -18.10 13.74 -17.68
CA ASN Q 575 -17.58 15.06 -17.86
C ASN Q 575 -18.15 15.65 -19.11
N ILE Q 576 -18.58 14.83 -20.02
CA ILE Q 576 -19.15 15.26 -21.27
C ILE Q 576 -20.42 15.97 -21.03
N LEU Q 577 -21.06 15.72 -19.93
CA LEU Q 577 -22.31 16.32 -19.67
C LEU Q 577 -22.18 17.61 -18.93
N LEU Q 578 -20.99 18.03 -18.55
CA LEU Q 578 -21.00 19.25 -17.78
C LEU Q 578 -21.42 20.39 -18.66
N GLN Q 579 -20.93 20.42 -19.88
CA GLN Q 579 -21.29 21.48 -20.79
C GLN Q 579 -22.64 21.30 -21.40
N VAL Q 580 -23.18 20.12 -21.27
CA VAL Q 580 -24.48 19.89 -21.81
C VAL Q 580 -25.46 20.41 -20.83
N MET Q 581 -25.30 20.01 -19.60
CA MET Q 581 -26.22 20.43 -18.60
C MET Q 581 -26.15 21.92 -18.38
N ASP Q 582 -24.98 22.51 -18.52
CA ASP Q 582 -24.87 23.92 -18.28
C ASP Q 582 -25.09 24.86 -19.46
N ASN Q 583 -24.68 24.48 -20.66
CA ASN Q 583 -24.81 25.37 -21.79
C ASN Q 583 -25.66 24.83 -22.92
N GLY Q 584 -26.18 23.62 -22.76
CA GLY Q 584 -26.98 23.07 -23.78
C GLY Q 584 -26.14 22.72 -24.99
N THR Q 585 -24.84 22.56 -24.87
CA THR Q 585 -24.10 22.27 -26.09
C THR Q 585 -23.09 21.20 -25.92
N LEU Q 586 -22.71 20.61 -27.03
CA LEU Q 586 -21.61 19.67 -27.07
C LEU Q 586 -20.98 19.76 -28.43
N THR Q 587 -19.66 19.85 -28.54
CA THR Q 587 -19.09 19.99 -29.88
C THR Q 587 -18.55 18.67 -30.43
N ASP Q 588 -18.97 18.31 -31.64
CA ASP Q 588 -18.53 17.06 -32.26
C ASP Q 588 -17.11 17.18 -32.80
N ASN Q 589 -16.56 16.09 -33.34
CA ASN Q 589 -15.21 16.16 -33.86
C ASN Q 589 -15.04 16.98 -35.14
N ASN Q 590 -16.11 17.48 -35.73
CA ASN Q 590 -15.98 18.36 -36.88
C ASN Q 590 -16.18 19.77 -36.45
N GLY Q 591 -16.34 19.99 -35.17
CA GLY Q 591 -16.56 21.31 -34.69
C GLY Q 591 -18.01 21.77 -34.77
N ARG Q 592 -18.98 20.88 -34.99
CA ARG Q 592 -20.34 21.38 -35.08
C ARG Q 592 -20.93 21.25 -33.72
N LYS Q 593 -21.89 22.08 -33.40
CA LYS Q 593 -22.43 21.99 -32.07
C LYS Q 593 -23.80 21.41 -31.96
N ALA Q 594 -23.90 20.47 -31.05
CA ALA Q 594 -25.12 19.85 -30.67
C ALA Q 594 -25.85 20.88 -29.87
N ASP Q 595 -27.16 20.93 -29.97
CA ASP Q 595 -27.95 21.89 -29.23
C ASP Q 595 -29.03 21.20 -28.44
N PHE Q 596 -28.87 21.18 -27.14
CA PHE Q 596 -29.70 20.41 -26.25
C PHE Q 596 -30.73 21.26 -25.56
N ARG Q 597 -30.89 22.50 -25.96
CA ARG Q 597 -31.83 23.32 -25.23
C ARG Q 597 -33.27 22.84 -25.26
N ASN Q 598 -33.62 22.00 -26.21
CA ASN Q 598 -34.98 21.47 -26.30
C ASN Q 598 -34.99 20.00 -25.97
N VAL Q 599 -33.96 19.53 -25.30
CA VAL Q 599 -33.88 18.16 -24.90
C VAL Q 599 -34.08 18.00 -23.42
N VAL Q 600 -34.89 17.03 -23.02
CA VAL Q 600 -35.09 16.76 -21.61
C VAL Q 600 -34.04 15.73 -21.25
N LEU Q 601 -33.18 15.99 -20.29
CA LEU Q 601 -32.16 15.01 -19.98
C LEU Q 601 -32.49 14.22 -18.75
N VAL Q 602 -32.64 12.92 -18.90
CA VAL Q 602 -32.92 12.08 -17.79
C VAL Q 602 -31.89 11.02 -17.68
N MET Q 603 -31.30 10.91 -16.53
CA MET Q 603 -30.30 9.90 -16.33
C MET Q 603 -30.82 9.02 -15.26
N THR Q 604 -30.71 7.70 -15.40
CA THR Q 604 -31.22 6.88 -14.32
C THR Q 604 -30.09 6.18 -13.64
N THR Q 605 -30.30 5.74 -12.44
CA THR Q 605 -29.24 5.09 -11.70
C THR Q 605 -29.69 4.13 -10.62
N ASN Q 606 -28.80 3.22 -10.26
CA ASN Q 606 -29.05 2.27 -9.21
C ASN Q 606 -28.02 2.54 -8.13
N ALA Q 607 -27.41 3.73 -8.19
CA ALA Q 607 -26.42 4.07 -7.23
C ALA Q 607 -27.08 4.22 -5.91
N GLY Q 608 -26.45 3.71 -4.88
CA GLY Q 608 -26.98 3.87 -3.54
C GLY Q 608 -27.95 2.79 -3.15
N VAL Q 609 -28.37 1.96 -4.08
CA VAL Q 609 -29.34 0.96 -3.72
C VAL Q 609 -28.72 -0.17 -2.98
N ARG Q 610 -27.58 -0.61 -3.41
CA ARG Q 610 -26.99 -1.74 -2.75
C ARG Q 610 -26.82 -1.43 -1.28
N GLU Q 611 -26.45 -0.19 -0.99
CA GLU Q 611 -26.28 0.24 0.37
C GLU Q 611 -27.60 0.42 1.10
N THR Q 612 -28.62 0.99 0.46
CA THR Q 612 -29.83 1.26 1.20
C THR Q 612 -30.51 -0.03 1.62
N GLU Q 613 -30.30 -1.09 0.84
CA GLU Q 613 -30.89 -2.39 1.14
C GLU Q 613 -30.09 -3.27 2.10
N ARG Q 614 -29.00 -2.76 2.67
CA ARG Q 614 -28.18 -3.57 3.57
C ARG Q 614 -28.58 -3.47 5.04
N LYS Q 615 -28.66 -4.61 5.73
CA LYS Q 615 -29.01 -4.60 7.15
C LYS Q 615 -27.82 -4.27 8.00
N SER Q 616 -28.04 -3.40 8.95
CA SER Q 616 -27.03 -2.95 9.88
C SER Q 616 -26.82 -3.94 10.98
N ILE Q 617 -25.72 -3.82 11.71
CA ILE Q 617 -25.47 -4.71 12.82
C ILE Q 617 -25.76 -4.01 14.10
N GLY Q 618 -26.70 -4.49 14.88
CA GLY Q 618 -26.93 -3.86 16.17
C GLY Q 618 -28.31 -4.17 16.63
N LEU Q 619 -28.68 -3.63 17.77
CA LEU Q 619 -30.00 -3.87 18.31
C LEU Q 619 -31.05 -3.05 17.60
N ILE Q 620 -30.66 -1.88 17.12
CA ILE Q 620 -31.60 -1.02 16.46
C ILE Q 620 -31.29 -0.95 15.01
N HIS Q 621 -32.26 -1.26 14.15
CA HIS Q 621 -31.93 -1.18 12.75
C HIS Q 621 -31.84 0.24 12.35
N GLN Q 622 -30.83 0.52 11.59
CA GLN Q 622 -30.58 1.87 11.19
C GLN Q 622 -31.36 2.22 9.96
N ASP Q 623 -31.65 3.48 9.84
CA ASP Q 623 -32.30 4.02 8.68
C ASP Q 623 -31.28 4.32 7.61
N ASN Q 624 -31.31 3.57 6.53
CA ASN Q 624 -30.30 3.69 5.50
C ASN Q 624 -30.78 4.49 4.30
N SER Q 625 -31.72 5.39 4.52
CA SER Q 625 -32.24 6.22 3.45
C SER Q 625 -31.25 7.25 2.97
N THR Q 626 -30.17 7.52 3.69
CA THR Q 626 -29.21 8.50 3.24
C THR Q 626 -28.19 7.85 2.32
N ASP Q 627 -28.64 7.28 1.25
CA ASP Q 627 -27.81 6.67 0.21
C ASP Q 627 -27.31 7.75 -0.74
N ALA Q 628 -28.13 8.78 -0.83
CA ALA Q 628 -27.92 9.98 -1.59
C ALA Q 628 -26.73 10.69 -1.05
N MET Q 629 -26.48 10.51 0.23
CA MET Q 629 -25.37 11.17 0.87
C MET Q 629 -24.08 10.48 0.68
N GLU Q 630 -24.08 9.32 0.10
CA GLU Q 630 -22.82 8.68 -0.02
C GLU Q 630 -22.63 8.23 -1.41
N GLU Q 631 -23.48 7.40 -1.94
CA GLU Q 631 -23.13 6.96 -3.25
C GLU Q 631 -23.37 8.02 -4.27
N ILE Q 632 -24.43 8.76 -4.15
CA ILE Q 632 -24.60 9.71 -5.22
C ILE Q 632 -23.48 10.72 -5.14
N LYS Q 633 -23.16 11.17 -3.94
CA LYS Q 633 -22.10 12.14 -3.76
C LYS Q 633 -20.70 11.69 -4.13
N LYS Q 634 -20.39 10.41 -3.90
CA LYS Q 634 -19.09 9.87 -4.22
C LYS Q 634 -18.94 9.59 -5.69
N ILE Q 635 -20.03 9.25 -6.35
CA ILE Q 635 -19.98 8.92 -7.76
C ILE Q 635 -19.97 10.14 -8.64
N PHE Q 636 -20.84 11.09 -8.37
CA PHE Q 636 -20.91 12.24 -9.23
C PHE Q 636 -20.18 13.43 -8.65
N THR Q 637 -19.18 13.90 -9.37
CA THR Q 637 -18.37 15.02 -8.92
C THR Q 637 -19.25 16.22 -8.58
N PRO Q 638 -18.93 17.05 -7.57
CA PRO Q 638 -19.72 18.18 -7.16
C PRO Q 638 -20.17 19.07 -8.29
N GLU Q 639 -19.30 19.35 -9.25
CA GLU Q 639 -19.66 20.20 -10.38
C GLU Q 639 -20.76 19.59 -11.27
N PHE Q 640 -20.91 18.26 -11.22
CA PHE Q 640 -21.89 17.57 -12.00
C PHE Q 640 -23.15 17.73 -11.26
N ARG Q 641 -23.09 17.45 -9.98
CA ARG Q 641 -24.29 17.48 -9.21
C ARG Q 641 -24.86 18.85 -9.11
N ASN Q 642 -24.02 19.83 -9.06
CA ASN Q 642 -24.49 21.17 -8.86
C ASN Q 642 -25.12 21.72 -10.10
N ARG Q 643 -25.16 20.96 -11.19
CA ARG Q 643 -25.79 21.36 -12.42
C ARG Q 643 -27.09 20.65 -12.67
N LEU Q 644 -27.52 19.79 -11.76
CA LEU Q 644 -28.76 19.04 -11.95
C LEU Q 644 -29.93 19.85 -11.49
N ASP Q 645 -31.11 19.63 -12.07
CA ASP Q 645 -32.24 20.31 -11.52
C ASP Q 645 -32.70 19.55 -10.33
N ASN Q 646 -32.67 18.24 -10.43
CA ASN Q 646 -33.01 17.51 -9.24
C ASN Q 646 -32.49 16.10 -9.23
N ILE Q 647 -32.41 15.55 -8.04
CA ILE Q 647 -32.11 14.16 -7.81
C ILE Q 647 -33.33 13.62 -7.18
N ILE Q 648 -34.01 12.75 -7.87
CA ILE Q 648 -35.28 12.27 -7.42
C ILE Q 648 -35.23 10.84 -7.03
N TRP Q 649 -35.63 10.56 -5.80
CA TRP Q 649 -35.62 9.19 -5.27
C TRP Q 649 -36.95 8.47 -5.47
N PHE Q 650 -36.91 7.40 -6.25
CA PHE Q 650 -38.03 6.60 -6.52
C PHE Q 650 -38.16 5.71 -5.33
N ASP Q 651 -39.36 5.41 -4.91
CA ASP Q 651 -39.48 4.54 -3.77
C ASP Q 651 -39.73 3.12 -4.18
N HIS Q 652 -39.80 2.25 -3.18
CA HIS Q 652 -40.13 0.87 -3.40
C HIS Q 652 -41.59 0.91 -3.67
N LEU Q 653 -42.10 -0.03 -4.39
CA LEU Q 653 -43.50 0.08 -4.62
C LEU Q 653 -44.24 -0.51 -3.44
N SER Q 654 -45.33 0.13 -3.09
CA SER Q 654 -46.23 -0.31 -2.05
C SER Q 654 -47.12 -1.41 -2.56
N THR Q 655 -47.86 -2.04 -1.66
CA THR Q 655 -48.76 -3.08 -2.09
C THR Q 655 -49.94 -2.52 -2.85
N ASP Q 656 -50.29 -1.26 -2.60
CA ASP Q 656 -51.40 -0.65 -3.31
C ASP Q 656 -51.00 -0.52 -4.75
N VAL Q 657 -49.75 -0.10 -4.93
CA VAL Q 657 -49.19 -0.05 -6.24
C VAL Q 657 -49.13 -1.40 -6.86
N ILE Q 658 -48.76 -2.44 -6.12
CA ILE Q 658 -48.71 -3.70 -6.80
C ILE Q 658 -50.07 -4.02 -7.34
N HIS Q 659 -51.12 -3.76 -6.60
CA HIS Q 659 -52.40 -4.09 -7.19
C HIS Q 659 -52.58 -3.35 -8.50
N GLN Q 660 -52.18 -2.08 -8.55
CA GLN Q 660 -52.30 -1.33 -9.80
C GLN Q 660 -51.41 -1.91 -10.91
N VAL Q 661 -50.23 -2.36 -10.52
CA VAL Q 661 -49.27 -2.94 -11.44
C VAL Q 661 -49.82 -4.22 -12.02
N VAL Q 662 -50.43 -5.04 -11.18
CA VAL Q 662 -51.01 -6.26 -11.65
C VAL Q 662 -52.12 -5.94 -12.60
N ASP Q 663 -52.95 -4.97 -12.30
CA ASP Q 663 -54.00 -4.65 -13.24
C ASP Q 663 -53.40 -4.24 -14.56
N LYS Q 664 -52.33 -3.45 -14.52
CA LYS Q 664 -51.67 -3.02 -15.73
C LYS Q 664 -51.14 -4.16 -16.54
N PHE Q 665 -50.47 -5.11 -15.88
CA PHE Q 665 -49.90 -6.22 -16.60
C PHE Q 665 -50.97 -7.10 -17.16
N ILE Q 666 -52.08 -7.26 -16.45
CA ILE Q 666 -53.15 -8.07 -16.98
C ILE Q 666 -53.67 -7.41 -18.23
N VAL Q 667 -53.82 -6.10 -18.22
CA VAL Q 667 -54.27 -5.46 -19.44
C VAL Q 667 -53.30 -5.74 -20.56
N GLU Q 668 -51.99 -5.68 -20.31
CA GLU Q 668 -51.08 -5.96 -21.41
C GLU Q 668 -51.33 -7.36 -21.94
N LEU Q 669 -51.59 -8.31 -21.04
CA LEU Q 669 -51.89 -9.66 -21.44
C LEU Q 669 -53.15 -9.73 -22.24
N GLN Q 670 -54.16 -8.97 -21.83
CA GLN Q 670 -55.40 -8.99 -22.56
C GLN Q 670 -55.19 -8.53 -23.96
N VAL Q 671 -54.35 -7.53 -24.17
CA VAL Q 671 -54.14 -7.05 -25.51
C VAL Q 671 -53.46 -8.11 -26.36
N GLN Q 672 -52.45 -8.79 -25.84
CA GLN Q 672 -51.80 -9.80 -26.64
C GLN Q 672 -52.79 -10.88 -27.03
N LEU Q 673 -53.68 -11.23 -26.11
CA LEU Q 673 -54.68 -12.23 -26.39
C LEU Q 673 -55.73 -11.76 -27.40
N ASP Q 674 -56.15 -10.51 -27.29
CA ASP Q 674 -57.13 -9.98 -28.22
C ASP Q 674 -56.65 -10.10 -29.65
N GLN Q 675 -55.35 -9.95 -29.85
CA GLN Q 675 -54.77 -10.01 -31.18
C GLN Q 675 -54.84 -11.40 -31.78
N LYS Q 676 -55.11 -12.41 -30.95
CA LYS Q 676 -55.22 -13.78 -31.38
C LYS Q 676 -56.67 -14.21 -31.46
N GLY Q 677 -57.58 -13.27 -31.23
CA GLY Q 677 -58.99 -13.57 -31.29
C GLY Q 677 -59.56 -14.22 -30.04
N VAL Q 678 -58.88 -14.13 -28.92
CA VAL Q 678 -59.42 -14.75 -27.72
C VAL Q 678 -59.38 -13.67 -26.69
N SER Q 679 -60.08 -13.80 -25.61
CA SER Q 679 -60.00 -12.77 -24.59
C SER Q 679 -59.90 -13.40 -23.25
N LEU Q 680 -59.51 -12.60 -22.28
CA LEU Q 680 -59.32 -13.05 -20.92
C LEU Q 680 -59.97 -12.24 -19.85
N GLU Q 681 -60.68 -12.93 -18.99
CA GLU Q 681 -61.25 -12.33 -17.81
C GLU Q 681 -60.57 -12.89 -16.60
N VAL Q 682 -60.21 -12.03 -15.68
CA VAL Q 682 -59.61 -12.46 -14.44
C VAL Q 682 -60.47 -11.93 -13.32
N SER Q 683 -60.86 -12.79 -12.39
CA SER Q 683 -61.69 -12.34 -11.29
C SER Q 683 -60.89 -11.47 -10.35
N GLN Q 684 -61.56 -10.72 -9.50
CA GLN Q 684 -60.81 -9.88 -8.58
C GLN Q 684 -60.02 -10.68 -7.58
N GLU Q 685 -60.58 -11.83 -7.19
CA GLU Q 685 -59.91 -12.69 -6.22
C GLU Q 685 -58.62 -13.21 -6.81
N ALA Q 686 -58.67 -13.54 -8.09
CA ALA Q 686 -57.50 -14.02 -8.79
C ALA Q 686 -56.48 -12.92 -8.88
N ARG Q 687 -56.94 -11.69 -9.10
CA ARG Q 687 -55.99 -10.61 -9.18
C ARG Q 687 -55.36 -10.33 -7.85
N ASN Q 688 -56.14 -10.38 -6.78
CA ASN Q 688 -55.55 -10.08 -5.51
C ASN Q 688 -54.58 -11.15 -5.16
N TRP Q 689 -54.89 -12.38 -5.51
CA TRP Q 689 -54.01 -13.46 -5.22
C TRP Q 689 -52.69 -13.30 -5.92
N LEU Q 690 -52.71 -12.97 -7.22
CA LEU Q 690 -51.48 -12.82 -7.93
C LEU Q 690 -50.67 -11.69 -7.33
N ALA Q 691 -51.33 -10.60 -6.96
CA ALA Q 691 -50.62 -9.47 -6.38
C ALA Q 691 -49.96 -9.84 -5.07
N GLU Q 692 -50.68 -10.56 -4.25
CA GLU Q 692 -50.20 -10.95 -2.96
C GLU Q 692 -49.06 -11.93 -3.06
N LYS Q 693 -49.17 -12.84 -4.02
CA LYS Q 693 -48.17 -13.84 -4.25
C LYS Q 693 -46.86 -13.27 -4.74
N GLY Q 694 -46.93 -12.37 -5.72
CA GLY Q 694 -45.72 -11.83 -6.30
C GLY Q 694 -45.05 -10.69 -5.57
N TYR Q 695 -45.73 -10.01 -4.67
CA TYR Q 695 -45.05 -8.91 -4.06
C TYR Q 695 -43.80 -9.24 -3.33
N ASP Q 696 -42.80 -8.47 -3.66
CA ASP Q 696 -41.48 -8.48 -3.07
C ASP Q 696 -40.99 -7.07 -3.12
N ARG Q 697 -40.93 -6.43 -1.99
CA ARG Q 697 -40.55 -5.05 -1.94
C ARG Q 697 -39.18 -4.86 -2.58
N ALA Q 698 -38.29 -5.82 -2.39
CA ALA Q 698 -36.94 -5.71 -2.88
C ALA Q 698 -36.82 -5.61 -4.38
N MET Q 699 -37.72 -6.21 -5.14
CA MET Q 699 -37.55 -6.21 -6.58
C MET Q 699 -38.59 -5.35 -7.28
N GLY Q 700 -39.27 -4.51 -6.54
CA GLY Q 700 -40.25 -3.61 -7.13
C GLY Q 700 -41.35 -4.33 -7.90
N ALA Q 701 -41.64 -3.83 -9.09
CA ALA Q 701 -42.68 -4.37 -9.97
C ALA Q 701 -42.15 -5.41 -10.87
N ARG Q 702 -40.83 -5.62 -10.82
CA ARG Q 702 -40.15 -6.56 -11.71
C ARG Q 702 -40.55 -8.04 -11.75
N PRO Q 703 -40.91 -8.60 -10.61
CA PRO Q 703 -41.24 -9.99 -10.52
C PRO Q 703 -42.70 -10.19 -10.79
N MET Q 704 -43.48 -9.12 -10.84
CA MET Q 704 -44.89 -9.33 -10.99
C MET Q 704 -45.14 -9.84 -12.36
N ALA Q 705 -44.26 -9.49 -13.28
CA ALA Q 705 -44.45 -9.92 -14.63
C ALA Q 705 -44.18 -11.40 -14.73
N ARG Q 706 -43.40 -11.95 -13.79
CA ARG Q 706 -43.07 -13.33 -13.81
C ARG Q 706 -44.20 -14.09 -13.16
N VAL Q 707 -44.79 -13.52 -12.14
CA VAL Q 707 -45.90 -14.21 -11.51
C VAL Q 707 -47.01 -14.33 -12.51
N ILE Q 708 -47.26 -13.28 -13.26
CA ILE Q 708 -48.23 -13.36 -14.30
C ILE Q 708 -47.76 -14.33 -15.37
N GLN Q 709 -46.49 -14.30 -15.74
CA GLN Q 709 -46.04 -15.24 -16.72
C GLN Q 709 -46.30 -16.69 -16.31
N ASP Q 710 -46.07 -17.04 -15.06
CA ASP Q 710 -46.30 -18.42 -14.65
C ASP Q 710 -47.73 -18.78 -14.35
N ASN Q 711 -48.51 -17.84 -13.83
CA ASN Q 711 -49.85 -18.19 -13.49
C ASN Q 711 -50.84 -17.98 -14.60
N LEU Q 712 -50.59 -17.03 -15.50
CA LEU Q 712 -51.54 -16.86 -16.55
C LEU Q 712 -50.94 -17.20 -17.89
N LYS Q 713 -49.74 -16.72 -18.20
CA LYS Q 713 -49.26 -16.94 -19.55
C LYS Q 713 -48.91 -18.38 -19.87
N LYS Q 714 -48.29 -19.12 -18.96
CA LYS Q 714 -47.97 -20.49 -19.29
C LYS Q 714 -49.21 -21.31 -19.60
N PRO Q 715 -50.25 -21.37 -18.74
CA PRO Q 715 -51.49 -22.04 -19.03
C PRO Q 715 -52.07 -21.63 -20.35
N LEU Q 716 -52.04 -20.34 -20.63
CA LEU Q 716 -52.62 -19.88 -21.85
C LEU Q 716 -51.82 -20.35 -23.02
N ALA Q 717 -50.51 -20.31 -22.94
CA ALA Q 717 -49.77 -20.77 -24.09
C ALA Q 717 -50.12 -22.19 -24.40
N ASN Q 718 -50.33 -23.04 -23.40
CA ASN Q 718 -50.69 -24.37 -23.81
C ASN Q 718 -52.04 -24.41 -24.47
N GLU Q 719 -53.00 -23.65 -23.94
CA GLU Q 719 -54.34 -23.62 -24.53
C GLU Q 719 -54.38 -23.03 -25.95
N LEU Q 720 -53.52 -22.05 -26.20
CA LEU Q 720 -53.42 -21.35 -27.47
C LEU Q 720 -52.68 -22.18 -28.50
N LEU Q 721 -51.64 -22.85 -28.06
CA LEU Q 721 -50.80 -23.65 -28.93
C LEU Q 721 -51.31 -25.02 -29.25
N PHE Q 722 -52.06 -25.64 -28.38
CA PHE Q 722 -52.45 -27.01 -28.70
C PHE Q 722 -53.94 -27.18 -29.00
N GLY Q 723 -54.63 -26.08 -29.25
CA GLY Q 723 -56.04 -26.11 -29.66
C GLY Q 723 -57.13 -25.95 -28.60
N SER Q 724 -56.81 -25.98 -27.33
CA SER Q 724 -57.88 -25.86 -26.33
C SER Q 724 -58.55 -24.49 -26.34
N LEU Q 725 -57.77 -23.43 -26.58
CA LEU Q 725 -58.26 -22.06 -26.60
C LEU Q 725 -57.81 -21.34 -27.84
N VAL Q 726 -58.44 -21.63 -28.92
CA VAL Q 726 -58.10 -21.00 -30.15
C VAL Q 726 -59.36 -20.33 -30.64
N ASP Q 727 -59.49 -20.22 -31.93
CA ASP Q 727 -60.65 -19.59 -32.50
C ASP Q 727 -61.92 -20.21 -31.92
N GLY Q 728 -62.88 -19.35 -31.57
CA GLY Q 728 -64.16 -19.78 -31.03
C GLY Q 728 -64.33 -19.64 -29.51
N GLY Q 729 -63.25 -19.42 -28.75
CA GLY Q 729 -63.44 -19.28 -27.29
C GLY Q 729 -62.75 -18.13 -26.61
N GLN Q 730 -62.98 -18.07 -25.30
CA GLN Q 730 -62.47 -17.08 -24.36
C GLN Q 730 -62.12 -17.77 -23.08
N VAL Q 731 -61.23 -17.19 -22.31
CA VAL Q 731 -60.85 -17.81 -21.07
C VAL Q 731 -61.16 -17.01 -19.84
N THR Q 732 -61.78 -17.65 -18.87
CA THR Q 732 -62.06 -16.98 -17.63
C THR Q 732 -61.27 -17.62 -16.54
N VAL Q 733 -60.60 -16.79 -15.78
CA VAL Q 733 -59.79 -17.23 -14.68
C VAL Q 733 -60.34 -16.76 -13.37
N ALA Q 734 -60.50 -17.68 -12.47
CA ALA Q 734 -61.00 -17.36 -11.16
C ALA Q 734 -60.23 -18.12 -10.13
N LEU Q 735 -60.25 -17.63 -8.92
CA LEU Q 735 -59.51 -18.28 -7.86
C LEU Q 735 -60.45 -19.10 -7.02
N ASP Q 736 -60.06 -20.31 -6.64
CA ASP Q 736 -60.92 -21.07 -5.74
C ASP Q 736 -60.52 -20.62 -4.35
N LYS Q 737 -61.10 -21.16 -3.29
CA LYS Q 737 -60.68 -20.67 -1.99
C LYS Q 737 -59.93 -21.73 -1.22
N GLU Q 738 -60.23 -22.96 -1.57
CA GLU Q 738 -59.74 -24.16 -0.92
C GLU Q 738 -58.27 -24.39 -1.14
N LYS Q 739 -57.77 -24.08 -2.34
CA LYS Q 739 -56.41 -24.32 -2.70
C LYS Q 739 -55.77 -22.98 -3.06
N ASN Q 740 -56.63 -22.03 -3.39
CA ASN Q 740 -56.27 -20.73 -3.95
C ASN Q 740 -55.59 -20.93 -5.27
N GLU Q 741 -56.18 -21.83 -6.05
CA GLU Q 741 -55.67 -22.17 -7.36
C GLU Q 741 -56.54 -21.50 -8.41
N LEU Q 742 -55.97 -21.27 -9.58
CA LEU Q 742 -56.70 -20.63 -10.64
C LEU Q 742 -57.42 -21.61 -11.57
N THR Q 743 -58.55 -21.18 -12.08
CA THR Q 743 -59.36 -21.90 -13.04
C THR Q 743 -59.08 -21.37 -14.43
N TYR Q 744 -59.52 -22.08 -15.45
CA TYR Q 744 -59.31 -21.68 -16.84
C TYR Q 744 -60.52 -22.16 -17.64
N GLY Q 745 -60.62 -21.90 -18.94
CA GLY Q 745 -61.82 -22.31 -19.68
C GLY Q 745 -61.80 -21.99 -21.17
N PHE Q 746 -62.99 -21.99 -21.78
CA PHE Q 746 -63.20 -21.75 -23.21
C PHE Q 746 -64.58 -21.17 -23.47
N MET R 169 10.45 38.28 -80.69
CA MET R 169 10.63 39.13 -79.53
C MET R 169 9.81 40.37 -79.77
N GLU R 170 8.96 40.28 -80.78
CA GLU R 170 8.05 41.34 -81.14
C GLU R 170 6.95 41.52 -80.12
N ASN R 171 6.39 40.40 -79.67
CA ASN R 171 5.29 40.41 -78.73
C ASN R 171 5.29 39.33 -77.64
N PHE R 172 6.39 38.59 -77.47
CA PHE R 172 6.37 37.58 -76.43
C PHE R 172 7.29 37.91 -75.29
N THR R 173 8.15 38.88 -75.50
CA THR R 173 9.10 39.28 -74.50
C THR R 173 9.06 40.78 -74.47
N THR R 174 9.58 41.37 -73.42
CA THR R 174 9.72 42.81 -73.45
C THR R 174 11.13 43.18 -73.14
N ASN R 175 11.45 44.44 -73.35
CA ASN R 175 12.80 44.94 -73.11
C ASN R 175 12.90 45.67 -71.78
N LEU R 176 13.57 45.09 -70.80
CA LEU R 176 13.60 45.68 -69.49
C LEU R 176 14.55 46.86 -69.45
N ASN R 177 15.44 46.96 -70.43
CA ASN R 177 16.37 48.05 -70.38
C ASN R 177 15.58 49.23 -70.87
N GLN R 178 14.74 48.97 -71.86
CA GLN R 178 13.95 50.06 -72.39
C GLN R 178 12.96 50.53 -71.36
N LEU R 179 12.41 49.60 -70.57
CA LEU R 179 11.50 50.05 -69.56
C LEU R 179 12.26 50.79 -68.48
N ALA R 180 13.43 50.31 -68.09
CA ALA R 180 14.13 51.02 -67.05
C ALA R 180 14.48 52.41 -67.50
N ARG R 181 14.79 52.53 -68.77
CA ARG R 181 15.20 53.75 -69.43
C ARG R 181 14.12 54.83 -69.38
N VAL R 182 12.86 54.43 -69.21
CA VAL R 182 11.78 55.38 -69.21
C VAL R 182 11.12 55.42 -67.83
N GLY R 183 11.76 54.81 -66.83
CA GLY R 183 11.24 54.81 -65.48
C GLY R 183 10.17 53.74 -65.18
N GLY R 184 10.12 52.66 -65.96
CA GLY R 184 9.10 51.63 -65.73
C GLY R 184 9.54 50.63 -64.67
N ILE R 185 10.76 50.76 -64.20
CA ILE R 185 11.37 49.89 -63.21
C ILE R 185 11.87 50.63 -61.99
N ASP R 186 11.38 50.23 -60.82
CA ASP R 186 11.80 50.84 -59.58
C ASP R 186 13.26 50.50 -59.34
N PRO R 187 14.07 51.40 -58.75
CA PRO R 187 15.48 51.23 -58.49
C PRO R 187 15.73 50.26 -57.39
N LEU R 188 16.88 49.61 -57.41
CA LEU R 188 17.28 48.85 -56.26
C LEU R 188 18.08 49.65 -55.33
N ILE R 189 17.85 49.42 -54.08
CA ILE R 189 18.67 49.98 -53.07
C ILE R 189 19.47 48.87 -52.42
N GLY R 190 20.77 49.00 -52.42
CA GLY R 190 21.56 47.91 -51.86
C GLY R 190 21.53 46.75 -52.85
N ARG R 191 21.70 45.54 -52.34
CA ARG R 191 21.73 44.35 -53.17
C ARG R 191 22.87 44.41 -54.19
N GLU R 192 24.03 44.93 -53.79
CA GLU R 192 25.14 45.01 -54.70
C GLU R 192 25.73 43.66 -54.99
N LYS R 193 25.89 42.85 -53.94
CA LYS R 193 26.55 41.59 -54.14
C LYS R 193 25.66 40.65 -54.93
N GLU R 194 24.35 40.80 -54.80
CA GLU R 194 23.44 39.94 -55.51
C GLU R 194 23.53 40.24 -57.00
N LEU R 195 23.64 41.52 -57.36
CA LEU R 195 23.79 41.84 -58.75
C LEU R 195 25.13 41.33 -59.25
N GLU R 196 26.15 41.47 -58.41
CA GLU R 196 27.46 41.02 -58.82
C GLU R 196 27.44 39.54 -59.06
N ARG R 197 26.73 38.78 -58.22
CA ARG R 197 26.70 37.37 -58.46
C ARG R 197 26.04 37.08 -59.77
N ALA R 198 24.95 37.77 -60.09
CA ALA R 198 24.33 37.45 -61.36
C ALA R 198 25.32 37.69 -62.49
N ILE R 199 26.10 38.75 -62.38
CA ILE R 199 27.07 39.07 -63.41
C ILE R 199 28.15 37.99 -63.49
N GLN R 200 28.65 37.58 -62.33
CA GLN R 200 29.69 36.57 -62.19
C GLN R 200 29.24 35.22 -62.70
N VAL R 201 27.95 34.94 -62.68
CA VAL R 201 27.50 33.69 -63.23
C VAL R 201 27.35 33.81 -64.75
N LEU R 202 26.78 34.90 -65.21
CA LEU R 202 26.47 35.06 -66.63
C LEU R 202 27.69 35.06 -67.51
N CYS R 203 28.81 35.53 -66.95
CA CYS R 203 30.07 35.57 -67.69
C CYS R 203 30.89 34.26 -67.67
N ARG R 204 30.36 33.22 -67.02
CA ARG R 204 31.07 31.93 -66.95
C ARG R 204 31.20 31.25 -68.31
N ARG R 205 32.18 30.36 -68.45
CA ARG R 205 32.39 29.64 -69.71
C ARG R 205 31.25 28.65 -69.92
N ARG R 206 30.85 28.01 -68.83
CA ARG R 206 29.79 27.03 -68.85
C ARG R 206 28.89 27.19 -67.64
N LYS R 207 27.60 26.84 -67.81
CA LYS R 207 26.60 26.89 -66.73
C LYS R 207 26.48 28.32 -66.25
N ASN R 208 26.51 29.23 -67.20
CA ASN R 208 26.43 30.63 -66.95
C ASN R 208 25.03 31.18 -66.91
N ASN R 209 24.23 30.64 -66.02
CA ASN R 209 22.86 31.10 -65.89
C ASN R 209 22.49 31.25 -64.42
N PRO R 210 22.45 32.44 -63.83
CA PRO R 210 22.12 32.62 -62.46
C PRO R 210 20.69 32.30 -62.23
N LEU R 211 20.36 31.77 -61.10
CA LEU R 211 18.99 31.55 -60.70
C LEU R 211 18.74 32.30 -59.41
N LEU R 212 17.75 33.14 -59.40
CA LEU R 212 17.48 33.95 -58.25
C LEU R 212 16.45 33.25 -57.41
N VAL R 213 16.88 32.74 -56.25
CA VAL R 213 15.98 31.93 -55.44
C VAL R 213 15.77 32.57 -54.10
N GLY R 214 14.53 32.71 -53.71
CA GLY R 214 14.31 33.30 -52.39
C GLY R 214 12.88 33.29 -51.91
N GLU R 215 12.67 33.88 -50.76
CA GLU R 215 11.37 33.97 -50.09
C GLU R 215 10.51 34.93 -50.82
N SER R 216 9.22 34.85 -50.67
CA SER R 216 8.41 35.83 -51.37
C SER R 216 8.65 37.25 -50.94
N GLY R 217 8.66 38.17 -51.89
CA GLY R 217 8.80 39.59 -51.59
C GLY R 217 10.20 40.04 -51.16
N VAL R 218 11.27 39.35 -51.54
CA VAL R 218 12.56 39.83 -51.04
C VAL R 218 13.51 40.38 -52.08
N GLY R 219 13.16 40.33 -53.34
CA GLY R 219 14.10 40.80 -54.35
C GLY R 219 13.84 40.12 -55.67
N LYS R 220 14.18 38.85 -55.79
CA LYS R 220 13.85 38.11 -57.00
C LYS R 220 13.75 38.98 -58.26
N THR R 221 12.51 39.25 -58.71
CA THR R 221 12.27 40.10 -59.87
C THR R 221 12.84 41.47 -59.68
N ALA R 222 12.69 42.08 -58.51
CA ALA R 222 13.20 43.43 -58.37
C ALA R 222 14.68 43.43 -58.66
N ILE R 223 15.37 42.37 -58.27
CA ILE R 223 16.79 42.34 -58.55
C ILE R 223 17.06 42.20 -60.03
N ALA R 224 16.36 41.29 -60.71
CA ALA R 224 16.61 41.14 -62.15
C ALA R 224 16.29 42.41 -62.92
N GLU R 225 15.22 43.09 -62.53
CA GLU R 225 14.84 44.31 -63.22
C GLU R 225 15.81 45.38 -62.85
N GLY R 226 16.27 45.36 -61.61
CA GLY R 226 17.24 46.29 -61.10
C GLY R 226 18.53 46.22 -61.89
N LEU R 227 18.90 45.03 -62.37
CA LEU R 227 20.09 44.94 -63.17
C LEU R 227 19.86 45.66 -64.48
N ALA R 228 18.70 45.45 -65.12
CA ALA R 228 18.44 46.15 -66.39
C ALA R 228 18.52 47.64 -66.18
N TRP R 229 18.02 48.07 -65.04
CA TRP R 229 18.06 49.44 -64.66
C TRP R 229 19.49 49.92 -64.50
N ARG R 230 20.33 49.20 -63.76
CA ARG R 230 21.68 49.71 -63.64
C ARG R 230 22.38 49.71 -64.99
N ILE R 231 22.07 48.77 -65.87
CA ILE R 231 22.72 48.77 -67.16
C ILE R 231 22.41 50.03 -67.93
N VAL R 232 21.15 50.45 -67.96
CA VAL R 232 20.86 51.67 -68.70
C VAL R 232 21.35 52.91 -67.96
N GLN R 233 21.38 52.87 -66.62
CA GLN R 233 21.89 54.00 -65.85
C GLN R 233 23.39 54.11 -66.06
N GLY R 234 24.02 52.96 -66.28
CA GLY R 234 25.44 52.84 -66.57
C GLY R 234 26.35 52.44 -65.41
N ASP R 235 25.85 52.38 -64.18
CA ASP R 235 26.71 52.00 -63.08
C ASP R 235 26.84 50.49 -62.90
N VAL R 236 27.38 49.87 -63.90
CA VAL R 236 27.61 48.44 -63.94
C VAL R 236 29.03 48.24 -64.40
N PRO R 237 29.65 47.10 -64.15
CA PRO R 237 30.92 46.79 -64.74
C PRO R 237 30.65 46.95 -66.22
N GLU R 238 31.56 47.59 -66.94
CA GLU R 238 31.42 47.93 -68.35
C GLU R 238 31.16 46.75 -69.24
N VAL R 239 31.53 45.62 -68.79
CA VAL R 239 31.34 44.39 -69.50
C VAL R 239 29.85 44.07 -69.69
N MET R 240 29.00 44.65 -68.85
CA MET R 240 27.56 44.50 -68.94
C MET R 240 26.95 45.58 -69.81
N ALA R 241 27.79 46.45 -70.33
CA ALA R 241 27.29 47.52 -71.12
C ALA R 241 26.64 46.93 -72.33
N ASP R 242 25.55 47.55 -72.72
CA ASP R 242 24.76 47.19 -73.87
C ASP R 242 24.14 45.82 -73.74
N CYS R 243 24.20 45.22 -72.55
CA CYS R 243 23.58 43.96 -72.35
C CYS R 243 22.12 44.23 -72.15
N THR R 244 21.30 43.65 -72.99
CA THR R 244 19.89 43.95 -72.91
C THR R 244 19.11 42.80 -72.34
N ILE R 245 18.37 43.08 -71.27
CA ILE R 245 17.63 42.03 -70.62
C ILE R 245 16.20 42.05 -71.08
N TYR R 246 15.78 40.92 -71.60
CA TYR R 246 14.44 40.80 -72.08
C TYR R 246 13.66 40.00 -71.07
N SER R 247 12.40 40.26 -70.90
CA SER R 247 11.59 39.51 -69.96
C SER R 247 10.55 38.72 -70.68
N LEU R 248 10.55 37.41 -70.43
CA LEU R 248 9.63 36.52 -71.13
C LEU R 248 8.27 36.41 -70.53
N ASP R 249 7.24 36.64 -71.34
CA ASP R 249 5.88 36.47 -70.91
C ASP R 249 5.48 35.07 -71.32
N ILE R 250 5.51 34.14 -70.39
CA ILE R 250 5.28 32.74 -70.71
C ILE R 250 3.86 32.59 -71.21
N GLY R 251 2.93 33.22 -70.51
CA GLY R 251 1.53 33.12 -70.86
C GLY R 251 1.29 33.68 -72.26
N SER R 252 2.02 34.73 -72.63
CA SER R 252 1.85 35.29 -73.97
C SER R 252 2.33 34.33 -75.01
N LEU R 253 3.48 33.73 -74.77
CA LEU R 253 4.03 32.82 -75.75
C LEU R 253 3.11 31.63 -75.95
N LEU R 254 2.48 31.19 -74.87
CA LEU R 254 1.54 30.08 -74.91
C LEU R 254 0.16 30.49 -75.42
N ALA R 255 -0.09 31.78 -75.59
CA ALA R 255 -1.38 32.27 -76.04
C ALA R 255 -1.31 32.19 -77.52
N GLY R 256 -1.27 30.96 -77.97
CA GLY R 256 -0.97 30.62 -79.33
C GLY R 256 -2.14 30.19 -80.10
N THR R 257 -1.87 29.25 -80.96
CA THR R 257 -2.85 28.79 -81.87
C THR R 257 -3.16 27.37 -81.55
N LYS R 258 -4.26 26.91 -82.12
CA LYS R 258 -4.70 25.56 -81.93
C LYS R 258 -3.72 24.58 -82.52
N TYR R 259 -3.10 24.97 -83.60
CA TYR R 259 -2.28 24.11 -84.41
C TYR R 259 -0.97 23.57 -83.87
N ARG R 260 -0.78 22.28 -84.15
CA ARG R 260 0.41 21.58 -83.74
C ARG R 260 1.63 22.23 -84.32
N GLY R 261 2.64 22.41 -83.50
CA GLY R 261 3.89 22.98 -83.98
C GLY R 261 4.00 24.49 -83.88
N ASP R 262 2.90 25.19 -83.66
CA ASP R 262 3.06 26.64 -83.62
C ASP R 262 3.77 27.10 -82.38
N PHE R 263 3.60 26.40 -81.27
CA PHE R 263 4.28 26.79 -80.06
C PHE R 263 5.77 26.69 -80.22
N GLU R 264 6.20 25.54 -80.73
CA GLU R 264 7.61 25.25 -80.94
C GLU R 264 8.23 26.27 -81.88
N LYS R 265 7.51 26.62 -82.93
CA LYS R 265 8.05 27.60 -83.86
C LYS R 265 8.19 28.96 -83.21
N ARG R 266 7.21 29.38 -82.40
CA ARG R 266 7.35 30.67 -81.77
C ARG R 266 8.48 30.67 -80.77
N PHE R 267 8.60 29.59 -80.03
CA PHE R 267 9.60 29.52 -79.01
C PHE R 267 10.97 29.59 -79.66
N LYS R 268 11.17 28.78 -80.70
CA LYS R 268 12.44 28.80 -81.36
C LYS R 268 12.67 30.12 -82.04
N ALA R 269 11.65 30.75 -82.59
CA ALA R 269 11.87 32.03 -83.25
C ALA R 269 12.43 33.04 -82.25
N LEU R 270 11.95 33.00 -81.01
CA LEU R 270 12.49 33.93 -80.02
C LEU R 270 13.92 33.61 -79.75
N LEU R 271 14.22 32.32 -79.66
CA LEU R 271 15.58 31.96 -79.39
C LEU R 271 16.46 32.34 -80.56
N LYS R 272 16.01 32.18 -81.79
CA LYS R 272 16.87 32.53 -82.90
C LYS R 272 17.26 34.00 -82.80
N GLN R 273 16.31 34.85 -82.46
CA GLN R 273 16.63 36.26 -82.37
C GLN R 273 17.61 36.51 -81.20
N LEU R 274 17.43 35.79 -80.10
CA LEU R 274 18.27 35.90 -78.91
C LEU R 274 19.71 35.43 -79.22
N GLU R 275 19.81 34.31 -79.96
CA GLU R 275 21.05 33.67 -80.36
C GLU R 275 21.82 34.55 -81.33
N GLN R 276 21.12 35.18 -82.26
CA GLN R 276 21.77 36.05 -83.22
C GLN R 276 22.35 37.28 -82.56
N ASP R 277 21.64 37.85 -81.60
CA ASP R 277 22.14 39.02 -80.92
C ASP R 277 23.39 38.75 -80.09
N THR R 278 23.30 37.77 -79.18
CA THR R 278 24.35 37.33 -78.25
C THR R 278 24.65 38.30 -77.09
N ASN R 279 24.19 39.56 -77.15
CA ASN R 279 24.37 40.43 -75.98
C ASN R 279 23.02 40.71 -75.40
N SER R 280 22.12 39.79 -75.72
CA SER R 280 20.77 39.74 -75.28
C SER R 280 20.65 38.59 -74.34
N ILE R 281 20.18 38.90 -73.18
CA ILE R 281 20.02 38.00 -72.07
C ILE R 281 18.55 37.90 -71.75
N LEU R 282 18.07 36.69 -71.54
CA LEU R 282 16.65 36.58 -71.27
C LEU R 282 16.37 36.29 -69.80
N PHE R 283 15.50 37.08 -69.22
CA PHE R 283 15.04 36.91 -67.86
C PHE R 283 13.73 36.17 -67.85
N ILE R 284 13.75 35.04 -67.18
CA ILE R 284 12.55 34.26 -67.13
C ILE R 284 12.09 34.23 -65.71
N ASP R 285 10.99 34.91 -65.48
CA ASP R 285 10.42 34.94 -64.17
C ASP R 285 9.69 33.64 -64.07
N GLU R 286 9.40 33.22 -62.84
CA GLU R 286 8.68 31.97 -62.62
C GLU R 286 9.27 30.98 -63.61
N ILE R 287 10.57 30.78 -63.52
CA ILE R 287 11.27 29.90 -64.41
C ILE R 287 10.89 28.46 -64.30
N HIS R 288 10.45 28.05 -63.12
CA HIS R 288 10.04 26.67 -62.90
C HIS R 288 8.67 26.36 -63.52
N THR R 289 8.06 27.35 -64.20
CA THR R 289 6.78 27.11 -64.80
C THR R 289 6.94 26.82 -66.26
N ILE R 290 8.18 26.91 -66.77
CA ILE R 290 8.38 26.61 -68.17
C ILE R 290 8.31 25.09 -68.31
N ILE R 291 8.50 24.41 -67.20
CA ILE R 291 8.48 22.97 -67.25
C ILE R 291 7.09 22.81 -67.75
N GLY R 292 6.66 21.60 -68.02
CA GLY R 292 5.32 21.46 -68.55
C GLY R 292 5.35 22.41 -69.71
N ALA R 293 4.28 23.14 -69.93
CA ALA R 293 4.21 24.10 -71.01
C ALA R 293 3.93 23.52 -72.41
N GLY R 294 3.20 24.30 -73.20
CA GLY R 294 2.82 23.98 -74.55
C GLY R 294 2.44 22.58 -74.95
N ALA R 295 3.13 21.61 -74.40
CA ALA R 295 2.90 20.20 -74.74
C ALA R 295 1.43 19.81 -74.98
N ALA R 296 1.13 19.35 -76.18
CA ALA R 296 -0.22 18.94 -76.54
C ALA R 296 -0.22 17.52 -77.09
N SER R 297 -0.84 17.29 -78.25
CA SER R 297 -0.85 15.93 -78.77
C SER R 297 0.25 15.88 -79.81
N GLY R 298 0.81 14.71 -80.10
CA GLY R 298 1.91 14.66 -81.06
C GLY R 298 3.24 15.05 -80.40
N GLY R 299 3.36 14.78 -79.09
CA GLY R 299 4.58 15.08 -78.33
C GLY R 299 4.58 16.53 -77.90
N GLN R 300 4.75 17.41 -78.88
CA GLN R 300 4.72 18.86 -78.65
C GLN R 300 5.60 19.29 -77.49
N VAL R 301 6.88 19.05 -77.64
CA VAL R 301 7.87 19.34 -76.62
C VAL R 301 7.73 20.77 -76.07
N ASP R 302 7.81 20.89 -74.75
CA ASP R 302 7.65 22.18 -74.08
C ASP R 302 8.89 23.08 -74.03
N ALA R 303 8.69 24.25 -73.43
CA ALA R 303 9.72 25.25 -73.27
C ALA R 303 10.93 24.77 -72.52
N ALA R 304 10.71 23.95 -71.51
CA ALA R 304 11.82 23.45 -70.73
C ALA R 304 12.77 22.67 -71.58
N ASN R 305 12.25 21.94 -72.55
CA ASN R 305 13.10 21.16 -73.43
C ASN R 305 13.55 21.91 -74.67
N LEU R 306 12.72 22.77 -75.22
CA LEU R 306 13.06 23.49 -76.43
C LEU R 306 14.29 24.37 -76.20
N ILE R 307 14.42 24.89 -74.99
CA ILE R 307 15.57 25.70 -74.61
C ILE R 307 16.85 24.93 -74.23
N LYS R 308 16.75 23.62 -73.92
CA LYS R 308 17.90 22.91 -73.40
C LYS R 308 19.16 23.00 -74.23
N PRO R 309 19.13 22.82 -75.56
CA PRO R 309 20.31 22.85 -76.40
C PRO R 309 21.06 24.17 -76.36
N LEU R 310 20.40 25.27 -76.00
CA LEU R 310 21.13 26.51 -76.02
C LEU R 310 21.70 26.78 -74.67
N LEU R 311 21.05 26.22 -73.63
CA LEU R 311 21.62 26.42 -72.32
C LEU R 311 22.76 25.45 -72.16
N SER R 312 22.65 24.30 -72.86
CA SER R 312 23.63 23.22 -72.88
C SER R 312 24.90 23.63 -73.63
N SER R 313 24.75 24.36 -74.75
CA SER R 313 25.92 24.79 -75.50
C SER R 313 26.49 26.10 -74.97
N GLY R 314 25.65 26.89 -74.32
CA GLY R 314 26.05 28.18 -73.81
C GLY R 314 25.75 29.27 -74.84
N LYS R 315 25.07 28.90 -75.92
CA LYS R 315 24.73 29.88 -76.95
C LYS R 315 23.91 31.04 -76.42
N ILE R 316 23.00 30.77 -75.50
CA ILE R 316 22.22 31.88 -74.95
C ILE R 316 22.38 31.83 -73.45
N ARG R 317 22.03 32.90 -72.78
CA ARG R 317 22.12 32.88 -71.35
C ARG R 317 20.87 33.49 -70.80
N VAL R 318 20.46 33.00 -69.65
CA VAL R 318 19.27 33.50 -69.02
C VAL R 318 19.47 33.81 -67.57
N ILE R 319 18.58 34.59 -67.03
CA ILE R 319 18.50 34.84 -65.61
C ILE R 319 17.20 34.23 -65.21
N GLY R 320 17.17 33.33 -64.26
CA GLY R 320 15.87 32.78 -63.92
C GLY R 320 15.48 33.21 -62.52
N SER R 321 14.21 33.09 -62.19
CA SER R 321 13.74 33.35 -60.82
C SER R 321 12.66 32.42 -60.34
N THR R 322 12.77 31.99 -59.07
CA THR R 322 11.83 31.05 -58.47
C THR R 322 11.87 31.10 -56.92
N THR R 323 10.84 30.60 -56.23
CA THR R 323 10.97 30.54 -54.76
C THR R 323 11.51 29.21 -54.30
N TYR R 324 11.62 29.05 -52.99
CA TYR R 324 12.24 27.85 -52.48
C TYR R 324 11.45 26.58 -52.72
N GLN R 325 10.14 26.66 -52.64
CA GLN R 325 9.30 25.49 -52.81
C GLN R 325 9.19 25.17 -54.27
N GLU R 326 9.14 26.20 -55.08
CA GLU R 326 9.03 26.02 -56.49
C GLU R 326 10.32 25.42 -56.99
N PHE R 327 11.42 25.90 -56.44
CA PHE R 327 12.74 25.39 -56.78
C PHE R 327 12.93 23.95 -56.28
N SER R 328 12.45 23.68 -55.06
CA SER R 328 12.57 22.35 -54.50
C SER R 328 11.68 21.32 -55.14
N ASN R 329 10.45 21.68 -55.48
CA ASN R 329 9.54 20.70 -56.02
C ASN R 329 9.43 20.65 -57.52
N ILE R 330 9.73 21.72 -58.23
CA ILE R 330 9.58 21.68 -59.67
C ILE R 330 10.92 21.86 -60.38
N PHE R 331 11.61 22.95 -60.10
CA PHE R 331 12.78 23.31 -60.88
C PHE R 331 13.85 22.23 -60.78
N GLU R 332 14.12 21.80 -59.55
CA GLU R 332 15.17 20.83 -59.27
C GLU R 332 14.85 19.43 -59.74
N LYS R 333 13.67 19.19 -60.24
CA LYS R 333 13.35 17.85 -60.65
C LYS R 333 13.88 17.57 -62.04
N ASP R 334 14.20 18.60 -62.83
CA ASP R 334 14.73 18.28 -64.13
C ASP R 334 16.15 18.79 -64.18
N ARG R 335 17.08 17.87 -63.98
CA ARG R 335 18.47 18.18 -63.85
C ARG R 335 19.06 18.67 -65.13
N ALA R 336 18.42 18.39 -66.24
CA ALA R 336 18.96 18.82 -67.50
C ALA R 336 19.04 20.33 -67.53
N LEU R 337 18.09 21.01 -66.85
CA LEU R 337 18.17 22.45 -66.78
C LEU R 337 18.85 22.86 -65.52
N ALA R 338 18.54 22.19 -64.41
CA ALA R 338 19.09 22.64 -63.13
C ALA R 338 20.61 22.66 -63.13
N ARG R 339 21.23 21.73 -63.84
CA ARG R 339 22.67 21.63 -63.90
C ARG R 339 23.32 22.82 -64.62
N ARG R 340 22.53 23.57 -65.36
CA ARG R 340 23.06 24.70 -66.12
C ARG R 340 22.83 26.01 -65.38
N PHE R 341 22.35 25.92 -64.15
CA PHE R 341 22.10 27.12 -63.38
C PHE R 341 22.86 27.21 -62.09
N GLN R 342 23.17 28.43 -61.73
CA GLN R 342 23.82 28.67 -60.46
C GLN R 342 22.90 29.39 -59.52
N LYS R 343 22.53 28.72 -58.46
CA LYS R 343 21.63 29.34 -57.52
C LYS R 343 22.29 30.42 -56.71
N ILE R 344 21.61 31.55 -56.64
CA ILE R 344 21.95 32.66 -55.79
C ILE R 344 20.89 32.80 -54.70
N ASP R 345 21.33 32.75 -53.46
CA ASP R 345 20.38 32.84 -52.35
C ASP R 345 20.07 34.27 -52.00
N ILE R 346 18.83 34.67 -52.19
CA ILE R 346 18.44 36.03 -51.92
C ILE R 346 17.67 36.02 -50.65
N THR R 347 18.20 36.61 -49.62
CA THR R 347 17.53 36.55 -48.35
C THR R 347 16.86 37.85 -48.06
N GLU R 348 15.97 37.82 -47.07
CA GLU R 348 15.28 39.02 -46.62
C GLU R 348 16.26 39.93 -45.85
N PRO R 349 16.25 41.21 -46.21
CA PRO R 349 17.08 42.23 -45.63
C PRO R 349 16.62 42.48 -44.23
N SER R 350 17.43 43.16 -43.44
CA SER R 350 17.06 43.52 -42.11
C SER R 350 16.46 44.92 -42.06
N ILE R 351 16.41 45.48 -40.86
CA ILE R 351 15.76 46.74 -40.60
C ILE R 351 16.45 47.89 -41.28
N GLU R 352 17.76 47.95 -41.21
CA GLU R 352 18.44 49.09 -41.77
C GLU R 352 18.33 49.12 -43.26
N GLU R 353 18.48 47.95 -43.88
CA GLU R 353 18.36 47.83 -45.32
C GLU R 353 16.95 48.16 -45.78
N THR R 354 15.94 47.87 -44.96
CA THR R 354 14.59 48.17 -45.33
C THR R 354 14.33 49.64 -45.21
N VAL R 355 14.85 50.29 -44.18
CA VAL R 355 14.63 51.71 -44.06
C VAL R 355 15.27 52.41 -45.24
N GLN R 356 16.47 51.99 -45.62
CA GLN R 356 17.15 52.59 -46.75
C GLN R 356 16.38 52.33 -48.04
N ILE R 357 15.81 51.15 -48.19
CA ILE R 357 15.06 50.79 -49.37
C ILE R 357 13.86 51.67 -49.48
N ILE R 358 13.16 51.87 -48.38
CA ILE R 358 12.03 52.73 -48.44
C ILE R 358 12.49 54.11 -48.78
N ASN R 359 13.55 54.60 -48.17
CA ASN R 359 13.96 55.95 -48.50
C ASN R 359 14.31 56.11 -49.97
N GLY R 360 14.90 55.10 -50.58
CA GLY R 360 15.20 55.21 -51.99
C GLY R 360 13.93 55.22 -52.84
N LEU R 361 12.95 54.40 -52.47
CA LEU R 361 11.70 54.31 -53.22
C LEU R 361 10.71 55.38 -52.84
N LYS R 362 10.85 55.86 -51.63
CA LYS R 362 9.97 56.85 -51.04
C LYS R 362 9.53 57.93 -51.99
N PRO R 363 10.40 58.64 -52.74
CA PRO R 363 9.99 59.72 -53.61
C PRO R 363 8.92 59.31 -54.61
N LYS R 364 8.85 58.03 -54.96
CA LYS R 364 7.87 57.56 -55.91
C LYS R 364 6.53 57.47 -55.27
N TYR R 365 6.54 57.10 -53.99
CA TYR R 365 5.30 56.98 -53.27
C TYR R 365 4.86 58.37 -52.95
N GLU R 366 5.83 59.23 -52.65
CA GLU R 366 5.48 60.58 -52.32
C GLU R 366 4.87 61.24 -53.51
N ALA R 367 5.42 61.00 -54.68
CA ALA R 367 4.83 61.61 -55.85
C ALA R 367 3.48 61.01 -56.14
N HIS R 368 3.35 59.70 -56.08
CA HIS R 368 2.11 59.06 -56.46
C HIS R 368 0.96 59.50 -55.60
N HIS R 369 1.20 59.57 -54.30
CA HIS R 369 0.15 59.88 -53.37
C HIS R 369 0.08 61.34 -53.00
N ASP R 370 0.91 62.18 -53.58
CA ASP R 370 0.95 63.58 -53.18
C ASP R 370 1.17 63.73 -51.67
N VAL R 371 2.12 62.98 -51.12
CA VAL R 371 2.44 63.01 -49.69
C VAL R 371 3.90 63.16 -49.45
N ARG R 372 4.26 63.43 -48.22
CA ARG R 372 5.66 63.42 -47.82
C ARG R 372 5.77 62.61 -46.57
N TYR R 373 6.72 61.68 -46.48
CA TYR R 373 6.84 60.85 -45.29
C TYR R 373 7.97 61.34 -44.41
N THR R 374 7.75 61.36 -43.09
CA THR R 374 8.83 61.82 -42.23
C THR R 374 9.83 60.70 -42.08
N ALA R 375 11.03 61.02 -41.60
CA ALA R 375 12.02 59.98 -41.37
C ALA R 375 11.56 59.03 -40.29
N LYS R 376 10.86 59.57 -39.30
CA LYS R 376 10.38 58.76 -38.22
C LYS R 376 9.32 57.82 -38.73
N ALA R 377 8.45 58.31 -39.61
CA ALA R 377 7.41 57.48 -40.17
C ALA R 377 8.00 56.32 -40.92
N VAL R 378 9.09 56.55 -41.66
CA VAL R 378 9.68 55.44 -42.36
C VAL R 378 10.26 54.44 -41.41
N ARG R 379 10.96 54.91 -40.41
CA ARG R 379 11.51 53.94 -39.53
C ARG R 379 10.41 53.16 -38.84
N ALA R 380 9.32 53.84 -38.44
CA ALA R 380 8.22 53.20 -37.76
C ALA R 380 7.61 52.12 -38.62
N ALA R 381 7.48 52.35 -39.91
CA ALA R 381 6.90 51.33 -40.76
C ALA R 381 7.71 50.07 -40.72
N VAL R 382 9.02 50.21 -40.63
CA VAL R 382 9.84 49.03 -40.63
C VAL R 382 9.85 48.34 -39.27
N GLU R 383 10.08 49.11 -38.21
CA GLU R 383 10.18 48.53 -36.88
C GLU R 383 8.83 48.06 -36.33
N LEU R 384 7.71 48.60 -36.80
CA LEU R 384 6.42 48.11 -36.35
C LEU R 384 6.00 46.94 -37.18
N ALA R 385 6.24 46.95 -38.48
CA ALA R 385 5.78 45.84 -39.27
C ALA R 385 6.42 44.54 -38.82
N VAL R 386 7.67 44.59 -38.40
CA VAL R 386 8.28 43.35 -37.95
C VAL R 386 7.70 42.82 -36.65
N LYS R 387 6.99 43.64 -35.92
CA LYS R 387 6.42 43.21 -34.66
C LYS R 387 4.97 42.76 -34.82
N TYR R 388 4.21 43.42 -35.67
CA TYR R 388 2.80 43.08 -35.79
C TYR R 388 2.30 42.39 -37.06
N ILE R 389 3.07 42.43 -38.14
CA ILE R 389 2.58 41.79 -39.34
C ILE R 389 3.47 40.59 -39.55
N ASN R 390 2.96 39.38 -39.38
CA ASN R 390 3.87 38.23 -39.42
C ASN R 390 3.73 37.20 -40.53
N ASP R 391 3.03 37.49 -41.60
CA ASP R 391 2.89 36.53 -42.68
C ASP R 391 3.61 36.93 -43.97
N ARG R 392 4.45 37.95 -43.88
CA ARG R 392 5.19 38.43 -45.04
C ARG R 392 6.62 38.86 -44.68
N HIS R 393 7.49 38.85 -45.69
CA HIS R 393 8.88 39.22 -45.54
C HIS R 393 8.98 40.73 -45.57
N LEU R 394 9.98 41.24 -44.87
CA LEU R 394 10.12 42.65 -44.62
C LEU R 394 10.14 43.68 -45.75
N PRO R 395 10.83 43.52 -46.86
CA PRO R 395 10.91 44.55 -47.86
C PRO R 395 9.56 45.11 -48.16
N ASP R 396 8.70 44.29 -48.76
CA ASP R 396 7.36 44.70 -49.13
C ASP R 396 6.43 44.79 -47.92
N LYS R 397 6.76 44.11 -46.83
CA LYS R 397 5.88 44.20 -45.70
C LYS R 397 5.90 45.61 -45.13
N ALA R 398 7.09 46.22 -45.03
CA ALA R 398 7.16 47.59 -44.56
C ALA R 398 6.68 48.57 -45.63
N ILE R 399 6.97 48.31 -46.91
CA ILE R 399 6.56 49.22 -47.98
C ILE R 399 5.05 49.31 -47.99
N ASP R 400 4.37 48.20 -47.80
CA ASP R 400 2.94 48.19 -47.78
C ASP R 400 2.38 49.14 -46.74
N VAL R 401 3.08 49.31 -45.62
CA VAL R 401 2.59 50.21 -44.60
C VAL R 401 2.70 51.62 -45.12
N ILE R 402 3.83 51.88 -45.77
CA ILE R 402 4.12 53.17 -46.37
C ILE R 402 3.14 53.49 -47.46
N ASP R 403 2.82 52.51 -48.29
CA ASP R 403 1.95 52.69 -49.41
C ASP R 403 0.51 52.88 -48.93
N GLU R 404 0.04 52.09 -47.97
CA GLU R 404 -1.30 52.34 -47.49
C GLU R 404 -1.33 53.67 -46.78
N ALA R 405 -0.32 53.99 -45.97
CA ALA R 405 -0.34 55.27 -45.26
C ALA R 405 -0.37 56.38 -46.27
N GLY R 406 0.33 56.18 -47.37
CA GLY R 406 0.34 57.12 -48.44
C GLY R 406 -1.06 57.30 -48.99
N ALA R 407 -1.72 56.19 -49.35
CA ALA R 407 -3.07 56.21 -49.90
C ALA R 407 -4.04 56.83 -48.94
N ARG R 408 -3.86 56.55 -47.68
CA ARG R 408 -4.72 57.07 -46.69
C ARG R 408 -4.57 58.56 -46.64
N ALA R 409 -3.34 59.03 -46.59
CA ALA R 409 -3.11 60.46 -46.57
C ALA R 409 -3.61 61.06 -47.87
N ARG R 410 -3.49 60.35 -48.98
CA ARG R 410 -3.98 60.81 -50.27
C ARG R 410 -5.47 61.07 -50.26
N LEU R 411 -6.22 60.36 -49.43
CA LEU R 411 -7.64 60.54 -49.34
C LEU R 411 -8.03 61.56 -48.28
N MET R 412 -7.03 62.16 -47.63
CA MET R 412 -7.31 63.21 -46.66
C MET R 412 -7.62 64.56 -47.29
N PRO R 413 -6.85 65.13 -48.27
CA PRO R 413 -7.08 66.42 -48.88
C PRO R 413 -8.17 66.33 -49.93
N VAL R 414 -9.31 65.80 -49.49
CA VAL R 414 -10.54 65.72 -50.21
C VAL R 414 -11.40 66.64 -49.37
N SER R 415 -10.88 66.83 -48.15
CA SER R 415 -11.38 67.70 -47.09
C SER R 415 -10.57 68.97 -47.16
N LYS R 416 -9.66 68.97 -48.12
CA LYS R 416 -8.67 69.99 -48.43
C LYS R 416 -7.61 70.14 -47.34
N ARG R 417 -7.53 69.15 -46.46
CA ARG R 417 -6.50 69.12 -45.47
C ARG R 417 -5.30 68.33 -45.99
N LYS R 418 -4.22 69.07 -46.28
CA LYS R 418 -2.99 68.52 -46.84
C LYS R 418 -2.26 67.69 -45.83
N LYS R 419 -1.78 66.53 -46.23
CA LYS R 419 -1.07 65.73 -45.27
C LYS R 419 0.26 65.20 -45.71
N THR R 420 1.07 65.03 -44.70
CA THR R 420 2.35 64.37 -44.73
C THR R 420 2.09 63.13 -43.89
N VAL R 421 2.96 62.17 -43.89
CA VAL R 421 2.72 60.97 -43.12
C VAL R 421 3.63 60.90 -41.92
N ASN R 422 3.02 60.93 -40.74
CA ASN R 422 3.77 60.91 -39.50
C ASN R 422 3.74 59.52 -38.89
N VAL R 423 4.41 59.34 -37.77
CA VAL R 423 4.41 58.05 -37.11
C VAL R 423 3.02 57.62 -36.77
N ALA R 424 2.20 58.54 -36.32
CA ALA R 424 0.85 58.21 -35.95
C ALA R 424 0.07 57.62 -37.12
N ASP R 425 0.37 58.05 -38.35
CA ASP R 425 -0.39 57.55 -39.47
C ASP R 425 0.11 56.16 -39.80
N ILE R 426 1.41 55.95 -39.61
CA ILE R 426 1.97 54.64 -39.77
C ILE R 426 1.41 53.68 -38.75
N GLU R 427 1.29 54.11 -37.50
CA GLU R 427 0.74 53.24 -36.48
C GLU R 427 -0.68 52.86 -36.80
N SER R 428 -1.46 53.80 -37.31
CA SER R 428 -2.84 53.49 -37.65
C SER R 428 -2.89 52.44 -38.75
N VAL R 429 -2.04 52.58 -39.74
CA VAL R 429 -2.01 51.60 -40.81
C VAL R 429 -1.61 50.25 -40.29
N VAL R 430 -0.58 50.18 -39.47
CA VAL R 430 -0.20 48.88 -38.98
C VAL R 430 -1.31 48.31 -38.17
N ALA R 431 -1.95 49.11 -37.32
CA ALA R 431 -2.99 48.55 -36.52
C ALA R 431 -4.08 47.93 -37.38
N ARG R 432 -4.40 48.58 -38.50
CA ARG R 432 -5.41 48.06 -39.42
C ARG R 432 -4.98 46.79 -40.17
N ILE R 433 -3.69 46.70 -40.52
CA ILE R 433 -3.18 45.55 -41.24
C ILE R 433 -3.05 44.36 -40.34
N ALA R 434 -2.54 44.59 -39.15
CA ALA R 434 -2.31 43.56 -38.18
C ALA R 434 -3.55 43.21 -37.37
N ARG R 435 -4.68 43.89 -37.60
CA ARG R 435 -5.90 43.67 -36.84
C ARG R 435 -5.74 43.80 -35.33
N ILE R 436 -5.11 44.87 -34.89
CA ILE R 436 -4.88 45.14 -33.48
C ILE R 436 -5.45 46.52 -33.16
N PRO R 437 -5.69 46.87 -31.88
CA PRO R 437 -6.10 48.20 -31.46
C PRO R 437 -4.97 49.20 -31.64
N GLU R 438 -5.29 50.48 -31.89
CA GLU R 438 -4.27 51.53 -32.09
C GLU R 438 -3.91 52.30 -30.79
N LYS R 439 -4.58 53.44 -30.53
CA LYS R 439 -4.34 54.27 -29.33
C LYS R 439 -5.69 54.56 -28.71
N SER R 440 -5.82 54.30 -27.41
CA SER R 440 -7.10 54.39 -26.73
C SER R 440 -7.51 55.64 -25.96
N VAL R 441 -6.61 56.53 -25.60
CA VAL R 441 -7.01 57.59 -24.67
C VAL R 441 -8.09 58.52 -25.14
N SER R 442 -8.05 58.93 -26.39
CA SER R 442 -9.04 59.87 -26.93
C SER R 442 -10.29 59.15 -27.43
N GLN R 443 -10.28 57.84 -27.30
CA GLN R 443 -11.34 57.00 -27.79
C GLN R 443 -12.40 56.82 -26.75
N SER R 444 -13.59 56.42 -27.20
CA SER R 444 -14.64 56.06 -26.26
C SER R 444 -14.21 54.82 -25.46
N ASP R 445 -13.22 54.10 -25.99
CA ASP R 445 -12.66 52.92 -25.35
C ASP R 445 -12.04 53.33 -24.05
N ARG R 446 -11.58 54.57 -23.93
CA ARG R 446 -10.99 55.03 -22.70
C ARG R 446 -12.00 54.99 -21.61
N ASP R 447 -13.25 55.31 -21.91
CA ASP R 447 -14.21 55.40 -20.87
C ASP R 447 -14.76 54.02 -20.61
N THR R 448 -14.84 53.24 -21.68
CA THR R 448 -15.34 51.89 -21.57
C THR R 448 -14.40 51.12 -20.70
N LEU R 449 -13.12 51.31 -20.91
CA LEU R 449 -12.14 50.62 -20.13
C LEU R 449 -12.10 51.17 -18.72
N LYS R 450 -12.20 52.48 -18.53
CA LYS R 450 -12.08 53.05 -17.19
C LYS R 450 -13.06 52.46 -16.21
N ASN R 451 -14.28 52.26 -16.63
CA ASN R 451 -15.29 51.74 -15.74
C ASN R 451 -15.70 50.31 -16.05
N LEU R 452 -14.79 49.54 -16.65
CA LEU R 452 -15.07 48.16 -16.97
C LEU R 452 -15.29 47.39 -15.70
N GLY R 453 -14.46 47.63 -14.71
CA GLY R 453 -14.60 46.93 -13.47
C GLY R 453 -15.94 47.20 -12.83
N ASP R 454 -16.46 48.41 -13.01
CA ASP R 454 -17.70 48.73 -12.36
C ASP R 454 -18.84 48.02 -13.00
N ARG R 455 -18.83 47.91 -14.31
CA ARG R 455 -19.92 47.19 -14.93
C ARG R 455 -19.89 45.73 -14.58
N LEU R 456 -18.70 45.15 -14.53
CA LEU R 456 -18.66 43.74 -14.22
C LEU R 456 -19.12 43.47 -12.82
N LYS R 457 -18.82 44.35 -11.89
CA LYS R 457 -19.25 44.17 -10.52
C LYS R 457 -20.76 44.22 -10.35
N MET R 458 -21.50 44.62 -11.38
CA MET R 458 -22.94 44.66 -11.30
C MET R 458 -23.53 43.34 -11.72
N LEU R 459 -22.71 42.50 -12.33
CA LEU R 459 -23.15 41.22 -12.86
C LEU R 459 -22.59 40.09 -12.03
N VAL R 460 -21.37 40.25 -11.59
CA VAL R 460 -20.72 39.27 -10.76
C VAL R 460 -20.49 39.92 -9.44
N PHE R 461 -21.08 39.38 -8.41
CA PHE R 461 -21.02 40.00 -7.14
C PHE R 461 -19.97 39.34 -6.31
N GLY R 462 -19.18 40.10 -5.64
CA GLY R 462 -18.16 39.49 -4.83
C GLY R 462 -17.08 39.12 -5.81
N GLN R 463 -16.05 38.46 -5.33
CA GLN R 463 -14.94 38.06 -6.20
C GLN R 463 -14.36 39.28 -6.90
N ASP R 464 -14.27 40.39 -6.19
CA ASP R 464 -13.78 41.61 -6.79
C ASP R 464 -12.38 41.44 -7.26
N LYS R 465 -11.59 40.66 -6.55
CA LYS R 465 -10.22 40.51 -6.97
C LYS R 465 -10.11 39.87 -8.34
N ALA R 466 -11.06 39.02 -8.73
CA ALA R 466 -10.96 38.40 -10.03
C ALA R 466 -11.28 39.42 -11.06
N ILE R 467 -12.27 40.26 -10.77
CA ILE R 467 -12.65 41.25 -11.73
C ILE R 467 -11.52 42.19 -11.94
N GLU R 468 -10.91 42.61 -10.86
CA GLU R 468 -9.82 43.51 -10.99
C GLU R 468 -8.68 42.90 -11.75
N ALA R 469 -8.34 41.64 -11.50
CA ALA R 469 -7.22 41.09 -12.24
C ALA R 469 -7.47 41.11 -13.73
N LEU R 470 -8.69 40.86 -14.15
CA LEU R 470 -8.96 40.88 -15.56
C LEU R 470 -8.87 42.26 -16.11
N THR R 471 -9.40 43.25 -15.41
CA THR R 471 -9.37 44.56 -16.01
C THR R 471 -7.99 45.16 -15.95
N GLU R 472 -7.19 44.79 -14.96
CA GLU R 472 -5.86 45.31 -14.88
C GLU R 472 -5.02 44.82 -16.03
N ALA R 473 -5.14 43.55 -16.39
CA ALA R 473 -4.37 43.04 -17.51
C ALA R 473 -4.76 43.73 -18.79
N ILE R 474 -6.04 44.01 -18.94
CA ILE R 474 -6.49 44.67 -20.14
C ILE R 474 -5.96 46.08 -20.20
N LYS R 475 -6.05 46.81 -19.09
CA LYS R 475 -5.56 48.16 -19.08
C LYS R 475 -4.11 48.19 -19.40
N MET R 476 -3.31 47.28 -18.88
CA MET R 476 -1.93 47.33 -19.22
C MET R 476 -1.75 47.16 -20.70
N ALA R 477 -2.42 46.19 -21.28
CA ALA R 477 -2.27 45.97 -22.69
C ALA R 477 -2.70 47.16 -23.52
N ARG R 478 -3.76 47.86 -23.13
CA ARG R 478 -4.15 48.99 -23.95
C ARG R 478 -3.27 50.18 -23.66
N ALA R 479 -2.76 50.27 -22.43
CA ALA R 479 -1.86 51.33 -22.04
C ALA R 479 -0.60 51.21 -22.86
N GLY R 480 -0.22 49.99 -23.19
CA GLY R 480 0.95 49.72 -23.97
C GLY R 480 1.98 49.03 -23.12
N LEU R 481 1.67 48.87 -21.85
CA LEU R 481 2.58 48.21 -20.95
C LEU R 481 2.25 46.74 -20.94
N GLY R 482 2.47 46.13 -22.07
CA GLY R 482 2.10 44.75 -22.27
C GLY R 482 3.31 43.87 -22.24
N HIS R 483 3.29 42.90 -23.13
CA HIS R 483 4.33 41.90 -23.25
C HIS R 483 4.65 41.85 -24.71
N GLU R 484 5.86 41.50 -25.05
CA GLU R 484 6.26 41.42 -26.43
C GLU R 484 5.61 40.28 -27.18
N HIS R 485 5.45 39.16 -26.51
CA HIS R 485 4.94 37.97 -27.12
C HIS R 485 4.19 37.05 -26.19
N LYS R 486 3.15 37.55 -25.56
CA LYS R 486 2.37 36.77 -24.63
C LYS R 486 0.92 37.18 -24.83
N PRO R 487 -0.06 36.41 -24.38
CA PRO R 487 -1.45 36.77 -24.38
C PRO R 487 -1.62 37.99 -23.52
N VAL R 488 -2.77 38.65 -23.61
CA VAL R 488 -3.03 39.88 -22.86
C VAL R 488 -2.79 39.61 -21.42
N GLY R 489 -3.24 38.46 -20.99
CA GLY R 489 -3.04 38.00 -19.66
C GLY R 489 -3.50 36.58 -19.67
N SER R 490 -3.06 35.82 -18.69
CA SER R 490 -3.38 34.41 -18.60
C SER R 490 -3.76 34.01 -17.19
N PHE R 491 -4.99 33.61 -17.02
CA PHE R 491 -5.43 33.38 -15.67
C PHE R 491 -6.01 32.03 -15.46
N LEU R 492 -5.79 31.49 -14.29
CA LEU R 492 -6.45 30.27 -13.90
C LEU R 492 -7.45 30.62 -12.85
N PHE R 493 -8.70 30.26 -13.12
CA PHE R 493 -9.81 30.55 -12.20
C PHE R 493 -10.13 29.28 -11.44
N ALA R 494 -9.85 29.30 -10.14
CA ALA R 494 -10.09 28.15 -9.31
C ALA R 494 -11.00 28.51 -8.17
N GLY R 495 -11.63 27.55 -7.56
CA GLY R 495 -12.47 27.86 -6.42
C GLY R 495 -13.68 26.95 -6.35
N PRO R 496 -14.56 27.13 -5.37
CA PRO R 496 -15.75 26.37 -5.09
C PRO R 496 -16.69 26.49 -6.24
N THR R 497 -17.59 25.56 -6.41
CA THR R 497 -18.53 25.64 -7.51
C THR R 497 -19.61 26.64 -7.25
N GLY R 498 -20.28 27.06 -8.30
CA GLY R 498 -21.42 27.96 -8.23
C GLY R 498 -21.01 29.42 -8.04
N VAL R 499 -19.69 29.60 -8.02
CA VAL R 499 -19.07 30.90 -7.87
C VAL R 499 -18.85 31.27 -9.31
N GLY R 500 -19.04 32.53 -9.65
CA GLY R 500 -18.88 32.91 -11.06
C GLY R 500 -17.50 32.97 -11.70
N LYS R 501 -16.84 31.81 -11.78
CA LYS R 501 -15.54 31.61 -12.42
C LYS R 501 -15.73 31.66 -13.92
N THR R 502 -16.80 31.05 -14.36
CA THR R 502 -17.12 31.03 -15.77
C THR R 502 -17.87 32.26 -16.07
N GLU R 503 -18.90 32.51 -15.27
CA GLU R 503 -19.74 33.69 -15.40
C GLU R 503 -18.98 35.00 -15.59
N VAL R 504 -17.90 35.24 -14.85
CA VAL R 504 -17.22 36.50 -15.06
C VAL R 504 -16.53 36.57 -16.40
N THR R 505 -16.05 35.44 -16.93
CA THR R 505 -15.35 35.47 -18.18
C THR R 505 -16.32 35.72 -19.28
N VAL R 506 -17.47 35.12 -19.18
CA VAL R 506 -18.44 35.31 -20.21
C VAL R 506 -18.84 36.77 -20.24
N GLN R 507 -19.05 37.34 -19.06
CA GLN R 507 -19.42 38.73 -19.01
C GLN R 507 -18.30 39.64 -19.43
N LEU R 508 -17.06 39.27 -19.21
CA LEU R 508 -15.99 40.12 -19.66
C LEU R 508 -16.05 40.29 -21.14
N SER R 509 -16.22 39.22 -21.87
CA SER R 509 -16.22 39.37 -23.30
C SER R 509 -17.38 40.22 -23.73
N LYS R 510 -18.49 40.14 -23.01
CA LYS R 510 -19.60 40.99 -23.42
C LYS R 510 -19.32 42.44 -23.10
N ALA R 511 -18.77 42.69 -21.93
CA ALA R 511 -18.51 44.04 -21.47
C ALA R 511 -17.55 44.75 -22.40
N LEU R 512 -16.60 44.02 -22.94
CA LEU R 512 -15.63 44.57 -23.85
C LEU R 512 -16.08 44.61 -25.29
N GLY R 513 -17.20 44.00 -25.60
CA GLY R 513 -17.63 43.96 -26.98
C GLY R 513 -16.78 43.05 -27.85
N ILE R 514 -16.17 41.98 -27.33
CA ILE R 514 -15.32 41.16 -28.17
C ILE R 514 -15.73 39.72 -28.18
N GLU R 515 -15.28 39.00 -29.18
CA GLU R 515 -15.64 37.61 -29.35
C GLU R 515 -15.21 36.71 -28.22
N LEU R 516 -16.10 35.82 -27.78
CA LEU R 516 -15.73 34.83 -26.79
C LEU R 516 -15.48 33.53 -27.50
N LEU R 517 -14.30 32.99 -27.35
CA LEU R 517 -13.95 31.74 -27.98
C LEU R 517 -14.01 30.77 -26.86
N ARG R 518 -14.86 29.76 -26.99
CA ARG R 518 -15.02 28.75 -25.94
C ARG R 518 -14.47 27.38 -26.35
N PHE R 519 -14.01 26.63 -25.36
CA PHE R 519 -13.46 25.30 -25.58
C PHE R 519 -13.71 24.47 -24.32
N ASP R 520 -14.77 23.67 -24.34
CA ASP R 520 -15.12 22.85 -23.22
C ASP R 520 -14.05 21.82 -23.10
N MET R 521 -13.23 21.86 -22.10
CA MET R 521 -12.09 21.00 -22.17
C MET R 521 -12.35 19.59 -21.78
N SER R 522 -13.58 19.31 -21.42
CA SER R 522 -14.03 18.00 -21.05
C SER R 522 -14.05 17.13 -22.27
N GLU R 523 -14.01 17.78 -23.44
CA GLU R 523 -14.03 17.07 -24.70
C GLU R 523 -12.65 16.72 -25.23
N TYR R 524 -11.62 16.97 -24.42
CA TYR R 524 -10.26 16.68 -24.82
C TYR R 524 -9.66 15.81 -23.75
N MET R 525 -10.20 14.61 -23.59
CA MET R 525 -9.73 13.73 -22.57
C MET R 525 -8.72 12.69 -22.99
N GLU R 526 -8.50 12.53 -24.29
CA GLU R 526 -7.55 11.53 -24.77
C GLU R 526 -6.34 12.23 -25.34
N ARG R 527 -5.18 11.57 -25.32
CA ARG R 527 -3.96 12.16 -25.85
C ARG R 527 -4.09 12.63 -27.30
N HIS R 528 -4.82 11.86 -28.09
CA HIS R 528 -5.01 12.16 -29.51
C HIS R 528 -6.07 13.22 -29.83
N THR R 529 -6.70 13.81 -28.82
CA THR R 529 -7.70 14.80 -29.10
C THR R 529 -7.01 16.10 -29.38
N VAL R 530 -5.72 16.17 -29.15
CA VAL R 530 -5.00 17.38 -29.49
C VAL R 530 -5.18 17.68 -30.94
N SER R 531 -5.26 16.70 -31.82
CA SER R 531 -5.38 17.09 -33.20
C SER R 531 -6.67 17.84 -33.46
N ARG R 532 -7.70 17.77 -32.65
CA ARG R 532 -8.84 18.58 -33.06
C ARG R 532 -8.56 20.04 -32.77
N LEU R 533 -7.56 20.36 -31.96
CA LEU R 533 -7.24 21.73 -31.64
C LEU R 533 -6.37 22.34 -32.71
N ILE R 534 -5.41 21.54 -33.21
CA ILE R 534 -4.44 22.05 -34.18
C ILE R 534 -4.54 21.45 -35.61
N GLY R 535 -5.35 20.41 -35.81
CA GLY R 535 -5.58 19.82 -37.12
C GLY R 535 -4.82 18.54 -37.36
N ALA R 536 -5.31 17.72 -38.29
CA ALA R 536 -4.59 16.47 -38.55
C ALA R 536 -3.28 16.79 -39.26
N PRO R 537 -2.24 15.98 -39.17
CA PRO R 537 -1.03 16.17 -39.91
C PRO R 537 -1.43 16.08 -41.38
N PRO R 538 -0.63 16.60 -42.29
CA PRO R 538 -0.90 16.57 -43.70
C PRO R 538 -0.94 15.17 -44.21
N GLY R 539 -1.87 14.92 -45.11
CA GLY R 539 -2.02 13.61 -45.70
C GLY R 539 -3.07 12.77 -44.99
N TYR R 540 -3.54 13.21 -43.84
CA TYR R 540 -4.52 12.46 -43.07
C TYR R 540 -5.94 12.97 -43.30
N VAL R 541 -6.92 12.17 -42.90
CA VAL R 541 -8.34 12.38 -43.20
C VAL R 541 -8.93 13.66 -42.65
N GLY R 542 -8.28 14.19 -41.62
CA GLY R 542 -8.72 15.44 -41.00
C GLY R 542 -7.65 16.48 -41.21
N PHE R 543 -7.24 16.64 -42.46
CA PHE R 543 -6.21 17.61 -42.82
C PHE R 543 -6.73 18.94 -43.34
N ASP R 544 -7.89 18.93 -43.99
CA ASP R 544 -8.43 20.18 -44.51
C ASP R 544 -9.26 20.91 -43.47
N GLN R 545 -9.81 20.16 -42.56
CA GLN R 545 -10.58 20.76 -41.51
C GLN R 545 -9.77 21.75 -40.70
N GLY R 546 -8.49 21.49 -40.49
CA GLY R 546 -7.66 22.39 -39.70
C GLY R 546 -7.95 22.19 -38.23
N GLY R 547 -7.41 23.05 -37.40
CA GLY R 547 -7.59 22.93 -35.97
C GLY R 547 -8.72 23.80 -35.53
N LEU R 548 -9.41 23.44 -34.46
CA LEU R 548 -10.48 24.29 -34.03
C LEU R 548 -9.97 25.45 -33.22
N LEU R 549 -8.83 25.30 -32.57
CA LEU R 549 -8.33 26.37 -31.75
C LEU R 549 -7.57 27.33 -32.55
N THR R 550 -6.69 26.84 -33.41
CA THR R 550 -5.91 27.80 -34.13
C THR R 550 -6.77 28.54 -35.08
N ASP R 551 -7.80 27.92 -35.62
CA ASP R 551 -8.60 28.65 -36.54
C ASP R 551 -9.42 29.68 -35.80
N ALA R 552 -9.93 29.36 -34.61
CA ALA R 552 -10.71 30.34 -33.90
C ALA R 552 -9.92 31.57 -33.57
N VAL R 553 -8.67 31.39 -33.19
CA VAL R 553 -7.82 32.51 -32.85
C VAL R 553 -7.46 33.32 -34.06
N ILE R 554 -7.16 32.67 -35.16
CA ILE R 554 -6.83 33.39 -36.36
C ILE R 554 -7.99 34.24 -36.82
N LYS R 555 -9.20 33.70 -36.78
CA LYS R 555 -10.33 34.48 -37.18
C LYS R 555 -10.60 35.65 -36.25
N HIS R 556 -10.35 35.45 -34.96
CA HIS R 556 -10.55 36.50 -33.96
C HIS R 556 -9.31 36.69 -33.08
N PRO R 557 -8.38 37.54 -33.54
CA PRO R 557 -7.17 37.83 -32.82
C PRO R 557 -7.39 38.58 -31.53
N HIS R 558 -8.49 39.29 -31.46
CA HIS R 558 -8.80 40.06 -30.27
C HIS R 558 -10.03 39.42 -29.73
N ALA R 559 -9.85 38.70 -28.65
CA ALA R 559 -10.91 37.87 -28.14
C ALA R 559 -10.66 37.45 -26.73
N VAL R 560 -11.69 36.92 -26.09
CA VAL R 560 -11.48 36.30 -24.80
C VAL R 560 -11.54 34.84 -25.04
N LEU R 561 -10.51 34.13 -24.69
CA LEU R 561 -10.46 32.70 -24.89
C LEU R 561 -10.67 32.02 -23.59
N LEU R 562 -11.74 31.27 -23.51
CA LEU R 562 -12.14 30.59 -22.32
C LEU R 562 -12.00 29.11 -22.43
N LEU R 563 -11.23 28.53 -21.57
CA LEU R 563 -11.10 27.10 -21.58
C LEU R 563 -11.76 26.57 -20.34
N ASP R 564 -12.93 26.00 -20.47
CA ASP R 564 -13.64 25.55 -19.30
C ASP R 564 -13.16 24.25 -18.80
N GLU R 565 -13.10 24.14 -17.47
CA GLU R 565 -12.71 22.91 -16.80
C GLU R 565 -11.49 22.32 -17.45
N ILE R 566 -10.43 23.12 -17.47
CA ILE R 566 -9.18 22.73 -18.06
C ILE R 566 -8.55 21.48 -17.46
N GLU R 567 -8.80 21.25 -16.17
CA GLU R 567 -8.27 20.07 -15.50
C GLU R 567 -8.87 18.74 -15.98
N LYS R 568 -9.85 18.82 -16.88
CA LYS R 568 -10.45 17.62 -17.40
C LYS R 568 -9.75 17.18 -18.64
N ALA R 569 -8.98 18.06 -19.25
CA ALA R 569 -8.31 17.73 -20.47
C ALA R 569 -7.19 16.79 -20.18
N HIS R 570 -6.83 15.97 -21.13
CA HIS R 570 -5.69 15.13 -20.95
C HIS R 570 -4.51 16.05 -20.82
N PRO R 571 -3.55 15.83 -19.91
CA PRO R 571 -2.37 16.64 -19.71
C PRO R 571 -1.60 16.95 -20.98
N ASP R 572 -1.65 16.14 -22.02
CA ASP R 572 -0.89 16.56 -23.20
C ASP R 572 -1.41 17.88 -23.72
N VAL R 573 -2.66 18.19 -23.48
CA VAL R 573 -3.24 19.42 -23.94
C VAL R 573 -2.53 20.59 -23.32
N PHE R 574 -2.08 20.46 -22.10
CA PHE R 574 -1.48 21.57 -21.42
C PHE R 574 -0.20 21.97 -22.11
N ASN R 575 0.40 21.07 -22.87
CA ASN R 575 1.65 21.38 -23.49
C ASN R 575 1.44 22.35 -24.63
N ILE R 576 0.24 22.35 -25.18
CA ILE R 576 -0.12 23.25 -26.23
C ILE R 576 -0.25 24.59 -25.56
N LEU R 577 -0.87 24.60 -24.41
CA LEU R 577 -1.00 25.86 -23.74
C LEU R 577 0.32 26.41 -23.28
N LEU R 578 1.27 25.59 -22.88
CA LEU R 578 2.49 26.20 -22.40
C LEU R 578 3.15 27.04 -23.46
N GLN R 579 3.17 26.57 -24.69
CA GLN R 579 3.84 27.42 -25.65
C GLN R 579 3.06 28.65 -25.97
N VAL R 580 1.74 28.61 -25.82
CA VAL R 580 0.98 29.80 -26.08
C VAL R 580 1.25 30.80 -25.02
N MET R 581 1.23 30.37 -23.79
CA MET R 581 1.42 31.32 -22.74
C MET R 581 2.75 32.05 -22.87
N ASP R 582 3.77 31.36 -23.37
CA ASP R 582 5.09 31.96 -23.54
C ASP R 582 5.41 32.69 -24.87
N ASN R 583 4.75 32.33 -25.98
CA ASN R 583 5.06 32.98 -27.21
C ASN R 583 3.90 33.65 -27.90
N GLY R 584 2.70 33.44 -27.41
CA GLY R 584 1.59 34.06 -28.07
C GLY R 584 1.27 33.27 -29.32
N THR R 585 1.81 32.07 -29.45
CA THR R 585 1.51 31.37 -30.67
C THR R 585 1.59 29.87 -30.73
N LEU R 586 0.76 29.34 -31.63
CA LEU R 586 0.72 27.93 -32.03
C LEU R 586 0.86 27.74 -33.49
N THR R 587 1.60 26.72 -33.91
CA THR R 587 1.65 26.46 -35.32
C THR R 587 0.63 25.39 -35.60
N ASP R 588 -0.20 25.61 -36.61
CA ASP R 588 -1.24 24.66 -36.97
C ASP R 588 -0.73 23.64 -37.98
N ASN R 589 -1.57 22.71 -38.38
CA ASN R 589 -1.15 21.71 -39.33
C ASN R 589 -0.89 22.23 -40.73
N ASN R 590 -1.11 23.51 -40.99
CA ASN R 590 -0.79 24.03 -42.31
C ASN R 590 0.48 24.82 -42.21
N GLY R 591 1.10 24.77 -41.06
CA GLY R 591 2.31 25.49 -40.84
C GLY R 591 2.07 26.96 -40.64
N ARG R 592 0.87 27.38 -40.26
CA ARG R 592 0.65 28.80 -40.11
C ARG R 592 0.49 29.04 -38.66
N LYS R 593 0.71 30.27 -38.23
CA LYS R 593 0.61 30.50 -36.81
C LYS R 593 -0.54 31.31 -36.35
N ALA R 594 -1.11 30.88 -35.24
CA ALA R 594 -2.15 31.61 -34.58
C ALA R 594 -1.48 32.57 -33.69
N ASP R 595 -1.98 33.79 -33.65
CA ASP R 595 -1.42 34.85 -32.82
C ASP R 595 -2.37 35.20 -31.69
N PHE R 596 -1.96 34.91 -30.49
CA PHE R 596 -2.76 35.05 -29.29
C PHE R 596 -2.40 36.30 -28.52
N ARG R 597 -1.55 37.13 -29.12
CA ARG R 597 -1.12 38.38 -28.50
C ARG R 597 -2.24 39.31 -28.01
N ASN R 598 -3.41 39.23 -28.62
CA ASN R 598 -4.52 40.09 -28.23
C ASN R 598 -5.66 39.26 -27.67
N VAL R 599 -5.35 38.05 -27.26
CA VAL R 599 -6.33 37.18 -26.66
C VAL R 599 -6.19 37.16 -25.17
N VAL R 600 -7.29 37.28 -24.46
CA VAL R 600 -7.25 37.19 -23.01
C VAL R 600 -7.44 35.74 -22.73
N LEU R 601 -6.55 35.09 -22.02
CA LEU R 601 -6.72 33.67 -21.81
C LEU R 601 -7.15 33.33 -20.42
N VAL R 602 -8.33 32.79 -20.28
CA VAL R 602 -8.84 32.43 -18.99
C VAL R 602 -9.20 31.01 -19.01
N MET R 603 -8.72 30.27 -18.08
CA MET R 603 -9.10 28.90 -18.03
C MET R 603 -9.63 28.67 -16.66
N THR R 604 -10.68 27.90 -16.55
CA THR R 604 -11.28 27.70 -15.25
C THR R 604 -11.05 26.31 -14.80
N THR R 605 -11.20 26.10 -13.52
CA THR R 605 -10.97 24.79 -12.98
C THR R 605 -11.73 24.48 -11.74
N ASN R 606 -11.92 23.19 -11.49
CA ASN R 606 -12.59 22.72 -10.31
C ASN R 606 -11.57 21.92 -9.50
N ALA R 607 -10.29 22.02 -9.87
CA ALA R 607 -9.32 21.29 -9.15
C ALA R 607 -9.46 21.73 -7.75
N GLY R 608 -9.39 20.82 -6.82
CA GLY R 608 -9.44 21.23 -5.44
C GLY R 608 -10.83 21.41 -4.90
N VAL R 609 -11.86 21.24 -5.71
CA VAL R 609 -13.18 21.43 -5.15
C VAL R 609 -13.59 20.34 -4.23
N ARG R 610 -13.36 19.10 -4.59
CA ARG R 610 -13.82 18.06 -3.71
C ARG R 610 -13.19 18.25 -2.35
N GLU R 611 -11.95 18.68 -2.33
CA GLU R 611 -11.29 18.92 -1.08
C GLU R 611 -11.86 20.14 -0.39
N THR R 612 -12.18 21.17 -1.12
CA THR R 612 -12.70 22.36 -0.50
C THR R 612 -13.98 22.08 0.28
N GLU R 613 -14.83 21.24 -0.27
CA GLU R 613 -16.09 20.90 0.37
C GLU R 613 -16.00 19.86 1.47
N ARG R 614 -14.84 19.26 1.67
CA ARG R 614 -14.72 18.22 2.66
C ARG R 614 -14.76 18.76 4.05
N LYS R 615 -15.48 18.09 4.92
CA LYS R 615 -15.48 18.49 6.30
C LYS R 615 -14.49 17.63 7.05
N SER R 616 -13.67 18.26 7.86
CA SER R 616 -12.67 17.60 8.65
C SER R 616 -13.25 16.88 9.85
N ILE R 617 -12.43 16.05 10.47
CA ILE R 617 -12.85 15.35 11.66
C ILE R 617 -12.43 16.15 12.85
N GLY R 618 -13.33 16.54 13.69
CA GLY R 618 -12.92 17.32 14.84
C GLY R 618 -14.00 18.25 15.23
N LEU R 619 -13.76 19.03 16.27
CA LEU R 619 -14.76 19.94 16.72
C LEU R 619 -14.77 21.19 15.88
N ILE R 620 -13.62 21.55 15.34
CA ILE R 620 -13.50 22.74 14.56
C ILE R 620 -13.27 22.44 13.12
N HIS R 621 -14.12 22.94 12.25
CA HIS R 621 -13.86 22.65 10.86
C HIS R 621 -12.70 23.44 10.39
N GLN R 622 -11.89 22.81 9.59
CA GLN R 622 -10.71 23.41 9.04
C GLN R 622 -10.92 24.11 7.74
N ASP R 623 -10.06 25.06 7.47
CA ASP R 623 -10.01 25.76 6.21
C ASP R 623 -9.17 24.97 5.25
N ASN R 624 -9.80 24.37 4.27
CA ASN R 624 -9.10 23.49 3.36
C ASN R 624 -8.63 24.19 2.11
N SER R 625 -8.73 25.51 2.04
CA SER R 625 -8.31 26.18 0.82
C SER R 625 -6.84 25.98 0.57
N THR R 626 -6.10 25.77 1.61
CA THR R 626 -4.69 25.51 1.49
C THR R 626 -4.44 24.16 0.85
N ASP R 627 -5.35 23.19 1.00
CA ASP R 627 -5.11 21.89 0.41
C ASP R 627 -5.60 21.94 -1.00
N ALA R 628 -6.59 22.75 -1.26
CA ALA R 628 -7.08 22.83 -2.61
C ALA R 628 -5.95 23.29 -3.49
N MET R 629 -5.11 24.20 -2.98
CA MET R 629 -3.99 24.61 -3.75
C MET R 629 -3.02 23.50 -3.99
N GLU R 630 -2.91 22.56 -3.08
CA GLU R 630 -1.97 21.50 -3.28
C GLU R 630 -2.43 20.66 -4.43
N GLU R 631 -3.74 20.56 -4.59
CA GLU R 631 -4.33 19.78 -5.67
C GLU R 631 -4.08 20.47 -7.01
N ILE R 632 -4.16 21.80 -7.01
CA ILE R 632 -3.92 22.55 -8.23
C ILE R 632 -2.51 22.40 -8.66
N LYS R 633 -1.59 22.46 -7.73
CA LYS R 633 -0.19 22.35 -8.02
C LYS R 633 0.25 20.98 -8.52
N LYS R 634 -0.60 19.96 -8.40
CA LYS R 634 -0.29 18.61 -8.86
C LYS R 634 -0.82 18.41 -10.26
N ILE R 635 -1.85 19.13 -10.60
CA ILE R 635 -2.41 19.02 -11.93
C ILE R 635 -1.61 19.88 -12.89
N PHE R 636 -1.32 21.09 -12.47
CA PHE R 636 -0.61 22.00 -13.32
C PHE R 636 0.79 22.12 -12.77
N THR R 637 1.76 21.66 -13.53
CA THR R 637 3.14 21.61 -13.10
C THR R 637 3.74 23.01 -13.06
N PRO R 638 4.88 23.26 -12.38
CA PRO R 638 5.54 24.54 -12.28
C PRO R 638 5.72 25.23 -13.60
N GLU R 639 6.02 24.44 -14.63
CA GLU R 639 6.21 24.98 -15.97
C GLU R 639 4.94 25.67 -16.50
N PHE R 640 3.77 25.24 -16.01
CA PHE R 640 2.53 25.79 -16.41
C PHE R 640 2.23 26.94 -15.53
N ARG R 641 2.38 26.73 -14.25
CA ARG R 641 1.99 27.75 -13.33
C ARG R 641 2.77 29.02 -13.50
N ASN R 642 4.07 28.87 -13.77
CA ASN R 642 4.94 30.02 -13.97
C ASN R 642 4.63 30.86 -15.20
N ARG R 643 3.76 30.36 -16.07
CA ARG R 643 3.38 31.05 -17.29
C ARG R 643 2.04 31.76 -17.15
N LEU R 644 1.39 31.58 -16.00
CA LEU R 644 0.11 32.21 -15.77
C LEU R 644 0.41 33.53 -15.18
N ASP R 645 -0.43 34.52 -15.38
CA ASP R 645 -0.18 35.74 -14.67
C ASP R 645 -0.67 35.56 -13.28
N ASN R 646 -1.79 34.88 -13.14
CA ASN R 646 -2.23 34.63 -11.80
C ASN R 646 -3.12 33.43 -11.68
N ILE R 647 -3.18 32.91 -10.48
CA ILE R 647 -4.10 31.86 -10.12
C ILE R 647 -5.01 32.49 -9.13
N ILE R 648 -6.25 32.60 -9.45
CA ILE R 648 -7.14 33.28 -8.58
C ILE R 648 -8.09 32.33 -7.95
N TRP R 649 -8.02 32.23 -6.65
CA TRP R 649 -8.89 31.33 -5.93
C TRP R 649 -10.11 32.11 -5.49
N PHE R 650 -11.23 31.77 -6.07
CA PHE R 650 -12.46 32.48 -5.82
C PHE R 650 -13.01 32.04 -4.51
N ASP R 651 -13.63 32.94 -3.79
CA ASP R 651 -14.18 32.54 -2.49
C ASP R 651 -15.61 32.05 -2.60
N HIS R 652 -16.18 31.66 -1.49
CA HIS R 652 -17.55 31.23 -1.38
C HIS R 652 -18.44 32.43 -1.39
N LEU R 653 -19.68 32.29 -1.80
CA LEU R 653 -20.51 33.47 -1.77
C LEU R 653 -21.06 33.68 -0.38
N SER R 654 -21.18 34.94 -0.01
CA SER R 654 -21.74 35.40 1.25
C SER R 654 -23.23 35.58 1.14
N THR R 655 -23.87 35.81 2.28
CA THR R 655 -25.31 36.04 2.28
C THR R 655 -25.66 37.37 1.64
N ASP R 656 -24.74 38.33 1.68
CA ASP R 656 -24.98 39.63 1.09
C ASP R 656 -25.02 39.44 -0.41
N VAL R 657 -24.07 38.63 -0.87
CA VAL R 657 -24.05 38.28 -2.26
C VAL R 657 -25.30 37.58 -2.63
N ILE R 658 -25.79 36.65 -1.81
CA ILE R 658 -26.99 36.01 -2.25
C ILE R 658 -28.08 37.02 -2.42
N HIS R 659 -28.21 37.97 -1.54
CA HIS R 659 -29.30 38.91 -1.79
C HIS R 659 -29.12 39.59 -3.15
N GLN R 660 -27.88 39.94 -3.50
CA GLN R 660 -27.67 40.55 -4.80
C GLN R 660 -27.98 39.57 -5.94
N VAL R 661 -27.63 38.31 -5.74
CA VAL R 661 -27.86 37.25 -6.70
C VAL R 661 -29.33 37.04 -6.90
N VAL R 662 -30.09 37.05 -5.83
CA VAL R 662 -31.51 36.86 -5.96
C VAL R 662 -32.09 38.00 -6.75
N ASP R 663 -31.69 39.23 -6.45
CA ASP R 663 -32.26 40.29 -7.24
C ASP R 663 -31.91 40.09 -8.70
N LYS R 664 -30.69 39.66 -8.98
CA LYS R 664 -30.28 39.40 -10.34
C LYS R 664 -31.17 38.37 -11.01
N PHE R 665 -31.42 37.26 -10.32
CA PHE R 665 -32.24 36.24 -10.94
C PHE R 665 -33.66 36.69 -11.11
N ILE R 666 -34.18 37.48 -10.17
CA ILE R 666 -35.52 37.96 -10.30
C ILE R 666 -35.59 38.85 -11.51
N VAL R 667 -34.62 39.70 -11.71
CA VAL R 667 -34.67 40.53 -12.88
C VAL R 667 -34.71 39.67 -14.12
N GLU R 668 -33.91 38.61 -14.18
CA GLU R 668 -33.96 37.78 -15.36
C GLU R 668 -35.36 37.22 -15.55
N LEU R 669 -36.01 36.84 -14.44
CA LEU R 669 -37.37 36.36 -14.51
C LEU R 669 -38.30 37.42 -15.04
N GLN R 670 -38.15 38.64 -14.56
CA GLN R 670 -39.01 39.71 -14.99
C GLN R 670 -38.85 39.93 -16.47
N VAL R 671 -37.64 39.80 -16.97
CA VAL R 671 -37.43 39.99 -18.38
C VAL R 671 -38.14 38.90 -19.16
N GLN R 672 -38.04 37.66 -18.69
CA GLN R 672 -38.69 36.58 -19.41
C GLN R 672 -40.19 36.77 -19.42
N LEU R 673 -40.75 37.28 -18.34
CA LEU R 673 -42.17 37.55 -18.27
C LEU R 673 -42.58 38.72 -19.15
N ASP R 674 -41.74 39.74 -19.22
CA ASP R 674 -42.05 40.89 -20.05
C ASP R 674 -42.23 40.46 -21.49
N GLN R 675 -41.49 39.46 -21.92
CA GLN R 675 -41.59 38.95 -23.29
C GLN R 675 -42.95 38.35 -23.62
N LYS R 676 -43.73 38.02 -22.60
CA LYS R 676 -45.08 37.51 -22.78
C LYS R 676 -46.11 38.56 -22.42
N GLY R 677 -45.65 39.76 -22.15
CA GLY R 677 -46.53 40.83 -21.77
C GLY R 677 -46.93 40.76 -20.32
N VAL R 678 -46.16 40.11 -19.47
CA VAL R 678 -46.55 39.98 -18.08
C VAL R 678 -45.61 40.66 -17.16
N SER R 679 -46.12 41.56 -16.36
CA SER R 679 -45.26 42.23 -15.41
C SER R 679 -45.22 41.43 -14.13
N LEU R 680 -44.21 41.66 -13.31
CA LEU R 680 -44.11 40.97 -12.03
C LEU R 680 -43.56 41.80 -10.90
N GLU R 681 -44.31 41.86 -9.83
CA GLU R 681 -43.83 42.45 -8.60
C GLU R 681 -43.45 41.43 -7.58
N VAL R 682 -42.26 41.56 -7.02
CA VAL R 682 -41.86 40.70 -5.93
C VAL R 682 -41.53 41.62 -4.78
N SER R 683 -42.13 41.40 -3.63
CA SER R 683 -41.89 42.25 -2.48
C SER R 683 -40.51 42.03 -1.92
N GLN R 684 -40.05 42.97 -1.09
CA GLN R 684 -38.76 42.79 -0.48
C GLN R 684 -38.74 41.65 0.47
N GLU R 685 -39.83 41.41 1.15
CA GLU R 685 -39.81 40.32 2.07
C GLU R 685 -39.76 39.01 1.32
N ALA R 686 -40.45 38.94 0.19
CA ALA R 686 -40.41 37.73 -0.58
C ALA R 686 -38.97 37.48 -1.00
N ARG R 687 -38.24 38.53 -1.33
CA ARG R 687 -36.85 38.39 -1.69
C ARG R 687 -36.01 37.97 -0.53
N ASN R 688 -36.27 38.53 0.64
CA ASN R 688 -35.44 38.19 1.74
C ASN R 688 -35.61 36.73 2.04
N TRP R 689 -36.83 36.27 1.96
CA TRP R 689 -37.12 34.89 2.23
C TRP R 689 -36.50 33.94 1.25
N LEU R 690 -36.58 34.23 -0.05
CA LEU R 690 -36.02 33.33 -1.02
C LEU R 690 -34.52 33.24 -0.79
N ALA R 691 -33.87 34.36 -0.51
CA ALA R 691 -32.43 34.35 -0.29
C ALA R 691 -32.05 33.55 0.95
N GLU R 692 -32.84 33.71 2.00
CA GLU R 692 -32.58 33.04 3.25
C GLU R 692 -32.76 31.54 3.10
N LYS R 693 -33.75 31.16 2.32
CA LYS R 693 -34.05 29.78 2.08
C LYS R 693 -33.01 29.07 1.25
N GLY R 694 -32.60 29.69 0.16
CA GLY R 694 -31.67 29.09 -0.77
C GLY R 694 -30.20 29.09 -0.41
N TYR R 695 -29.76 29.98 0.45
CA TYR R 695 -28.33 30.01 0.67
C TYR R 695 -27.72 28.75 1.20
N ASP R 696 -26.67 28.37 0.51
CA ASP R 696 -25.83 27.24 0.82
C ASP R 696 -24.43 27.63 0.46
N ARG R 697 -23.61 27.85 1.46
CA ARG R 697 -22.28 28.33 1.24
C ARG R 697 -21.47 27.40 0.34
N ALA R 698 -21.72 26.10 0.41
CA ALA R 698 -20.96 25.16 -0.38
C ALA R 698 -21.38 25.09 -1.85
N MET R 699 -22.59 25.48 -2.21
CA MET R 699 -23.00 25.26 -3.58
C MET R 699 -23.00 26.50 -4.44
N GLY R 700 -22.61 27.62 -3.86
CA GLY R 700 -22.58 28.86 -4.62
C GLY R 700 -23.98 29.31 -5.03
N ALA R 701 -24.09 29.97 -6.16
CA ALA R 701 -25.34 30.53 -6.63
C ALA R 701 -26.20 29.59 -7.42
N ARG R 702 -25.69 28.48 -7.89
CA ARG R 702 -26.55 27.67 -8.72
C ARG R 702 -27.89 27.30 -8.06
N PRO R 703 -27.97 26.92 -6.76
CA PRO R 703 -29.20 26.64 -6.05
C PRO R 703 -30.15 27.77 -6.00
N MET R 704 -29.70 28.98 -6.19
CA MET R 704 -30.63 30.03 -6.08
C MET R 704 -31.57 30.00 -7.23
N ALA R 705 -31.12 29.47 -8.35
CA ALA R 705 -31.99 29.44 -9.47
C ALA R 705 -33.01 28.36 -9.28
N ARG R 706 -32.71 27.42 -8.39
CA ARG R 706 -33.62 26.30 -8.13
C ARG R 706 -34.73 26.84 -7.26
N VAL R 707 -34.35 27.75 -6.37
CA VAL R 707 -35.29 28.39 -5.49
C VAL R 707 -36.23 29.23 -6.31
N ILE R 708 -35.70 29.96 -7.27
CA ILE R 708 -36.55 30.74 -8.13
C ILE R 708 -37.44 29.82 -8.93
N GLN R 709 -36.93 28.72 -9.47
CA GLN R 709 -37.87 27.89 -10.20
C GLN R 709 -39.00 27.36 -9.33
N ASP R 710 -38.71 26.96 -8.11
CA ASP R 710 -39.79 26.39 -7.35
C ASP R 710 -40.73 27.38 -6.75
N ASN R 711 -40.24 28.54 -6.38
CA ASN R 711 -41.13 29.46 -5.76
C ASN R 711 -41.77 30.42 -6.73
N LEU R 712 -41.10 30.78 -7.81
CA LEU R 712 -41.72 31.74 -8.67
C LEU R 712 -42.07 31.18 -10.03
N LYS R 713 -41.16 30.47 -10.68
CA LYS R 713 -41.45 30.08 -12.06
C LYS R 713 -42.50 29.02 -12.18
N LYS R 714 -42.50 28.04 -11.32
CA LYS R 714 -43.49 26.99 -11.46
C LYS R 714 -44.91 27.55 -11.31
N PRO R 715 -45.26 28.29 -10.24
CA PRO R 715 -46.54 28.92 -10.10
C PRO R 715 -46.90 29.78 -11.30
N LEU R 716 -45.93 30.51 -11.83
CA LEU R 716 -46.20 31.33 -12.97
C LEU R 716 -46.49 30.51 -14.18
N ALA R 717 -45.75 29.42 -14.38
CA ALA R 717 -46.01 28.63 -15.56
C ALA R 717 -47.43 28.14 -15.53
N ASN R 718 -47.95 27.77 -14.38
CA ASN R 718 -49.32 27.33 -14.42
C ASN R 718 -50.26 28.46 -14.76
N GLU R 719 -50.02 29.64 -14.23
CA GLU R 719 -50.92 30.72 -14.55
C GLU R 719 -50.80 31.15 -16.03
N LEU R 720 -49.57 31.18 -16.55
CA LEU R 720 -49.24 31.52 -17.93
C LEU R 720 -49.75 30.52 -18.93
N LEU R 721 -49.74 29.27 -18.55
CA LEU R 721 -50.19 28.24 -19.43
C LEU R 721 -51.65 27.91 -19.35
N PHE R 722 -52.22 27.89 -18.17
CA PHE R 722 -53.58 27.42 -18.09
C PHE R 722 -54.55 28.42 -17.49
N GLY R 723 -54.07 29.52 -16.93
CA GLY R 723 -54.91 30.38 -16.13
C GLY R 723 -55.08 31.80 -16.61
N SER R 724 -55.08 32.67 -15.61
CA SER R 724 -55.31 34.09 -15.72
C SER R 724 -54.24 34.92 -16.37
N LEU R 725 -53.03 34.43 -16.53
CA LEU R 725 -52.04 35.32 -17.09
C LEU R 725 -51.91 35.28 -18.56
N VAL R 726 -52.62 34.38 -19.21
CA VAL R 726 -52.43 34.24 -20.64
C VAL R 726 -52.64 35.54 -21.39
N ASP R 727 -53.72 36.22 -21.10
CA ASP R 727 -54.02 37.51 -21.69
C ASP R 727 -54.15 38.52 -20.56
N GLY R 728 -53.52 38.17 -19.44
CA GLY R 728 -53.58 38.94 -18.21
C GLY R 728 -52.52 39.99 -18.19
N GLY R 729 -51.30 39.56 -18.04
CA GLY R 729 -50.23 40.54 -18.00
C GLY R 729 -49.74 41.06 -16.62
N GLN R 730 -50.17 40.48 -15.51
CA GLN R 730 -49.69 41.01 -14.22
C GLN R 730 -49.66 40.04 -13.07
N VAL R 731 -48.60 40.01 -12.28
CA VAL R 731 -48.57 39.10 -11.13
C VAL R 731 -47.95 39.71 -9.86
N THR R 732 -48.66 39.65 -8.73
CA THR R 732 -48.11 40.21 -7.49
C THR R 732 -47.69 39.16 -6.47
N VAL R 733 -46.42 39.19 -6.12
CA VAL R 733 -45.84 38.27 -5.17
C VAL R 733 -45.33 38.91 -3.90
N ALA R 734 -45.87 38.47 -2.80
CA ALA R 734 -45.47 38.89 -1.48
C ALA R 734 -45.71 37.76 -0.54
N LEU R 735 -45.16 37.78 0.65
CA LEU R 735 -45.49 36.69 1.56
C LEU R 735 -46.06 37.12 2.86
N ASP R 736 -46.78 36.19 3.47
CA ASP R 736 -47.33 36.45 4.79
C ASP R 736 -46.26 36.10 5.79
N LYS R 737 -46.52 36.22 7.07
CA LYS R 737 -45.46 35.88 8.01
C LYS R 737 -45.80 34.59 8.73
N GLU R 738 -47.09 34.27 8.73
CA GLU R 738 -47.61 33.10 9.43
C GLU R 738 -47.22 31.77 8.78
N LYS R 739 -47.15 31.73 7.46
CA LYS R 739 -46.80 30.50 6.80
C LYS R 739 -45.50 30.72 6.05
N ASN R 740 -45.21 31.99 5.75
CA ASN R 740 -44.11 32.44 4.90
C ASN R 740 -44.33 31.93 3.52
N GLU R 741 -45.57 32.02 3.11
CA GLU R 741 -45.93 31.58 1.78
C GLU R 741 -46.16 32.75 0.89
N LEU R 742 -45.89 32.56 -0.37
CA LEU R 742 -46.03 33.59 -1.36
C LEU R 742 -47.44 33.74 -1.90
N THR R 743 -47.78 34.97 -2.27
CA THR R 743 -49.01 35.30 -2.92
C THR R 743 -48.75 35.25 -4.38
N TYR R 744 -49.79 35.23 -5.16
CA TYR R 744 -49.67 35.22 -6.60
C TYR R 744 -50.96 35.79 -7.13
N GLY R 745 -51.06 35.88 -8.44
CA GLY R 745 -52.29 36.30 -9.05
C GLY R 745 -52.26 37.68 -9.66
N PHE R 746 -53.18 37.83 -10.60
CA PHE R 746 -53.45 39.01 -11.41
C PHE R 746 -54.23 40.04 -10.64
N MET S 169 24.86 5.05 -89.27
CA MET S 169 25.34 5.53 -88.00
C MET S 169 26.30 6.67 -88.25
N GLU S 170 26.57 6.91 -89.52
CA GLU S 170 27.56 7.87 -89.97
C GLU S 170 27.35 9.28 -89.42
N ASN S 171 26.10 9.68 -89.30
CA ASN S 171 25.77 10.98 -88.75
C ASN S 171 24.90 10.86 -87.52
N PHE S 172 24.97 9.69 -86.86
CA PHE S 172 24.14 9.48 -85.69
C PHE S 172 24.90 9.14 -84.43
N THR S 173 25.98 8.40 -84.54
CA THR S 173 26.69 7.97 -83.34
C THR S 173 28.08 8.61 -83.36
N THR S 174 28.49 9.19 -82.25
CA THR S 174 29.78 9.87 -82.20
C THR S 174 30.90 8.92 -81.95
N ASN S 175 31.92 8.93 -82.76
CA ASN S 175 32.99 8.00 -82.51
C ASN S 175 33.88 8.57 -81.41
N LEU S 176 33.88 7.95 -80.22
CA LEU S 176 34.64 8.50 -79.13
C LEU S 176 36.07 8.15 -79.34
N ASN S 177 36.31 6.99 -79.94
CA ASN S 177 37.71 6.66 -80.18
C ASN S 177 38.28 7.68 -81.14
N GLN S 178 37.46 8.14 -82.07
CA GLN S 178 37.98 9.11 -83.00
C GLN S 178 38.21 10.41 -82.28
N LEU S 179 37.34 10.79 -81.36
CA LEU S 179 37.62 12.02 -80.64
C LEU S 179 38.90 11.87 -79.84
N ALA S 180 39.14 10.69 -79.30
CA ALA S 180 40.38 10.52 -78.57
C ALA S 180 41.59 10.64 -79.51
N ARG S 181 41.48 10.09 -80.72
CA ARG S 181 42.54 10.18 -81.72
C ARG S 181 42.78 11.62 -82.16
N VAL S 182 41.70 12.37 -82.31
CA VAL S 182 41.69 13.76 -82.70
C VAL S 182 42.20 14.67 -81.60
N GLY S 183 41.82 14.37 -80.36
CA GLY S 183 42.17 15.18 -79.22
C GLY S 183 40.93 15.84 -78.63
N GLY S 184 39.74 15.41 -79.10
CA GLY S 184 38.46 15.87 -78.60
C GLY S 184 38.29 15.40 -77.15
N ILE S 185 38.87 14.23 -76.85
CA ILE S 185 38.83 13.71 -75.49
C ILE S 185 40.10 13.95 -74.72
N ASP S 186 39.95 14.64 -73.59
CA ASP S 186 41.07 14.93 -72.72
C ASP S 186 41.47 13.64 -72.03
N PRO S 187 42.76 13.35 -71.84
CA PRO S 187 43.24 12.16 -71.17
C PRO S 187 42.61 12.05 -69.83
N LEU S 188 42.21 10.85 -69.44
CA LEU S 188 41.56 10.72 -68.15
C LEU S 188 42.63 10.79 -67.11
N ILE S 189 42.34 11.47 -66.03
CA ILE S 189 43.26 11.56 -64.93
C ILE S 189 42.85 10.62 -63.82
N GLY S 190 43.74 9.70 -63.48
CA GLY S 190 43.43 8.70 -62.47
C GLY S 190 42.38 7.74 -62.99
N ARG S 191 41.57 7.21 -62.06
CA ARG S 191 40.51 6.24 -62.31
C ARG S 191 40.92 4.92 -62.94
N GLU S 192 42.04 4.39 -62.52
CA GLU S 192 42.49 3.15 -63.08
C GLU S 192 41.58 1.98 -62.77
N LYS S 193 41.04 1.91 -61.55
CA LYS S 193 40.21 0.77 -61.19
C LYS S 193 38.82 0.85 -61.79
N GLU S 194 38.35 2.06 -62.04
CA GLU S 194 37.06 2.29 -62.64
C GLU S 194 37.10 1.84 -64.09
N LEU S 195 38.20 2.17 -64.77
CA LEU S 195 38.36 1.74 -66.13
C LEU S 195 38.56 0.25 -66.19
N GLU S 196 39.31 -0.30 -65.22
CA GLU S 196 39.50 -1.74 -65.23
C GLU S 196 38.19 -2.41 -65.05
N ARG S 197 37.30 -1.86 -64.23
CA ARG S 197 36.08 -2.58 -64.13
C ARG S 197 35.30 -2.48 -65.42
N ALA S 198 35.27 -1.33 -66.07
CA ALA S 198 34.49 -1.24 -67.30
C ALA S 198 34.97 -2.28 -68.31
N ILE S 199 36.27 -2.50 -68.41
CA ILE S 199 36.75 -3.52 -69.34
C ILE S 199 36.48 -4.93 -68.85
N GLN S 200 36.56 -5.16 -67.54
CA GLN S 200 36.26 -6.46 -66.99
C GLN S 200 34.82 -6.83 -67.26
N VAL S 201 33.93 -5.86 -67.23
CA VAL S 201 32.55 -6.11 -67.54
C VAL S 201 32.36 -6.32 -69.05
N LEU S 202 32.96 -5.47 -69.86
CA LEU S 202 32.81 -5.57 -71.32
C LEU S 202 33.33 -6.89 -71.88
N CYS S 203 34.37 -7.46 -71.26
CA CYS S 203 34.92 -8.74 -71.72
C CYS S 203 34.07 -9.99 -71.35
N ARG S 204 33.03 -9.83 -70.52
CA ARG S 204 32.21 -10.97 -70.10
C ARG S 204 31.06 -11.36 -71.06
N ARG S 205 30.54 -12.57 -70.88
CA ARG S 205 29.45 -13.07 -71.70
C ARG S 205 28.06 -12.57 -71.23
N ARG S 206 27.85 -12.47 -69.91
CA ARG S 206 26.58 -12.02 -69.34
C ARG S 206 26.85 -10.84 -68.42
N LYS S 207 25.87 -9.93 -68.24
CA LYS S 207 26.12 -8.75 -67.40
C LYS S 207 27.40 -8.10 -67.87
N ASN S 208 27.54 -8.00 -69.17
CA ASN S 208 28.71 -7.52 -69.86
C ASN S 208 28.63 -6.15 -70.48
N ASN S 209 27.74 -5.35 -69.98
CA ASN S 209 27.56 -3.97 -70.39
C ASN S 209 27.69 -3.09 -69.12
N PRO S 210 28.78 -2.39 -68.86
CA PRO S 210 28.97 -1.65 -67.64
C PRO S 210 28.12 -0.41 -67.58
N LEU S 211 27.77 -0.01 -66.38
CA LEU S 211 27.10 1.25 -66.11
C LEU S 211 27.95 2.08 -65.20
N LEU S 212 28.23 3.29 -65.59
CA LEU S 212 29.02 4.12 -64.71
C LEU S 212 27.98 4.88 -63.93
N VAL S 213 27.89 4.59 -62.64
CA VAL S 213 26.82 5.15 -61.82
C VAL S 213 27.41 6.04 -60.73
N GLY S 214 26.95 7.28 -60.66
CA GLY S 214 27.52 8.18 -59.66
C GLY S 214 26.66 9.36 -59.23
N GLU S 215 27.32 10.50 -59.12
CA GLU S 215 26.73 11.76 -58.66
C GLU S 215 27.35 12.90 -59.45
N SER S 216 26.91 14.13 -59.24
CA SER S 216 27.46 15.20 -60.07
C SER S 216 28.79 15.76 -59.68
N GLY S 217 29.67 15.74 -60.66
CA GLY S 217 31.04 16.17 -60.63
C GLY S 217 31.97 14.98 -60.48
N VAL S 218 31.43 13.76 -60.55
CA VAL S 218 32.34 12.63 -60.42
C VAL S 218 33.03 12.35 -61.73
N GLY S 219 32.46 12.79 -62.85
CA GLY S 219 33.13 12.51 -64.09
C GLY S 219 32.72 11.21 -64.73
N LYS S 220 31.56 10.67 -64.39
CA LYS S 220 31.23 9.38 -64.99
C LYS S 220 31.26 9.41 -66.53
N THR S 221 30.80 10.49 -67.18
CA THR S 221 30.96 10.53 -68.62
C THR S 221 32.41 10.70 -68.97
N ALA S 222 33.13 11.53 -68.22
CA ALA S 222 34.54 11.76 -68.49
C ALA S 222 35.28 10.42 -68.47
N ILE S 223 34.87 9.51 -67.59
CA ILE S 223 35.48 8.19 -67.51
C ILE S 223 35.15 7.41 -68.76
N ALA S 224 33.89 7.42 -69.21
CA ALA S 224 33.55 6.69 -70.45
C ALA S 224 34.36 7.21 -71.63
N GLU S 225 34.55 8.53 -71.69
CA GLU S 225 35.35 9.10 -72.75
C GLU S 225 36.79 8.67 -72.52
N GLY S 226 37.18 8.64 -71.25
CA GLY S 226 38.48 8.23 -70.80
C GLY S 226 38.75 6.81 -71.22
N LEU S 227 37.72 5.96 -71.25
CA LEU S 227 37.95 4.62 -71.68
C LEU S 227 38.21 4.63 -73.16
N ALA S 228 37.42 5.38 -73.95
CA ALA S 228 37.66 5.42 -75.39
C ALA S 228 39.08 5.89 -75.63
N TRP S 229 39.54 6.81 -74.79
CA TRP S 229 40.89 7.30 -74.89
C TRP S 229 41.86 6.15 -74.64
N ARG S 230 41.65 5.35 -73.59
CA ARG S 230 42.54 4.20 -73.32
C ARG S 230 42.47 3.15 -74.44
N ILE S 231 41.30 3.00 -75.08
CA ILE S 231 41.12 2.03 -76.16
C ILE S 231 42.04 2.44 -77.30
N VAL S 232 42.06 3.74 -77.56
CA VAL S 232 42.89 4.40 -78.56
C VAL S 232 44.37 4.40 -78.21
N GLN S 233 44.69 4.67 -76.95
CA GLN S 233 46.08 4.68 -76.53
C GLN S 233 46.61 3.26 -76.53
N GLY S 234 45.73 2.27 -76.32
CA GLY S 234 46.18 0.89 -76.26
C GLY S 234 46.65 0.57 -74.86
N ASP S 235 46.01 1.22 -73.88
CA ASP S 235 46.35 1.06 -72.48
C ASP S 235 45.52 -0.04 -71.86
N VAL S 236 44.78 -0.72 -72.70
CA VAL S 236 43.94 -1.82 -72.31
C VAL S 236 44.40 -2.99 -73.18
N PRO S 237 44.13 -4.24 -72.81
CA PRO S 237 44.40 -5.43 -73.58
C PRO S 237 43.61 -5.41 -74.84
N GLU S 238 44.11 -6.08 -75.88
CA GLU S 238 43.45 -6.14 -77.18
C GLU S 238 41.96 -6.51 -77.14
N VAL S 239 41.53 -7.29 -76.15
CA VAL S 239 40.12 -7.65 -76.13
C VAL S 239 39.36 -6.35 -76.37
N MET S 240 39.86 -5.28 -75.77
CA MET S 240 39.24 -3.97 -75.87
C MET S 240 40.08 -2.96 -76.63
N ALA S 241 41.40 -3.15 -76.69
CA ALA S 241 42.18 -2.17 -77.42
C ALA S 241 41.75 -2.22 -78.85
N ASP S 242 41.68 -1.06 -79.46
CA ASP S 242 41.27 -0.92 -80.85
C ASP S 242 39.80 -1.31 -81.13
N CYS S 243 39.02 -1.65 -80.10
CA CYS S 243 37.59 -1.77 -80.27
C CYS S 243 37.12 -0.37 -80.49
N THR S 244 35.89 -0.17 -80.94
CA THR S 244 35.47 1.21 -81.09
C THR S 244 34.33 1.58 -80.22
N ILE S 245 34.52 2.63 -79.44
CA ILE S 245 33.45 3.11 -78.61
C ILE S 245 32.85 4.33 -79.29
N TYR S 246 31.54 4.27 -79.50
CA TYR S 246 30.80 5.35 -80.10
C TYR S 246 29.81 5.85 -79.05
N SER S 247 29.39 7.11 -79.11
CA SER S 247 28.42 7.66 -78.16
C SER S 247 27.12 8.17 -78.75
N LEU S 248 26.06 7.78 -78.08
CA LEU S 248 24.77 8.19 -78.54
C LEU S 248 24.18 9.09 -77.50
N ASP S 249 23.80 10.27 -77.96
CA ASP S 249 23.17 11.27 -77.11
C ASP S 249 21.77 11.55 -77.63
N ILE S 250 21.17 12.64 -77.17
CA ILE S 250 19.83 13.00 -77.60
C ILE S 250 19.88 14.22 -78.53
N GLY S 251 20.54 14.06 -79.68
CA GLY S 251 20.66 15.15 -80.63
C GLY S 251 20.46 14.71 -82.06
N SER S 252 21.11 13.61 -82.43
CA SER S 252 21.00 13.07 -83.78
C SER S 252 19.81 12.17 -84.13
N LEU S 253 19.62 11.10 -83.36
CA LEU S 253 18.55 10.15 -83.65
C LEU S 253 17.20 10.69 -83.21
N LEU S 254 17.20 11.75 -82.41
CA LEU S 254 15.98 12.25 -81.82
C LEU S 254 15.43 13.30 -82.75
N ALA S 255 16.13 13.50 -83.88
CA ALA S 255 15.74 14.43 -84.89
C ALA S 255 14.66 13.80 -85.76
N GLY S 256 14.41 12.49 -85.58
CA GLY S 256 13.38 11.80 -86.36
C GLY S 256 12.00 12.14 -85.80
N THR S 257 11.60 13.40 -85.97
CA THR S 257 10.37 13.98 -85.44
C THR S 257 9.22 13.84 -86.43
N LYS S 258 9.53 13.21 -87.56
CA LYS S 258 8.57 12.88 -88.61
C LYS S 258 8.19 11.41 -88.40
N TYR S 259 8.65 10.91 -87.25
CA TYR S 259 8.49 9.57 -86.71
C TYR S 259 9.32 8.53 -87.43
N ARG S 260 8.78 7.32 -87.54
CA ARG S 260 9.54 6.11 -87.79
C ARG S 260 10.22 6.09 -89.14
N GLY S 261 9.62 6.72 -90.14
CA GLY S 261 10.23 6.73 -91.46
C GLY S 261 11.65 7.28 -91.37
N ASP S 262 11.88 8.24 -90.45
CA ASP S 262 13.22 8.74 -90.26
C ASP S 262 13.90 7.95 -89.16
N PHE S 263 13.24 7.90 -87.99
CA PHE S 263 13.78 7.32 -86.77
C PHE S 263 14.10 5.84 -86.80
N GLU S 264 13.16 5.02 -87.26
CA GLU S 264 13.35 3.60 -87.21
C GLU S 264 14.43 3.25 -88.15
N LYS S 265 14.39 3.86 -89.33
CA LYS S 265 15.42 3.56 -90.28
C LYS S 265 16.81 3.99 -89.80
N ARG S 266 16.94 5.17 -89.18
CA ARG S 266 18.28 5.55 -88.73
C ARG S 266 18.71 4.78 -87.51
N PHE S 267 17.76 4.54 -86.60
CA PHE S 267 18.02 3.78 -85.40
C PHE S 267 18.46 2.35 -85.73
N LYS S 268 17.69 1.66 -86.57
CA LYS S 268 18.04 0.32 -86.94
C LYS S 268 19.29 0.31 -87.77
N ALA S 269 19.54 1.35 -88.58
CA ALA S 269 20.79 1.34 -89.33
C ALA S 269 21.95 1.22 -88.38
N LEU S 270 21.86 1.88 -87.22
CA LEU S 270 22.95 1.74 -86.26
C LEU S 270 22.96 0.35 -85.76
N LEU S 271 21.81 -0.19 -85.43
CA LEU S 271 21.88 -1.51 -84.84
C LEU S 271 22.46 -2.52 -85.78
N LYS S 272 22.13 -2.43 -87.05
CA LYS S 272 22.62 -3.38 -88.03
C LYS S 272 24.12 -3.20 -88.23
N GLN S 273 24.59 -1.97 -88.33
CA GLN S 273 26.01 -1.72 -88.53
C GLN S 273 26.83 -2.11 -87.31
N LEU S 274 26.25 -1.89 -86.14
CA LEU S 274 26.89 -2.22 -84.89
C LEU S 274 26.82 -3.72 -84.69
N GLU S 275 25.73 -4.35 -85.11
CA GLU S 275 25.59 -5.79 -85.00
C GLU S 275 26.65 -6.46 -85.86
N GLN S 276 26.87 -5.90 -87.07
CA GLN S 276 27.88 -6.43 -87.98
C GLN S 276 29.27 -6.21 -87.40
N ASP S 277 29.51 -5.04 -86.79
CA ASP S 277 30.77 -4.79 -86.14
C ASP S 277 30.63 -5.16 -84.68
N THR S 278 30.98 -6.38 -84.34
CA THR S 278 30.75 -6.87 -83.00
C THR S 278 31.80 -6.36 -82.04
N ASN S 279 32.75 -5.59 -82.55
CA ASN S 279 33.76 -5.01 -81.72
C ASN S 279 33.41 -3.54 -81.49
N SER S 280 32.16 -3.18 -81.77
CA SER S 280 31.64 -1.85 -81.53
C SER S 280 30.87 -1.78 -80.21
N ILE S 281 31.19 -0.77 -79.44
CA ILE S 281 30.61 -0.50 -78.16
C ILE S 281 29.91 0.85 -78.20
N LEU S 282 28.70 0.94 -77.70
CA LEU S 282 28.08 2.24 -77.65
C LEU S 282 28.14 2.75 -76.23
N PHE S 283 28.25 4.03 -76.10
CA PHE S 283 28.14 4.71 -74.84
C PHE S 283 26.86 5.51 -74.84
N ILE S 284 26.03 5.29 -73.85
CA ILE S 284 24.82 6.04 -73.84
C ILE S 284 24.83 6.95 -72.64
N ASP S 285 24.98 8.23 -72.90
CA ASP S 285 25.07 9.14 -71.79
C ASP S 285 23.67 9.40 -71.32
N GLU S 286 23.50 9.85 -70.11
CA GLU S 286 22.16 10.19 -69.63
C GLU S 286 21.20 9.05 -69.99
N ILE S 287 21.58 7.82 -69.63
CA ILE S 287 20.90 6.60 -70.08
C ILE S 287 19.44 6.50 -69.64
N HIS S 288 19.05 7.26 -68.62
CA HIS S 288 17.67 7.25 -68.16
C HIS S 288 16.74 7.72 -69.28
N THR S 289 17.31 8.45 -70.25
CA THR S 289 16.55 8.95 -71.37
C THR S 289 15.77 7.81 -71.98
N ILE S 290 16.40 6.63 -72.06
CA ILE S 290 15.73 5.50 -72.67
C ILE S 290 15.24 4.51 -71.62
N ILE S 291 16.02 4.26 -70.57
CA ILE S 291 15.63 3.21 -69.64
C ILE S 291 14.76 3.83 -68.59
N GLY S 292 13.54 3.34 -68.48
CA GLY S 292 12.59 3.93 -67.55
C GLY S 292 11.92 5.15 -68.19
N ALA S 293 12.16 5.34 -69.48
CA ALA S 293 11.63 6.47 -70.23
C ALA S 293 11.29 6.02 -71.65
N GLY S 294 12.10 6.39 -72.66
CA GLY S 294 11.83 5.86 -73.99
C GLY S 294 10.90 6.68 -74.93
N ALA S 295 10.71 7.96 -74.66
CA ALA S 295 9.84 8.73 -75.56
C ALA S 295 10.68 9.49 -76.58
N ALA S 296 11.03 10.74 -76.23
CA ALA S 296 11.78 11.62 -77.13
C ALA S 296 10.94 11.83 -78.39
N SER S 297 11.42 11.30 -79.51
CA SER S 297 10.77 11.41 -80.80
C SER S 297 9.58 10.45 -80.91
N GLY S 298 9.40 9.65 -79.86
CA GLY S 298 8.34 8.66 -79.79
C GLY S 298 8.90 7.37 -80.30
N GLY S 299 10.23 7.29 -80.29
CA GLY S 299 10.92 6.12 -80.80
C GLY S 299 11.77 5.38 -79.77
N GLN S 300 11.98 5.93 -78.57
CA GLN S 300 12.97 5.28 -77.75
C GLN S 300 12.62 4.07 -76.86
N VAL S 301 11.34 3.77 -76.57
CA VAL S 301 11.10 2.58 -75.75
C VAL S 301 11.49 1.36 -76.54
N ASP S 302 11.00 1.26 -77.78
CA ASP S 302 11.35 0.12 -78.53
C ASP S 302 12.75 0.24 -79.04
N ALA S 303 13.27 1.45 -79.21
CA ALA S 303 14.66 1.46 -79.62
C ALA S 303 15.46 0.75 -78.55
N ALA S 304 15.15 1.00 -77.26
CA ALA S 304 15.87 0.31 -76.20
C ALA S 304 15.63 -1.19 -76.30
N ASN S 305 14.39 -1.58 -76.61
CA ASN S 305 14.06 -2.99 -76.71
C ASN S 305 14.76 -3.65 -77.88
N LEU S 306 15.10 -2.88 -78.90
CA LEU S 306 15.80 -3.35 -80.07
C LEU S 306 17.33 -3.37 -79.88
N ILE S 307 17.83 -2.83 -78.76
CA ILE S 307 19.26 -2.82 -78.49
C ILE S 307 19.49 -4.05 -77.62
N LYS S 308 18.62 -4.20 -76.63
CA LYS S 308 18.71 -5.26 -75.66
C LYS S 308 19.07 -6.65 -76.23
N PRO S 309 18.37 -7.26 -77.23
CA PRO S 309 18.72 -8.55 -77.83
C PRO S 309 20.13 -8.64 -78.37
N LEU S 310 20.69 -7.50 -78.78
CA LEU S 310 22.01 -7.50 -79.35
C LEU S 310 23.01 -7.39 -78.24
N LEU S 311 22.57 -6.89 -77.09
CA LEU S 311 23.51 -6.85 -76.01
C LEU S 311 23.55 -8.25 -75.44
N SER S 312 22.39 -8.93 -75.42
CA SER S 312 22.27 -10.28 -74.87
C SER S 312 23.07 -11.29 -75.62
N SER S 313 23.02 -11.22 -76.96
CA SER S 313 23.75 -12.12 -77.85
C SER S 313 25.21 -11.74 -78.00
N GLY S 314 25.63 -10.60 -77.44
CA GLY S 314 26.99 -10.12 -77.57
C GLY S 314 27.30 -9.45 -78.91
N LYS S 315 26.29 -8.96 -79.63
CA LYS S 315 26.56 -8.31 -80.91
C LYS S 315 26.93 -6.87 -80.70
N ILE S 316 26.30 -6.23 -79.73
CA ILE S 316 26.58 -4.83 -79.44
C ILE S 316 26.92 -4.71 -77.98
N ARG S 317 27.94 -3.98 -77.63
CA ARG S 317 28.19 -3.79 -76.22
C ARG S 317 27.81 -2.38 -75.87
N VAL S 318 27.34 -2.16 -74.66
CA VAL S 318 26.99 -0.81 -74.20
C VAL S 318 27.54 -0.40 -72.85
N ILE S 319 28.03 0.82 -72.78
CA ILE S 319 28.49 1.41 -71.55
C ILE S 319 27.44 2.45 -71.19
N GLY S 320 26.86 2.37 -70.01
CA GLY S 320 25.87 3.38 -69.67
C GLY S 320 26.44 4.47 -68.77
N SER S 321 25.59 5.41 -68.42
CA SER S 321 25.88 6.56 -67.56
C SER S 321 24.67 7.06 -66.81
N THR S 322 24.72 6.96 -65.50
CA THR S 322 23.62 7.40 -64.66
C THR S 322 24.06 7.76 -63.26
N THR S 323 23.09 8.08 -62.42
CA THR S 323 23.38 8.44 -61.04
C THR S 323 22.80 7.39 -60.16
N TYR S 324 23.15 7.39 -58.89
CA TYR S 324 22.65 6.38 -57.98
C TYR S 324 21.13 6.43 -57.84
N GLN S 325 20.58 7.63 -57.84
CA GLN S 325 19.15 7.76 -57.65
C GLN S 325 18.43 7.38 -58.92
N GLU S 326 18.97 7.79 -60.07
CA GLU S 326 18.32 7.42 -61.31
C GLU S 326 18.44 5.94 -61.48
N PHE S 327 19.58 5.39 -61.09
CA PHE S 327 19.84 3.97 -61.26
C PHE S 327 18.76 3.18 -60.58
N SER S 328 18.44 3.52 -59.33
CA SER S 328 17.37 2.80 -58.66
C SER S 328 16.02 3.01 -59.35
N ASN S 329 15.84 4.14 -59.99
CA ASN S 329 14.61 4.40 -60.69
C ASN S 329 14.56 3.72 -62.07
N ILE S 330 15.71 3.48 -62.72
CA ILE S 330 15.68 2.92 -64.07
C ILE S 330 16.17 1.46 -64.21
N PHE S 331 17.31 1.12 -63.57
CA PHE S 331 17.96 -0.18 -63.67
C PHE S 331 17.25 -1.23 -62.87
N GLU S 332 16.94 -0.85 -61.63
CA GLU S 332 16.37 -1.80 -60.69
C GLU S 332 14.92 -2.16 -61.06
N LYS S 333 14.38 -1.43 -62.01
CA LYS S 333 13.04 -1.61 -62.51
C LYS S 333 12.98 -2.41 -63.82
N ASP S 334 14.13 -2.81 -64.38
CA ASP S 334 14.13 -3.49 -65.67
C ASP S 334 15.10 -4.69 -65.70
N ARG S 335 14.53 -5.89 -65.70
CA ARG S 335 15.32 -7.12 -65.60
C ARG S 335 16.12 -7.39 -66.86
N ALA S 336 15.83 -6.66 -67.93
CA ALA S 336 16.58 -6.84 -69.12
C ALA S 336 17.96 -6.31 -68.88
N LEU S 337 18.08 -5.26 -68.04
CA LEU S 337 19.38 -4.72 -67.77
C LEU S 337 19.98 -5.44 -66.63
N ALA S 338 19.16 -5.97 -65.74
CA ALA S 338 19.72 -6.67 -64.60
C ALA S 338 20.63 -7.81 -65.07
N ARG S 339 20.25 -8.46 -66.17
CA ARG S 339 21.03 -9.56 -66.72
C ARG S 339 22.06 -9.17 -67.80
N ARG S 340 22.06 -7.91 -68.22
CA ARG S 340 22.92 -7.43 -69.31
C ARG S 340 23.96 -6.44 -68.87
N PHE S 341 23.62 -5.65 -67.87
CA PHE S 341 24.47 -4.61 -67.39
C PHE S 341 24.95 -4.76 -65.95
N GLN S 342 26.12 -4.20 -65.70
CA GLN S 342 26.72 -4.22 -64.38
C GLN S 342 27.09 -2.84 -63.84
N LYS S 343 26.63 -2.53 -62.64
CA LYS S 343 26.99 -1.28 -62.02
C LYS S 343 28.42 -1.16 -61.54
N ILE S 344 29.01 -0.01 -61.84
CA ILE S 344 30.32 0.42 -61.38
C ILE S 344 30.12 1.69 -60.54
N ASP S 345 30.60 1.70 -59.32
CA ASP S 345 30.41 2.87 -58.46
C ASP S 345 31.45 3.95 -58.68
N ILE S 346 31.01 5.12 -59.17
CA ILE S 346 31.93 6.21 -59.49
C ILE S 346 31.80 7.28 -58.42
N THR S 347 32.91 7.62 -57.79
CA THR S 347 32.96 8.64 -56.75
C THR S 347 33.92 9.73 -57.19
N GLU S 348 34.10 10.77 -56.39
CA GLU S 348 35.03 11.84 -56.73
C GLU S 348 36.51 11.48 -56.64
N PRO S 349 37.31 12.07 -57.52
CA PRO S 349 38.76 11.88 -57.60
C PRO S 349 39.44 12.51 -56.39
N SER S 350 40.76 12.36 -56.29
CA SER S 350 41.53 12.97 -55.19
C SER S 350 41.71 14.46 -55.39
N ILE S 351 42.26 15.13 -54.37
CA ILE S 351 42.52 16.58 -54.47
C ILE S 351 43.54 16.83 -55.56
N GLU S 352 44.57 16.00 -55.58
CA GLU S 352 45.64 16.14 -56.54
C GLU S 352 45.13 15.87 -57.92
N GLU S 353 44.29 14.87 -58.06
CA GLU S 353 43.73 14.56 -59.34
C GLU S 353 42.84 15.70 -59.77
N THR S 354 42.10 16.29 -58.84
CA THR S 354 41.25 17.40 -59.20
C THR S 354 42.08 18.55 -59.71
N VAL S 355 43.22 18.83 -59.08
CA VAL S 355 44.07 19.91 -59.55
C VAL S 355 44.57 19.61 -60.94
N GLN S 356 44.95 18.37 -61.19
CA GLN S 356 45.43 17.93 -62.50
C GLN S 356 44.33 18.08 -63.54
N ILE S 357 43.09 17.80 -63.15
CA ILE S 357 41.91 17.94 -63.99
C ILE S 357 41.73 19.40 -64.30
N ILE S 358 41.89 20.26 -63.30
CA ILE S 358 41.82 21.68 -63.52
C ILE S 358 42.89 22.09 -64.45
N ASN S 359 44.11 21.60 -64.28
CA ASN S 359 45.18 22.01 -65.16
C ASN S 359 44.96 21.54 -66.59
N GLY S 360 44.31 20.39 -66.78
CA GLY S 360 44.00 19.92 -68.11
C GLY S 360 43.00 20.88 -68.77
N LEU S 361 42.00 21.31 -67.99
CA LEU S 361 40.95 22.20 -68.47
C LEU S 361 41.29 23.68 -68.35
N LYS S 362 42.21 24.02 -67.47
CA LYS S 362 42.61 25.37 -67.17
C LYS S 362 42.70 26.22 -68.43
N PRO S 363 43.45 25.84 -69.49
CA PRO S 363 43.63 26.62 -70.68
C PRO S 363 42.33 26.98 -71.38
N LYS S 364 41.26 26.21 -71.14
CA LYS S 364 39.97 26.44 -71.76
C LYS S 364 39.34 27.63 -71.07
N TYR S 365 39.61 27.75 -69.78
CA TYR S 365 39.09 28.85 -69.00
C TYR S 365 39.93 30.05 -69.31
N GLU S 366 41.21 29.81 -69.50
CA GLU S 366 42.07 30.92 -69.79
C GLU S 366 41.69 31.52 -71.14
N ALA S 367 41.43 30.65 -72.12
CA ALA S 367 41.05 31.09 -73.44
C ALA S 367 39.72 31.81 -73.46
N HIS S 368 38.74 31.32 -72.70
CA HIS S 368 37.44 31.95 -72.68
C HIS S 368 37.49 33.28 -71.99
N HIS S 369 38.18 33.34 -70.85
CA HIS S 369 38.18 34.53 -70.07
C HIS S 369 39.32 35.48 -70.30
N ASP S 370 40.31 35.12 -71.12
CA ASP S 370 41.47 35.99 -71.33
C ASP S 370 42.15 36.24 -69.98
N VAL S 371 42.32 35.16 -69.25
CA VAL S 371 42.97 35.16 -67.95
C VAL S 371 44.00 34.08 -67.93
N ARG S 372 44.90 34.10 -66.96
CA ARG S 372 45.91 33.06 -66.83
C ARG S 372 45.90 32.61 -65.36
N TYR S 373 45.90 31.31 -65.11
CA TYR S 373 45.86 30.84 -63.71
C TYR S 373 47.21 30.38 -63.17
N THR S 374 47.55 30.83 -61.96
CA THR S 374 48.81 30.43 -61.35
C THR S 374 48.71 29.00 -60.83
N ALA S 375 49.85 28.40 -60.51
CA ALA S 375 49.87 27.05 -59.94
C ALA S 375 49.18 27.05 -58.59
N LYS S 376 49.35 28.15 -57.86
CA LYS S 376 48.74 28.27 -56.57
C LYS S 376 47.26 28.49 -56.72
N ALA S 377 46.83 29.21 -57.75
CA ALA S 377 45.41 29.44 -57.99
C ALA S 377 44.69 28.13 -58.25
N VAL S 378 45.32 27.22 -58.98
CA VAL S 378 44.63 25.97 -59.26
C VAL S 378 44.63 25.06 -58.05
N ARG S 379 45.72 25.04 -57.28
CA ARG S 379 45.68 24.22 -56.09
C ARG S 379 44.67 24.78 -55.13
N ALA S 380 44.68 26.10 -54.98
CA ALA S 380 43.77 26.76 -54.09
C ALA S 380 42.34 26.60 -54.52
N ALA S 381 42.05 26.64 -55.81
CA ALA S 381 40.65 26.49 -56.15
C ALA S 381 40.13 25.17 -55.66
N VAL S 382 40.93 24.12 -55.75
CA VAL S 382 40.43 22.85 -55.30
C VAL S 382 40.34 22.85 -53.78
N GLU S 383 41.39 23.31 -53.10
CA GLU S 383 41.38 23.27 -51.64
C GLU S 383 40.32 24.15 -51.01
N LEU S 384 40.11 25.33 -51.58
CA LEU S 384 39.18 26.27 -51.01
C LEU S 384 37.77 25.82 -51.31
N ALA S 385 37.54 25.23 -52.49
CA ALA S 385 36.22 24.74 -52.79
C ALA S 385 35.88 23.65 -51.79
N VAL S 386 36.85 22.81 -51.42
CA VAL S 386 36.51 21.77 -50.46
C VAL S 386 36.13 22.33 -49.12
N LYS S 387 36.88 23.31 -48.66
CA LYS S 387 36.65 23.92 -47.38
C LYS S 387 35.27 24.57 -47.24
N TYR S 388 34.74 25.19 -48.33
CA TYR S 388 33.45 25.89 -48.22
C TYR S 388 32.28 25.51 -49.17
N ILE S 389 32.53 24.88 -50.31
CA ILE S 389 31.50 24.59 -51.28
C ILE S 389 31.08 23.13 -51.11
N ASN S 390 29.80 22.90 -50.80
CA ASN S 390 29.29 21.57 -50.49
C ASN S 390 28.22 21.11 -51.48
N ASP S 391 28.28 21.65 -52.68
CA ASP S 391 27.28 21.40 -53.72
C ASP S 391 27.54 20.23 -54.66
N ARG S 392 28.80 19.89 -54.87
CA ARG S 392 29.17 18.92 -55.90
C ARG S 392 30.42 18.15 -55.53
N HIS S 393 30.77 17.19 -56.37
CA HIS S 393 31.98 16.42 -56.24
C HIS S 393 33.14 17.29 -56.71
N LEU S 394 34.35 17.00 -56.21
CA LEU S 394 35.48 17.90 -56.43
C LEU S 394 35.64 18.56 -57.80
N PRO S 395 35.69 17.88 -58.96
CA PRO S 395 35.84 18.54 -60.23
C PRO S 395 34.89 19.68 -60.46
N ASP S 396 33.62 19.57 -60.07
CA ASP S 396 32.76 20.69 -60.39
C ASP S 396 32.90 21.84 -59.44
N LYS S 397 33.14 21.56 -58.18
CA LYS S 397 33.24 22.72 -57.31
C LYS S 397 34.51 23.49 -57.62
N ALA S 398 35.59 22.76 -57.93
CA ALA S 398 36.84 23.43 -58.24
C ALA S 398 36.73 24.19 -59.55
N ILE S 399 36.02 23.63 -60.52
CA ILE S 399 35.86 24.30 -61.80
C ILE S 399 35.08 25.57 -61.67
N ASP S 400 33.97 25.57 -60.94
CA ASP S 400 33.26 26.81 -60.81
C ASP S 400 34.17 27.85 -60.20
N VAL S 401 35.03 27.47 -59.26
CA VAL S 401 35.92 28.47 -58.71
C VAL S 401 36.88 29.02 -59.77
N ILE S 402 37.44 28.15 -60.58
CA ILE S 402 38.33 28.59 -61.63
C ILE S 402 37.62 29.44 -62.65
N ASP S 403 36.44 29.01 -63.07
CA ASP S 403 35.66 29.74 -64.07
C ASP S 403 35.12 31.08 -63.55
N GLU S 404 34.86 31.12 -62.25
CA GLU S 404 34.34 32.31 -61.60
C GLU S 404 35.48 33.29 -61.34
N ALA S 405 36.63 32.75 -60.93
CA ALA S 405 37.79 33.59 -60.66
C ALA S 405 38.25 34.18 -61.94
N GLY S 406 38.19 33.37 -63.00
CA GLY S 406 38.58 33.80 -64.31
C GLY S 406 37.67 34.90 -64.74
N ALA S 407 36.38 34.62 -64.69
CA ALA S 407 35.49 35.63 -65.13
C ALA S 407 35.57 36.87 -64.29
N ARG S 408 35.61 36.77 -62.97
CA ARG S 408 35.64 38.00 -62.21
C ARG S 408 36.85 38.83 -62.60
N ALA S 409 37.99 38.16 -62.78
CA ALA S 409 39.21 38.83 -63.14
C ALA S 409 39.06 39.61 -64.45
N ARG S 410 38.18 39.18 -65.37
CA ARG S 410 38.02 39.97 -66.60
C ARG S 410 36.84 40.94 -66.55
N LEU S 411 36.10 41.00 -65.45
CA LEU S 411 34.90 41.84 -65.39
C LEU S 411 35.05 43.01 -64.46
N MET S 412 35.54 42.71 -63.27
CA MET S 412 35.69 43.72 -62.25
C MET S 412 36.71 44.79 -62.60
N PRO S 413 37.97 44.45 -62.91
CA PRO S 413 39.04 45.39 -63.11
C PRO S 413 38.99 46.05 -64.45
N VAL S 414 37.96 46.78 -64.75
CA VAL S 414 37.91 47.40 -66.08
C VAL S 414 39.06 48.38 -66.21
N SER S 415 39.35 49.09 -65.12
CA SER S 415 40.41 50.07 -65.05
C SER S 415 41.81 49.47 -64.81
N LYS S 416 41.90 48.15 -64.52
CA LYS S 416 43.19 47.54 -64.19
C LYS S 416 43.61 46.44 -65.17
N ARG S 417 42.63 45.65 -65.61
CA ARG S 417 42.75 44.53 -66.54
C ARG S 417 43.79 43.46 -66.20
N LYS S 418 43.83 43.03 -64.94
CA LYS S 418 44.77 41.99 -64.56
C LYS S 418 44.32 40.70 -65.24
N LYS S 419 45.26 39.94 -65.79
CA LYS S 419 44.89 38.69 -66.47
C LYS S 419 45.14 37.50 -65.57
N THR S 420 46.20 37.56 -64.80
CA THR S 420 46.57 36.45 -63.95
C THR S 420 45.66 36.35 -62.75
N VAL S 421 45.21 35.14 -62.49
CA VAL S 421 44.36 34.77 -61.40
C VAL S 421 45.21 34.03 -60.39
N ASN S 422 45.29 34.59 -59.19
CA ASN S 422 46.09 34.01 -58.13
C ASN S 422 45.20 33.50 -57.00
N VAL S 423 45.80 32.97 -55.95
CA VAL S 423 45.06 32.44 -54.81
C VAL S 423 44.09 33.48 -54.26
N ALA S 424 44.50 34.74 -54.19
CA ALA S 424 43.64 35.80 -53.67
C ALA S 424 42.34 35.92 -54.48
N ASP S 425 42.40 35.64 -55.79
CA ASP S 425 41.24 35.78 -56.63
C ASP S 425 40.32 34.58 -56.41
N ILE S 426 40.94 33.44 -56.12
CA ILE S 426 40.19 32.25 -55.75
C ILE S 426 39.48 32.50 -54.43
N GLU S 427 40.14 33.12 -53.47
CA GLU S 427 39.48 33.33 -52.20
C GLU S 427 38.26 34.23 -52.36
N SER S 428 38.37 35.27 -53.19
CA SER S 428 37.21 36.14 -53.37
C SER S 428 36.03 35.39 -54.01
N VAL S 429 36.28 34.61 -55.05
CA VAL S 429 35.15 33.95 -55.67
C VAL S 429 34.65 32.77 -54.88
N VAL S 430 35.51 32.06 -54.16
CA VAL S 430 35.03 30.95 -53.37
C VAL S 430 34.09 31.50 -52.36
N ALA S 431 34.44 32.62 -51.75
CA ALA S 431 33.52 33.13 -50.78
C ALA S 431 32.14 33.36 -51.36
N ARG S 432 32.09 33.95 -52.55
CA ARG S 432 30.82 34.18 -53.23
C ARG S 432 30.06 32.92 -53.69
N ILE S 433 30.78 31.91 -54.16
CA ILE S 433 30.20 30.67 -54.65
C ILE S 433 29.65 29.88 -53.50
N ALA S 434 30.42 29.85 -52.42
CA ALA S 434 30.15 29.12 -51.20
C ALA S 434 29.17 29.82 -50.27
N ARG S 435 28.69 31.01 -50.64
CA ARG S 435 27.78 31.79 -49.81
C ARG S 435 28.32 32.13 -48.42
N ILE S 436 29.58 32.52 -48.37
CA ILE S 436 30.22 32.92 -47.13
C ILE S 436 30.81 34.32 -47.38
N PRO S 437 31.14 35.11 -46.35
CA PRO S 437 31.81 36.40 -46.48
C PRO S 437 33.20 36.30 -47.13
N GLU S 438 33.55 37.37 -47.86
CA GLU S 438 34.82 37.55 -48.58
C GLU S 438 35.99 37.54 -47.62
N LYS S 439 35.71 37.89 -46.38
CA LYS S 439 36.72 37.88 -45.33
C LYS S 439 36.89 36.48 -44.75
N SER S 440 35.75 35.84 -44.41
CA SER S 440 35.64 34.56 -43.69
C SER S 440 36.21 33.38 -44.42
N VAL S 441 36.38 33.51 -45.72
CA VAL S 441 36.98 32.47 -46.55
C VAL S 441 38.41 32.17 -46.05
N SER S 442 39.02 33.16 -45.40
CA SER S 442 40.35 33.11 -44.83
C SER S 442 40.32 33.47 -43.32
N GLN S 443 39.72 34.62 -43.00
CA GLN S 443 39.73 35.16 -41.63
C GLN S 443 38.39 35.14 -40.89
N SER S 444 38.29 34.27 -39.90
CA SER S 444 37.09 34.09 -39.09
C SER S 444 36.91 35.21 -38.05
N ASP S 445 35.71 35.32 -37.47
CA ASP S 445 35.50 36.37 -36.49
C ASP S 445 35.91 35.95 -35.09
N ARG S 446 37.20 36.04 -34.88
CA ARG S 446 37.84 35.62 -33.66
C ARG S 446 37.29 36.39 -32.46
N ASP S 447 36.95 37.67 -32.68
CA ASP S 447 36.52 38.51 -31.58
C ASP S 447 35.08 38.32 -31.20
N THR S 448 34.19 38.04 -32.14
CA THR S 448 32.81 37.86 -31.69
C THR S 448 32.81 36.62 -30.81
N LEU S 449 33.65 35.64 -31.14
CA LEU S 449 33.68 34.47 -30.32
C LEU S 449 34.35 34.75 -28.97
N LYS S 450 35.43 35.52 -28.92
CA LYS S 450 36.06 35.82 -27.64
C LYS S 450 35.14 36.55 -26.68
N ASN S 451 34.30 37.42 -27.22
CA ASN S 451 33.42 38.25 -26.42
C ASN S 451 32.07 37.63 -26.17
N LEU S 452 31.87 36.40 -26.59
CA LEU S 452 30.56 35.82 -26.46
C LEU S 452 30.15 35.63 -25.03
N GLY S 453 31.06 35.15 -24.21
CA GLY S 453 30.72 34.87 -22.83
C GLY S 453 30.30 36.11 -22.07
N ASP S 454 30.89 37.24 -22.38
CA ASP S 454 30.53 38.41 -21.62
C ASP S 454 29.26 39.00 -22.13
N ARG S 455 29.04 38.94 -23.43
CA ARG S 455 27.81 39.50 -23.91
C ARG S 455 26.63 38.76 -23.34
N LEU S 456 26.77 37.44 -23.17
CA LEU S 456 25.68 36.69 -22.60
C LEU S 456 25.59 36.89 -21.10
N LYS S 457 26.71 37.02 -20.38
CA LYS S 457 26.63 37.22 -18.93
C LYS S 457 25.91 38.51 -18.59
N MET S 458 25.96 39.48 -19.47
CA MET S 458 25.27 40.73 -19.23
C MET S 458 23.75 40.64 -19.44
N LEU S 459 23.27 39.56 -20.05
CA LEU S 459 21.85 39.39 -20.33
C LEU S 459 21.19 38.33 -19.45
N VAL S 460 21.86 37.21 -19.23
CA VAL S 460 21.32 36.15 -18.41
C VAL S 460 22.17 36.08 -17.16
N PHE S 461 21.61 36.50 -16.06
CA PHE S 461 22.38 36.67 -14.89
C PHE S 461 22.43 35.46 -14.00
N GLY S 462 23.59 35.22 -13.45
CA GLY S 462 23.79 34.19 -12.45
C GLY S 462 24.17 32.85 -13.00
N GLN S 463 23.88 32.63 -14.27
CA GLN S 463 24.19 31.34 -14.86
C GLN S 463 25.56 31.45 -15.46
N ASP S 464 26.53 31.71 -14.62
CA ASP S 464 27.83 31.99 -15.16
C ASP S 464 28.51 30.75 -15.60
N LYS S 465 28.37 29.67 -14.86
CA LYS S 465 29.08 28.50 -15.30
C LYS S 465 28.40 27.94 -16.53
N ALA S 466 27.09 28.13 -16.63
CA ALA S 466 26.38 27.61 -17.77
C ALA S 466 26.79 28.34 -19.02
N ILE S 467 26.96 29.67 -18.91
CA ILE S 467 27.36 30.43 -20.07
C ILE S 467 28.74 30.02 -20.44
N GLU S 468 29.62 29.86 -19.47
CA GLU S 468 30.95 29.46 -19.80
C GLU S 468 30.97 28.08 -20.43
N ALA S 469 30.17 27.14 -19.94
CA ALA S 469 30.21 25.83 -20.55
C ALA S 469 29.81 25.89 -22.01
N LEU S 470 28.81 26.69 -22.32
CA LEU S 470 28.32 26.87 -23.68
C LEU S 470 29.34 27.59 -24.53
N THR S 471 29.90 28.65 -23.97
CA THR S 471 30.82 29.49 -24.67
C THR S 471 32.08 28.73 -25.02
N GLU S 472 32.60 27.98 -24.06
CA GLU S 472 33.83 27.28 -24.31
C GLU S 472 33.62 26.17 -25.31
N ALA S 473 32.50 25.46 -25.21
CA ALA S 473 32.28 24.40 -26.15
C ALA S 473 32.16 24.93 -27.57
N ILE S 474 31.53 26.09 -27.75
CA ILE S 474 31.43 26.64 -29.09
C ILE S 474 32.81 27.02 -29.57
N LYS S 475 33.60 27.66 -28.73
CA LYS S 475 34.92 28.03 -29.18
C LYS S 475 35.71 26.81 -29.59
N MET S 476 35.60 25.70 -28.87
CA MET S 476 36.36 24.54 -29.28
C MET S 476 35.96 24.09 -30.66
N ALA S 477 34.67 24.09 -30.94
CA ALA S 477 34.23 23.72 -32.26
C ALA S 477 34.72 24.70 -33.31
N ARG S 478 34.69 25.99 -32.99
CA ARG S 478 35.10 27.04 -33.93
C ARG S 478 36.59 27.07 -34.14
N ALA S 479 37.32 26.60 -33.16
CA ALA S 479 38.76 26.51 -33.20
C ALA S 479 39.17 25.29 -34.02
N GLY S 480 38.20 24.47 -34.43
CA GLY S 480 38.49 23.29 -35.19
C GLY S 480 38.86 22.07 -34.36
N LEU S 481 38.49 22.02 -33.08
CA LEU S 481 38.81 20.86 -32.28
C LEU S 481 37.53 20.10 -32.15
N GLY S 482 37.35 19.15 -33.03
CA GLY S 482 36.10 18.42 -33.17
C GLY S 482 36.14 17.72 -34.50
N HIS S 483 35.01 17.25 -34.96
CA HIS S 483 34.99 16.54 -36.22
C HIS S 483 34.37 17.39 -37.28
N GLU S 484 34.96 17.37 -38.46
CA GLU S 484 34.51 18.14 -39.61
C GLU S 484 33.15 17.74 -40.14
N HIS S 485 32.65 16.58 -39.75
CA HIS S 485 31.34 16.16 -40.17
C HIS S 485 30.24 16.50 -39.16
N LYS S 486 30.56 16.95 -37.96
CA LYS S 486 29.53 17.10 -36.93
C LYS S 486 28.95 18.51 -36.79
N PRO S 487 27.81 18.69 -36.09
CA PRO S 487 27.22 19.97 -35.76
C PRO S 487 28.17 20.77 -34.95
N VAL S 488 27.96 22.09 -34.88
CA VAL S 488 28.89 22.97 -34.17
C VAL S 488 28.96 22.50 -32.75
N GLY S 489 27.83 22.14 -32.23
CA GLY S 489 27.77 21.61 -30.90
C GLY S 489 26.37 21.14 -30.65
N SER S 490 26.21 20.40 -29.58
CA SER S 490 24.93 19.84 -29.20
C SER S 490 24.76 19.85 -27.69
N PHE S 491 23.82 20.64 -27.21
CA PHE S 491 23.61 20.73 -25.76
C PHE S 491 22.17 20.58 -25.27
N LEU S 492 22.02 19.87 -24.16
CA LEU S 492 20.74 19.66 -23.50
C LEU S 492 20.79 20.51 -22.25
N PHE S 493 20.05 21.62 -22.25
CA PHE S 493 20.05 22.53 -21.12
C PHE S 493 19.01 22.08 -20.11
N ALA S 494 19.35 22.12 -18.84
CA ALA S 494 18.40 21.69 -17.83
C ALA S 494 18.53 22.46 -16.57
N GLY S 495 17.43 22.56 -15.84
CA GLY S 495 17.37 23.27 -14.59
C GLY S 495 15.96 23.66 -14.24
N PRO S 496 15.84 24.34 -13.11
CA PRO S 496 14.58 24.83 -12.56
C PRO S 496 13.94 25.78 -13.53
N THR S 497 12.66 26.06 -13.38
CA THR S 497 12.02 27.02 -14.26
C THR S 497 12.46 28.42 -13.95
N GLY S 498 12.30 29.33 -14.90
CA GLY S 498 12.57 30.73 -14.73
C GLY S 498 14.05 31.02 -14.57
N VAL S 499 14.92 30.20 -15.13
CA VAL S 499 16.33 30.41 -14.90
C VAL S 499 17.11 30.87 -16.11
N GLY S 500 16.44 31.00 -17.25
CA GLY S 500 17.11 31.46 -18.46
C GLY S 500 17.56 30.36 -19.41
N LYS S 501 17.13 29.12 -19.25
CA LYS S 501 17.62 28.13 -20.19
C LYS S 501 17.19 28.40 -21.65
N THR S 502 16.08 29.07 -21.88
CA THR S 502 15.74 29.41 -23.24
C THR S 502 16.23 30.79 -23.50
N GLU S 503 16.20 31.64 -22.47
CA GLU S 503 16.60 32.99 -22.74
C GLU S 503 18.03 33.05 -23.20
N VAL S 504 18.90 32.23 -22.64
CA VAL S 504 20.26 32.29 -23.08
C VAL S 504 20.37 31.79 -24.50
N THR S 505 19.55 30.84 -24.94
CA THR S 505 19.64 30.33 -26.29
C THR S 505 19.24 31.39 -27.25
N VAL S 506 18.19 32.11 -26.92
CA VAL S 506 17.75 33.15 -27.79
C VAL S 506 18.82 34.21 -27.88
N GLN S 507 19.40 34.56 -26.74
CA GLN S 507 20.44 35.56 -26.76
C GLN S 507 21.69 35.02 -27.41
N LEU S 508 21.94 33.72 -27.36
CA LEU S 508 23.08 33.13 -28.03
C LEU S 508 23.00 33.40 -29.50
N SER S 509 21.85 33.11 -30.09
CA SER S 509 21.74 33.31 -31.51
C SER S 509 21.88 34.77 -31.85
N LYS S 510 21.42 35.66 -30.98
CA LYS S 510 21.61 37.05 -31.32
C LYS S 510 23.07 37.44 -31.20
N ALA S 511 23.73 36.99 -30.15
CA ALA S 511 25.12 37.35 -29.91
C ALA S 511 26.00 36.89 -31.05
N LEU S 512 25.69 35.75 -31.60
CA LEU S 512 26.49 35.22 -32.67
C LEU S 512 26.08 35.75 -34.03
N GLY S 513 25.00 36.52 -34.11
CA GLY S 513 24.54 37.02 -35.40
C GLY S 513 23.97 35.91 -36.26
N ILE S 514 23.42 34.88 -35.64
CA ILE S 514 22.94 33.74 -36.37
C ILE S 514 21.45 33.55 -36.25
N GLU S 515 20.78 33.36 -37.37
CA GLU S 515 19.34 33.14 -37.35
C GLU S 515 18.95 31.94 -36.50
N LEU S 516 17.91 32.13 -35.66
CA LEU S 516 17.41 31.09 -34.79
C LEU S 516 16.25 30.32 -35.41
N LEU S 517 16.40 29.02 -35.50
CA LEU S 517 15.38 28.15 -36.02
C LEU S 517 14.75 27.55 -34.79
N ARG S 518 13.46 27.80 -34.57
CA ARG S 518 12.90 27.32 -33.34
C ARG S 518 11.73 26.40 -33.48
N PHE S 519 11.92 25.22 -32.93
CA PHE S 519 10.91 24.19 -32.97
C PHE S 519 10.46 23.91 -31.57
N ASP S 520 9.17 24.02 -31.36
CA ASP S 520 8.63 23.77 -30.05
C ASP S 520 8.19 22.33 -29.96
N MET S 521 8.85 21.54 -29.14
CA MET S 521 8.61 20.11 -29.10
C MET S 521 7.23 19.73 -28.64
N SER S 522 6.51 20.65 -28.02
CA SER S 522 5.15 20.39 -27.59
C SER S 522 4.26 20.21 -28.81
N GLU S 523 4.70 20.68 -29.95
CA GLU S 523 3.89 20.55 -31.14
C GLU S 523 4.16 19.22 -31.81
N TYR S 524 5.08 18.42 -31.26
CA TYR S 524 5.46 17.16 -31.87
C TYR S 524 5.38 16.01 -30.88
N MET S 525 4.23 15.84 -30.23
CA MET S 525 4.00 14.81 -29.23
C MET S 525 3.46 13.51 -29.81
N GLU S 526 3.03 13.56 -31.06
CA GLU S 526 2.42 12.40 -31.71
C GLU S 526 3.45 11.59 -32.45
N ARG S 527 3.05 10.49 -33.10
CA ARG S 527 4.06 9.75 -33.78
C ARG S 527 4.06 10.08 -35.28
N HIS S 528 3.35 11.14 -35.65
CA HIS S 528 3.26 11.67 -37.00
C HIS S 528 4.14 12.88 -37.14
N THR S 529 5.03 13.12 -36.18
CA THR S 529 5.90 14.29 -36.20
C THR S 529 6.81 14.22 -37.35
N VAL S 530 7.19 13.02 -37.66
CA VAL S 530 8.14 12.81 -38.71
C VAL S 530 7.57 13.36 -40.00
N SER S 531 6.28 13.14 -40.22
CA SER S 531 5.65 13.57 -41.47
C SER S 531 5.77 15.08 -41.68
N ARG S 532 6.11 15.80 -40.62
CA ARG S 532 6.24 17.25 -40.69
C ARG S 532 7.69 17.70 -40.56
N LEU S 533 8.49 16.95 -39.79
CA LEU S 533 9.89 17.31 -39.60
C LEU S 533 10.77 16.85 -40.75
N ILE S 534 10.42 15.69 -41.31
CA ILE S 534 11.10 15.04 -42.44
C ILE S 534 10.29 15.19 -43.71
N GLY S 535 8.98 15.00 -43.61
CA GLY S 535 8.08 15.13 -44.77
C GLY S 535 7.13 13.94 -44.90
N ALA S 536 5.97 14.16 -45.52
CA ALA S 536 5.00 13.09 -45.66
C ALA S 536 5.52 12.08 -46.69
N PRO S 537 5.09 10.82 -46.67
CA PRO S 537 5.47 9.86 -47.68
C PRO S 537 4.94 10.34 -49.02
N PRO S 538 5.55 10.00 -50.14
CA PRO S 538 5.08 10.32 -51.47
C PRO S 538 3.69 9.81 -51.61
N GLY S 539 2.83 10.55 -52.27
CA GLY S 539 1.45 10.15 -52.45
C GLY S 539 0.58 10.83 -51.39
N TYR S 540 1.21 11.49 -50.43
CA TYR S 540 0.48 12.16 -49.39
C TYR S 540 0.77 13.63 -49.40
N VAL S 541 -0.21 14.39 -48.98
CA VAL S 541 -0.05 15.82 -48.89
C VAL S 541 1.07 16.06 -47.93
N GLY S 542 2.00 16.94 -48.27
CA GLY S 542 3.09 17.21 -47.39
C GLY S 542 4.35 16.49 -47.81
N PHE S 543 4.28 15.61 -48.85
CA PHE S 543 5.51 14.94 -49.31
C PHE S 543 6.36 16.02 -49.97
N ASP S 544 5.66 17.07 -50.40
CA ASP S 544 6.29 18.20 -51.04
C ASP S 544 7.15 18.99 -50.05
N GLN S 545 6.91 18.86 -48.75
CA GLN S 545 7.72 19.59 -47.82
C GLN S 545 8.99 18.77 -47.71
N GLY S 546 10.14 19.40 -47.49
CA GLY S 546 11.36 18.61 -47.35
C GLY S 546 11.58 18.27 -45.91
N GLY S 547 10.64 18.68 -45.09
CA GLY S 547 10.66 18.50 -43.68
C GLY S 547 10.91 19.82 -43.05
N LEU S 548 10.18 20.16 -42.02
CA LEU S 548 10.37 21.45 -41.44
C LEU S 548 11.76 21.58 -40.86
N LEU S 549 12.29 20.48 -40.31
CA LEU S 549 13.60 20.55 -39.73
C LEU S 549 14.63 20.56 -40.81
N THR S 550 14.45 19.65 -41.75
CA THR S 550 15.44 19.50 -42.79
C THR S 550 15.46 20.72 -43.70
N ASP S 551 14.31 21.25 -44.08
CA ASP S 551 14.29 22.43 -44.94
C ASP S 551 14.83 23.63 -44.26
N ALA S 552 14.52 23.83 -42.99
CA ALA S 552 15.03 25.00 -42.32
C ALA S 552 16.54 25.01 -42.31
N VAL S 553 17.14 23.85 -42.08
CA VAL S 553 18.58 23.78 -42.09
C VAL S 553 19.13 23.89 -43.51
N ILE S 554 18.48 23.30 -44.50
CA ILE S 554 19.01 23.47 -45.84
C ILE S 554 19.03 24.94 -46.25
N LYS S 555 17.94 25.68 -46.01
CA LYS S 555 18.01 27.09 -46.38
C LYS S 555 18.91 27.91 -45.45
N HIS S 556 19.05 27.46 -44.21
CA HIS S 556 19.92 28.12 -43.23
C HIS S 556 20.84 27.07 -42.61
N PRO S 557 21.93 26.75 -43.31
CA PRO S 557 22.87 25.74 -42.82
C PRO S 557 23.72 26.27 -41.69
N HIS S 558 23.76 27.57 -41.57
CA HIS S 558 24.51 28.21 -40.54
C HIS S 558 23.40 28.80 -39.71
N ALA S 559 23.18 28.21 -38.54
CA ALA S 559 22.00 28.54 -37.73
C ALA S 559 22.13 28.14 -36.28
N VAL S 560 21.29 28.70 -35.44
CA VAL S 560 21.17 28.15 -34.09
C VAL S 560 19.85 27.45 -34.09
N LEU S 561 19.85 26.19 -33.78
CA LEU S 561 18.65 25.38 -33.81
C LEU S 561 18.21 25.03 -32.42
N LEU S 562 16.99 25.44 -32.09
CA LEU S 562 16.44 25.20 -30.79
C LEU S 562 15.28 24.24 -30.77
N LEU S 563 15.41 23.21 -29.95
CA LEU S 563 14.33 22.26 -29.78
C LEU S 563 13.85 22.50 -28.37
N ASP S 564 12.77 23.21 -28.26
CA ASP S 564 12.33 23.72 -26.99
C ASP S 564 11.52 22.67 -26.23
N GLU S 565 11.94 22.36 -25.01
CA GLU S 565 11.25 21.34 -24.22
C GLU S 565 11.17 20.01 -24.98
N ILE S 566 12.33 19.40 -25.21
CA ILE S 566 12.44 18.15 -25.93
C ILE S 566 11.87 16.91 -25.27
N GLU S 567 11.76 16.91 -23.95
CA GLU S 567 11.19 15.75 -23.24
C GLU S 567 9.71 15.50 -23.60
N LYS S 568 9.09 16.44 -24.32
CA LYS S 568 7.72 16.31 -24.72
C LYS S 568 7.59 15.78 -26.10
N ALA S 569 8.69 15.70 -26.80
CA ALA S 569 8.63 15.23 -28.15
C ALA S 569 8.35 13.77 -28.12
N HIS S 570 7.66 13.28 -29.12
CA HIS S 570 7.46 11.87 -29.24
C HIS S 570 8.81 11.23 -29.42
N PRO S 571 9.12 10.07 -28.82
CA PRO S 571 10.37 9.35 -28.93
C PRO S 571 10.89 9.14 -30.35
N ASP S 572 10.06 9.08 -31.37
CA ASP S 572 10.62 8.87 -32.70
C ASP S 572 11.54 10.02 -33.15
N VAL S 573 11.40 11.20 -32.54
CA VAL S 573 12.23 12.34 -32.91
C VAL S 573 13.66 12.05 -32.58
N PHE S 574 13.90 11.14 -31.66
CA PHE S 574 15.22 10.85 -31.28
C PHE S 574 15.90 10.07 -32.37
N ASN S 575 15.19 9.36 -33.23
CA ASN S 575 15.96 8.69 -34.24
C ASN S 575 16.49 9.76 -35.18
N ILE S 576 15.68 10.81 -35.36
CA ILE S 576 16.13 11.89 -36.23
C ILE S 576 17.34 12.58 -35.61
N LEU S 577 17.26 12.89 -34.33
CA LEU S 577 18.33 13.59 -33.67
C LEU S 577 19.58 12.77 -33.49
N LEU S 578 19.45 11.48 -33.22
CA LEU S 578 20.62 10.68 -33.06
C LEU S 578 21.38 10.66 -34.36
N GLN S 579 20.67 10.58 -35.49
CA GLN S 579 21.41 10.56 -36.73
C GLN S 579 22.17 11.84 -36.93
N VAL S 580 21.54 12.98 -36.66
CA VAL S 580 22.24 14.22 -36.87
C VAL S 580 23.43 14.34 -35.96
N MET S 581 23.29 13.96 -34.73
CA MET S 581 24.43 14.08 -33.86
C MET S 581 25.59 13.19 -34.32
N ASP S 582 25.32 12.04 -34.94
CA ASP S 582 26.44 11.24 -35.42
C ASP S 582 27.00 11.63 -36.76
N ASN S 583 26.17 12.09 -37.70
CA ASN S 583 26.72 12.38 -39.01
C ASN S 583 26.63 13.81 -39.53
N GLY S 584 26.00 14.72 -38.79
CA GLY S 584 25.92 16.12 -39.22
C GLY S 584 24.93 16.34 -40.32
N THR S 585 24.19 15.32 -40.66
CA THR S 585 23.25 15.49 -41.71
C THR S 585 21.94 14.85 -41.46
N LEU S 586 21.03 15.19 -42.33
CA LEU S 586 19.71 14.59 -42.29
C LEU S 586 19.12 14.63 -43.67
N THR S 587 18.69 13.49 -44.16
CA THR S 587 18.11 13.55 -45.48
C THR S 587 16.64 13.87 -45.39
N ASP S 588 16.08 14.33 -46.49
CA ASP S 588 14.66 14.57 -46.58
C ASP S 588 14.01 13.37 -47.23
N ASN S 589 12.73 13.47 -47.52
CA ASN S 589 12.01 12.38 -48.12
C ASN S 589 12.09 12.43 -49.65
N ASN S 590 12.89 13.35 -50.20
CA ASN S 590 13.07 13.52 -51.62
C ASN S 590 14.53 13.34 -52.03
N GLY S 591 15.35 12.81 -51.10
CA GLY S 591 16.77 12.52 -51.33
C GLY S 591 17.79 13.64 -51.11
N ARG S 592 17.36 14.81 -50.64
CA ARG S 592 18.28 15.92 -50.43
C ARG S 592 18.72 15.95 -48.97
N LYS S 593 19.83 16.61 -48.64
CA LYS S 593 20.18 16.59 -47.23
C LYS S 593 20.54 17.93 -46.63
N ALA S 594 20.14 18.06 -45.38
CA ALA S 594 20.52 19.17 -44.53
C ALA S 594 21.92 19.00 -44.03
N ASP S 595 22.62 20.10 -43.94
CA ASP S 595 23.97 20.18 -43.43
C ASP S 595 23.97 20.91 -42.11
N PHE S 596 24.22 20.20 -41.04
CA PHE S 596 24.11 20.80 -39.72
C PHE S 596 25.45 21.21 -39.20
N ARG S 597 26.48 21.14 -40.01
CA ARG S 597 27.79 21.45 -39.49
C ARG S 597 27.97 22.88 -39.04
N ASN S 598 27.15 23.79 -39.53
CA ASN S 598 27.25 25.15 -39.05
C ASN S 598 26.05 25.47 -38.17
N VAL S 599 25.38 24.43 -37.69
CA VAL S 599 24.25 24.61 -36.82
C VAL S 599 24.62 24.33 -35.38
N VAL S 600 24.23 25.24 -34.48
CA VAL S 600 24.46 25.03 -33.07
C VAL S 600 23.19 24.43 -32.55
N LEU S 601 23.24 23.22 -32.03
CA LEU S 601 22.02 22.58 -31.58
C LEU S 601 21.80 22.64 -30.10
N VAL S 602 20.75 23.30 -29.70
CA VAL S 602 20.42 23.43 -28.31
C VAL S 602 19.06 22.91 -28.08
N MET S 603 18.92 22.06 -27.13
CA MET S 603 17.62 21.60 -26.81
C MET S 603 17.49 21.74 -25.34
N THR S 604 16.31 22.09 -24.90
CA THR S 604 16.17 22.33 -23.48
C THR S 604 15.24 21.31 -22.91
N THR S 605 15.33 21.08 -21.62
CA THR S 605 14.42 20.17 -20.98
C THR S 605 14.01 20.61 -19.62
N ASN S 606 12.77 20.31 -19.25
CA ASN S 606 12.32 20.61 -17.93
C ASN S 606 12.27 19.38 -17.09
N ALA S 607 12.92 18.31 -17.52
CA ALA S 607 12.93 17.14 -16.66
C ALA S 607 13.55 17.55 -15.33
N GLY S 608 14.54 18.46 -15.44
CA GLY S 608 15.33 19.00 -14.34
C GLY S 608 14.59 19.98 -13.46
N VAL S 609 13.33 20.31 -13.77
CA VAL S 609 12.67 21.27 -12.91
C VAL S 609 12.00 20.51 -11.82
N ARG S 610 11.94 19.20 -11.91
CA ARG S 610 11.24 18.52 -10.87
C ARG S 610 12.05 18.63 -9.60
N GLU S 611 11.41 19.18 -8.57
CA GLU S 611 11.94 19.32 -7.22
C GLU S 611 10.72 19.42 -6.31
N THR S 612 10.93 19.50 -5.00
CA THR S 612 9.81 19.65 -4.09
C THR S 612 9.71 21.01 -3.49
N GLU S 613 8.61 21.21 -2.80
CA GLU S 613 8.33 22.45 -2.08
C GLU S 613 8.38 22.23 -0.58
N ARG S 614 8.48 20.96 -0.19
CA ARG S 614 8.46 20.56 1.19
C ARG S 614 9.83 20.50 1.83
N LYS S 615 9.88 20.95 3.07
CA LYS S 615 11.07 20.97 3.89
C LYS S 615 11.14 19.78 4.81
N SER S 616 12.28 19.63 5.46
CA SER S 616 12.53 18.58 6.39
C SER S 616 11.73 18.75 7.65
N ILE S 617 11.67 17.70 8.45
CA ILE S 617 10.91 17.78 9.67
C ILE S 617 11.82 18.00 10.84
N GLY S 618 11.68 19.10 11.53
CA GLY S 618 12.56 19.34 12.66
C GLY S 618 12.58 20.79 12.97
N LEU S 619 13.29 21.17 14.02
CA LEU S 619 13.38 22.55 14.37
C LEU S 619 14.36 23.27 13.48
N ILE S 620 15.35 22.55 13.00
CA ILE S 620 16.38 23.12 12.17
C ILE S 620 16.23 22.63 10.78
N HIS S 621 16.16 23.53 9.83
CA HIS S 621 16.03 23.07 8.47
C HIS S 621 17.35 22.63 7.92
N GLN S 622 17.28 21.70 7.02
CA GLN S 622 18.42 21.16 6.35
C GLN S 622 18.09 21.06 4.91
N ASP S 623 19.10 21.02 4.07
CA ASP S 623 18.92 20.92 2.63
C ASP S 623 18.54 19.52 2.22
N ASN S 624 17.32 19.36 1.72
CA ASN S 624 16.78 18.08 1.32
C ASN S 624 16.65 17.95 -0.19
N SER S 625 17.46 18.70 -0.93
CA SER S 625 17.45 18.68 -2.39
C SER S 625 17.86 17.32 -2.93
N THR S 626 17.30 16.98 -4.08
CA THR S 626 17.60 15.74 -4.77
C THR S 626 18.83 15.88 -5.65
N ASP S 627 19.33 14.75 -6.14
CA ASP S 627 20.48 14.73 -7.02
C ASP S 627 20.17 15.22 -8.43
N ALA S 628 20.93 16.19 -8.86
CA ALA S 628 20.70 16.77 -10.17
C ALA S 628 20.95 15.77 -11.26
N MET S 629 20.12 15.88 -12.27
CA MET S 629 20.14 15.15 -13.51
C MET S 629 19.79 13.68 -13.38
N GLU S 630 19.33 13.23 -12.23
CA GLU S 630 18.93 11.83 -12.19
C GLU S 630 17.69 11.70 -13.05
N GLU S 631 16.85 12.72 -13.00
CA GLU S 631 15.63 12.76 -13.79
C GLU S 631 15.92 12.84 -15.29
N ILE S 632 17.13 13.26 -15.66
CA ILE S 632 17.46 13.36 -17.07
C ILE S 632 17.89 11.99 -17.51
N LYS S 633 18.69 11.34 -16.68
CA LYS S 633 19.15 10.00 -16.99
C LYS S 633 17.97 9.02 -17.12
N LYS S 634 16.88 9.30 -16.41
CA LYS S 634 15.71 8.45 -16.49
C LYS S 634 14.78 8.77 -17.68
N ILE S 635 15.04 9.85 -18.39
CA ILE S 635 14.22 10.28 -19.52
C ILE S 635 14.93 10.09 -20.83
N PHE S 636 16.16 10.53 -20.87
CA PHE S 636 16.96 10.46 -22.07
C PHE S 636 17.84 9.27 -21.92
N THR S 637 17.89 8.42 -22.93
CA THR S 637 18.67 7.22 -22.84
C THR S 637 20.14 7.54 -23.12
N PRO S 638 21.11 6.69 -22.75
CA PRO S 638 22.53 6.85 -23.00
C PRO S 638 22.87 7.09 -24.45
N GLU S 639 22.07 6.54 -25.36
CA GLU S 639 22.40 6.76 -26.75
C GLU S 639 22.29 8.23 -27.11
N PHE S 640 21.32 8.89 -26.51
CA PHE S 640 21.06 10.30 -26.76
C PHE S 640 21.99 11.17 -25.92
N ARG S 641 22.28 10.73 -24.71
CA ARG S 641 23.14 11.49 -23.81
C ARG S 641 24.63 11.41 -24.12
N ASN S 642 25.07 10.32 -24.74
CA ASN S 642 26.46 10.17 -25.07
C ASN S 642 26.83 10.87 -26.34
N ARG S 643 25.83 11.41 -27.03
CA ARG S 643 26.07 12.11 -28.29
C ARG S 643 26.00 13.61 -28.09
N LEU S 644 25.83 14.04 -26.85
CA LEU S 644 25.75 15.46 -26.56
C LEU S 644 27.13 15.95 -26.25
N ASP S 645 27.37 17.22 -26.51
CA ASP S 645 28.64 17.77 -26.10
C ASP S 645 28.56 17.92 -24.62
N ASN S 646 27.42 18.43 -24.18
CA ASN S 646 27.23 18.46 -22.75
C ASN S 646 25.79 18.57 -22.34
N ILE S 647 25.60 18.55 -21.03
CA ILE S 647 24.34 18.83 -20.41
C ILE S 647 24.68 19.99 -19.54
N ILE S 648 24.08 21.10 -19.79
CA ILE S 648 24.42 22.27 -19.05
C ILE S 648 23.37 22.56 -18.04
N TRP S 649 23.76 22.46 -16.79
CA TRP S 649 22.84 22.66 -15.71
C TRP S 649 22.76 24.11 -15.32
N PHE S 650 21.55 24.59 -15.19
CA PHE S 650 21.25 25.93 -14.77
C PHE S 650 20.77 25.85 -13.36
N ASP S 651 21.22 26.73 -12.51
CA ASP S 651 20.78 26.65 -11.13
C ASP S 651 19.62 27.55 -10.82
N HIS S 652 19.15 27.48 -9.59
CA HIS S 652 18.13 28.38 -9.17
C HIS S 652 18.84 29.67 -9.03
N LEU S 653 18.20 30.76 -9.28
CA LEU S 653 18.89 32.00 -9.07
C LEU S 653 18.67 32.56 -7.68
N SER S 654 19.68 33.28 -7.22
CA SER S 654 19.80 33.96 -5.95
C SER S 654 19.23 35.34 -5.95
N THR S 655 19.22 35.96 -4.77
CA THR S 655 18.72 37.29 -4.62
C THR S 655 19.62 38.33 -5.28
N ASP S 656 20.88 37.99 -5.49
CA ASP S 656 21.80 38.91 -6.13
C ASP S 656 21.45 38.97 -7.58
N VAL S 657 21.10 37.82 -8.10
CA VAL S 657 20.66 37.72 -9.45
C VAL S 657 19.39 38.49 -9.59
N ILE S 658 18.51 38.39 -8.61
CA ILE S 658 17.27 39.13 -8.70
C ILE S 658 17.54 40.59 -8.81
N HIS S 659 18.46 41.11 -8.04
CA HIS S 659 18.66 42.54 -8.19
C HIS S 659 19.05 42.87 -9.63
N GLN S 660 19.89 42.04 -10.24
CA GLN S 660 20.25 42.29 -11.64
C GLN S 660 19.04 42.12 -12.57
N VAL S 661 18.17 41.15 -12.28
CA VAL S 661 16.98 40.90 -13.06
C VAL S 661 16.03 42.07 -12.96
N VAL S 662 15.86 42.62 -11.77
CA VAL S 662 14.99 43.75 -11.66
C VAL S 662 15.53 44.85 -12.51
N ASP S 663 16.82 45.10 -12.46
CA ASP S 663 17.29 46.17 -13.30
C ASP S 663 16.99 45.96 -14.77
N LYS S 664 17.10 44.75 -15.29
CA LYS S 664 16.78 44.68 -16.71
C LYS S 664 15.28 44.83 -16.94
N PHE S 665 14.46 44.43 -15.97
CA PHE S 665 13.03 44.58 -16.17
C PHE S 665 12.64 46.04 -16.09
N ILE S 666 13.29 46.81 -15.23
CA ILE S 666 12.97 48.21 -15.13
C ILE S 666 13.33 48.85 -16.45
N VAL S 667 14.46 48.45 -17.03
CA VAL S 667 14.82 49.00 -18.31
C VAL S 667 13.79 48.64 -19.36
N GLU S 668 13.32 47.40 -19.39
CA GLU S 668 12.33 47.04 -20.37
C GLU S 668 11.08 47.88 -20.18
N LEU S 669 10.72 48.13 -18.93
CA LEU S 669 9.57 48.97 -18.65
C LEU S 669 9.81 50.33 -19.21
N GLN S 670 11.01 50.87 -19.03
CA GLN S 670 11.28 52.16 -19.59
C GLN S 670 11.21 52.14 -21.08
N VAL S 671 11.65 51.09 -21.72
CA VAL S 671 11.56 51.13 -23.17
C VAL S 671 10.09 51.25 -23.57
N GLN S 672 9.21 50.50 -22.91
CA GLN S 672 7.81 50.63 -23.26
C GLN S 672 7.29 52.04 -22.97
N LEU S 673 7.74 52.63 -21.87
CA LEU S 673 7.31 53.98 -21.55
C LEU S 673 7.86 55.01 -22.52
N ASP S 674 9.06 54.80 -23.05
CA ASP S 674 9.60 55.73 -24.03
C ASP S 674 8.67 55.87 -25.20
N GLN S 675 7.98 54.79 -25.56
CA GLN S 675 7.08 54.82 -26.70
C GLN S 675 5.80 55.58 -26.42
N LYS S 676 5.59 55.94 -25.17
CA LYS S 676 4.44 56.71 -24.72
C LYS S 676 4.89 58.14 -24.45
N GLY S 677 6.19 58.40 -24.61
CA GLY S 677 6.75 59.70 -24.30
C GLY S 677 6.88 59.88 -22.80
N VAL S 678 7.00 58.80 -22.05
CA VAL S 678 7.07 58.88 -20.61
C VAL S 678 8.40 58.42 -20.07
N SER S 679 9.02 59.27 -19.28
CA SER S 679 10.29 58.95 -18.65
C SER S 679 10.06 58.50 -17.23
N LEU S 680 10.46 57.29 -16.87
CA LEU S 680 10.26 56.80 -15.52
C LEU S 680 11.52 56.64 -14.72
N GLU S 681 11.56 57.32 -13.61
CA GLU S 681 12.64 57.13 -12.68
C GLU S 681 12.27 56.25 -11.51
N VAL S 682 12.92 55.13 -11.38
CA VAL S 682 12.64 54.26 -10.26
C VAL S 682 13.80 54.42 -9.32
N SER S 683 13.53 54.73 -8.07
CA SER S 683 14.62 54.95 -7.14
C SER S 683 15.29 53.64 -6.81
N GLN S 684 16.50 53.71 -6.24
CA GLN S 684 17.18 52.49 -5.88
C GLN S 684 16.44 51.74 -4.82
N GLU S 685 15.81 52.44 -3.90
CA GLU S 685 15.12 51.75 -2.84
C GLU S 685 13.88 51.09 -3.36
N ALA S 686 13.24 51.72 -4.34
CA ALA S 686 12.08 51.09 -4.91
C ALA S 686 12.53 49.77 -5.52
N ARG S 687 13.70 49.76 -6.14
CA ARG S 687 14.19 48.53 -6.71
C ARG S 687 14.54 47.52 -5.67
N ASN S 688 15.16 47.96 -4.59
CA ASN S 688 15.59 47.00 -3.60
C ASN S 688 14.39 46.30 -3.01
N TRP S 689 13.35 47.06 -2.76
CA TRP S 689 12.16 46.50 -2.20
C TRP S 689 11.45 45.54 -3.12
N LEU S 690 11.29 45.91 -4.39
CA LEU S 690 10.60 45.02 -5.30
C LEU S 690 11.39 43.74 -5.44
N ALA S 691 12.71 43.86 -5.49
CA ALA S 691 13.55 42.70 -5.62
C ALA S 691 13.31 41.74 -4.48
N GLU S 692 13.16 42.25 -3.26
CA GLU S 692 12.89 41.36 -2.17
C GLU S 692 11.47 40.83 -2.20
N LYS S 693 10.50 41.69 -2.51
CA LYS S 693 9.10 41.31 -2.48
C LYS S 693 8.75 40.17 -3.39
N GLY S 694 9.30 40.16 -4.59
CA GLY S 694 8.96 39.15 -5.56
C GLY S 694 9.87 37.92 -5.54
N TYR S 695 10.79 37.79 -4.62
CA TYR S 695 11.68 36.65 -4.73
C TYR S 695 11.14 35.33 -4.27
N ASP S 696 11.29 34.36 -5.14
CA ASP S 696 10.96 32.97 -4.90
C ASP S 696 11.91 32.13 -5.70
N ARG S 697 12.87 31.49 -5.06
CA ARG S 697 13.84 30.76 -5.85
C ARG S 697 13.20 29.68 -6.68
N ALA S 698 12.10 29.13 -6.20
CA ALA S 698 11.46 28.03 -6.88
C ALA S 698 10.98 28.38 -8.26
N MET S 699 10.59 29.62 -8.49
CA MET S 699 10.01 29.98 -9.76
C MET S 699 10.96 30.84 -10.60
N GLY S 700 12.21 30.92 -10.15
CA GLY S 700 13.24 31.68 -10.83
C GLY S 700 12.93 33.17 -10.97
N ALA S 701 13.15 33.70 -12.17
CA ALA S 701 12.95 35.10 -12.52
C ALA S 701 11.53 35.42 -12.96
N ARG S 702 10.70 34.42 -13.16
CA ARG S 702 9.33 34.65 -13.59
C ARG S 702 8.63 35.69 -12.71
N PRO S 703 8.60 35.40 -11.41
CA PRO S 703 7.99 36.23 -10.41
C PRO S 703 8.48 37.64 -10.41
N MET S 704 9.63 37.90 -10.98
CA MET S 704 10.04 39.25 -10.92
C MET S 704 9.33 39.97 -12.01
N ALA S 705 9.08 39.30 -13.11
CA ALA S 705 8.36 40.01 -14.15
C ALA S 705 7.01 40.37 -13.60
N ARG S 706 6.48 39.46 -12.80
CA ARG S 706 5.21 39.59 -12.18
C ARG S 706 5.16 40.67 -11.09
N VAL S 707 6.18 40.78 -10.23
CA VAL S 707 6.13 41.78 -9.18
C VAL S 707 6.28 43.17 -9.79
N ILE S 708 7.07 43.27 -10.85
CA ILE S 708 7.26 44.55 -11.50
C ILE S 708 5.96 44.93 -12.18
N GLN S 709 5.33 43.98 -12.83
CA GLN S 709 4.07 44.27 -13.45
C GLN S 709 3.04 44.72 -12.44
N ASP S 710 3.00 44.05 -11.30
CA ASP S 710 2.02 44.37 -10.30
C ASP S 710 2.27 45.72 -9.63
N ASN S 711 3.51 46.06 -9.34
CA ASN S 711 3.74 47.30 -8.63
C ASN S 711 4.00 48.51 -9.50
N LEU S 712 4.55 48.33 -10.69
CA LEU S 712 4.80 49.51 -11.47
C LEU S 712 3.86 49.58 -12.64
N LYS S 713 3.67 48.48 -13.36
CA LYS S 713 2.83 48.63 -14.53
C LYS S 713 1.41 48.97 -14.16
N LYS S 714 0.86 48.37 -13.11
CA LYS S 714 -0.51 48.73 -12.79
C LYS S 714 -0.74 50.24 -12.67
N PRO S 715 -0.13 50.96 -11.70
CA PRO S 715 -0.27 52.39 -11.58
C PRO S 715 0.04 53.15 -12.84
N LEU S 716 1.05 52.73 -13.58
CA LEU S 716 1.37 53.45 -14.78
C LEU S 716 0.28 53.31 -15.79
N ALA S 717 -0.28 52.13 -15.94
CA ALA S 717 -1.32 51.94 -16.92
C ALA S 717 -2.51 52.77 -16.57
N ASN S 718 -2.82 52.86 -15.28
CA ASN S 718 -3.98 53.62 -14.93
C ASN S 718 -3.80 55.08 -15.28
N GLU S 719 -2.61 55.60 -15.01
CA GLU S 719 -2.31 57.00 -15.35
C GLU S 719 -2.16 57.24 -16.85
N LEU S 720 -1.57 56.28 -17.56
CA LEU S 720 -1.37 56.39 -19.01
C LEU S 720 -2.67 56.44 -19.72
N LEU S 721 -3.65 55.75 -19.22
CA LEU S 721 -4.94 55.76 -19.86
C LEU S 721 -5.90 56.82 -19.38
N PHE S 722 -5.96 57.06 -18.07
CA PHE S 722 -7.00 57.93 -17.58
C PHE S 722 -6.54 59.18 -16.87
N GLY S 723 -5.26 59.31 -16.59
CA GLY S 723 -4.79 60.37 -15.73
C GLY S 723 -3.66 61.21 -16.27
N SER S 724 -2.72 61.46 -15.41
CA SER S 724 -1.63 62.37 -15.67
C SER S 724 -0.63 61.94 -16.71
N LEU S 725 -0.55 60.67 -17.06
CA LEU S 725 0.51 60.31 -17.96
C LEU S 725 0.07 60.30 -19.39
N VAL S 726 -1.19 60.66 -19.64
CA VAL S 726 -1.71 60.54 -21.00
C VAL S 726 -0.96 61.35 -22.04
N ASP S 727 -0.35 62.46 -21.67
CA ASP S 727 0.33 63.27 -22.66
C ASP S 727 1.84 63.11 -22.82
N GLY S 728 2.48 62.23 -22.04
CA GLY S 728 3.94 62.14 -22.15
C GLY S 728 4.53 63.08 -21.10
N GLY S 729 5.74 62.81 -20.61
CA GLY S 729 6.32 63.64 -19.53
C GLY S 729 7.19 62.84 -18.54
N GLN S 730 7.35 63.35 -17.30
CA GLN S 730 8.25 62.70 -16.34
C GLN S 730 7.57 62.15 -15.12
N VAL S 731 7.76 60.87 -14.85
CA VAL S 731 7.18 60.17 -13.70
C VAL S 731 8.28 59.51 -12.88
N THR S 732 8.15 59.49 -11.57
CA THR S 732 9.16 58.85 -10.77
C THR S 732 8.48 58.00 -9.74
N VAL S 733 9.20 57.04 -9.21
CA VAL S 733 8.75 56.22 -8.11
C VAL S 733 9.73 56.15 -6.95
N ALA S 734 9.24 56.52 -5.80
CA ALA S 734 10.05 56.50 -4.59
C ALA S 734 9.57 55.39 -3.70
N LEU S 735 10.46 54.89 -2.84
CA LEU S 735 9.98 53.90 -1.91
C LEU S 735 9.66 54.61 -0.65
N ASP S 736 8.54 54.27 -0.07
CA ASP S 736 8.14 54.81 1.20
C ASP S 736 8.92 54.14 2.32
N LYS S 737 8.97 54.80 3.45
CA LYS S 737 9.61 54.24 4.63
C LYS S 737 8.75 53.07 5.12
N GLU S 738 7.49 53.10 4.67
CA GLU S 738 6.46 52.11 4.95
C GLU S 738 6.37 51.00 3.88
N LYS S 739 7.31 51.01 2.91
CA LYS S 739 7.42 50.05 1.80
C LYS S 739 6.30 50.06 0.77
N ASN S 740 5.80 51.24 0.48
CA ASN S 740 4.79 51.48 -0.51
C ASN S 740 5.47 52.13 -1.70
N GLU S 741 4.82 52.06 -2.86
CA GLU S 741 5.33 52.71 -4.06
C GLU S 741 4.72 54.12 -4.13
N LEU S 742 5.56 55.15 -4.14
CA LEU S 742 5.09 56.51 -4.16
C LEU S 742 5.29 57.08 -5.53
N THR S 743 4.23 57.55 -6.15
CA THR S 743 4.38 58.03 -7.50
C THR S 743 4.25 59.53 -7.64
N TYR S 744 5.00 60.04 -8.59
CA TYR S 744 5.05 61.43 -9.04
C TYR S 744 3.90 61.83 -9.94
N GLY S 745 3.64 63.14 -9.98
CA GLY S 745 2.68 63.76 -10.87
C GLY S 745 3.32 63.77 -12.25
N PHE S 746 3.31 64.91 -12.92
CA PHE S 746 3.92 65.02 -14.25
C PHE S 746 4.31 66.46 -14.57
N MET T 169 2.07 -15.77 -85.96
CA MET T 169 2.44 -15.05 -84.75
C MET T 169 3.93 -15.17 -84.47
N GLU T 170 4.70 -15.28 -85.55
CA GLU T 170 6.14 -15.48 -85.51
C GLU T 170 6.88 -14.29 -84.94
N ASN T 171 6.22 -13.14 -84.93
CA ASN T 171 6.75 -11.92 -84.42
C ASN T 171 5.94 -11.41 -83.23
N PHE T 172 5.13 -12.27 -82.61
CA PHE T 172 4.33 -11.88 -81.47
C PHE T 172 4.81 -12.66 -80.25
N THR T 173 5.33 -13.84 -80.51
CA THR T 173 5.78 -14.70 -79.44
C THR T 173 6.91 -15.60 -79.89
N THR T 174 7.77 -16.02 -78.97
CA THR T 174 8.85 -16.93 -79.30
C THR T 174 8.46 -18.37 -79.09
N ASN T 175 8.67 -19.18 -80.11
CA ASN T 175 8.36 -20.57 -79.96
C ASN T 175 9.50 -21.17 -79.16
N LEU T 176 9.23 -21.63 -77.94
CA LEU T 176 10.32 -22.08 -77.11
C LEU T 176 10.67 -23.50 -77.38
N ASN T 177 9.85 -24.21 -78.14
CA ASN T 177 10.20 -25.59 -78.41
C ASN T 177 11.22 -25.43 -79.49
N GLN T 178 10.95 -24.46 -80.37
CA GLN T 178 11.82 -24.12 -81.47
C GLN T 178 13.07 -23.50 -80.96
N LEU T 179 12.97 -22.71 -79.89
CA LEU T 179 14.18 -22.18 -79.37
C LEU T 179 14.96 -23.33 -78.80
N ALA T 180 14.33 -24.20 -78.04
CA ALA T 180 15.07 -25.32 -77.47
C ALA T 180 15.70 -26.18 -78.57
N ARG T 181 14.98 -26.35 -79.67
CA ARG T 181 15.51 -27.12 -80.81
C ARG T 181 16.80 -26.54 -81.43
N VAL T 182 17.04 -25.25 -81.28
CA VAL T 182 18.23 -24.64 -81.85
C VAL T 182 19.22 -24.14 -80.79
N GLY T 183 19.01 -24.53 -79.53
CA GLY T 183 19.90 -24.07 -78.46
C GLY T 183 19.33 -22.89 -77.67
N GLY T 184 20.15 -22.24 -76.85
CA GLY T 184 19.62 -21.21 -75.96
C GLY T 184 19.11 -21.86 -74.68
N ILE T 185 18.17 -22.77 -74.86
CA ILE T 185 17.59 -23.58 -73.79
C ILE T 185 18.34 -24.89 -73.63
N ASP T 186 18.81 -25.11 -72.42
CA ASP T 186 19.51 -26.30 -72.00
C ASP T 186 18.52 -27.17 -71.24
N PRO T 187 18.77 -28.48 -71.08
CA PRO T 187 17.98 -29.32 -70.22
C PRO T 187 18.14 -28.77 -68.83
N LEU T 188 17.11 -28.84 -68.02
CA LEU T 188 17.18 -28.33 -66.65
C LEU T 188 17.98 -29.28 -65.79
N ILE T 189 18.83 -28.75 -64.92
CA ILE T 189 19.55 -29.60 -63.99
C ILE T 189 18.93 -29.55 -62.61
N GLY T 190 18.38 -30.66 -62.15
CA GLY T 190 17.73 -30.63 -60.86
C GLY T 190 16.32 -30.06 -60.99
N ARG T 191 15.64 -29.94 -59.87
CA ARG T 191 14.28 -29.42 -59.80
C ARG T 191 13.29 -30.10 -60.76
N GLU T 192 13.37 -31.42 -60.78
CA GLU T 192 12.50 -32.23 -61.59
C GLU T 192 11.07 -32.16 -61.08
N LYS T 193 10.90 -32.04 -59.75
CA LYS T 193 9.57 -31.99 -59.19
C LYS T 193 8.87 -30.69 -59.57
N GLU T 194 9.65 -29.66 -59.83
CA GLU T 194 9.14 -28.36 -60.23
C GLU T 194 8.57 -28.51 -61.63
N LEU T 195 9.31 -29.18 -62.51
CA LEU T 195 8.83 -29.39 -63.86
C LEU T 195 7.56 -30.23 -63.80
N GLU T 196 7.57 -31.27 -62.94
CA GLU T 196 6.41 -32.13 -62.81
C GLU T 196 5.27 -31.39 -62.19
N ARG T 197 5.52 -30.48 -61.26
CA ARG T 197 4.42 -29.80 -60.65
C ARG T 197 3.76 -28.90 -61.68
N ALA T 198 4.55 -28.24 -62.51
CA ALA T 198 3.97 -27.38 -63.51
C ALA T 198 3.07 -28.22 -64.41
N ILE T 199 3.53 -29.43 -64.73
CA ILE T 199 2.78 -30.33 -65.57
C ILE T 199 1.49 -30.77 -64.89
N GLN T 200 1.56 -31.11 -63.60
CA GLN T 200 0.37 -31.55 -62.88
C GLN T 200 -0.67 -30.45 -62.90
N VAL T 201 -0.23 -29.21 -62.83
CA VAL T 201 -1.16 -28.10 -62.93
C VAL T 201 -1.68 -27.97 -64.37
N LEU T 202 -0.83 -28.12 -65.37
CA LEU T 202 -1.26 -28.04 -66.77
C LEU T 202 -2.31 -29.15 -67.03
N CYS T 203 -2.17 -30.27 -66.33
CA CYS T 203 -3.08 -31.38 -66.44
C CYS T 203 -4.47 -31.12 -65.80
N ARG T 204 -4.66 -30.03 -65.06
CA ARG T 204 -5.97 -29.76 -64.42
C ARG T 204 -6.99 -29.10 -65.36
N ARG T 205 -8.28 -29.13 -64.99
CA ARG T 205 -9.26 -28.48 -65.87
C ARG T 205 -9.57 -27.07 -65.43
N ARG T 206 -9.39 -26.75 -64.15
CA ARG T 206 -9.68 -25.40 -63.72
C ARG T 206 -8.57 -25.01 -62.78
N LYS T 207 -8.20 -23.73 -62.75
CA LYS T 207 -7.08 -23.29 -61.91
C LYS T 207 -5.88 -24.11 -62.35
N ASN T 208 -5.80 -24.28 -63.67
CA ASN T 208 -4.84 -25.11 -64.36
C ASN T 208 -3.72 -24.43 -65.10
N ASN T 209 -3.38 -23.23 -64.67
CA ASN T 209 -2.30 -22.51 -65.28
C ASN T 209 -1.16 -22.43 -64.26
N PRO T 210 -0.05 -23.14 -64.40
CA PRO T 210 0.97 -23.11 -63.38
C PRO T 210 1.59 -21.77 -63.38
N LEU T 211 1.97 -21.33 -62.22
CA LEU T 211 2.74 -20.13 -62.10
C LEU T 211 4.02 -20.42 -61.36
N LEU T 212 5.14 -20.12 -61.99
CA LEU T 212 6.39 -20.39 -61.31
C LEU T 212 6.69 -19.15 -60.51
N VAL T 213 6.78 -19.29 -59.19
CA VAL T 213 6.99 -18.16 -58.31
C VAL T 213 8.36 -18.22 -57.66
N GLY T 214 9.20 -17.25 -57.93
CA GLY T 214 10.56 -17.31 -57.41
C GLY T 214 11.10 -16.00 -56.88
N GLU T 215 12.39 -15.89 -56.88
CA GLU T 215 13.07 -14.68 -56.47
C GLU T 215 14.34 -14.69 -57.25
N SER T 216 15.00 -13.55 -57.38
CA SER T 216 16.07 -13.56 -58.33
C SER T 216 17.13 -14.59 -57.99
N GLY T 217 17.55 -15.31 -59.01
CA GLY T 217 18.56 -16.35 -58.98
C GLY T 217 18.07 -17.74 -58.60
N VAL T 218 16.79 -17.95 -58.35
CA VAL T 218 16.40 -19.32 -57.98
C VAL T 218 16.41 -20.30 -59.15
N GLY T 219 16.06 -19.80 -60.33
CA GLY T 219 16.01 -20.61 -61.54
C GLY T 219 14.59 -20.79 -62.09
N LYS T 220 13.70 -19.84 -61.84
CA LYS T 220 12.34 -19.97 -62.33
C LYS T 220 12.27 -19.86 -63.86
N THR T 221 13.21 -19.13 -64.47
CA THR T 221 13.16 -19.01 -65.91
C THR T 221 13.72 -20.28 -66.45
N ALA T 222 14.71 -20.83 -65.75
CA ALA T 222 15.35 -22.04 -66.20
C ALA T 222 14.34 -23.16 -66.26
N ILE T 223 13.40 -23.19 -65.32
CA ILE T 223 12.37 -24.20 -65.33
C ILE T 223 11.48 -24.02 -66.53
N ALA T 224 11.02 -22.81 -66.79
CA ALA T 224 10.16 -22.61 -67.94
C ALA T 224 10.86 -23.04 -69.21
N GLU T 225 12.16 -22.75 -69.29
CA GLU T 225 12.94 -23.14 -70.44
C GLU T 225 12.97 -24.67 -70.49
N GLY T 226 13.11 -25.29 -69.32
CA GLY T 226 13.10 -26.72 -69.13
C GLY T 226 11.79 -27.36 -69.58
N LEU T 227 10.67 -26.67 -69.39
CA LEU T 227 9.41 -27.24 -69.83
C LEU T 227 9.38 -27.27 -71.34
N ALA T 228 9.88 -26.21 -71.97
CA ALA T 228 9.96 -26.17 -73.42
C ALA T 228 10.95 -27.20 -73.92
N TRP T 229 12.01 -27.38 -73.14
CA TRP T 229 13.05 -28.35 -73.44
C TRP T 229 12.47 -29.76 -73.47
N ARG T 230 11.71 -30.11 -72.42
CA ARG T 230 11.13 -31.43 -72.38
C ARG T 230 10.20 -31.62 -73.55
N ILE T 231 9.50 -30.59 -73.96
CA ILE T 231 8.67 -30.79 -75.11
C ILE T 231 9.51 -31.04 -76.35
N VAL T 232 10.55 -30.24 -76.60
CA VAL T 232 11.29 -30.43 -77.85
C VAL T 232 11.95 -31.79 -77.90
N GLN T 233 12.29 -32.34 -76.72
CA GLN T 233 12.88 -33.67 -76.66
C GLN T 233 11.84 -34.78 -76.58
N GLY T 234 10.56 -34.41 -76.51
CA GLY T 234 9.46 -35.36 -76.40
C GLY T 234 9.28 -35.94 -75.00
N ASP T 235 9.92 -35.36 -74.00
CA ASP T 235 9.86 -35.89 -72.65
C ASP T 235 8.67 -35.31 -71.90
N VAL T 236 7.50 -35.55 -72.44
CA VAL T 236 6.27 -35.04 -71.87
C VAL T 236 5.22 -36.13 -71.87
N PRO T 237 4.20 -36.05 -71.03
CA PRO T 237 3.07 -36.94 -71.02
C PRO T 237 2.22 -36.63 -72.22
N GLU T 238 1.45 -37.59 -72.69
CA GLU T 238 0.54 -37.32 -73.80
C GLU T 238 -0.44 -36.18 -73.46
N VAL T 239 -0.69 -35.95 -72.17
CA VAL T 239 -1.59 -34.89 -71.75
C VAL T 239 -1.28 -33.63 -72.53
N MET T 240 0.01 -33.37 -72.73
CA MET T 240 0.50 -32.21 -73.44
C MET T 240 0.67 -32.49 -74.93
N ALA T 241 0.47 -33.72 -75.35
CA ALA T 241 0.70 -34.13 -76.72
C ALA T 241 2.05 -33.58 -77.22
N ASP T 242 2.01 -32.88 -78.36
CA ASP T 242 3.15 -32.23 -78.99
C ASP T 242 3.10 -30.72 -78.79
N CYS T 243 2.34 -30.33 -77.77
CA CYS T 243 2.08 -28.94 -77.41
C CYS T 243 3.27 -28.02 -77.54
N THR T 244 3.00 -26.81 -78.03
CA THR T 244 4.05 -25.83 -78.18
C THR T 244 3.93 -24.78 -77.11
N ILE T 245 5.05 -24.58 -76.40
CA ILE T 245 5.08 -23.52 -75.43
C ILE T 245 5.69 -22.32 -76.11
N TYR T 246 4.99 -21.22 -76.06
CA TYR T 246 5.50 -20.01 -76.65
C TYR T 246 5.78 -18.99 -75.57
N SER T 247 6.81 -18.17 -75.71
CA SER T 247 7.10 -17.10 -74.77
C SER T 247 6.55 -15.76 -75.24
N LEU T 248 5.68 -15.16 -74.46
CA LEU T 248 5.06 -13.91 -74.90
C LEU T 248 6.14 -12.88 -75.17
N ASP T 249 6.15 -12.28 -76.36
CA ASP T 249 7.21 -11.32 -76.63
C ASP T 249 6.62 -9.93 -76.65
N ILE T 250 6.64 -9.28 -75.51
CA ILE T 250 6.03 -7.98 -75.38
C ILE T 250 6.85 -6.94 -76.13
N GLY T 251 8.15 -7.19 -76.24
CA GLY T 251 9.06 -6.33 -76.97
C GLY T 251 8.66 -6.31 -78.43
N SER T 252 8.54 -7.50 -79.04
CA SER T 252 8.19 -7.57 -80.46
C SER T 252 6.77 -7.09 -80.73
N LEU T 253 5.85 -7.32 -79.79
CA LEU T 253 4.48 -6.87 -79.97
C LEU T 253 4.41 -5.34 -80.03
N LEU T 254 5.24 -4.67 -79.23
CA LEU T 254 5.28 -3.22 -79.16
C LEU T 254 6.08 -2.55 -80.28
N ALA T 255 7.24 -3.15 -80.59
CA ALA T 255 8.22 -2.55 -81.47
C ALA T 255 7.73 -2.25 -82.87
N GLY T 256 8.17 -1.07 -83.33
CA GLY T 256 7.89 -0.55 -84.65
C GLY T 256 6.60 0.24 -84.72
N THR T 257 5.82 0.25 -83.64
CA THR T 257 4.56 0.96 -83.63
C THR T 257 4.37 1.83 -82.40
N LYS T 258 4.19 1.15 -81.25
CA LYS T 258 3.85 1.76 -79.96
C LYS T 258 2.52 2.50 -79.95
N TYR T 259 1.55 1.91 -80.61
CA TYR T 259 0.19 2.43 -80.62
C TYR T 259 -0.68 1.32 -80.08
N ARG T 260 -1.66 1.68 -79.26
CA ARG T 260 -2.52 0.66 -78.66
C ARG T 260 -3.12 -0.22 -79.72
N GLY T 261 -3.53 0.40 -80.82
CA GLY T 261 -4.17 -0.33 -81.92
C GLY T 261 -3.27 -1.40 -82.53
N ASP T 262 -1.95 -1.18 -82.58
CA ASP T 262 -1.08 -2.17 -83.18
C ASP T 262 -0.63 -3.20 -82.16
N PHE T 263 -0.43 -2.77 -80.92
CA PHE T 263 -0.04 -3.68 -79.86
C PHE T 263 -1.20 -4.67 -79.72
N GLU T 264 -2.41 -4.13 -79.74
CA GLU T 264 -3.63 -4.90 -79.65
C GLU T 264 -3.91 -5.78 -80.84
N LYS T 265 -3.74 -5.32 -82.09
CA LYS T 265 -4.09 -6.26 -83.15
C LYS T 265 -3.12 -7.42 -83.13
N ARG T 266 -1.83 -7.15 -82.83
CA ARG T 266 -0.83 -8.19 -82.76
C ARG T 266 -1.02 -9.12 -81.56
N PHE T 267 -1.32 -8.51 -80.43
CA PHE T 267 -1.53 -9.22 -79.18
C PHE T 267 -2.80 -10.06 -79.24
N LYS T 268 -3.90 -9.45 -79.69
CA LYS T 268 -5.13 -10.17 -79.78
C LYS T 268 -4.96 -11.26 -80.82
N ALA T 269 -4.27 -10.98 -81.95
CA ALA T 269 -4.04 -12.00 -82.96
C ALA T 269 -3.20 -13.10 -82.37
N LEU T 270 -2.24 -12.75 -81.52
CA LEU T 270 -1.43 -13.72 -80.85
C LEU T 270 -2.27 -14.61 -80.02
N LEU T 271 -3.15 -14.05 -79.22
CA LEU T 271 -3.92 -14.91 -78.39
C LEU T 271 -4.82 -15.75 -79.27
N LYS T 272 -5.40 -15.19 -80.34
CA LYS T 272 -6.26 -16.03 -81.15
C LYS T 272 -5.52 -17.22 -81.72
N GLN T 273 -4.31 -17.00 -82.21
CA GLN T 273 -3.54 -18.11 -82.79
C GLN T 273 -3.11 -19.11 -81.72
N LEU T 274 -2.76 -18.62 -80.54
CA LEU T 274 -2.40 -19.49 -79.44
C LEU T 274 -3.59 -20.29 -78.94
N GLU T 275 -4.79 -19.69 -78.96
CA GLU T 275 -6.03 -20.34 -78.53
C GLU T 275 -6.36 -21.45 -79.53
N GLN T 276 -6.12 -21.19 -80.81
CA GLN T 276 -6.36 -22.14 -81.90
C GLN T 276 -5.43 -23.36 -81.85
N ASP T 277 -4.16 -23.18 -81.49
CA ASP T 277 -3.27 -24.33 -81.41
C ASP T 277 -3.75 -25.37 -80.39
N THR T 278 -3.72 -26.65 -80.78
CA THR T 278 -4.14 -27.73 -79.91
C THR T 278 -3.09 -27.93 -78.82
N ASN T 279 -3.53 -28.02 -77.57
CA ASN T 279 -2.65 -28.16 -76.42
C ASN T 279 -1.68 -27.00 -76.34
N SER T 280 -2.08 -25.84 -76.81
CA SER T 280 -1.23 -24.70 -76.77
C SER T 280 -0.92 -24.22 -75.38
N ILE T 281 0.33 -23.82 -75.17
CA ILE T 281 0.71 -23.21 -73.93
C ILE T 281 1.35 -21.87 -74.14
N LEU T 282 0.87 -20.87 -73.44
CA LEU T 282 1.50 -19.60 -73.50
C LEU T 282 2.29 -19.40 -72.26
N PHE T 283 3.58 -19.26 -72.41
CA PHE T 283 4.44 -18.97 -71.32
C PHE T 283 4.64 -17.50 -71.26
N ILE T 284 4.41 -16.93 -70.11
CA ILE T 284 4.63 -15.53 -70.00
C ILE T 284 5.76 -15.31 -69.07
N ASP T 285 6.89 -14.90 -69.60
CA ASP T 285 7.97 -14.65 -68.71
C ASP T 285 7.66 -13.27 -68.24
N GLU T 286 8.22 -12.88 -67.14
CA GLU T 286 7.94 -11.56 -66.60
C GLU T 286 6.43 -11.34 -66.55
N ILE T 287 5.67 -12.27 -65.99
CA ILE T 287 4.21 -12.08 -66.02
C ILE T 287 3.84 -10.87 -65.20
N HIS T 288 4.65 -10.55 -64.20
CA HIS T 288 4.44 -9.41 -63.34
C HIS T 288 4.73 -8.08 -64.02
N THR T 289 5.28 -8.08 -65.23
CA THR T 289 5.56 -6.81 -65.88
C THR T 289 4.57 -6.54 -67.01
N ILE T 290 3.63 -7.47 -67.30
CA ILE T 290 2.74 -7.20 -68.45
C ILE T 290 1.42 -6.70 -67.94
N ILE T 291 1.33 -6.67 -66.61
CA ILE T 291 0.19 -6.29 -65.81
C ILE T 291 -0.16 -4.82 -66.02
N GLY T 292 0.82 -4.05 -66.51
CA GLY T 292 0.68 -2.64 -66.81
C GLY T 292 0.09 -2.47 -68.21
N ALA T 293 0.92 -2.49 -69.24
CA ALA T 293 0.41 -2.39 -70.61
C ALA T 293 1.24 -3.21 -71.56
N GLY T 294 1.47 -4.48 -71.28
CA GLY T 294 2.38 -5.15 -72.17
C GLY T 294 3.71 -4.46 -71.94
N ALA T 295 4.52 -4.34 -72.99
CA ALA T 295 5.85 -3.74 -72.89
C ALA T 295 5.85 -2.27 -72.50
N ALA T 296 4.83 -1.49 -72.90
CA ALA T 296 4.88 -0.08 -72.59
C ALA T 296 3.57 0.63 -72.67
N SER T 297 3.50 1.77 -71.98
CA SER T 297 2.34 2.61 -72.09
C SER T 297 2.28 3.02 -73.54
N GLY T 298 1.07 3.09 -74.07
CA GLY T 298 0.85 3.41 -75.47
C GLY T 298 0.55 2.13 -76.25
N GLY T 299 0.86 0.98 -75.66
CA GLY T 299 0.55 -0.30 -76.23
C GLY T 299 -0.72 -0.87 -75.60
N GLN T 300 -0.80 -2.18 -75.52
CA GLN T 300 -2.04 -2.73 -75.04
C GLN T 300 -2.16 -2.75 -73.53
N VAL T 301 -2.88 -1.74 -73.07
CA VAL T 301 -3.18 -1.45 -71.67
C VAL T 301 -4.09 -2.53 -71.10
N ASP T 302 -4.78 -3.22 -71.99
CA ASP T 302 -5.67 -4.30 -71.62
C ASP T 302 -5.06 -5.66 -71.87
N ALA T 303 -3.74 -5.77 -72.03
CA ALA T 303 -3.19 -7.08 -72.35
C ALA T 303 -3.54 -8.11 -71.28
N ALA T 304 -3.49 -7.71 -70.01
CA ALA T 304 -3.85 -8.66 -68.98
C ALA T 304 -5.32 -9.02 -69.11
N ASN T 305 -6.13 -8.03 -69.50
CA ASN T 305 -7.56 -8.18 -69.61
C ASN T 305 -7.98 -9.05 -70.78
N LEU T 306 -7.15 -9.09 -71.82
CA LEU T 306 -7.42 -9.95 -72.98
C LEU T 306 -7.07 -11.40 -72.66
N ILE T 307 -6.14 -11.62 -71.72
CA ILE T 307 -5.79 -12.98 -71.30
C ILE T 307 -6.79 -13.52 -70.27
N LYS T 308 -7.21 -12.71 -69.31
CA LYS T 308 -8.18 -13.17 -68.31
C LYS T 308 -9.32 -14.09 -68.86
N PRO T 309 -10.09 -13.75 -69.92
CA PRO T 309 -11.12 -14.62 -70.43
C PRO T 309 -10.62 -15.92 -71.07
N LEU T 310 -9.36 -15.99 -71.54
CA LEU T 310 -8.97 -17.25 -72.15
C LEU T 310 -8.62 -18.20 -71.04
N LEU T 311 -8.14 -17.63 -69.93
CA LEU T 311 -7.78 -18.43 -68.77
C LEU T 311 -9.03 -18.96 -68.16
N SER T 312 -10.08 -18.13 -68.19
CA SER T 312 -11.36 -18.48 -67.63
C SER T 312 -12.01 -19.59 -68.42
N SER T 313 -11.86 -19.55 -69.76
CA SER T 313 -12.37 -20.61 -70.61
C SER T 313 -11.41 -21.80 -70.73
N GLY T 314 -10.11 -21.58 -70.46
CA GLY T 314 -9.11 -22.63 -70.57
C GLY T 314 -8.67 -22.85 -72.01
N LYS T 315 -8.75 -21.80 -72.83
CA LYS T 315 -8.40 -21.92 -74.23
C LYS T 315 -6.92 -22.15 -74.50
N ILE T 316 -6.05 -21.51 -73.73
CA ILE T 316 -4.62 -21.70 -73.88
C ILE T 316 -4.17 -22.04 -72.49
N ARG T 317 -3.39 -23.07 -72.30
CA ARG T 317 -2.94 -23.25 -70.94
C ARG T 317 -1.89 -22.16 -70.75
N VAL T 318 -1.82 -21.51 -69.62
CA VAL T 318 -0.81 -20.47 -69.49
C VAL T 318 0.18 -20.75 -68.39
N ILE T 319 1.46 -20.64 -68.69
CA ILE T 319 2.47 -20.83 -67.67
C ILE T 319 2.99 -19.47 -67.30
N GLY T 320 2.90 -19.09 -66.05
CA GLY T 320 3.41 -17.77 -65.71
C GLY T 320 4.81 -17.85 -65.13
N SER T 321 5.38 -16.69 -64.86
CA SER T 321 6.70 -16.51 -64.25
C SER T 321 6.72 -15.23 -63.39
N THR T 322 6.64 -15.39 -62.08
CA THR T 322 6.61 -14.23 -61.19
C THR T 322 7.48 -14.45 -60.01
N THR T 323 7.49 -13.49 -59.11
CA THR T 323 8.29 -13.61 -57.92
C THR T 323 7.40 -13.75 -56.70
N TYR T 324 7.99 -14.12 -55.57
CA TYR T 324 7.26 -14.30 -54.34
C TYR T 324 6.66 -12.99 -53.87
N GLN T 325 7.40 -11.92 -54.06
CA GLN T 325 6.96 -10.61 -53.60
C GLN T 325 5.94 -10.01 -54.54
N GLU T 326 6.07 -10.29 -55.83
CA GLU T 326 5.13 -9.79 -56.81
C GLU T 326 3.89 -10.63 -56.88
N PHE T 327 3.95 -11.89 -56.50
CA PHE T 327 2.78 -12.74 -56.57
C PHE T 327 1.55 -12.10 -55.91
N SER T 328 1.72 -11.56 -54.70
CA SER T 328 0.60 -10.96 -53.96
C SER T 328 0.15 -9.61 -54.55
N ASN T 329 0.93 -9.06 -55.47
CA ASN T 329 0.62 -7.80 -56.12
C ASN T 329 0.19 -7.98 -57.57
N ILE T 330 0.11 -9.22 -58.03
CA ILE T 330 -0.25 -9.53 -59.40
C ILE T 330 -1.45 -10.45 -59.43
N PHE T 331 -1.34 -11.59 -58.72
CA PHE T 331 -2.36 -12.62 -58.74
C PHE T 331 -3.38 -12.42 -57.66
N GLU T 332 -2.95 -12.16 -56.44
CA GLU T 332 -3.91 -12.04 -55.33
C GLU T 332 -4.75 -10.78 -55.51
N LYS T 333 -4.18 -9.87 -56.29
CA LYS T 333 -4.73 -8.58 -56.67
C LYS T 333 -6.03 -8.71 -57.48
N ASP T 334 -6.14 -9.76 -58.29
CA ASP T 334 -7.29 -9.92 -59.18
C ASP T 334 -7.63 -11.38 -59.30
N ARG T 335 -8.81 -11.75 -58.82
CA ARG T 335 -9.22 -13.15 -58.77
C ARG T 335 -9.25 -13.80 -60.14
N ALA T 336 -9.33 -12.99 -61.20
CA ALA T 336 -9.33 -13.52 -62.56
C ALA T 336 -7.99 -14.21 -62.85
N LEU T 337 -6.94 -13.88 -62.08
CA LEU T 337 -5.66 -14.54 -62.25
C LEU T 337 -5.39 -15.46 -61.02
N ALA T 338 -5.77 -15.00 -59.81
CA ALA T 338 -5.50 -15.78 -58.58
C ALA T 338 -6.13 -17.14 -58.63
N ARG T 339 -7.28 -17.22 -59.27
CA ARG T 339 -8.03 -18.44 -59.35
C ARG T 339 -7.93 -19.07 -60.73
N ARG T 340 -6.82 -18.81 -61.42
CA ARG T 340 -6.62 -19.35 -62.76
C ARG T 340 -5.23 -19.94 -62.76
N PHE T 341 -4.44 -19.50 -61.80
CA PHE T 341 -3.09 -19.98 -61.65
C PHE T 341 -2.74 -20.66 -60.34
N GLN T 342 -1.86 -21.65 -60.43
CA GLN T 342 -1.34 -22.33 -59.23
C GLN T 342 -0.02 -21.81 -58.79
N LYS T 343 0.12 -21.63 -57.49
CA LYS T 343 1.37 -21.14 -56.96
C LYS T 343 2.39 -22.23 -56.73
N ILE T 344 3.43 -22.25 -57.54
CA ILE T 344 4.48 -23.24 -57.45
C ILE T 344 5.72 -22.56 -56.87
N ASP T 345 6.14 -22.95 -55.69
CA ASP T 345 7.25 -22.26 -55.03
C ASP T 345 8.61 -22.73 -55.51
N ILE T 346 9.36 -21.86 -56.18
CA ILE T 346 10.66 -22.23 -56.73
C ILE T 346 11.76 -21.74 -55.81
N THR T 347 12.63 -22.64 -55.39
CA THR T 347 13.72 -22.27 -54.50
C THR T 347 15.02 -22.56 -55.18
N GLU T 348 16.10 -22.09 -54.60
CA GLU T 348 17.41 -22.25 -55.15
C GLU T 348 17.87 -23.72 -55.08
N PRO T 349 18.79 -24.15 -55.96
CA PRO T 349 19.46 -25.44 -56.00
C PRO T 349 20.54 -25.57 -54.94
N SER T 350 20.96 -26.80 -54.76
CA SER T 350 22.05 -27.18 -53.87
C SER T 350 23.42 -26.83 -54.40
N ILE T 351 24.42 -27.02 -53.56
CA ILE T 351 25.81 -26.79 -53.93
C ILE T 351 26.19 -27.71 -55.06
N GLU T 352 25.78 -28.96 -54.97
CA GLU T 352 26.10 -29.95 -55.96
C GLU T 352 25.40 -29.63 -57.26
N GLU T 353 24.15 -29.23 -57.18
CA GLU T 353 23.40 -28.91 -58.39
C GLU T 353 24.02 -27.71 -59.07
N THR T 354 24.47 -26.72 -58.32
CA THR T 354 25.07 -25.58 -58.99
C THR T 354 26.36 -26.01 -59.65
N VAL T 355 27.14 -26.88 -58.99
CA VAL T 355 28.36 -27.32 -59.63
C VAL T 355 28.01 -28.03 -60.93
N GLN T 356 26.95 -28.84 -60.93
CA GLN T 356 26.51 -29.51 -62.15
C GLN T 356 26.08 -28.48 -63.21
N ILE T 357 25.44 -27.39 -62.78
CA ILE T 357 25.01 -26.32 -63.66
C ILE T 357 26.23 -25.66 -64.25
N ILE T 358 27.26 -25.43 -63.43
CA ILE T 358 28.48 -24.85 -63.92
C ILE T 358 29.08 -25.77 -64.90
N ASN T 359 29.17 -27.06 -64.61
CA ASN T 359 29.81 -27.95 -65.54
C ASN T 359 29.00 -28.10 -66.82
N GLY T 360 27.68 -27.96 -66.73
CA GLY T 360 26.83 -27.98 -67.89
C GLY T 360 27.16 -26.79 -68.78
N LEU T 361 27.25 -25.60 -68.18
CA LEU T 361 27.55 -24.34 -68.87
C LEU T 361 29.04 -24.06 -69.06
N LYS T 362 29.88 -24.65 -68.24
CA LYS T 362 31.31 -24.46 -68.24
C LYS T 362 31.89 -24.46 -69.63
N PRO T 363 31.65 -25.47 -70.50
CA PRO T 363 32.21 -25.53 -71.83
C PRO T 363 31.86 -24.31 -72.64
N LYS T 364 30.75 -23.64 -72.31
CA LYS T 364 30.34 -22.48 -73.03
C LYS T 364 31.27 -21.37 -72.63
N TYR T 365 31.60 -21.32 -71.33
CA TYR T 365 32.46 -20.27 -70.84
C TYR T 365 33.88 -20.53 -71.26
N GLU T 366 34.23 -21.80 -71.37
CA GLU T 366 35.56 -22.15 -71.79
C GLU T 366 35.74 -21.71 -73.24
N ALA T 367 34.70 -21.94 -74.05
CA ALA T 367 34.72 -21.54 -75.45
C ALA T 367 34.63 -20.02 -75.61
N HIS T 368 33.88 -19.37 -74.73
CA HIS T 368 33.68 -17.93 -74.82
C HIS T 368 34.93 -17.19 -74.51
N HIS T 369 35.67 -17.67 -73.51
CA HIS T 369 36.82 -16.92 -73.09
C HIS T 369 38.18 -17.56 -73.32
N ASP T 370 38.25 -18.60 -74.13
CA ASP T 370 39.49 -19.35 -74.38
C ASP T 370 40.20 -19.82 -73.10
N VAL T 371 39.41 -20.37 -72.18
CA VAL T 371 39.88 -20.84 -70.87
C VAL T 371 39.41 -22.23 -70.56
N ARG T 372 39.97 -22.80 -69.50
CA ARG T 372 39.52 -24.09 -69.01
C ARG T 372 39.30 -23.99 -67.52
N TYR T 373 38.30 -24.67 -66.98
CA TYR T 373 38.07 -24.61 -65.53
C TYR T 373 38.40 -25.91 -64.81
N THR T 374 39.13 -25.82 -63.70
CA THR T 374 39.47 -27.03 -62.97
C THR T 374 38.28 -27.50 -62.18
N ALA T 375 38.34 -28.74 -61.70
CA ALA T 375 37.28 -29.25 -60.86
C ALA T 375 37.17 -28.40 -59.60
N LYS T 376 38.32 -27.94 -59.11
CA LYS T 376 38.34 -27.10 -57.95
C LYS T 376 37.72 -25.75 -58.24
N ALA T 377 37.94 -25.22 -59.46
CA ALA T 377 37.41 -23.91 -59.83
C ALA T 377 35.90 -23.92 -59.92
N VAL T 378 35.33 -25.02 -60.40
CA VAL T 378 33.89 -25.05 -60.51
C VAL T 378 33.29 -25.25 -59.13
N ARG T 379 33.92 -26.08 -58.30
CA ARG T 379 33.40 -26.22 -56.97
C ARG T 379 33.59 -24.94 -56.22
N ALA T 380 34.74 -24.28 -56.40
CA ALA T 380 35.02 -23.03 -55.72
C ALA T 380 34.07 -21.94 -56.11
N ALA T 381 33.67 -21.87 -57.37
CA ALA T 381 32.73 -20.82 -57.71
C ALA T 381 31.45 -21.00 -56.88
N VAL T 382 31.07 -22.24 -56.62
CA VAL T 382 29.89 -22.50 -55.81
C VAL T 382 30.14 -22.34 -54.31
N GLU T 383 31.22 -22.97 -53.83
CA GLU T 383 31.61 -23.01 -52.44
C GLU T 383 31.96 -21.65 -51.92
N LEU T 384 32.55 -20.82 -52.77
CA LEU T 384 32.94 -19.53 -52.30
C LEU T 384 31.81 -18.54 -52.52
N ALA T 385 31.01 -18.68 -53.59
CA ALA T 385 29.97 -17.69 -53.77
C ALA T 385 29.01 -17.70 -52.57
N VAL T 386 28.72 -18.87 -52.03
CA VAL T 386 27.80 -18.94 -50.89
C VAL T 386 28.37 -18.39 -49.59
N LYS T 387 29.65 -18.11 -49.56
CA LYS T 387 30.29 -17.58 -48.37
C LYS T 387 30.51 -16.07 -48.42
N TYR T 388 30.72 -15.52 -49.63
CA TYR T 388 31.07 -14.12 -49.72
C TYR T 388 30.03 -13.22 -50.40
N ILE T 389 29.13 -13.79 -51.20
CA ILE T 389 28.14 -13.02 -51.93
C ILE T 389 27.08 -12.45 -51.02
N ASN T 390 26.55 -13.28 -50.14
CA ASN T 390 25.55 -12.92 -49.13
C ASN T 390 24.11 -12.61 -49.62
N ASP T 391 23.94 -11.71 -50.58
CA ASP T 391 22.59 -11.29 -50.99
C ASP T 391 22.00 -11.83 -52.31
N ARG T 392 22.61 -12.85 -52.90
CA ARG T 392 22.10 -13.44 -54.13
C ARG T 392 22.17 -14.93 -54.13
N HIS T 393 21.22 -15.55 -54.80
CA HIS T 393 21.27 -16.99 -54.89
C HIS T 393 22.37 -17.45 -55.81
N LEU T 394 22.89 -18.57 -55.39
CA LEU T 394 23.95 -19.29 -56.01
C LEU T 394 23.93 -19.49 -57.55
N PRO T 395 22.81 -19.86 -58.21
CA PRO T 395 22.77 -20.08 -59.64
C PRO T 395 23.29 -18.91 -60.46
N ASP T 396 23.17 -17.68 -59.97
CA ASP T 396 23.73 -16.63 -60.80
C ASP T 396 25.11 -16.32 -60.36
N LYS T 397 25.38 -16.37 -59.07
CA LYS T 397 26.68 -15.87 -58.71
C LYS T 397 27.80 -16.84 -58.93
N ALA T 398 27.56 -18.14 -58.79
CA ALA T 398 28.67 -19.01 -59.09
C ALA T 398 29.00 -18.87 -60.57
N ILE T 399 27.96 -18.66 -61.38
CA ILE T 399 28.11 -18.53 -62.82
C ILE T 399 28.79 -17.22 -63.17
N ASP T 400 28.44 -16.11 -62.52
CA ASP T 400 29.11 -14.86 -62.80
C ASP T 400 30.58 -15.00 -62.52
N VAL T 401 30.91 -15.74 -61.47
CA VAL T 401 32.29 -15.97 -61.09
C VAL T 401 33.03 -16.77 -62.15
N ILE T 402 32.41 -17.81 -62.69
CA ILE T 402 32.98 -18.60 -63.79
C ILE T 402 33.15 -17.74 -65.05
N ASP T 403 32.13 -16.95 -65.38
CA ASP T 403 32.16 -16.07 -66.54
C ASP T 403 33.29 -15.08 -66.38
N GLU T 404 33.36 -14.41 -65.21
CA GLU T 404 34.40 -13.45 -64.93
C GLU T 404 35.77 -14.05 -64.83
N ALA T 405 35.93 -15.23 -64.25
CA ALA T 405 37.28 -15.75 -64.23
C ALA T 405 37.74 -15.99 -65.64
N GLY T 406 36.85 -16.49 -66.48
CA GLY T 406 37.20 -16.72 -67.86
C GLY T 406 37.49 -15.42 -68.57
N ALA T 407 36.56 -14.48 -68.48
CA ALA T 407 36.62 -13.20 -69.14
C ALA T 407 37.81 -12.38 -68.71
N ARG T 408 38.10 -12.43 -67.41
CA ARG T 408 39.22 -11.72 -66.83
C ARG T 408 40.50 -12.29 -67.36
N ALA T 409 40.61 -13.62 -67.38
CA ALA T 409 41.78 -14.26 -67.93
C ALA T 409 41.96 -13.94 -69.43
N ARG T 410 40.86 -13.75 -70.16
CA ARG T 410 40.98 -13.39 -71.57
C ARG T 410 41.42 -11.95 -71.74
N LEU T 411 40.88 -11.07 -70.91
CA LEU T 411 41.22 -9.67 -70.97
C LEU T 411 42.65 -9.45 -70.52
N MET T 412 43.02 -9.99 -69.38
CA MET T 412 44.40 -9.91 -68.92
C MET T 412 45.15 -10.91 -69.76
N PRO T 413 46.46 -10.80 -69.94
CA PRO T 413 47.22 -11.76 -70.72
C PRO T 413 47.44 -13.04 -69.93
N VAL T 414 46.36 -13.72 -69.59
CA VAL T 414 46.45 -14.90 -68.78
C VAL T 414 46.09 -16.12 -69.58
N SER T 415 44.89 -16.11 -70.18
CA SER T 415 44.33 -17.27 -70.89
C SER T 415 45.14 -17.62 -72.13
N LYS T 416 45.97 -16.68 -72.54
CA LYS T 416 46.85 -16.85 -73.69
C LYS T 416 47.80 -18.01 -73.44
N ARG T 417 48.12 -18.21 -72.17
CA ARG T 417 49.05 -19.21 -71.72
C ARG T 417 48.36 -20.03 -70.63
N LYS T 418 47.91 -19.33 -69.61
CA LYS T 418 47.24 -19.96 -68.49
C LYS T 418 45.77 -20.05 -68.77
N LYS T 419 45.42 -20.99 -69.63
CA LYS T 419 44.02 -21.15 -70.01
C LYS T 419 43.23 -21.59 -68.80
N THR T 420 43.85 -22.42 -67.98
CA THR T 420 43.22 -22.96 -66.82
C THR T 420 42.98 -21.95 -65.71
N VAL T 421 41.75 -21.99 -65.23
CA VAL T 421 41.19 -21.26 -64.15
C VAL T 421 41.06 -22.23 -63.01
N ASN T 422 41.79 -21.98 -61.94
CA ASN T 422 41.79 -22.82 -60.76
C ASN T 422 41.10 -22.07 -59.63
N VAL T 423 41.02 -22.69 -58.46
CA VAL T 423 40.44 -22.01 -57.31
C VAL T 423 41.10 -20.65 -57.06
N ALA T 424 42.41 -20.53 -57.31
CA ALA T 424 43.11 -19.27 -57.09
C ALA T 424 42.52 -18.13 -57.92
N ASP T 425 42.05 -18.45 -59.14
CA ASP T 425 41.51 -17.44 -60.03
C ASP T 425 40.11 -17.10 -59.59
N ILE T 426 39.42 -18.11 -59.07
CA ILE T 426 38.08 -17.92 -58.54
C ILE T 426 38.15 -17.01 -57.33
N GLU T 427 39.14 -17.20 -56.46
CA GLU T 427 39.28 -16.37 -55.29
C GLU T 427 39.44 -14.90 -55.67
N SER T 428 40.24 -14.61 -56.72
CA SER T 428 40.41 -13.24 -57.16
C SER T 428 39.11 -12.66 -57.72
N VAL T 429 38.36 -13.49 -58.43
CA VAL T 429 37.09 -13.08 -59.01
C VAL T 429 35.97 -12.87 -58.03
N VAL T 430 35.80 -13.75 -57.06
CA VAL T 430 34.71 -13.50 -56.12
C VAL T 430 35.10 -12.22 -55.40
N ALA T 431 36.37 -12.14 -54.99
CA ALA T 431 36.92 -11.00 -54.28
C ALA T 431 36.84 -9.73 -55.08
N ARG T 432 36.93 -9.83 -56.40
CA ARG T 432 36.81 -8.65 -57.23
C ARG T 432 35.68 -7.72 -56.76
N ILE T 433 34.55 -8.30 -56.36
CA ILE T 433 33.43 -7.52 -55.90
C ILE T 433 33.25 -7.64 -54.39
N ALA T 434 33.34 -8.85 -53.84
CA ALA T 434 33.14 -9.08 -52.40
C ALA T 434 34.29 -8.52 -51.53
N ARG T 435 35.50 -8.53 -52.09
CA ARG T 435 36.80 -8.16 -51.53
C ARG T 435 37.22 -9.02 -50.35
N ILE T 436 36.56 -10.15 -50.18
CA ILE T 436 36.92 -11.04 -49.11
C ILE T 436 37.92 -12.15 -49.48
N PRO T 437 37.59 -13.15 -50.33
CA PRO T 437 38.36 -14.36 -50.48
C PRO T 437 39.83 -14.21 -50.94
N GLU T 438 40.16 -13.15 -51.64
CA GLU T 438 41.54 -13.02 -52.08
C GLU T 438 42.48 -12.89 -50.89
N LYS T 439 41.98 -12.37 -49.76
CA LYS T 439 42.81 -12.23 -48.59
C LYS T 439 42.32 -13.15 -47.48
N SER T 440 41.05 -13.55 -47.55
CA SER T 440 40.43 -14.34 -46.49
C SER T 440 39.58 -15.52 -46.95
N VAL T 441 39.87 -16.17 -48.10
CA VAL T 441 39.01 -17.30 -48.47
C VAL T 441 39.23 -18.44 -47.53
N SER T 442 40.45 -18.58 -47.13
CA SER T 442 40.91 -19.56 -46.23
C SER T 442 42.15 -18.98 -45.67
N GLN T 443 42.26 -19.05 -44.37
CA GLN T 443 43.43 -18.61 -43.67
C GLN T 443 43.69 -19.80 -42.82
N SER T 444 43.07 -19.80 -41.67
CA SER T 444 43.08 -20.97 -40.84
C SER T 444 41.92 -20.92 -39.92
N ASP T 445 41.16 -21.97 -39.90
CA ASP T 445 39.99 -21.99 -39.05
C ASP T 445 40.40 -22.40 -37.65
N ARG T 446 41.68 -22.70 -37.49
CA ARG T 446 42.20 -23.09 -36.22
C ARG T 446 43.12 -22.00 -35.66
N ASP T 447 43.88 -21.32 -36.53
CA ASP T 447 44.86 -20.33 -36.07
C ASP T 447 44.24 -18.98 -35.90
N THR T 448 43.20 -18.66 -36.66
CA THR T 448 42.58 -17.35 -36.51
C THR T 448 41.78 -17.35 -35.24
N LEU T 449 41.60 -18.53 -34.67
CA LEU T 449 40.93 -18.63 -33.40
C LEU T 449 42.00 -18.64 -32.32
N LYS T 450 43.08 -19.40 -32.51
CA LYS T 450 44.11 -19.39 -31.46
C LYS T 450 44.69 -18.00 -31.27
N ASN T 451 44.86 -17.28 -32.37
CA ASN T 451 45.47 -15.97 -32.40
C ASN T 451 44.54 -14.91 -31.85
N LEU T 452 43.31 -15.29 -31.57
CA LEU T 452 42.35 -14.38 -31.03
C LEU T 452 42.77 -14.00 -29.65
N GLY T 453 43.31 -14.96 -28.88
CA GLY T 453 43.63 -14.62 -27.51
C GLY T 453 44.68 -13.53 -27.49
N ASP T 454 45.63 -13.64 -28.41
CA ASP T 454 46.73 -12.71 -28.45
C ASP T 454 46.37 -11.44 -29.17
N ARG T 455 45.51 -11.50 -30.18
CA ARG T 455 45.16 -10.25 -30.82
C ARG T 455 44.33 -9.39 -29.88
N LEU T 456 43.47 -10.01 -29.07
CA LEU T 456 42.66 -9.22 -28.16
C LEU T 456 43.55 -8.48 -27.17
N LYS T 457 44.64 -9.13 -26.72
CA LYS T 457 45.63 -8.57 -25.78
C LYS T 457 46.35 -7.35 -26.33
N MET T 458 46.33 -7.16 -27.64
CA MET T 458 47.06 -6.07 -28.26
C MET T 458 46.24 -4.81 -28.26
N LEU T 459 44.94 -4.96 -28.04
CA LEU T 459 44.05 -3.83 -28.12
C LEU T 459 43.46 -3.50 -26.77
N VAL T 460 43.05 -4.55 -26.05
CA VAL T 460 42.47 -4.40 -24.73
C VAL T 460 43.51 -4.83 -23.75
N PHE T 461 43.80 -4.00 -22.79
CA PHE T 461 44.88 -4.36 -21.91
C PHE T 461 44.34 -4.75 -20.55
N GLY T 462 44.92 -5.81 -20.01
CA GLY T 462 44.48 -6.36 -18.74
C GLY T 462 43.35 -7.32 -19.06
N GLN T 463 42.79 -7.97 -18.05
CA GLN T 463 41.70 -8.93 -18.26
C GLN T 463 42.10 -10.03 -19.22
N ASP T 464 43.34 -10.48 -19.13
CA ASP T 464 43.83 -11.49 -20.04
C ASP T 464 43.02 -12.76 -19.96
N LYS T 465 42.60 -13.11 -18.76
CA LYS T 465 41.86 -14.33 -18.63
C LYS T 465 40.46 -14.23 -19.24
N ALA T 466 39.90 -13.03 -19.33
CA ALA T 466 38.56 -12.88 -19.87
C ALA T 466 38.57 -13.13 -21.35
N ILE T 467 39.60 -12.60 -21.98
CA ILE T 467 39.73 -12.74 -23.41
C ILE T 467 40.14 -14.17 -23.78
N GLU T 468 40.92 -14.81 -22.91
CA GLU T 468 41.24 -16.19 -23.14
C GLU T 468 40.00 -17.06 -22.99
N ALA T 469 39.14 -16.77 -21.99
CA ALA T 469 37.94 -17.57 -21.80
C ALA T 469 37.04 -17.54 -23.03
N LEU T 470 36.97 -16.38 -23.68
CA LEU T 470 36.16 -16.25 -24.90
C LEU T 470 36.79 -17.03 -26.01
N THR T 471 38.11 -17.00 -26.09
CA THR T 471 38.80 -17.70 -27.12
C THR T 471 38.53 -19.18 -26.97
N GLU T 472 38.55 -19.67 -25.72
CA GLU T 472 38.33 -21.09 -25.49
C GLU T 472 36.93 -21.50 -25.87
N ALA T 473 35.96 -20.67 -25.54
CA ALA T 473 34.59 -21.00 -25.87
C ALA T 473 34.35 -21.01 -27.36
N ILE T 474 34.99 -20.08 -28.07
CA ILE T 474 34.84 -20.00 -29.51
C ILE T 474 35.42 -21.25 -30.13
N LYS T 475 36.60 -21.67 -29.66
CA LYS T 475 37.20 -22.88 -30.17
C LYS T 475 36.30 -24.07 -29.95
N MET T 476 35.68 -24.18 -28.77
CA MET T 476 34.81 -25.32 -28.55
C MET T 476 33.66 -25.31 -29.54
N ALA T 477 33.10 -24.13 -29.80
CA ALA T 477 32.00 -24.07 -30.75
C ALA T 477 32.48 -24.44 -32.16
N ARG T 478 33.67 -23.99 -32.54
CA ARG T 478 34.22 -24.27 -33.86
C ARG T 478 34.53 -25.73 -34.03
N ALA T 479 34.92 -26.34 -32.93
CA ALA T 479 35.27 -27.74 -32.83
C ALA T 479 34.05 -28.63 -33.06
N GLY T 480 32.85 -28.07 -33.00
CA GLY T 480 31.67 -28.86 -33.19
C GLY T 480 30.99 -29.31 -31.91
N LEU T 481 31.23 -28.63 -30.80
CA LEU T 481 30.56 -29.01 -29.57
C LEU T 481 29.32 -28.16 -29.43
N GLY T 482 28.17 -28.77 -29.66
CA GLY T 482 26.92 -28.04 -29.66
C GLY T 482 25.98 -28.71 -30.64
N HIS T 483 24.98 -27.97 -31.07
CA HIS T 483 23.97 -28.51 -31.97
C HIS T 483 23.74 -27.49 -33.05
N GLU T 484 23.24 -27.92 -34.19
CA GLU T 484 23.00 -27.03 -35.31
C GLU T 484 21.97 -25.95 -35.06
N HIS T 485 21.06 -26.15 -34.13
CA HIS T 485 20.10 -25.10 -33.83
C HIS T 485 20.56 -24.16 -32.72
N LYS T 486 21.66 -24.43 -32.07
CA LYS T 486 22.07 -23.58 -30.97
C LYS T 486 22.96 -22.46 -31.46
N PRO T 487 23.04 -21.33 -30.74
CA PRO T 487 23.95 -20.24 -30.96
C PRO T 487 25.38 -20.68 -30.89
N VAL T 488 26.28 -19.92 -31.49
CA VAL T 488 27.69 -20.24 -31.46
C VAL T 488 28.10 -20.21 -30.01
N GLY T 489 27.62 -19.22 -29.29
CA GLY T 489 27.88 -19.17 -27.87
C GLY T 489 27.15 -18.03 -27.20
N SER T 490 27.22 -18.02 -25.87
CA SER T 490 26.56 -17.00 -25.05
C SER T 490 27.33 -16.64 -23.78
N PHE T 491 27.73 -15.37 -23.64
CA PHE T 491 28.51 -15.03 -22.47
C PHE T 491 28.14 -13.72 -21.82
N LEU T 492 28.04 -13.74 -20.49
CA LEU T 492 27.72 -12.55 -19.75
C LEU T 492 29.02 -11.91 -19.27
N PHE T 493 29.21 -10.64 -19.60
CA PHE T 493 30.41 -9.94 -19.22
C PHE T 493 30.14 -9.05 -18.06
N ALA T 494 30.63 -9.43 -16.92
CA ALA T 494 30.38 -8.66 -15.73
C ALA T 494 31.61 -7.84 -15.46
N GLY T 495 31.45 -6.58 -15.12
CA GLY T 495 32.63 -5.78 -14.81
C GLY T 495 32.27 -4.33 -14.60
N PRO T 496 33.21 -3.47 -14.19
CA PRO T 496 33.06 -2.04 -13.99
C PRO T 496 32.80 -1.44 -15.34
N THR T 497 32.26 -0.24 -15.44
CA THR T 497 32.11 0.28 -16.79
C THR T 497 33.45 0.82 -17.19
N GLY T 498 33.61 1.08 -18.46
CA GLY T 498 34.84 1.71 -18.92
C GLY T 498 36.03 0.77 -18.82
N VAL T 499 35.82 -0.52 -18.94
CA VAL T 499 36.93 -1.43 -18.80
C VAL T 499 37.12 -2.22 -20.08
N GLY T 500 36.50 -1.77 -21.15
CA GLY T 500 36.67 -2.47 -22.40
C GLY T 500 35.74 -3.66 -22.59
N LYS T 501 34.62 -3.75 -21.86
CA LYS T 501 33.79 -4.93 -22.13
C LYS T 501 33.34 -4.87 -23.62
N THR T 502 33.02 -3.67 -24.07
CA THR T 502 32.58 -3.39 -25.41
C THR T 502 33.74 -3.54 -26.33
N GLU T 503 34.89 -3.04 -25.90
CA GLU T 503 36.05 -3.07 -26.78
C GLU T 503 36.45 -4.49 -27.05
N VAL T 504 36.34 -5.38 -26.07
CA VAL T 504 36.64 -6.76 -26.35
C VAL T 504 35.67 -7.28 -27.36
N THR T 505 34.39 -6.95 -27.19
CA THR T 505 33.37 -7.43 -28.09
C THR T 505 33.62 -6.92 -29.51
N VAL T 506 34.03 -5.66 -29.64
CA VAL T 506 34.37 -5.07 -30.92
C VAL T 506 35.54 -5.77 -31.53
N GLN T 507 36.55 -6.03 -30.72
CA GLN T 507 37.69 -6.69 -31.27
C GLN T 507 37.36 -8.13 -31.60
N LEU T 508 36.44 -8.78 -30.89
CA LEU T 508 36.10 -10.12 -31.30
C LEU T 508 35.48 -10.05 -32.67
N SER T 509 34.60 -9.08 -32.90
CA SER T 509 33.93 -9.06 -34.17
C SER T 509 34.92 -8.76 -35.29
N LYS T 510 35.89 -7.91 -35.01
CA LYS T 510 36.84 -7.63 -36.05
C LYS T 510 37.73 -8.82 -36.30
N ALA T 511 38.20 -9.42 -35.22
CA ALA T 511 39.14 -10.53 -35.28
C ALA T 511 38.55 -11.73 -35.98
N LEU T 512 37.26 -11.93 -35.77
CA LEU T 512 36.55 -13.06 -36.33
C LEU T 512 35.96 -12.79 -37.71
N GLY T 513 36.10 -11.56 -38.22
CA GLY T 513 35.55 -11.20 -39.52
C GLY T 513 34.02 -11.07 -39.56
N ILE T 514 33.40 -10.66 -38.46
CA ILE T 514 31.95 -10.58 -38.40
C ILE T 514 31.45 -9.20 -37.96
N GLU T 515 30.17 -8.94 -38.20
CA GLU T 515 29.55 -7.69 -37.80
C GLU T 515 29.22 -7.66 -36.33
N LEU T 516 29.16 -6.47 -35.77
CA LEU T 516 28.70 -6.28 -34.40
C LEU T 516 27.33 -5.63 -34.38
N LEU T 517 26.40 -6.26 -33.69
CA LEU T 517 25.06 -5.72 -33.57
C LEU T 517 24.92 -5.21 -32.16
N ARG T 518 24.31 -4.04 -31.96
CA ARG T 518 24.21 -3.59 -30.59
C ARG T 518 22.85 -3.09 -30.17
N PHE T 519 22.48 -3.48 -28.97
CA PHE T 519 21.26 -3.00 -28.35
C PHE T 519 21.54 -2.61 -26.90
N ASP T 520 20.89 -1.55 -26.44
CA ASP T 520 21.01 -1.12 -25.05
C ASP T 520 19.78 -1.53 -24.30
N MET T 521 19.90 -2.45 -23.36
CA MET T 521 18.72 -3.00 -22.73
C MET T 521 17.94 -2.02 -21.91
N SER T 522 18.55 -0.91 -21.52
CA SER T 522 17.82 0.06 -20.74
C SER T 522 16.72 0.72 -21.60
N GLU T 523 16.80 0.55 -22.93
CA GLU T 523 15.83 1.09 -23.84
C GLU T 523 14.73 0.08 -24.09
N TYR T 524 14.90 -1.12 -23.55
CA TYR T 524 13.99 -2.24 -23.69
C TYR T 524 13.46 -2.66 -22.33
N MET T 525 13.43 -1.69 -21.42
CA MET T 525 12.95 -1.83 -20.05
C MET T 525 11.43 -1.91 -19.90
N GLU T 526 10.70 -1.28 -20.81
CA GLU T 526 9.23 -1.22 -20.84
C GLU T 526 8.68 -2.32 -21.78
N ARG T 527 7.45 -2.78 -21.60
CA ARG T 527 7.01 -3.87 -22.47
C ARG T 527 6.75 -3.54 -23.95
N HIS T 528 6.30 -2.34 -24.27
CA HIS T 528 6.00 -2.02 -25.65
C HIS T 528 7.28 -2.05 -26.45
N THR T 529 8.33 -1.49 -25.87
CA THR T 529 9.62 -1.44 -26.54
C THR T 529 10.15 -2.86 -26.78
N VAL T 530 9.78 -3.78 -25.89
CA VAL T 530 10.17 -5.17 -26.03
C VAL T 530 9.62 -5.74 -27.34
N SER T 531 8.37 -5.41 -27.66
CA SER T 531 7.77 -5.90 -28.90
C SER T 531 8.47 -5.31 -30.10
N ARG T 532 8.88 -4.04 -30.00
CA ARG T 532 9.58 -3.37 -31.08
C ARG T 532 10.89 -4.10 -31.38
N LEU T 533 11.56 -4.55 -30.32
CA LEU T 533 12.82 -5.27 -30.45
C LEU T 533 12.61 -6.59 -31.15
N ILE T 534 11.60 -7.33 -30.71
CA ILE T 534 11.28 -8.65 -31.23
C ILE T 534 10.71 -8.62 -32.62
N GLY T 535 9.84 -7.69 -32.90
CA GLY T 535 9.14 -7.72 -34.16
C GLY T 535 7.97 -8.60 -33.92
N ALA T 536 7.47 -8.55 -32.69
CA ALA T 536 6.37 -9.39 -32.31
C ALA T 536 5.21 -9.00 -33.20
N PRO T 537 4.27 -9.89 -33.54
CA PRO T 537 3.12 -9.54 -34.34
C PRO T 537 2.53 -8.18 -33.92
N PRO T 538 2.25 -7.84 -32.63
CA PRO T 538 1.90 -6.51 -32.23
C PRO T 538 3.15 -5.70 -31.97
N GLY T 539 3.11 -4.38 -32.12
CA GLY T 539 4.19 -3.55 -31.56
C GLY T 539 5.52 -3.66 -32.26
N TYR T 540 5.50 -4.03 -33.54
CA TYR T 540 6.73 -4.14 -34.33
C TYR T 540 7.11 -2.80 -34.93
N VAL T 541 8.30 -2.72 -35.53
CA VAL T 541 8.76 -1.49 -36.14
C VAL T 541 8.34 -1.37 -37.59
N GLY T 542 7.78 -0.21 -37.97
CA GLY T 542 7.39 -0.01 -39.37
C GLY T 542 6.40 -1.08 -39.80
N PHE T 543 6.73 -1.72 -40.92
CA PHE T 543 5.96 -2.80 -41.53
C PHE T 543 6.88 -3.99 -41.81
N ASP T 544 7.94 -3.71 -42.58
CA ASP T 544 8.92 -4.71 -43.03
C ASP T 544 10.17 -4.61 -42.18
N GLN T 545 10.13 -3.66 -41.26
CA GLN T 545 11.22 -3.32 -40.35
C GLN T 545 11.01 -4.08 -39.05
N GLY T 546 9.94 -4.85 -39.03
CA GLY T 546 9.43 -5.62 -37.94
C GLY T 546 10.29 -5.66 -36.70
N GLY T 547 11.12 -6.66 -36.57
CA GLY T 547 11.96 -6.69 -35.38
C GLY T 547 13.25 -5.99 -35.62
N LEU T 548 13.77 -5.40 -34.57
CA LEU T 548 15.05 -4.77 -34.69
C LEU T 548 16.08 -5.84 -34.60
N LEU T 549 15.80 -6.81 -33.73
CA LEU T 549 16.70 -7.91 -33.51
C LEU T 549 16.55 -8.93 -34.60
N THR T 550 15.32 -9.13 -35.09
CA THR T 550 15.14 -10.10 -36.15
C THR T 550 15.79 -9.57 -37.38
N ASP T 551 15.71 -8.29 -37.63
CA ASP T 551 16.36 -7.82 -38.83
C ASP T 551 17.85 -7.91 -38.67
N ALA T 552 18.36 -7.53 -37.51
CA ALA T 552 19.79 -7.53 -37.31
C ALA T 552 20.40 -8.93 -37.51
N VAL T 553 19.69 -9.94 -37.03
CA VAL T 553 20.12 -11.35 -37.15
C VAL T 553 19.91 -11.98 -38.54
N ILE T 554 19.13 -11.33 -39.39
CA ILE T 554 18.88 -11.81 -40.74
C ILE T 554 19.90 -11.19 -41.66
N LYS T 555 20.12 -9.89 -41.54
CA LYS T 555 21.09 -9.21 -42.35
C LYS T 555 22.50 -9.67 -42.04
N HIS T 556 22.78 -9.90 -40.77
CA HIS T 556 24.12 -10.25 -40.35
C HIS T 556 24.08 -11.51 -39.48
N PRO T 557 23.75 -12.67 -40.04
CA PRO T 557 23.49 -13.91 -39.32
C PRO T 557 24.72 -14.48 -38.61
N HIS T 558 25.92 -14.02 -38.97
CA HIS T 558 27.12 -14.53 -38.33
C HIS T 558 27.72 -13.56 -37.35
N ALA T 559 26.98 -12.52 -37.06
CA ALA T 559 27.37 -11.43 -36.21
C ALA T 559 27.49 -11.78 -34.74
N VAL T 560 28.16 -10.90 -34.03
CA VAL T 560 28.20 -10.99 -32.60
C VAL T 560 27.22 -9.96 -32.13
N LEU T 561 26.34 -10.39 -31.26
CA LEU T 561 25.26 -9.59 -30.76
C LEU T 561 25.53 -9.10 -29.36
N LEU T 562 25.60 -7.79 -29.19
CA LEU T 562 25.90 -7.21 -27.89
C LEU T 562 24.72 -6.53 -27.23
N LEU T 563 24.34 -7.01 -26.06
CA LEU T 563 23.22 -6.43 -25.35
C LEU T 563 23.73 -5.78 -24.08
N ASP T 564 23.67 -4.47 -24.00
CA ASP T 564 24.23 -3.80 -22.85
C ASP T 564 23.35 -3.70 -21.65
N GLU T 565 23.99 -3.89 -20.50
CA GLU T 565 23.33 -3.72 -19.20
C GLU T 565 22.04 -4.50 -19.12
N ILE T 566 22.12 -5.80 -19.35
CA ILE T 566 20.91 -6.61 -19.40
C ILE T 566 20.09 -6.61 -18.12
N GLU T 567 20.64 -6.19 -16.99
CA GLU T 567 19.89 -6.12 -15.74
C GLU T 567 18.78 -5.07 -15.81
N LYS T 568 18.83 -4.21 -16.82
CA LYS T 568 17.82 -3.19 -17.04
C LYS T 568 16.75 -3.60 -18.04
N ALA T 569 16.87 -4.79 -18.60
CA ALA T 569 15.93 -5.26 -19.60
C ALA T 569 14.58 -5.61 -19.03
N HIS T 570 13.52 -5.40 -19.79
CA HIS T 570 12.21 -5.87 -19.40
C HIS T 570 12.26 -7.39 -19.34
N PRO T 571 11.60 -8.07 -18.40
CA PRO T 571 11.53 -9.52 -18.32
C PRO T 571 11.15 -10.20 -19.64
N ASP T 572 10.39 -9.59 -20.53
CA ASP T 572 10.07 -10.30 -21.76
C ASP T 572 11.21 -10.25 -22.77
N VAL T 573 12.22 -9.43 -22.52
CA VAL T 573 13.39 -9.44 -23.36
C VAL T 573 14.12 -10.65 -22.89
N PHE T 574 14.21 -10.76 -21.57
CA PHE T 574 14.91 -11.86 -20.92
C PHE T 574 14.29 -13.19 -21.34
N ASN T 575 12.97 -13.23 -21.40
CA ASN T 575 12.30 -14.44 -21.79
C ASN T 575 12.50 -14.73 -23.28
N ILE T 576 12.50 -13.71 -24.14
CA ILE T 576 12.72 -14.04 -25.54
C ILE T 576 14.13 -14.48 -25.75
N LEU T 577 15.10 -13.91 -25.02
CA LEU T 577 16.46 -14.37 -25.20
C LEU T 577 16.59 -15.80 -24.82
N LEU T 578 15.91 -16.23 -23.75
CA LEU T 578 16.02 -17.64 -23.41
C LEU T 578 15.39 -18.49 -24.49
N GLN T 579 14.29 -18.04 -25.08
CA GLN T 579 13.69 -18.84 -26.13
C GLN T 579 14.65 -18.98 -27.31
N VAL T 580 15.37 -17.91 -27.64
CA VAL T 580 16.37 -17.97 -28.69
C VAL T 580 17.51 -18.90 -28.28
N MET T 581 17.97 -18.79 -27.05
CA MET T 581 19.05 -19.66 -26.61
C MET T 581 18.64 -21.11 -26.77
N ASP T 582 17.39 -21.43 -26.47
CA ASP T 582 16.94 -22.79 -26.60
C ASP T 582 16.69 -23.29 -28.02
N ASN T 583 16.14 -22.45 -28.92
CA ASN T 583 15.85 -22.97 -30.26
C ASN T 583 16.56 -22.33 -31.45
N GLY T 584 17.39 -21.31 -31.25
CA GLY T 584 18.12 -20.71 -32.35
C GLY T 584 17.32 -19.71 -33.15
N THR T 585 16.11 -19.40 -32.73
CA THR T 585 15.38 -18.49 -33.57
C THR T 585 14.44 -17.52 -32.91
N LEU T 586 14.27 -16.42 -33.61
CA LEU T 586 13.37 -15.36 -33.24
C LEU T 586 12.41 -15.15 -34.40
N THR T 587 11.10 -15.14 -34.14
CA THR T 587 10.15 -14.99 -35.24
C THR T 587 9.54 -13.59 -35.29
N ASP T 588 9.65 -13.01 -36.47
CA ASP T 588 9.22 -11.69 -36.90
C ASP T 588 7.70 -11.61 -37.13
N ASN T 589 7.16 -10.40 -37.09
CA ASN T 589 5.75 -10.17 -37.39
C ASN T 589 5.39 -10.60 -38.81
N ASN T 590 6.36 -10.66 -39.73
CA ASN T 590 6.04 -11.07 -41.08
C ASN T 590 6.22 -12.58 -41.27
N GLY T 591 6.48 -13.29 -40.18
CA GLY T 591 6.66 -14.74 -40.18
C GLY T 591 8.08 -15.16 -40.50
N ARG T 592 8.92 -14.17 -40.73
CA ARG T 592 10.31 -14.39 -41.07
C ARG T 592 11.06 -14.85 -39.85
N LYS T 593 12.06 -15.69 -40.04
CA LYS T 593 12.81 -16.11 -38.87
C LYS T 593 14.27 -15.75 -38.92
N ALA T 594 14.71 -15.17 -37.82
CA ALA T 594 16.12 -14.90 -37.63
C ALA T 594 16.76 -16.15 -37.09
N ASP T 595 17.88 -16.52 -37.68
CA ASP T 595 18.61 -17.71 -37.31
C ASP T 595 19.87 -17.35 -36.54
N PHE T 596 19.90 -17.69 -35.28
CA PHE T 596 20.95 -17.33 -34.36
C PHE T 596 21.99 -18.42 -34.24
N ARG T 597 21.90 -19.47 -35.03
CA ARG T 597 22.87 -20.55 -34.89
C ARG T 597 24.27 -20.11 -35.24
N ASN T 598 24.38 -19.03 -36.00
CA ASN T 598 25.66 -18.52 -36.38
C ASN T 598 26.10 -17.31 -35.56
N VAL T 599 25.41 -16.98 -34.47
CA VAL T 599 25.85 -15.78 -33.75
C VAL T 599 26.32 -16.06 -32.35
N VAL T 600 27.02 -15.08 -31.86
CA VAL T 600 27.52 -15.11 -30.50
C VAL T 600 26.81 -14.06 -29.72
N LEU T 601 26.25 -14.45 -28.60
CA LEU T 601 25.56 -13.51 -27.76
C LEU T 601 26.44 -13.04 -26.62
N VAL T 602 26.64 -11.76 -26.58
CA VAL T 602 27.41 -11.12 -25.55
C VAL T 602 26.52 -10.17 -24.82
N MET T 603 26.42 -10.36 -23.54
CA MET T 603 25.61 -9.50 -22.74
C MET T 603 26.49 -8.87 -21.76
N THR T 604 26.26 -7.64 -21.40
CA THR T 604 27.09 -7.05 -20.39
C THR T 604 26.27 -6.70 -19.18
N THR T 605 26.96 -6.54 -18.06
CA THR T 605 26.33 -6.14 -16.84
C THR T 605 27.27 -5.44 -15.88
N ASN T 606 26.72 -4.52 -15.09
CA ASN T 606 27.52 -3.81 -14.11
C ASN T 606 27.10 -4.19 -12.70
N ALA T 607 26.34 -5.27 -12.56
CA ALA T 607 25.85 -5.61 -11.23
C ALA T 607 26.94 -5.84 -10.21
N GLY T 608 28.02 -6.46 -10.63
CA GLY T 608 29.08 -6.86 -9.72
C GLY T 608 29.99 -5.74 -9.27
N VAL T 609 29.78 -4.54 -9.79
CA VAL T 609 30.62 -3.44 -9.38
C VAL T 609 29.82 -2.49 -8.52
N ARG T 610 28.52 -2.70 -8.36
CA ARG T 610 27.80 -1.68 -7.60
C ARG T 610 27.92 -1.90 -6.09
N GLU T 611 27.90 -3.16 -5.70
CA GLU T 611 27.91 -3.56 -4.30
C GLU T 611 29.23 -3.25 -3.61
N THR T 612 30.29 -3.38 -4.35
CA THR T 612 31.61 -3.24 -3.79
C THR T 612 31.94 -1.81 -3.44
N GLU T 613 31.13 -0.87 -3.90
CA GLU T 613 31.47 0.52 -3.70
C GLU T 613 30.69 1.11 -2.55
N ARG T 614 29.92 0.26 -1.88
CA ARG T 614 29.10 0.72 -0.75
C ARG T 614 29.84 0.65 0.58
N LYS T 615 29.59 1.63 1.43
CA LYS T 615 30.23 1.67 2.74
C LYS T 615 29.33 1.03 3.77
N SER T 616 29.92 0.19 4.58
CA SER T 616 29.22 -0.50 5.63
C SER T 616 28.92 0.42 6.79
N ILE T 617 27.99 0.00 7.63
CA ILE T 617 27.59 0.75 8.79
C ILE T 617 28.41 0.30 9.96
N GLY T 618 29.06 1.19 10.65
CA GLY T 618 29.85 0.75 11.78
C GLY T 618 31.05 1.62 11.96
N LEU T 619 31.74 1.42 13.06
CA LEU T 619 32.90 2.22 13.36
C LEU T 619 34.05 1.83 12.45
N ILE T 620 34.09 0.58 12.07
CA ILE T 620 35.12 0.10 11.20
C ILE T 620 34.52 -0.22 9.89
N HIS T 621 34.94 0.45 8.83
CA HIS T 621 34.33 0.09 7.58
C HIS T 621 34.95 -1.20 7.20
N GLN T 622 34.19 -2.10 6.62
CA GLN T 622 34.80 -3.33 6.22
C GLN T 622 34.90 -3.41 4.74
N ASP T 623 35.48 -4.50 4.29
CA ASP T 623 35.67 -4.74 2.88
C ASP T 623 34.44 -5.37 2.27
N ASN T 624 33.77 -4.62 1.40
CA ASN T 624 32.53 -5.06 0.76
C ASN T 624 32.77 -5.71 -0.56
N SER T 625 34.01 -6.08 -0.84
CA SER T 625 34.26 -6.79 -2.07
C SER T 625 33.39 -8.03 -2.05
N THR T 626 32.81 -8.32 -3.20
CA THR T 626 31.94 -9.44 -3.36
C THR T 626 32.37 -10.27 -4.51
N ASP T 627 31.67 -11.37 -4.66
CA ASP T 627 31.90 -12.21 -5.80
C ASP T 627 30.92 -11.78 -6.84
N ALA T 628 31.43 -11.19 -7.89
CA ALA T 628 30.57 -10.68 -8.92
C ALA T 628 29.71 -11.80 -9.47
N MET T 629 30.22 -13.02 -9.48
CA MET T 629 29.45 -14.10 -10.05
C MET T 629 28.22 -14.37 -9.18
N GLU T 630 28.33 -14.12 -7.86
CA GLU T 630 27.23 -14.35 -6.95
C GLU T 630 26.23 -13.23 -7.11
N GLU T 631 26.73 -12.03 -7.41
CA GLU T 631 25.80 -10.93 -7.58
C GLU T 631 24.94 -11.23 -8.78
N ILE T 632 25.53 -11.83 -9.79
CA ILE T 632 24.79 -12.22 -10.96
C ILE T 632 23.78 -13.29 -10.56
N LYS T 633 24.20 -14.25 -9.73
CA LYS T 633 23.29 -15.30 -9.32
C LYS T 633 22.03 -14.79 -8.64
N LYS T 634 22.15 -13.70 -7.90
CA LYS T 634 21.02 -13.12 -7.18
C LYS T 634 20.13 -12.19 -8.01
N ILE T 635 20.53 -11.90 -9.24
CA ILE T 635 19.78 -11.03 -10.14
C ILE T 635 19.12 -11.79 -11.26
N PHE T 636 19.89 -12.67 -11.86
CA PHE T 636 19.50 -13.43 -13.01
C PHE T 636 18.96 -14.77 -12.57
N THR T 637 18.13 -15.38 -13.39
CA THR T 637 17.60 -16.67 -13.02
C THR T 637 18.62 -17.75 -13.38
N PRO T 638 18.56 -18.97 -12.80
CA PRO T 638 19.38 -20.09 -13.20
C PRO T 638 19.03 -20.59 -14.57
N GLU T 639 17.82 -20.35 -15.07
CA GLU T 639 17.52 -20.84 -16.40
C GLU T 639 18.41 -20.10 -17.36
N PHE T 640 18.55 -18.81 -17.13
CA PHE T 640 19.43 -17.99 -17.91
C PHE T 640 20.86 -18.43 -17.77
N ARG T 641 21.33 -18.56 -16.53
CA ARG T 641 22.73 -18.88 -16.32
C ARG T 641 23.14 -20.20 -16.91
N ASN T 642 22.24 -21.15 -16.88
CA ASN T 642 22.50 -22.49 -17.34
C ASN T 642 22.58 -22.59 -18.85
N ARG T 643 22.20 -21.53 -19.54
CA ARG T 643 22.22 -21.50 -20.99
C ARG T 643 23.39 -20.69 -21.49
N LEU T 644 24.28 -20.31 -20.59
CA LEU T 644 25.44 -19.53 -20.96
C LEU T 644 26.62 -20.44 -21.07
N ASP T 645 27.60 -20.02 -21.86
CA ASP T 645 28.84 -20.74 -21.91
C ASP T 645 29.65 -20.24 -20.76
N ASN T 646 29.51 -18.95 -20.46
CA ASN T 646 30.18 -18.47 -19.27
C ASN T 646 29.62 -17.16 -18.77
N ILE T 647 30.15 -16.76 -17.62
CA ILE T 647 29.96 -15.47 -16.99
C ILE T 647 31.39 -15.08 -16.71
N ILE T 648 31.84 -13.99 -17.28
CA ILE T 648 33.23 -13.63 -17.17
C ILE T 648 33.44 -12.32 -16.47
N TRP T 649 34.33 -12.28 -15.48
CA TRP T 649 34.62 -10.99 -14.85
C TRP T 649 35.71 -10.24 -15.58
N PHE T 650 35.40 -9.02 -15.92
CA PHE T 650 36.27 -8.07 -16.58
C PHE T 650 36.66 -7.13 -15.49
N ASP T 651 37.90 -7.18 -15.07
CA ASP T 651 38.31 -6.45 -13.91
C ASP T 651 38.62 -4.98 -14.16
N HIS T 652 38.96 -4.31 -13.07
CA HIS T 652 39.31 -2.90 -13.08
C HIS T 652 40.62 -2.76 -13.80
N LEU T 653 41.07 -1.55 -14.05
CA LEU T 653 42.27 -1.40 -14.83
C LEU T 653 43.44 -0.99 -13.95
N SER T 654 44.62 -1.47 -14.30
CA SER T 654 45.86 -1.14 -13.63
C SER T 654 46.43 0.19 -14.10
N THR T 655 47.43 0.69 -13.38
CA THR T 655 48.04 1.96 -13.71
C THR T 655 48.60 2.01 -15.12
N ASP T 656 49.26 0.95 -15.56
CA ASP T 656 49.84 1.02 -16.89
C ASP T 656 48.75 0.99 -17.96
N VAL T 657 47.61 0.40 -17.65
CA VAL T 657 46.54 0.37 -18.61
C VAL T 657 45.94 1.72 -18.74
N ILE T 658 45.74 2.41 -17.63
CA ILE T 658 45.17 3.73 -17.74
C ILE T 658 46.15 4.64 -18.45
N HIS T 659 47.46 4.37 -18.35
CA HIS T 659 48.41 5.14 -19.12
C HIS T 659 48.24 4.82 -20.60
N GLN T 660 48.04 3.56 -20.95
CA GLN T 660 47.86 3.25 -22.36
C GLN T 660 46.63 3.98 -22.90
N VAL T 661 45.60 4.08 -22.08
CA VAL T 661 44.41 4.79 -22.47
C VAL T 661 44.64 6.29 -22.61
N VAL T 662 45.35 6.93 -21.67
CA VAL T 662 45.55 8.36 -21.83
C VAL T 662 46.44 8.62 -23.01
N ASP T 663 47.42 7.75 -23.27
CA ASP T 663 48.29 7.99 -24.38
C ASP T 663 47.51 7.86 -25.66
N LYS T 664 46.57 6.91 -25.72
CA LYS T 664 45.80 6.83 -26.94
C LYS T 664 45.05 8.14 -27.15
N PHE T 665 44.48 8.70 -26.09
CA PHE T 665 43.77 9.95 -26.24
C PHE T 665 44.67 11.10 -26.67
N ILE T 666 45.88 11.16 -26.11
CA ILE T 666 46.82 12.19 -26.45
C ILE T 666 47.24 12.06 -27.89
N VAL T 667 47.48 10.86 -28.34
CA VAL T 667 47.85 10.69 -29.72
C VAL T 667 46.72 11.17 -30.61
N GLU T 668 45.46 10.85 -30.27
CA GLU T 668 44.36 11.31 -31.09
C GLU T 668 44.30 12.84 -31.11
N LEU T 669 44.59 13.47 -29.96
CA LEU T 669 44.64 14.91 -29.91
C LEU T 669 45.71 15.41 -30.81
N GLN T 670 46.86 14.77 -30.78
CA GLN T 670 47.92 15.22 -31.62
C GLN T 670 47.54 15.03 -33.06
N VAL T 671 46.84 13.99 -33.41
CA VAL T 671 46.46 13.89 -34.80
C VAL T 671 45.67 15.13 -35.21
N GLN T 672 44.72 15.56 -34.38
CA GLN T 672 43.97 16.76 -34.75
C GLN T 672 44.88 17.98 -34.83
N LEU T 673 45.83 18.08 -33.92
CA LEU T 673 46.72 19.20 -33.96
C LEU T 673 47.63 19.14 -35.18
N ASP T 674 48.07 17.94 -35.59
CA ASP T 674 48.89 17.70 -36.78
C ASP T 674 48.18 18.12 -38.03
N GLN T 675 46.86 17.97 -38.05
CA GLN T 675 46.08 18.39 -39.21
C GLN T 675 46.22 19.90 -39.36
N LYS T 676 46.29 20.60 -38.23
CA LYS T 676 46.50 22.05 -38.24
C LYS T 676 47.98 22.34 -38.41
N GLY T 677 48.82 21.44 -37.89
CA GLY T 677 50.27 21.52 -37.87
C GLY T 677 50.84 21.83 -36.47
N VAL T 678 50.00 21.85 -35.44
CA VAL T 678 50.46 22.17 -34.11
C VAL T 678 51.09 20.97 -33.44
N SER T 679 52.26 21.14 -32.85
CA SER T 679 52.90 20.06 -32.14
C SER T 679 52.68 20.19 -30.65
N LEU T 680 51.98 19.25 -30.01
CA LEU T 680 51.77 19.34 -28.57
C LEU T 680 52.58 18.34 -27.79
N GLU T 681 53.44 18.85 -26.96
CA GLU T 681 54.21 17.98 -26.09
C GLU T 681 53.50 17.79 -24.76
N VAL T 682 53.19 16.55 -24.43
CA VAL T 682 52.52 16.32 -23.16
C VAL T 682 53.52 15.60 -22.29
N SER T 683 53.87 16.18 -21.16
CA SER T 683 54.92 15.57 -20.35
C SER T 683 54.45 14.25 -19.77
N GLN T 684 55.41 13.43 -19.35
CA GLN T 684 55.03 12.16 -18.77
C GLN T 684 54.27 12.34 -17.49
N GLU T 685 54.60 13.39 -16.75
CA GLU T 685 53.90 13.63 -15.53
C GLU T 685 52.46 13.99 -15.86
N ALA T 686 52.27 14.79 -16.91
CA ALA T 686 50.93 15.16 -17.35
C ALA T 686 50.15 13.93 -17.77
N ARG T 687 50.83 13.00 -18.45
CA ARG T 687 50.19 11.78 -18.93
C ARG T 687 49.75 10.93 -17.74
N ASN T 688 50.61 10.78 -16.75
CA ASN T 688 50.23 9.98 -15.61
C ASN T 688 49.08 10.60 -14.88
N TRP T 689 49.17 11.89 -14.64
CA TRP T 689 48.13 12.57 -13.92
C TRP T 689 46.79 12.53 -14.59
N LEU T 690 46.72 12.77 -15.90
CA LEU T 690 45.43 12.72 -16.53
C LEU T 690 44.88 11.34 -16.40
N ALA T 691 45.72 10.31 -16.57
CA ALA T 691 45.18 8.98 -16.45
C ALA T 691 44.62 8.74 -15.06
N GLU T 692 45.35 9.19 -14.03
CA GLU T 692 44.91 9.01 -12.65
C GLU T 692 43.67 9.80 -12.29
N LYS T 693 43.59 11.02 -12.80
CA LYS T 693 42.46 11.88 -12.52
C LYS T 693 41.19 11.47 -13.24
N GLY T 694 41.29 11.14 -14.51
CA GLY T 694 40.11 10.74 -15.23
C GLY T 694 39.61 9.40 -14.76
N TYR T 695 40.50 8.43 -14.58
CA TYR T 695 40.09 7.10 -14.23
C TYR T 695 39.37 6.96 -12.90
N ASP T 696 38.29 6.21 -12.94
CA ASP T 696 37.50 5.88 -11.78
C ASP T 696 37.31 4.41 -11.78
N ARG T 697 37.87 3.71 -10.83
CA ARG T 697 37.76 2.27 -10.88
C ARG T 697 36.30 1.79 -11.01
N ALA T 698 35.31 2.54 -10.48
CA ALA T 698 33.91 2.11 -10.65
C ALA T 698 33.42 2.32 -12.10
N MET T 699 33.95 3.37 -12.79
CA MET T 699 33.54 3.73 -14.15
C MET T 699 34.67 3.57 -15.16
N GLY T 700 35.74 3.00 -14.68
CA GLY T 700 36.91 2.68 -15.44
C GLY T 700 37.50 3.87 -16.16
N ALA T 701 37.74 3.67 -17.42
CA ALA T 701 38.30 4.66 -18.29
C ALA T 701 37.22 5.53 -18.89
N ARG T 702 35.97 5.26 -18.63
CA ARG T 702 34.93 6.03 -19.27
C ARG T 702 35.18 7.55 -19.13
N PRO T 703 35.37 8.11 -17.92
CA PRO T 703 35.66 9.51 -17.66
C PRO T 703 36.96 10.05 -18.25
N MET T 704 37.83 9.18 -18.77
CA MET T 704 39.05 9.64 -19.38
C MET T 704 38.76 10.51 -20.56
N ALA T 705 37.61 10.28 -21.19
CA ALA T 705 37.27 11.08 -22.32
C ALA T 705 37.16 12.53 -21.91
N ARG T 706 36.68 12.74 -20.69
CA ARG T 706 36.44 14.09 -20.17
C ARG T 706 37.65 14.72 -19.53
N VAL T 707 38.58 13.92 -19.02
CA VAL T 707 39.72 14.55 -18.39
C VAL T 707 40.59 15.08 -19.53
N ILE T 708 40.67 14.34 -20.65
CA ILE T 708 41.46 14.81 -21.76
C ILE T 708 40.70 15.87 -22.56
N GLN T 709 39.37 15.69 -22.78
CA GLN T 709 38.64 16.65 -23.55
C GLN T 709 38.68 18.01 -22.97
N ASP T 710 38.66 18.15 -21.67
CA ASP T 710 38.75 19.48 -21.20
C ASP T 710 40.19 19.90 -20.93
N ASN T 711 40.99 19.08 -20.24
CA ASN T 711 42.27 19.60 -19.84
C ASN T 711 43.27 19.79 -20.96
N LEU T 712 43.23 18.93 -21.96
CA LEU T 712 44.16 19.04 -23.05
C LEU T 712 43.60 19.76 -24.23
N LYS T 713 42.36 20.20 -24.17
CA LYS T 713 41.85 20.86 -25.36
C LYS T 713 41.36 22.24 -25.12
N LYS T 714 40.74 22.51 -23.98
CA LYS T 714 40.17 23.83 -23.84
C LYS T 714 41.21 24.94 -24.09
N PRO T 715 42.41 24.90 -23.48
CA PRO T 715 43.41 25.90 -23.68
C PRO T 715 43.94 25.95 -25.10
N LEU T 716 43.82 24.88 -25.88
CA LEU T 716 44.40 24.91 -27.20
C LEU T 716 43.44 25.56 -28.11
N ALA T 717 42.16 25.30 -27.87
CA ALA T 717 41.14 25.90 -28.66
C ALA T 717 41.21 27.38 -28.49
N ASN T 718 41.48 27.80 -27.27
CA ASN T 718 41.56 29.18 -27.01
C ASN T 718 42.79 29.82 -27.57
N GLU T 719 43.93 29.19 -27.51
CA GLU T 719 45.03 29.95 -28.06
C GLU T 719 44.85 30.03 -29.59
N LEU T 720 44.36 28.94 -30.21
CA LEU T 720 44.18 28.91 -31.65
C LEU T 720 43.12 29.83 -32.18
N LEU T 721 42.01 29.95 -31.46
CA LEU T 721 40.93 30.77 -31.90
C LEU T 721 41.21 32.22 -31.58
N PHE T 722 41.91 32.48 -30.49
CA PHE T 722 42.21 33.85 -30.14
C PHE T 722 43.24 34.37 -31.13
N GLY T 723 44.10 33.46 -31.60
CA GLY T 723 45.14 33.77 -32.56
C GLY T 723 46.53 33.91 -31.93
N SER T 724 46.68 33.52 -30.65
CA SER T 724 47.99 33.62 -30.03
C SER T 724 48.81 32.42 -30.44
N LEU T 725 48.12 31.33 -30.79
CA LEU T 725 48.74 30.14 -31.30
C LEU T 725 48.41 30.11 -32.76
N VAL T 726 49.30 29.55 -33.52
CA VAL T 726 49.21 29.51 -34.95
C VAL T 726 48.98 28.09 -35.41
N ASP T 727 48.83 27.89 -36.71
CA ASP T 727 48.57 26.57 -37.25
C ASP T 727 49.72 25.62 -36.93
N GLY T 728 50.91 26.17 -36.89
CA GLY T 728 52.10 25.43 -36.52
C GLY T 728 52.53 25.79 -35.11
N GLY T 729 53.83 25.70 -34.84
CA GLY T 729 54.32 26.06 -33.52
C GLY T 729 54.45 24.88 -32.57
N GLN T 730 55.34 25.02 -31.58
CA GLN T 730 55.53 23.94 -30.60
C GLN T 730 54.97 24.35 -29.27
N VAL T 731 53.87 23.74 -28.92
CA VAL T 731 53.16 24.07 -27.71
C VAL T 731 53.40 22.92 -26.76
N THR T 732 53.69 23.21 -25.54
CA THR T 732 53.96 22.13 -24.63
C THR T 732 53.09 22.29 -23.41
N VAL T 733 52.81 21.18 -22.74
CA VAL T 733 52.18 21.25 -21.44
C VAL T 733 52.96 20.46 -20.42
N ALA T 734 53.64 21.20 -19.57
CA ALA T 734 54.34 20.61 -18.45
C ALA T 734 53.29 20.40 -17.39
N LEU T 735 53.51 19.51 -16.48
CA LEU T 735 52.56 19.43 -15.41
C LEU T 735 53.33 19.93 -14.20
N ASP T 736 52.72 20.70 -13.33
CA ASP T 736 53.49 21.06 -12.12
C ASP T 736 53.18 20.16 -10.93
N LYS T 737 53.76 20.49 -9.78
CA LYS T 737 53.61 19.73 -8.52
C LYS T 737 52.19 19.77 -7.94
N GLU T 738 51.38 20.74 -8.40
CA GLU T 738 50.02 20.96 -7.95
C GLU T 738 49.06 20.34 -8.96
N LYS T 739 49.66 19.67 -9.93
CA LYS T 739 49.05 19.03 -11.07
C LYS T 739 48.31 19.98 -11.99
N ASN T 740 48.87 21.16 -12.23
CA ASN T 740 48.29 22.12 -13.15
C ASN T 740 48.90 21.95 -14.53
N GLU T 741 48.13 22.32 -15.55
CA GLU T 741 48.61 22.25 -16.92
C GLU T 741 49.43 23.51 -17.23
N LEU T 742 50.74 23.35 -17.34
CA LEU T 742 51.64 24.44 -17.60
C LEU T 742 51.84 24.59 -19.08
N THR T 743 50.82 25.15 -19.69
CA THR T 743 50.73 25.31 -21.12
C THR T 743 51.60 26.45 -21.59
N TYR T 744 51.79 26.50 -22.88
CA TYR T 744 52.63 27.47 -23.53
C TYR T 744 52.00 27.99 -24.81
N GLY T 745 52.69 28.93 -25.48
CA GLY T 745 52.28 29.48 -26.76
C GLY T 745 52.90 28.63 -27.84
N PHE T 746 54.07 29.03 -28.37
CA PHE T 746 54.67 28.21 -29.39
C PHE T 746 55.99 28.74 -29.90
N UNK U 1 -1.11 -3.00 -16.76
CA UNK U 1 -2.51 -3.17 -17.15
C UNK U 1 -2.70 -2.75 -18.60
N UNK U 2 -3.94 -2.61 -19.02
CA UNK U 2 -4.26 -2.25 -20.40
C UNK U 2 -4.03 -0.78 -20.71
N UNK U 3 -3.69 -0.49 -21.96
CA UNK U 3 -3.57 0.86 -22.48
C UNK U 3 -4.09 0.84 -23.88
N UNK U 4 -4.80 1.88 -24.27
CA UNK U 4 -5.42 1.93 -25.58
C UNK U 4 -4.49 2.42 -26.65
N UNK U 5 -4.75 2.05 -27.89
CA UNK U 5 -3.95 2.49 -29.02
C UNK U 5 -4.77 3.04 -30.16
N UNK U 6 -4.48 4.27 -30.57
CA UNK U 6 -5.21 4.94 -31.63
C UNK U 6 -4.66 4.55 -33.00
N UNK U 7 -5.47 4.66 -34.05
CA UNK U 7 -5.04 4.35 -35.42
C UNK U 7 -4.84 5.62 -36.27
N UNK U 8 -5.06 5.57 -37.59
CA UNK U 8 -4.91 6.75 -38.47
C UNK U 8 -5.55 6.47 -39.81
N UNK U 9 -5.90 7.49 -40.59
CA UNK U 9 -6.45 7.18 -41.92
C UNK U 9 -6.32 8.27 -43.00
N UNK U 10 -6.40 7.85 -44.30
CA UNK U 10 -6.50 8.64 -45.57
C UNK U 10 -5.34 8.57 -46.54
N UNK U 11 -5.67 8.79 -47.84
CA UNK U 11 -4.80 8.84 -49.03
C UNK U 11 -5.54 9.67 -50.13
N UNK U 12 -4.83 10.18 -51.16
CA UNK U 12 -5.45 10.99 -52.24
C UNK U 12 -5.64 10.32 -53.63
N UNK U 13 -6.65 10.80 -54.41
CA UNK U 13 -6.95 10.40 -55.78
C UNK U 13 -6.11 11.12 -56.84
N UNK U 14 -6.05 10.56 -58.06
CA UNK U 14 -5.32 11.09 -59.22
C UNK U 14 -6.08 12.14 -60.03
N UNK U 15 -7.29 12.46 -59.64
CA UNK U 15 -8.13 13.43 -60.36
C UNK U 15 -8.30 13.09 -61.84
N UNK U 16 -7.98 14.04 -62.73
CA UNK U 16 -8.19 13.90 -64.17
C UNK U 16 -7.28 14.82 -64.98
N UNK U 17 -7.34 14.70 -66.31
CA UNK U 17 -6.59 15.54 -67.21
C UNK U 17 -7.53 16.39 -68.06
N UNK U 18 -7.33 16.41 -69.37
CA UNK U 18 -8.15 17.22 -70.25
C UNK U 18 -7.89 16.84 -71.69
N UNK U 19 -6.62 16.80 -72.07
CA UNK U 19 -6.23 16.57 -73.45
C UNK U 19 -6.81 17.63 -74.35
N UNK U 20 -6.41 18.88 -74.11
CA UNK U 20 -6.87 19.98 -74.95
C UNK U 20 -6.49 19.69 -76.40
N UNK U 21 -5.34 19.06 -76.58
CA UNK U 21 -4.85 18.66 -77.88
C UNK U 21 -4.64 19.85 -78.80
N UNK U 22 -4.53 19.56 -80.09
CA UNK U 22 -4.14 20.57 -81.06
C UNK U 22 -4.73 20.27 -82.43
N UNK U 23 -4.87 21.32 -83.21
CA UNK U 23 -5.40 21.29 -84.56
C UNK U 23 -4.35 20.94 -85.62
N UNK U 24 -4.84 20.56 -86.78
CA UNK U 24 -3.99 20.29 -87.92
C UNK U 24 -4.76 20.44 -89.23
#